data_9C4H
#
_entry.id   9C4H
#
_cell.length_a   1.00
_cell.length_b   1.00
_cell.length_c   1.00
_cell.angle_alpha   90.00
_cell.angle_beta   90.00
_cell.angle_gamma   90.00
#
_symmetry.space_group_name_H-M   'P 1'
#
loop_
_entity.id
_entity.type
_entity.pdbx_description
1 polymer Nucleoprotein
2 polymer 'viral RNA'
#
loop_
_entity_poly.entity_id
_entity_poly.type
_entity_poly.pdbx_seq_one_letter_code
_entity_poly.pdbx_strand_id
1 'polypeptide(L)'
;MDSTKAQTPEEQRAKNAKTILENIQIYERMCDLFGVSEDDKLIIENSISIERMIRVVTDKKYQDKKLKNAGSDPEKIANA
GKVFCRLVESTAGKCSARLGMALKPNVEAVLTDVLGNELDRAAVLGKRMGFSAMFKSNLEEVLYQRGKNQLKKRNAAETF
TLSQGASLEARFRPIMEKHLGVGTVVASIKNILASKKNGNYRNKMVRKPGGNRESWSPLEREISFLNKKLFPGPMRQLCK
KFEYLNEQEKQLALNLMLDASLILKPQVTHKMIMPWSMWLAVKKYAEMNKGSPSLEDLAAYSGVRAFMAFNTACYMSKFT
IGKGIVGDAEIMENGNDKMQTLAMACFGLAYEDTGIVAAMISQPMKKRYQLRVGNFNPPEKGTIKGTSAGYFHKWAEFGN
RLPFNSFGTGESKQISNSGVFAVQRPSTTNIQRLAELMARNTGETSDNFTQLVQKIREQVGAFADQKANLREFTGGYIYD
ITDVTKSNPKIPQLGGDSFFFEFTGSDVPRTGAKRRVGGADDVTPGTSQPKKRGRQGAGAESSMDIETVGED
;
A,B,C,D,E,F,G,H,I,J,K,L,M,N,O,P
2 'polyribonucleotide'
;UUUUUUUUUUUUUUUUUUUUUUUUUUUUUUUUUUUUUUUUUUUUUUUUUUUUUUUUUUUUUUUUUUUUUUUUUUUUUUUU
UUUUUUUUUUUUUUUUUUUUUUUUUUUUUUUUUUUUUUUUUUUUUUUUUUUUUUUUUUUUUUUUUUUUUUUUUUUUUUUU
UUUUUUUUUUUUUUUUUUUUUUUUUUUUUUUUUUUUUUUUUUUUUUUUUUUUUUUUUUUUUUUUUUUUUUUUUUUUUUUU
UUUUUUUUUUUUUUUUUUUUUUUUUUUUUUUUUUUUUUUUUUUUUUUUUUUUUUUUUUUUUUUUUUUUUUUUUUUUUUUU
UUUUUUUUUUUUUUUUUUUUUUUUUUUUUUUUUUUUUUUUUUUUUUUUUUUUUUUUUUUUUUUUUUUUUUUUUUUUUUUU
UUUUUUUUUUUUUUUUUUUUUUUUUUUUUUUUUUUUUUUUUUUUUUUUUUUUUUUUUUUUUUUUUUUUUUUUUUUUUUUU
UUUUUUUUUUUUUUUUUUUUUUUUUUUUUUUUUUUUUUUUUUUUUUUUUUUUUUUUUUUUUUUUUUUUUUUUUUUUUUUU
UUUUUUUUUUUUUUUUUUUUUUUUUUUUUUUUUUUUUUUUUUUUUUUUUUUUUUUUUUUUUUUUUUUUUUUUUUUUUUUU
UUUUUUUUUUUUUUUUUUUUUUUUUUUUUUUUUUUUUUUUUUUUUUUUUUUUUUUUUUUUUUUUUUUUUUUUUUUUUUUU
UUUUUUUUUUUUUUUUUUUUUUUUUUUUUUUUUUUUUUUUUUUUUUUUUUUUUUUUUUUUUUUUUUUUUUUUUUUUUUUU
UUUUUUUUUUUUUUUUUUUUUUUUUUUUUUUUUUUUUUUUUUUUUUUUUUUUUUUUUUUUUUUUUUUU
;
X
#
# COMPACT_ATOMS: atom_id res chain seq x y z
N THR A 8 72.38 81.63 -59.97
CA THR A 8 73.29 80.97 -58.99
C THR A 8 73.04 79.48 -58.79
N PRO A 9 71.81 78.92 -58.70
CA PRO A 9 71.64 77.50 -58.40
C PRO A 9 72.30 76.55 -59.42
N GLU A 10 72.32 76.91 -60.69
CA GLU A 10 73.00 76.17 -61.75
C GLU A 10 74.48 76.03 -61.42
N GLU A 11 75.12 77.13 -61.03
CA GLU A 11 76.51 77.10 -60.59
C GLU A 11 76.68 76.34 -59.27
N GLN A 12 75.68 76.34 -58.39
CA GLN A 12 75.71 75.47 -57.24
C GLN A 12 75.68 74.00 -57.67
N ARG A 13 74.84 73.60 -58.63
CA ARG A 13 74.83 72.25 -59.20
C ARG A 13 76.17 71.90 -59.83
N ALA A 14 76.82 72.85 -60.48
CA ALA A 14 78.16 72.65 -61.04
C ALA A 14 79.22 72.39 -59.95
N LYS A 15 79.28 73.22 -58.89
CA LYS A 15 80.22 73.00 -57.77
C LYS A 15 79.94 71.69 -57.04
N ASN A 16 78.67 71.35 -56.87
CA ASN A 16 78.24 70.05 -56.38
C ASN A 16 78.73 68.93 -57.31
N ALA A 17 78.52 69.04 -58.62
CA ALA A 17 78.98 68.04 -59.58
C ALA A 17 80.50 67.85 -59.50
N LYS A 18 81.30 68.93 -59.43
CA LYS A 18 82.74 68.84 -59.20
C LYS A 18 83.08 68.14 -57.89
N THR A 19 82.38 68.48 -56.81
CA THR A 19 82.54 67.84 -55.51
C THR A 19 82.33 66.34 -55.59
N ILE A 20 81.26 65.91 -56.28
CA ILE A 20 80.97 64.48 -56.47
C ILE A 20 82.00 63.85 -57.41
N LEU A 21 82.39 64.53 -58.49
CA LEU A 21 83.40 64.03 -59.42
C LEU A 21 84.72 63.80 -58.70
N GLU A 22 85.07 64.66 -57.75
CA GLU A 22 86.23 64.45 -56.88
C GLU A 22 86.05 63.18 -56.07
N ASN A 23 84.89 63.01 -55.43
CA ASN A 23 84.63 61.79 -54.67
C ASN A 23 84.71 60.56 -55.57
N ILE A 24 84.20 60.65 -56.79
CA ILE A 24 84.26 59.60 -57.81
C ILE A 24 85.72 59.31 -58.16
N GLN A 25 86.53 60.32 -58.44
CA GLN A 25 87.93 60.13 -58.81
C GLN A 25 88.70 59.47 -57.66
N ILE A 26 88.47 59.92 -56.42
CA ILE A 26 89.02 59.30 -55.22
C ILE A 26 88.62 57.83 -55.20
N TYR A 27 87.33 57.54 -55.31
CA TYR A 27 86.81 56.18 -55.25
C TYR A 27 87.39 55.30 -56.37
N GLU A 28 87.46 55.78 -57.61
CA GLU A 28 88.05 55.02 -58.71
C GLU A 28 89.48 54.65 -58.37
N ARG A 29 90.24 55.64 -57.89
CA ARG A 29 91.60 55.42 -57.46
C ARG A 29 91.66 54.46 -56.30
N MET A 30 90.79 54.60 -55.31
CA MET A 30 90.72 53.68 -54.18
C MET A 30 90.45 52.25 -54.66
N CYS A 31 89.55 52.08 -55.64
CA CYS A 31 89.16 50.78 -56.15
C CYS A 31 90.34 50.11 -56.84
N ASP A 32 91.00 50.84 -57.73
CA ASP A 32 92.23 50.33 -58.31
C ASP A 32 93.30 50.08 -57.23
N LEU A 33 93.42 50.93 -56.21
CA LEU A 33 94.45 50.85 -55.17
C LEU A 33 94.34 49.55 -54.36
N PHE A 34 93.15 49.14 -53.95
CA PHE A 34 92.95 47.85 -53.29
C PHE A 34 92.77 46.67 -54.24
N GLY A 35 92.79 46.89 -55.56
CA GLY A 35 92.72 45.83 -56.57
C GLY A 35 91.30 45.36 -56.89
N VAL A 36 90.29 46.20 -56.71
CA VAL A 36 88.87 45.86 -56.88
C VAL A 36 88.54 45.57 -58.35
N SER A 37 87.85 44.46 -58.65
CA SER A 37 87.43 44.10 -60.02
C SER A 37 86.40 45.08 -60.59
N GLU A 38 86.41 45.27 -61.92
CA GLU A 38 85.71 46.39 -62.55
C GLU A 38 84.23 46.41 -62.18
N ASP A 39 83.57 45.28 -62.29
CA ASP A 39 82.19 45.14 -61.86
C ASP A 39 82.07 45.34 -60.35
N ASP A 40 82.97 44.76 -59.56
CA ASP A 40 82.94 44.90 -58.11
C ASP A 40 83.09 46.35 -57.64
N LYS A 41 83.59 47.26 -58.47
CA LYS A 41 83.63 48.69 -58.12
C LYS A 41 82.25 49.26 -57.81
N LEU A 42 81.20 48.76 -58.47
CA LEU A 42 79.84 49.26 -58.29
C LEU A 42 79.31 49.01 -56.87
N ILE A 43 79.92 48.09 -56.14
CA ILE A 43 79.32 47.53 -54.97
C ILE A 43 79.19 48.59 -53.87
N ILE A 44 77.98 48.74 -53.37
CA ILE A 44 77.67 49.66 -52.28
C ILE A 44 78.46 49.30 -51.02
N GLU A 45 78.57 48.01 -50.68
CA GLU A 45 79.45 47.55 -49.60
C GLU A 45 80.90 48.05 -49.79
N ASN A 46 81.41 48.07 -51.03
CA ASN A 46 82.72 48.65 -51.31
C ASN A 46 82.72 50.15 -51.07
N SER A 47 81.66 50.86 -51.47
CA SER A 47 81.48 52.26 -51.12
C SER A 47 81.69 52.48 -49.63
N ILE A 48 80.91 51.74 -48.85
CA ILE A 48 80.94 51.83 -47.40
C ILE A 48 82.34 51.53 -46.90
N SER A 49 82.98 50.46 -47.36
CA SER A 49 84.31 50.11 -46.89
C SER A 49 85.33 51.21 -47.15
N ILE A 50 85.31 51.85 -48.31
CA ILE A 50 86.25 52.94 -48.59
C ILE A 50 85.94 54.12 -47.67
N GLU A 51 84.68 54.49 -47.60
CA GLU A 51 84.24 55.60 -46.76
C GLU A 51 84.66 55.37 -45.31
N ARG A 52 84.49 54.14 -44.82
CA ARG A 52 84.91 53.71 -43.48
C ARG A 52 86.39 53.94 -43.30
N MET A 53 87.20 53.42 -44.20
CA MET A 53 88.64 53.56 -44.13
C MET A 53 89.03 55.04 -44.07
N ILE A 54 88.38 55.87 -44.88
CA ILE A 54 88.65 57.31 -44.87
C ILE A 54 88.34 57.91 -43.52
N ARG A 55 87.23 57.53 -42.85
CA ARG A 55 86.97 58.02 -41.49
C ARG A 55 88.15 57.70 -40.58
N VAL A 56 88.59 56.43 -40.55
CA VAL A 56 89.67 55.98 -39.65
C VAL A 56 90.91 56.83 -39.85
N VAL A 57 91.32 57.00 -41.10
CA VAL A 57 92.48 57.82 -41.47
C VAL A 57 92.30 59.27 -41.01
N THR A 58 91.11 59.82 -41.20
CA THR A 58 90.81 61.23 -40.91
C THR A 58 90.44 61.52 -39.45
N ASP A 59 90.33 60.51 -38.59
CA ASP A 59 89.96 60.66 -37.18
C ASP A 59 91.06 61.28 -36.31
N LYS A 60 91.36 62.58 -36.51
CA LYS A 60 92.46 63.32 -35.86
C LYS A 60 92.55 63.10 -34.35
N LYS A 61 91.42 63.18 -33.65
CA LYS A 61 91.30 62.85 -32.22
C LYS A 61 91.79 61.45 -31.87
N TYR A 62 91.27 60.43 -32.55
CA TYR A 62 91.69 59.05 -32.33
C TYR A 62 93.15 58.83 -32.76
N GLN A 63 93.67 59.55 -33.75
CA GLN A 63 95.10 59.51 -34.07
C GLN A 63 95.96 60.09 -32.92
N ASP A 64 95.52 61.16 -32.22
CA ASP A 64 96.22 61.65 -31.02
C ASP A 64 96.32 60.58 -29.93
N LYS A 65 95.23 59.85 -29.74
CA LYS A 65 95.08 58.80 -28.73
C LYS A 65 95.91 57.56 -29.08
N LYS A 66 95.89 57.20 -30.36
CA LYS A 66 96.70 56.12 -30.95
C LYS A 66 98.17 56.37 -30.68
N LEU A 67 98.66 57.57 -30.99
CA LEU A 67 100.03 57.98 -30.66
C LEU A 67 100.30 57.81 -29.17
N LYS A 68 99.37 58.23 -28.29
CA LYS A 68 99.54 58.11 -26.85
C LYS A 68 99.81 56.67 -26.38
N ASN A 69 99.19 55.68 -27.01
CA ASN A 69 99.40 54.26 -26.70
C ASN A 69 100.31 53.50 -27.69
N ALA A 70 100.83 54.16 -28.73
CA ALA A 70 101.65 53.51 -29.75
C ALA A 70 102.95 52.92 -29.17
N GLY A 71 103.47 53.51 -28.09
CA GLY A 71 104.56 52.94 -27.28
C GLY A 71 105.86 52.68 -28.05
N SER A 72 106.64 51.72 -27.55
CA SER A 72 107.91 51.28 -28.16
C SER A 72 107.76 50.13 -29.17
N ASP A 73 106.58 49.51 -29.28
CA ASP A 73 106.42 48.24 -30.00
C ASP A 73 106.55 48.39 -31.53
N PRO A 74 107.54 47.75 -32.19
CA PRO A 74 107.69 47.82 -33.64
C PRO A 74 106.48 47.27 -34.41
N GLU A 75 105.67 46.37 -33.83
CA GLU A 75 104.42 45.94 -34.47
C GLU A 75 103.34 47.04 -34.47
N LYS A 76 103.26 47.86 -33.40
CA LYS A 76 102.37 49.04 -33.39
C LYS A 76 102.79 50.06 -34.44
N ILE A 77 104.09 50.31 -34.54
CA ILE A 77 104.67 51.30 -35.47
C ILE A 77 104.45 50.89 -36.94
N ALA A 78 104.68 49.62 -37.31
CA ALA A 78 104.42 49.16 -38.69
C ALA A 78 102.94 49.24 -39.07
N ASN A 79 102.05 48.82 -38.17
CA ASN A 79 100.61 48.93 -38.39
C ASN A 79 100.09 50.38 -38.34
N ALA A 80 100.88 51.35 -37.85
CA ALA A 80 100.58 52.77 -38.06
C ALA A 80 100.81 53.23 -39.50
N GLY A 81 101.71 52.56 -40.25
CA GLY A 81 101.96 52.83 -41.66
C GLY A 81 101.00 52.10 -42.61
N LYS A 82 100.73 50.82 -42.35
CA LYS A 82 99.71 50.05 -43.08
C LYS A 82 98.33 50.67 -42.89
N VAL A 83 97.48 50.60 -43.92
CA VAL A 83 96.04 50.81 -43.82
C VAL A 83 95.31 49.63 -44.46
N PHE A 84 94.40 49.02 -43.72
CA PHE A 84 93.59 47.88 -44.17
C PHE A 84 92.23 48.32 -44.71
N CYS A 85 91.74 47.59 -45.72
CA CYS A 85 90.39 47.74 -46.22
C CYS A 85 89.77 46.38 -46.59
N ARG A 86 88.82 45.91 -45.78
CA ARG A 86 87.95 44.76 -46.07
C ARG A 86 86.97 45.12 -47.17
N LEU A 87 87.09 44.49 -48.34
CA LEU A 87 86.33 44.80 -49.56
C LEU A 87 85.70 43.54 -50.16
N VAL A 88 84.61 43.68 -50.91
CA VAL A 88 83.98 42.60 -51.67
C VAL A 88 84.76 42.32 -52.95
N GLU A 89 85.01 41.03 -53.21
CA GLU A 89 85.53 40.51 -54.47
C GLU A 89 84.65 39.32 -54.94
N SER A 90 84.38 39.23 -56.24
CA SER A 90 83.46 38.23 -56.80
C SER A 90 84.11 37.33 -57.84
N THR A 91 83.55 36.13 -58.01
CA THR A 91 83.98 35.11 -58.97
C THR A 91 82.85 34.11 -59.18
N ALA A 92 82.56 33.75 -60.43
CA ALA A 92 81.57 32.73 -60.80
C ALA A 92 80.16 32.97 -60.19
N GLY A 93 79.77 34.23 -60.03
CA GLY A 93 78.53 34.65 -59.35
C GLY A 93 78.58 34.60 -57.82
N LYS A 94 79.58 33.95 -57.23
CA LYS A 94 79.89 33.96 -55.80
C LYS A 94 80.70 35.20 -55.39
N CYS A 95 80.69 35.53 -54.12
CA CYS A 95 81.42 36.66 -53.56
C CYS A 95 81.98 36.41 -52.17
N SER A 96 83.00 37.18 -51.82
CA SER A 96 83.76 37.08 -50.60
C SER A 96 84.40 38.42 -50.27
N ALA A 97 84.96 38.53 -49.07
CA ALA A 97 85.89 39.55 -48.69
C ALA A 97 87.31 39.34 -49.28
N ARG A 98 88.06 40.42 -49.45
CA ARG A 98 89.54 40.43 -49.39
C ARG A 98 90.03 41.59 -48.53
N LEU A 99 91.05 41.32 -47.74
CA LEU A 99 91.80 42.33 -47.00
C LEU A 99 92.74 43.06 -47.97
N GLY A 100 92.24 44.10 -48.65
CA GLY A 100 93.11 45.05 -49.33
C GLY A 100 94.02 45.74 -48.32
N MET A 101 95.26 46.06 -48.71
CA MET A 101 96.20 46.87 -47.92
C MET A 101 96.92 47.90 -48.81
N ALA A 102 97.04 49.12 -48.31
CA ALA A 102 97.81 50.21 -48.91
C ALA A 102 98.41 51.04 -47.78
N LEU A 103 99.50 51.74 -48.02
CA LEU A 103 100.09 52.58 -46.98
C LEU A 103 99.25 53.85 -46.80
N LYS A 104 99.23 54.42 -45.60
CA LYS A 104 98.57 55.71 -45.34
C LYS A 104 98.99 56.77 -46.38
N PRO A 105 100.27 56.93 -46.71
CA PRO A 105 100.69 57.79 -47.81
C PRO A 105 100.04 57.49 -49.16
N ASN A 106 99.68 56.23 -49.48
CA ASN A 106 98.95 55.92 -50.71
C ASN A 106 97.57 56.60 -50.68
N VAL A 107 96.85 56.45 -49.55
CA VAL A 107 95.52 57.07 -49.35
C VAL A 107 95.64 58.59 -49.36
N GLU A 108 96.62 59.13 -48.63
CA GLU A 108 96.90 60.56 -48.60
C GLU A 108 97.22 61.09 -49.99
N ALA A 109 97.96 60.35 -50.82
CA ALA A 109 98.27 60.76 -52.17
C ALA A 109 96.97 60.96 -52.96
N VAL A 110 96.11 59.96 -53.03
CA VAL A 110 94.83 60.10 -53.74
C VAL A 110 94.07 61.31 -53.22
N LEU A 111 93.96 61.46 -51.89
CA LEU A 111 93.20 62.55 -51.29
C LEU A 111 93.84 63.91 -51.61
N THR A 112 95.11 64.08 -51.30
CA THR A 112 95.84 65.31 -51.57
C THR A 112 95.87 65.62 -53.06
N ASP A 113 95.89 64.61 -53.94
CA ASP A 113 95.88 64.81 -55.37
C ASP A 113 94.57 65.42 -55.84
N VAL A 114 93.44 64.88 -55.37
CA VAL A 114 92.11 65.24 -55.90
C VAL A 114 91.50 66.46 -55.19
N LEU A 115 91.72 66.60 -53.87
CA LEU A 115 91.19 67.69 -53.03
C LEU A 115 92.22 68.82 -52.75
N GLY A 116 93.45 68.66 -53.24
CA GLY A 116 94.58 69.56 -52.97
C GLY A 116 95.41 69.13 -51.76
N ASN A 117 96.69 69.50 -51.77
CA ASN A 117 97.68 69.16 -50.73
C ASN A 117 97.18 69.58 -49.34
N GLU A 118 96.57 70.76 -49.25
CA GLU A 118 95.93 71.30 -48.04
C GLU A 118 94.61 70.58 -47.74
N LEU A 119 94.69 69.27 -47.48
CA LEU A 119 93.64 68.55 -46.75
C LEU A 119 93.41 69.17 -45.34
N ASP A 120 94.41 69.89 -44.84
CA ASP A 120 94.33 70.80 -43.69
C ASP A 120 93.25 71.89 -43.82
N ARG A 121 92.70 72.12 -45.03
CA ARG A 121 91.39 72.74 -45.24
C ARG A 121 90.29 71.78 -44.75
N ALA A 122 90.25 71.60 -43.44
CA ALA A 122 89.30 70.80 -42.70
C ALA A 122 87.87 70.96 -43.20
N ALA A 123 87.48 72.17 -43.65
CA ALA A 123 86.19 72.41 -44.28
C ALA A 123 85.95 71.53 -45.51
N VAL A 124 86.89 71.51 -46.46
CA VAL A 124 86.70 70.87 -47.78
C VAL A 124 86.58 69.35 -47.64
N LEU A 125 87.51 68.73 -46.92
CA LEU A 125 87.46 67.29 -46.67
C LEU A 125 86.33 66.93 -45.69
N GLY A 126 86.20 67.69 -44.60
CA GLY A 126 85.24 67.40 -43.54
C GLY A 126 83.78 67.57 -43.94
N LYS A 127 83.46 68.49 -44.85
CA LYS A 127 82.11 68.67 -45.38
C LYS A 127 81.63 67.36 -46.03
N ARG A 128 82.32 66.95 -47.10
CA ARG A 128 82.00 65.72 -47.83
C ARG A 128 82.10 64.48 -46.95
N MET A 129 83.10 64.38 -46.07
CA MET A 129 83.20 63.23 -45.16
C MET A 129 82.14 63.23 -44.07
N GLY A 130 81.68 64.39 -43.61
CA GLY A 130 80.54 64.51 -42.70
C GLY A 130 79.30 63.91 -43.34
N PHE A 131 79.05 64.21 -44.61
CA PHE A 131 77.90 63.67 -45.33
C PHE A 131 77.98 62.13 -45.42
N SER A 132 79.15 61.57 -45.74
CA SER A 132 79.38 60.13 -45.74
C SER A 132 79.23 59.50 -44.35
N ALA A 133 79.85 60.08 -43.32
CA ALA A 133 79.76 59.60 -41.95
C ALA A 133 78.30 59.64 -41.45
N MET A 134 77.57 60.67 -41.84
CA MET A 134 76.14 60.78 -41.58
C MET A 134 75.43 59.62 -42.25
N PHE A 135 75.64 59.35 -43.54
CA PHE A 135 75.05 58.18 -44.18
C PHE A 135 75.35 56.89 -43.42
N LYS A 136 76.60 56.69 -42.95
CA LYS A 136 76.94 55.51 -42.13
C LYS A 136 76.16 55.51 -40.82
N SER A 137 76.11 56.65 -40.15
CA SER A 137 75.28 56.82 -38.98
C SER A 137 73.82 56.49 -39.25
N ASN A 138 73.26 56.90 -40.38
CA ASN A 138 71.89 56.55 -40.79
C ASN A 138 71.72 55.03 -40.88
N LEU A 139 72.63 54.36 -41.58
CA LEU A 139 72.55 52.92 -41.81
C LEU A 139 72.71 52.14 -40.51
N GLU A 140 73.66 52.53 -39.65
CA GLU A 140 73.77 52.00 -38.29
C GLU A 140 72.46 52.13 -37.51
N GLU A 141 71.85 53.31 -37.57
CA GLU A 141 70.62 53.61 -36.84
C GLU A 141 69.48 52.69 -37.26
N VAL A 142 69.27 52.52 -38.56
CA VAL A 142 68.26 51.58 -39.04
C VAL A 142 68.66 50.14 -38.67
N LEU A 143 69.96 49.81 -38.71
CA LEU A 143 70.42 48.45 -38.42
C LEU A 143 70.13 48.03 -36.99
N TYR A 144 70.70 48.71 -36.00
CA TYR A 144 70.89 48.07 -34.69
C TYR A 144 70.60 48.93 -33.46
N GLN A 145 69.81 50.00 -33.62
CA GLN A 145 69.28 50.83 -32.51
C GLN A 145 70.38 51.30 -31.53
N ARG A 146 71.61 51.40 -32.04
CA ARG A 146 72.84 51.93 -31.45
C ARG A 146 73.26 51.38 -30.07
N GLY A 147 72.87 50.16 -29.73
CA GLY A 147 73.02 49.58 -28.38
C GLY A 147 74.39 49.80 -27.73
N LYS A 148 75.47 49.34 -28.35
CA LYS A 148 76.81 49.48 -27.77
C LYS A 148 77.29 50.92 -27.61
N ASN A 149 76.76 51.86 -28.37
CA ASN A 149 77.00 53.28 -28.10
C ASN A 149 76.10 53.82 -26.98
N GLN A 150 74.81 53.47 -26.95
CA GLN A 150 73.91 53.96 -25.89
C GLN A 150 74.23 53.37 -24.50
N LEU A 151 74.93 52.24 -24.40
CA LEU A 151 75.47 51.80 -23.09
C LEU A 151 76.46 52.85 -22.51
N LYS A 152 77.12 53.63 -23.37
CA LYS A 152 77.88 54.84 -23.01
C LYS A 152 76.99 56.09 -22.91
N LYS A 153 76.12 56.33 -23.90
CA LYS A 153 75.33 57.58 -24.06
C LYS A 153 73.99 57.63 -23.29
N ARG A 154 73.67 56.57 -22.56
CA ARG A 154 72.82 56.51 -21.37
C ARG A 154 71.33 56.86 -21.53
N ASN A 155 70.75 56.75 -22.72
CA ASN A 155 69.37 57.16 -22.97
C ASN A 155 68.55 56.19 -23.85
N ALA A 156 67.22 56.23 -23.72
CA ALA A 156 66.28 55.19 -24.16
C ALA A 156 65.68 55.36 -25.58
N ALA A 157 64.83 54.43 -25.99
CA ALA A 157 64.42 54.23 -27.38
C ALA A 157 63.78 55.46 -28.05
N GLU A 158 62.88 56.15 -27.35
CA GLU A 158 62.28 57.37 -27.86
C GLU A 158 63.37 58.43 -28.11
N THR A 159 64.28 58.62 -27.15
CA THR A 159 65.41 59.54 -27.35
C THR A 159 66.21 59.14 -28.58
N PHE A 160 66.45 57.83 -28.75
CA PHE A 160 67.14 57.28 -29.90
C PHE A 160 66.42 57.67 -31.20
N THR A 161 65.09 57.60 -31.26
CA THR A 161 64.38 57.94 -32.49
C THR A 161 64.62 59.39 -32.93
N LEU A 162 64.68 60.32 -31.98
CA LEU A 162 64.96 61.72 -32.30
C LEU A 162 66.44 61.99 -32.58
N SER A 163 67.32 61.02 -32.32
CA SER A 163 68.75 61.22 -32.41
C SER A 163 69.31 60.77 -33.74
N GLN A 164 68.69 61.22 -34.83
CA GLN A 164 69.19 60.90 -36.17
C GLN A 164 70.59 61.49 -36.36
N GLY A 165 71.56 60.67 -36.77
CA GLY A 165 72.97 61.04 -36.92
C GLY A 165 73.81 60.92 -35.66
N ALA A 166 73.28 60.50 -34.52
CA ALA A 166 74.09 60.40 -33.28
C ALA A 166 75.05 59.20 -33.22
N SER A 167 75.19 58.39 -34.28
CA SER A 167 76.27 57.38 -34.37
C SER A 167 77.62 58.01 -34.76
N LEU A 168 77.63 59.26 -35.25
CA LEU A 168 78.82 59.99 -35.69
C LEU A 168 79.91 60.11 -34.62
N GLU A 169 81.17 60.02 -35.04
CA GLU A 169 82.29 60.54 -34.24
C GLU A 169 82.12 62.04 -33.97
N ALA A 170 82.54 62.47 -32.78
CA ALA A 170 82.24 63.79 -32.24
C ALA A 170 82.55 64.93 -33.22
N ARG A 171 83.71 64.87 -33.86
CA ARG A 171 84.20 65.87 -34.82
C ARG A 171 83.21 66.20 -35.93
N PHE A 172 82.41 65.22 -36.35
CA PHE A 172 81.44 65.44 -37.40
C PHE A 172 80.22 66.19 -36.90
N ARG A 173 79.89 66.08 -35.61
CA ARG A 173 78.64 66.62 -35.08
C ARG A 173 78.54 68.14 -35.27
N PRO A 174 79.61 68.92 -35.06
CA PRO A 174 79.66 70.32 -35.46
C PRO A 174 79.41 70.55 -36.95
N ILE A 175 80.03 69.75 -37.82
CA ILE A 175 79.91 69.90 -39.29
C ILE A 175 78.46 69.70 -39.73
N MET A 176 77.78 68.68 -39.20
CA MET A 176 76.46 68.24 -39.67
C MET A 176 75.26 69.04 -39.11
N GLU A 177 75.50 70.22 -38.54
CA GLU A 177 74.57 70.95 -37.65
C GLU A 177 73.09 70.92 -38.06
N LYS A 178 72.80 71.10 -39.35
CA LYS A 178 71.44 71.28 -39.89
C LYS A 178 70.61 70.00 -39.88
N HIS A 179 71.23 68.86 -40.17
CA HIS A 179 70.49 67.65 -40.55
C HIS A 179 70.29 66.66 -39.41
N LEU A 180 71.14 66.72 -38.38
CA LEU A 180 71.03 65.86 -37.20
C LEU A 180 69.65 66.02 -36.53
N GLY A 181 69.04 64.91 -36.15
CA GLY A 181 67.79 64.91 -35.39
C GLY A 181 68.01 65.54 -34.03
N VAL A 182 67.03 66.29 -33.51
CA VAL A 182 67.19 67.15 -32.31
C VAL A 182 67.76 66.35 -31.13
N GLY A 183 67.33 65.09 -31.00
CA GLY A 183 67.80 64.18 -29.97
C GLY A 183 69.31 64.03 -29.96
N THR A 184 69.96 64.09 -31.11
CA THR A 184 71.41 63.99 -31.23
C THR A 184 72.07 65.09 -30.43
N VAL A 185 71.61 66.32 -30.61
CA VAL A 185 72.11 67.47 -29.87
C VAL A 185 71.79 67.31 -28.40
N VAL A 186 70.56 66.94 -28.09
CA VAL A 186 70.09 66.81 -26.70
C VAL A 186 70.92 65.78 -25.93
N ALA A 187 71.08 64.59 -26.50
CA ALA A 187 71.88 63.52 -25.96
C ALA A 187 73.30 63.99 -25.77
N SER A 188 73.83 64.73 -26.75
CA SER A 188 75.16 65.30 -26.63
C SER A 188 75.23 66.19 -25.40
N ILE A 189 74.31 67.14 -25.22
CA ILE A 189 74.32 68.04 -24.05
C ILE A 189 74.27 67.24 -22.76
N LYS A 190 73.37 66.26 -22.67
CA LYS A 190 73.21 65.46 -21.46
C LYS A 190 74.49 64.70 -21.14
N ASN A 191 75.14 64.15 -22.16
CA ASN A 191 76.41 63.50 -21.98
C ASN A 191 77.56 64.47 -21.70
N ILE A 192 77.51 65.71 -22.19
CA ILE A 192 78.50 66.74 -21.82
C ILE A 192 78.46 67.01 -20.33
N LEU A 193 77.27 67.09 -19.72
CA LEU A 193 77.13 67.25 -18.27
C LEU A 193 77.72 66.06 -17.50
N ALA A 194 77.55 64.84 -18.01
CA ALA A 194 78.24 63.67 -17.46
C ALA A 194 79.76 63.80 -17.62
N SER A 195 80.26 64.25 -18.77
CA SER A 195 81.68 64.48 -18.99
C SER A 195 82.26 65.50 -18.02
N LYS A 196 81.52 66.56 -17.68
CA LYS A 196 81.93 67.50 -16.63
C LYS A 196 82.11 66.85 -15.26
N LYS A 197 81.43 65.75 -14.96
CA LYS A 197 81.77 64.91 -13.80
C LYS A 197 82.97 64.01 -14.10
N ASN A 198 82.90 63.25 -15.19
CA ASN A 198 83.74 62.07 -15.40
C ASN A 198 85.16 62.36 -15.91
N GLY A 199 85.39 63.50 -16.55
CA GLY A 199 86.72 63.88 -17.09
C GLY A 199 87.18 63.08 -18.32
N ASN A 200 86.29 62.29 -18.93
CA ASN A 200 86.50 61.50 -20.15
C ASN A 200 86.56 62.34 -21.45
N TYR A 201 86.89 63.62 -21.35
CA TYR A 201 86.72 64.61 -22.39
C TYR A 201 87.74 65.76 -22.26
N ARG A 202 87.99 66.46 -23.36
CA ARG A 202 88.57 67.81 -23.37
C ARG A 202 87.55 68.81 -23.93
N ASN A 203 87.21 69.84 -23.14
CA ASN A 203 86.41 70.97 -23.60
C ASN A 203 87.19 71.88 -24.59
N LYS A 204 86.51 72.71 -25.38
CA LYS A 204 87.01 73.28 -26.66
C LYS A 204 86.36 74.61 -27.04
N MET A 205 86.89 75.29 -28.07
CA MET A 205 86.34 76.53 -28.65
C MET A 205 86.45 76.54 -30.19
N VAL A 206 85.42 77.01 -30.89
CA VAL A 206 85.30 77.03 -32.36
C VAL A 206 84.59 78.29 -32.90
N ARG A 207 84.70 78.53 -34.21
CA ARG A 207 84.09 79.63 -34.98
C ARG A 207 83.60 79.17 -36.37
N LYS A 208 82.49 79.72 -36.89
CA LYS A 208 81.84 79.25 -38.14
C LYS A 208 81.57 80.42 -39.12
N PRO A 209 82.46 80.68 -40.08
CA PRO A 209 82.29 81.71 -41.13
C PRO A 209 81.08 81.48 -42.04
N GLY A 210 80.60 82.56 -42.66
CA GLY A 210 79.36 82.60 -43.43
C GLY A 210 78.07 82.49 -42.58
N GLY A 211 78.17 81.93 -41.36
CA GLY A 211 77.09 81.85 -40.36
C GLY A 211 77.24 82.85 -39.22
N ASN A 212 78.23 82.62 -38.33
CA ASN A 212 78.51 83.47 -37.17
C ASN A 212 79.99 83.39 -36.77
N ARG A 213 80.67 84.54 -36.78
CA ARG A 213 82.07 84.72 -36.34
C ARG A 213 82.26 84.67 -34.81
N GLU A 214 81.19 84.43 -34.05
CA GLU A 214 81.27 84.10 -32.63
C GLU A 214 82.21 82.92 -32.37
N SER A 215 82.96 83.01 -31.27
CA SER A 215 84.14 82.20 -31.01
C SER A 215 84.00 81.60 -29.62
N TRP A 216 83.53 80.37 -29.56
CA TRP A 216 82.82 79.87 -28.38
C TRP A 216 82.76 78.34 -28.30
N SER A 217 82.34 77.82 -27.15
CA SER A 217 82.48 76.43 -26.73
C SER A 217 81.33 75.53 -27.18
N PRO A 218 81.40 74.21 -26.91
CA PRO A 218 80.29 73.30 -27.03
C PRO A 218 79.01 73.82 -26.37
N LEU A 219 79.12 74.50 -25.22
CA LEU A 219 77.93 75.04 -24.55
C LEU A 219 77.17 75.95 -25.49
N GLU A 220 77.85 76.97 -26.00
CA GLU A 220 77.26 77.89 -26.95
C GLU A 220 76.87 77.19 -28.26
N ARG A 221 77.75 76.35 -28.79
CA ARG A 221 77.55 75.64 -30.07
C ARG A 221 76.29 74.81 -30.02
N GLU A 222 76.17 73.99 -28.99
CA GLU A 222 75.00 73.17 -28.77
C GLU A 222 73.77 74.06 -28.61
N ILE A 223 73.82 75.07 -27.75
CA ILE A 223 72.65 75.95 -27.54
C ILE A 223 72.26 76.63 -28.85
N SER A 224 73.23 77.02 -29.66
CA SER A 224 72.98 77.62 -30.96
C SER A 224 72.29 76.63 -31.87
N PHE A 225 72.82 75.41 -31.99
CA PHE A 225 72.19 74.39 -32.82
C PHE A 225 70.78 74.09 -32.32
N LEU A 226 70.60 74.05 -31.01
CA LEU A 226 69.32 73.83 -30.36
C LEU A 226 68.35 74.97 -30.71
N ASN A 227 68.83 76.21 -30.72
CA ASN A 227 68.01 77.34 -31.13
C ASN A 227 67.64 77.23 -32.61
N LYS A 228 68.58 76.80 -33.46
CA LYS A 228 68.33 76.58 -34.89
C LYS A 228 67.29 75.49 -35.16
N LYS A 229 66.99 74.66 -34.17
CA LYS A 229 66.02 73.55 -34.27
C LYS A 229 64.69 73.81 -33.58
N LEU A 230 64.68 74.38 -32.38
CA LEU A 230 63.48 74.41 -31.54
C LEU A 230 62.35 75.26 -32.14
N PHE A 231 61.13 74.96 -31.69
CA PHE A 231 59.92 75.61 -32.13
C PHE A 231 59.86 77.10 -31.71
N PRO A 232 59.53 78.02 -32.62
CA PRO A 232 59.44 79.45 -32.32
C PRO A 232 58.48 79.74 -31.16
N GLY A 233 58.65 80.85 -30.46
CA GLY A 233 57.95 81.06 -29.20
C GLY A 233 58.52 80.15 -28.10
N PRO A 234 57.71 79.37 -27.38
CA PRO A 234 58.07 78.85 -26.07
C PRO A 234 59.36 78.04 -26.07
N MET A 235 59.54 77.17 -27.05
CA MET A 235 60.68 76.27 -27.07
C MET A 235 61.97 77.03 -27.39
N ARG A 236 61.98 77.93 -28.37
CA ARG A 236 63.13 78.83 -28.54
C ARG A 236 63.32 79.74 -27.34
N GLN A 237 62.26 80.15 -26.64
CA GLN A 237 62.42 80.97 -25.44
C GLN A 237 63.13 80.18 -24.34
N LEU A 238 62.77 78.90 -24.16
CA LEU A 238 63.51 77.99 -23.30
C LEU A 238 64.97 77.86 -23.78
N CYS A 239 65.18 77.86 -25.09
CA CYS A 239 66.52 77.84 -25.67
C CYS A 239 67.34 79.07 -25.25
N LYS A 240 66.74 80.26 -25.26
CA LYS A 240 67.40 81.48 -24.79
C LYS A 240 67.67 81.43 -23.28
N LYS A 241 66.70 80.95 -22.47
CA LYS A 241 66.88 80.77 -21.02
C LYS A 241 68.03 79.84 -20.67
N PHE A 242 68.38 78.93 -21.55
CA PHE A 242 69.07 77.69 -21.23
C PHE A 242 70.35 77.89 -20.40
N GLU A 243 71.14 78.92 -20.69
CA GLU A 243 72.37 79.22 -19.94
C GLU A 243 72.13 79.52 -18.46
N TYR A 244 70.91 79.85 -18.10
CA TYR A 244 70.48 80.28 -16.78
C TYR A 244 69.57 79.25 -16.09
N LEU A 245 69.29 78.12 -16.73
CA LEU A 245 68.82 76.91 -16.05
C LEU A 245 69.96 76.32 -15.20
N ASN A 246 69.68 75.76 -14.03
CA ASN A 246 70.66 74.91 -13.32
C ASN A 246 70.86 73.56 -14.04
N GLU A 247 71.87 72.78 -13.68
CA GLU A 247 72.20 71.55 -14.43
C GLU A 247 71.05 70.52 -14.45
N GLN A 248 70.39 70.30 -13.31
CA GLN A 248 69.23 69.41 -13.29
C GLN A 248 68.08 70.01 -14.07
N GLU A 249 67.84 71.32 -13.93
CA GLU A 249 66.85 72.02 -14.75
C GLU A 249 67.16 71.84 -16.24
N LYS A 250 68.42 71.91 -16.65
CA LYS A 250 68.82 71.62 -18.02
C LYS A 250 68.42 70.20 -18.38
N GLN A 251 68.77 69.21 -17.58
CA GLN A 251 68.39 67.83 -17.88
C GLN A 251 66.87 67.67 -17.97
N LEU A 252 66.12 68.24 -17.04
CA LEU A 252 64.67 68.17 -17.02
C LEU A 252 64.07 68.84 -18.25
N ALA A 253 64.54 70.04 -18.56
CA ALA A 253 64.13 70.79 -19.72
C ALA A 253 64.41 70.00 -20.98
N LEU A 254 65.63 69.47 -21.12
CA LEU A 254 66.02 68.65 -22.25
C LEU A 254 65.05 67.50 -22.39
N ASN A 255 64.75 66.78 -21.31
CA ASN A 255 63.81 65.69 -21.36
C ASN A 255 62.45 66.18 -21.89
N LEU A 256 61.87 67.21 -21.30
CA LEU A 256 60.53 67.61 -21.71
C LEU A 256 60.55 68.16 -23.14
N MET A 257 61.56 68.91 -23.53
CA MET A 257 61.69 69.39 -24.90
C MET A 257 61.83 68.24 -25.87
N LEU A 258 62.58 67.23 -25.49
CA LEU A 258 62.77 66.06 -26.31
C LEU A 258 61.44 65.34 -26.47
N ASP A 259 60.70 65.15 -25.38
CA ASP A 259 59.36 64.58 -25.45
C ASP A 259 58.44 65.41 -26.34
N ALA A 260 58.45 66.73 -26.16
CA ALA A 260 57.65 67.63 -26.96
C ALA A 260 58.00 67.47 -28.44
N SER A 261 59.28 67.30 -28.75
CA SER A 261 59.76 67.07 -30.11
C SER A 261 59.26 65.75 -30.70
N LEU A 262 58.83 64.78 -29.89
CA LEU A 262 58.16 63.61 -30.43
C LEU A 262 56.88 64.02 -31.18
N ILE A 263 56.16 65.04 -30.73
CA ILE A 263 54.99 65.58 -31.44
C ILE A 263 55.40 66.74 -32.33
N LEU A 264 56.01 67.76 -31.75
CA LEU A 264 56.31 69.03 -32.38
C LEU A 264 57.38 68.85 -33.45
N LYS A 265 57.14 69.36 -34.66
CA LYS A 265 58.07 69.24 -35.80
C LYS A 265 58.55 70.61 -36.33
N PRO A 266 59.18 71.48 -35.54
CA PRO A 266 59.82 72.69 -36.07
C PRO A 266 60.98 72.35 -37.02
N GLN A 267 61.65 73.36 -37.58
CA GLN A 267 62.67 73.20 -38.64
C GLN A 267 63.82 72.24 -38.26
N VAL A 268 63.87 71.07 -38.93
CA VAL A 268 64.91 70.04 -38.85
C VAL A 268 65.22 69.55 -40.27
N THR A 269 66.49 69.42 -40.64
CA THR A 269 66.80 69.44 -42.08
C THR A 269 66.93 68.05 -42.64
N HIS A 270 66.13 67.71 -43.64
CA HIS A 270 66.33 66.50 -44.42
C HIS A 270 67.69 66.54 -45.14
N LYS A 271 68.22 65.40 -45.59
CA LYS A 271 69.24 65.35 -46.64
C LYS A 271 69.17 64.03 -47.41
N MET A 272 69.63 63.99 -48.66
CA MET A 272 70.00 62.75 -49.33
C MET A 272 71.52 62.56 -49.33
N ILE A 273 71.99 61.35 -49.08
CA ILE A 273 73.36 60.92 -49.37
C ILE A 273 73.26 59.53 -49.98
N MET A 274 73.29 59.44 -51.30
CA MET A 274 73.56 58.15 -51.94
C MET A 274 75.03 57.75 -51.72
N PRO A 275 75.33 56.45 -51.60
CA PRO A 275 76.69 55.90 -51.66
C PRO A 275 77.54 56.41 -52.84
N TRP A 276 78.85 56.56 -52.60
CA TRP A 276 79.82 56.92 -53.64
C TRP A 276 79.83 55.90 -54.78
N SER A 277 79.69 54.60 -54.50
CA SER A 277 79.56 53.61 -55.57
C SER A 277 78.27 53.79 -56.38
N MET A 278 77.21 54.37 -55.82
CA MET A 278 76.02 54.74 -56.58
C MET A 278 76.31 55.99 -57.43
N TRP A 279 77.07 56.94 -56.92
CA TRP A 279 77.56 58.01 -57.80
C TRP A 279 78.44 57.47 -58.92
N LEU A 280 79.33 56.51 -58.65
CA LEU A 280 80.07 55.83 -59.69
C LEU A 280 79.11 55.14 -60.66
N ALA A 281 78.09 54.48 -60.14
CA ALA A 281 77.10 53.80 -60.97
C ALA A 281 76.42 54.81 -61.88
N VAL A 282 76.08 56.00 -61.38
CA VAL A 282 75.56 57.09 -62.21
C VAL A 282 76.56 57.43 -63.33
N LYS A 283 77.85 57.56 -63.04
CA LYS A 283 78.86 57.81 -64.08
C LYS A 283 78.84 56.70 -65.13
N LYS A 284 79.03 55.46 -64.72
CA LYS A 284 79.06 54.34 -65.67
C LYS A 284 77.74 54.18 -66.40
N TYR A 285 76.62 54.50 -65.78
CA TYR A 285 75.33 54.51 -66.43
C TYR A 285 75.34 55.55 -67.53
N ALA A 286 75.75 56.78 -67.22
CA ALA A 286 75.85 57.83 -68.21
C ALA A 286 76.72 57.34 -69.36
N GLU A 287 77.87 56.74 -69.05
CA GLU A 287 78.76 56.16 -70.06
C GLU A 287 78.00 55.11 -70.91
N MET A 288 77.34 54.14 -70.29
CA MET A 288 76.66 53.09 -71.02
C MET A 288 75.43 53.58 -71.77
N ASN A 289 74.94 54.77 -71.42
CA ASN A 289 73.87 55.45 -72.15
C ASN A 289 74.37 56.30 -73.33
N LYS A 290 75.68 56.34 -73.61
CA LYS A 290 76.27 57.03 -74.76
C LYS A 290 75.93 58.53 -74.86
N GLY A 291 76.20 59.28 -73.79
CA GLY A 291 76.34 60.75 -73.85
C GLY A 291 75.07 61.58 -73.67
N SER A 292 74.18 61.19 -72.74
CA SER A 292 72.94 61.92 -72.41
C SER A 292 72.64 62.14 -70.91
N PRO A 293 72.87 61.21 -69.97
CA PRO A 293 72.68 61.47 -68.54
C PRO A 293 73.81 62.32 -67.96
N SER A 294 73.50 63.52 -67.45
CA SER A 294 74.50 64.50 -67.00
C SER A 294 74.45 64.72 -65.49
N LEU A 295 75.59 64.51 -64.82
CA LEU A 295 75.68 64.54 -63.35
C LEU A 295 75.27 65.89 -62.75
N GLU A 296 75.52 67.01 -63.42
CA GLU A 296 75.07 68.30 -62.91
C GLU A 296 73.55 68.37 -62.80
N ASP A 297 72.83 67.66 -63.67
CA ASP A 297 71.38 67.54 -63.58
C ASP A 297 70.92 66.88 -62.29
N LEU A 298 71.80 66.08 -61.67
CA LEU A 298 71.56 65.32 -60.43
C LEU A 298 72.24 65.96 -59.19
N ALA A 299 73.01 67.03 -59.38
CA ALA A 299 73.97 67.53 -58.40
C ALA A 299 73.37 68.47 -57.33
N ALA A 300 72.46 67.98 -56.48
CA ALA A 300 71.85 68.75 -55.38
C ALA A 300 71.56 67.92 -54.11
N TYR A 301 71.63 68.56 -52.94
CA TYR A 301 71.33 67.95 -51.64
C TYR A 301 69.84 67.99 -51.27
N SER A 302 69.02 68.39 -52.23
CA SER A 302 67.61 68.69 -52.07
C SER A 302 66.89 68.60 -53.43
N GLY A 303 65.57 68.50 -53.41
CA GLY A 303 64.76 68.48 -54.62
C GLY A 303 64.76 67.18 -55.41
N VAL A 304 63.86 67.09 -56.38
CA VAL A 304 63.51 65.87 -57.13
C VAL A 304 64.70 65.22 -57.87
N ARG A 305 65.75 65.99 -58.12
CA ARG A 305 67.03 65.52 -58.63
C ARG A 305 67.56 64.33 -57.83
N ALA A 306 67.28 64.29 -56.53
CA ALA A 306 67.61 63.14 -55.69
C ALA A 306 66.86 61.86 -56.10
N PHE A 307 65.54 61.93 -56.34
CA PHE A 307 64.78 60.77 -56.81
C PHE A 307 65.21 60.35 -58.21
N MET A 308 65.53 61.32 -59.08
CA MET A 308 66.15 61.02 -60.37
C MET A 308 67.38 60.13 -60.16
N ALA A 309 68.30 60.54 -59.29
CA ALA A 309 69.54 59.81 -59.05
C ALA A 309 69.30 58.42 -58.46
N PHE A 310 68.43 58.31 -57.45
CA PHE A 310 68.17 57.02 -56.84
C PHE A 310 67.52 56.07 -57.84
N ASN A 311 66.45 56.47 -58.51
CA ASN A 311 65.83 55.62 -59.52
C ASN A 311 66.80 55.30 -60.64
N THR A 312 67.70 56.23 -61.00
CA THR A 312 68.77 55.92 -61.94
C THR A 312 69.60 54.76 -61.41
N ALA A 313 70.04 54.83 -60.16
CA ALA A 313 70.75 53.72 -59.55
C ALA A 313 69.91 52.44 -59.58
N CYS A 314 68.59 52.56 -59.49
CA CYS A 314 67.68 51.43 -59.56
C CYS A 314 67.65 50.71 -60.89
N TYR A 315 68.30 51.19 -61.94
CA TYR A 315 68.40 50.41 -63.16
C TYR A 315 69.19 49.12 -62.92
N MET A 316 70.49 49.22 -62.65
CA MET A 316 71.42 48.07 -62.73
C MET A 316 72.49 48.02 -61.63
N SER A 317 72.38 48.80 -60.55
CA SER A 317 73.41 48.82 -59.49
C SER A 317 73.49 47.46 -58.75
N LYS A 318 74.65 47.09 -58.18
CA LYS A 318 74.87 45.74 -57.63
C LYS A 318 75.40 45.74 -56.20
N PHE A 319 75.04 44.70 -55.46
CA PHE A 319 75.29 44.55 -54.03
C PHE A 319 75.23 43.07 -53.66
N THR A 320 75.73 42.73 -52.48
CA THR A 320 75.77 41.33 -52.03
C THR A 320 74.42 40.84 -51.51
N ILE A 321 74.18 39.56 -51.65
CA ILE A 321 73.21 38.79 -50.89
C ILE A 321 73.96 37.68 -50.15
N GLY A 322 74.02 37.81 -48.82
CA GLY A 322 74.28 36.68 -47.95
C GLY A 322 72.98 35.89 -47.74
N LYS A 323 73.06 34.56 -47.64
CA LYS A 323 71.91 33.73 -47.24
C LYS A 323 71.51 34.00 -45.78
N GLY A 324 72.49 34.26 -44.93
CA GLY A 324 72.32 34.66 -43.52
C GLY A 324 71.71 36.05 -43.35
N ILE A 325 71.49 36.47 -42.11
CA ILE A 325 70.57 37.56 -41.80
C ILE A 325 71.07 38.43 -40.66
N VAL A 326 70.76 39.72 -40.71
CA VAL A 326 70.62 40.52 -39.50
C VAL A 326 69.25 40.19 -38.93
N GLY A 327 69.17 39.04 -38.28
CA GLY A 327 67.96 38.45 -37.72
C GLY A 327 68.25 37.19 -36.90
N ASP A 328 67.22 36.56 -36.32
CA ASP A 328 67.41 35.43 -35.39
C ASP A 328 66.35 34.32 -35.49
N ALA A 329 65.07 34.67 -35.66
CA ALA A 329 63.99 33.70 -35.89
C ALA A 329 64.01 33.12 -37.31
N GLU A 330 63.22 32.06 -37.56
CA GLU A 330 63.16 31.39 -38.86
C GLU A 330 62.47 32.21 -39.98
N ILE A 331 61.71 33.25 -39.63
CA ILE A 331 61.11 34.18 -40.59
C ILE A 331 62.16 35.14 -41.17
N MET A 332 62.26 35.20 -42.50
CA MET A 332 63.23 36.04 -43.23
C MET A 332 62.71 36.44 -44.63
N GLU A 333 63.29 37.48 -45.23
CA GLU A 333 62.75 38.12 -46.45
C GLU A 333 63.82 38.87 -47.27
N ASN A 334 63.45 39.15 -48.53
CA ASN A 334 64.32 39.30 -49.69
C ASN A 334 65.16 40.59 -49.86
N GLY A 335 65.90 40.63 -50.96
CA GLY A 335 66.71 41.78 -51.37
C GLY A 335 65.94 43.09 -51.51
N ASN A 336 64.66 43.06 -51.85
CA ASN A 336 63.90 44.31 -51.87
C ASN A 336 63.84 44.92 -50.46
N ASP A 337 63.91 44.13 -49.39
CA ASP A 337 64.07 44.69 -48.05
C ASP A 337 65.43 45.37 -47.88
N LYS A 338 66.51 44.81 -48.44
CA LYS A 338 67.78 45.57 -48.51
C LYS A 338 67.53 46.85 -49.29
N MET A 339 66.79 46.79 -50.38
CA MET A 339 66.52 47.96 -51.20
C MET A 339 65.79 49.02 -50.38
N GLN A 340 64.81 48.62 -49.57
CA GLN A 340 64.19 49.54 -48.62
C GLN A 340 65.25 50.09 -47.67
N THR A 341 66.09 49.25 -47.09
CA THR A 341 67.06 49.72 -46.10
C THR A 341 67.98 50.76 -46.70
N LEU A 342 68.47 50.49 -47.91
CA LEU A 342 69.29 51.42 -48.66
C LEU A 342 68.55 52.74 -48.80
N ALA A 343 67.31 52.69 -49.26
CA ALA A 343 66.52 53.90 -49.44
C ALA A 343 66.39 54.67 -48.12
N MET A 344 66.09 53.96 -47.04
CA MET A 344 65.96 54.56 -45.72
C MET A 344 67.23 55.28 -45.37
N ALA A 345 68.37 54.61 -45.50
CA ALA A 345 69.64 55.21 -45.20
C ALA A 345 69.93 56.39 -46.15
N CYS A 346 69.56 56.29 -47.42
CA CYS A 346 69.90 57.30 -48.42
C CYS A 346 69.12 58.59 -48.21
N PHE A 347 67.82 58.51 -47.94
CA PHE A 347 66.97 59.69 -47.78
C PHE A 347 66.70 60.07 -46.31
N GLY A 348 67.18 59.30 -45.34
CA GLY A 348 66.92 59.56 -43.91
C GLY A 348 65.47 59.27 -43.48
N LEU A 349 64.83 58.24 -44.07
CA LEU A 349 63.39 57.95 -43.90
C LEU A 349 62.99 57.37 -42.53
N ALA A 350 63.94 57.12 -41.62
CA ALA A 350 63.72 56.29 -40.42
C ALA A 350 62.54 56.77 -39.54
N TYR A 351 62.17 58.05 -39.61
CA TYR A 351 61.03 58.60 -38.88
C TYR A 351 60.01 59.29 -39.80
N GLU A 352 60.18 59.13 -41.11
CA GLU A 352 59.19 59.49 -42.12
C GLU A 352 57.97 58.57 -42.03
N ASP A 353 56.84 58.95 -42.64
CA ASP A 353 55.68 58.07 -42.73
C ASP A 353 55.90 56.89 -43.69
N THR A 354 55.79 55.68 -43.15
CA THR A 354 55.78 54.44 -43.91
C THR A 354 54.70 54.44 -45.00
N GLY A 355 53.52 55.02 -44.79
CA GLY A 355 52.48 55.05 -45.80
C GLY A 355 52.88 55.88 -47.00
N ILE A 356 53.34 57.10 -46.76
CA ILE A 356 53.97 57.97 -47.76
C ILE A 356 55.02 57.18 -48.51
N VAL A 357 55.95 56.56 -47.79
CA VAL A 357 57.03 55.84 -48.45
C VAL A 357 56.46 54.67 -49.25
N ALA A 358 55.46 53.95 -48.72
CA ALA A 358 54.86 52.81 -49.38
C ALA A 358 54.28 53.20 -50.74
N ALA A 359 53.63 54.36 -50.81
CA ALA A 359 53.14 54.86 -52.08
C ALA A 359 54.28 55.28 -53.03
N MET A 360 55.34 55.94 -52.56
CA MET A 360 56.44 56.40 -53.40
C MET A 360 57.24 55.24 -53.98
N ILE A 361 57.77 54.39 -53.09
CA ILE A 361 58.32 53.09 -53.47
C ILE A 361 57.26 52.19 -54.12
N SER A 362 56.00 52.60 -54.09
CA SER A 362 54.92 51.94 -54.81
C SER A 362 54.73 50.45 -54.42
N GLN A 363 55.08 50.10 -53.17
CA GLN A 363 55.04 48.79 -52.50
C GLN A 363 54.81 48.97 -50.98
N PRO A 364 54.23 48.01 -50.24
CA PRO A 364 53.93 48.20 -48.81
C PRO A 364 55.17 48.47 -47.95
N MET A 365 55.02 49.28 -46.89
CA MET A 365 56.10 49.60 -45.92
C MET A 365 55.88 48.99 -44.52
N LYS A 366 56.92 49.09 -43.69
CA LYS A 366 57.19 48.16 -42.58
C LYS A 366 57.76 48.85 -41.32
N LYS A 367 57.69 48.14 -40.19
CA LYS A 367 58.37 48.44 -38.92
C LYS A 367 59.43 47.39 -38.60
N ARG A 368 60.28 47.63 -37.60
CA ARG A 368 61.45 46.76 -37.34
C ARG A 368 61.07 45.30 -37.13
N TYR A 369 59.94 45.03 -36.51
CA TYR A 369 59.48 43.65 -36.34
C TYR A 369 59.39 42.90 -37.66
N GLN A 370 59.20 43.64 -38.75
CA GLN A 370 59.14 43.13 -40.10
C GLN A 370 60.45 43.33 -40.89
N LEU A 371 61.27 44.37 -40.61
CA LEU A 371 62.45 44.68 -41.45
C LEU A 371 63.56 43.62 -41.36
N ARG A 372 64.06 43.13 -42.50
CA ARG A 372 65.23 42.24 -42.63
C ARG A 372 66.29 42.87 -43.55
N VAL A 373 67.58 42.64 -43.26
CA VAL A 373 68.73 43.08 -44.07
C VAL A 373 70.00 42.28 -43.72
N GLY A 374 71.05 42.40 -44.53
CA GLY A 374 72.42 41.96 -44.22
C GLY A 374 73.28 43.04 -43.53
N ASN A 375 74.52 42.69 -43.17
CA ASN A 375 75.42 43.53 -42.39
C ASN A 375 76.22 44.60 -43.19
N PHE A 376 76.20 44.55 -44.52
CA PHE A 376 77.06 45.35 -45.42
C PHE A 376 78.59 45.16 -45.19
N ASN A 377 79.06 44.05 -44.61
CA ASN A 377 80.47 43.82 -44.25
C ASN A 377 81.05 42.59 -45.01
N PRO A 378 82.11 42.72 -45.83
CA PRO A 378 82.40 41.73 -46.88
C PRO A 378 82.53 40.28 -46.42
N PRO A 379 82.04 39.30 -47.17
CA PRO A 379 81.61 38.05 -46.55
C PRO A 379 82.62 36.91 -46.64
N GLU A 380 82.42 35.81 -45.93
CA GLU A 380 83.17 34.58 -46.20
C GLU A 380 82.77 33.99 -47.56
N LYS A 381 81.46 33.83 -47.80
CA LYS A 381 80.81 33.35 -49.03
C LYS A 381 79.45 34.03 -49.21
N GLY A 382 78.97 34.14 -50.45
CA GLY A 382 77.67 34.74 -50.77
C GLY A 382 77.46 34.89 -52.27
N THR A 383 76.41 35.57 -52.70
CA THR A 383 76.06 35.77 -54.13
C THR A 383 75.76 37.24 -54.45
N ILE A 384 76.03 37.72 -55.67
CA ILE A 384 75.71 39.11 -56.07
C ILE A 384 74.23 39.23 -56.47
N LYS A 385 73.64 40.41 -56.28
CA LYS A 385 72.35 40.77 -56.87
C LYS A 385 72.37 42.21 -57.35
N GLY A 386 71.51 42.50 -58.32
CA GLY A 386 71.29 43.81 -58.94
C GLY A 386 69.90 44.42 -58.63
N THR A 387 69.74 45.73 -58.85
CA THR A 387 68.55 46.51 -58.46
C THR A 387 67.24 46.16 -59.18
N SER A 388 66.14 46.19 -58.44
CA SER A 388 64.77 46.21 -58.99
C SER A 388 64.48 47.56 -59.66
N ALA A 389 63.87 47.56 -60.85
CA ALA A 389 63.75 48.74 -61.71
C ALA A 389 62.90 49.89 -61.12
N GLY A 390 63.34 51.15 -61.32
CA GLY A 390 62.53 52.38 -61.15
C GLY A 390 61.97 52.67 -59.74
N TYR A 391 62.50 52.01 -58.73
CA TYR A 391 61.84 51.63 -57.47
C TYR A 391 60.89 52.67 -56.82
N PHE A 392 61.26 53.95 -56.71
CA PHE A 392 60.34 55.00 -56.30
C PHE A 392 59.42 55.34 -57.47
N HIS A 393 58.51 54.44 -57.86
CA HIS A 393 57.71 54.63 -59.07
C HIS A 393 56.76 55.82 -58.93
N LYS A 394 56.56 56.29 -57.70
CA LYS A 394 56.12 57.63 -57.37
C LYS A 394 57.22 58.35 -56.57
N TRP A 395 57.32 59.67 -56.73
CA TRP A 395 58.24 60.59 -56.01
C TRP A 395 57.43 61.55 -55.10
N ALA A 396 58.12 62.50 -54.43
CA ALA A 396 57.47 63.64 -53.76
C ALA A 396 58.42 64.82 -53.54
N GLU A 397 57.86 66.01 -53.27
CA GLU A 397 58.60 67.20 -52.85
C GLU A 397 59.05 67.12 -51.38
N PHE A 398 60.34 67.33 -51.10
CA PHE A 398 60.94 67.29 -49.75
C PHE A 398 60.56 68.50 -48.87
N GLY A 399 60.99 68.51 -47.61
CA GLY A 399 60.62 69.53 -46.64
C GLY A 399 61.23 69.28 -45.27
N ASN A 400 61.05 70.25 -44.36
CA ASN A 400 61.89 70.38 -43.17
C ASN A 400 61.14 70.81 -41.90
N ARG A 401 59.82 71.02 -41.93
CA ARG A 401 59.04 71.48 -40.76
C ARG A 401 57.56 71.15 -40.87
N LEU A 402 56.87 71.29 -39.73
CA LEU A 402 55.41 71.00 -39.63
C LEU A 402 54.65 71.87 -40.64
N PRO A 403 53.39 71.53 -40.97
CA PRO A 403 52.59 72.31 -41.93
C PRO A 403 52.33 73.75 -41.45
N PHE A 404 51.80 73.89 -40.22
CA PHE A 404 51.48 75.24 -39.67
C PHE A 404 52.03 75.38 -38.24
N ASN A 405 52.93 74.46 -37.84
CA ASN A 405 53.54 74.50 -36.49
C ASN A 405 52.43 74.61 -35.43
N SER A 406 52.09 75.84 -35.03
CA SER A 406 51.03 76.07 -34.02
C SER A 406 50.22 77.32 -34.38
N PHE A 407 49.04 77.48 -33.80
CA PHE A 407 48.17 78.66 -34.07
C PHE A 407 48.86 79.93 -33.56
N GLY A 408 48.94 80.96 -34.41
CA GLY A 408 49.58 82.23 -34.04
C GLY A 408 48.56 83.34 -33.85
N THR A 409 49.02 84.57 -33.67
CA THR A 409 48.19 85.76 -33.46
C THR A 409 47.41 86.13 -34.72
N GLY A 410 46.57 87.16 -34.63
CA GLY A 410 46.29 87.97 -35.81
C GLY A 410 47.59 88.44 -36.47
N GLU A 411 47.62 88.49 -37.80
CA GLU A 411 48.85 88.73 -38.58
C GLU A 411 49.31 90.21 -38.55
N SER A 412 48.38 91.16 -38.45
CA SER A 412 48.67 92.60 -38.45
C SER A 412 47.59 93.46 -37.80
N LYS A 413 46.31 93.12 -38.01
CA LYS A 413 45.13 93.80 -37.44
C LYS A 413 44.86 93.41 -35.97
N GLN A 414 43.81 93.99 -35.38
CA GLN A 414 43.36 93.80 -33.98
C GLN A 414 44.38 94.28 -32.90
N ILE A 415 45.31 95.17 -33.28
CA ILE A 415 46.19 95.90 -32.36
C ILE A 415 45.52 97.20 -31.87
N SER A 416 46.12 97.95 -30.94
CA SER A 416 45.55 99.20 -30.41
C SER A 416 45.33 100.26 -31.51
N ASN A 417 44.06 100.46 -31.90
CA ASN A 417 43.68 101.20 -33.12
C ASN A 417 44.17 102.67 -33.09
N SER A 418 44.65 103.19 -34.22
CA SER A 418 44.90 104.63 -34.40
C SER A 418 43.63 105.36 -34.85
N GLY A 419 43.58 106.68 -34.65
CA GLY A 419 42.44 107.51 -35.01
C GLY A 419 42.88 108.89 -35.47
N VAL A 420 42.94 109.10 -36.78
CA VAL A 420 43.04 110.43 -37.40
C VAL A 420 41.72 111.17 -37.23
N PHE A 421 40.59 110.56 -37.58
CA PHE A 421 39.32 111.28 -37.60
C PHE A 421 38.72 111.48 -36.21
N ALA A 422 38.30 112.71 -35.93
CA ALA A 422 37.75 113.15 -34.66
C ALA A 422 36.32 112.61 -34.47
N VAL A 423 36.18 111.31 -34.16
CA VAL A 423 34.89 110.62 -34.04
C VAL A 423 34.86 109.72 -32.80
N GLN A 424 33.84 109.86 -31.96
CA GLN A 424 33.65 109.03 -30.78
C GLN A 424 33.49 107.55 -31.15
N ARG A 425 34.23 106.66 -30.49
CA ARG A 425 34.52 105.31 -31.01
C ARG A 425 34.70 104.21 -29.93
N PRO A 426 34.26 102.97 -30.21
CA PRO A 426 34.81 101.75 -29.61
C PRO A 426 36.27 101.48 -30.04
N SER A 427 36.88 100.43 -29.51
CA SER A 427 38.21 99.95 -29.93
C SER A 427 38.38 98.44 -29.72
N THR A 428 39.16 97.78 -30.58
CA THR A 428 39.64 96.39 -30.38
C THR A 428 40.77 96.38 -29.33
N THR A 429 40.44 96.69 -28.07
CA THR A 429 41.42 96.92 -27.00
C THR A 429 42.22 95.64 -26.71
N ASN A 430 43.55 95.71 -26.82
CA ASN A 430 44.45 94.53 -26.80
C ASN A 430 45.77 94.81 -26.05
N ILE A 431 45.71 95.67 -25.02
CA ILE A 431 46.88 96.13 -24.23
C ILE A 431 47.61 94.96 -23.57
N GLN A 432 46.89 93.90 -23.23
CA GLN A 432 47.40 92.71 -22.55
C GLN A 432 48.44 91.97 -23.41
N ARG A 433 48.12 91.62 -24.67
CA ARG A 433 49.08 91.00 -25.59
C ARG A 433 50.16 91.98 -26.05
N LEU A 434 49.86 93.27 -26.14
CA LEU A 434 50.86 94.31 -26.39
C LEU A 434 51.93 94.30 -25.28
N ALA A 435 51.52 94.26 -24.01
CA ALA A 435 52.43 94.12 -22.87
C ALA A 435 53.20 92.79 -22.88
N GLU A 436 52.61 91.67 -23.34
CA GLU A 436 53.37 90.44 -23.61
C GLU A 436 54.48 90.67 -24.65
N LEU A 437 54.19 91.29 -25.80
CA LEU A 437 55.21 91.57 -26.81
C LEU A 437 56.35 92.43 -26.24
N MET A 438 56.03 93.46 -25.43
CA MET A 438 57.04 94.22 -24.68
C MET A 438 57.84 93.32 -23.73
N ALA A 439 57.19 92.44 -22.96
CA ALA A 439 57.87 91.53 -22.05
C ALA A 439 58.83 90.58 -22.78
N ARG A 440 58.42 90.02 -23.93
CA ARG A 440 59.29 89.14 -24.73
C ARG A 440 60.46 89.90 -25.36
N ASN A 441 60.26 91.11 -25.89
CA ASN A 441 61.36 91.89 -26.49
C ASN A 441 62.29 92.56 -25.46
N THR A 442 61.83 92.81 -24.23
CA THR A 442 62.66 93.26 -23.09
C THR A 442 63.39 92.09 -22.38
N GLY A 443 63.10 90.83 -22.72
CA GLY A 443 63.79 89.65 -22.18
C GLY A 443 63.31 89.21 -20.80
N GLU A 444 61.99 89.26 -20.54
CA GLU A 444 61.41 88.88 -19.24
C GLU A 444 61.84 87.46 -18.79
N THR A 445 62.21 87.35 -17.51
CA THR A 445 63.05 86.26 -16.97
C THR A 445 62.45 85.57 -15.72
N SER A 446 61.46 86.18 -15.06
CA SER A 446 60.84 85.57 -13.85
C SER A 446 59.80 84.51 -14.28
N ASP A 447 59.88 83.32 -13.70
CA ASP A 447 58.94 82.19 -13.98
C ASP A 447 59.02 81.78 -15.46
N ASN A 448 60.07 81.06 -15.85
CA ASN A 448 60.25 80.62 -17.26
C ASN A 448 60.14 79.09 -17.34
N PHE A 449 60.97 78.38 -16.56
CA PHE A 449 60.96 76.89 -16.56
C PHE A 449 59.52 76.37 -16.51
N THR A 450 58.88 76.51 -15.34
CA THR A 450 57.48 76.05 -15.14
C THR A 450 56.56 76.66 -16.21
N GLN A 451 56.68 77.98 -16.42
CA GLN A 451 55.84 78.70 -17.43
C GLN A 451 55.90 77.96 -18.77
N LEU A 452 57.09 77.64 -19.24
CA LEU A 452 57.28 76.96 -20.50
C LEU A 452 56.91 75.49 -20.37
N VAL A 453 57.10 74.85 -19.22
CA VAL A 453 56.54 73.50 -18.98
C VAL A 453 55.03 73.53 -19.20
N GLN A 454 54.34 74.48 -18.59
CA GLN A 454 52.92 74.63 -18.78
C GLN A 454 52.61 74.91 -20.24
N LYS A 455 53.33 75.84 -20.87
CA LYS A 455 53.10 76.15 -22.28
C LYS A 455 53.26 74.91 -23.14
N ILE A 456 54.22 74.06 -22.86
CA ILE A 456 54.39 72.79 -23.56
C ILE A 456 53.15 71.94 -23.35
N ARG A 457 52.70 71.77 -22.10
CA ARG A 457 51.51 70.96 -21.80
C ARG A 457 50.33 71.42 -22.64
N GLU A 458 50.02 72.71 -22.58
CA GLU A 458 48.86 73.23 -23.29
C GLU A 458 49.09 73.28 -24.81
N GLN A 459 50.30 73.52 -25.28
CA GLN A 459 50.61 73.49 -26.71
C GLN A 459 50.35 72.09 -27.26
N VAL A 460 50.76 71.05 -26.53
CA VAL A 460 50.46 69.68 -26.93
C VAL A 460 48.96 69.50 -27.09
N GLY A 461 48.17 69.96 -26.13
CA GLY A 461 46.71 69.90 -26.24
C GLY A 461 46.19 70.65 -27.48
N ALA A 462 46.69 71.87 -27.70
CA ALA A 462 46.30 72.65 -28.85
C ALA A 462 46.63 71.91 -30.14
N PHE A 463 47.84 71.34 -30.21
CA PHE A 463 48.27 70.53 -31.34
C PHE A 463 47.37 69.31 -31.50
N ALA A 464 46.99 68.68 -30.39
CA ALA A 464 46.09 67.55 -30.39
C ALA A 464 44.69 67.93 -30.90
N ASP A 465 44.36 69.21 -30.93
CA ASP A 465 43.25 69.69 -31.74
C ASP A 465 43.70 69.92 -33.19
N GLN A 466 44.80 70.65 -33.39
CA GLN A 466 45.30 71.14 -34.69
C GLN A 466 45.61 70.03 -35.70
N LYS A 467 45.85 68.81 -35.21
CA LYS A 467 45.99 67.59 -36.02
C LYS A 467 44.91 67.45 -37.09
N ALA A 468 43.72 68.00 -36.82
CA ALA A 468 42.60 68.04 -37.75
C ALA A 468 43.00 68.47 -39.17
N ASN A 469 44.02 69.32 -39.31
CA ASN A 469 44.56 69.68 -40.62
C ASN A 469 46.09 69.68 -40.70
N LEU A 470 46.81 69.47 -39.61
CA LEU A 470 48.28 69.56 -39.57
C LEU A 470 48.96 68.39 -40.32
N ARG A 471 49.08 68.44 -41.66
CA ARG A 471 49.43 67.26 -42.50
C ARG A 471 50.51 67.43 -43.61
N GLU A 472 50.53 68.47 -44.45
CA GLU A 472 51.66 68.74 -45.38
C GLU A 472 51.73 70.20 -45.81
N PHE A 473 52.81 70.60 -46.47
CA PHE A 473 52.68 71.75 -47.36
C PHE A 473 51.56 71.47 -48.38
N THR A 474 50.59 72.38 -48.50
CA THR A 474 49.21 72.18 -48.98
C THR A 474 49.05 71.67 -50.41
N GLY A 475 50.11 71.64 -51.23
CA GLY A 475 50.13 71.00 -52.55
C GLY A 475 50.50 69.51 -52.54
N GLY A 476 50.58 68.89 -51.36
CA GLY A 476 51.37 67.70 -51.16
C GLY A 476 50.69 66.41 -51.57
N TYR A 477 51.27 65.69 -52.53
CA TYR A 477 50.83 64.35 -52.94
C TYR A 477 51.96 63.50 -53.52
N ILE A 478 51.76 62.17 -53.65
CA ILE A 478 52.72 61.21 -54.24
C ILE A 478 52.59 61.08 -55.77
N TYR A 479 53.10 62.06 -56.49
CA TYR A 479 53.02 62.10 -57.95
C TYR A 479 53.90 61.02 -58.62
N ASP A 480 53.51 60.57 -59.81
CA ASP A 480 54.23 59.57 -60.61
C ASP A 480 55.62 60.05 -61.05
N ILE A 481 56.51 59.13 -61.42
CA ILE A 481 57.78 59.50 -62.06
C ILE A 481 57.58 60.12 -63.45
N THR A 482 56.48 59.78 -64.12
CA THR A 482 55.97 60.52 -65.29
C THR A 482 55.39 61.90 -64.94
N ASP A 483 55.43 62.30 -63.67
CA ASP A 483 54.74 63.47 -63.13
C ASP A 483 55.51 64.20 -62.01
N VAL A 484 56.79 64.46 -62.26
CA VAL A 484 57.48 65.55 -61.57
C VAL A 484 56.74 66.88 -61.75
N THR A 485 55.92 66.97 -62.78
CA THR A 485 54.96 68.03 -63.08
C THR A 485 53.82 68.14 -62.08
N LYS A 486 53.76 67.34 -61.01
CA LYS A 486 52.75 67.48 -59.93
C LYS A 486 51.28 67.54 -60.41
N SER A 487 50.97 66.89 -61.52
CA SER A 487 49.70 66.91 -62.26
C SER A 487 48.61 66.02 -61.64
N ASN A 488 49.01 64.96 -60.91
CA ASN A 488 48.16 63.84 -60.47
C ASN A 488 48.04 63.76 -58.92
N PRO A 489 47.42 64.73 -58.22
CA PRO A 489 47.37 64.75 -56.76
C PRO A 489 46.53 63.58 -56.22
N LYS A 490 47.12 62.71 -55.39
CA LYS A 490 46.48 61.51 -54.80
C LYS A 490 47.03 61.16 -53.41
N ILE A 491 46.16 60.67 -52.52
CA ILE A 491 46.41 60.42 -51.09
C ILE A 491 46.99 59.01 -50.86
N PRO A 492 47.87 58.76 -49.86
CA PRO A 492 48.43 57.44 -49.60
C PRO A 492 47.43 56.39 -49.10
N GLN A 493 46.65 56.70 -48.05
CA GLN A 493 45.70 55.79 -47.41
C GLN A 493 44.50 56.55 -46.84
N LEU A 494 43.34 55.88 -46.80
CA LEU A 494 42.14 56.33 -46.08
C LEU A 494 42.16 55.95 -44.60
N GLY A 495 42.63 54.73 -44.28
CA GLY A 495 42.66 54.14 -42.95
C GLY A 495 42.38 52.63 -42.97
N GLY A 496 41.86 52.08 -41.86
CA GLY A 496 41.34 50.72 -41.77
C GLY A 496 39.98 50.53 -42.48
N THR B 8 89.77 39.69 -19.25
CA THR B 8 89.51 39.90 -17.80
C THR B 8 88.92 38.67 -17.09
N PRO B 9 87.95 37.89 -17.62
CA PRO B 9 87.35 36.80 -16.84
C PRO B 9 88.34 35.73 -16.37
N GLU B 10 89.36 35.42 -17.15
CA GLU B 10 90.44 34.51 -16.78
C GLU B 10 91.13 34.99 -15.52
N GLU B 11 91.47 36.27 -15.46
CA GLU B 11 92.02 36.89 -14.26
C GLU B 11 91.02 36.93 -13.11
N GLN B 12 89.73 37.05 -13.39
CA GLN B 12 88.72 36.89 -12.36
C GLN B 12 88.74 35.45 -11.80
N ARG B 13 88.83 34.42 -12.65
CA ARG B 13 88.99 33.02 -12.21
C ARG B 13 90.25 32.84 -11.39
N ALA B 14 91.33 33.51 -11.74
CA ALA B 14 92.58 33.47 -10.96
C ALA B 14 92.41 34.09 -9.56
N LYS B 15 91.83 35.30 -9.45
CA LYS B 15 91.55 35.94 -8.14
C LYS B 15 90.59 35.11 -7.30
N ASN B 16 89.57 34.54 -7.93
CA ASN B 16 88.69 33.57 -7.30
C ASN B 16 89.47 32.35 -6.81
N ALA B 17 90.33 31.75 -7.65
CA ALA B 17 91.14 30.60 -7.26
C ALA B 17 92.03 30.94 -6.05
N LYS B 18 92.70 32.10 -6.03
CA LYS B 18 93.45 32.56 -4.85
C LYS B 18 92.56 32.71 -3.62
N THR B 19 91.39 33.30 -3.78
CA THR B 19 90.40 33.44 -2.71
C THR B 19 90.04 32.09 -2.10
N ILE B 20 89.76 31.08 -2.95
CA ILE B 20 89.44 29.73 -2.49
C ILE B 20 90.68 29.07 -1.89
N LEU B 21 91.87 29.22 -2.49
CA LEU B 21 93.11 28.68 -1.96
C LEU B 21 93.38 29.22 -0.56
N GLU B 22 93.08 30.49 -0.32
CA GLU B 22 93.14 31.07 1.01
C GLU B 22 92.18 30.35 1.95
N ASN B 23 90.94 30.18 1.54
CA ASN B 23 89.97 29.46 2.35
C ASN B 23 90.44 28.03 2.63
N ILE B 24 91.03 27.37 1.65
CA ILE B 24 91.62 26.04 1.75
C ILE B 24 92.77 26.06 2.76
N GLN B 25 93.70 27.00 2.66
CA GLN B 25 94.84 27.09 3.57
C GLN B 25 94.35 27.32 5.02
N ILE B 26 93.38 28.21 5.20
CA ILE B 26 92.73 28.43 6.48
C ILE B 26 92.17 27.12 7.00
N TYR B 27 91.37 26.43 6.19
CA TYR B 27 90.73 25.18 6.57
C TYR B 27 91.76 24.10 6.90
N GLU B 28 92.81 23.92 6.11
CA GLU B 28 93.87 22.94 6.40
C GLU B 28 94.46 23.23 7.77
N ARG B 29 94.78 24.50 8.01
CA ARG B 29 95.32 24.93 9.28
C ARG B 29 94.30 24.70 10.38
N MET B 30 93.04 25.03 10.18
CA MET B 30 91.99 24.79 11.15
C MET B 30 91.88 23.29 11.47
N CYS B 31 92.00 22.43 10.47
CA CYS B 31 91.89 20.99 10.64
C CYS B 31 93.02 20.46 11.48
N ASP B 32 94.24 20.84 11.15
CA ASP B 32 95.36 20.50 12.00
C ASP B 32 95.21 21.13 13.40
N LEU B 33 94.69 22.35 13.52
CA LEU B 33 94.58 23.08 14.78
C LEU B 33 93.67 22.37 15.79
N PHE B 34 92.51 21.87 15.36
CA PHE B 34 91.65 21.06 16.22
C PHE B 34 92.01 19.57 16.25
N GLY B 35 93.04 19.13 15.52
CA GLY B 35 93.54 17.76 15.55
C GLY B 35 92.76 16.78 14.65
N VAL B 36 92.14 17.27 13.59
CA VAL B 36 91.28 16.49 12.68
C VAL B 36 92.10 15.45 11.91
N SER B 37 91.65 14.17 11.86
CA SER B 37 92.32 13.10 11.11
C SER B 37 92.27 13.34 9.59
N GLU B 38 93.29 12.87 8.87
CA GLU B 38 93.53 13.27 7.48
C GLU B 38 92.30 13.03 6.61
N ASP B 39 91.73 11.85 6.69
CA ASP B 39 90.50 11.53 6.00
C ASP B 39 89.34 12.37 6.52
N ASP B 40 89.23 12.54 7.85
CA ASP B 40 88.16 13.34 8.43
C ASP B 40 88.20 14.81 8.01
N LYS B 41 89.31 15.32 7.47
CA LYS B 41 89.35 16.67 6.93
C LYS B 41 88.34 16.87 5.80
N LEU B 42 88.06 15.84 5.01
CA LEU B 42 87.13 15.93 3.88
C LEU B 42 85.69 16.24 4.32
N ILE B 43 85.38 16.02 5.58
CA ILE B 43 84.01 15.94 6.01
C ILE B 43 83.34 17.29 5.88
N ILE B 44 82.20 17.29 5.20
CA ILE B 44 81.37 18.49 5.02
C ILE B 44 80.88 19.02 6.37
N GLU B 45 80.46 18.15 7.28
CA GLU B 45 80.14 18.54 8.66
C GLU B 45 81.31 19.30 9.31
N ASN B 46 82.57 18.87 9.08
CA ASN B 46 83.73 19.61 9.56
C ASN B 46 83.84 20.96 8.87
N SER B 47 83.59 21.04 7.57
CA SER B 47 83.49 22.32 6.87
C SER B 47 82.56 23.27 7.61
N ILE B 48 81.33 22.81 7.82
CA ILE B 48 80.30 23.57 8.49
C ILE B 48 80.79 23.98 9.87
N SER B 49 81.32 23.07 10.67
CA SER B 49 81.77 23.39 12.01
C SER B 49 82.84 24.49 12.02
N ILE B 50 83.81 24.45 11.12
CA ILE B 50 84.83 25.52 11.07
C ILE B 50 84.18 26.83 10.66
N GLU B 51 83.36 26.80 9.61
CA GLU B 51 82.68 27.97 9.13
C GLU B 51 81.83 28.61 10.24
N ARG B 52 81.13 27.78 11.00
CA ARG B 52 80.33 28.17 12.16
C ARG B 52 81.20 28.91 13.16
N MET B 53 82.29 28.28 13.57
CA MET B 53 83.20 28.86 14.56
C MET B 53 83.68 30.23 14.07
N ILE B 54 84.02 30.33 12.78
CA ILE B 54 84.47 31.60 12.22
C ILE B 54 83.38 32.65 12.33
N ARG B 55 82.10 32.33 12.08
CA ARG B 55 81.03 33.30 12.29
C ARG B 55 81.06 33.82 13.71
N VAL B 56 81.07 32.93 14.71
CA VAL B 56 81.01 33.30 16.14
C VAL B 56 82.13 34.28 16.46
N VAL B 57 83.35 33.95 16.06
CA VAL B 57 84.54 34.80 16.27
C VAL B 57 84.35 36.16 15.60
N THR B 58 83.83 36.17 14.37
CA THR B 58 83.70 37.38 13.56
C THR B 58 82.43 38.20 13.84
N ASP B 59 81.53 37.74 14.71
CA ASP B 59 80.27 38.43 15.05
C ASP B 59 80.47 39.70 15.90
N LYS B 60 81.06 40.76 15.33
CA LYS B 60 81.44 42.00 16.03
C LYS B 60 80.34 42.58 16.93
N LYS B 61 79.10 42.63 16.43
CA LYS B 61 77.90 43.00 17.20
C LYS B 61 77.70 42.16 18.45
N TYR B 62 77.66 40.84 18.29
CA TYR B 62 77.51 39.93 19.43
C TYR B 62 78.72 39.99 20.36
N GLN B 63 79.94 40.26 19.88
CA GLN B 63 81.08 40.50 20.74
C GLN B 63 80.90 41.79 21.59
N ASP B 64 80.32 42.87 21.06
CA ASP B 64 79.96 44.06 21.86
C ASP B 64 79.01 43.72 23.02
N LYS B 65 78.05 42.87 22.73
CA LYS B 65 76.99 42.45 23.67
C LYS B 65 77.55 41.50 24.73
N LYS B 66 78.42 40.58 24.30
CA LYS B 66 79.18 39.65 25.15
C LYS B 66 79.97 40.43 26.18
N LEU B 67 80.75 41.42 25.74
CA LEU B 67 81.46 42.32 26.65
C LEU B 67 80.50 42.98 27.64
N LYS B 68 79.34 43.46 27.18
CA LYS B 68 78.35 44.11 28.05
C LYS B 68 77.92 43.21 29.23
N ASN B 69 77.77 41.90 29.02
CA ASN B 69 77.42 40.95 30.06
C ASN B 69 78.60 40.11 30.62
N ALA B 70 79.83 40.32 30.15
CA ALA B 70 80.98 39.54 30.59
C ALA B 70 81.29 39.71 32.08
N GLY B 71 80.93 40.87 32.66
CA GLY B 71 80.93 41.11 34.10
C GLY B 71 82.29 40.92 34.79
N SER B 72 82.25 40.60 36.08
CA SER B 72 83.43 40.32 36.91
C SER B 72 83.85 38.84 36.93
N ASP B 73 83.06 37.92 36.37
CA ASP B 73 83.23 36.49 36.60
C ASP B 73 84.48 35.92 35.87
N PRO B 74 85.48 35.37 36.59
CA PRO B 74 86.66 34.78 35.96
C PRO B 74 86.35 33.60 35.04
N GLU B 75 85.22 32.90 35.23
CA GLU B 75 84.79 31.85 34.27
C GLU B 75 84.32 32.45 32.93
N LYS B 76 83.63 33.61 32.95
CA LYS B 76 83.27 34.32 31.70
C LYS B 76 84.51 34.79 30.97
N ILE B 77 85.48 35.34 31.70
CA ILE B 77 86.72 35.89 31.14
C ILE B 77 87.60 34.79 30.51
N ALA B 78 87.77 33.63 31.15
CA ALA B 78 88.54 32.51 30.56
C ALA B 78 87.87 31.95 29.29
N ASN B 79 86.56 31.78 29.31
CA ASN B 79 85.81 31.33 28.14
C ASN B 79 85.71 32.41 27.03
N ALA B 80 86.04 33.67 27.31
CA ALA B 80 86.28 34.66 26.25
C ALA B 80 87.59 34.42 25.48
N GLY B 81 88.58 33.78 26.11
CA GLY B 81 89.84 33.40 25.47
C GLY B 81 89.78 32.06 24.72
N LYS B 82 89.17 31.04 25.34
CA LYS B 82 88.91 29.75 24.67
C LYS B 82 87.98 29.95 23.47
N VAL B 83 88.19 29.14 22.43
CA VAL B 83 87.22 28.93 21.35
C VAL B 83 87.00 27.43 21.15
N PHE B 84 85.74 27.01 21.19
CA PHE B 84 85.34 25.61 20.99
C PHE B 84 84.94 25.31 19.56
N CYS B 85 85.23 24.09 19.12
CA CYS B 85 84.75 23.57 17.85
C CYS B 85 84.37 22.08 17.96
N ARG B 86 83.06 21.80 17.91
CA ARG B 86 82.49 20.44 17.79
C ARG B 86 82.74 19.93 16.38
N LEU B 87 83.55 18.89 16.24
CA LEU B 87 84.03 18.34 14.95
C LEU B 87 83.82 16.82 14.89
N VAL B 88 83.70 16.26 13.69
CA VAL B 88 83.64 14.81 13.45
C VAL B 88 85.04 14.20 13.54
N GLU B 89 85.16 13.09 14.28
CA GLU B 89 86.31 12.21 14.32
C GLU B 89 85.87 10.75 14.10
N SER B 90 86.63 9.97 13.34
CA SER B 90 86.26 8.60 12.95
C SER B 90 87.27 7.56 13.39
N THR B 91 86.80 6.32 13.55
CA THR B 91 87.60 5.13 13.93
C THR B 91 86.83 3.87 13.56
N ALA B 92 87.49 2.89 12.96
CA ALA B 92 86.93 1.57 12.62
C ALA B 92 85.62 1.64 11.79
N GLY B 93 85.48 2.65 10.93
CA GLY B 93 84.27 2.96 10.17
C GLY B 93 83.15 3.66 10.95
N LYS B 94 83.24 3.69 12.29
CA LYS B 94 82.38 4.48 13.18
C LYS B 94 82.85 5.93 13.28
N CYS B 95 81.96 6.82 13.71
CA CYS B 95 82.26 8.24 13.89
C CYS B 95 81.54 8.85 15.09
N SER B 96 82.09 9.95 15.55
CA SER B 96 81.65 10.69 16.73
C SER B 96 82.08 12.14 16.63
N ALA B 97 81.58 12.97 17.54
CA ALA B 97 82.10 14.28 17.84
C ALA B 97 83.40 14.24 18.66
N ARG B 98 84.23 15.29 18.54
CA ARG B 98 85.14 15.75 19.60
C ARG B 98 85.04 17.26 19.74
N LEU B 99 85.07 17.74 20.99
CA LEU B 99 85.20 19.14 21.32
C LEU B 99 86.67 19.57 21.14
N GLY B 100 87.04 19.95 19.91
CA GLY B 100 88.29 20.67 19.70
C GLY B 100 88.26 22.01 20.45
N MET B 101 89.42 22.44 20.98
CA MET B 101 89.60 23.77 21.57
C MET B 101 90.91 24.41 21.12
N ALA B 102 90.86 25.69 20.79
CA ALA B 102 92.00 26.53 20.47
C ALA B 102 91.72 27.94 21.00
N LEU B 103 92.74 28.74 21.28
CA LEU B 103 92.52 30.10 21.74
C LEU B 103 92.08 30.98 20.58
N LYS B 104 91.29 32.03 20.84
CA LYS B 104 90.92 33.02 19.80
C LYS B 104 92.16 33.52 19.05
N PRO B 105 93.27 33.89 19.71
CA PRO B 105 94.52 34.19 19.02
C PRO B 105 95.03 33.10 18.08
N ASN B 106 94.80 31.82 18.35
CA ASN B 106 95.17 30.76 17.40
C ASN B 106 94.39 30.91 16.09
N VAL B 107 93.06 31.11 16.20
CA VAL B 107 92.18 31.33 15.04
C VAL B 107 92.55 32.61 14.31
N GLU B 108 92.74 33.70 15.07
CA GLU B 108 93.18 34.97 14.52
C GLU B 108 94.52 34.86 13.81
N ALA B 109 95.46 34.06 14.32
CA ALA B 109 96.74 33.85 13.66
C ALA B 109 96.52 33.27 12.27
N VAL B 110 95.83 32.14 12.17
CA VAL B 110 95.54 31.54 10.86
C VAL B 110 94.90 32.57 9.93
N LEU B 111 93.88 33.28 10.41
CA LEU B 111 93.16 34.25 9.58
C LEU B 111 94.06 35.41 9.16
N THR B 112 94.69 36.08 10.12
CA THR B 112 95.60 37.18 9.84
C THR B 112 96.78 36.74 9.01
N ASP B 113 97.25 35.49 9.13
CA ASP B 113 98.34 34.96 8.33
C ASP B 113 97.96 34.86 6.86
N VAL B 114 96.78 34.30 6.57
CA VAL B 114 96.37 33.96 5.21
C VAL B 114 95.68 35.12 4.47
N LEU B 115 94.88 35.93 5.18
CA LEU B 115 94.13 37.07 4.63
C LEU B 115 94.81 38.43 4.89
N GLY B 116 95.93 38.45 5.61
CA GLY B 116 96.63 39.66 6.05
C GLY B 116 96.20 40.12 7.44
N ASN B 117 97.11 40.81 8.14
CA ASN B 117 96.91 41.31 9.51
C ASN B 117 95.65 42.18 9.61
N GLU B 118 95.41 43.02 8.59
CA GLU B 118 94.22 43.84 8.43
C GLU B 118 92.99 43.00 8.04
N LEU B 119 92.60 42.07 8.90
CA LEU B 119 91.24 41.51 8.90
C LEU B 119 90.18 42.61 9.08
N ASP B 120 90.59 43.76 9.64
CA ASP B 120 89.85 45.03 9.66
C ASP B 120 89.47 45.55 8.25
N ARG B 121 90.06 45.00 7.17
CA ARG B 121 89.47 45.03 5.82
C ARG B 121 88.23 44.13 5.80
N ALA B 122 87.19 44.60 6.49
CA ALA B 122 85.88 44.00 6.60
C ALA B 122 85.35 43.48 5.25
N ALA B 123 85.67 44.14 4.14
CA ALA B 123 85.33 43.65 2.81
C ALA B 123 85.94 42.27 2.52
N VAL B 124 87.24 42.08 2.73
CA VAL B 124 87.95 40.87 2.31
C VAL B 124 87.49 39.64 3.09
N LEU B 125 87.44 39.75 4.41
CA LEU B 125 86.95 38.66 5.26
C LEU B 125 85.42 38.49 5.13
N GLY B 126 84.68 39.60 5.16
CA GLY B 126 83.22 39.58 5.14
C GLY B 126 82.62 39.09 3.83
N LYS B 127 83.25 39.33 2.68
CA LYS B 127 82.79 38.81 1.38
C LYS B 127 82.72 37.29 1.43
N ARG B 128 83.88 36.64 1.62
CA ARG B 128 83.97 35.17 1.69
C ARG B 128 83.14 34.59 2.85
N MET B 129 83.12 35.24 4.02
CA MET B 129 82.30 34.75 5.12
C MET B 129 80.81 34.96 4.91
N GLY B 130 80.39 36.00 4.19
CA GLY B 130 79.02 36.18 3.77
C GLY B 130 78.57 35.02 2.91
N PHE B 131 79.40 34.59 1.97
CA PHE B 131 79.08 33.45 1.10
C PHE B 131 78.90 32.16 1.92
N SER B 132 79.78 31.89 2.89
CA SER B 132 79.66 30.76 3.81
C SER B 132 78.41 30.86 4.71
N ALA B 133 78.17 32.02 5.32
CA ALA B 133 77.00 32.26 6.16
C ALA B 133 75.71 32.09 5.37
N MET B 134 75.71 32.53 4.12
CA MET B 134 74.62 32.32 3.17
C MET B 134 74.42 30.83 2.97
N PHE B 135 75.46 30.05 2.64
CA PHE B 135 75.33 28.60 2.54
C PHE B 135 74.72 27.98 3.80
N LYS B 136 75.14 28.41 5.00
CA LYS B 136 74.54 27.94 6.25
C LYS B 136 73.06 28.33 6.33
N SER B 137 72.75 29.57 6.02
CA SER B 137 71.39 30.04 5.91
C SER B 137 70.57 29.19 4.93
N ASN B 138 71.12 28.82 3.78
CA ASN B 138 70.47 27.93 2.80
C ASN B 138 70.13 26.58 3.44
N LEU B 139 71.11 25.96 4.10
CA LEU B 139 70.97 24.64 4.69
C LEU B 139 69.95 24.66 5.84
N GLU B 140 70.01 25.68 6.71
CA GLU B 140 68.97 25.91 7.71
C GLU B 140 67.57 26.00 7.10
N GLU B 141 67.45 26.77 6.02
CA GLU B 141 66.18 27.00 5.35
C GLU B 141 65.57 25.71 4.84
N VAL B 142 66.36 24.88 4.15
CA VAL B 142 65.88 23.57 3.71
C VAL B 142 65.59 22.68 4.93
N LEU B 143 66.39 22.77 6.00
CA LEU B 143 66.22 21.92 7.18
C LEU B 143 64.89 22.17 7.88
N TYR B 144 64.66 23.37 8.39
CA TYR B 144 63.70 23.52 9.49
C TYR B 144 62.77 24.74 9.42
N GLN B 145 62.58 25.31 8.22
CA GLN B 145 61.58 26.36 7.94
C GLN B 145 61.65 27.55 8.93
N ARG B 146 62.85 27.75 9.49
CA ARG B 146 63.30 28.84 10.37
C ARG B 146 62.45 29.18 11.61
N GLY B 147 61.72 28.20 12.15
CA GLY B 147 60.71 28.42 13.20
C GLY B 147 61.15 29.31 14.36
N LYS B 148 62.22 28.95 15.06
CA LYS B 148 62.69 29.74 16.21
C LYS B 148 63.15 31.15 15.87
N ASN B 149 63.55 31.42 14.63
CA ASN B 149 63.78 32.79 14.18
C ASN B 149 62.47 33.50 13.79
N GLN B 150 61.55 32.85 13.09
CA GLN B 150 60.29 33.48 12.71
C GLN B 150 59.36 33.76 13.89
N LEU B 151 59.50 33.08 15.04
CA LEU B 151 58.81 33.50 16.28
C LEU B 151 59.23 34.94 16.69
N LYS B 152 60.44 35.37 16.33
CA LYS B 152 60.89 36.77 16.40
C LYS B 152 60.48 37.58 15.17
N LYS B 153 60.69 37.05 13.95
CA LYS B 153 60.54 37.77 12.66
C LYS B 153 59.13 37.79 12.06
N ARG B 154 58.17 37.16 12.74
CA ARG B 154 56.73 37.42 12.75
C ARG B 154 55.96 37.19 11.44
N ASN B 155 56.44 36.36 10.53
CA ASN B 155 55.80 36.17 9.21
C ASN B 155 55.75 34.70 8.73
N ALA B 156 54.79 34.41 7.84
CA ALA B 156 54.30 33.05 7.53
C ALA B 156 55.00 32.34 6.34
N ALA B 157 54.57 31.12 6.03
CA ALA B 157 55.31 30.17 5.18
C ALA B 157 55.61 30.68 3.77
N GLU B 158 54.65 31.32 3.11
CA GLU B 158 54.89 31.90 1.79
C GLU B 158 55.96 32.99 1.88
N THR B 159 55.88 33.87 2.88
CA THR B 159 56.93 34.87 3.09
C THR B 159 58.29 34.19 3.28
N PHE B 160 58.31 33.10 4.05
CA PHE B 160 59.50 32.31 4.28
C PHE B 160 60.08 31.80 2.95
N THR B 161 59.25 31.30 2.03
CA THR B 161 59.76 30.80 0.75
C THR B 161 60.52 31.86 -0.05
N LEU B 162 60.04 33.10 -0.04
CA LEU B 162 60.72 34.19 -0.74
C LEU B 162 61.93 34.71 0.02
N SER B 163 62.13 34.30 1.26
CA SER B 163 63.15 34.85 2.14
C SER B 163 64.41 34.01 2.13
N GLN B 164 64.91 33.68 0.94
CA GLN B 164 66.16 32.92 0.81
C GLN B 164 67.32 33.74 1.40
N GLY B 165 68.08 33.16 2.31
CA GLY B 165 69.17 33.81 3.03
C GLY B 165 68.77 34.56 4.29
N ALA B 166 67.50 34.60 4.69
CA ALA B 166 67.09 35.34 5.89
C ALA B 166 67.44 34.67 7.24
N SER B 167 68.15 33.53 7.26
CA SER B 167 68.73 32.98 8.51
C SER B 167 70.02 33.72 8.94
N LEU B 168 70.61 34.52 8.05
CA LEU B 168 71.84 35.28 8.28
C LEU B 168 71.80 36.21 9.50
N GLU B 169 72.90 36.31 10.24
CA GLU B 169 73.13 37.45 11.12
C GLU B 169 73.12 38.77 10.34
N ALA B 170 72.59 39.82 10.97
CA ALA B 170 72.24 41.07 10.33
C ALA B 170 73.38 41.65 9.48
N ARG B 171 74.60 41.64 10.03
CA ARG B 171 75.81 42.15 9.38
C ARG B 171 76.06 41.60 7.99
N PHE B 172 75.67 40.35 7.74
CA PHE B 172 75.86 39.74 6.44
C PHE B 172 74.83 40.24 5.42
N ARG B 173 73.66 40.66 5.86
CA ARG B 173 72.55 40.99 4.95
C ARG B 173 72.92 42.13 3.99
N PRO B 174 73.62 43.19 4.44
CA PRO B 174 74.21 44.18 3.54
C PRO B 174 75.20 43.58 2.52
N ILE B 175 76.08 42.69 2.97
CA ILE B 175 77.11 42.08 2.11
C ILE B 175 76.46 41.27 0.98
N MET B 176 75.45 40.47 1.29
CA MET B 176 74.85 39.49 0.38
C MET B 176 73.82 40.08 -0.62
N GLU B 177 73.76 41.40 -0.80
CA GLU B 177 72.65 42.14 -1.41
C GLU B 177 71.99 41.48 -2.63
N LYS B 178 72.79 40.93 -3.55
CA LYS B 178 72.34 40.42 -4.85
C LYS B 178 71.56 39.11 -4.76
N HIS B 179 71.95 38.21 -3.88
CA HIS B 179 71.53 36.82 -3.93
C HIS B 179 70.37 36.48 -3.00
N LEU B 180 70.17 37.26 -1.94
CA LEU B 180 69.05 37.08 -1.00
C LEU B 180 67.71 37.13 -1.73
N GLY B 181 66.81 36.20 -1.40
CA GLY B 181 65.44 36.20 -1.92
C GLY B 181 64.70 37.44 -1.44
N VAL B 182 63.83 38.01 -2.27
CA VAL B 182 63.21 39.34 -2.04
C VAL B 182 62.55 39.41 -0.66
N GLY B 183 61.95 38.30 -0.24
CA GLY B 183 61.31 38.18 1.06
C GLY B 183 62.25 38.50 2.21
N THR B 184 63.53 38.19 2.09
CA THR B 184 64.54 38.49 3.11
C THR B 184 64.59 39.98 3.37
N VAL B 185 64.66 40.77 2.31
CA VAL B 185 64.65 42.24 2.39
C VAL B 185 63.33 42.71 2.97
N VAL B 186 62.22 42.18 2.44
CA VAL B 186 60.88 42.58 2.85
C VAL B 186 60.66 42.35 4.34
N ALA B 187 60.94 41.14 4.80
CA ALA B 187 60.86 40.75 6.19
C ALA B 187 61.72 41.66 7.05
N SER B 188 62.94 41.95 6.56
CA SER B 188 63.82 42.89 7.25
C SER B 188 63.12 44.23 7.41
N ILE B 189 62.58 44.83 6.35
CA ILE B 189 61.91 46.13 6.44
C ILE B 189 60.76 46.07 7.45
N LYS B 190 59.92 45.04 7.36
CA LYS B 190 58.77 44.90 8.25
C LYS B 190 59.21 44.81 9.71
N ASN B 191 60.27 44.06 9.96
CA ASN B 191 60.84 43.98 11.29
C ASN B 191 61.57 45.27 11.72
N ILE B 192 62.13 46.04 10.80
CA ILE B 192 62.71 47.36 11.12
C ILE B 192 61.62 48.29 11.66
N LEU B 193 60.42 48.29 11.07
CA LEU B 193 59.29 49.07 11.59
C LEU B 193 58.88 48.63 13.00
N ALA B 194 58.91 47.32 13.28
CA ALA B 194 58.73 46.83 14.64
C ALA B 194 59.85 47.31 15.57
N SER B 195 61.11 47.28 15.13
CA SER B 195 62.24 47.79 15.91
C SER B 195 62.09 49.27 16.24
N LYS B 196 61.57 50.09 15.32
CA LYS B 196 61.23 51.49 15.60
C LYS B 196 60.21 51.67 16.73
N LYS B 197 59.33 50.69 16.98
CA LYS B 197 58.54 50.64 18.22
C LYS B 197 59.37 50.11 19.40
N ASN B 198 59.97 48.95 19.23
CA ASN B 198 60.44 48.13 20.34
C ASN B 198 61.79 48.55 20.94
N GLY B 199 62.65 49.25 20.19
CA GLY B 199 63.97 49.70 20.66
C GLY B 199 65.02 48.59 20.82
N ASN B 200 64.75 47.38 20.33
CA ASN B 200 65.64 46.21 20.31
C ASN B 200 66.79 46.30 19.28
N TYR B 201 67.18 47.51 18.89
CA TYR B 201 68.03 47.78 17.75
C TYR B 201 68.81 49.10 17.93
N ARG B 202 69.92 49.23 17.20
CA ARG B 202 70.56 50.51 16.88
C ARG B 202 70.51 50.77 15.38
N ASN B 203 69.91 51.89 14.97
CA ASN B 203 69.94 52.37 13.59
C ASN B 203 71.36 52.89 13.20
N LYS B 204 71.65 52.99 11.90
CA LYS B 204 73.03 53.00 11.34
C LYS B 204 73.15 53.73 10.00
N MET B 205 74.38 53.96 9.52
CA MET B 205 74.69 54.55 8.20
C MET B 205 75.90 53.86 7.53
N VAL B 206 75.84 53.59 6.23
CA VAL B 206 76.86 52.89 5.43
C VAL B 206 77.03 53.47 4.02
N ARG B 207 78.12 53.06 3.33
CA ARG B 207 78.51 53.43 1.95
C ARG B 207 79.13 52.24 1.20
N LYS B 208 78.90 52.12 -0.12
CA LYS B 208 79.32 50.95 -0.93
C LYS B 208 80.09 51.37 -2.20
N PRO B 209 81.43 51.39 -2.18
CA PRO B 209 82.27 51.68 -3.34
C PRO B 209 82.14 50.70 -4.50
N GLY B 210 82.49 51.15 -5.70
CA GLY B 210 82.26 50.46 -6.97
C GLY B 210 80.78 50.38 -7.40
N GLY B 211 79.83 50.53 -6.47
CA GLY B 211 78.38 50.62 -6.70
C GLY B 211 77.84 52.03 -6.57
N ASN B 212 77.76 52.56 -5.34
CA ASN B 212 77.26 53.90 -5.04
C ASN B 212 77.90 54.47 -3.76
N ARG B 213 78.58 55.62 -3.89
CA ARG B 213 79.19 56.39 -2.80
C ARG B 213 78.16 57.12 -1.90
N GLU B 214 76.87 56.97 -2.17
CA GLU B 214 75.82 57.40 -1.26
C GLU B 214 75.99 56.82 0.16
N SER B 215 75.68 57.65 1.15
CA SER B 215 76.10 57.47 2.53
C SER B 215 74.87 57.58 3.42
N TRP B 216 74.29 56.44 3.77
CA TRP B 216 72.86 56.38 4.09
C TRP B 216 72.47 55.14 4.90
N SER B 217 71.25 55.14 5.42
CA SER B 217 70.76 54.23 6.46
C SER B 217 70.18 52.92 5.91
N PRO B 218 69.77 51.98 6.79
CA PRO B 218 68.96 50.84 6.43
C PRO B 218 67.75 51.21 5.58
N LEU B 219 67.10 52.35 5.83
CA LEU B 219 65.94 52.76 5.05
C LEU B 219 66.32 52.85 3.57
N GLU B 220 67.33 53.64 3.27
CA GLU B 220 67.83 53.78 1.91
C GLU B 220 68.41 52.47 1.39
N ARG B 221 69.21 51.77 2.20
CA ARG B 221 69.89 50.53 1.82
C ARG B 221 68.88 49.47 1.41
N GLU B 222 67.87 49.25 2.24
CA GLU B 222 66.80 48.33 1.95
C GLU B 222 66.06 48.78 0.69
N ILE B 223 65.65 50.04 0.60
CA ILE B 223 64.92 50.52 -0.58
C ILE B 223 65.75 50.34 -1.84
N SER B 224 67.06 50.56 -1.75
CA SER B 224 67.97 50.37 -2.86
C SER B 224 68.02 48.91 -3.25
N PHE B 225 68.20 48.00 -2.30
CA PHE B 225 68.21 46.57 -2.59
C PHE B 225 66.88 46.14 -3.19
N LEU B 226 65.78 46.68 -2.67
CA LEU B 226 64.43 46.42 -3.15
C LEU B 226 64.29 46.91 -4.60
N ASN B 227 64.83 48.08 -4.92
CA ASN B 227 64.83 48.57 -6.28
C ASN B 227 65.66 47.67 -7.20
N LYS B 228 66.82 47.19 -6.71
CA LYS B 228 67.67 46.25 -7.45
C LYS B 228 66.99 44.91 -7.74
N LYS B 229 65.89 44.60 -7.03
CA LYS B 229 65.13 43.35 -7.17
C LYS B 229 63.82 43.49 -7.92
N LEU B 230 63.03 44.54 -7.66
CA LEU B 230 61.64 44.61 -8.12
C LEU B 230 61.52 44.69 -9.64
N PHE B 231 60.34 44.29 -10.13
CA PHE B 231 60.01 44.25 -11.54
C PHE B 231 59.95 45.67 -12.15
N PRO B 232 60.59 45.90 -13.31
CA PRO B 232 60.57 47.20 -13.98
C PRO B 232 59.16 47.70 -14.26
N GLY B 233 58.96 49.01 -14.39
CA GLY B 233 57.62 49.57 -14.39
C GLY B 233 57.00 49.52 -12.99
N PRO B 234 55.79 48.96 -12.80
CA PRO B 234 54.95 49.26 -11.64
C PRO B 234 55.64 48.99 -10.32
N MET B 235 56.32 47.85 -10.20
CA MET B 235 56.89 47.43 -8.93
C MET B 235 58.10 48.30 -8.58
N ARG B 236 59.01 48.57 -9.52
CA ARG B 236 60.04 49.59 -9.26
C ARG B 236 59.46 50.97 -9.03
N GLN B 237 58.34 51.33 -9.66
CA GLN B 237 57.72 52.63 -9.40
C GLN B 237 57.20 52.71 -7.96
N LEU B 238 56.60 51.63 -7.46
CA LEU B 238 56.27 51.50 -6.05
C LEU B 238 57.54 51.61 -5.19
N CYS B 239 58.64 51.04 -5.66
CA CYS B 239 59.92 51.14 -4.99
C CYS B 239 60.39 52.60 -4.86
N LYS B 240 60.23 53.40 -5.92
CA LYS B 240 60.55 54.83 -5.87
C LYS B 240 59.59 55.59 -4.93
N LYS B 241 58.29 55.30 -4.97
CA LYS B 241 57.29 55.90 -4.07
C LYS B 241 57.59 55.63 -2.60
N PHE B 242 58.31 54.56 -2.29
CA PHE B 242 58.27 53.90 -0.99
C PHE B 242 58.52 54.83 0.20
N GLU B 243 59.46 55.78 0.06
CA GLU B 243 59.75 56.76 1.13
C GLU B 243 58.56 57.64 1.52
N TYR B 244 57.55 57.72 0.64
CA TYR B 244 56.39 58.57 0.75
C TYR B 244 55.10 57.79 0.99
N LEU B 245 55.17 56.47 1.08
CA LEU B 245 54.14 55.65 1.71
C LEU B 245 54.13 55.91 3.24
N ASN B 246 52.97 55.90 3.89
CA ASN B 246 52.92 55.84 5.36
C ASN B 246 53.32 54.44 5.87
N GLU B 247 53.57 54.26 7.17
CA GLU B 247 54.10 52.99 7.69
C GLU B 247 53.17 51.79 7.42
N GLN B 248 51.86 51.94 7.61
CA GLN B 248 50.93 50.87 7.29
C GLN B 248 50.87 50.65 5.78
N GLU B 249 50.86 51.72 4.98
CA GLU B 249 50.97 51.62 3.54
C GLU B 249 52.22 50.86 3.13
N LYS B 250 53.37 51.10 3.78
CA LYS B 250 54.57 50.32 3.56
C LYS B 250 54.31 48.87 3.86
N GLN B 251 53.76 48.53 5.01
CA GLN B 251 53.47 47.13 5.33
C GLN B 251 52.52 46.49 4.30
N LEU B 252 51.46 47.20 3.91
CA LEU B 252 50.48 46.71 2.95
C LEU B 252 51.13 46.50 1.59
N ALA B 253 51.90 47.49 1.14
CA ALA B 253 52.64 47.43 -0.11
C ALA B 253 53.61 46.26 -0.09
N LEU B 254 54.38 46.13 0.98
CA LEU B 254 55.32 45.02 1.15
C LEU B 254 54.58 43.70 1.01
N ASN B 255 53.44 43.55 1.68
CA ASN B 255 52.66 42.34 1.57
C ASN B 255 52.28 42.08 0.12
N LEU B 256 51.65 43.04 -0.55
CA LEU B 256 51.17 42.78 -1.90
C LEU B 256 52.34 42.55 -2.86
N MET B 257 53.44 43.30 -2.74
CA MET B 257 54.62 43.09 -3.55
C MET B 257 55.20 41.71 -3.32
N LEU B 258 55.22 41.28 -2.06
CA LEU B 258 55.71 39.97 -1.70
C LEU B 258 54.84 38.89 -2.34
N ASP B 259 53.52 39.05 -2.25
CA ASP B 259 52.60 38.15 -2.91
C ASP B 259 52.81 38.14 -4.42
N ALA B 260 52.94 39.31 -5.02
CA ALA B 260 53.20 39.43 -6.44
C ALA B 260 54.48 38.70 -6.82
N SER B 261 55.50 38.80 -5.98
CA SER B 261 56.77 38.11 -6.17
C SER B 261 56.63 36.59 -6.10
N LEU B 262 55.56 36.04 -5.50
CA LEU B 262 55.31 34.60 -5.61
C LEU B 262 55.11 34.20 -7.09
N ILE B 263 54.51 35.06 -7.92
CA ILE B 263 54.38 34.81 -9.37
C ILE B 263 55.53 35.47 -10.13
N LEU B 264 55.68 36.78 -9.96
CA LEU B 264 56.60 37.63 -10.72
C LEU B 264 58.04 37.28 -10.37
N LYS B 265 58.88 37.05 -11.39
CA LYS B 265 60.29 36.68 -11.22
C LYS B 265 61.26 37.71 -11.86
N PRO B 266 61.25 39.00 -11.50
CA PRO B 266 62.29 39.94 -11.95
C PRO B 266 63.68 39.55 -11.41
N GLN B 267 64.72 40.31 -11.73
CA GLN B 267 66.12 39.99 -11.44
C GLN B 267 66.41 39.70 -9.94
N VAL B 268 66.71 38.44 -9.62
CA VAL B 268 67.13 37.94 -8.29
C VAL B 268 68.27 36.95 -8.49
N THR B 269 69.35 37.04 -7.71
CA THR B 269 70.62 36.47 -8.20
C THR B 269 70.85 35.09 -7.64
N HIS B 270 71.00 34.09 -8.49
CA HIS B 270 71.48 32.77 -8.09
C HIS B 270 72.89 32.88 -7.50
N LYS B 271 73.35 31.87 -6.74
CA LYS B 271 74.78 31.63 -6.50
C LYS B 271 75.04 30.15 -6.22
N MET B 272 76.25 29.67 -6.48
CA MET B 272 76.75 28.43 -5.87
C MET B 272 77.70 28.72 -4.72
N ILE B 273 77.58 27.98 -3.62
CA ILE B 273 78.60 27.90 -2.57
C ILE B 273 78.73 26.43 -2.19
N MET B 274 79.70 25.73 -2.76
CA MET B 274 80.10 24.45 -2.19
C MET B 274 80.81 24.66 -0.85
N PRO B 275 80.67 23.73 0.12
CA PRO B 275 81.48 23.65 1.32
C PRO B 275 83.00 23.76 1.10
N TRP B 276 83.69 24.39 2.05
CA TRP B 276 85.15 24.48 2.04
C TRP B 276 85.80 23.10 2.04
N SER B 277 85.26 22.11 2.76
CA SER B 277 85.79 20.75 2.68
C SER B 277 85.59 20.13 1.29
N MET B 278 84.59 20.56 0.51
CA MET B 278 84.46 20.14 -0.88
C MET B 278 85.50 20.85 -1.75
N TRP B 279 85.82 22.12 -1.47
CA TRP B 279 86.99 22.73 -2.11
C TRP B 279 88.28 22.01 -1.74
N LEU B 280 88.45 21.61 -0.48
CA LEU B 280 89.59 20.78 -0.10
C LEU B 280 89.54 19.45 -0.86
N ALA B 281 88.36 18.84 -0.99
CA ALA B 281 88.21 17.60 -1.73
C ALA B 281 88.65 17.80 -3.18
N VAL B 282 88.29 18.92 -3.80
CA VAL B 282 88.77 19.27 -5.13
C VAL B 282 90.31 19.32 -5.15
N LYS B 283 90.95 19.95 -4.16
CA LYS B 283 92.42 19.96 -4.09
C LYS B 283 92.96 18.55 -4.02
N LYS B 284 92.56 17.76 -3.04
CA LYS B 284 93.06 16.40 -2.88
C LYS B 284 92.72 15.51 -4.07
N TYR B 285 91.60 15.75 -4.73
CA TYR B 285 91.24 15.05 -5.96
C TYR B 285 92.26 15.40 -7.02
N ALA B 286 92.52 16.69 -7.24
CA ALA B 286 93.53 17.11 -8.18
C ALA B 286 94.85 16.41 -7.87
N GLU B 287 95.24 16.41 -6.59
CA GLU B 287 96.45 15.71 -6.15
C GLU B 287 96.39 14.23 -6.53
N MET B 288 95.31 13.52 -6.19
CA MET B 288 95.22 12.09 -6.46
C MET B 288 95.07 11.78 -7.94
N ASN B 289 94.73 12.78 -8.75
CA ASN B 289 94.70 12.68 -10.20
C ASN B 289 96.06 12.97 -10.86
N LYS B 290 97.11 13.25 -10.10
CA LYS B 290 98.48 13.46 -10.60
C LYS B 290 98.62 14.55 -11.68
N GLY B 291 98.16 15.76 -11.37
CA GLY B 291 98.57 16.99 -12.07
C GLY B 291 97.77 17.38 -13.32
N SER B 292 96.44 17.24 -13.29
CA SER B 292 95.54 17.63 -14.40
C SER B 292 94.27 18.44 -14.01
N PRO B 293 93.54 18.18 -12.90
CA PRO B 293 92.41 19.02 -12.49
C PRO B 293 92.89 20.34 -11.87
N SER B 294 92.55 21.48 -12.48
CA SER B 294 93.04 22.81 -12.08
C SER B 294 91.93 23.69 -11.50
N LEU B 295 92.14 24.18 -10.28
CA LEU B 295 91.13 24.92 -9.53
C LEU B 295 90.67 26.21 -10.24
N GLU B 296 91.54 26.89 -10.98
CA GLU B 296 91.12 28.06 -11.74
C GLU B 296 90.07 27.72 -12.78
N ASP B 297 90.11 26.51 -13.33
CA ASP B 297 89.09 26.01 -14.25
C ASP B 297 87.71 25.96 -13.60
N LEU B 298 87.66 25.85 -12.27
CA LEU B 298 86.46 25.75 -11.44
C LEU B 298 86.10 27.05 -10.71
N ALA B 299 86.94 28.08 -10.82
CA ALA B 299 86.93 29.25 -9.94
C ALA B 299 85.93 30.35 -10.35
N ALA B 300 84.62 30.08 -10.33
CA ALA B 300 83.57 31.07 -10.64
C ALA B 300 82.28 30.90 -9.80
N TYR B 301 81.59 32.01 -9.53
CA TYR B 301 80.32 32.03 -8.79
C TYR B 301 79.09 31.80 -9.68
N SER B 302 79.34 31.41 -10.93
CA SER B 302 78.37 31.33 -12.01
C SER B 302 78.88 30.39 -13.10
N GLY B 303 78.00 29.91 -13.97
CA GLY B 303 78.37 29.08 -15.12
C GLY B 303 78.70 27.63 -14.79
N VAL B 304 78.82 26.83 -15.85
CA VAL B 304 78.92 25.36 -15.81
C VAL B 304 80.09 24.83 -14.98
N ARG B 305 81.12 25.66 -14.78
CA ARG B 305 82.23 25.41 -13.86
C ARG B 305 81.75 24.96 -12.49
N ALA B 306 80.60 25.46 -12.04
CA ALA B 306 79.98 25.02 -10.80
C ALA B 306 79.55 23.54 -10.85
N PHE B 307 78.89 23.09 -11.92
CA PHE B 307 78.52 21.68 -12.07
C PHE B 307 79.75 20.79 -12.22
N MET B 308 80.79 21.27 -12.92
CA MET B 308 82.09 20.59 -12.95
C MET B 308 82.56 20.33 -11.51
N ALA B 309 82.58 21.35 -10.66
CA ALA B 309 83.07 21.23 -9.30
C ALA B 309 82.21 20.29 -8.45
N PHE B 310 80.88 20.42 -8.51
CA PHE B 310 80.02 19.57 -7.73
C PHE B 310 80.15 18.11 -8.15
N ASN B 311 80.03 17.81 -9.44
CA ASN B 311 80.21 16.44 -9.90
C ASN B 311 81.61 15.93 -9.58
N THR B 312 82.62 16.79 -9.63
CA THR B 312 83.96 16.41 -9.16
C THR B 312 83.87 15.95 -7.70
N ALA B 313 83.24 16.73 -6.83
CA ALA B 313 83.04 16.32 -5.46
C ALA B 313 82.28 14.99 -5.40
N CYS B 314 81.39 14.74 -6.35
CA CYS B 314 80.62 13.51 -6.41
C CYS B 314 81.45 12.26 -6.69
N TYR B 315 82.74 12.35 -7.00
CA TYR B 315 83.56 11.16 -7.09
C TYR B 315 83.65 10.45 -5.74
N MET B 316 84.31 11.04 -4.74
CA MET B 316 84.74 10.32 -3.53
C MET B 316 84.61 11.13 -2.23
N SER B 317 83.90 12.25 -2.20
CA SER B 317 83.79 13.08 -0.97
C SER B 317 83.03 12.34 0.14
N LYS B 318 83.28 12.64 1.42
CA LYS B 318 82.75 11.86 2.56
C LYS B 318 82.04 12.69 3.62
N PHE B 319 81.07 12.09 4.27
CA PHE B 319 80.15 12.71 5.20
C PHE B 319 79.55 11.65 6.12
N THR B 320 78.93 12.07 7.21
CA THR B 320 78.36 11.14 8.20
C THR B 320 77.02 10.59 7.75
N ILE B 321 76.71 9.38 8.19
CA ILE B 321 75.38 8.82 8.28
C ILE B 321 75.10 8.48 9.75
N GLY B 322 74.18 9.24 10.35
CA GLY B 322 73.49 8.80 11.55
C GLY B 322 72.34 7.86 11.15
N LYS B 323 72.07 6.83 11.95
CA LYS B 323 70.88 5.98 11.78
C LYS B 323 69.59 6.77 12.06
N GLY B 324 69.64 7.71 13.01
CA GLY B 324 68.56 8.65 13.35
C GLY B 324 68.31 9.70 12.27
N ILE B 325 67.34 10.57 12.50
CA ILE B 325 66.71 11.34 11.42
C ILE B 325 66.37 12.75 11.85
N VAL B 326 66.45 13.70 10.93
CA VAL B 326 65.62 14.91 10.99
C VAL B 326 64.25 14.50 10.47
N GLY B 327 63.50 13.83 11.34
CA GLY B 327 62.18 13.24 11.06
C GLY B 327 61.53 12.68 12.32
N ASP B 328 60.32 12.13 12.21
CA ASP B 328 59.54 11.69 13.38
C ASP B 328 58.71 10.41 13.18
N ALA B 329 58.08 10.24 12.01
CA ALA B 329 57.36 9.02 11.65
C ALA B 329 58.32 7.85 11.31
N GLU B 330 57.78 6.63 11.18
CA GLU B 330 58.57 5.43 10.88
C GLU B 330 59.11 5.37 9.42
N ILE B 331 58.56 6.18 8.51
CA ILE B 331 59.06 6.30 7.13
C ILE B 331 60.36 7.14 7.08
N MET B 332 61.42 6.59 6.49
CA MET B 332 62.74 7.22 6.37
C MET B 332 63.51 6.73 5.15
N GLU B 333 64.53 7.48 4.71
CA GLU B 333 65.21 7.26 3.41
C GLU B 333 66.65 7.80 3.37
N ASN B 334 67.39 7.34 2.36
CA ASN B 334 68.84 7.17 2.33
C ASN B 334 69.75 8.40 2.17
N GLY B 335 71.05 8.14 2.14
CA GLY B 335 72.10 9.14 1.91
C GLY B 335 71.96 9.91 0.61
N ASN B 336 71.38 9.36 -0.44
CA ASN B 336 71.13 10.15 -1.64
C ASN B 336 70.18 11.31 -1.32
N ASP B 337 69.29 11.19 -0.35
CA ASP B 337 68.51 12.33 0.09
C ASP B 337 69.40 13.38 0.76
N LYS B 338 70.38 12.97 1.57
CA LYS B 338 71.41 13.94 2.03
C LYS B 338 72.07 14.56 0.80
N MET B 339 72.38 13.77 -0.22
CA MET B 339 73.04 14.27 -1.41
C MET B 339 72.17 15.32 -2.09
N GLN B 340 70.86 15.09 -2.19
CA GLN B 340 69.93 16.10 -2.64
C GLN B 340 70.02 17.34 -1.74
N THR B 341 69.98 17.16 -0.43
CA THR B 341 69.96 18.31 0.48
C THR B 341 71.20 19.16 0.29
N LEU B 342 72.36 18.50 0.20
CA LEU B 342 73.62 19.17 -0.07
C LEU B 342 73.50 19.97 -1.35
N ALA B 343 73.03 19.35 -2.43
CA ALA B 343 72.89 20.02 -3.70
C ALA B 343 71.97 21.25 -3.57
N MET B 344 70.84 21.08 -2.90
CA MET B 344 69.91 22.17 -2.67
C MET B 344 70.60 23.31 -1.99
N ALA B 345 71.29 23.03 -0.89
CA ALA B 345 72.03 24.05 -0.17
C ALA B 345 73.13 24.67 -1.05
N CYS B 346 73.81 23.87 -1.87
CA CYS B 346 74.97 24.32 -2.64
C CYS B 346 74.55 25.27 -3.76
N PHE B 347 73.50 24.94 -4.50
CA PHE B 347 73.06 25.73 -5.65
C PHE B 347 71.88 26.67 -5.34
N GLY B 348 71.32 26.64 -4.13
CA GLY B 348 70.14 27.46 -3.77
C GLY B 348 68.84 26.99 -4.43
N LEU B 349 68.66 25.67 -4.62
CA LEU B 349 67.55 25.08 -5.40
C LEU B 349 66.17 25.13 -4.72
N ALA B 350 66.06 25.63 -3.48
CA ALA B 350 64.87 25.45 -2.63
C ALA B 350 63.55 25.92 -3.28
N TYR B 351 63.61 26.84 -4.25
CA TYR B 351 62.44 27.30 -5.00
C TYR B 351 62.60 27.14 -6.51
N GLU B 352 63.63 26.42 -6.94
CA GLU B 352 63.81 25.95 -8.30
C GLU B 352 62.79 24.86 -8.63
N ASP B 353 62.58 24.56 -9.92
CA ASP B 353 61.72 23.44 -10.32
C ASP B 353 62.34 22.06 -9.99
N THR B 354 61.64 21.29 -9.16
CA THR B 354 61.95 19.90 -8.89
C THR B 354 62.06 19.06 -10.16
N GLY B 355 61.26 19.29 -11.20
CA GLY B 355 61.34 18.52 -12.43
C GLY B 355 62.64 18.76 -13.17
N ILE B 356 63.00 20.02 -13.37
CA ILE B 356 64.31 20.45 -13.86
C ILE B 356 65.39 19.75 -13.07
N VAL B 357 65.33 19.86 -11.74
CA VAL B 357 66.38 19.27 -10.91
C VAL B 357 66.38 17.75 -11.09
N ALA B 358 65.21 17.11 -11.15
CA ALA B 358 65.09 15.66 -11.29
C ALA B 358 65.80 15.17 -12.55
N ALA B 359 65.65 15.90 -13.65
CA ALA B 359 66.36 15.58 -14.87
C ALA B 359 67.88 15.81 -14.73
N MET B 360 68.34 16.89 -14.11
CA MET B 360 69.78 17.20 -13.99
C MET B 360 70.50 16.20 -13.08
N ILE B 361 70.01 16.07 -11.86
CA ILE B 361 70.40 14.98 -10.96
C ILE B 361 70.03 13.62 -11.54
N SER B 362 69.27 13.59 -12.63
CA SER B 362 68.98 12.38 -13.38
C SER B 362 68.28 11.28 -12.54
N GLN B 363 67.51 11.70 -11.51
CA GLN B 363 66.73 10.91 -10.53
C GLN B 363 65.50 11.73 -10.07
N PRO B 364 64.40 11.11 -9.61
CA PRO B 364 63.18 11.84 -9.24
C PRO B 364 63.40 12.85 -8.09
N MET B 365 62.69 13.98 -8.12
CA MET B 365 62.72 15.03 -7.07
C MET B 365 61.43 15.13 -6.24
N LYS B 366 61.51 15.91 -5.15
CA LYS B 366 60.68 15.76 -3.94
C LYS B 366 60.25 17.09 -3.31
N LYS B 367 59.24 17.02 -2.44
CA LYS B 367 58.79 18.08 -1.52
C LYS B 367 59.04 17.69 -0.07
N ARG B 368 58.91 18.60 0.88
CA ARG B 368 59.29 18.36 2.28
C ARG B 368 58.62 17.14 2.89
N TYR B 369 57.37 16.87 2.54
CA TYR B 369 56.69 15.67 3.03
C TYR B 369 57.46 14.41 2.72
N GLN B 370 58.28 14.44 1.68
CA GLN B 370 59.15 13.36 1.27
C GLN B 370 60.61 13.54 1.70
N LEU B 371 61.14 14.77 1.87
CA LEU B 371 62.58 14.99 2.12
C LEU B 371 63.03 14.49 3.50
N ARG B 372 64.09 13.67 3.57
CA ARG B 372 64.78 13.23 4.80
C ARG B 372 66.26 13.63 4.78
N VAL B 373 66.84 13.96 5.94
CA VAL B 373 68.27 14.29 6.13
C VAL B 373 68.68 14.16 7.62
N GLY B 374 69.98 14.19 7.90
CA GLY B 374 70.55 14.38 9.24
C GLY B 374 70.80 15.86 9.61
N ASN B 375 71.27 16.11 10.82
CA ASN B 375 71.43 17.45 11.39
C ASN B 375 72.74 18.19 11.02
N PHE B 376 73.71 17.51 10.38
CA PHE B 376 75.08 17.99 10.13
C PHE B 376 75.87 18.41 11.41
N ASN B 377 75.53 17.90 12.61
CA ASN B 377 76.13 18.31 13.89
C ASN B 377 76.84 17.10 14.58
N PRO B 378 78.15 17.13 14.87
CA PRO B 378 78.93 15.90 15.09
C PRO B 378 78.38 14.97 16.17
N PRO B 379 78.43 13.64 16.00
CA PRO B 379 77.45 12.77 16.65
C PRO B 379 77.97 12.10 17.91
N GLU B 380 77.09 11.47 18.69
CA GLU B 380 77.54 10.54 19.74
C GLU B 380 78.18 9.28 19.12
N LYS B 381 77.47 8.66 18.17
CA LYS B 381 77.87 7.48 17.38
C LYS B 381 77.26 7.54 15.98
N GLY B 382 77.88 6.90 15.00
CA GLY B 382 77.39 6.86 13.61
C GLY B 382 78.40 6.20 12.67
N THR B 383 78.16 6.24 11.36
CA THR B 383 79.03 5.63 10.33
C THR B 383 79.36 6.61 9.19
N ILE B 384 80.52 6.49 8.54
CA ILE B 384 80.88 7.37 7.40
C ILE B 384 80.25 6.83 6.10
N LYS B 385 79.95 7.72 5.16
CA LYS B 385 79.62 7.36 3.78
C LYS B 385 80.26 8.33 2.80
N GLY B 386 80.48 7.84 1.58
CA GLY B 386 81.04 8.57 0.44
C GLY B 386 80.03 8.81 -0.72
N THR B 387 80.34 9.73 -1.62
CA THR B 387 79.43 10.22 -2.69
C THR B 387 79.06 9.19 -3.76
N SER B 388 77.80 9.24 -4.20
CA SER B 388 77.33 8.59 -5.43
C SER B 388 77.89 9.30 -6.67
N ALA B 389 78.37 8.55 -7.66
CA ALA B 389 79.16 9.08 -8.79
C ALA B 389 78.40 10.07 -9.70
N GLY B 390 79.06 11.14 -10.15
CA GLY B 390 78.65 12.00 -11.29
C GLY B 390 77.31 12.74 -11.18
N TYR B 391 76.77 12.83 -9.96
CA TYR B 391 75.35 12.92 -9.63
C TYR B 391 74.46 13.81 -10.53
N PHE B 392 74.86 15.03 -10.88
CA PHE B 392 74.16 15.82 -11.91
C PHE B 392 74.50 15.26 -13.28
N HIS B 393 74.02 14.06 -13.63
CA HIS B 393 74.43 13.41 -14.87
C HIS B 393 73.94 14.19 -16.10
N LYS B 394 73.00 15.10 -15.89
CA LYS B 394 72.73 16.23 -16.76
C LYS B 394 72.99 17.54 -15.98
N TRP B 395 73.43 18.59 -16.69
CA TRP B 395 73.66 19.96 -16.19
C TRP B 395 72.66 20.95 -16.83
N ALA B 396 72.79 22.24 -16.53
CA ALA B 396 72.09 23.32 -17.26
C ALA B 396 72.77 24.69 -17.11
N GLU B 397 72.44 25.63 -18.01
CA GLU B 397 72.84 27.04 -17.91
C GLU B 397 72.03 27.81 -16.85
N PHE B 398 72.70 28.50 -15.92
CA PHE B 398 72.08 29.28 -14.83
C PHE B 398 71.42 30.60 -15.32
N GLY B 399 70.76 31.33 -14.42
CA GLY B 399 70.01 32.53 -14.76
C GLY B 399 69.34 33.15 -13.54
N ASN B 400 68.74 34.33 -13.75
CA ASN B 400 68.42 35.25 -12.67
C ASN B 400 67.08 36.01 -12.80
N ARG B 401 66.30 35.77 -13.87
CA ARG B 401 65.01 36.47 -14.09
C ARG B 401 64.07 35.70 -15.01
N LEU B 402 62.82 36.15 -15.02
CA LEU B 402 61.75 35.52 -15.85
C LEU B 402 62.16 35.54 -17.32
N PRO B 403 61.53 34.72 -18.19
CA PRO B 403 61.87 34.68 -19.61
C PRO B 403 61.62 36.02 -20.33
N PHE B 404 60.40 36.56 -20.20
CA PHE B 404 60.05 37.84 -20.87
C PHE B 404 59.39 38.80 -19.87
N ASN B 405 59.48 38.50 -18.56
CA ASN B 405 58.89 39.36 -17.51
C ASN B 405 57.41 39.62 -17.84
N SER B 406 57.13 40.72 -18.54
CA SER B 406 55.74 41.08 -18.92
C SER B 406 55.73 41.71 -20.32
N PHE B 407 54.56 41.77 -20.96
CA PHE B 407 54.43 42.35 -22.31
C PHE B 407 54.74 43.85 -22.26
N GLY B 408 55.62 44.32 -23.15
CA GLY B 408 56.01 45.74 -23.21
C GLY B 408 55.41 46.44 -24.41
N THR B 409 55.82 47.68 -24.65
CA THR B 409 55.36 48.53 -25.77
C THR B 409 55.85 47.99 -27.11
N GLY B 410 55.44 48.64 -28.20
CA GLY B 410 56.29 48.67 -29.40
C GLY B 410 57.71 49.13 -29.04
N GLU B 411 58.71 48.55 -29.68
CA GLU B 411 60.13 48.74 -29.31
C GLU B 411 60.68 50.11 -29.75
N SER B 412 60.20 50.67 -30.87
CA SER B 412 60.66 51.95 -31.41
C SER B 412 59.65 52.65 -32.32
N LYS B 413 58.91 51.88 -33.14
CA LYS B 413 57.85 52.37 -34.06
C LYS B 413 56.52 52.67 -33.33
N GLN B 414 55.53 53.12 -34.09
CA GLN B 414 54.17 53.49 -33.64
C GLN B 414 54.11 54.70 -32.67
N ILE B 415 55.16 55.53 -32.66
CA ILE B 415 55.20 56.85 -31.99
C ILE B 415 54.66 57.95 -32.92
N SER B 416 54.50 59.19 -32.44
CA SER B 416 53.97 60.31 -33.26
C SER B 416 54.84 60.59 -34.50
N ASN B 417 54.35 60.20 -35.68
CA ASN B 417 55.15 60.12 -36.91
C ASN B 417 55.72 61.49 -37.33
N SER B 418 56.97 61.53 -37.81
CA SER B 418 57.54 62.70 -38.48
C SER B 418 57.19 62.72 -39.97
N GLY B 419 57.27 63.89 -40.60
CA GLY B 419 56.96 64.06 -42.02
C GLY B 419 57.85 65.13 -42.67
N VAL B 420 58.90 64.68 -43.36
CA VAL B 420 59.67 65.52 -44.28
C VAL B 420 58.83 65.83 -45.52
N PHE B 421 58.25 64.81 -46.15
CA PHE B 421 57.59 65.02 -47.44
C PHE B 421 56.20 65.67 -47.30
N ALA B 422 55.96 66.69 -48.11
CA ALA B 422 54.74 67.49 -48.12
C ALA B 422 53.57 66.71 -48.76
N VAL B 423 53.02 65.75 -48.02
CA VAL B 423 51.96 64.85 -48.50
C VAL B 423 50.86 64.68 -47.46
N GLN B 424 49.60 64.90 -47.85
CA GLN B 424 48.43 64.72 -46.98
C GLN B 424 48.33 63.27 -46.49
N ARG B 425 48.15 63.06 -45.18
CA ARG B 425 48.46 61.79 -44.51
C ARG B 425 47.57 61.44 -43.30
N PRO B 426 47.25 60.15 -43.07
CA PRO B 426 46.93 59.60 -41.75
C PRO B 426 48.15 59.60 -40.80
N SER B 427 47.95 59.18 -39.55
CA SER B 427 49.03 58.97 -38.57
C SER B 427 48.69 57.87 -37.57
N THR B 428 49.70 57.15 -37.06
CA THR B 428 49.59 56.24 -35.91
C THR B 428 49.55 57.06 -34.61
N THR B 429 48.46 57.82 -34.40
CA THR B 429 48.35 58.82 -33.32
C THR B 429 48.41 58.14 -31.95
N ASN B 430 49.36 58.54 -31.09
CA ASN B 430 49.70 57.84 -29.85
C ASN B 430 50.06 58.82 -28.71
N ILE B 431 49.43 60.00 -28.70
CA ILE B 431 49.68 61.11 -27.76
C ILE B 431 49.44 60.67 -26.30
N GLN B 432 48.52 59.73 -26.08
CA GLN B 432 48.13 59.23 -24.78
C GLN B 432 49.29 58.51 -24.06
N ARG B 433 49.94 57.54 -24.71
CA ARG B 433 51.12 56.87 -24.14
C ARG B 433 52.35 57.79 -24.12
N LEU B 434 52.47 58.72 -25.06
CA LEU B 434 53.51 59.76 -25.03
C LEU B 434 53.37 60.61 -23.74
N ALA B 435 52.16 61.05 -23.40
CA ALA B 435 51.88 61.74 -22.13
C ALA B 435 52.13 60.87 -20.90
N GLU B 436 51.88 59.56 -20.95
CA GLU B 436 52.33 58.64 -19.89
C GLU B 436 53.86 58.65 -19.72
N LEU B 437 54.64 58.54 -20.81
CA LEU B 437 56.11 58.59 -20.73
C LEU B 437 56.58 59.92 -20.10
N MET B 438 55.97 61.05 -20.48
CA MET B 438 56.21 62.35 -19.82
C MET B 438 55.86 62.29 -18.32
N ALA B 439 54.71 61.74 -17.95
CA ALA B 439 54.29 61.62 -16.56
C ALA B 439 55.27 60.77 -15.73
N ARG B 440 55.75 59.64 -16.27
CA ARG B 440 56.73 58.78 -15.58
C ARG B 440 58.10 59.45 -15.46
N ASN B 441 58.59 60.15 -16.49
CA ASN B 441 59.89 60.83 -16.42
C ASN B 441 59.87 62.17 -15.62
N THR B 442 58.71 62.83 -15.50
CA THR B 442 58.49 63.98 -14.60
C THR B 442 58.21 63.57 -13.14
N GLY B 443 58.03 62.27 -12.84
CA GLY B 443 57.87 61.76 -11.48
C GLY B 443 56.44 61.91 -10.92
N GLU B 444 55.41 61.68 -11.74
CA GLU B 444 54.00 61.81 -11.33
C GLU B 444 53.68 60.98 -10.07
N THR B 445 52.95 61.61 -9.13
CA THR B 445 52.88 61.22 -7.71
C THR B 445 51.44 61.06 -7.17
N SER B 446 50.42 61.58 -7.88
CA SER B 446 49.02 61.46 -7.42
C SER B 446 48.47 60.08 -7.80
N ASP B 447 47.84 59.39 -6.82
CA ASP B 447 47.23 58.04 -7.02
C ASP B 447 48.30 57.03 -7.47
N ASN B 448 49.13 56.56 -6.52
CA ASN B 448 50.20 55.58 -6.84
C ASN B 448 49.90 54.24 -6.15
N PHE B 449 49.72 54.27 -4.82
CA PHE B 449 49.43 53.04 -4.03
C PHE B 449 48.36 52.21 -4.76
N THR B 450 47.11 52.69 -4.72
CA THR B 450 45.96 51.98 -5.36
C THR B 450 46.28 51.71 -6.84
N GLN B 451 46.77 52.73 -7.55
CA GLN B 451 47.10 52.60 -9.00
C GLN B 451 47.99 51.37 -9.22
N LEU B 452 49.05 51.23 -8.43
CA LEU B 452 49.97 50.12 -8.55
C LEU B 452 49.36 48.85 -7.96
N VAL B 453 48.50 48.93 -6.94
CA VAL B 453 47.71 47.77 -6.51
C VAL B 453 46.90 47.23 -7.69
N GLN B 454 46.19 48.11 -8.38
CA GLN B 454 45.43 47.71 -9.56
C GLN B 454 46.37 47.16 -10.62
N LYS B 455 47.48 47.84 -10.91
CA LYS B 455 48.44 47.36 -11.91
C LYS B 455 48.93 45.97 -11.55
N ILE B 456 49.17 45.69 -10.28
CA ILE B 456 49.56 44.36 -9.84
C ILE B 456 48.43 43.38 -10.16
N ARG B 457 47.19 43.70 -9.78
CA ARG B 457 46.05 42.81 -10.06
C ARG B 457 45.99 42.45 -11.52
N GLU B 458 46.01 43.44 -12.39
CA GLU B 458 45.87 43.19 -13.82
C GLU B 458 47.15 42.58 -14.42
N GLN B 459 48.34 42.93 -13.92
CA GLN B 459 49.57 42.30 -14.36
C GLN B 459 49.55 40.81 -14.07
N VAL B 460 49.08 40.42 -12.88
CA VAL B 460 48.91 39.01 -12.56
C VAL B 460 48.03 38.34 -13.60
N GLY B 461 46.89 38.94 -13.94
CA GLY B 461 46.02 38.39 -14.98
C GLY B 461 46.75 38.27 -16.33
N ALA B 462 47.46 39.33 -16.73
CA ALA B 462 48.22 39.31 -17.97
C ALA B 462 49.23 38.18 -17.95
N PHE B 463 49.95 38.04 -16.85
CA PHE B 463 50.91 36.96 -16.66
C PHE B 463 50.22 35.61 -16.71
N ALA B 464 49.03 35.50 -16.12
CA ALA B 464 48.23 34.30 -16.16
C ALA B 464 47.79 33.95 -17.58
N ASP B 465 47.83 34.89 -18.51
CA ASP B 465 47.80 34.58 -19.93
C ASP B 465 49.21 34.21 -20.42
N GLN B 466 50.20 35.05 -20.14
CA GLN B 466 51.58 34.97 -20.67
C GLN B 466 52.32 33.68 -20.34
N LYS B 467 51.87 32.97 -19.29
CA LYS B 467 52.33 31.62 -18.94
C LYS B 467 52.39 30.67 -20.13
N ALA B 468 51.54 30.90 -21.14
CA ALA B 468 51.51 30.16 -22.38
C ALA B 468 52.89 29.96 -23.00
N ASN B 469 53.82 30.90 -22.80
CA ASN B 469 55.20 30.73 -23.24
C ASN B 469 56.25 31.15 -22.21
N LEU B 470 55.88 31.70 -21.06
CA LEU B 470 56.80 32.24 -20.07
C LEU B 470 57.58 31.12 -19.32
N ARG B 471 58.66 30.55 -19.91
CA ARG B 471 59.28 29.29 -19.44
C ARG B 471 60.83 29.22 -19.30
N GLU B 472 61.66 29.68 -20.23
CA GLU B 472 63.13 29.80 -20.04
C GLU B 472 63.77 30.83 -20.96
N PHE B 473 65.04 31.17 -20.73
CA PHE B 473 65.83 31.65 -21.86
C PHE B 473 65.81 30.59 -22.97
N THR B 474 65.44 31.01 -24.19
CA THR B 474 64.86 30.20 -25.29
C THR B 474 65.72 29.04 -25.82
N GLY B 475 67.00 28.96 -25.44
CA GLY B 475 67.87 27.80 -25.73
C GLY B 475 67.82 26.68 -24.67
N GLY B 476 66.88 26.76 -23.72
CA GLY B 476 67.01 26.10 -22.45
C GLY B 476 66.63 24.63 -22.44
N TYR B 477 67.58 23.75 -22.10
CA TYR B 477 67.33 22.33 -21.91
C TYR B 477 68.33 21.68 -20.94
N ILE B 478 68.03 20.46 -20.45
CA ILE B 478 68.90 19.67 -19.55
C ILE B 478 69.93 18.79 -20.30
N TYR B 479 70.98 19.42 -20.80
CA TYR B 479 72.02 18.73 -21.57
C TYR B 479 72.87 17.78 -20.71
N ASP B 480 73.41 16.72 -21.32
CA ASP B 480 74.27 15.73 -20.66
C ASP B 480 75.59 16.32 -20.15
N ILE B 481 76.26 15.65 -19.21
CA ILE B 481 77.64 16.04 -18.82
C ILE B 481 78.64 15.83 -19.96
N THR B 482 78.36 14.90 -20.87
CA THR B 482 79.03 14.80 -22.18
C THR B 482 78.67 15.94 -23.14
N ASP B 483 77.84 16.89 -22.72
CA ASP B 483 77.20 17.90 -23.57
C ASP B 483 77.03 19.27 -22.87
N VAL B 484 78.09 19.75 -22.23
CA VAL B 484 78.24 21.19 -21.99
C VAL B 484 78.14 21.98 -23.30
N THR B 485 78.39 21.31 -24.41
CA THR B 485 78.20 21.76 -25.79
C THR B 485 76.74 22.01 -26.17
N LYS B 486 75.75 21.82 -25.29
CA LYS B 486 74.33 22.16 -25.54
C LYS B 486 73.75 21.53 -26.84
N SER B 487 74.25 20.38 -27.24
CA SER B 487 73.97 19.66 -28.50
C SER B 487 72.64 18.90 -28.50
N ASN B 488 72.15 18.49 -27.32
CA ASN B 488 71.07 17.53 -27.11
C ASN B 488 69.83 18.16 -26.41
N PRO B 489 69.11 19.11 -27.04
CA PRO B 489 67.99 19.80 -26.38
C PRO B 489 66.82 18.85 -26.10
N LYS B 490 66.43 18.68 -24.82
CA LYS B 490 65.34 17.79 -24.36
C LYS B 490 64.61 18.32 -23.12
N ILE B 491 63.29 18.08 -23.05
CA ILE B 491 62.35 18.63 -22.05
C ILE B 491 62.29 17.75 -20.79
N PRO B 492 62.07 18.29 -19.56
CA PRO B 492 61.99 17.48 -18.34
C PRO B 492 60.77 16.54 -18.27
N GLN B 493 59.55 17.08 -18.47
CA GLN B 493 58.30 16.35 -18.34
C GLN B 493 57.23 16.88 -19.33
N LEU B 494 56.33 16.00 -19.77
CA LEU B 494 55.11 16.36 -20.51
C LEU B 494 53.95 16.76 -19.57
N GLY B 495 53.79 16.04 -18.45
CA GLY B 495 52.70 16.20 -17.49
C GLY B 495 52.25 14.86 -16.89
N GLY B 496 51.00 14.77 -16.44
CA GLY B 496 50.34 13.53 -16.04
C GLY B 496 49.94 12.64 -17.23
N THR C 8 62.87 29.56 34.57
CA THR C 8 61.66 30.34 34.98
C THR C 8 60.52 29.49 35.54
N PRO C 9 60.14 28.30 35.03
CA PRO C 9 58.96 27.60 35.55
C PRO C 9 59.05 27.23 37.03
N GLU C 10 60.22 26.91 37.54
CA GLU C 10 60.48 26.65 38.95
C GLU C 10 60.07 27.86 39.79
N GLU C 11 60.50 29.05 39.37
CA GLU C 11 60.10 30.30 40.01
C GLU C 11 58.60 30.58 39.84
N GLN C 12 58.01 30.16 38.72
CA GLN C 12 56.56 30.22 38.60
C GLN C 12 55.89 29.31 39.63
N ARG C 13 56.37 28.08 39.84
CA ARG C 13 55.87 27.18 40.89
C ARG C 13 56.04 27.80 42.28
N ALA C 14 57.14 28.51 42.52
CA ALA C 14 57.35 29.21 43.77
C ALA C 14 56.33 30.35 44.00
N LYS C 15 56.11 31.22 43.00
CA LYS C 15 55.10 32.30 43.09
C LYS C 15 53.69 31.73 43.26
N ASN C 16 53.39 30.65 42.55
CA ASN C 16 52.16 29.89 42.73
C ASN C 16 52.08 29.33 44.17
N ALA C 17 53.13 28.71 44.69
CA ALA C 17 53.14 28.18 46.06
C ALA C 17 52.88 29.30 47.07
N LYS C 18 53.52 30.47 46.94
CA LYS C 18 53.24 31.63 47.78
C LYS C 18 51.78 32.08 47.66
N THR C 19 51.25 32.14 46.45
CA THR C 19 49.84 32.48 46.19
C THR C 19 48.91 31.55 46.94
N ILE C 20 49.17 30.23 46.88
CA ILE C 20 48.36 29.23 47.58
C ILE C 20 48.58 29.35 49.10
N LEU C 21 49.82 29.54 49.56
CA LEU C 21 50.13 29.71 50.98
C LEU C 21 49.38 30.91 51.55
N GLU C 22 49.25 31.98 50.78
CA GLU C 22 48.42 33.12 51.15
C GLU C 22 46.97 32.69 51.30
N ASN C 23 46.44 31.97 50.32
CA ASN C 23 45.07 31.48 50.41
C ASN C 23 44.89 30.57 51.63
N ILE C 24 45.88 29.73 51.92
CA ILE C 24 45.92 28.86 53.10
C ILE C 24 45.92 29.70 54.37
N GLN C 25 46.77 30.71 54.47
CA GLN C 25 46.86 31.56 55.66
C GLN C 25 45.52 32.29 55.90
N ILE C 26 44.93 32.83 54.83
CA ILE C 26 43.61 33.44 54.86
C ILE C 26 42.61 32.43 55.41
N TYR C 27 42.54 31.23 54.82
CA TYR C 27 41.61 30.19 55.21
C TYR C 27 41.82 29.76 56.67
N GLU C 28 43.05 29.54 57.13
CA GLU C 28 43.33 29.19 58.52
C GLU C 28 42.76 30.26 59.44
N ARG C 29 43.05 31.51 59.10
CA ARG C 29 42.52 32.64 59.86
C ARG C 29 41.02 32.69 59.79
N MET C 30 40.42 32.48 58.64
CA MET C 30 38.97 32.42 58.49
C MET C 30 38.37 31.31 59.36
N CYS C 31 39.03 30.15 59.42
CA CYS C 31 38.55 29.01 60.18
C CYS C 31 38.55 29.31 61.66
N ASP C 32 39.66 29.84 62.16
CA ASP C 32 39.69 30.30 63.53
C ASP C 32 38.68 31.43 63.76
N LEU C 33 38.50 32.35 62.81
CA LEU C 33 37.64 33.52 62.95
C LEU C 33 36.16 33.15 63.16
N PHE C 34 35.65 32.18 62.41
CA PHE C 34 34.29 31.67 62.64
C PHE C 34 34.21 30.55 63.69
N GLY C 35 35.33 30.16 64.30
CA GLY C 35 35.36 29.18 65.39
C GLY C 35 35.34 27.72 64.94
N VAL C 36 35.82 27.42 63.73
CA VAL C 36 35.77 26.09 63.11
C VAL C 36 36.68 25.10 63.87
N SER C 37 36.18 23.90 64.21
CA SER C 37 36.96 22.85 64.89
C SER C 37 38.09 22.31 64.00
N GLU C 38 39.19 21.88 64.62
CA GLU C 38 40.45 21.62 63.91
C GLU C 38 40.26 20.63 62.76
N ASP C 39 39.59 19.53 63.03
CA ASP C 39 39.26 18.56 62.00
C ASP C 39 38.27 19.17 60.99
N ASP C 40 37.26 19.90 61.45
CA ASP C 40 36.29 20.54 60.57
C ASP C 40 36.91 21.55 59.60
N LYS C 41 38.12 22.04 59.87
CA LYS C 41 38.81 22.91 58.92
C LYS C 41 39.03 22.24 57.56
N LEU C 42 39.24 20.93 57.53
CA LEU C 42 39.49 20.18 56.29
C LEU C 42 38.30 20.22 55.33
N ILE C 43 37.12 20.54 55.83
CA ILE C 43 35.90 20.28 55.12
C ILE C 43 35.81 21.14 53.86
N ILE C 44 35.59 20.47 52.74
CA ILE C 44 35.42 21.12 51.44
C ILE C 44 34.22 22.06 51.46
N GLU C 45 33.10 21.66 52.06
CA GLU C 45 31.95 22.54 52.28
C GLU C 45 32.37 23.83 53.02
N ASN C 46 33.26 23.74 54.01
CA ASN C 46 33.81 24.92 54.67
C ASN C 46 34.65 25.75 53.71
N SER C 47 35.46 25.11 52.85
CA SER C 47 36.17 25.81 51.78
C SER C 47 35.20 26.67 50.99
N ILE C 48 34.16 26.03 50.47
CA ILE C 48 33.15 26.66 49.66
C ILE C 48 32.52 27.80 50.44
N SER C 49 32.10 27.59 51.68
CA SER C 49 31.47 28.64 52.46
C SER C 49 32.35 29.87 52.63
N ILE C 50 33.65 29.69 52.91
CA ILE C 50 34.54 30.85 53.04
C ILE C 50 34.68 31.55 51.69
N GLU C 51 34.93 30.78 50.64
CA GLU C 51 35.07 31.32 49.31
C GLU C 51 33.83 32.12 48.90
N ARG C 52 32.65 31.58 49.21
CA ARG C 52 31.35 32.23 48.99
C ARG C 52 31.32 33.56 49.69
N MET C 53 31.59 33.57 50.99
CA MET C 53 31.57 34.80 51.78
C MET C 53 32.50 35.84 51.17
N ILE C 54 33.69 35.42 50.74
CA ILE C 54 34.64 36.33 50.11
C ILE C 54 34.05 36.93 48.84
N ARG C 55 33.36 36.15 47.99
CA ARG C 55 32.70 36.74 46.83
C ARG C 55 31.76 37.86 47.25
N VAL C 56 30.86 37.60 48.20
CA VAL C 56 29.85 38.57 48.66
C VAL C 56 30.52 39.86 49.07
N VAL C 57 31.55 39.76 49.92
CA VAL C 57 32.32 40.92 50.40
C VAL C 57 32.96 41.67 49.23
N THR C 58 33.52 40.94 48.27
CA THR C 58 34.28 41.51 47.15
C THR C 58 33.40 41.95 45.97
N ASP C 59 32.10 41.71 45.99
CA ASP C 59 31.17 42.07 44.91
C ASP C 59 30.91 43.58 44.78
N LYS C 60 31.92 44.36 44.36
CA LYS C 60 31.89 45.84 44.30
C LYS C 60 30.62 46.41 43.65
N LYS C 61 30.21 45.86 42.52
CA LYS C 61 28.94 46.17 41.84
C LYS C 61 27.71 46.01 42.74
N TYR C 62 27.55 44.83 43.34
CA TYR C 62 26.44 44.57 44.25
C TYR C 62 26.54 45.43 45.53
N GLN C 63 27.75 45.78 46.00
CA GLN C 63 27.88 46.74 47.09
C GLN C 63 27.39 48.15 46.69
N ASP C 64 27.62 48.62 45.46
CA ASP C 64 27.03 49.88 44.96
C ASP C 64 25.49 49.87 45.03
N LYS C 65 24.92 48.74 44.65
CA LYS C 65 23.47 48.53 44.58
C LYS C 65 22.86 48.42 45.97
N LYS C 66 23.56 47.71 46.87
CA LYS C 66 23.24 47.58 48.30
C LYS C 66 23.14 48.95 48.94
N LEU C 67 24.15 49.78 48.75
CA LEU C 67 24.13 51.17 49.21
C LEU C 67 22.90 51.91 48.66
N LYS C 68 22.58 51.74 47.37
CA LYS C 68 21.42 52.40 46.75
C LYS C 68 20.11 52.09 47.48
N ASN C 69 19.92 50.87 47.97
CA ASN C 69 18.73 50.47 48.72
C ASN C 69 18.91 50.40 50.25
N ALA C 70 20.09 50.72 50.78
CA ALA C 70 20.37 50.62 52.21
C ALA C 70 19.50 51.57 53.05
N GLY C 71 19.06 52.69 52.46
CA GLY C 71 18.04 53.58 53.02
C GLY C 71 18.37 54.16 54.40
N SER C 72 17.34 54.48 55.16
CA SER C 72 17.43 55.01 56.53
C SER C 72 17.40 53.92 57.63
N ASP C 73 17.12 52.67 57.28
CA ASP C 73 16.80 51.63 58.28
C ASP C 73 18.03 51.19 59.10
N PRO C 74 18.03 51.38 60.44
CA PRO C 74 19.15 50.95 61.29
C PRO C 74 19.39 49.44 61.25
N GLU C 75 18.40 48.61 60.92
CA GLU C 75 18.62 47.17 60.71
C GLU C 75 19.43 46.88 59.42
N LYS C 76 19.20 47.64 58.34
CA LYS C 76 20.01 47.52 57.12
C LYS C 76 21.45 47.93 57.39
N ILE C 77 21.65 49.02 58.13
CA ILE C 77 22.96 49.58 58.45
C ILE C 77 23.79 48.63 59.34
N ALA C 78 23.19 48.02 60.38
CA ALA C 78 23.91 47.05 61.22
C ALA C 78 24.31 45.79 60.44
N ASN C 79 23.41 45.25 59.63
CA ASN C 79 23.71 44.11 58.79
C ASN C 79 24.67 44.44 57.62
N ALA C 80 24.93 45.71 57.31
CA ALA C 80 26.04 46.09 56.45
C ALA C 80 27.41 45.91 57.13
N GLY C 81 27.46 45.99 58.47
CA GLY C 81 28.68 45.74 59.24
C GLY C 81 28.93 44.26 59.55
N LYS C 82 27.89 43.53 59.96
CA LYS C 82 27.96 42.07 60.14
C LYS C 82 28.29 41.38 58.82
N VAL C 83 29.04 40.29 58.89
CA VAL C 83 29.17 39.31 57.80
C VAL C 83 28.88 37.90 58.35
N PHE C 84 27.96 37.19 57.71
CA PHE C 84 27.57 35.84 58.07
C PHE C 84 28.31 34.77 57.26
N CYS C 85 28.59 33.64 57.91
CA CYS C 85 29.12 32.46 57.24
C CYS C 85 28.51 31.17 57.81
N ARG C 86 27.63 30.53 57.02
CA ARG C 86 27.09 29.18 57.28
C ARG C 86 28.20 28.14 57.06
N LEU C 87 28.63 27.47 58.11
CA LEU C 87 29.78 26.53 58.13
C LEU C 87 29.39 25.18 58.75
N VAL C 88 30.08 24.12 58.38
CA VAL C 88 29.95 22.80 59.00
C VAL C 88 30.66 22.74 60.35
N GLU C 89 29.98 22.21 61.36
CA GLU C 89 30.53 21.84 62.66
C GLU C 89 30.12 20.41 63.02
N SER C 90 31.03 19.62 63.61
CA SER C 90 30.80 18.20 63.88
C SER C 90 30.94 17.85 65.36
N THR C 91 30.28 16.76 65.76
CA THR C 91 30.28 16.21 67.12
C THR C 91 29.82 14.76 67.07
N ALA C 92 30.50 13.85 67.77
CA ALA C 92 30.12 12.43 67.90
C ALA C 92 29.90 11.70 66.56
N GLY C 93 30.65 12.09 65.52
CA GLY C 93 30.48 11.61 64.14
C GLY C 93 29.32 12.23 63.37
N LYS C 94 28.40 12.93 64.04
CA LYS C 94 27.34 13.74 63.45
C LYS C 94 27.85 15.13 63.06
N CYS C 95 27.12 15.81 62.17
CA CYS C 95 27.45 17.15 61.71
C CYS C 95 26.22 18.02 61.44
N SER C 96 26.45 19.33 61.47
CA SER C 96 25.45 20.36 61.34
C SER C 96 26.07 21.64 60.82
N ALA C 97 25.25 22.61 60.46
CA ALA C 97 25.61 23.99 60.28
C ALA C 97 25.84 24.73 61.61
N ARG C 98 26.67 25.79 61.58
CA ARG C 98 26.56 26.96 62.48
C ARG C 98 26.69 28.24 61.68
N LEU C 99 25.89 29.23 62.04
CA LEU C 99 25.99 30.60 61.55
C LEU C 99 27.15 31.29 62.27
N GLY C 100 28.37 31.14 61.75
CA GLY C 100 29.47 32.00 62.14
C GLY C 100 29.16 33.46 61.78
N MET C 101 29.61 34.41 62.60
CA MET C 101 29.54 35.85 62.31
C MET C 101 30.84 36.56 62.69
N ALA C 102 31.30 37.44 61.81
CA ALA C 102 32.44 38.33 62.02
C ALA C 102 32.14 39.65 61.32
N LEU C 103 32.75 40.75 61.75
CA LEU C 103 32.52 42.04 61.10
C LEU C 103 33.27 42.07 59.77
N LYS C 104 32.77 42.83 58.78
CA LYS C 104 33.49 43.04 57.51
C LYS C 104 34.95 43.47 57.75
N PRO C 105 35.25 44.41 58.66
CA PRO C 105 36.62 44.72 59.04
C PRO C 105 37.43 43.51 59.53
N ASN C 106 36.84 42.51 60.18
CA ASN C 106 37.57 41.29 60.54
C ASN C 106 38.06 40.57 59.28
N VAL C 107 37.17 40.38 58.31
CA VAL C 107 37.49 39.74 57.02
C VAL C 107 38.52 40.58 56.25
N GLU C 108 38.30 41.88 56.17
CA GLU C 108 39.23 42.81 55.54
C GLU C 108 40.60 42.77 56.20
N ALA C 109 40.67 42.65 57.53
CA ALA C 109 41.94 42.53 58.23
C ALA C 109 42.71 41.32 57.73
N VAL C 110 42.13 40.13 57.78
CA VAL C 110 42.79 38.92 57.28
C VAL C 110 43.26 39.14 55.84
N LEU C 111 42.39 39.66 54.97
CA LEU C 111 42.72 39.84 53.57
C LEU C 111 43.83 40.87 53.39
N THR C 112 43.66 42.07 53.93
CA THR C 112 44.67 43.12 53.84
C THR C 112 45.98 42.70 54.52
N ASP C 113 45.94 41.88 55.56
CA ASP C 113 47.14 41.39 56.22
C ASP C 113 47.95 40.47 55.31
N VAL C 114 47.28 39.53 54.64
CA VAL C 114 47.97 38.47 53.89
C VAL C 114 48.29 38.87 52.44
N LEU C 115 47.41 39.64 51.78
CA LEU C 115 47.56 40.09 50.40
C LEU C 115 48.06 41.55 50.27
N GLY C 116 48.26 42.24 51.40
CA GLY C 116 48.62 43.66 51.46
C GLY C 116 47.40 44.59 51.57
N ASN C 117 47.61 45.76 52.19
CA ASN C 117 46.57 46.76 52.43
C ASN C 117 45.84 47.15 51.13
N GLU C 118 46.60 47.28 50.04
CA GLU C 118 46.10 47.53 48.69
C GLU C 118 45.44 46.28 48.09
N LEU C 119 44.37 45.81 48.71
CA LEU C 119 43.38 44.95 48.05
C LEU C 119 42.78 45.63 46.81
N ASP C 120 42.85 46.96 46.76
CA ASP C 120 42.62 47.81 45.58
C ASP C 120 43.50 47.44 44.37
N ARG C 121 44.57 46.65 44.55
CA ARG C 121 45.20 45.85 43.49
C ARG C 121 44.24 44.73 43.07
N ALA C 122 43.15 45.14 42.42
CA ALA C 122 42.11 44.31 41.86
C ALA C 122 42.65 43.07 41.14
N ALA C 123 43.81 43.18 40.48
CA ALA C 123 44.49 42.05 39.87
C ALA C 123 44.82 40.94 40.88
N VAL C 124 45.46 41.28 42.00
CA VAL C 124 46.01 40.29 42.94
C VAL C 124 44.89 39.51 43.64
N LEU C 125 43.90 40.21 44.17
CA LEU C 125 42.75 39.57 44.81
C LEU C 125 41.83 38.92 43.76
N GLY C 126 41.54 39.62 42.68
CA GLY C 126 40.61 39.16 41.65
C GLY C 126 41.09 37.95 40.86
N LYS C 127 42.39 37.79 40.64
CA LYS C 127 42.96 36.61 39.96
C LYS C 127 42.58 35.35 40.75
N ARG C 128 43.06 35.25 41.98
CA ARG C 128 42.78 34.10 42.86
C ARG C 128 41.29 33.93 43.14
N MET C 129 40.53 35.01 43.34
CA MET C 129 39.09 34.89 43.56
C MET C 129 38.33 34.50 42.29
N GLY C 130 38.79 34.90 41.11
CA GLY C 130 38.24 34.45 39.83
C GLY C 130 38.36 32.94 39.73
N PHE C 131 39.51 32.38 40.09
CA PHE C 131 39.73 30.93 40.05
C PHE C 131 38.76 30.20 41.00
N SER C 132 38.56 30.71 42.22
CA SER C 132 37.58 30.18 43.17
C SER C 132 36.13 30.32 42.67
N ALA C 133 35.75 31.50 42.19
CA ALA C 133 34.42 31.75 41.64
C ALA C 133 34.13 30.84 40.44
N MET C 134 35.15 30.61 39.60
CA MET C 134 35.09 29.67 38.51
C MET C 134 34.83 28.28 39.06
N PHE C 135 35.60 27.79 40.04
CA PHE C 135 35.31 26.50 40.67
C PHE C 135 33.86 26.41 41.17
N LYS C 136 33.32 27.47 41.80
CA LYS C 136 31.92 27.48 42.23
C LYS C 136 30.98 27.41 41.03
N SER C 137 31.26 28.19 40.00
CA SER C 137 30.54 28.11 38.74
C SER C 137 30.57 26.70 38.16
N ASN C 138 31.72 26.01 38.19
CA ASN C 138 31.84 24.63 37.73
C ASN C 138 30.88 23.71 38.52
N LEU C 139 30.92 23.81 39.85
CA LEU C 139 30.13 22.95 40.72
C LEU C 139 28.63 23.21 40.55
N GLU C 140 28.22 24.48 40.46
CA GLU C 140 26.85 24.86 40.09
C GLU C 140 26.43 24.22 38.76
N GLU C 141 27.29 24.29 37.76
CA GLU C 141 27.00 23.79 36.42
C GLU C 141 26.74 22.29 36.44
N VAL C 142 27.60 21.52 37.09
CA VAL C 142 27.35 20.08 37.25
C VAL C 142 26.10 19.84 38.10
N LEU C 143 25.84 20.67 39.12
CA LEU C 143 24.70 20.48 40.02
C LEU C 143 23.37 20.62 39.28
N TYR C 144 23.07 21.79 38.74
CA TYR C 144 21.67 22.15 38.49
C TYR C 144 21.37 22.84 37.17
N GLN C 145 22.24 22.69 36.16
CA GLN C 145 21.99 23.13 34.78
C GLN C 145 21.53 24.61 34.66
N ARG C 146 21.94 25.40 35.66
CA ARG C 146 21.80 26.85 35.83
C ARG C 146 20.40 27.46 35.64
N GLY C 147 19.33 26.70 35.90
CA GLY C 147 17.95 27.08 35.57
C GLY C 147 17.55 28.51 35.96
N LYS C 148 17.66 28.87 37.24
CA LYS C 148 17.27 30.20 37.70
C LYS C 148 18.09 31.33 37.11
N ASN C 149 19.31 31.09 36.66
CA ASN C 149 20.06 32.08 35.89
C ASN C 149 19.64 32.09 34.41
N GLN C 150 19.43 30.93 33.77
CA GLN C 150 19.02 30.90 32.36
C GLN C 150 17.60 31.42 32.13
N LEU C 151 16.71 31.44 33.14
CA LEU C 151 15.44 32.19 33.02
C LEU C 151 15.67 33.69 32.74
N LYS C 152 16.81 34.25 33.20
CA LYS C 152 17.32 35.57 32.81
C LYS C 152 18.12 35.53 31.50
N LYS C 153 19.06 34.57 31.36
CA LYS C 153 20.05 34.51 30.25
C LYS C 153 19.57 33.81 28.97
N ARG C 154 18.34 33.33 28.95
CA ARG C 154 17.45 33.13 27.80
C ARG C 154 17.87 32.07 26.76
N ASN C 155 18.70 31.09 27.11
CA ASN C 155 19.22 30.12 26.14
C ASN C 155 19.26 28.66 26.64
N ALA C 156 19.24 27.71 25.70
CA ALA C 156 18.90 26.28 25.92
C ALA C 156 20.08 25.34 26.22
N ALA C 157 19.80 24.05 26.42
CA ALA C 157 20.72 23.09 27.03
C ALA C 157 22.06 22.92 26.30
N GLU C 158 22.05 22.86 24.98
CA GLU C 158 23.28 22.78 24.20
C GLU C 158 24.12 24.03 24.42
N THR C 159 23.51 25.21 24.39
CA THR C 159 24.23 26.46 24.69
C THR C 159 24.83 26.38 26.09
N PHE C 160 24.06 25.87 27.06
CA PHE C 160 24.51 25.68 28.42
C PHE C 160 25.77 24.79 28.46
N THR C 161 25.81 23.69 27.70
CA THR C 161 26.99 22.82 27.72
C THR C 161 28.27 23.54 27.31
N LEU C 162 28.19 24.42 26.32
CA LEU C 162 29.36 25.19 25.89
C LEU C 162 29.69 26.36 26.82
N SER C 163 28.81 26.66 27.77
CA SER C 163 28.94 27.84 28.62
C SER C 163 29.59 27.52 29.95
N GLN C 164 30.73 26.83 29.90
CA GLN C 164 31.49 26.51 31.12
C GLN C 164 31.97 27.81 31.78
N GLY C 165 31.67 27.99 33.06
CA GLY C 165 31.98 29.20 33.83
C GLY C 165 30.92 30.31 33.74
N ALA C 166 29.82 30.15 33.02
CA ALA C 166 28.81 31.22 32.91
C ALA C 166 27.92 31.40 34.16
N SER C 167 28.14 30.68 35.27
CA SER C 167 27.48 31.00 36.55
C SER C 167 28.13 32.19 37.28
N LEU C 168 29.34 32.61 36.85
CA LEU C 168 30.10 33.72 37.43
C LEU C 168 29.35 35.05 37.48
N GLU C 169 29.54 35.82 38.56
CA GLU C 169 29.25 37.25 38.54
C GLU C 169 30.08 37.96 37.45
N ALA C 170 29.47 38.98 36.83
CA ALA C 170 29.97 39.61 35.61
C ALA C 170 31.44 40.02 35.72
N ARG C 171 31.83 40.63 36.83
CA ARG C 171 33.19 41.11 37.10
C ARG C 171 34.27 40.06 36.90
N PHE C 172 33.96 38.79 37.17
CA PHE C 172 34.93 37.73 37.00
C PHE C 172 35.11 37.34 35.54
N ARG C 173 34.10 37.55 34.69
CA ARG C 173 34.13 37.06 33.32
C ARG C 173 35.29 37.65 32.52
N PRO C 174 35.62 38.95 32.65
CA PRO C 174 36.86 39.51 32.13
C PRO C 174 38.13 38.84 32.65
N ILE C 175 38.19 38.56 33.95
CA ILE C 175 39.38 37.96 34.59
C ILE C 175 39.64 36.56 34.03
N MET C 176 38.59 35.75 33.87
CA MET C 176 38.70 34.33 33.54
C MET C 176 38.88 34.02 32.04
N GLU C 177 39.24 35.01 31.22
CA GLU C 177 39.12 35.00 29.75
C GLU C 177 39.46 33.67 29.06
N LYS C 178 40.54 33.02 29.47
CA LYS C 178 41.12 31.84 28.80
C LYS C 178 40.30 30.57 28.99
N HIS C 179 39.71 30.37 30.17
CA HIS C 179 39.21 29.06 30.57
C HIS C 179 37.71 28.88 30.37
N LEU C 180 36.95 29.98 30.32
CA LEU C 180 35.50 29.94 30.09
C LEU C 180 35.19 29.23 28.76
N GLY C 181 34.17 28.35 28.79
CA GLY C 181 33.67 27.70 27.58
C GLY C 181 33.08 28.73 26.64
N VAL C 182 33.24 28.54 25.33
CA VAL C 182 32.93 29.56 24.30
C VAL C 182 31.50 30.09 24.45
N GLY C 183 30.59 29.20 24.82
CA GLY C 183 29.18 29.52 25.06
C GLY C 183 29.01 30.62 26.09
N THR C 184 29.87 30.69 27.09
CA THR C 184 29.82 31.72 28.13
C THR C 184 29.95 33.10 27.50
N VAL C 185 30.94 33.26 26.63
CA VAL C 185 31.15 34.52 25.90
C VAL C 185 29.96 34.78 24.98
N VAL C 186 29.53 33.76 24.25
CA VAL C 186 28.44 33.89 23.27
C VAL C 186 27.15 34.34 23.95
N ALA C 187 26.76 33.65 25.01
CA ALA C 187 25.60 33.97 25.82
C ALA C 187 25.72 35.40 26.36
N SER C 188 26.91 35.76 26.82
CA SER C 188 27.16 37.12 27.27
C SER C 188 26.85 38.11 26.15
N ILE C 189 27.39 37.93 24.95
CA ILE C 189 27.14 38.85 23.83
C ILE C 189 25.64 38.93 23.54
N LYS C 190 24.96 37.79 23.45
CA LYS C 190 23.53 37.76 23.13
C LYS C 190 22.73 38.51 24.19
N ASN C 191 23.09 38.34 25.45
CA ASN C 191 22.45 39.07 26.53
C ASN C 191 22.86 40.55 26.57
N ILE C 192 24.06 40.93 26.12
CA ILE C 192 24.44 42.33 25.97
C ILE C 192 23.51 43.04 24.97
N LEU C 193 23.18 42.40 23.85
CA LEU C 193 22.22 42.96 22.89
C LEU C 193 20.82 43.14 23.51
N ALA C 194 20.39 42.21 24.36
CA ALA C 194 19.17 42.39 25.13
C ALA C 194 19.31 43.57 26.11
N SER C 195 20.44 43.71 26.80
CA SER C 195 20.70 44.84 27.69
C SER C 195 20.64 46.17 26.97
N LYS C 196 21.13 46.26 25.73
CA LYS C 196 20.98 47.45 24.89
C LYS C 196 19.52 47.82 24.62
N LYS C 197 18.58 46.88 24.63
CA LYS C 197 17.15 47.21 24.69
C LYS C 197 16.71 47.57 26.11
N ASN C 198 17.00 46.70 27.07
CA ASN C 198 16.33 46.69 28.37
C ASN C 198 16.83 47.73 29.37
N GLY C 199 18.08 48.21 29.24
CA GLY C 199 18.67 49.20 30.17
C GLY C 199 19.02 48.67 31.57
N ASN C 200 18.97 47.36 31.78
CA ASN C 200 19.33 46.65 33.02
C ASN C 200 20.85 46.57 33.29
N TYR C 201 21.62 47.51 32.74
CA TYR C 201 23.07 47.44 32.65
C TYR C 201 23.69 48.84 32.59
N ARG C 202 24.97 48.95 32.94
CA ARG C 202 25.86 50.03 32.56
C ARG C 202 27.00 49.52 31.68
N ASN C 203 27.13 50.07 30.47
CA ASN C 203 28.26 49.81 29.58
C ASN C 203 29.56 50.47 30.11
N LYS C 204 30.74 50.02 29.65
CA LYS C 204 32.04 50.18 30.35
C LYS C 204 33.25 50.19 29.40
N MET C 205 34.46 50.51 29.92
CA MET C 205 35.74 50.45 29.20
C MET C 205 36.87 49.92 30.10
N VAL C 206 37.75 49.07 29.57
CA VAL C 206 38.86 48.41 30.28
C VAL C 206 40.13 48.26 29.42
N ARG C 207 41.26 47.93 30.08
CA ARG C 207 42.59 47.68 29.49
C ARG C 207 43.33 46.53 30.21
N LYS C 208 44.12 45.72 29.47
CA LYS C 208 44.76 44.50 30.00
C LYS C 208 46.29 44.46 29.71
N PRO C 209 47.14 44.89 30.66
CA PRO C 209 48.60 44.84 30.55
C PRO C 209 49.18 43.42 30.42
N GLY C 210 50.37 43.33 29.85
CA GLY C 210 51.02 42.08 29.45
C GLY C 210 50.38 41.37 28.24
N GLY C 211 49.10 41.66 27.95
CA GLY C 211 48.36 41.18 26.78
C GLY C 211 48.18 42.26 25.70
N ASN C 212 47.32 43.26 25.96
CA ASN C 212 47.03 44.35 25.04
C ASN C 212 46.62 45.64 25.80
N ARG C 213 47.38 46.72 25.60
CA ARG C 213 47.11 48.06 26.14
C ARG C 213 45.94 48.79 25.46
N GLU C 214 45.27 48.16 24.50
CA GLU C 214 43.99 48.64 23.97
C GLU C 214 42.96 48.88 25.08
N SER C 215 42.18 49.94 24.90
CA SER C 215 41.39 50.57 25.95
C SER C 215 39.97 50.73 25.45
N TRP C 216 39.11 49.78 25.80
CA TRP C 216 37.95 49.46 24.98
C TRP C 216 36.85 48.71 25.75
N SER C 217 35.67 48.59 25.13
CA SER C 217 34.41 48.19 25.78
C SER C 217 34.19 46.67 25.80
N PRO C 218 33.10 46.19 26.43
CA PRO C 218 32.62 44.83 26.29
C PRO C 218 32.55 44.37 24.83
N LEU C 219 32.15 45.24 23.90
CA LEU C 219 32.06 44.86 22.49
C LEU C 219 33.41 44.33 22.01
N GLU C 220 34.44 45.15 22.17
CA GLU C 220 35.79 44.77 21.78
C GLU C 220 36.30 43.61 22.65
N ARG C 221 36.09 43.66 23.96
CA ARG C 221 36.56 42.65 24.91
C ARG C 221 36.01 41.27 24.56
N GLU C 222 34.70 41.20 24.37
CA GLU C 222 34.05 39.97 23.96
C GLU C 222 34.58 39.53 22.61
N ILE C 223 34.62 40.40 21.61
CA ILE C 223 35.12 40.01 20.28
C ILE C 223 36.56 39.51 20.37
N SER C 224 37.37 40.13 21.20
CA SER C 224 38.75 39.72 21.42
C SER C 224 38.78 38.33 22.03
N PHE C 225 38.03 38.09 23.10
CA PHE C 225 37.97 36.78 23.73
C PHE C 225 37.47 35.74 22.72
N LEU C 226 36.47 36.10 21.92
CA LEU C 226 35.91 35.26 20.88
C LEU C 226 36.97 34.93 19.83
N ASN C 227 37.80 35.90 19.44
CA ASN C 227 38.90 35.65 18.53
C ASN C 227 39.93 34.72 19.16
N LYS C 228 40.23 34.91 20.45
CA LYS C 228 41.15 34.03 21.19
C LYS C 228 40.66 32.58 21.29
N LYS C 229 39.37 32.33 21.03
CA LYS C 229 38.74 31.00 21.09
C LYS C 229 38.46 30.38 19.73
N LEU C 230 37.97 31.13 18.75
CA LEU C 230 37.41 30.56 17.51
C LEU C 230 38.48 29.86 16.65
N PHE C 231 38.00 28.94 15.81
CA PHE C 231 38.82 28.14 14.92
C PHE C 231 39.51 29.00 13.84
N PRO C 232 40.82 28.82 13.62
CA PRO C 232 41.56 29.57 12.60
C PRO C 232 40.95 29.43 11.20
N GLY C 233 41.18 30.40 10.31
CA GLY C 233 40.41 30.46 9.07
C GLY C 233 38.96 30.90 9.34
N PRO C 234 37.94 30.17 8.87
CA PRO C 234 36.60 30.72 8.67
C PRO C 234 36.01 31.33 9.93
N MET C 235 36.15 30.65 11.06
CA MET C 235 35.50 31.08 12.30
C MET C 235 36.18 32.33 12.85
N ARG C 236 37.52 32.38 12.90
CA ARG C 236 38.19 33.64 13.22
C ARG C 236 37.92 34.72 12.18
N GLN C 237 37.73 34.38 10.91
CA GLN C 237 37.39 35.39 9.90
C GLN C 237 36.01 35.99 10.18
N LEU C 238 35.04 35.16 10.57
CA LEU C 238 33.75 35.64 11.07
C LEU C 238 33.96 36.51 12.32
N CYS C 239 34.92 36.15 13.17
CA CYS C 239 35.27 36.94 14.34
C CYS C 239 35.76 38.34 13.95
N LYS C 240 36.60 38.45 12.93
CA LYS C 240 37.03 39.75 12.41
C LYS C 240 35.88 40.54 11.79
N LYS C 241 35.00 39.89 11.00
CA LYS C 241 33.80 40.51 10.42
C LYS C 241 32.85 41.09 11.47
N PHE C 242 32.89 40.57 12.69
CA PHE C 242 31.78 40.62 13.63
C PHE C 242 31.26 42.04 13.87
N GLU C 243 32.13 43.05 13.96
CA GLU C 243 31.72 44.45 14.17
C GLU C 243 30.84 45.01 13.04
N TYR C 244 30.86 44.36 11.89
CA TYR C 244 30.19 44.76 10.66
C TYR C 244 29.03 43.85 10.28
N LEU C 245 28.75 42.81 11.08
CA LEU C 245 27.45 42.14 11.09
C LEU C 245 26.38 43.07 11.68
N ASN C 246 25.15 43.04 11.16
CA ASN C 246 24.02 43.67 11.87
C ASN C 246 23.62 42.88 13.14
N GLU C 247 22.79 43.43 14.02
CA GLU C 247 22.50 42.78 15.31
C GLU C 247 21.87 41.38 15.17
N GLN C 248 20.91 41.21 14.26
CA GLN C 248 20.34 39.90 14.01
C GLN C 248 21.37 38.98 13.36
N GLU C 249 22.15 39.48 12.42
CA GLU C 249 23.28 38.73 11.85
C GLU C 249 24.24 38.28 12.95
N LYS C 250 24.54 39.13 13.94
CA LYS C 250 25.35 38.75 15.09
C LYS C 250 24.67 37.60 15.82
N GLN C 251 23.39 37.72 16.15
CA GLN C 251 22.70 36.62 16.84
C GLN C 251 22.72 35.33 16.02
N LEU C 252 22.46 35.41 14.73
CA LEU C 252 22.44 34.25 13.84
C LEU C 252 23.84 33.61 13.75
N ALA C 253 24.85 34.45 13.56
CA ALA C 253 26.24 34.03 13.51
C ALA C 253 26.62 33.36 14.82
N LEU C 254 26.31 33.99 15.95
CA LEU C 254 26.57 33.44 17.27
C LEU C 254 25.95 32.06 17.37
N ASN C 255 24.68 31.92 16.99
CA ASN C 255 24.03 30.62 17.02
C ASN C 255 24.80 29.61 16.19
N LEU C 256 25.08 29.90 14.93
CA LEU C 256 25.71 28.89 14.08
C LEU C 256 27.14 28.59 14.57
N MET C 257 27.89 29.60 15.01
CA MET C 257 29.22 29.37 15.56
C MET C 257 29.15 28.53 16.81
N LEU C 258 28.16 28.78 17.65
CA LEU C 258 27.97 28.01 18.85
C LEU C 258 27.66 26.57 18.50
N ASP C 259 26.76 26.34 17.55
CA ASP C 259 26.48 25.00 17.05
C ASP C 259 27.73 24.34 16.50
N ALA C 260 28.49 25.06 15.67
CA ALA C 260 29.72 24.56 15.10
C ALA C 260 30.69 24.16 16.22
N SER C 261 30.76 24.95 17.29
CA SER C 261 31.57 24.66 18.46
C SER C 261 31.15 23.40 19.19
N LEU C 262 29.91 22.92 19.02
CA LEU C 262 29.55 21.60 19.54
C LEU C 262 30.44 20.50 18.91
N ILE C 263 30.82 20.63 17.65
CA ILE C 263 31.76 19.69 17.00
C ILE C 263 33.18 20.22 17.09
N LEU C 264 33.41 21.43 16.60
CA LEU C 264 34.73 22.04 16.43
C LEU C 264 35.34 22.36 17.78
N LYS C 265 36.59 21.92 18.02
CA LYS C 265 37.31 22.12 19.28
C LYS C 265 38.60 22.95 19.11
N PRO C 266 38.58 24.19 18.59
CA PRO C 266 39.76 25.05 18.61
C PRO C 266 40.19 25.41 20.05
N GLN C 267 41.25 26.19 20.22
CA GLN C 267 41.87 26.48 21.52
C GLN C 267 40.90 27.05 22.58
N VAL C 268 40.61 26.25 23.61
CA VAL C 268 39.80 26.60 24.81
C VAL C 268 40.50 26.02 26.04
N THR C 269 40.64 26.79 27.12
CA THR C 269 41.71 26.46 28.08
C THR C 269 41.18 25.66 29.24
N HIS C 270 41.71 24.47 29.47
CA HIS C 270 41.46 23.71 30.70
C HIS C 270 41.97 24.51 31.92
N LYS C 271 41.51 24.17 33.13
CA LYS C 271 42.21 24.51 34.37
C LYS C 271 41.88 23.51 35.48
N MET C 272 42.77 23.34 36.46
CA MET C 272 42.40 22.75 37.75
C MET C 272 42.21 23.84 38.81
N ILE C 273 41.18 23.72 39.65
CA ILE C 273 41.05 24.45 40.91
C ILE C 273 40.56 23.45 41.95
N MET C 274 41.48 22.89 42.73
CA MET C 274 41.08 22.23 43.97
C MET C 274 40.58 23.26 45.00
N PRO C 275 39.60 22.90 45.83
CA PRO C 275 39.22 23.66 47.03
C PRO C 275 40.39 24.09 47.93
N TRP C 276 40.26 25.27 48.54
CA TRP C 276 41.23 25.78 49.51
C TRP C 276 41.38 24.83 50.70
N SER C 277 40.30 24.20 51.18
CA SER C 277 40.44 23.19 52.24
C SER C 277 41.21 21.96 51.76
N MET C 278 41.22 21.64 50.47
CA MET C 278 42.10 20.59 49.92
C MET C 278 43.54 21.09 49.87
N TRP C 279 43.78 22.35 49.55
CA TRP C 279 45.12 22.89 49.75
C TRP C 279 45.55 22.86 51.21
N LEU C 280 44.66 23.19 52.14
CA LEU C 280 44.94 23.02 53.57
C LEU C 280 45.23 21.55 53.87
N ALA C 281 44.44 20.63 53.31
CA ALA C 281 44.65 19.21 53.49
C ALA C 281 46.04 18.81 53.01
N VAL C 282 46.48 19.33 51.87
CA VAL C 282 47.85 19.13 51.39
C VAL C 282 48.85 19.62 52.44
N LYS C 283 48.68 20.81 53.03
CA LYS C 283 49.57 21.28 54.09
C LYS C 283 49.60 20.30 55.25
N LYS C 284 48.45 20.00 55.84
CA LYS C 284 48.40 19.11 57.00
C LYS C 284 48.88 17.71 56.66
N TYR C 285 48.68 17.26 55.43
CA TYR C 285 49.23 16.00 54.96
C TYR C 285 50.74 16.07 54.99
N ALA C 286 51.33 17.11 54.40
CA ALA C 286 52.76 17.31 54.42
C ALA C 286 53.24 17.27 55.86
N GLU C 287 52.55 18.00 56.75
CA GLU C 287 52.87 17.99 58.17
C GLU C 287 52.83 16.56 58.74
N MET C 288 51.74 15.83 58.52
CA MET C 288 51.60 14.49 59.08
C MET C 288 52.53 13.48 58.43
N ASN C 289 53.11 13.82 57.28
CA ASN C 289 54.14 13.03 56.63
C ASN C 289 55.56 13.35 57.11
N LYS C 290 55.74 14.27 58.07
CA LYS C 290 57.03 14.61 58.69
C LYS C 290 58.13 15.04 57.69
N GLY C 291 57.84 16.05 56.87
CA GLY C 291 58.87 16.85 56.17
C GLY C 291 59.34 16.33 54.81
N SER C 292 58.44 15.84 53.96
CA SER C 292 58.74 15.36 52.59
C SER C 292 57.80 15.84 51.47
N PRO C 293 56.45 15.94 51.62
CA PRO C 293 55.59 16.49 50.57
C PRO C 293 55.69 18.03 50.51
N SER C 294 56.13 18.56 49.37
CA SER C 294 56.42 20.00 49.21
C SER C 294 55.45 20.68 48.24
N LEU C 295 54.77 21.73 48.71
CA LEU C 295 53.71 22.40 47.96
C LEU C 295 54.18 22.98 46.62
N GLU C 296 55.42 23.46 46.52
CA GLU C 296 55.95 23.94 45.24
C GLU C 296 55.97 22.84 44.19
N ASP C 297 56.16 21.59 44.60
CA ASP C 297 56.09 20.44 43.71
C ASP C 297 54.71 20.30 43.08
N LEU C 298 53.67 20.82 43.74
CA LEU C 298 52.26 20.77 43.34
C LEU C 298 51.75 22.10 42.74
N ALA C 299 52.57 23.15 42.73
CA ALA C 299 52.14 24.53 42.53
C ALA C 299 52.01 24.95 41.05
N ALA C 300 51.10 24.35 40.28
CA ALA C 300 50.83 24.69 38.88
C ALA C 300 49.35 24.58 38.47
N TYR C 301 48.91 25.41 37.51
CA TYR C 301 47.55 25.40 36.96
C TYR C 301 47.37 24.42 35.81
N SER C 302 48.38 23.59 35.57
CA SER C 302 48.53 22.71 34.43
C SER C 302 49.50 21.56 34.78
N GLY C 303 49.47 20.50 33.98
CA GLY C 303 50.40 19.37 34.13
C GLY C 303 50.09 18.43 35.30
N VAL C 304 50.79 17.29 35.30
CA VAL C 304 50.54 16.12 36.16
C VAL C 304 50.58 16.44 37.66
N ARG C 305 51.26 17.52 38.04
CA ARG C 305 51.25 18.08 39.40
C ARG C 305 49.84 18.23 39.95
N ALA C 306 48.87 18.52 39.08
CA ALA C 306 47.46 18.54 39.47
C ALA C 306 46.93 17.17 39.93
N PHE C 307 47.21 16.09 39.19
CA PHE C 307 46.80 14.75 39.61
C PHE C 307 47.54 14.31 40.88
N MET C 308 48.83 14.68 41.02
CA MET C 308 49.55 14.49 42.28
C MET C 308 48.74 15.10 43.43
N ALA C 309 48.33 16.36 43.31
CA ALA C 309 47.62 17.07 44.37
C ALA C 309 46.24 16.44 44.66
N PHE C 310 45.46 16.11 43.63
CA PHE C 310 44.15 15.53 43.85
C PHE C 310 44.28 14.15 44.51
N ASN C 311 45.09 13.26 43.97
CA ASN C 311 45.28 11.96 44.60
C ASN C 311 45.86 12.10 46.01
N THR C 312 46.71 13.10 46.25
CA THR C 312 47.15 13.40 47.60
C THR C 312 45.94 13.69 48.48
N ALA C 313 45.04 14.57 48.04
CA ALA C 313 43.82 14.83 48.78
C ALA C 313 43.02 13.53 48.98
N CYS C 314 43.09 12.60 48.03
CA CYS C 314 42.41 11.32 48.11
C CYS C 314 42.91 10.41 49.22
N TYR C 315 43.98 10.73 49.92
CA TYR C 315 44.35 9.93 51.08
C TYR C 315 43.28 10.01 52.18
N MET C 316 43.09 11.18 52.79
CA MET C 316 42.33 11.30 54.06
C MET C 316 41.43 12.56 54.16
N SER C 317 41.18 13.28 53.07
CA SER C 317 40.36 14.52 53.14
C SER C 317 38.90 14.21 53.54
N LYS C 318 38.17 15.14 54.17
CA LYS C 318 36.84 14.88 54.75
C LYS C 318 35.76 15.87 54.31
N PHE C 319 34.54 15.39 54.26
CA PHE C 319 33.38 16.07 53.72
C PHE C 319 32.11 15.45 54.30
N THR C 320 30.98 16.14 54.17
CA THR C 320 29.70 15.67 54.72
C THR C 320 29.06 14.60 53.86
N ILE C 321 28.30 13.72 54.49
CA ILE C 321 27.26 12.90 53.90
C ILE C 321 25.93 13.25 54.58
N GLY C 322 25.05 13.88 53.83
CA GLY C 322 23.63 13.88 54.14
C GLY C 322 23.00 12.57 53.64
N LYS C 323 22.03 12.02 54.38
CA LYS C 323 21.22 10.89 53.90
C LYS C 323 20.34 11.30 52.72
N GLY C 324 19.85 12.54 52.71
CA GLY C 324 19.09 13.15 51.62
C GLY C 324 19.92 13.43 50.37
N ILE C 325 19.30 13.97 49.33
CA ILE C 325 19.84 13.91 47.97
C ILE C 325 19.58 15.17 47.19
N VAL C 326 20.49 15.55 46.31
CA VAL C 326 20.14 16.32 45.11
C VAL C 326 19.56 15.33 44.13
N GLY C 327 18.30 14.97 44.37
CA GLY C 327 17.55 13.96 43.61
C GLY C 327 16.08 13.90 44.06
N ASP C 328 15.27 13.03 43.45
CA ASP C 328 13.82 13.00 43.68
C ASP C 328 13.19 11.59 43.69
N ALA C 329 13.61 10.71 42.78
CA ALA C 329 13.16 9.31 42.75
C ALA C 329 13.82 8.47 43.86
N GLU C 330 13.33 7.24 44.08
CA GLU C 330 13.84 6.33 45.12
C GLU C 330 15.24 5.75 44.84
N ILE C 331 15.72 5.81 43.59
CA ILE C 331 17.09 5.42 43.22
C ILE C 331 18.11 6.47 43.66
N MET C 332 19.13 6.04 44.42
CA MET C 332 20.20 6.91 44.95
C MET C 332 21.51 6.14 45.18
N GLU C 333 22.63 6.85 45.29
CA GLU C 333 23.99 6.26 45.25
C GLU C 333 25.05 7.12 45.96
N ASN C 334 26.18 6.47 46.25
CA ASN C 334 27.11 6.75 47.35
C ASN C 334 28.06 7.96 47.25
N GLY C 335 28.87 8.12 48.29
CA GLY C 335 29.91 9.15 48.40
C GLY C 335 30.93 9.12 47.26
N ASN C 336 31.23 7.99 46.65
CA ASN C 336 32.11 8.00 45.48
C ASN C 336 31.48 8.83 44.35
N ASP C 337 30.16 8.92 44.26
CA ASP C 337 29.55 9.85 43.31
C ASP C 337 29.82 11.31 43.70
N LYS C 338 29.80 11.64 45.00
CA LYS C 338 30.31 12.97 45.43
C LYS C 338 31.76 13.09 44.98
N MET C 339 32.56 12.05 45.13
CA MET C 339 33.96 12.09 44.75
C MET C 339 34.11 12.37 43.27
N GLN C 340 33.27 11.74 42.43
CA GLN C 340 33.22 12.09 41.02
C GLN C 340 32.85 13.55 40.86
N THR C 341 31.82 14.03 41.54
CA THR C 341 31.36 15.41 41.36
C THR C 341 32.48 16.38 41.69
N LEU C 342 33.15 16.15 42.80
CA LEU C 342 34.30 16.94 43.21
C LEU C 342 35.32 16.96 42.09
N ALA C 343 35.69 15.78 41.59
CA ALA C 343 36.66 15.70 40.52
C ALA C 343 36.22 16.50 39.29
N MET C 344 34.96 16.35 38.90
CA MET C 344 34.40 17.08 37.77
C MET C 344 34.56 18.55 37.99
N ALA C 345 34.15 19.05 39.15
CA ALA C 345 34.29 20.45 39.46
C ALA C 345 35.76 20.88 39.50
N CYS C 346 36.66 20.03 40.01
CA CYS C 346 38.06 20.38 40.21
C CYS C 346 38.81 20.49 38.89
N PHE C 347 38.60 19.57 37.97
CA PHE C 347 39.32 19.54 36.69
C PHE C 347 38.52 20.11 35.51
N GLY C 348 37.25 20.50 35.71
CA GLY C 348 36.39 20.99 34.63
C GLY C 348 35.94 19.90 33.64
N LEU C 349 35.70 18.67 34.12
CA LEU C 349 35.46 17.47 33.29
C LEU C 349 34.07 17.43 32.61
N ALA C 350 33.18 18.39 32.86
CA ALA C 350 31.75 18.32 32.53
C ALA C 350 31.47 17.98 31.04
N TYR C 351 32.40 18.30 30.13
CA TYR C 351 32.29 17.97 28.72
C TYR C 351 33.47 17.17 28.18
N GLU C 352 34.31 16.68 29.09
CA GLU C 352 35.35 15.69 28.82
C GLU C 352 34.71 14.32 28.52
N ASP C 353 35.47 13.41 27.91
CA ASP C 353 35.00 12.03 27.72
C ASP C 353 34.90 11.24 29.03
N THR C 354 33.69 10.78 29.34
CA THR C 354 33.40 9.85 30.43
C THR C 354 34.25 8.59 30.34
N GLY C 355 34.55 8.05 29.16
CA GLY C 355 35.36 6.84 29.03
C GLY C 355 36.80 7.07 29.48
N ILE C 356 37.42 8.13 28.97
CA ILE C 356 38.70 8.63 29.42
C ILE C 356 38.68 8.77 30.93
N VAL C 357 37.70 9.47 31.47
CA VAL C 357 37.64 9.69 32.91
C VAL C 357 37.48 8.35 33.63
N ALA C 358 36.65 7.44 33.12
CA ALA C 358 36.39 6.15 33.72
C ALA C 358 37.68 5.35 33.88
N ALA C 359 38.54 5.39 32.87
CA ALA C 359 39.84 4.74 32.97
C ALA C 359 40.77 5.45 33.97
N MET C 360 40.82 6.79 34.01
CA MET C 360 41.71 7.53 34.91
C MET C 360 41.31 7.35 36.38
N ILE C 361 40.06 7.69 36.70
CA ILE C 361 39.44 7.33 37.97
C ILE C 361 39.36 5.81 38.16
N SER C 362 39.68 5.04 37.12
CA SER C 362 39.81 3.59 37.20
C SER C 362 38.52 2.88 37.69
N GLN C 363 37.35 3.48 37.43
CA GLN C 363 35.97 3.08 37.76
C GLN C 363 34.99 3.60 36.69
N PRO C 364 33.82 2.98 36.45
CA PRO C 364 32.90 3.41 35.38
C PRO C 364 32.39 4.84 35.56
N MET C 365 32.16 5.55 34.44
CA MET C 365 31.61 6.92 34.40
C MET C 365 30.19 7.03 33.84
N LYS C 366 29.59 8.22 34.00
CA LYS C 366 28.14 8.42 34.08
C LYS C 366 27.65 9.70 33.37
N LYS C 367 26.34 9.75 33.11
CA LYS C 367 25.57 10.93 32.68
C LYS C 367 24.59 11.37 33.75
N ARG C 368 23.97 12.54 33.63
CA ARG C 368 23.15 13.13 34.69
C ARG C 368 22.03 12.21 35.15
N TYR C 369 21.43 11.45 34.26
CA TYR C 369 20.40 10.49 34.64
C TYR C 369 20.88 9.53 35.71
N GLN C 370 22.18 9.31 35.77
CA GLN C 370 22.83 8.47 36.75
C GLN C 370 23.49 9.27 37.89
N LEU C 371 23.95 10.51 37.69
CA LEU C 371 24.74 11.24 38.71
C LEU C 371 23.90 11.62 39.95
N ARG C 372 24.40 11.31 41.15
CA ARG C 372 23.84 11.73 42.46
C ARG C 372 24.89 12.50 43.28
N VAL C 373 24.47 13.50 44.06
CA VAL C 373 25.32 14.28 44.98
C VAL C 373 24.46 15.00 46.05
N GLY C 374 25.11 15.56 47.08
CA GLY C 374 24.52 16.52 48.02
C GLY C 374 24.70 17.99 47.59
N ASN C 375 24.15 18.92 48.38
CA ASN C 375 24.10 20.35 48.05
C ASN C 375 25.36 21.17 48.40
N PHE C 376 26.32 20.59 49.13
CA PHE C 376 27.49 21.29 49.72
C PHE C 376 27.13 22.48 50.66
N ASN C 377 25.93 22.52 51.25
CA ASN C 377 25.45 23.65 52.08
C ASN C 377 25.15 23.19 53.53
N PRO C 378 25.80 23.75 54.60
CA PRO C 378 25.90 23.08 55.89
C PRO C 378 24.57 22.66 56.52
N PRO C 379 24.48 21.48 57.17
CA PRO C 379 23.20 20.78 57.25
C PRO C 379 22.46 20.98 58.57
N GLU C 380 21.20 20.58 58.66
CA GLU C 380 20.54 20.44 59.97
C GLU C 380 21.17 19.30 60.78
N LYS C 381 21.29 18.12 60.16
CA LYS C 381 21.89 16.89 60.70
C LYS C 381 22.56 16.09 59.56
N GLY C 382 23.56 15.28 59.86
CA GLY C 382 24.26 14.44 58.88
C GLY C 382 25.47 13.75 59.50
N THR C 383 26.29 13.09 58.68
CA THR C 383 27.49 12.34 59.13
C THR C 383 28.74 12.70 58.30
N ILE C 384 29.95 12.64 58.87
CA ILE C 384 31.19 12.92 58.11
C ILE C 384 31.63 11.68 57.33
N LYS C 385 32.31 11.87 56.19
CA LYS C 385 33.04 10.82 55.51
C LYS C 385 34.38 11.34 54.98
N GLY C 386 35.32 10.41 54.80
CA GLY C 386 36.66 10.63 54.26
C GLY C 386 36.90 9.98 52.89
N THR C 387 37.96 10.41 52.19
CA THR C 387 38.26 10.03 50.79
C THR C 387 38.61 8.56 50.56
N SER C 388 38.12 8.01 49.43
CA SER C 388 38.60 6.74 48.86
C SER C 388 40.02 6.91 48.29
N ALA C 389 40.92 5.96 48.54
CA ALA C 389 42.36 6.10 48.28
C ALA C 389 42.74 6.25 46.79
N GLY C 390 43.71 7.12 46.48
CA GLY C 390 44.44 7.17 45.20
C GLY C 390 43.64 7.42 43.92
N TYR C 391 42.41 7.92 44.07
CA TYR C 391 41.26 7.73 43.18
C TYR C 391 41.52 7.77 41.66
N PHE C 392 42.28 8.73 41.12
CA PHE C 392 42.73 8.69 39.73
C PHE C 392 43.86 7.67 39.60
N HIS C 393 43.58 6.38 39.73
CA HIS C 393 44.64 5.36 39.77
C HIS C 393 45.38 5.27 38.44
N LYS C 394 44.79 5.84 37.39
CA LYS C 394 45.48 6.28 36.19
C LYS C 394 45.32 7.81 36.05
N TRP C 395 46.34 8.47 35.47
CA TRP C 395 46.38 9.90 35.14
C TRP C 395 46.39 10.12 33.61
N ALA C 396 46.51 11.38 33.16
CA ALA C 396 46.80 11.71 31.76
C ALA C 396 47.40 13.12 31.58
N GLU C 397 48.02 13.37 30.43
CA GLU C 397 48.50 14.69 30.00
C GLU C 397 47.33 15.59 29.53
N PHE C 398 47.20 16.81 30.08
CA PHE C 398 46.15 17.79 29.75
C PHE C 398 46.34 18.45 28.36
N GLY C 399 45.40 19.28 27.94
CA GLY C 399 45.39 19.89 26.61
C GLY C 399 44.19 20.79 26.39
N ASN C 400 44.18 21.49 25.25
CA ASN C 400 43.35 22.68 25.06
C ASN C 400 42.73 22.83 23.65
N ARG C 401 42.96 21.90 22.72
CA ARG C 401 42.43 21.98 21.34
C ARG C 401 42.35 20.63 20.65
N LEU C 402 41.64 20.62 19.53
CA LEU C 402 41.44 19.39 18.71
C LEU C 402 42.79 18.82 18.28
N PRO C 403 42.87 17.54 17.86
CA PRO C 403 44.13 16.92 17.44
C PRO C 403 44.76 17.61 16.22
N PHE C 404 43.98 17.77 15.15
CA PHE C 404 44.49 18.40 13.90
C PHE C 404 43.51 19.48 13.40
N ASN C 405 42.55 19.87 14.25
CA ASN C 405 41.56 20.91 13.88
C ASN C 405 40.91 20.52 12.55
N SER C 406 41.44 21.03 11.44
CA SER C 406 40.91 20.72 10.08
C SER C 406 42.05 20.57 9.08
N PHE C 407 41.77 19.96 7.92
CA PHE C 407 42.80 19.75 6.87
C PHE C 407 43.25 21.12 6.33
N GLY C 408 44.57 21.33 6.27
CA GLY C 408 45.13 22.60 5.77
C GLY C 408 45.78 22.43 4.41
N THR C 409 46.46 23.47 3.92
CA THR C 409 47.15 23.49 2.63
C THR C 409 48.36 22.56 2.61
N GLY C 410 49.02 22.44 1.46
CA GLY C 410 50.46 22.15 1.48
C GLY C 410 51.20 23.12 2.39
N GLU C 411 52.21 22.64 3.11
CA GLU C 411 52.88 23.40 4.17
C GLU C 411 53.83 24.48 3.62
N SER C 412 54.45 24.27 2.46
CA SER C 412 55.41 25.21 1.85
C SER C 412 55.56 25.04 0.34
N LYS C 413 55.54 23.79 -0.17
CA LYS C 413 55.62 23.45 -1.60
C LYS C 413 54.29 23.65 -2.35
N GLN C 414 54.29 23.35 -3.66
CA GLN C 414 53.15 23.48 -4.59
C GLN C 414 52.63 24.92 -4.80
N ILE C 415 53.46 25.92 -4.51
CA ILE C 415 53.25 27.34 -4.86
C ILE C 415 53.80 27.65 -6.27
N SER C 416 53.59 28.85 -6.80
CA SER C 416 54.06 29.24 -8.15
C SER C 416 55.60 29.13 -8.28
N ASN C 417 56.08 28.11 -8.98
CA ASN C 417 57.49 27.69 -8.96
C ASN C 417 58.43 28.79 -9.48
N SER C 418 59.60 28.96 -8.85
CA SER C 418 60.69 29.78 -9.40
C SER C 418 61.57 28.98 -10.36
N GLY C 419 62.31 29.67 -11.23
CA GLY C 419 63.19 29.04 -12.22
C GLY C 419 64.44 29.87 -12.46
N VAL C 420 65.55 29.50 -11.81
CA VAL C 420 66.89 29.98 -12.15
C VAL C 420 67.32 29.39 -13.49
N PHE C 421 67.21 28.07 -13.68
CA PHE C 421 67.78 27.43 -14.86
C PHE C 421 66.92 27.62 -16.11
N ALA C 422 67.56 28.01 -17.21
CA ALA C 422 66.93 28.30 -18.49
C ALA C 422 66.49 27.01 -19.20
N VAL C 423 65.39 26.39 -18.73
CA VAL C 423 64.89 25.10 -19.23
C VAL C 423 63.38 25.13 -19.41
N GLN C 424 62.90 24.75 -20.61
CA GLN C 424 61.47 24.67 -20.91
C GLN C 424 60.76 23.67 -19.97
N ARG C 425 59.64 24.08 -19.37
CA ARG C 425 59.10 23.44 -18.16
C ARG C 425 57.56 23.47 -18.03
N PRO C 426 56.95 22.41 -17.46
CA PRO C 426 55.65 22.48 -16.77
C PRO C 426 55.74 23.30 -15.47
N SER C 427 54.61 23.49 -14.79
CA SER C 427 54.54 24.12 -13.45
C SER C 427 53.35 23.59 -12.63
N THR C 428 53.51 23.53 -11.29
CA THR C 428 52.40 23.30 -10.34
C THR C 428 51.57 24.58 -10.19
N THR C 429 50.87 24.98 -11.25
CA THR C 429 50.19 26.30 -11.34
C THR C 429 49.07 26.40 -10.28
N ASN C 430 49.15 27.42 -9.42
CA ASN C 430 48.30 27.56 -8.22
C ASN C 430 47.89 29.01 -7.95
N ILE C 431 47.70 29.80 -9.02
CA ILE C 431 47.38 31.24 -8.97
C ILE C 431 46.07 31.50 -8.21
N GLN C 432 45.13 30.56 -8.26
CA GLN C 432 43.81 30.65 -7.65
C GLN C 432 43.90 30.75 -6.12
N ARG C 433 44.61 29.82 -5.44
CA ARG C 433 44.83 29.90 -3.99
C ARG C 433 45.78 31.04 -3.60
N LEU C 434 46.74 31.38 -4.46
CA LEU C 434 47.57 32.57 -4.26
C LEU C 434 46.71 33.85 -4.20
N ALA C 435 45.75 34.01 -5.11
CA ALA C 435 44.78 35.11 -5.08
C ALA C 435 43.85 35.05 -3.85
N GLU C 436 43.48 33.87 -3.36
CA GLU C 436 42.81 33.75 -2.05
C GLU C 436 43.68 34.29 -0.91
N LEU C 437 44.96 33.92 -0.81
CA LEU C 437 45.86 34.44 0.22
C LEU C 437 45.96 35.98 0.15
N MET C 438 46.07 36.54 -1.06
CA MET C 438 45.99 38.00 -1.26
C MET C 438 44.64 38.56 -0.76
N ALA C 439 43.52 37.94 -1.10
CA ALA C 439 42.19 38.39 -0.66
C ALA C 439 42.05 38.38 0.87
N ARG C 440 42.55 37.32 1.54
CA ARG C 440 42.50 37.23 3.01
C ARG C 440 43.43 38.26 3.68
N ASN C 441 44.64 38.49 3.16
CA ASN C 441 45.56 39.47 3.75
C ASN C 441 45.22 40.95 3.41
N THR C 442 44.51 41.20 2.31
CA THR C 442 43.91 42.52 1.97
C THR C 442 42.59 42.81 2.68
N GLY C 443 42.00 41.82 3.39
CA GLY C 443 40.78 42.00 4.19
C GLY C 443 39.48 41.96 3.37
N GLU C 444 39.37 41.07 2.38
CA GLU C 444 38.19 40.96 1.52
C GLU C 444 36.89 40.78 2.33
N THR C 445 35.85 41.52 1.93
CA THR C 445 34.68 41.86 2.77
C THR C 445 33.31 41.56 2.10
N SER C 446 33.28 41.35 0.78
CA SER C 446 32.01 41.05 0.06
C SER C 446 31.67 39.57 0.22
N ASP C 447 30.42 39.27 0.61
CA ASP C 447 29.90 37.89 0.82
C ASP C 447 30.73 37.16 1.88
N ASN C 448 30.48 37.46 3.16
CA ASN C 448 31.21 36.81 4.29
C ASN C 448 30.25 35.96 5.11
N PHE C 449 29.16 36.56 5.59
CA PHE C 449 28.15 35.83 6.41
C PHE C 449 27.82 34.49 5.77
N THR C 450 27.09 34.52 4.65
CA THR C 450 26.68 33.29 3.91
C THR C 450 27.93 32.46 3.58
N GLN C 451 28.97 33.10 3.04
CA GLN C 451 30.23 32.40 2.66
C GLN C 451 30.72 31.54 3.83
N LEU C 452 30.80 32.13 5.02
CA LEU C 452 31.26 31.43 6.19
C LEU C 452 30.19 30.47 6.71
N VAL C 453 28.90 30.77 6.56
CA VAL C 453 27.84 29.78 6.82
C VAL C 453 28.09 28.54 5.98
N GLN C 454 28.30 28.71 4.68
CA GLN C 454 28.61 27.60 3.80
C GLN C 454 29.89 26.91 4.25
N LYS C 455 30.95 27.66 4.53
CA LYS C 455 32.21 27.09 4.98
C LYS C 455 32.01 26.26 6.22
N ILE C 456 31.17 26.70 7.16
CA ILE C 456 30.84 25.92 8.34
C ILE C 456 30.16 24.62 7.91
N ARG C 457 29.14 24.69 7.05
CA ARG C 457 28.43 23.50 6.59
C ARG C 457 29.41 22.48 6.04
N GLU C 458 30.25 22.89 5.11
CA GLU C 458 31.17 21.95 4.47
C GLU C 458 32.32 21.55 5.40
N GLN C 459 32.78 22.43 6.30
CA GLN C 459 33.79 22.06 7.28
C GLN C 459 33.27 20.97 8.19
N VAL C 460 32.01 21.07 8.62
CA VAL C 460 31.39 20.01 9.42
C VAL C 460 31.46 18.69 8.66
N GLY C 461 31.09 18.69 7.38
CA GLY C 461 31.20 17.49 6.56
C GLY C 461 32.63 16.96 6.48
N ALA C 462 33.60 17.84 6.24
CA ALA C 462 34.99 17.46 6.19
C ALA C 462 35.42 16.84 7.51
N PHE C 463 35.05 17.47 8.62
CA PHE C 463 35.31 16.95 9.95
C PHE C 463 34.64 15.60 10.15
N ALA C 464 33.42 15.44 9.66
CA ALA C 464 32.70 14.19 9.72
C ALA C 464 33.39 13.09 8.91
N ASP C 465 34.28 13.45 8.00
CA ASP C 465 35.26 12.50 7.48
C ASP C 465 36.46 12.38 8.42
N GLN C 466 37.06 13.50 8.81
CA GLN C 466 38.32 13.61 9.56
C GLN C 466 38.30 12.90 10.93
N LYS C 467 37.11 12.68 11.48
CA LYS C 467 36.87 11.88 12.69
C LYS C 467 37.62 10.55 12.66
N ALA C 468 37.85 10.00 11.47
CA ALA C 468 38.60 8.78 11.24
C ALA C 468 39.92 8.72 12.02
N ASN C 469 40.55 9.87 12.28
CA ASN C 469 41.74 9.94 13.13
C ASN C 469 41.74 11.10 14.13
N LEU C 470 40.75 11.98 14.11
CA LEU C 470 40.72 13.18 14.97
C LEU C 470 40.46 12.85 16.45
N ARG C 471 41.49 12.42 17.23
CA ARG C 471 41.29 11.77 18.56
C ARG C 471 42.18 12.24 19.75
N GLU C 472 43.49 12.43 19.65
CA GLU C 472 44.31 13.07 20.71
C GLU C 472 45.61 13.67 20.17
N PHE C 473 46.32 14.44 20.99
CA PHE C 473 47.76 14.53 20.77
C PHE C 473 48.37 13.12 20.77
N THR C 474 49.11 12.78 19.71
CA THR C 474 49.39 11.41 19.21
C THR C 474 50.11 10.45 20.18
N GLY C 475 50.64 10.93 21.30
CA GLY C 475 51.20 10.11 22.39
C GLY C 475 50.16 9.68 23.45
N GLY C 476 48.88 9.91 23.20
CA GLY C 476 47.89 10.01 24.25
C GLY C 476 47.35 8.70 24.76
N TYR C 477 47.55 8.41 26.05
CA TYR C 477 46.97 7.23 26.72
C TYR C 477 46.77 7.47 28.22
N ILE C 478 45.98 6.62 28.90
CA ILE C 478 45.72 6.65 30.36
C ILE C 478 46.77 5.88 31.18
N TYR C 479 47.95 6.46 31.36
CA TYR C 479 49.05 5.83 32.08
C TYR C 479 48.78 5.72 33.59
N ASP C 480 49.37 4.71 34.24
CA ASP C 480 49.25 4.46 35.69
C ASP C 480 49.84 5.59 36.53
N ILE C 481 49.45 5.69 37.81
CA ILE C 481 50.13 6.60 38.76
C ILE C 481 51.58 6.19 39.03
N THR C 482 51.89 4.90 38.89
CA THR C 482 53.28 4.39 38.80
C THR C 482 53.96 4.77 37.48
N ASP C 483 53.30 5.49 36.58
CA ASP C 483 53.72 5.75 35.21
C ASP C 483 53.36 7.15 34.69
N VAL C 484 53.65 8.17 35.49
CA VAL C 484 53.85 9.52 34.95
C VAL C 484 54.91 9.52 33.84
N THR C 485 55.77 8.51 33.83
CA THR C 485 56.74 8.17 32.80
C THR C 485 56.13 7.75 31.47
N LYS C 486 54.80 7.72 31.30
CA LYS C 486 54.15 7.46 30.00
C LYS C 486 54.60 6.15 29.30
N SER C 487 55.00 5.15 30.07
CA SER C 487 55.62 3.88 29.66
C SER C 487 54.60 2.85 29.12
N ASN C 488 53.33 2.93 29.56
CA ASN C 488 52.29 1.91 29.41
C ASN C 488 51.10 2.39 28.53
N PRO C 489 51.27 2.67 27.23
CA PRO C 489 50.21 3.22 26.40
C PRO C 489 49.05 2.21 26.21
N LYS C 490 47.83 2.58 26.63
CA LYS C 490 46.62 1.74 26.56
C LYS C 490 45.33 2.55 26.35
N ILE C 491 44.38 2.00 25.59
CA ILE C 491 43.14 2.64 25.11
C ILE C 491 41.99 2.50 26.13
N PRO C 492 41.05 3.46 26.28
CA PRO C 492 39.95 3.35 27.23
C PRO C 492 38.91 2.26 26.90
N GLN C 493 38.38 2.24 25.67
CA GLN C 493 37.34 1.31 25.23
C GLN C 493 37.48 0.97 23.73
N LEU C 494 37.05 -0.23 23.36
CA LEU C 494 36.88 -0.66 21.96
C LEU C 494 35.52 -0.23 21.39
N GLY C 495 34.45 -0.33 22.18
CA GLY C 495 33.06 -0.07 21.79
C GLY C 495 32.07 -1.03 22.47
N GLY C 496 30.92 -1.25 21.84
CA GLY C 496 29.95 -2.29 22.22
C GLY C 496 30.39 -3.71 21.86
N THR D 8 3.80 38.87 46.66
CA THR D 8 2.88 39.35 45.59
C THR D 8 1.55 38.57 45.52
N PRO D 9 1.45 37.23 45.63
CA PRO D 9 0.17 36.54 45.42
C PRO D 9 -0.94 36.97 46.38
N GLU D 10 -0.61 37.31 47.63
CA GLU D 10 -1.55 37.84 48.61
C GLU D 10 -2.19 39.12 48.09
N GLU D 11 -1.38 40.03 47.56
CA GLU D 11 -1.87 41.25 46.92
C GLU D 11 -2.65 40.95 45.65
N GLN D 12 -2.30 39.89 44.91
CA GLN D 12 -3.13 39.45 43.80
C GLN D 12 -4.50 38.99 44.30
N ARG D 13 -4.58 38.21 45.40
CA ARG D 13 -5.85 37.83 46.03
C ARG D 13 -6.65 39.05 46.49
N ALA D 14 -5.97 40.07 46.99
CA ALA D 14 -6.62 41.33 47.37
C ALA D 14 -7.24 42.06 46.15
N LYS D 15 -6.48 42.25 45.07
CA LYS D 15 -7.00 42.88 43.83
C LYS D 15 -8.14 42.06 43.22
N ASN D 16 -8.02 40.74 43.24
CA ASN D 16 -9.10 39.83 42.88
C ASN D 16 -10.31 40.04 43.78
N ALA D 17 -10.14 40.08 45.11
CA ALA D 17 -11.23 40.30 46.04
C ALA D 17 -11.93 41.63 45.76
N LYS D 18 -11.20 42.73 45.53
CA LYS D 18 -11.78 44.01 45.10
C LYS D 18 -12.55 43.89 43.79
N THR D 19 -11.99 43.20 42.81
CA THR D 19 -12.63 42.94 41.52
C THR D 19 -13.98 42.24 41.72
N ILE D 20 -14.02 41.21 42.56
CA ILE D 20 -15.26 40.48 42.86
C ILE D 20 -16.21 41.36 43.68
N LEU D 21 -15.70 42.11 44.67
CA LEU D 21 -16.52 43.02 45.47
C LEU D 21 -17.19 44.06 44.58
N GLU D 22 -16.50 44.54 43.55
CA GLU D 22 -17.09 45.40 42.55
C GLU D 22 -18.22 44.69 41.83
N ASN D 23 -17.99 43.47 41.37
CA ASN D 23 -19.03 42.69 40.71
C ASN D 23 -20.23 42.48 41.64
N ILE D 24 -19.97 42.22 42.93
CA ILE D 24 -20.98 42.06 43.97
C ILE D 24 -21.75 43.37 44.13
N GLN D 25 -21.08 44.51 44.25
CA GLN D 25 -21.74 45.79 44.43
C GLN D 25 -22.63 46.12 43.22
N ILE D 26 -22.12 45.88 42.01
CA ILE D 26 -22.89 46.00 40.78
C ILE D 26 -24.13 45.12 40.87
N TYR D 27 -23.96 43.84 41.18
CA TYR D 27 -25.06 42.89 41.26
C TYR D 27 -26.09 43.28 42.33
N GLU D 28 -25.66 43.70 43.53
CA GLU D 28 -26.58 44.15 44.57
C GLU D 28 -27.42 45.31 44.04
N ARG D 29 -26.75 46.27 43.43
CA ARG D 29 -27.43 47.40 42.82
C ARG D 29 -28.35 46.96 41.71
N MET D 30 -27.91 46.05 40.85
CA MET D 30 -28.76 45.51 39.79
C MET D 30 -30.00 44.83 40.38
N CYS D 31 -29.85 44.09 41.47
CA CYS D 31 -30.94 43.37 42.10
C CYS D 31 -31.97 44.32 42.65
N ASP D 32 -31.52 45.32 43.39
CA ASP D 32 -32.43 46.38 43.83
C ASP D 32 -33.02 47.12 42.63
N LEU D 33 -32.26 47.37 41.56
CA LEU D 33 -32.71 48.14 40.39
C LEU D 33 -33.89 47.50 39.66
N PHE D 34 -33.86 46.18 39.45
CA PHE D 34 -35.00 45.46 38.88
C PHE D 34 -36.04 45.02 39.91
N GLY D 35 -35.84 45.32 41.20
CA GLY D 35 -36.82 45.04 42.26
C GLY D 35 -36.77 43.61 42.81
N VAL D 36 -35.63 42.93 42.72
CA VAL D 36 -35.46 41.52 43.10
C VAL D 36 -35.62 41.34 44.62
N SER D 37 -36.42 40.35 45.05
CA SER D 37 -36.62 40.05 46.49
C SER D 37 -35.35 39.51 47.16
N GLU D 38 -35.17 39.78 48.45
CA GLU D 38 -33.89 39.60 49.13
C GLU D 38 -33.35 38.17 48.96
N ASP D 39 -34.19 37.19 49.21
CA ASP D 39 -33.84 35.80 48.99
C ASP D 39 -33.61 35.54 47.50
N ASP D 40 -34.46 36.07 46.63
CA ASP D 40 -34.31 35.87 45.18
C ASP D 40 -33.01 36.44 44.63
N LYS D 41 -32.32 37.33 45.34
CA LYS D 41 -31.00 37.80 44.90
C LYS D 41 -29.99 36.67 44.77
N LEU D 42 -30.09 35.63 45.60
CA LEU D 42 -29.16 34.50 45.57
C LEU D 42 -29.20 33.71 44.26
N ILE D 43 -30.29 33.87 43.50
CA ILE D 43 -30.60 32.94 42.44
C ILE D 43 -29.56 33.03 41.33
N ILE D 44 -29.01 31.87 40.99
CA ILE D 44 -28.03 31.75 39.91
C ILE D 44 -28.64 32.17 38.57
N GLU D 45 -29.89 31.79 38.29
CA GLU D 45 -30.62 32.28 37.12
C GLU D 45 -30.64 33.83 37.09
N ASN D 46 -30.82 34.49 38.25
CA ASN D 46 -30.73 35.94 38.31
C ASN D 46 -29.31 36.42 38.00
N SER D 47 -28.28 35.73 38.51
CA SER D 47 -26.90 36.00 38.11
C SER D 47 -26.76 36.04 36.60
N ILE D 48 -27.18 34.96 35.97
CA ILE D 48 -27.11 34.79 34.53
C ILE D 48 -27.88 35.93 33.86
N SER D 49 -29.10 36.21 34.28
CA SER D 49 -29.89 37.27 33.65
C SER D 49 -29.20 38.62 33.70
N ILE D 50 -28.61 39.00 34.83
CA ILE D 50 -27.90 40.28 34.91
C ILE D 50 -26.69 40.26 33.99
N GLU D 51 -25.90 39.20 34.08
CA GLU D 51 -24.72 39.05 33.25
C GLU D 51 -25.06 39.15 31.77
N ARG D 52 -26.16 38.50 31.35
CA ARG D 52 -26.71 38.54 30.00
C ARG D 52 -27.00 39.97 29.60
N MET D 53 -27.77 40.68 30.42
CA MET D 53 -28.14 42.05 30.13
C MET D 53 -26.88 42.91 29.95
N ILE D 54 -25.87 42.71 30.80
CA ILE D 54 -24.62 43.45 30.69
C ILE D 54 -23.95 43.17 29.35
N ARG D 55 -23.92 41.91 28.87
CA ARG D 55 -23.38 41.63 27.53
C ARG D 55 -24.08 42.50 26.49
N VAL D 56 -25.41 42.46 26.45
CA VAL D 56 -26.21 43.17 25.44
C VAL D 56 -25.85 44.65 25.43
N VAL D 57 -25.82 45.27 26.61
CA VAL D 57 -25.47 46.68 26.76
C VAL D 57 -24.04 46.93 26.26
N THR D 58 -23.10 46.05 26.58
CA THR D 58 -21.68 46.22 26.27
C THR D 58 -21.28 45.75 24.87
N ASP D 59 -22.19 45.17 24.08
CA ASP D 59 -21.92 44.67 22.73
C ASP D 59 -21.71 45.79 21.68
N LYS D 60 -20.61 46.53 21.77
CA LYS D 60 -20.29 47.72 20.95
C LYS D 60 -20.52 47.51 19.44
N LYS D 61 -20.06 46.38 18.91
CA LYS D 61 -20.32 45.93 17.52
C LYS D 61 -21.80 45.87 17.19
N TYR D 62 -22.58 45.14 17.98
CA TYR D 62 -24.02 45.03 17.77
C TYR D 62 -24.72 46.37 18.00
N GLN D 63 -24.24 47.24 18.88
CA GLN D 63 -24.76 48.60 19.00
C GLN D 63 -24.52 49.43 17.71
N ASP D 64 -23.37 49.29 17.04
CA ASP D 64 -23.14 49.92 15.72
C ASP D 64 -24.18 49.48 14.67
N LYS D 65 -24.50 48.20 14.69
CA LYS D 65 -25.42 47.56 13.75
C LYS D 65 -26.87 47.95 14.05
N LYS D 66 -27.21 48.01 15.34
CA LYS D 66 -28.50 48.48 15.87
C LYS D 66 -28.77 49.89 15.38
N LEU D 67 -27.82 50.79 15.56
CA LEU D 67 -27.90 52.16 15.03
C LEU D 67 -28.15 52.13 13.51
N LYS D 68 -27.44 51.29 12.76
CA LYS D 68 -27.60 51.19 11.30
C LYS D 68 -29.05 50.88 10.88
N ASN D 69 -29.77 50.05 11.64
CA ASN D 69 -31.17 49.72 11.38
C ASN D 69 -32.20 50.45 12.27
N ALA D 70 -31.77 51.32 13.18
CA ALA D 70 -32.66 52.00 14.11
C ALA D 70 -33.66 52.93 13.40
N GLY D 71 -33.28 53.45 12.22
CA GLY D 71 -34.19 54.14 11.30
C GLY D 71 -34.88 55.38 11.89
N SER D 72 -36.05 55.70 11.34
CA SER D 72 -36.90 56.82 11.79
C SER D 72 -37.93 56.43 12.86
N ASP D 73 -38.11 55.15 13.17
CA ASP D 73 -39.24 54.67 13.96
C ASP D 73 -39.15 55.07 15.46
N PRO D 74 -40.09 55.86 16.00
CA PRO D 74 -40.08 56.24 17.41
C PRO D 74 -40.19 55.04 18.36
N GLU D 75 -40.74 53.90 17.94
CA GLU D 75 -40.72 52.68 18.77
C GLU D 75 -39.31 52.07 18.87
N LYS D 76 -38.51 52.10 17.79
CA LYS D 76 -37.10 51.67 17.84
C LYS D 76 -36.30 52.57 18.77
N ILE D 77 -36.50 53.88 18.67
CA ILE D 77 -35.78 54.89 19.46
C ILE D 77 -36.10 54.77 20.96
N ALA D 78 -37.36 54.59 21.37
CA ALA D 78 -37.71 54.41 22.78
C ALA D 78 -37.12 53.12 23.36
N ASN D 79 -37.21 52.01 22.62
CA ASN D 79 -36.60 50.75 23.04
C ASN D 79 -35.06 50.76 22.98
N ALA D 80 -34.42 51.74 22.34
CA ALA D 80 -32.99 51.97 22.51
C ALA D 80 -32.65 52.56 23.89
N GLY D 81 -33.57 53.28 24.53
CA GLY D 81 -33.42 53.81 25.89
C GLY D 81 -33.77 52.80 26.99
N LYS D 82 -34.89 52.08 26.84
CA LYS D 82 -35.24 50.98 27.74
C LYS D 82 -34.19 49.89 27.72
N VAL D 83 -33.97 49.23 28.85
CA VAL D 83 -33.27 47.94 28.94
C VAL D 83 -34.13 46.96 29.74
N PHE D 84 -34.39 45.79 29.16
CA PHE D 84 -35.17 44.72 29.78
C PHE D 84 -34.30 43.69 30.48
N CYS D 85 -34.81 43.14 31.58
CA CYS D 85 -34.20 41.99 32.25
C CYS D 85 -35.28 41.03 32.77
N ARG D 86 -35.38 39.86 32.13
CA ARG D 86 -36.18 38.70 32.59
C ARG D 86 -35.48 38.07 33.80
N LEU D 87 -36.12 38.14 34.97
CA LEU D 87 -35.57 37.72 36.28
C LEU D 87 -36.54 36.79 37.01
N VAL D 88 -36.03 35.94 37.89
CA VAL D 88 -36.82 35.10 38.79
C VAL D 88 -37.36 35.92 39.97
N GLU D 89 -38.65 35.75 40.25
CA GLU D 89 -39.33 36.24 41.44
C GLU D 89 -40.13 35.09 42.09
N SER D 90 -40.14 34.99 43.42
CA SER D 90 -40.76 33.88 44.15
C SER D 90 -41.82 34.33 45.13
N THR D 91 -42.77 33.43 45.43
CA THR D 91 -43.87 33.62 46.39
C THR D 91 -44.42 32.27 46.80
N ALA D 92 -44.66 32.06 48.09
CA ALA D 92 -45.27 30.83 48.64
C ALA D 92 -44.57 29.52 48.23
N GLY D 93 -43.24 29.57 48.05
CA GLY D 93 -42.43 28.46 47.54
C GLY D 93 -42.48 28.27 46.02
N LYS D 94 -43.45 28.89 45.33
CA LYS D 94 -43.53 28.96 43.86
C LYS D 94 -42.65 30.07 43.30
N CYS D 95 -42.34 29.99 42.02
CA CYS D 95 -41.52 30.98 41.32
C CYS D 95 -41.96 31.20 39.87
N SER D 96 -41.58 32.36 39.35
CA SER D 96 -41.94 32.85 38.03
C SER D 96 -40.90 33.86 37.55
N ALA D 97 -40.98 34.24 36.29
CA ALA D 97 -40.35 35.41 35.72
C ALA D 97 -41.04 36.72 36.13
N ARG D 98 -40.28 37.82 36.13
CA ARG D 98 -40.78 39.19 35.88
C ARG D 98 -39.87 39.91 34.90
N LEU D 99 -40.46 40.66 33.98
CA LEU D 99 -39.77 41.58 33.10
C LEU D 99 -39.41 42.85 33.90
N GLY D 100 -38.27 42.84 34.58
CA GLY D 100 -37.68 44.06 35.09
C GLY D 100 -37.33 45.01 33.92
N MET D 101 -37.47 46.32 34.13
CA MET D 101 -37.02 47.35 33.17
C MET D 101 -36.32 48.50 33.90
N ALA D 102 -35.21 48.96 33.33
CA ALA D 102 -34.45 50.12 33.77
C ALA D 102 -33.88 50.80 32.52
N LEU D 103 -33.60 52.09 32.57
CA LEU D 103 -33.01 52.77 31.42
C LEU D 103 -31.54 52.40 31.29
N LYS D 104 -30.99 52.40 30.08
CA LYS D 104 -29.54 52.19 29.86
C LYS D 104 -28.70 53.09 30.77
N PRO D 105 -28.99 54.39 30.92
CA PRO D 105 -28.33 55.23 31.90
C PRO D 105 -28.39 54.71 33.33
N ASN D 106 -29.45 54.02 33.76
CA ASN D 106 -29.48 53.41 35.09
C ASN D 106 -28.37 52.34 35.22
N VAL D 107 -28.26 51.47 34.23
CA VAL D 107 -27.23 50.41 34.18
C VAL D 107 -25.84 51.05 34.09
N GLU D 108 -25.67 52.03 33.21
CA GLU D 108 -24.42 52.77 33.06
C GLU D 108 -24.03 53.46 34.36
N ALA D 109 -24.99 54.01 35.12
CA ALA D 109 -24.71 54.63 36.40
C ALA D 109 -24.07 53.62 37.34
N VAL D 110 -24.71 52.49 37.59
CA VAL D 110 -24.14 51.45 38.46
C VAL D 110 -22.74 51.08 37.98
N LEU D 111 -22.56 50.83 36.68
CA LEU D 111 -21.28 50.41 36.14
C LEU D 111 -20.23 51.51 36.30
N THR D 112 -20.51 52.70 35.81
CA THR D 112 -19.59 53.84 35.92
C THR D 112 -19.32 54.20 37.36
N ASP D 113 -20.27 54.01 38.28
CA ASP D 113 -20.09 54.27 39.70
C ASP D 113 -19.07 53.32 40.32
N VAL D 114 -19.18 52.03 40.03
CA VAL D 114 -18.38 50.99 40.71
C VAL D 114 -17.03 50.75 40.03
N LEU D 115 -16.97 50.79 38.70
CA LEU D 115 -15.76 50.56 37.89
C LEU D 115 -15.07 51.85 37.41
N GLY D 116 -15.63 53.01 37.73
CA GLY D 116 -15.18 54.32 37.26
C GLY D 116 -15.87 54.78 35.97
N ASN D 117 -15.96 56.10 35.79
CA ASN D 117 -16.62 56.74 34.64
C ASN D 117 -16.05 56.22 33.31
N GLU D 118 -14.73 56.04 33.25
CA GLU D 118 -14.01 55.45 32.12
C GLU D 118 -14.23 53.94 32.04
N LEU D 119 -15.48 53.52 31.83
CA LEU D 119 -15.80 52.20 31.28
C LEU D 119 -15.14 51.99 29.90
N ASP D 120 -14.80 53.09 29.23
CA ASP D 120 -13.91 53.16 28.06
C ASP D 120 -12.52 52.54 28.29
N ARG D 121 -12.12 52.29 29.55
CA ARG D 121 -11.08 51.31 29.90
C ARG D 121 -11.61 49.90 29.62
N ALA D 122 -11.75 49.60 28.33
CA ALA D 122 -12.18 48.35 27.77
C ALA D 122 -11.53 47.13 28.46
N ALA D 123 -10.28 47.26 28.91
CA ALA D 123 -9.60 46.23 29.68
C ALA D 123 -10.34 45.91 30.99
N VAL D 124 -10.69 46.90 31.79
CA VAL D 124 -11.22 46.69 33.15
C VAL D 124 -12.61 46.05 33.12
N LEU D 125 -13.51 46.59 32.30
CA LEU D 125 -14.85 46.02 32.13
C LEU D 125 -14.79 44.71 31.33
N GLY D 126 -14.04 44.68 30.24
CA GLY D 126 -13.98 43.53 29.33
C GLY D 126 -13.32 42.30 29.93
N LYS D 127 -12.34 42.45 30.83
CA LYS D 127 -11.71 41.33 31.53
C LYS D 127 -12.76 40.54 32.31
N ARG D 128 -13.39 41.19 33.29
CA ARG D 128 -14.44 40.58 34.12
C ARG D 128 -15.65 40.12 33.29
N MET D 129 -16.07 40.89 32.29
CA MET D 129 -17.19 40.46 31.44
C MET D 129 -16.82 39.31 30.50
N GLY D 130 -15.57 39.21 30.05
CA GLY D 130 -15.07 38.06 29.31
C GLY D 130 -15.21 36.80 30.14
N PHE D 131 -14.84 36.85 31.41
CA PHE D 131 -14.95 35.71 32.31
C PHE D 131 -16.42 35.27 32.47
N SER D 132 -17.34 36.21 32.64
CA SER D 132 -18.79 35.93 32.69
C SER D 132 -19.33 35.38 31.36
N ALA D 133 -18.99 36.00 30.23
CA ALA D 133 -19.41 35.55 28.91
C ALA D 133 -18.87 34.14 28.62
N MET D 134 -17.65 33.87 29.05
CA MET D 134 -17.05 32.54 28.99
C MET D 134 -17.89 31.58 29.81
N PHE D 135 -18.22 31.87 31.07
CA PHE D 135 -19.11 31.02 31.84
C PHE D 135 -20.44 30.75 31.11
N LYS D 136 -21.05 31.77 30.48
CA LYS D 136 -22.27 31.56 29.69
C LYS D 136 -22.00 30.65 28.50
N SER D 137 -20.92 30.89 27.79
CA SER D 137 -20.46 30.01 26.73
C SER D 137 -20.28 28.57 27.21
N ASN D 138 -19.70 28.36 28.40
CA ASN D 138 -19.55 27.03 29.00
C ASN D 138 -20.92 26.37 29.19
N LEU D 139 -21.86 27.09 29.80
CA LEU D 139 -23.19 26.56 30.11
C LEU D 139 -23.98 26.25 28.83
N GLU D 140 -23.93 27.13 27.84
CA GLU D 140 -24.46 26.86 26.51
C GLU D 140 -23.90 25.57 25.90
N GLU D 141 -22.58 25.41 26.00
CA GLU D 141 -21.87 24.27 25.43
C GLU D 141 -22.35 22.96 26.04
N VAL D 142 -22.43 22.90 27.37
CA VAL D 142 -22.97 21.70 28.03
C VAL D 142 -24.46 21.54 27.67
N LEU D 143 -25.22 22.63 27.54
CA LEU D 143 -26.65 22.56 27.27
C LEU D 143 -26.94 21.93 25.91
N TYR D 144 -26.50 22.55 24.82
CA TYR D 144 -27.16 22.31 23.54
C TYR D 144 -26.26 22.16 22.32
N GLN D 145 -24.98 21.82 22.53
CA GLN D 145 -24.02 21.45 21.47
C GLN D 145 -23.95 22.48 20.32
N ARG D 146 -24.28 23.73 20.66
CA ARG D 146 -24.21 24.97 19.87
C ARG D 146 -24.86 24.96 18.47
N GLY D 147 -25.88 24.14 18.25
CA GLY D 147 -26.47 23.88 16.92
C GLY D 147 -26.74 25.13 16.08
N LYS D 148 -27.54 26.07 16.56
CA LYS D 148 -27.88 27.27 15.80
C LYS D 148 -26.70 28.17 15.50
N ASN D 149 -25.62 28.12 16.28
CA ASN D 149 -24.37 28.79 15.92
C ASN D 149 -23.55 27.97 14.90
N GLN D 150 -23.43 26.66 15.07
CA GLN D 150 -22.67 25.83 14.12
C GLN D 150 -23.33 25.73 12.74
N LEU D 151 -24.63 25.97 12.59
CA LEU D 151 -25.23 26.14 11.25
C LEU D 151 -24.58 27.32 10.48
N LYS D 152 -24.07 28.34 11.21
CA LYS D 152 -23.20 29.40 10.68
C LYS D 152 -21.73 28.98 10.64
N LYS D 153 -21.20 28.40 11.73
CA LYS D 153 -19.76 28.11 11.94
C LYS D 153 -19.24 26.78 11.35
N ARG D 154 -20.12 26.01 10.73
CA ARG D 154 -19.89 25.02 9.66
C ARG D 154 -19.05 23.79 10.02
N ASN D 155 -18.96 23.38 11.28
CA ASN D 155 -18.10 22.27 11.70
C ASN D 155 -18.72 21.32 12.75
N ALA D 156 -18.23 20.08 12.78
CA ALA D 156 -18.88 18.91 13.40
C ALA D 156 -18.52 18.63 14.88
N ALA D 157 -19.10 17.57 15.46
CA ALA D 157 -19.14 17.33 16.90
C ALA D 157 -17.77 17.25 17.58
N GLU D 158 -16.81 16.57 16.98
CA GLU D 158 -15.46 16.49 17.52
C GLU D 158 -14.83 17.89 17.55
N THR D 159 -14.98 18.67 16.48
CA THR D 159 -14.49 20.05 16.46
C THR D 159 -15.15 20.84 17.59
N PHE D 160 -16.46 20.65 17.79
CA PHE D 160 -17.22 21.27 18.86
C PHE D 160 -16.60 20.92 20.23
N THR D 161 -16.22 19.67 20.48
CA THR D 161 -15.64 19.31 21.77
C THR D 161 -14.38 20.09 22.10
N LEU D 162 -13.52 20.33 21.11
CA LEU D 162 -12.31 21.11 21.31
C LEU D 162 -12.56 22.62 21.37
N SER D 163 -13.77 23.06 21.05
CA SER D 163 -14.08 24.48 20.92
C SER D 163 -14.70 25.04 22.18
N GLN D 164 -14.07 24.79 23.32
CA GLN D 164 -14.53 25.33 24.60
C GLN D 164 -14.46 26.87 24.57
N GLY D 165 -15.57 27.54 24.87
CA GLY D 165 -15.70 29.00 24.81
C GLY D 165 -16.11 29.56 23.45
N ALA D 166 -16.31 28.75 22.41
CA ALA D 166 -16.68 29.28 21.09
C ALA D 166 -18.15 29.76 20.95
N SER D 167 -18.96 29.76 22.02
CA SER D 167 -20.28 30.45 22.01
C SER D 167 -20.15 31.96 22.18
N LEU D 168 -18.98 32.46 22.60
CA LEU D 168 -18.70 33.89 22.83
C LEU D 168 -18.97 34.79 21.61
N GLU D 169 -19.49 35.99 21.87
CA GLU D 169 -19.39 37.09 20.90
C GLU D 169 -17.91 37.40 20.58
N ALA D 170 -17.65 37.75 19.33
CA ALA D 170 -16.31 37.85 18.75
C ALA D 170 -15.36 38.68 19.62
N ARG D 171 -15.82 39.83 20.10
CA ARG D 171 -15.04 40.76 20.93
C ARG D 171 -14.40 40.11 22.15
N PHE D 172 -15.04 39.11 22.73
CA PHE D 172 -14.50 38.43 23.89
C PHE D 172 -13.37 37.48 23.53
N ARG D 173 -13.36 36.94 22.31
CA ARG D 173 -12.42 35.89 21.92
C ARG D 173 -10.96 36.35 22.05
N PRO D 174 -10.60 37.58 21.66
CA PRO D 174 -9.30 38.16 21.98
C PRO D 174 -8.99 38.23 23.48
N ILE D 175 -9.96 38.65 24.29
CA ILE D 175 -9.79 38.81 25.74
C ILE D 175 -9.48 37.46 26.40
N MET D 176 -10.20 36.40 26.02
CA MET D 176 -10.15 35.10 26.68
C MET D 176 -8.99 34.18 26.26
N GLU D 177 -7.96 34.72 25.59
CA GLU D 177 -6.95 33.97 24.81
C GLU D 177 -6.48 32.65 25.42
N LYS D 178 -6.21 32.63 26.73
CA LYS D 178 -5.57 31.51 27.44
C LYS D 178 -6.49 30.30 27.62
N HIS D 179 -7.76 30.52 27.88
CA HIS D 179 -8.65 29.48 28.41
C HIS D 179 -9.51 28.79 27.35
N LEU D 180 -9.74 29.45 26.22
CA LEU D 180 -10.52 28.87 25.12
C LEU D 180 -9.89 27.57 24.64
N GLY D 181 -10.72 26.55 24.40
CA GLY D 181 -10.29 25.28 23.82
C GLY D 181 -9.78 25.50 22.41
N VAL D 182 -8.74 24.77 22.00
CA VAL D 182 -7.98 25.03 20.74
C VAL D 182 -8.92 25.11 19.54
N GLY D 183 -9.95 24.28 19.54
CA GLY D 183 -10.97 24.24 18.50
C GLY D 183 -11.63 25.60 18.28
N THR D 184 -11.81 26.39 19.33
CA THR D 184 -12.39 27.71 19.25
C THR D 184 -11.59 28.59 18.31
N VAL D 185 -10.28 28.61 18.50
CA VAL D 185 -9.36 29.36 17.64
C VAL D 185 -9.40 28.78 16.23
N VAL D 186 -9.33 27.47 16.11
CA VAL D 186 -9.29 26.78 14.81
C VAL D 186 -10.54 27.09 13.99
N ALA D 187 -11.71 26.92 14.60
CA ALA D 187 -12.99 27.22 14.00
C ALA D 187 -13.04 28.68 13.58
N SER D 188 -12.55 29.56 14.45
CA SER D 188 -12.46 30.97 14.11
C SER D 188 -11.64 31.16 12.85
N ILE D 189 -10.44 30.60 12.75
CA ILE D 189 -9.60 30.75 11.55
C ILE D 189 -10.33 30.24 10.31
N LYS D 190 -10.92 29.05 10.40
CA LYS D 190 -11.62 28.45 9.26
C LYS D 190 -12.77 29.34 8.81
N ASN D 191 -13.51 29.90 9.75
CA ASN D 191 -14.58 30.83 9.43
C ASN D 191 -14.06 32.19 8.95
N ILE D 192 -12.88 32.64 9.37
CA ILE D 192 -12.25 33.85 8.83
C ILE D 192 -11.98 33.68 7.33
N LEU D 193 -11.49 32.52 6.90
CA LEU D 193 -11.30 32.24 5.47
C LEU D 193 -12.61 32.27 4.69
N ALA D 194 -13.70 31.77 5.29
CA ALA D 194 -15.02 31.93 4.70
C ALA D 194 -15.44 33.41 4.64
N SER D 195 -15.19 34.19 5.69
CA SER D 195 -15.46 35.63 5.70
C SER D 195 -14.70 36.36 4.60
N LYS D 196 -13.45 36.00 4.32
CA LYS D 196 -12.71 36.53 3.18
C LYS D 196 -13.37 36.27 1.83
N LYS D 197 -14.18 35.22 1.68
CA LYS D 197 -15.09 35.09 0.53
C LYS D 197 -16.34 35.94 0.70
N ASN D 198 -17.03 35.77 1.82
CA ASN D 198 -18.43 36.18 1.98
C ASN D 198 -18.64 37.67 2.26
N GLY D 199 -17.65 38.38 2.82
CA GLY D 199 -17.75 39.80 3.15
C GLY D 199 -18.66 40.15 4.35
N ASN D 200 -19.11 39.15 5.11
CA ASN D 200 -19.92 39.25 6.32
C ASN D 200 -19.15 39.77 7.56
N TYR D 201 -18.07 40.51 7.35
CA TYR D 201 -17.08 40.85 8.35
C TYR D 201 -16.36 42.17 8.02
N ARG D 202 -15.78 42.80 9.04
CA ARG D 202 -14.71 43.80 8.91
C ARG D 202 -13.43 43.27 9.55
N ASN D 203 -12.35 43.20 8.77
CA ASN D 203 -11.00 42.89 9.28
C ASN D 203 -10.43 44.08 10.10
N LYS D 204 -9.42 43.84 10.94
CA LYS D 204 -9.05 44.69 12.10
C LYS D 204 -7.57 44.61 12.51
N MET D 205 -7.12 45.48 13.42
CA MET D 205 -5.76 45.47 14.00
C MET D 205 -5.80 45.81 15.51
N VAL D 206 -5.00 45.11 16.33
CA VAL D 206 -4.95 45.23 17.80
C VAL D 206 -3.52 45.09 18.35
N ARG D 207 -3.33 45.46 19.64
CA ARG D 207 -2.08 45.38 20.42
C ARG D 207 -2.35 44.97 21.89
N LYS D 208 -1.46 44.20 22.53
CA LYS D 208 -1.67 43.63 23.88
C LYS D 208 -0.48 43.92 24.83
N PRO D 209 -0.54 44.97 25.65
CA PRO D 209 0.47 45.32 26.65
C PRO D 209 0.68 44.25 27.73
N GLY D 210 1.85 44.27 28.35
CA GLY D 210 2.33 43.24 29.28
C GLY D 210 2.66 41.89 28.63
N GLY D 211 2.11 41.60 27.44
CA GLY D 211 2.40 40.43 26.61
C GLY D 211 3.29 40.75 25.40
N ASN D 212 2.73 41.44 24.40
CA ASN D 212 3.45 41.83 23.17
C ASN D 212 2.85 43.13 22.57
N ARG D 213 3.70 44.15 22.44
CA ARG D 213 3.38 45.44 21.79
C ARG D 213 3.27 45.36 20.27
N GLU D 214 3.42 44.19 19.67
CA GLU D 214 3.08 43.95 18.27
C GLU D 214 1.65 44.36 17.94
N SER D 215 1.48 44.93 16.74
CA SER D 215 0.32 45.71 16.36
C SER D 215 -0.20 45.18 15.03
N TRP D 216 -1.20 44.31 15.11
CA TRP D 216 -1.41 43.31 14.07
C TRP D 216 -2.83 42.72 14.07
N SER D 217 -3.17 41.97 13.01
CA SER D 217 -4.53 41.58 12.65
C SER D 217 -4.99 40.27 13.30
N PRO D 218 -6.24 39.85 13.08
CA PRO D 218 -6.71 38.51 13.40
C PRO D 218 -5.78 37.41 12.90
N LEU D 219 -5.18 37.58 11.71
CA LEU D 219 -4.26 36.56 11.18
C LEU D 219 -3.14 36.30 12.18
N GLU D 220 -2.43 37.36 12.55
CA GLU D 220 -1.35 37.26 13.52
C GLU D 220 -1.88 36.85 14.89
N ARG D 221 -2.97 37.47 15.34
CA ARG D 221 -3.57 37.23 16.67
C ARG D 221 -3.93 35.76 16.83
N GLU D 222 -4.64 35.21 15.87
CA GLU D 222 -5.01 33.82 15.86
C GLU D 222 -3.75 32.96 15.84
N ILE D 223 -2.81 33.22 14.92
CA ILE D 223 -1.59 32.41 14.83
C ILE D 223 -0.82 32.46 16.15
N SER D 224 -0.79 33.62 16.80
CA SER D 224 -0.14 33.80 18.08
C SER D 224 -0.84 32.94 19.14
N PHE D 225 -2.16 33.03 19.24
CA PHE D 225 -2.91 32.23 20.20
C PHE D 225 -2.69 30.74 19.91
N LEU D 226 -2.67 30.36 18.64
CA LEU D 226 -2.44 29.00 18.19
C LEU D 226 -1.03 28.55 18.62
N ASN D 227 -0.03 29.41 18.49
CA ASN D 227 1.31 29.10 18.96
C ASN D 227 1.33 28.93 20.48
N LYS D 228 0.61 29.80 21.21
CA LYS D 228 0.48 29.70 22.67
C LYS D 228 -0.19 28.41 23.14
N LYS D 229 -0.86 27.69 22.24
CA LYS D 229 -1.58 26.42 22.53
C LYS D 229 -0.87 25.17 22.01
N LEU D 230 -0.33 25.18 20.80
CA LEU D 230 0.12 23.95 20.13
C LEU D 230 1.31 23.28 20.83
N PHE D 231 1.45 21.98 20.58
CA PHE D 231 2.48 21.14 21.16
C PHE D 231 3.88 21.54 20.67
N PRO D 232 4.86 21.69 21.58
CA PRO D 232 6.23 22.04 21.22
C PRO D 232 6.84 21.07 20.19
N GLY D 233 7.84 21.52 19.41
CA GLY D 233 8.26 20.75 18.25
C GLY D 233 7.22 20.80 17.13
N PRO D 234 6.77 19.67 16.58
CA PRO D 234 6.16 19.64 15.26
C PRO D 234 4.96 20.56 15.12
N MET D 235 4.08 20.58 16.12
CA MET D 235 2.83 21.33 16.01
C MET D 235 3.11 22.84 16.11
N ARG D 236 3.94 23.30 17.04
CA ARG D 236 4.39 24.69 17.00
C ARG D 236 5.18 25.01 15.74
N GLN D 237 5.93 24.06 15.17
CA GLN D 237 6.65 24.31 13.91
C GLN D 237 5.67 24.53 12.77
N LEU D 238 4.59 23.75 12.72
CA LEU D 238 3.48 23.99 11.80
C LEU D 238 2.86 25.37 12.08
N CYS D 239 2.79 25.76 13.35
CA CYS D 239 2.31 27.08 13.74
C CYS D 239 3.17 28.20 13.15
N LYS D 240 4.50 28.05 13.19
CA LYS D 240 5.41 29.00 12.56
C LYS D 240 5.27 29.02 11.04
N LYS D 241 5.15 27.85 10.40
CA LYS D 241 4.94 27.72 8.94
C LYS D 241 3.66 28.42 8.47
N PHE D 242 2.68 28.57 9.36
CA PHE D 242 1.28 28.74 8.99
C PHE D 242 1.03 29.88 7.99
N GLU D 243 1.73 31.01 8.13
CA GLU D 243 1.59 32.15 7.20
C GLU D 243 1.94 31.81 5.75
N TYR D 244 2.68 30.72 5.55
CA TYR D 244 3.23 30.28 4.27
C TYR D 244 2.58 28.99 3.76
N LEU D 245 1.62 28.43 4.50
CA LEU D 245 0.64 27.49 3.94
C LEU D 245 -0.30 28.22 2.98
N ASN D 246 -0.73 27.58 1.89
CA ASN D 246 -1.86 28.11 1.09
C ASN D 246 -3.19 27.94 1.84
N GLU D 247 -4.28 28.56 1.40
CA GLU D 247 -5.55 28.56 2.15
C GLU D 247 -6.12 27.15 2.37
N GLN D 248 -6.11 26.29 1.36
CA GLN D 248 -6.54 24.90 1.53
C GLN D 248 -5.58 24.15 2.43
N GLU D 249 -4.27 24.35 2.28
CA GLU D 249 -3.27 23.80 3.19
C GLU D 249 -3.55 24.24 4.62
N LYS D 250 -3.91 25.50 4.85
CA LYS D 250 -4.32 25.97 6.17
C LYS D 250 -5.51 25.17 6.65
N GLN D 251 -6.57 25.04 5.85
CA GLN D 251 -7.73 24.25 6.28
C GLN D 251 -7.36 22.79 6.58
N LEU D 252 -6.57 22.17 5.73
CA LEU D 252 -6.13 20.79 5.91
C LEU D 252 -5.29 20.64 7.19
N ALA D 253 -4.34 21.54 7.37
CA ALA D 253 -3.49 21.58 8.54
C ALA D 253 -4.33 21.76 9.79
N LEU D 254 -5.24 22.73 9.78
CA LEU D 254 -6.15 22.98 10.88
C LEU D 254 -6.90 21.71 11.22
N ASN D 255 -7.46 21.03 10.23
CA ASN D 255 -8.16 19.78 10.46
C ASN D 255 -7.25 18.77 11.15
N LEU D 256 -6.07 18.50 10.59
CA LEU D 256 -5.24 17.45 11.16
C LEU D 256 -4.73 17.85 12.55
N MET D 257 -4.37 19.12 12.76
CA MET D 257 -3.96 19.60 14.07
C MET D 257 -5.10 19.48 15.07
N LEU D 258 -6.30 19.79 14.64
CA LEU D 258 -7.47 19.68 15.48
C LEU D 258 -7.69 18.22 15.86
N ASP D 259 -7.60 17.30 14.90
CA ASP D 259 -7.68 15.88 15.17
C ASP D 259 -6.59 15.44 16.13
N ALA D 260 -5.36 15.87 15.89
CA ALA D 260 -4.23 15.55 16.76
C ALA D 260 -4.51 16.04 18.17
N SER D 261 -5.10 17.22 18.31
CA SER D 261 -5.49 17.80 19.60
C SER D 261 -6.55 16.97 20.32
N LEU D 262 -7.32 16.12 19.62
CA LEU D 262 -8.19 15.17 20.31
C LEU D 262 -7.36 14.23 21.21
N ILE D 263 -6.15 13.84 20.81
CA ILE D 263 -5.25 13.04 21.66
C ILE D 263 -4.29 13.96 22.42
N LEU D 264 -3.54 14.78 21.71
CA LEU D 264 -2.45 15.59 22.23
C LEU D 264 -2.99 16.68 23.14
N LYS D 265 -2.45 16.80 24.35
CA LYS D 265 -2.87 17.80 25.36
C LYS D 265 -1.75 18.78 25.75
N PRO D 266 -1.15 19.55 24.83
CA PRO D 266 -0.23 20.63 25.21
C PRO D 266 -0.96 21.74 26.01
N GLN D 267 -0.24 22.78 26.42
CA GLN D 267 -0.74 23.83 27.32
C GLN D 267 -2.05 24.52 26.85
N VAL D 268 -3.15 24.26 27.56
CA VAL D 268 -4.48 24.87 27.38
C VAL D 268 -5.06 25.20 28.77
N THR D 269 -5.61 26.39 28.97
CA THR D 269 -5.69 26.89 30.35
C THR D 269 -7.05 26.62 30.96
N HIS D 270 -7.10 25.91 32.07
CA HIS D 270 -8.31 25.80 32.88
C HIS D 270 -8.73 27.18 33.39
N LYS D 271 -9.99 27.34 33.82
CA LYS D 271 -10.39 28.44 34.74
C LYS D 271 -11.60 28.03 35.56
N MET D 272 -11.79 28.63 36.74
CA MET D 272 -13.10 28.64 37.41
C MET D 272 -13.79 30.00 37.21
N ILE D 273 -15.10 29.98 36.95
CA ILE D 273 -15.97 31.15 37.08
C ILE D 273 -17.25 30.68 37.76
N MET D 274 -17.34 30.87 39.07
CA MET D 274 -18.64 30.77 39.73
C MET D 274 -19.52 31.97 39.33
N PRO D 275 -20.85 31.79 39.23
CA PRO D 275 -21.84 32.87 39.13
C PRO D 275 -21.65 34.00 40.15
N TRP D 276 -21.96 35.23 39.72
CA TRP D 276 -21.96 36.41 40.60
C TRP D 276 -22.92 36.24 41.77
N SER D 277 -24.09 35.63 41.58
CA SER D 277 -24.98 35.33 42.72
C SER D 277 -24.36 34.32 43.68
N MET D 278 -23.45 33.44 43.24
CA MET D 278 -22.69 32.58 44.15
C MET D 278 -21.63 33.39 44.87
N TRP D 279 -20.99 34.36 44.23
CA TRP D 279 -20.16 35.30 44.98
C TRP D 279 -20.97 36.10 45.99
N LEU D 280 -22.17 36.56 45.64
CA LEU D 280 -23.08 37.17 46.61
C LEU D 280 -23.40 36.18 47.72
N ALA D 281 -23.66 34.92 47.39
CA ALA D 281 -23.95 33.90 48.38
C ALA D 281 -22.78 33.75 49.33
N VAL D 282 -21.54 33.77 48.83
CA VAL D 282 -20.34 33.79 49.66
C VAL D 282 -20.37 34.99 50.61
N LYS D 283 -20.68 36.20 50.13
CA LYS D 283 -20.79 37.37 51.01
C LYS D 283 -21.83 37.12 52.11
N LYS D 284 -23.07 36.81 51.75
CA LYS D 284 -24.13 36.61 52.74
C LYS D 284 -23.83 35.43 53.66
N TYR D 285 -23.14 34.41 53.17
CA TYR D 285 -22.68 33.31 53.99
C TYR D 285 -21.71 33.83 55.02
N ALA D 286 -20.70 34.58 54.61
CA ALA D 286 -19.75 35.19 55.52
C ALA D 286 -20.51 36.00 56.56
N GLU D 287 -21.48 36.81 56.12
CA GLU D 287 -22.31 37.58 57.02
C GLU D 287 -23.04 36.65 58.02
N MET D 288 -23.73 35.62 57.54
CA MET D 288 -24.49 34.73 58.42
C MET D 288 -23.59 33.87 59.30
N ASN D 289 -22.31 33.77 58.97
CA ASN D 289 -21.31 33.12 59.80
C ASN D 289 -20.69 34.04 60.86
N LYS D 290 -21.09 35.31 60.94
CA LYS D 290 -20.65 36.26 61.98
C LYS D 290 -19.12 36.47 62.04
N GLY D 291 -18.51 36.83 60.91
CA GLY D 291 -17.18 37.47 60.88
C GLY D 291 -15.96 36.53 60.84
N SER D 292 -16.02 35.44 60.06
CA SER D 292 -14.90 34.49 59.88
C SER D 292 -14.59 34.08 58.42
N PRO D 293 -15.56 33.82 57.50
CA PRO D 293 -15.23 33.53 56.10
C PRO D 293 -14.82 34.78 55.33
N SER D 294 -13.59 34.83 54.81
CA SER D 294 -13.02 36.03 54.17
C SER D 294 -12.80 35.84 52.67
N LEU D 295 -13.38 36.72 51.86
CA LEU D 295 -13.39 36.60 50.40
C LEU D 295 -11.98 36.59 49.79
N GLU D 296 -11.02 37.30 50.36
CA GLU D 296 -9.64 37.24 49.86
C GLU D 296 -9.06 35.84 49.97
N ASP D 297 -9.48 35.06 50.95
CA ASP D 297 -9.09 33.66 51.07
C ASP D 297 -9.54 32.82 49.89
N LEU D 298 -10.60 33.27 49.20
CA LEU D 298 -11.22 32.62 48.04
C LEU D 298 -10.86 33.28 46.69
N ALA D 299 -10.12 34.39 46.71
CA ALA D 299 -9.99 35.31 45.59
C ALA D 299 -8.89 34.90 44.58
N ALA D 300 -9.05 33.76 43.88
CA ALA D 300 -8.10 33.31 42.84
C ALA D 300 -8.78 32.57 41.67
N TYR D 301 -8.20 32.68 40.47
CA TYR D 301 -8.67 32.00 39.25
C TYR D 301 -8.12 30.58 39.09
N SER D 302 -7.47 30.09 40.13
CA SER D 302 -6.69 28.86 40.15
C SER D 302 -6.54 28.36 41.60
N GLY D 303 -6.17 27.10 41.77
CA GLY D 303 -5.91 26.52 43.09
C GLY D 303 -7.14 26.19 43.93
N VAL D 304 -6.91 25.46 45.02
CA VAL D 304 -7.94 24.84 45.88
C VAL D 304 -8.96 25.83 46.46
N ARG D 305 -8.59 27.10 46.53
CA ARG D 305 -9.48 28.21 46.88
C ARG D 305 -10.78 28.17 46.07
N ALA D 306 -10.72 27.71 44.82
CA ALA D 306 -11.91 27.50 44.01
C ALA D 306 -12.85 26.43 44.58
N PHE D 307 -12.34 25.27 45.00
CA PHE D 307 -13.15 24.24 45.63
C PHE D 307 -13.70 24.69 46.98
N MET D 308 -12.91 25.45 47.75
CA MET D 308 -13.40 26.11 48.96
C MET D 308 -14.66 26.92 48.62
N ALA D 309 -14.60 27.78 47.61
CA ALA D 309 -15.70 28.66 47.23
C ALA D 309 -16.93 27.87 46.75
N PHE D 310 -16.73 26.87 45.89
CA PHE D 310 -17.85 26.10 45.38
C PHE D 310 -18.52 25.32 46.50
N ASN D 311 -17.77 24.56 47.29
CA ASN D 311 -18.37 23.85 48.42
C ASN D 311 -19.01 24.81 49.41
N THR D 312 -18.44 26.00 49.59
CA THR D 312 -19.10 27.04 50.39
C THR D 312 -20.47 27.33 49.81
N ALA D 313 -20.56 27.57 48.51
CA ALA D 313 -21.84 27.77 47.86
C ALA D 313 -22.75 26.56 48.08
N CYS D 314 -22.19 25.36 48.17
CA CYS D 314 -22.93 24.14 48.40
C CYS D 314 -23.61 24.07 49.76
N TYR D 315 -23.37 24.98 50.69
CA TYR D 315 -24.14 24.98 51.93
C TYR D 315 -25.62 25.25 51.65
N MET D 316 -25.98 26.46 51.20
CA MET D 316 -27.38 26.94 51.20
C MET D 316 -27.80 27.75 49.96
N SER D 317 -27.02 27.76 48.87
CA SER D 317 -27.36 28.57 47.67
C SER D 317 -28.65 28.07 47.00
N LYS D 318 -29.41 28.93 46.30
CA LYS D 318 -30.75 28.59 45.79
C LYS D 318 -30.93 28.88 44.30
N PHE D 319 -31.78 28.08 43.67
CA PHE D 319 -32.00 28.04 42.23
C PHE D 319 -33.38 27.43 41.95
N THR D 320 -33.87 27.61 40.73
CA THR D 320 -35.20 27.10 40.34
C THR D 320 -35.18 25.60 40.05
N ILE D 321 -36.31 24.96 40.28
CA ILE D 321 -36.70 23.69 39.70
C ILE D 321 -37.99 23.90 38.91
N GLY D 322 -37.89 23.80 37.59
CA GLY D 322 -39.04 23.52 36.74
C GLY D 322 -39.33 22.02 36.76
N LYS D 323 -40.61 21.63 36.72
CA LYS D 323 -41.00 20.22 36.53
C LYS D 323 -40.60 19.72 35.12
N GLY D 324 -40.69 20.61 34.12
CA GLY D 324 -40.26 20.37 32.74
C GLY D 324 -38.74 20.25 32.59
N ILE D 325 -38.27 20.02 31.37
CA ILE D 325 -36.93 19.48 31.14
C ILE D 325 -36.28 20.07 29.90
N VAL D 326 -34.97 20.23 29.93
CA VAL D 326 -34.16 20.20 28.71
C VAL D 326 -34.00 18.73 28.35
N GLY D 327 -35.06 18.17 27.77
CA GLY D 327 -35.19 16.75 27.41
C GLY D 327 -36.48 16.48 26.63
N ASP D 328 -36.72 15.22 26.24
CA ASP D 328 -37.83 14.88 25.35
C ASP D 328 -38.51 13.53 25.64
N ALA D 329 -37.74 12.49 25.97
CA ALA D 329 -38.27 11.18 26.39
C ALA D 329 -38.84 11.21 27.82
N GLU D 330 -39.55 10.16 28.23
CA GLU D 330 -40.16 10.06 29.56
C GLU D 330 -39.15 9.86 30.72
N ILE D 331 -37.92 9.46 30.43
CA ILE D 331 -36.83 9.36 31.42
C ILE D 331 -36.29 10.76 31.80
N MET D 332 -36.27 11.07 33.10
CA MET D 332 -35.82 12.36 33.64
C MET D 332 -35.28 12.22 35.08
N GLU D 333 -34.50 13.19 35.55
CA GLU D 333 -33.71 13.09 36.78
C GLU D 333 -33.37 14.46 37.42
N ASN D 334 -32.99 14.40 38.69
CA ASN D 334 -33.15 15.43 39.72
C ASN D 334 -32.23 16.67 39.70
N GLY D 335 -32.44 17.55 40.68
CA GLY D 335 -31.65 18.74 40.92
C GLY D 335 -30.15 18.50 41.11
N ASN D 336 -29.73 17.35 41.62
CA ASN D 336 -28.30 17.06 41.68
C ASN D 336 -27.71 17.02 40.26
N ASP D 337 -28.47 16.66 39.24
CA ASP D 337 -28.00 16.80 37.87
C ASP D 337 -27.83 18.27 37.48
N LYS D 338 -28.73 19.16 37.90
CA LYS D 338 -28.46 20.60 37.76
C LYS D 338 -27.17 20.93 38.50
N MET D 339 -26.97 20.38 39.68
CA MET D 339 -25.78 20.65 40.47
C MET D 339 -24.53 20.21 39.71
N GLN D 340 -24.56 19.05 39.07
CA GLN D 340 -23.50 18.65 38.17
C GLN D 340 -23.32 19.68 37.06
N THR D 341 -24.40 20.09 36.41
CA THR D 341 -24.31 21.00 35.27
C THR D 341 -23.65 22.29 35.69
N LEU D 342 -24.08 22.85 36.82
CA LEU D 342 -23.49 24.03 37.41
C LEU D 342 -21.99 23.81 37.58
N ALA D 343 -21.60 22.71 38.22
CA ALA D 343 -20.20 22.42 38.44
C ALA D 343 -19.43 22.37 37.11
N MET D 344 -20.00 21.68 36.12
CA MET D 344 -19.38 21.57 34.81
C MET D 344 -19.15 22.95 34.24
N ALA D 345 -20.17 23.79 34.25
CA ALA D 345 -20.05 25.13 33.75
C ALA D 345 -19.04 25.94 34.58
N CYS D 346 -19.00 25.76 35.90
CA CYS D 346 -18.17 26.57 36.79
C CYS D 346 -16.69 26.25 36.62
N PHE D 347 -16.32 24.98 36.54
CA PHE D 347 -14.91 24.57 36.45
C PHE D 347 -14.47 24.23 35.01
N GLY D 348 -15.35 24.27 34.02
CA GLY D 348 -15.02 23.90 32.64
C GLY D 348 -14.78 22.39 32.42
N LEU D 349 -15.53 21.55 33.14
CA LEU D 349 -15.30 20.09 33.20
C LEU D 349 -15.71 19.31 31.92
N ALA D 350 -16.28 19.97 30.90
CA ALA D 350 -16.98 19.31 29.79
C ALA D 350 -16.12 18.24 29.06
N TYR D 351 -14.80 18.35 29.12
CA TYR D 351 -13.88 17.37 28.53
C TYR D 351 -12.88 16.80 29.53
N GLU D 352 -13.10 17.09 30.81
CA GLU D 352 -12.43 16.45 31.93
C GLU D 352 -12.86 14.98 32.07
N ASP D 353 -12.12 14.16 32.80
CA ASP D 353 -12.54 12.80 33.10
C ASP D 353 -13.73 12.73 34.07
N THR D 354 -14.82 12.14 33.61
CA THR D 354 -15.99 11.81 34.42
C THR D 354 -15.61 10.98 35.65
N GLY D 355 -14.66 10.05 35.58
CA GLY D 355 -14.28 9.23 36.73
C GLY D 355 -13.63 10.07 37.83
N ILE D 356 -12.64 10.88 37.46
CA ILE D 356 -12.06 11.90 38.31
C ILE D 356 -13.15 12.73 38.95
N VAL D 357 -14.05 13.27 38.14
CA VAL D 357 -15.11 14.12 38.67
C VAL D 357 -16.01 13.30 39.61
N ALA D 358 -16.34 12.06 39.26
CA ALA D 358 -17.21 11.20 40.05
C ALA D 358 -16.64 11.00 41.45
N ALA D 359 -15.33 10.81 41.56
CA ALA D 359 -14.68 10.71 42.85
C ALA D 359 -14.69 12.05 43.62
N MET D 360 -14.44 13.18 42.97
CA MET D 360 -14.39 14.50 43.63
C MET D 360 -15.75 14.93 44.15
N ILE D 361 -16.73 14.99 43.24
CA ILE D 361 -18.14 15.12 43.61
C ILE D 361 -18.62 13.93 44.44
N SER D 362 -17.80 12.89 44.57
CA SER D 362 -18.05 11.77 45.45
C SER D 362 -19.38 11.03 45.17
N GLN D 363 -19.82 11.05 43.90
CA GLN D 363 -21.04 10.46 43.32
C GLN D 363 -20.78 10.09 41.83
N PRO D 364 -21.49 9.12 41.23
CA PRO D 364 -21.22 8.69 39.85
C PRO D 364 -21.40 9.81 38.81
N MET D 365 -20.58 9.79 37.74
CA MET D 365 -20.64 10.75 36.62
C MET D 365 -21.14 10.14 35.29
N LYS D 366 -21.40 11.02 34.32
CA LYS D 366 -22.37 10.79 33.23
C LYS D 366 -21.92 11.36 31.87
N LYS D 367 -22.55 10.89 30.81
CA LYS D 367 -22.51 11.44 29.43
C LYS D 367 -23.86 12.02 29.03
N ARG D 368 -23.93 12.74 27.91
CA ARG D 368 -25.14 13.49 27.53
C ARG D 368 -26.37 12.61 27.45
N TYR D 369 -26.25 11.37 27.00
CA TYR D 369 -27.39 10.46 26.96
C TYR D 369 -28.05 10.31 28.33
N GLN D 370 -27.30 10.55 29.39
CA GLN D 370 -27.76 10.52 30.75
C GLN D 370 -28.02 11.92 31.35
N LEU D 371 -27.33 12.99 30.90
CA LEU D 371 -27.44 14.32 31.56
C LEU D 371 -28.82 14.97 31.37
N ARG D 372 -29.45 15.43 32.45
CA ARG D 372 -30.70 16.24 32.47
C ARG D 372 -30.47 17.58 33.19
N VAL D 373 -31.13 18.65 32.73
CA VAL D 373 -31.11 19.99 33.35
C VAL D 373 -32.31 20.84 32.88
N GLY D 374 -32.56 21.99 33.53
CA GLY D 374 -33.44 23.06 33.05
C GLY D 374 -32.72 24.12 32.19
N ASN D 375 -33.47 25.10 31.70
CA ASN D 375 -32.99 26.11 30.74
C ASN D 375 -32.28 27.33 31.37
N PHE D 376 -32.31 27.48 32.70
CA PHE D 376 -31.86 28.69 33.43
C PHE D 376 -32.56 30.02 33.00
N ASN D 377 -33.76 29.98 32.41
CA ASN D 377 -34.46 31.16 31.87
C ASN D 377 -35.81 31.39 32.61
N PRO D 378 -36.07 32.55 33.27
CA PRO D 378 -37.09 32.63 34.32
C PRO D 378 -38.49 32.19 33.91
N PRO D 379 -39.26 31.51 34.77
CA PRO D 379 -40.28 30.59 34.28
C PRO D 379 -41.69 31.16 34.29
N GLU D 380 -42.65 30.49 33.66
CA GLU D 380 -44.08 30.81 33.89
C GLU D 380 -44.49 30.44 35.33
N LYS D 381 -44.18 29.20 35.74
CA LYS D 381 -44.43 28.62 37.07
C LYS D 381 -43.32 27.62 37.41
N GLY D 382 -43.04 27.39 38.69
CA GLY D 382 -42.03 26.43 39.16
C GLY D 382 -41.82 26.51 40.67
N THR D 383 -40.82 25.82 41.21
CA THR D 383 -40.52 25.78 42.66
C THR D 383 -39.03 26.05 42.94
N ILE D 384 -38.67 26.64 44.08
CA ILE D 384 -37.26 26.88 44.46
C ILE D 384 -36.64 25.61 45.05
N LYS D 385 -35.33 25.44 44.88
CA LYS D 385 -34.55 24.45 45.64
C LYS D 385 -33.19 25.03 46.03
N GLY D 386 -32.63 24.47 47.10
CA GLY D 386 -31.32 24.79 47.68
C GLY D 386 -30.28 23.67 47.54
N THR D 387 -28.99 24.00 47.71
CA THR D 387 -27.84 23.10 47.45
C THR D 387 -27.73 21.89 48.37
N SER D 388 -27.32 20.75 47.78
CA SER D 388 -26.83 19.58 48.51
C SER D 388 -25.46 19.86 49.15
N ALA D 389 -25.25 19.47 50.41
CA ALA D 389 -24.10 19.89 51.22
C ALA D 389 -22.72 19.41 50.69
N GLY D 390 -21.70 20.28 50.76
CA GLY D 390 -20.27 19.92 50.65
C GLY D 390 -19.80 19.28 49.32
N TYR D 391 -20.61 19.41 48.28
CA TYR D 391 -20.72 18.48 47.15
C TYR D 391 -19.43 17.86 46.59
N PHE D 392 -18.36 18.63 46.36
CA PHE D 392 -17.05 18.06 46.03
C PHE D 392 -16.42 17.50 47.30
N HIS D 393 -16.94 16.40 47.85
CA HIS D 393 -16.49 15.90 49.14
C HIS D 393 -15.04 15.41 49.07
N LYS D 394 -14.54 15.20 47.86
CA LYS D 394 -13.12 15.20 47.54
C LYS D 394 -12.82 16.35 46.56
N TRP D 395 -11.62 16.92 46.64
CA TRP D 395 -11.07 17.98 45.75
C TRP D 395 -9.88 17.43 44.92
N ALA D 396 -9.24 18.29 44.12
CA ALA D 396 -7.96 17.97 43.48
C ALA D 396 -7.16 19.23 43.07
N GLU D 397 -5.86 19.07 42.83
CA GLU D 397 -4.99 20.11 42.26
C GLU D 397 -5.22 20.28 40.74
N PHE D 398 -5.47 21.51 40.27
CA PHE D 398 -5.72 21.85 38.86
C PHE D 398 -4.44 21.79 37.98
N GLY D 399 -4.59 22.00 36.67
CA GLY D 399 -3.49 21.86 35.72
C GLY D 399 -3.94 22.14 34.29
N ASN D 400 -2.96 22.16 33.36
CA ASN D 400 -3.12 22.81 32.06
C ASN D 400 -2.46 22.08 30.89
N ARG D 401 -1.81 20.93 31.09
CA ARG D 401 -1.11 20.19 30.02
C ARG D 401 -0.92 18.72 30.34
N LEU D 402 -0.54 17.96 29.30
CA LEU D 402 -0.31 16.49 29.42
C LEU D 402 0.77 16.23 30.48
N PRO D 403 0.89 14.99 31.00
CA PRO D 403 1.89 14.66 32.02
C PRO D 403 3.33 14.84 31.52
N PHE D 404 3.65 14.21 30.37
CA PHE D 404 5.02 14.30 29.80
C PHE D 404 4.96 14.65 28.31
N ASN D 405 3.80 15.10 27.84
CA ASN D 405 3.63 15.49 26.41
C ASN D 405 4.11 14.34 25.51
N SER D 406 5.38 14.38 25.09
CA SER D 406 5.97 13.33 24.23
C SER D 406 7.43 13.06 24.64
N PHE D 407 7.98 11.93 24.22
CA PHE D 407 9.38 11.56 24.56
C PHE D 407 10.33 12.55 23.89
N GLY D 408 11.27 13.11 24.67
CA GLY D 408 12.25 14.08 24.16
C GLY D 408 13.65 13.48 24.04
N THR D 409 14.64 14.32 23.75
CA THR D 409 16.04 13.92 23.60
C THR D 409 16.66 13.51 24.93
N GLY D 410 17.91 13.05 24.91
CA GLY D 410 18.77 13.25 26.08
C GLY D 410 18.76 14.72 26.52
N GLU D 411 18.80 14.95 27.82
CA GLU D 411 18.60 16.29 28.41
C GLU D 411 19.82 17.21 28.24
N SER D 412 21.04 16.66 28.23
CA SER D 412 22.29 17.43 28.11
C SER D 412 23.48 16.62 27.59
N LYS D 413 23.60 15.35 27.99
CA LYS D 413 24.64 14.40 27.55
C LYS D 413 24.37 13.81 26.15
N GLN D 414 25.27 12.94 25.68
CA GLN D 414 25.25 12.26 24.38
C GLN D 414 25.35 13.20 23.14
N ILE D 415 25.86 14.42 23.34
CA ILE D 415 26.25 15.36 22.28
C ILE D 415 27.71 15.11 21.83
N SER D 416 28.20 15.78 20.78
CA SER D 416 29.57 15.60 20.27
C SER D 416 30.64 15.91 21.34
N ASN D 417 31.27 14.87 21.89
CA ASN D 417 32.09 14.95 23.11
C ASN D 417 33.30 15.89 22.94
N SER D 418 33.62 16.68 23.96
CA SER D 418 34.89 17.44 24.03
C SER D 418 36.01 16.57 24.63
N GLY D 419 37.26 16.94 24.35
CA GLY D 419 38.44 16.21 24.83
C GLY D 419 39.59 17.17 25.16
N VAL D 420 39.76 17.49 26.45
CA VAL D 420 40.97 18.13 26.97
C VAL D 420 42.13 17.13 26.95
N PHE D 421 41.93 15.93 27.48
CA PHE D 421 43.05 15.00 27.64
C PHE D 421 43.45 14.30 26.35
N ALA D 422 44.75 14.28 26.07
CA ALA D 422 45.35 13.73 24.86
C ALA D 422 45.33 12.19 24.89
N VAL D 423 44.17 11.58 24.68
CA VAL D 423 43.96 10.13 24.77
C VAL D 423 43.13 9.61 23.60
N GLN D 424 43.62 8.59 22.90
CA GLN D 424 42.90 7.95 21.79
C GLN D 424 41.56 7.36 22.26
N ARG D 425 40.47 7.64 21.55
CA ARG D 425 39.10 7.53 22.09
C ARG D 425 38.02 7.16 21.05
N PRO D 426 37.00 6.37 21.46
CA PRO D 426 35.67 6.38 20.84
C PRO D 426 34.91 7.70 21.09
N SER D 427 33.72 7.85 20.52
CA SER D 427 32.80 8.98 20.78
C SER D 427 31.33 8.58 20.62
N THR D 428 30.44 9.21 21.39
CA THR D 428 28.97 9.14 21.19
C THR D 428 28.57 10.03 20.01
N THR D 429 28.98 9.65 18.80
CA THR D 429 28.86 10.49 17.58
C THR D 429 27.39 10.74 17.25
N ASN D 430 26.98 12.02 17.16
CA ASN D 430 25.58 12.45 17.08
C ASN D 430 25.38 13.66 16.15
N ILE D 431 26.21 13.75 15.09
CA ILE D 431 26.25 14.87 14.13
C ILE D 431 24.89 15.06 13.43
N GLN D 432 24.14 13.97 13.25
CA GLN D 432 22.85 13.95 12.57
C GLN D 432 21.79 14.79 13.30
N ARG D 433 21.58 14.55 14.61
CA ARG D 433 20.66 15.37 15.42
C ARG D 433 21.20 16.78 15.68
N LEU D 434 22.53 16.94 15.75
CA LEU D 434 23.16 18.27 15.80
C LEU D 434 22.78 19.10 14.55
N ALA D 435 22.88 18.51 13.36
CA ALA D 435 22.44 19.14 12.11
C ALA D 435 20.92 19.40 12.07
N GLU D 436 20.08 18.55 12.67
CA GLU D 436 18.66 18.87 12.89
C GLU D 436 18.49 20.13 13.76
N LEU D 437 19.17 20.24 14.90
CA LEU D 437 19.10 21.44 15.76
C LEU D 437 19.50 22.70 14.98
N MET D 438 20.57 22.64 14.18
CA MET D 438 20.95 23.72 13.25
C MET D 438 19.82 24.02 12.25
N ALA D 439 19.22 23.01 11.63
CA ALA D 439 18.14 23.18 10.67
C ALA D 439 16.91 23.86 11.32
N ARG D 440 16.52 23.47 12.54
CA ARG D 440 15.39 24.09 13.25
C ARG D 440 15.70 25.52 13.68
N ASN D 441 16.91 25.83 14.16
CA ASN D 441 17.26 27.20 14.56
C ASN D 441 17.57 28.15 13.38
N THR D 442 17.97 27.62 12.22
CA THR D 442 18.10 28.37 10.95
C THR D 442 16.76 28.56 10.21
N GLY D 443 15.68 27.90 10.65
CA GLY D 443 14.34 28.06 10.08
C GLY D 443 14.08 27.26 8.80
N GLU D 444 14.57 26.01 8.72
CA GLU D 444 14.43 25.16 7.54
C GLU D 444 12.95 25.01 7.11
N THR D 445 12.72 25.13 5.80
CA THR D 445 11.40 25.45 5.20
C THR D 445 10.97 24.48 4.08
N SER D 446 11.88 23.67 3.53
CA SER D 446 11.52 22.70 2.46
C SER D 446 10.89 21.44 3.08
N ASP D 447 9.75 21.02 2.55
CA ASP D 447 9.00 19.81 3.01
C ASP D 447 8.61 19.96 4.49
N ASN D 448 7.55 20.74 4.77
CA ASN D 448 7.07 20.97 6.16
C ASN D 448 5.68 20.37 6.33
N PHE D 449 4.73 20.76 5.47
CA PHE D 449 3.33 20.26 5.54
C PHE D 449 3.34 18.73 5.71
N THR D 450 3.70 18.01 4.65
CA THR D 450 3.74 16.53 4.66
C THR D 450 4.64 16.05 5.82
N GLN D 451 5.83 16.63 5.96
CA GLN D 451 6.79 16.25 7.02
C GLN D 451 6.08 16.24 8.38
N LEU D 452 5.38 17.32 8.69
CA LEU D 452 4.66 17.45 9.95
C LEU D 452 3.41 16.58 9.95
N VAL D 453 2.73 16.36 8.82
CA VAL D 453 1.68 15.35 8.72
C VAL D 453 2.22 14.00 9.14
N GLN D 454 3.35 13.59 8.59
CA GLN D 454 3.97 12.34 8.97
C GLN D 454 4.35 12.36 10.45
N LYS D 455 4.97 13.44 10.93
CA LYS D 455 5.34 13.56 12.34
C LYS D 455 4.13 13.40 13.22
N ILE D 456 2.98 13.97 12.85
CA ILE D 456 1.75 13.78 13.58
C ILE D 456 1.37 12.30 13.59
N ARG D 457 1.37 11.65 12.42
CA ARG D 457 1.02 10.23 12.34
C ARG D 457 1.86 9.41 13.31
N GLU D 458 3.17 9.56 13.23
CA GLU D 458 4.05 8.76 14.07
C GLU D 458 4.03 9.22 15.54
N GLN D 459 3.84 10.50 15.83
CA GLN D 459 3.70 10.98 17.19
C GLN D 459 2.47 10.34 17.84
N VAL D 460 1.36 10.26 17.12
CA VAL D 460 0.17 9.58 17.61
C VAL D 460 0.52 8.15 17.99
N GLY D 461 1.22 7.42 17.13
CA GLY D 461 1.67 6.07 17.45
C GLY D 461 2.56 6.03 18.70
N ALA D 462 3.52 6.93 18.79
CA ALA D 462 4.39 7.00 19.95
C ALA D 462 3.57 7.26 21.21
N PHE D 463 2.63 8.19 21.14
CA PHE D 463 1.73 8.48 22.24
C PHE D 463 0.87 7.26 22.58
N ALA D 464 0.43 6.53 21.57
CA ALA D 464 -0.33 5.30 21.75
C ALA D 464 0.51 4.21 22.44
N ASP D 465 1.83 4.34 22.45
CA ASP D 465 2.67 3.60 23.37
C ASP D 465 2.71 4.30 24.73
N GLN D 466 3.04 5.60 24.75
CA GLN D 466 3.31 6.41 25.94
C GLN D 466 2.16 6.49 26.95
N LYS D 467 0.93 6.21 26.49
CA LYS D 467 -0.26 6.05 27.33
C LYS D 467 -0.02 5.15 28.54
N ALA D 468 0.91 4.20 28.42
CA ALA D 468 1.33 3.32 29.49
C ALA D 468 1.59 4.04 30.82
N ASN D 469 2.03 5.30 30.78
CA ASN D 469 2.19 6.11 31.98
C ASN D 469 1.67 7.54 31.84
N LEU D 470 1.22 7.98 30.67
CA LEU D 470 0.80 9.37 30.43
C LEU D 470 -0.54 9.71 31.13
N ARG D 471 -0.54 10.04 32.44
CA ARG D 471 -1.76 10.09 33.28
C ARG D 471 -1.97 11.31 34.22
N GLU D 472 -1.02 11.81 35.00
CA GLU D 472 -1.14 13.09 35.75
C GLU D 472 0.20 13.71 36.08
N PHE D 473 0.21 14.95 36.57
CA PHE D 473 1.33 15.35 37.42
C PHE D 473 1.45 14.37 38.59
N THR D 474 2.64 13.80 38.79
CA THR D 474 2.92 12.51 39.47
C THR D 474 2.50 12.39 40.94
N GLY D 475 2.11 13.50 41.60
CA GLY D 475 1.51 13.49 42.94
C GLY D 475 -0.03 13.33 42.95
N GLY D 476 -0.64 13.02 41.81
CA GLY D 476 -2.03 13.31 41.55
C GLY D 476 -3.01 12.30 42.13
N TYR D 477 -3.89 12.74 43.03
CA TYR D 477 -4.98 11.93 43.55
C TYR D 477 -6.18 12.78 44.02
N ILE D 478 -7.35 12.15 44.23
CA ILE D 478 -8.58 12.81 44.73
C ILE D 478 -8.67 12.87 46.27
N TYR D 479 -7.91 13.78 46.87
CA TYR D 479 -7.86 13.94 48.32
C TYR D 479 -9.18 14.48 48.91
N ASP D 480 -9.47 14.14 50.17
CA ASP D 480 -10.65 14.58 50.90
C ASP D 480 -10.68 16.10 51.14
N ILE D 481 -11.85 16.68 51.41
CA ILE D 481 -11.94 18.08 51.86
C ILE D 481 -11.29 18.30 53.23
N THR D 482 -11.24 17.26 54.06
CA THR D 482 -10.37 17.21 55.26
C THR D 482 -8.87 17.10 54.91
N ASP D 483 -8.51 17.08 53.63
CA ASP D 483 -7.17 16.76 53.13
C ASP D 483 -6.75 17.56 51.89
N VAL D 484 -6.95 18.88 51.94
CA VAL D 484 -6.16 19.79 51.11
C VAL D 484 -4.66 19.58 51.32
N THR D 485 -4.30 18.99 52.46
CA THR D 485 -2.98 18.51 52.82
C THR D 485 -2.47 17.35 51.99
N LYS D 486 -3.20 16.85 50.99
CA LYS D 486 -2.72 15.81 50.05
C LYS D 486 -2.16 14.53 50.73
N SER D 487 -2.66 14.20 51.91
CA SER D 487 -2.21 13.13 52.80
C SER D 487 -2.66 11.72 52.38
N ASN D 488 -3.79 11.62 51.66
CA ASN D 488 -4.54 10.39 51.40
C ASN D 488 -4.58 10.02 49.89
N PRO D 489 -3.45 9.68 49.24
CA PRO D 489 -3.43 9.42 47.80
C PRO D 489 -4.22 8.15 47.44
N LYS D 490 -5.25 8.28 46.58
CA LYS D 490 -6.15 7.19 46.14
C LYS D 490 -6.67 7.38 44.70
N ILE D 491 -6.83 6.28 43.98
CA ILE D 491 -7.15 6.22 42.54
C ILE D 491 -8.67 6.24 42.30
N PRO D 492 -9.21 6.83 41.20
CA PRO D 492 -10.65 6.86 40.92
C PRO D 492 -11.28 5.48 40.64
N GLN D 493 -10.72 4.73 39.68
CA GLN D 493 -11.25 3.44 39.22
C GLN D 493 -10.13 2.49 38.79
N LEU D 494 -10.35 1.18 38.94
CA LEU D 494 -9.51 0.11 38.39
C LEU D 494 -9.88 -0.21 36.92
N GLY D 495 -11.18 -0.23 36.61
CA GLY D 495 -11.75 -0.62 35.32
C GLY D 495 -13.07 -1.38 35.45
N GLY D 496 -13.40 -2.21 34.45
CA GLY D 496 -14.50 -3.17 34.50
C GLY D 496 -14.22 -4.40 35.39
N THR E 8 -41.53 34.70 6.03
CA THR E 8 -41.24 34.32 4.62
C THR E 8 -42.19 33.24 4.06
N PRO E 9 -42.59 32.15 4.76
CA PRO E 9 -43.40 31.11 4.12
C PRO E 9 -44.75 31.59 3.58
N GLU E 10 -45.38 32.55 4.22
CA GLU E 10 -46.61 33.19 3.76
C GLU E 10 -46.40 33.81 2.37
N GLU E 11 -45.31 34.54 2.21
CA GLU E 11 -44.92 35.11 0.92
C GLU E 11 -44.53 34.01 -0.09
N GLN E 12 -43.97 32.89 0.38
CA GLN E 12 -43.78 31.75 -0.50
C GLN E 12 -45.13 31.20 -0.98
N ARG E 13 -46.13 31.05 -0.11
CA ARG E 13 -47.50 30.66 -0.50
C ARG E 13 -48.11 31.65 -1.48
N ALA E 14 -47.85 32.94 -1.32
CA ALA E 14 -48.31 33.96 -2.25
C ALA E 14 -47.66 33.81 -3.64
N LYS E 15 -46.34 33.66 -3.74
CA LYS E 15 -45.63 33.44 -5.02
C LYS E 15 -46.08 32.14 -5.68
N ASN E 16 -46.27 31.09 -4.89
CA ASN E 16 -46.87 29.84 -5.34
C ASN E 16 -48.29 30.09 -5.87
N ALA E 17 -49.15 30.80 -5.14
CA ALA E 17 -50.51 31.10 -5.59
C ALA E 17 -50.49 31.86 -6.91
N LYS E 18 -49.63 32.88 -7.08
CA LYS E 18 -49.45 33.56 -8.37
C LYS E 18 -49.00 32.60 -9.47
N THR E 19 -48.05 31.74 -9.19
CA THR E 19 -47.57 30.71 -10.11
C THR E 19 -48.71 29.83 -10.59
N ILE E 20 -49.56 29.35 -9.68
CA ILE E 20 -50.73 28.53 -10.01
C ILE E 20 -51.78 29.36 -10.76
N LEU E 21 -52.03 30.60 -10.33
CA LEU E 21 -52.97 31.50 -11.01
C LEU E 21 -52.56 31.73 -12.45
N GLU E 22 -51.27 31.85 -12.70
CA GLU E 22 -50.74 31.91 -14.06
C GLU E 22 -51.07 30.63 -14.82
N ASN E 23 -50.81 29.48 -14.23
CA ASN E 23 -51.15 28.21 -14.86
C ASN E 23 -52.66 28.12 -15.15
N ILE E 24 -53.49 28.59 -14.21
CA ILE E 24 -54.94 28.67 -14.34
C ILE E 24 -55.31 29.59 -15.50
N GLN E 25 -54.74 30.79 -15.57
CA GLN E 25 -55.05 31.74 -16.64
C GLN E 25 -54.67 31.16 -18.01
N ILE E 26 -53.49 30.54 -18.10
CA ILE E 26 -53.06 29.82 -19.29
C ILE E 26 -54.10 28.77 -19.66
N TYR E 27 -54.46 27.91 -18.71
CA TYR E 27 -55.41 26.83 -18.94
C TYR E 27 -56.79 27.37 -19.36
N GLU E 28 -57.33 28.40 -18.71
CA GLU E 28 -58.60 29.00 -19.10
C GLU E 28 -58.53 29.46 -20.55
N ARG E 29 -57.45 30.16 -20.88
CA ARG E 29 -57.23 30.61 -22.25
C ARG E 29 -57.09 29.43 -23.19
N MET E 30 -56.35 28.40 -22.81
CA MET E 30 -56.21 27.19 -23.62
C MET E 30 -57.58 26.54 -23.86
N CYS E 31 -58.43 26.50 -22.83
CA CYS E 31 -59.74 25.87 -22.91
C CYS E 31 -60.62 26.63 -23.88
N ASP E 32 -60.70 27.93 -23.74
CA ASP E 32 -61.40 28.74 -24.73
C ASP E 32 -60.75 28.61 -26.12
N LEU E 33 -59.43 28.53 -26.23
CA LEU E 33 -58.70 28.49 -27.50
C LEU E 33 -59.06 27.25 -28.33
N PHE E 34 -59.13 26.07 -27.71
CA PHE E 34 -59.59 24.86 -28.41
C PHE E 34 -61.11 24.69 -28.42
N GLY E 35 -61.87 25.60 -27.82
CA GLY E 35 -63.35 25.58 -27.85
C GLY E 35 -63.99 24.67 -26.80
N VAL E 36 -63.31 24.41 -25.68
CA VAL E 36 -63.76 23.48 -24.64
C VAL E 36 -65.02 24.00 -23.93
N SER E 37 -66.06 23.16 -23.77
CA SER E 37 -67.30 23.53 -23.06
C SER E 37 -67.06 23.79 -21.57
N GLU E 38 -67.85 24.68 -20.96
CA GLU E 38 -67.55 25.24 -19.65
C GLU E 38 -67.37 24.15 -18.60
N ASP E 39 -68.28 23.20 -18.54
CA ASP E 39 -68.16 22.05 -17.67
C ASP E 39 -66.97 21.18 -18.08
N ASP E 40 -66.77 20.95 -19.37
CA ASP E 40 -65.65 20.14 -19.85
C ASP E 40 -64.28 20.74 -19.50
N LYS E 41 -64.20 22.01 -19.15
CA LYS E 41 -62.94 22.60 -18.68
C LYS E 41 -62.40 21.90 -17.44
N LEU E 42 -63.27 21.40 -16.57
CA LEU E 42 -62.87 20.73 -15.31
C LEU E 42 -62.08 19.44 -15.57
N ILE E 43 -62.18 18.89 -16.76
CA ILE E 43 -61.79 17.52 -17.00
C ILE E 43 -60.28 17.38 -16.85
N ILE E 44 -59.89 16.42 -16.01
CA ILE E 44 -58.49 16.10 -15.77
C ILE E 44 -57.82 15.62 -17.07
N GLU E 45 -58.48 14.80 -17.87
CA GLU E 45 -58.00 14.43 -19.21
C GLU E 45 -57.70 15.69 -20.04
N ASN E 46 -58.53 16.73 -19.98
CA ASN E 46 -58.25 17.99 -20.65
C ASN E 46 -57.01 18.66 -20.05
N SER E 47 -56.84 18.65 -18.72
CA SER E 47 -55.61 19.09 -18.09
C SER E 47 -54.40 18.44 -18.73
N ILE E 48 -54.41 17.11 -18.75
CA ILE E 48 -53.33 16.32 -19.30
C ILE E 48 -53.11 16.71 -20.76
N SER E 49 -54.15 16.78 -21.58
CA SER E 49 -54.00 17.11 -22.99
C SER E 49 -53.34 18.46 -23.20
N ILE E 50 -53.71 19.50 -22.44
CA ILE E 50 -53.07 20.80 -22.58
C ILE E 50 -51.60 20.71 -22.15
N GLU E 51 -51.36 20.10 -21.00
CA GLU E 51 -50.02 19.94 -20.48
C GLU E 51 -49.13 19.21 -21.49
N ARG E 52 -49.67 18.15 -22.11
CA ARG E 52 -49.01 17.38 -23.17
C ARG E 52 -48.63 18.29 -24.32
N MET E 53 -49.59 19.03 -24.84
CA MET E 53 -49.35 19.93 -25.96
C MET E 53 -48.24 20.91 -25.62
N ILE E 54 -48.25 21.45 -24.40
CA ILE E 54 -47.22 22.39 -23.96
C ILE E 54 -45.86 21.71 -23.97
N ARG E 55 -45.73 20.46 -23.53
CA ARG E 55 -44.44 19.76 -23.63
C ARG E 55 -43.96 19.75 -25.08
N VAL E 56 -44.80 19.31 -26.02
CA VAL E 56 -44.43 19.18 -27.44
C VAL E 56 -43.89 20.50 -27.96
N VAL E 57 -44.63 21.58 -27.72
CA VAL E 57 -44.24 22.93 -28.14
C VAL E 57 -42.90 23.32 -27.51
N THR E 58 -42.71 23.02 -26.23
CA THR E 58 -41.52 23.44 -25.46
C THR E 58 -40.32 22.50 -25.60
N ASP E 59 -40.45 21.38 -26.32
CA ASP E 59 -39.37 20.40 -26.51
C ASP E 59 -38.24 20.89 -27.45
N LYS E 60 -37.44 21.87 -27.02
CA LYS E 60 -36.40 22.55 -27.82
C LYS E 60 -35.48 21.60 -28.59
N LYS E 61 -35.01 20.54 -27.92
CA LYS E 61 -34.25 19.44 -28.53
C LYS E 61 -34.96 18.78 -29.70
N TYR E 62 -36.20 18.33 -29.48
CA TYR E 62 -36.98 17.70 -30.53
C TYR E 62 -37.37 18.71 -31.63
N GLN E 63 -37.52 19.99 -31.33
CA GLN E 63 -37.68 21.02 -32.36
C GLN E 63 -36.42 21.16 -33.24
N ASP E 64 -35.20 21.06 -32.68
CA ASP E 64 -33.96 21.03 -33.48
C ASP E 64 -33.95 19.86 -34.48
N LYS E 65 -34.41 18.70 -34.02
CA LYS E 65 -34.44 17.46 -34.77
C LYS E 65 -35.52 17.50 -35.86
N LYS E 66 -36.69 18.05 -35.51
CA LYS E 66 -37.82 18.31 -36.41
C LYS E 66 -37.36 19.16 -37.58
N LEU E 67 -36.69 20.28 -37.30
CA LEU E 67 -36.09 21.12 -38.34
C LEU E 67 -35.14 20.31 -39.22
N LYS E 68 -34.29 19.47 -38.63
CA LYS E 68 -33.34 18.64 -39.38
C LYS E 68 -34.03 17.76 -40.44
N ASN E 69 -35.20 17.21 -40.15
CA ASN E 69 -35.99 16.39 -41.09
C ASN E 69 -37.17 17.12 -41.77
N ALA E 70 -37.39 18.41 -41.48
CA ALA E 70 -38.54 19.14 -42.03
C ALA E 70 -38.46 19.27 -43.56
N GLY E 71 -37.26 19.24 -44.14
CA GLY E 71 -37.03 19.11 -45.58
C GLY E 71 -37.66 20.21 -46.44
N SER E 72 -37.96 19.86 -47.69
CA SER E 72 -38.63 20.75 -48.67
C SER E 72 -40.16 20.64 -48.68
N ASP E 73 -40.75 19.67 -47.98
CA ASP E 73 -42.16 19.31 -48.14
C ASP E 73 -43.12 20.39 -47.57
N PRO E 74 -43.99 21.01 -48.40
CA PRO E 74 -44.94 22.01 -47.91
C PRO E 74 -45.95 21.44 -46.90
N GLU E 75 -46.22 20.13 -46.88
CA GLU E 75 -47.05 19.52 -45.84
C GLU E 75 -46.33 19.47 -44.48
N LYS E 76 -45.01 19.24 -44.44
CA LYS E 76 -44.21 19.33 -43.21
C LYS E 76 -44.20 20.75 -42.67
N ILE E 77 -44.02 21.73 -43.55
CA ILE E 77 -43.94 23.15 -43.21
C ILE E 77 -45.28 23.68 -42.64
N ALA E 78 -46.42 23.35 -43.24
CA ALA E 78 -47.73 23.76 -42.71
C ALA E 78 -48.03 23.15 -41.34
N ASN E 79 -47.74 21.86 -41.17
CA ASN E 79 -47.91 21.20 -39.88
C ASN E 79 -46.86 21.63 -38.83
N ALA E 80 -45.79 22.34 -39.21
CA ALA E 80 -44.95 23.03 -38.25
C ALA E 80 -45.63 24.28 -37.65
N GLY E 81 -46.57 24.89 -38.38
CA GLY E 81 -47.36 26.03 -37.91
C GLY E 81 -48.60 25.62 -37.09
N LYS E 82 -49.35 24.62 -37.56
CA LYS E 82 -50.46 24.03 -36.81
C LYS E 82 -49.96 23.43 -35.50
N VAL E 83 -50.79 23.50 -34.46
CA VAL E 83 -50.65 22.68 -33.25
C VAL E 83 -51.99 22.00 -32.95
N PHE E 84 -51.95 20.68 -32.79
CA PHE E 84 -53.13 19.86 -32.48
C PHE E 84 -53.27 19.59 -30.99
N CYS E 85 -54.52 19.51 -30.53
CA CYS E 85 -54.85 19.07 -29.18
C CYS E 85 -56.12 18.19 -29.17
N ARG E 86 -55.93 16.90 -28.93
CA ARG E 86 -57.01 15.92 -28.66
C ARG E 86 -57.58 16.18 -27.26
N LEU E 87 -58.84 16.61 -27.19
CA LEU E 87 -59.53 17.05 -25.97
C LEU E 87 -60.87 16.34 -25.80
N VAL E 88 -61.36 16.21 -24.57
CA VAL E 88 -62.70 15.71 -24.26
C VAL E 88 -63.76 16.78 -24.51
N GLU E 89 -64.84 16.40 -25.19
CA GLU E 89 -66.06 17.17 -25.36
C GLU E 89 -67.28 16.28 -25.01
N SER E 90 -68.28 16.85 -24.32
CA SER E 90 -69.43 16.09 -23.82
C SER E 90 -70.76 16.61 -24.34
N THR E 91 -71.76 15.73 -24.37
CA THR E 91 -73.14 16.00 -24.80
C THR E 91 -74.06 14.92 -24.27
N ALA E 92 -75.22 15.29 -23.71
CA ALA E 92 -76.26 14.36 -23.24
C ALA E 92 -75.75 13.29 -22.25
N GLY E 93 -74.75 13.64 -21.42
CA GLY E 93 -74.05 12.73 -20.51
C GLY E 93 -73.01 11.82 -21.17
N LYS E 94 -73.00 11.71 -22.50
CA LYS E 94 -71.97 11.06 -23.30
C LYS E 94 -70.76 11.97 -23.54
N CYS E 95 -69.62 11.38 -23.89
CA CYS E 95 -68.39 12.10 -24.17
C CYS E 95 -67.56 11.47 -25.29
N SER E 96 -66.71 12.29 -25.88
CA SER E 96 -65.87 11.97 -27.02
C SER E 96 -64.65 12.87 -27.05
N ALA E 97 -63.70 12.56 -27.92
CA ALA E 97 -62.65 13.44 -28.35
C ALA E 97 -63.15 14.52 -29.34
N ARG E 98 -62.44 15.66 -29.39
CA ARG E 98 -62.31 16.51 -30.58
C ARG E 98 -60.86 16.92 -30.79
N LEU E 99 -60.43 16.93 -32.04
CA LEU E 99 -59.15 17.47 -32.46
C LEU E 99 -59.26 19.01 -32.50
N GLY E 100 -59.03 19.66 -31.37
CA GLY E 100 -58.79 21.09 -31.36
C GLY E 100 -57.52 21.42 -32.17
N MET E 101 -57.51 22.56 -32.87
CA MET E 101 -56.32 23.10 -33.55
C MET E 101 -56.18 24.60 -33.32
N ALA E 102 -54.96 25.04 -33.04
CA ALA E 102 -54.56 26.43 -32.93
C ALA E 102 -53.13 26.57 -33.48
N LEU E 103 -52.75 27.75 -33.94
CA LEU E 103 -51.38 27.93 -34.43
C LEU E 103 -50.41 28.01 -33.26
N LYS E 104 -49.15 27.59 -33.46
CA LYS E 104 -48.10 27.74 -32.44
C LYS E 104 -48.06 29.18 -31.89
N PRO E 105 -48.10 30.24 -32.70
CA PRO E 105 -48.24 31.59 -32.21
C PRO E 105 -49.43 31.83 -31.30
N ASN E 106 -50.57 31.15 -31.47
CA ASN E 106 -51.70 31.27 -30.53
C ASN E 106 -51.27 30.78 -29.14
N VAL E 107 -50.63 29.61 -29.07
CA VAL E 107 -50.13 29.02 -27.81
C VAL E 107 -49.05 29.92 -27.21
N GLU E 108 -48.10 30.36 -28.04
CA GLU E 108 -47.05 31.28 -27.62
C GLU E 108 -47.62 32.59 -27.09
N ALA E 109 -48.69 33.12 -27.69
CA ALA E 109 -49.33 34.34 -27.21
C ALA E 109 -49.81 34.12 -25.78
N VAL E 110 -50.63 33.12 -25.52
CA VAL E 110 -51.10 32.84 -24.16
C VAL E 110 -49.92 32.73 -23.20
N LEU E 111 -48.89 31.96 -23.57
CA LEU E 111 -47.74 31.74 -22.70
C LEU E 111 -46.96 33.03 -22.46
N THR E 112 -46.54 33.71 -23.53
CA THR E 112 -45.82 34.97 -23.43
C THR E 112 -46.65 36.04 -22.74
N ASP E 113 -47.98 36.03 -22.88
CA ASP E 113 -48.85 36.98 -22.21
C ASP E 113 -48.83 36.80 -20.70
N VAL E 114 -48.95 35.55 -20.22
CA VAL E 114 -49.13 35.27 -18.80
C VAL E 114 -47.80 35.14 -18.03
N LEU E 115 -46.77 34.57 -18.66
CA LEU E 115 -45.44 34.34 -18.06
C LEU E 115 -44.38 35.39 -18.49
N GLY E 116 -44.77 36.33 -19.36
CA GLY E 116 -43.87 37.33 -19.95
C GLY E 116 -43.27 36.88 -21.29
N ASN E 117 -42.95 37.86 -22.13
CA ASN E 117 -42.40 37.65 -23.49
C ASN E 117 -41.15 36.75 -23.45
N GLU E 118 -40.29 36.96 -22.46
CA GLU E 118 -39.10 36.16 -22.17
C GLU E 118 -39.47 34.80 -21.57
N LEU E 119 -40.21 33.99 -22.32
CA LEU E 119 -40.26 32.54 -22.11
C LEU E 119 -38.86 31.90 -22.20
N ASP E 120 -37.93 32.58 -22.87
CA ASP E 120 -36.48 32.34 -22.83
C ASP E 120 -35.87 32.36 -21.41
N ARG E 121 -36.58 32.88 -20.40
CA ARG E 121 -36.36 32.55 -18.99
C ARG E 121 -36.77 31.09 -18.75
N ALA E 122 -35.98 30.19 -19.31
CA ALA E 122 -36.08 28.75 -19.21
C ALA E 122 -36.40 28.27 -17.78
N ALA E 123 -35.89 28.95 -16.75
CA ALA E 123 -36.23 28.68 -15.37
C ALA E 123 -37.74 28.81 -15.09
N VAL E 124 -38.36 29.92 -15.48
CA VAL E 124 -39.75 30.23 -15.09
C VAL E 124 -40.74 29.27 -15.75
N LEU E 125 -40.62 29.06 -17.06
CA LEU E 125 -41.48 28.11 -17.77
C LEU E 125 -41.10 26.67 -17.41
N GLY E 126 -39.81 26.34 -17.40
CA GLY E 126 -39.32 24.98 -17.18
C GLY E 126 -39.58 24.45 -15.78
N LYS E 127 -39.58 25.29 -14.74
CA LYS E 127 -39.91 24.88 -13.37
C LYS E 127 -41.31 24.29 -13.33
N ARG E 128 -42.31 25.11 -13.65
CA ARG E 128 -43.72 24.68 -13.66
C ARG E 128 -43.99 23.55 -14.67
N MET E 129 -43.37 23.59 -15.84
CA MET E 129 -43.54 22.49 -16.80
C MET E 129 -42.84 21.20 -16.38
N GLY E 130 -41.72 21.27 -15.67
CA GLY E 130 -41.06 20.13 -15.07
C GLY E 130 -42.00 19.44 -14.10
N PHE E 131 -42.70 20.21 -13.26
CA PHE E 131 -43.66 19.65 -12.31
C PHE E 131 -44.82 18.91 -13.03
N SER E 132 -45.35 19.50 -14.10
CA SER E 132 -46.37 18.87 -14.94
C SER E 132 -45.85 17.61 -15.65
N ALA E 133 -44.68 17.69 -16.28
CA ALA E 133 -44.05 16.57 -16.97
C ALA E 133 -43.76 15.42 -15.99
N MET E 134 -43.35 15.76 -14.78
CA MET E 134 -43.18 14.82 -13.69
C MET E 134 -44.51 14.16 -13.37
N PHE E 135 -45.59 14.90 -13.16
CA PHE E 135 -46.91 14.30 -12.97
C PHE E 135 -47.28 13.33 -14.11
N LYS E 136 -47.01 13.69 -15.38
CA LYS E 136 -47.26 12.78 -16.50
C LYS E 136 -46.38 11.54 -16.41
N SER E 137 -45.11 11.72 -16.10
CA SER E 137 -44.21 10.62 -15.83
C SER E 137 -44.72 9.73 -14.71
N ASN E 138 -45.26 10.29 -13.62
CA ASN E 138 -45.86 9.52 -12.52
C ASN E 138 -47.02 8.65 -13.06
N LEU E 139 -47.94 9.26 -13.80
CA LEU E 139 -49.13 8.58 -14.30
C LEU E 139 -48.75 7.47 -15.30
N GLU E 140 -47.82 7.74 -16.21
CA GLU E 140 -47.24 6.72 -17.08
C GLU E 140 -46.67 5.54 -16.28
N GLU E 141 -45.92 5.85 -15.23
CA GLU E 141 -45.26 4.84 -14.41
C GLU E 141 -46.27 3.91 -13.75
N VAL E 142 -47.31 4.46 -13.14
CA VAL E 142 -48.38 3.63 -12.58
C VAL E 142 -49.11 2.88 -13.70
N LEU E 143 -49.30 3.50 -14.87
CA LEU E 143 -50.04 2.88 -15.97
C LEU E 143 -49.34 1.63 -16.49
N TYR E 144 -48.14 1.75 -17.03
CA TYR E 144 -47.67 0.74 -17.98
C TYR E 144 -46.20 0.30 -17.84
N GLN E 145 -45.60 0.51 -16.66
CA GLN E 145 -44.26 -0.02 -16.30
C GLN E 145 -43.18 0.30 -17.35
N ARG E 146 -43.39 1.40 -18.07
CA ARG E 146 -42.53 2.07 -19.05
C ARG E 146 -41.93 1.20 -20.18
N GLY E 147 -42.58 0.11 -20.57
CA GLY E 147 -42.03 -0.91 -21.47
C GLY E 147 -41.34 -0.36 -22.72
N LYS E 148 -42.03 0.40 -23.56
CA LYS E 148 -41.45 0.94 -24.79
C LYS E 148 -40.29 1.89 -24.59
N ASN E 149 -40.18 2.54 -23.44
CA ASN E 149 -38.98 3.29 -23.08
C ASN E 149 -37.86 2.38 -22.56
N GLN E 150 -38.15 1.40 -21.70
CA GLN E 150 -37.13 0.49 -21.17
C GLN E 150 -36.55 -0.44 -22.24
N LEU E 151 -37.24 -0.72 -23.36
CA LEU E 151 -36.60 -1.38 -24.51
C LEU E 151 -35.39 -0.58 -25.03
N LYS E 152 -35.39 0.75 -24.87
CA LYS E 152 -34.23 1.64 -25.08
C LYS E 152 -33.34 1.72 -23.84
N LYS E 153 -33.92 1.92 -22.65
CA LYS E 153 -33.19 2.21 -21.38
C LYS E 153 -32.69 0.99 -20.59
N ARG E 154 -32.94 -0.22 -21.11
CA ARG E 154 -32.19 -1.47 -20.92
C ARG E 154 -32.15 -2.07 -19.51
N ASN E 155 -33.11 -1.77 -18.63
CA ASN E 155 -33.07 -2.24 -17.23
C ASN E 155 -34.43 -2.72 -16.68
N ALA E 156 -34.38 -3.57 -15.65
CA ALA E 156 -35.48 -4.44 -15.20
C ALA E 156 -36.39 -3.85 -14.09
N ALA E 157 -37.39 -4.63 -13.66
CA ALA E 157 -38.54 -4.15 -12.88
C ALA E 157 -38.16 -3.48 -11.55
N GLU E 158 -37.24 -4.05 -10.80
CA GLU E 158 -36.77 -3.44 -9.55
C GLU E 158 -36.12 -2.09 -9.84
N THR E 159 -35.28 -2.00 -10.86
CA THR E 159 -34.69 -0.72 -11.26
C THR E 159 -35.79 0.27 -11.62
N PHE E 160 -36.82 -0.19 -12.33
CA PHE E 160 -37.98 0.62 -12.68
C PHE E 160 -38.66 1.17 -11.41
N THR E 161 -38.84 0.36 -10.37
CA THR E 161 -39.49 0.86 -9.15
C THR E 161 -38.77 2.03 -8.52
N LEU E 162 -37.44 2.01 -8.51
CA LEU E 162 -36.65 3.12 -7.97
C LEU E 162 -36.56 4.31 -8.92
N SER E 163 -37.03 4.17 -10.15
CA SER E 163 -36.86 5.19 -11.19
C SER E 163 -38.08 6.07 -11.32
N GLN E 164 -38.56 6.60 -10.19
CA GLN E 164 -39.70 7.51 -10.20
C GLN E 164 -39.33 8.79 -10.99
N GLY E 165 -40.14 9.16 -11.96
CA GLY E 165 -39.90 10.29 -12.86
C GLY E 165 -39.05 9.99 -14.09
N ALA E 166 -38.58 8.76 -14.31
CA ALA E 166 -37.74 8.46 -15.48
C ALA E 166 -38.49 8.36 -16.82
N SER E 167 -39.80 8.62 -16.88
CA SER E 167 -40.51 8.79 -18.17
C SER E 167 -40.26 10.16 -18.81
N LEU E 168 -39.72 11.13 -18.06
CA LEU E 168 -39.43 12.50 -18.50
C LEU E 168 -38.54 12.59 -19.74
N GLU E 169 -38.83 13.53 -20.63
CA GLU E 169 -37.84 14.01 -21.59
C GLU E 169 -36.59 14.56 -20.88
N ALA E 170 -35.42 14.33 -21.48
CA ALA E 170 -34.12 14.54 -20.86
C ALA E 170 -33.99 15.93 -20.21
N ARG E 171 -34.41 16.97 -20.91
CA ARG E 171 -34.34 18.36 -20.47
C ARG E 171 -34.95 18.60 -19.09
N PHE E 172 -35.99 17.86 -18.74
CA PHE E 172 -36.62 18.02 -17.44
C PHE E 172 -35.82 17.39 -16.32
N ARG E 173 -35.01 16.36 -16.61
CA ARG E 173 -34.32 15.59 -15.58
C ARG E 173 -33.39 16.47 -14.74
N PRO E 174 -32.62 17.41 -15.32
CA PRO E 174 -31.90 18.43 -14.56
C PRO E 174 -32.80 19.29 -13.67
N ILE E 175 -33.95 19.73 -14.18
CA ILE E 175 -34.87 20.62 -13.46
C ILE E 175 -35.42 19.91 -12.20
N MET E 176 -35.81 18.64 -12.34
CA MET E 176 -36.52 17.88 -11.30
C MET E 176 -35.63 17.28 -10.21
N GLU E 177 -34.37 17.70 -10.07
CA GLU E 177 -33.30 17.02 -9.35
C GLU E 177 -33.69 16.35 -8.02
N LYS E 178 -34.49 17.04 -7.20
CA LYS E 178 -34.81 16.65 -5.83
C LYS E 178 -35.77 15.46 -5.74
N HIS E 179 -36.74 15.39 -6.63
CA HIS E 179 -37.91 14.51 -6.44
C HIS E 179 -37.82 13.19 -7.19
N LEU E 180 -37.01 13.12 -8.24
CA LEU E 180 -36.80 11.89 -9.01
C LEU E 180 -36.29 10.76 -8.10
N GLY E 181 -36.85 9.56 -8.27
CA GLY E 181 -36.39 8.36 -7.57
C GLY E 181 -34.97 8.04 -7.99
N VAL E 182 -34.14 7.55 -7.08
CA VAL E 182 -32.68 7.38 -7.29
C VAL E 182 -32.37 6.59 -8.56
N GLY E 183 -33.20 5.59 -8.84
CA GLY E 183 -33.10 4.76 -10.04
C GLY E 183 -33.11 5.58 -11.32
N THR E 184 -33.84 6.68 -11.36
CA THR E 184 -33.91 7.57 -12.51
C THR E 184 -32.52 8.08 -12.86
N VAL E 185 -31.81 8.58 -11.86
CA VAL E 185 -30.44 9.06 -12.01
C VAL E 185 -29.54 7.91 -12.42
N VAL E 186 -29.65 6.78 -11.72
CA VAL E 186 -28.81 5.61 -11.96
C VAL E 186 -28.94 5.10 -13.38
N ALA E 187 -30.18 4.89 -13.83
CA ALA E 187 -30.51 4.47 -15.17
C ALA E 187 -29.95 5.46 -16.17
N SER E 188 -30.11 6.75 -15.88
CA SER E 188 -29.52 7.79 -16.72
C SER E 188 -28.02 7.59 -16.85
N ILE E 189 -27.28 7.43 -15.76
CA ILE E 189 -25.82 7.24 -15.82
C ILE E 189 -25.48 6.01 -16.66
N LYS E 190 -26.16 4.89 -16.40
CA LYS E 190 -25.89 3.64 -17.12
C LYS E 190 -26.13 3.81 -18.62
N ASN E 191 -27.19 4.50 -18.98
CA ASN E 191 -27.47 4.80 -20.37
C ASN E 191 -26.52 5.86 -20.95
N ILE E 192 -25.98 6.78 -20.16
CA ILE E 192 -24.94 7.71 -20.62
C ILE E 192 -23.69 6.94 -21.05
N LEU E 193 -23.28 5.91 -20.30
CA LEU E 193 -22.16 5.05 -20.70
C LEU E 193 -22.43 4.32 -22.01
N ALA E 194 -23.66 3.87 -22.23
CA ALA E 194 -24.06 3.31 -23.52
C ALA E 194 -24.00 4.39 -24.62
N SER E 195 -24.46 5.61 -24.36
CA SER E 195 -24.35 6.72 -25.31
C SER E 195 -22.92 7.04 -25.69
N LYS E 196 -21.98 6.96 -24.75
CA LYS E 196 -20.54 7.09 -25.05
C LYS E 196 -20.03 6.03 -26.02
N LYS E 197 -20.64 4.84 -26.12
CA LYS E 197 -20.40 3.92 -27.23
C LYS E 197 -21.18 4.33 -28.47
N ASN E 198 -22.48 4.53 -28.34
CA ASN E 198 -23.42 4.52 -29.46
C ASN E 198 -23.49 5.83 -30.26
N GLY E 199 -23.12 6.96 -29.67
CA GLY E 199 -23.15 8.28 -30.34
C GLY E 199 -24.57 8.86 -30.60
N ASN E 200 -25.60 8.27 -30.02
CA ASN E 200 -27.01 8.70 -30.06
C ASN E 200 -27.32 9.94 -29.21
N TYR E 201 -26.33 10.77 -28.93
CA TYR E 201 -26.36 11.83 -27.94
C TYR E 201 -25.40 12.96 -28.28
N ARG E 202 -25.65 14.15 -27.73
CA ARG E 202 -24.68 15.23 -27.57
C ARG E 202 -24.41 15.49 -26.09
N ASN E 203 -23.16 15.37 -25.66
CA ASN E 203 -22.72 15.77 -24.32
C ASN E 203 -22.72 17.32 -24.15
N LYS E 204 -22.74 17.82 -22.91
CA LYS E 204 -23.20 19.19 -22.55
C LYS E 204 -22.55 19.75 -21.27
N MET E 205 -22.76 21.04 -20.98
CA MET E 205 -22.32 21.72 -19.75
C MET E 205 -23.39 22.71 -19.23
N VAL E 206 -23.61 22.75 -17.91
CA VAL E 206 -24.64 23.57 -17.23
C VAL E 206 -24.15 24.15 -15.88
N ARG E 207 -24.91 25.12 -15.34
CA ARG E 207 -24.70 25.80 -14.05
C ARG E 207 -26.03 26.09 -13.33
N LYS E 208 -26.08 26.02 -11.98
CA LYS E 208 -27.32 26.13 -11.19
C LYS E 208 -27.20 27.18 -10.06
N PRO E 209 -27.63 28.43 -10.26
CA PRO E 209 -27.66 29.49 -9.25
C PRO E 209 -28.53 29.18 -8.03
N GLY E 210 -28.23 29.85 -6.92
CA GLY E 210 -28.81 29.58 -5.59
C GLY E 210 -28.37 28.24 -4.96
N GLY E 211 -27.91 27.28 -5.76
CA GLY E 211 -27.33 26.00 -5.33
C GLY E 211 -25.80 25.95 -5.46
N ASN E 212 -25.27 25.88 -6.69
CA ASN E 212 -23.84 25.83 -6.98
C ASN E 212 -23.53 26.44 -8.36
N ARG E 213 -22.68 27.47 -8.38
CA ARG E 213 -22.17 28.15 -9.58
C ARG E 213 -21.12 27.31 -10.35
N GLU E 214 -20.81 26.10 -9.91
CA GLU E 214 -20.04 25.13 -10.69
C GLU E 214 -20.66 24.89 -12.08
N SER E 215 -19.77 24.74 -13.07
CA SER E 215 -20.09 24.86 -14.48
C SER E 215 -19.54 23.63 -15.19
N TRP E 216 -20.41 22.65 -15.40
CA TRP E 216 -19.97 21.26 -15.51
C TRP E 216 -21.00 20.35 -16.20
N SER E 217 -20.58 19.13 -16.55
CA SER E 217 -21.27 18.22 -17.47
C SER E 217 -22.30 17.32 -16.78
N PRO E 218 -23.03 16.49 -17.55
CA PRO E 218 -23.83 15.40 -17.02
C PRO E 218 -23.07 14.52 -16.02
N LEU E 219 -21.77 14.27 -16.25
CA LEU E 219 -20.99 13.46 -15.33
C LEU E 219 -21.05 14.05 -13.92
N GLU E 220 -20.65 15.31 -13.80
CA GLU E 220 -20.69 16.01 -12.54
C GLU E 220 -22.14 16.18 -12.04
N ARG E 221 -23.05 16.57 -12.91
CA ARG E 221 -24.45 16.83 -12.58
C ARG E 221 -25.10 15.59 -11.98
N GLU E 222 -24.96 14.46 -12.65
CA GLU E 222 -25.46 13.20 -12.16
C GLU E 222 -24.79 12.85 -10.84
N ILE E 223 -23.46 12.91 -10.76
CA ILE E 223 -22.76 12.56 -9.51
C ILE E 223 -23.22 13.47 -8.37
N SER E 224 -23.46 14.74 -8.65
CA SER E 224 -23.95 15.69 -7.67
C SER E 224 -25.35 15.28 -7.21
N PHE E 225 -26.26 15.02 -8.14
CA PHE E 225 -27.60 14.58 -7.78
C PHE E 225 -27.54 13.28 -6.98
N LEU E 226 -26.66 12.36 -7.38
CA LEU E 226 -26.44 11.10 -6.70
C LEU E 226 -25.94 11.35 -5.27
N ASN E 227 -25.03 12.30 -5.09
CA ASN E 227 -24.57 12.67 -3.76
C ASN E 227 -25.70 13.26 -2.93
N LYS E 228 -26.55 14.10 -3.55
CA LYS E 228 -27.73 14.68 -2.89
C LYS E 228 -28.75 13.63 -2.45
N LYS E 229 -28.67 12.41 -2.97
CA LYS E 229 -29.58 11.30 -2.67
C LYS E 229 -29.00 10.22 -1.76
N LEU E 230 -27.74 9.82 -1.95
CA LEU E 230 -27.19 8.62 -1.31
C LEU E 230 -27.08 8.75 0.21
N PHE E 231 -27.05 7.60 0.88
CA PHE E 231 -26.97 7.48 2.32
C PHE E 231 -25.63 7.99 2.86
N PRO E 232 -25.63 8.84 3.90
CA PRO E 232 -24.41 9.37 4.51
C PRO E 232 -23.45 8.26 4.96
N GLY E 233 -22.15 8.56 5.05
CA GLY E 233 -21.16 7.50 5.21
C GLY E 233 -21.00 6.70 3.91
N PRO E 234 -21.10 5.36 3.92
CA PRO E 234 -20.52 4.52 2.89
C PRO E 234 -21.02 4.86 1.49
N MET E 235 -22.32 5.08 1.34
CA MET E 235 -22.91 5.29 0.02
C MET E 235 -22.50 6.66 -0.54
N ARG E 236 -22.56 7.74 0.24
CA ARG E 236 -21.97 9.00 -0.20
C ARG E 236 -20.47 8.90 -0.41
N GLN E 237 -19.75 8.07 0.35
CA GLN E 237 -18.33 7.90 0.12
C GLN E 237 -18.06 7.24 -1.23
N LEU E 238 -18.87 6.23 -1.60
CA LEU E 238 -18.87 5.67 -2.95
C LEU E 238 -19.21 6.76 -3.97
N CYS E 239 -20.12 7.66 -3.63
CA CYS E 239 -20.46 8.79 -4.49
C CYS E 239 -19.25 9.70 -4.74
N LYS E 240 -18.46 9.99 -3.72
CA LYS E 240 -17.21 10.76 -3.88
C LYS E 240 -16.18 9.99 -4.71
N LYS E 241 -16.00 8.69 -4.47
CA LYS E 241 -15.10 7.83 -5.26
C LYS E 241 -15.44 7.80 -6.75
N PHE E 242 -16.70 8.05 -7.10
CA PHE E 242 -17.30 7.60 -8.34
C PHE E 242 -16.50 7.99 -9.59
N GLU E 243 -15.93 9.20 -9.65
CA GLU E 243 -15.12 9.65 -10.79
C GLU E 243 -13.88 8.79 -11.05
N TYR E 244 -13.46 8.01 -10.05
CA TYR E 244 -12.25 7.20 -10.03
C TYR E 244 -12.54 5.69 -10.05
N LEU E 245 -13.82 5.30 -10.08
CA LEU E 245 -14.23 3.96 -10.53
C LEU E 245 -13.98 3.83 -12.04
N ASN E 246 -13.58 2.66 -12.53
CA ASN E 246 -13.62 2.37 -13.97
C ASN E 246 -15.07 2.19 -14.47
N GLU E 247 -15.31 2.16 -15.78
CA GLU E 247 -16.69 2.14 -16.31
C GLU E 247 -17.51 0.92 -15.85
N GLN E 248 -16.91 -0.27 -15.87
CA GLN E 248 -17.59 -1.47 -15.36
C GLN E 248 -17.77 -1.37 -13.85
N GLU E 249 -16.78 -0.90 -13.12
CA GLU E 249 -16.91 -0.62 -11.70
C GLU E 249 -18.05 0.35 -11.43
N LYS E 250 -18.22 1.40 -12.25
CA LYS E 250 -19.38 2.30 -12.16
C LYS E 250 -20.64 1.50 -12.34
N GLN E 251 -20.76 0.69 -13.39
CA GLN E 251 -21.98 -0.10 -13.59
C GLN E 251 -22.25 -1.04 -12.42
N LEU E 252 -21.23 -1.73 -11.93
CA LEU E 252 -21.35 -2.66 -10.81
C LEU E 252 -21.78 -1.92 -9.54
N ALA E 253 -21.12 -0.81 -9.26
CA ALA E 253 -21.43 0.04 -8.12
C ALA E 253 -22.87 0.54 -8.21
N LEU E 254 -23.25 1.07 -9.37
CA LEU E 254 -24.60 1.52 -9.61
C LEU E 254 -25.59 0.41 -9.31
N ASN E 255 -25.34 -0.80 -9.81
CA ASN E 255 -26.22 -1.93 -9.54
C ASN E 255 -26.32 -2.16 -8.03
N LEU E 256 -25.20 -2.30 -7.33
CA LEU E 256 -25.29 -2.65 -5.91
C LEU E 256 -25.90 -1.49 -5.11
N MET E 257 -25.59 -0.24 -5.43
CA MET E 257 -26.19 0.90 -4.77
C MET E 257 -27.69 0.94 -5.03
N LEU E 258 -28.09 0.63 -6.24
CA LEU E 258 -29.49 0.59 -6.61
C LEU E 258 -30.19 -0.50 -5.80
N ASP E 259 -29.60 -1.69 -5.72
CA ASP E 259 -30.13 -2.75 -4.89
C ASP E 259 -30.22 -2.34 -3.43
N ALA E 260 -29.16 -1.72 -2.91
CA ALA E 260 -29.14 -1.24 -1.54
C ALA E 260 -30.26 -0.24 -1.31
N SER E 261 -30.52 0.62 -2.29
CA SER E 261 -31.61 1.59 -2.25
C SER E 261 -33.00 0.94 -2.21
N LEU E 262 -33.13 -0.33 -2.64
CA LEU E 262 -34.39 -1.05 -2.41
C LEU E 262 -34.71 -1.15 -0.90
N ILE E 263 -33.71 -1.29 -0.05
CA ILE E 263 -33.89 -1.28 1.41
C ILE E 263 -33.67 0.13 1.97
N LEU E 264 -32.50 0.69 1.71
CA LEU E 264 -32.01 1.93 2.30
C LEU E 264 -32.83 3.11 1.78
N LYS E 265 -33.35 3.96 2.68
CA LYS E 265 -34.18 5.12 2.33
C LYS E 265 -33.55 6.46 2.78
N PRO E 266 -32.34 6.83 2.37
CA PRO E 266 -31.82 8.19 2.61
C PRO E 266 -32.65 9.27 1.90
N GLN E 267 -32.29 10.54 2.05
CA GLN E 267 -33.08 11.69 1.57
C GLN E 267 -33.45 11.64 0.07
N VAL E 268 -34.73 11.43 -0.23
CA VAL E 268 -35.34 11.46 -1.58
C VAL E 268 -36.67 12.22 -1.49
N THR E 269 -36.95 13.14 -2.42
CA THR E 269 -37.93 14.19 -2.08
C THR E 269 -39.31 13.85 -2.60
N HIS E 270 -40.30 13.78 -1.73
CA HIS E 270 -41.70 13.70 -2.13
C HIS E 270 -42.09 14.98 -2.91
N LYS E 271 -43.18 14.94 -3.68
CA LYS E 271 -43.90 16.15 -4.11
C LYS E 271 -45.38 15.85 -4.34
N MET E 272 -46.26 16.85 -4.23
CA MET E 272 -47.58 16.79 -4.84
C MET E 272 -47.63 17.61 -6.13
N ILE E 273 -48.28 17.08 -7.17
CA ILE E 273 -48.71 17.85 -8.34
C ILE E 273 -50.13 17.40 -8.66
N MET E 274 -51.13 18.15 -8.20
CA MET E 274 -52.47 18.01 -8.75
C MET E 274 -52.51 18.54 -10.20
N PRO E 275 -53.33 17.95 -11.08
CA PRO E 275 -53.69 18.50 -12.39
C PRO E 275 -54.10 19.98 -12.37
N TRP E 276 -53.75 20.70 -13.44
CA TRP E 276 -54.17 22.09 -13.64
C TRP E 276 -55.69 22.22 -13.67
N SER E 277 -56.43 21.27 -14.25
CA SER E 277 -57.89 21.31 -14.19
C SER E 277 -58.40 21.11 -12.76
N MET E 278 -57.66 20.44 -11.86
CA MET E 278 -58.01 20.40 -10.45
C MET E 278 -57.70 21.73 -9.77
N TRP E 279 -56.62 22.42 -10.15
CA TRP E 279 -56.45 23.80 -9.71
C TRP E 279 -57.58 24.70 -10.22
N LEU E 280 -58.00 24.55 -11.47
CA LEU E 280 -59.18 25.26 -11.97
C LEU E 280 -60.41 24.87 -11.14
N ALA E 281 -60.57 23.59 -10.82
CA ALA E 281 -61.69 23.13 -10.01
C ALA E 281 -61.65 23.82 -8.65
N VAL E 282 -60.49 23.96 -8.04
CA VAL E 282 -60.33 24.72 -6.81
C VAL E 282 -60.80 26.17 -7.00
N LYS E 283 -60.43 26.84 -8.09
CA LYS E 283 -60.93 28.20 -8.37
C LYS E 283 -62.45 28.21 -8.45
N LYS E 284 -63.04 27.41 -9.32
CA LYS E 284 -64.50 27.40 -9.49
C LYS E 284 -65.20 26.95 -8.21
N TYR E 285 -64.60 26.08 -7.42
CA TYR E 285 -65.13 25.71 -6.13
C TYR E 285 -65.16 26.92 -5.23
N ALA E 286 -64.05 27.64 -5.11
CA ALA E 286 -64.00 28.86 -4.34
C ALA E 286 -65.10 29.80 -4.80
N GLU E 287 -65.24 29.98 -6.11
CA GLU E 287 -66.30 30.79 -6.69
C GLU E 287 -67.69 30.28 -6.23
N MET E 288 -67.97 28.99 -6.39
CA MET E 288 -69.29 28.46 -6.04
C MET E 288 -69.52 28.43 -4.54
N ASN E 289 -68.48 28.57 -3.73
CA ASN E 289 -68.57 28.73 -2.29
C ASN E 289 -68.77 30.19 -1.84
N LYS E 290 -68.85 31.15 -2.76
CA LYS E 290 -69.14 32.56 -2.46
C LYS E 290 -68.16 33.22 -1.47
N GLY E 291 -66.86 33.16 -1.76
CA GLY E 291 -65.85 34.08 -1.18
C GLY E 291 -65.22 33.64 0.14
N SER E 292 -64.89 32.35 0.31
CA SER E 292 -64.21 31.81 1.51
C SER E 292 -63.01 30.87 1.25
N PRO E 293 -63.01 29.93 0.27
CA PRO E 293 -61.82 29.11 -0.01
C PRO E 293 -60.75 29.91 -0.76
N SER E 294 -59.56 30.06 -0.16
CA SER E 294 -58.49 30.91 -0.69
C SER E 294 -57.28 30.12 -1.16
N LEU E 295 -56.88 30.28 -2.42
CA LEU E 295 -55.83 29.49 -3.05
C LEU E 295 -54.47 29.60 -2.35
N GLU E 296 -54.14 30.76 -1.77
CA GLU E 296 -52.89 30.88 -1.02
C GLU E 296 -52.85 29.94 0.17
N ASP E 297 -54.01 29.64 0.77
CA ASP E 297 -54.12 28.66 1.84
C ASP E 297 -53.69 27.27 1.40
N LEU E 298 -53.78 26.99 0.09
CA LEU E 298 -53.47 25.71 -0.55
C LEU E 298 -52.10 25.72 -1.29
N ALA E 299 -51.43 26.87 -1.35
CA ALA E 299 -50.33 27.13 -2.28
C ALA E 299 -48.95 26.63 -1.78
N ALA E 300 -48.76 25.32 -1.62
CA ALA E 300 -47.47 24.73 -1.21
C ALA E 300 -47.18 23.35 -1.85
N TYR E 301 -45.90 23.05 -2.08
CA TYR E 301 -45.43 21.77 -2.63
C TYR E 301 -45.24 20.68 -1.57
N SER E 302 -45.68 20.96 -0.35
CA SER E 302 -45.43 20.19 0.85
C SER E 302 -46.50 20.51 1.92
N GLY E 303 -46.63 19.65 2.92
CA GLY E 303 -47.54 19.88 4.04
C GLY E 303 -49.02 19.65 3.75
N VAL E 304 -49.82 19.65 4.82
CA VAL E 304 -51.24 19.23 4.83
C VAL E 304 -52.13 20.02 3.87
N ARG E 305 -51.70 21.22 3.49
CA ARG E 305 -52.32 22.04 2.44
C ARG E 305 -52.57 21.23 1.18
N ALA E 306 -51.71 20.27 0.86
CA ALA E 306 -51.91 19.36 -0.24
C ALA E 306 -53.15 18.46 -0.07
N PHE E 307 -53.35 17.85 1.10
CA PHE E 307 -54.55 17.05 1.36
C PHE E 307 -55.80 17.91 1.39
N MET E 308 -55.71 19.15 1.91
CA MET E 308 -56.79 20.12 1.80
C MET E 308 -57.21 20.25 0.33
N ALA E 309 -56.25 20.50 -0.57
CA ALA E 309 -56.52 20.71 -1.99
C ALA E 309 -57.10 19.47 -2.66
N PHE E 310 -56.53 18.29 -2.41
CA PHE E 310 -57.04 17.08 -3.04
C PHE E 310 -58.45 16.77 -2.56
N ASN E 311 -58.68 16.74 -1.25
CA ASN E 311 -60.04 16.51 -0.76
C ASN E 311 -61.01 17.59 -1.23
N THR E 312 -60.54 18.83 -1.38
CA THR E 312 -61.36 19.87 -2.01
C THR E 312 -61.76 19.42 -3.41
N ALA E 313 -60.80 18.98 -4.22
CA ALA E 313 -61.12 18.45 -5.53
C ALA E 313 -62.12 17.28 -5.43
N CYS E 314 -62.04 16.51 -4.35
CA CYS E 314 -62.93 15.39 -4.11
C CYS E 314 -64.39 15.77 -3.90
N TYR E 315 -64.74 17.04 -3.78
CA TYR E 315 -66.14 17.40 -3.74
C TYR E 315 -66.84 17.05 -5.06
N MET E 316 -66.51 17.73 -6.16
CA MET E 316 -67.33 17.70 -7.39
C MET E 316 -66.52 17.66 -8.71
N SER E 317 -65.22 17.37 -8.68
CA SER E 317 -64.40 17.37 -9.92
C SER E 317 -64.84 16.25 -10.89
N LYS E 318 -64.65 16.40 -12.20
CA LYS E 318 -65.20 15.47 -13.21
C LYS E 318 -64.16 14.94 -14.20
N PHE E 319 -64.39 13.74 -14.68
CA PHE E 319 -63.48 12.96 -15.50
C PHE E 319 -64.28 11.91 -16.27
N THR E 320 -63.67 11.32 -17.29
CA THR E 320 -64.33 10.32 -18.14
C THR E 320 -64.40 8.95 -17.48
N ILE E 321 -65.42 8.20 -17.82
CA ILE E 321 -65.49 6.75 -17.70
C ILE E 321 -65.70 6.16 -19.09
N GLY E 322 -64.68 5.48 -19.60
CA GLY E 322 -64.86 4.50 -20.67
C GLY E 322 -65.34 3.19 -20.06
N LYS E 323 -66.21 2.46 -20.77
CA LYS E 323 -66.60 1.08 -20.39
C LYS E 323 -65.41 0.12 -20.53
N GLY E 324 -64.54 0.35 -21.53
CA GLY E 324 -63.29 -0.39 -21.76
C GLY E 324 -62.22 -0.10 -20.70
N ILE E 325 -61.06 -0.74 -20.83
CA ILE E 325 -60.13 -0.89 -19.72
C ILE E 325 -58.68 -0.80 -20.17
N VAL E 326 -57.82 -0.26 -19.31
CA VAL E 326 -56.41 -0.63 -19.31
C VAL E 326 -56.33 -1.96 -18.59
N GLY E 327 -56.69 -3.02 -19.32
CA GLY E 327 -56.78 -4.40 -18.83
C GLY E 327 -57.09 -5.39 -19.96
N ASP E 328 -57.18 -6.68 -19.65
CA ASP E 328 -57.32 -7.72 -20.68
C ASP E 328 -58.25 -8.89 -20.30
N ALA E 329 -58.18 -9.37 -19.05
CA ALA E 329 -59.09 -10.41 -18.54
C ALA E 329 -60.51 -9.87 -18.27
N GLU E 330 -61.47 -10.76 -18.02
CA GLU E 330 -62.88 -10.39 -17.76
C GLU E 330 -63.12 -9.70 -16.40
N ILE E 331 -62.17 -9.79 -15.46
CA ILE E 331 -62.23 -9.08 -14.17
C ILE E 331 -61.89 -7.59 -14.34
N MET E 332 -62.77 -6.71 -13.88
CA MET E 332 -62.64 -5.24 -13.98
C MET E 332 -63.38 -4.52 -12.84
N GLU E 333 -63.03 -3.26 -12.59
CA GLU E 333 -63.45 -2.51 -11.39
C GLU E 333 -63.44 -0.98 -11.57
N ASN E 334 -64.14 -0.30 -10.66
CA ASN E 334 -64.80 0.99 -10.83
C ASN E 334 -63.96 2.28 -10.85
N GLY E 335 -64.66 3.41 -10.99
CA GLY E 335 -64.08 4.75 -10.96
C GLY E 335 -63.30 5.07 -9.69
N ASN E 336 -63.63 4.51 -8.53
CA ASN E 336 -62.80 4.72 -7.36
C ASN E 336 -61.37 4.19 -7.60
N ASP E 337 -61.19 3.17 -8.42
CA ASP E 337 -59.85 2.78 -8.82
C ASP E 337 -59.16 3.85 -9.65
N LYS E 338 -59.88 4.52 -10.56
CA LYS E 338 -59.34 5.73 -11.21
C LYS E 338 -58.97 6.74 -10.12
N MET E 339 -59.83 6.91 -9.12
CA MET E 339 -59.59 7.87 -8.05
C MET E 339 -58.30 7.52 -7.31
N GLN E 340 -58.08 6.23 -7.02
CA GLN E 340 -56.80 5.79 -6.49
C GLN E 340 -55.67 6.16 -7.45
N THR E 341 -55.81 5.87 -8.73
CA THR E 341 -54.73 6.11 -9.70
C THR E 341 -54.36 7.58 -9.71
N LEU E 342 -55.37 8.44 -9.76
CA LEU E 342 -55.19 9.88 -9.69
C LEU E 342 -54.39 10.23 -8.45
N ALA E 343 -54.82 9.74 -7.29
CA ALA E 343 -54.13 10.02 -6.04
C ALA E 343 -52.67 9.57 -6.11
N MET E 344 -52.43 8.37 -6.62
CA MET E 344 -51.10 7.83 -6.75
C MET E 344 -50.26 8.77 -7.58
N ALA E 345 -50.76 9.16 -8.75
CA ALA E 345 -50.05 10.08 -9.60
C ALA E 345 -49.86 11.45 -8.92
N CYS E 346 -50.85 11.92 -8.18
CA CYS E 346 -50.81 13.26 -7.59
C CYS E 346 -49.80 13.37 -6.48
N PHE E 347 -49.73 12.39 -5.57
CA PHE E 347 -48.84 12.42 -4.42
C PHE E 347 -47.56 11.60 -4.60
N GLY E 348 -47.39 10.88 -5.73
CA GLY E 348 -46.22 10.02 -5.96
C GLY E 348 -46.21 8.74 -5.10
N LEU E 349 -47.38 8.16 -4.83
CA LEU E 349 -47.56 7.05 -3.88
C LEU E 349 -47.04 5.68 -4.36
N ALA E 350 -46.52 5.56 -5.58
CA ALA E 350 -46.27 4.28 -6.26
C ALA E 350 -45.39 3.30 -5.45
N TYR E 351 -44.55 3.82 -4.55
CA TYR E 351 -43.71 2.99 -3.66
C TYR E 351 -43.91 3.31 -2.18
N GLU E 352 -44.95 4.09 -1.88
CA GLU E 352 -45.46 4.30 -0.52
C GLU E 352 -46.13 3.01 0.00
N ASP E 353 -46.35 2.92 1.31
CA ASP E 353 -47.10 1.80 1.88
C ASP E 353 -48.60 1.86 1.54
N THR E 354 -49.08 0.82 0.86
CA THR E 354 -50.51 0.59 0.61
C THR E 354 -51.32 0.59 1.90
N GLY E 355 -50.84 0.08 3.02
CA GLY E 355 -51.59 0.07 4.28
C GLY E 355 -51.83 1.48 4.81
N ILE E 356 -50.76 2.26 4.90
CA ILE E 356 -50.81 3.70 5.18
C ILE E 356 -51.83 4.35 4.28
N VAL E 357 -51.71 4.14 2.97
CA VAL E 357 -52.62 4.80 2.03
C VAL E 357 -54.05 4.30 2.28
N ALA E 358 -54.25 3.00 2.54
CA ALA E 358 -55.56 2.41 2.76
C ALA E 358 -56.27 3.08 3.93
N ALA E 359 -55.54 3.36 5.00
CA ALA E 359 -56.09 4.09 6.13
C ALA E 359 -56.40 5.57 5.78
N MET E 360 -55.53 6.27 5.04
CA MET E 360 -55.74 7.69 4.70
C MET E 360 -56.92 7.88 3.76
N ILE E 361 -56.88 7.21 2.61
CA ILE E 361 -58.03 7.07 1.73
C ILE E 361 -59.18 6.34 2.42
N SER E 362 -58.95 5.79 3.60
CA SER E 362 -59.98 5.21 4.44
C SER E 362 -60.77 4.06 3.76
N GLN E 363 -60.12 3.34 2.84
CA GLN E 363 -60.59 2.21 2.01
C GLN E 363 -59.40 1.28 1.68
N PRO E 364 -59.59 -0.02 1.41
CA PRO E 364 -58.49 -0.96 1.18
C PRO E 364 -57.61 -0.58 -0.04
N MET E 365 -56.30 -0.86 0.03
CA MET E 365 -55.34 -0.63 -1.05
C MET E 365 -54.78 -1.91 -1.70
N LYS E 366 -54.07 -1.73 -2.83
CA LYS E 366 -53.94 -2.72 -3.90
C LYS E 366 -52.53 -2.76 -4.53
N LYS E 367 -52.25 -3.85 -5.24
CA LYS E 367 -51.11 -4.05 -6.16
C LYS E 367 -51.55 -4.16 -7.60
N ARG E 368 -50.64 -4.12 -8.56
CA ARG E 368 -51.01 -4.04 -10.00
C ARG E 368 -51.92 -5.17 -10.44
N TYR E 369 -51.74 -6.37 -9.91
CA TYR E 369 -52.62 -7.49 -10.23
C TYR E 369 -54.09 -7.16 -9.97
N GLN E 370 -54.33 -6.23 -9.07
CA GLN E 370 -55.66 -5.74 -8.73
C GLN E 370 -55.98 -4.37 -9.36
N LEU E 371 -55.01 -3.50 -9.66
CA LEU E 371 -55.30 -2.12 -10.13
C LEU E 371 -55.92 -2.08 -11.53
N ARG E 372 -57.05 -1.38 -11.70
CA ARG E 372 -57.71 -1.07 -13.00
C ARG E 372 -57.84 0.45 -13.19
N VAL E 373 -57.72 0.92 -14.44
CA VAL E 373 -57.91 2.33 -14.84
C VAL E 373 -58.16 2.45 -16.37
N GLY E 374 -58.59 3.63 -16.83
CA GLY E 374 -58.60 4.03 -18.24
C GLY E 374 -57.30 4.71 -18.72
N ASN E 375 -57.22 5.05 -19.99
CA ASN E 375 -56.02 5.58 -20.65
C ASN E 375 -55.79 7.10 -20.49
N PHE E 376 -56.76 7.85 -19.96
CA PHE E 376 -56.77 9.33 -19.94
C PHE E 376 -56.64 10.02 -21.32
N ASN E 377 -57.00 9.35 -22.44
CA ASN E 377 -56.83 9.86 -23.81
C ASN E 377 -58.20 9.99 -24.54
N PRO E 378 -58.63 11.19 -25.00
CA PRO E 378 -60.04 11.46 -25.27
C PRO E 378 -60.74 10.48 -26.21
N PRO E 379 -62.00 10.10 -25.99
CA PRO E 379 -62.48 8.80 -26.45
C PRO E 379 -63.29 8.85 -27.74
N GLU E 380 -63.57 7.71 -28.36
CA GLU E 380 -64.60 7.66 -29.42
C GLU E 380 -65.99 7.91 -28.82
N LYS E 381 -66.34 7.18 -27.76
CA LYS E 381 -67.59 7.27 -26.99
C LYS E 381 -67.32 6.93 -25.51
N GLY E 382 -68.13 7.43 -24.59
CA GLY E 382 -68.01 7.17 -23.15
C GLY E 382 -68.98 8.01 -22.34
N THR E 383 -68.86 8.00 -21.00
CA THR E 383 -69.73 8.76 -20.08
C THR E 383 -68.93 9.56 -19.05
N ILE E 384 -69.44 10.69 -18.55
CA ILE E 384 -68.76 11.49 -17.52
C ILE E 384 -69.03 10.91 -16.12
N LYS E 385 -68.10 11.08 -15.19
CA LYS E 385 -68.33 10.85 -13.77
C LYS E 385 -67.64 11.92 -12.93
N GLY E 386 -68.18 12.14 -11.72
CA GLY E 386 -67.69 13.08 -10.71
C GLY E 386 -67.13 12.39 -9.44
N THR E 387 -66.36 13.13 -8.64
CA THR E 387 -65.60 12.61 -7.48
C THR E 387 -66.44 12.07 -6.32
N SER E 388 -65.96 10.97 -5.71
CA SER E 388 -66.41 10.50 -4.40
C SER E 388 -65.94 11.45 -3.28
N ALA E 389 -66.81 11.79 -2.33
CA ALA E 389 -66.58 12.86 -1.36
C ALA E 389 -65.39 12.63 -0.38
N GLY E 390 -64.63 13.68 -0.09
CA GLY E 390 -63.68 13.76 1.05
C GLY E 390 -62.52 12.75 1.08
N TYR E 391 -62.24 12.10 -0.05
CA TYR E 391 -61.66 10.76 -0.17
C TYR E 391 -60.53 10.37 0.79
N PHE E 392 -59.52 11.21 1.03
CA PHE E 392 -58.54 10.99 2.10
C PHE E 392 -59.18 11.31 3.44
N HIS E 393 -60.15 10.50 3.91
CA HIS E 393 -60.90 10.85 5.11
C HIS E 393 -60.01 10.84 6.35
N LYS E 394 -58.83 10.24 6.24
CA LYS E 394 -57.68 10.51 7.08
C LYS E 394 -56.53 11.08 6.21
N TRP E 395 -55.70 11.95 6.80
CA TRP E 395 -54.49 12.56 6.21
C TRP E 395 -53.22 12.06 6.92
N ALA E 396 -52.04 12.58 6.55
CA ALA E 396 -50.81 12.41 7.31
C ALA E 396 -49.75 13.49 7.00
N GLU E 397 -48.76 13.63 7.89
CA GLU E 397 -47.57 14.47 7.68
C GLU E 397 -46.56 13.82 6.70
N PHE E 398 -46.15 14.54 5.65
CA PHE E 398 -45.19 14.07 4.63
C PHE E 398 -43.74 13.97 5.14
N GLY E 399 -42.82 13.49 4.30
CA GLY E 399 -41.43 13.24 4.68
C GLY E 399 -40.61 12.66 3.55
N ASN E 400 -39.30 12.53 3.78
CA ASN E 400 -38.32 12.39 2.70
C ASN E 400 -37.16 11.43 2.98
N ARG E 401 -37.11 10.77 4.15
CA ARG E 401 -36.01 9.85 4.52
C ARG E 401 -36.41 8.85 5.60
N LEU E 402 -35.56 7.84 5.76
CA LEU E 402 -35.77 6.76 6.76
C LEU E 402 -35.91 7.36 8.17
N PRO E 403 -36.45 6.63 9.15
CA PRO E 403 -36.62 7.13 10.52
C PRO E 403 -35.28 7.46 11.20
N PHE E 404 -34.34 6.50 11.20
CA PHE E 404 -33.02 6.71 11.85
C PHE E 404 -31.90 6.27 10.91
N ASN E 405 -32.21 6.07 9.62
CA ASN E 405 -31.19 5.65 8.61
C ASN E 405 -30.44 4.42 9.14
N SER E 406 -29.31 4.64 9.81
CA SER E 406 -28.49 3.53 10.37
C SER E 406 -27.91 3.94 11.72
N PHE E 407 -27.45 2.97 12.52
CA PHE E 407 -26.86 3.24 13.85
C PHE E 407 -25.56 4.03 13.68
N GLY E 408 -25.42 5.14 14.42
CA GLY E 408 -24.23 6.00 14.34
C GLY E 408 -23.36 5.86 15.58
N THR E 409 -22.34 6.69 15.70
CA THR E 409 -21.39 6.73 16.83
C THR E 409 -22.06 7.19 18.11
N GLY E 410 -21.32 7.20 19.21
CA GLY E 410 -21.60 8.16 20.28
C GLY E 410 -21.64 9.59 19.71
N GLU E 411 -22.53 10.43 20.23
CA GLU E 411 -22.84 11.74 19.66
C GLU E 411 -21.74 12.79 19.95
N SER E 412 -21.05 12.69 21.10
CA SER E 412 -20.02 13.65 21.51
C SER E 412 -19.02 13.07 22.51
N LYS E 413 -19.48 12.24 23.47
CA LYS E 413 -18.66 11.57 24.49
C LYS E 413 -17.92 10.33 23.95
N GLN E 414 -17.16 9.66 24.82
CA GLN E 414 -16.33 8.47 24.54
C GLN E 414 -15.18 8.69 23.53
N ILE E 415 -14.76 9.94 23.34
CA ILE E 415 -13.54 10.33 22.60
C ILE E 415 -12.32 10.33 23.55
N SER E 416 -11.10 10.54 23.03
CA SER E 416 -9.87 10.56 23.85
C SER E 416 -9.91 11.65 24.95
N ASN E 417 -10.11 11.23 26.20
CA ASN E 417 -10.46 12.13 27.32
C ASN E 417 -9.38 13.19 27.59
N SER E 418 -9.77 14.43 27.88
CA SER E 418 -8.86 15.46 28.41
C SER E 418 -8.73 15.36 29.94
N GLY E 419 -7.66 15.92 30.49
CA GLY E 419 -7.39 15.90 31.92
C GLY E 419 -6.70 17.18 32.39
N VAL E 420 -7.48 18.11 32.95
CA VAL E 420 -6.97 19.25 33.71
C VAL E 420 -6.39 18.77 35.04
N PHE E 421 -7.14 17.96 35.80
CA PHE E 421 -6.72 17.61 37.15
C PHE E 421 -5.63 16.52 37.18
N ALA E 422 -4.59 16.77 37.97
CA ALA E 422 -3.42 15.92 38.11
C ALA E 422 -3.76 14.66 38.93
N VAL E 423 -4.46 13.70 38.33
CA VAL E 423 -4.94 12.48 39.00
C VAL E 423 -4.71 11.25 38.12
N GLN E 424 -4.08 10.21 38.68
CA GLN E 424 -3.85 8.94 37.99
C GLN E 424 -5.19 8.28 37.58
N ARG E 425 -5.31 7.85 36.32
CA ARG E 425 -6.61 7.60 35.68
C ARG E 425 -6.62 6.48 34.62
N PRO E 426 -7.73 5.72 34.51
CA PRO E 426 -8.13 5.03 33.28
C PRO E 426 -8.55 6.02 32.17
N SER E 427 -8.87 5.51 30.98
CA SER E 427 -9.43 6.29 29.87
C SER E 427 -10.35 5.45 28.96
N THR E 428 -11.37 6.08 28.38
CA THR E 428 -12.19 5.49 27.28
C THR E 428 -11.39 5.54 25.96
N THR E 429 -10.32 4.75 25.88
CA THR E 429 -9.33 4.84 24.78
C THR E 429 -9.99 4.45 23.44
N ASN E 430 -9.94 5.35 22.45
CA ASN E 430 -10.71 5.25 21.20
C ASN E 430 -9.91 5.75 19.97
N ILE E 431 -8.58 5.55 20.00
CA ILE E 431 -7.64 6.03 18.97
C ILE E 431 -7.96 5.45 17.59
N GLN E 432 -8.51 4.24 17.54
CA GLN E 432 -8.85 3.51 16.34
C GLN E 432 -9.91 4.24 15.50
N ARG E 433 -11.06 4.61 16.10
CA ARG E 433 -12.09 5.40 15.40
C ARG E 433 -11.66 6.85 15.17
N LEU E 434 -10.82 7.42 16.03
CA LEU E 434 -10.20 8.72 15.80
C LEU E 434 -9.36 8.70 14.51
N ALA E 435 -8.53 7.67 14.31
CA ALA E 435 -7.77 7.47 13.08
C ALA E 435 -8.68 7.22 11.86
N GLU E 436 -9.83 6.54 12.01
CA GLU E 436 -10.84 6.49 10.94
C GLU E 436 -11.35 7.89 10.57
N LEU E 437 -11.74 8.73 11.54
CA LEU E 437 -12.19 10.11 11.25
C LEU E 437 -11.10 10.91 10.50
N MET E 438 -9.83 10.78 10.90
CA MET E 438 -8.70 11.36 10.16
C MET E 438 -8.63 10.79 8.73
N ALA E 439 -8.75 9.48 8.55
CA ALA E 439 -8.72 8.83 7.23
C ALA E 439 -9.85 9.34 6.32
N ARG E 440 -11.08 9.48 6.84
CA ARG E 440 -12.21 9.99 6.07
C ARG E 440 -12.05 11.48 5.72
N ASN E 441 -11.57 12.32 6.63
CA ASN E 441 -11.38 13.76 6.35
C ASN E 441 -10.13 14.07 5.50
N THR E 442 -9.11 13.20 5.52
CA THR E 442 -7.94 13.26 4.59
C THR E 442 -8.23 12.64 3.21
N GLY E 443 -9.38 11.99 3.01
CA GLY E 443 -9.79 11.45 1.70
C GLY E 443 -9.17 10.10 1.35
N GLU E 444 -9.03 9.18 2.31
CA GLU E 444 -8.42 7.87 2.09
C GLU E 444 -9.08 7.10 0.93
N THR E 445 -8.24 6.50 0.08
CA THR E 445 -8.59 6.09 -1.30
C THR E 445 -8.23 4.62 -1.62
N SER E 446 -7.39 3.96 -0.81
CA SER E 446 -7.02 2.55 -1.07
C SER E 446 -8.12 1.62 -0.54
N ASP E 447 -8.56 0.67 -1.38
CA ASP E 447 -9.61 -0.33 -1.05
C ASP E 447 -10.93 0.38 -0.70
N ASN E 448 -11.67 0.84 -1.73
CA ASN E 448 -12.96 1.55 -1.52
C ASN E 448 -14.10 0.72 -2.09
N PHE E 449 -14.02 0.36 -3.38
CA PHE E 449 -15.06 -0.44 -4.06
C PHE E 449 -15.47 -1.62 -3.16
N THR E 450 -14.60 -2.62 -3.04
CA THR E 450 -14.87 -3.83 -2.21
C THR E 450 -15.23 -3.41 -0.78
N GLN E 451 -14.45 -2.51 -0.19
CA GLN E 451 -14.69 -2.02 1.19
C GLN E 451 -16.15 -1.59 1.35
N LEU E 452 -16.63 -0.76 0.43
CA LEU E 452 -18.00 -0.27 0.46
C LEU E 452 -18.98 -1.36 0.04
N VAL E 453 -18.61 -2.28 -0.86
CA VAL E 453 -19.43 -3.48 -1.12
C VAL E 453 -19.65 -4.23 0.18
N GLN E 454 -18.59 -4.50 0.93
CA GLN E 454 -18.70 -5.16 2.21
C GLN E 454 -19.55 -4.33 3.17
N LYS E 455 -19.29 -3.01 3.26
CA LYS E 455 -20.07 -2.15 4.13
C LYS E 455 -21.54 -2.21 3.79
N ILE E 456 -21.90 -2.26 2.51
CA ILE E 456 -23.27 -2.43 2.08
C ILE E 456 -23.80 -3.76 2.60
N ARG E 457 -23.07 -4.86 2.39
CA ARG E 457 -23.51 -6.18 2.87
C ARG E 457 -23.84 -6.15 4.34
N GLU E 458 -22.91 -5.66 5.15
CA GLU E 458 -23.11 -5.66 6.60
C GLU E 458 -24.12 -4.60 7.04
N GLN E 459 -24.21 -3.45 6.36
CA GLN E 459 -25.22 -2.45 6.65
C GLN E 459 -26.60 -3.02 6.45
N VAL E 460 -26.80 -3.77 5.36
CA VAL E 460 -28.08 -4.45 5.12
C VAL E 460 -28.40 -5.35 6.31
N GLY E 461 -27.45 -6.16 6.77
CA GLY E 461 -27.66 -6.99 7.96
C GLY E 461 -28.02 -6.16 9.19
N ALA E 462 -27.28 -5.08 9.44
CA ALA E 462 -27.57 -4.20 10.56
C ALA E 462 -28.98 -3.64 10.46
N PHE E 463 -29.37 -3.19 9.27
CA PHE E 463 -30.69 -2.70 9.00
C PHE E 463 -31.73 -3.79 9.21
N ALA E 464 -31.42 -5.02 8.81
CA ALA E 464 -32.28 -6.17 9.00
C ALA E 464 -32.45 -6.49 10.49
N ASP E 465 -31.58 -5.99 11.36
CA ASP E 465 -31.87 -5.91 12.79
C ASP E 465 -32.70 -4.66 13.10
N GLN E 466 -32.26 -3.49 12.64
CA GLN E 466 -32.80 -2.15 12.97
C GLN E 466 -34.28 -1.97 12.61
N LYS E 467 -34.78 -2.77 11.67
CA LYS E 467 -36.20 -2.86 11.32
C LYS E 467 -37.12 -2.95 12.53
N ALA E 468 -36.62 -3.51 13.63
CA ALA E 468 -37.30 -3.61 14.91
C ALA E 468 -37.97 -2.31 15.35
N ASN E 469 -37.42 -1.16 14.97
CA ASN E 469 -38.04 0.14 15.23
C ASN E 469 -38.00 1.10 14.03
N LEU E 470 -37.35 0.77 12.93
CA LEU E 470 -37.18 1.67 11.79
C LEU E 470 -38.49 1.90 10.99
N ARG E 471 -39.39 2.80 11.45
CA ARG E 471 -40.79 2.87 10.97
C ARG E 471 -41.38 4.26 10.62
N GLU E 472 -41.24 5.33 11.40
CA GLU E 472 -41.63 6.71 10.99
C GLU E 472 -40.89 7.79 11.77
N PHE E 473 -41.01 9.05 11.35
CA PHE E 473 -40.83 10.11 12.33
C PHE E 473 -41.82 9.89 13.49
N THR E 474 -41.30 9.88 14.72
CA THR E 474 -41.87 9.23 15.93
C THR E 474 -43.25 9.70 16.39
N GLY E 475 -43.77 10.81 15.84
CA GLY E 475 -45.16 11.27 16.06
C GLY E 475 -46.19 10.68 15.07
N GLY E 476 -45.80 9.70 14.27
CA GLY E 476 -46.45 9.41 13.01
C GLY E 476 -47.70 8.55 13.14
N TYR E 477 -48.85 9.07 12.71
CA TYR E 477 -50.11 8.33 12.63
C TYR E 477 -51.05 8.89 11.56
N ILE E 478 -52.10 8.14 11.17
CA ILE E 478 -53.14 8.54 10.20
C ILE E 478 -54.31 9.30 10.85
N TYR E 479 -54.09 10.57 11.17
CA TYR E 479 -55.10 11.40 11.82
C TYR E 479 -56.28 11.75 10.88
N ASP E 480 -57.45 11.97 11.47
CA ASP E 480 -58.68 12.34 10.75
C ASP E 480 -58.58 13.69 10.04
N ILE E 481 -59.43 13.96 9.04
CA ILE E 481 -59.55 15.30 8.45
C ILE E 481 -60.10 16.33 9.44
N THR E 482 -60.87 15.89 10.42
CA THR E 482 -61.21 16.67 11.63
C THR E 482 -60.01 16.87 12.58
N ASP E 483 -58.82 16.35 12.23
CA ASP E 483 -57.66 16.23 13.10
C ASP E 483 -56.32 16.44 12.38
N VAL E 484 -56.22 17.49 11.57
CA VAL E 484 -54.92 18.08 11.25
C VAL E 484 -54.15 18.46 12.52
N THR E 485 -54.87 18.63 13.61
CA THR E 485 -54.38 18.80 14.97
C THR E 485 -53.66 17.59 15.55
N LYS E 486 -53.49 16.48 14.82
CA LYS E 486 -52.69 15.31 15.26
C LYS E 486 -53.08 14.75 16.65
N SER E 487 -54.33 14.88 17.04
CA SER E 487 -54.90 14.57 18.35
C SER E 487 -55.16 13.07 18.57
N ASN E 488 -55.38 12.30 17.50
CA ASN E 488 -55.91 10.93 17.48
C ASN E 488 -54.89 9.90 16.93
N PRO E 489 -53.74 9.64 17.61
CA PRO E 489 -52.71 8.74 17.08
C PRO E 489 -53.21 7.29 17.01
N LYS E 490 -53.22 6.68 15.81
CA LYS E 490 -53.68 5.30 15.54
C LYS E 490 -52.93 4.62 14.39
N ILE E 491 -52.70 3.31 14.52
CA ILE E 491 -51.85 2.47 13.64
C ILE E 491 -52.66 1.93 12.44
N PRO E 492 -52.08 1.73 11.23
CA PRO E 492 -52.80 1.20 10.08
C PRO E 492 -53.26 -0.27 10.22
N GLN E 493 -52.34 -1.18 10.56
CA GLN E 493 -52.59 -2.62 10.65
C GLN E 493 -51.73 -3.28 11.74
N LEU E 494 -52.24 -4.35 12.34
CA LEU E 494 -51.49 -5.25 13.23
C LEU E 494 -50.72 -6.33 12.44
N GLY E 495 -51.34 -6.89 11.39
CA GLY E 495 -50.81 -7.99 10.58
C GLY E 495 -51.91 -8.95 10.12
N GLY E 496 -51.55 -10.21 9.86
CA GLY E 496 -52.49 -11.32 9.62
C GLY E 496 -53.20 -11.81 10.89
N THR F 8 -41.65 -1.64 -42.98
CA THR F 8 -40.50 -2.56 -43.24
C THR F 8 -40.91 -3.99 -43.61
N PRO F 9 -41.88 -4.68 -42.98
CA PRO F 9 -42.14 -6.09 -43.31
C PRO F 9 -42.51 -6.35 -44.76
N GLU F 10 -43.22 -5.44 -45.41
CA GLU F 10 -43.54 -5.50 -46.84
C GLU F 10 -42.27 -5.58 -47.67
N GLU F 11 -41.30 -4.73 -47.37
CA GLU F 11 -39.98 -4.76 -48.01
C GLU F 11 -39.21 -6.03 -47.64
N GLN F 12 -39.39 -6.57 -46.44
CA GLN F 12 -38.85 -7.87 -46.12
C GLN F 12 -39.47 -8.96 -47.01
N ARG F 13 -40.79 -8.95 -47.21
CA ARG F 13 -41.46 -9.88 -48.15
C ARG F 13 -40.93 -9.72 -49.56
N ALA F 14 -40.64 -8.49 -49.99
CA ALA F 14 -40.04 -8.23 -51.30
C ALA F 14 -38.63 -8.84 -51.43
N LYS F 15 -37.74 -8.60 -50.46
CA LYS F 15 -36.38 -9.19 -50.47
C LYS F 15 -36.42 -10.71 -50.40
N ASN F 16 -37.34 -11.25 -49.60
CA ASN F 16 -37.64 -12.68 -49.59
C ASN F 16 -38.12 -13.16 -50.97
N ALA F 17 -39.07 -12.46 -51.60
CA ALA F 17 -39.56 -12.84 -52.92
C ALA F 17 -38.41 -12.84 -53.94
N LYS F 18 -37.54 -11.83 -53.95
CA LYS F 18 -36.35 -11.83 -54.81
C LYS F 18 -35.43 -13.01 -54.51
N THR F 19 -35.19 -13.30 -53.24
CA THR F 19 -34.39 -14.45 -52.80
C THR F 19 -34.94 -15.76 -53.37
N ILE F 20 -36.27 -15.95 -53.28
CA ILE F 20 -36.93 -17.14 -53.82
C ILE F 20 -36.89 -17.12 -55.35
N LEU F 21 -37.14 -15.97 -55.99
CA LEU F 21 -37.08 -15.83 -57.44
C LEU F 21 -35.69 -16.20 -57.96
N GLU F 22 -34.65 -15.84 -57.23
CA GLU F 22 -33.30 -16.28 -57.54
C GLU F 22 -33.20 -17.80 -57.47
N ASN F 23 -33.68 -18.40 -56.39
CA ASN F 23 -33.68 -19.84 -56.27
C ASN F 23 -34.47 -20.50 -57.41
N ILE F 24 -35.59 -19.91 -57.80
CA ILE F 24 -36.42 -20.35 -58.91
C ILE F 24 -35.63 -20.25 -60.22
N GLN F 25 -34.98 -19.12 -60.49
CA GLN F 25 -34.21 -18.93 -61.72
C GLN F 25 -33.07 -19.95 -61.79
N ILE F 26 -32.35 -20.16 -60.68
CA ILE F 26 -31.33 -21.20 -60.57
C ILE F 26 -31.94 -22.54 -60.92
N TYR F 27 -33.03 -22.92 -60.27
CA TYR F 27 -33.69 -24.20 -60.47
C TYR F 27 -34.16 -24.37 -61.92
N GLU F 28 -34.79 -23.37 -62.54
CA GLU F 28 -35.21 -23.43 -63.94
C GLU F 28 -34.01 -23.73 -64.82
N ARG F 29 -32.93 -22.99 -64.60
CA ARG F 29 -31.69 -23.20 -65.33
C ARG F 29 -31.13 -24.57 -65.05
N MET F 30 -31.13 -25.03 -63.81
CA MET F 30 -30.68 -26.37 -63.46
C MET F 30 -31.51 -27.43 -64.19
N CYS F 31 -32.82 -27.23 -64.27
CA CYS F 31 -33.73 -28.18 -64.91
C CYS F 31 -33.45 -28.29 -66.39
N ASP F 32 -33.33 -27.16 -67.06
CA ASP F 32 -32.92 -27.17 -68.45
C ASP F 32 -31.50 -27.75 -68.59
N LEU F 33 -30.57 -27.47 -67.66
CA LEU F 33 -29.17 -27.90 -67.73
C LEU F 33 -29.02 -29.42 -67.72
N PHE F 34 -29.75 -30.13 -66.87
CA PHE F 34 -29.77 -31.58 -66.88
C PHE F 34 -30.78 -32.20 -67.85
N GLY F 35 -31.54 -31.39 -68.60
CA GLY F 35 -32.47 -31.84 -69.64
C GLY F 35 -33.83 -32.30 -69.10
N VAL F 36 -34.28 -31.78 -67.97
CA VAL F 36 -35.52 -32.18 -67.29
C VAL F 36 -36.76 -31.78 -68.11
N SER F 37 -37.70 -32.71 -68.32
CA SER F 37 -38.96 -32.44 -69.04
C SER F 37 -39.87 -31.45 -68.30
N GLU F 38 -40.65 -30.66 -69.05
CA GLU F 38 -41.32 -29.48 -68.50
C GLU F 38 -42.18 -29.83 -67.29
N ASP F 39 -42.99 -30.86 -67.41
CA ASP F 39 -43.78 -31.35 -66.30
C ASP F 39 -42.87 -31.91 -65.20
N ASP F 40 -41.83 -32.66 -65.55
CA ASP F 40 -40.91 -33.22 -64.57
C ASP F 40 -40.17 -32.16 -63.75
N LYS F 41 -40.13 -30.90 -64.20
CA LYS F 41 -39.55 -29.82 -63.40
C LYS F 41 -40.26 -29.65 -62.06
N LEU F 42 -41.56 -29.91 -62.00
CA LEU F 42 -42.36 -29.74 -60.77
C LEU F 42 -41.90 -30.70 -59.65
N ILE F 43 -41.20 -31.75 -60.00
CA ILE F 43 -41.03 -32.87 -59.11
C ILE F 43 -40.20 -32.47 -57.90
N ILE F 44 -40.75 -32.75 -56.72
CA ILE F 44 -40.07 -32.49 -55.45
C ILE F 44 -38.79 -33.29 -55.35
N GLU F 45 -38.78 -34.56 -55.76
CA GLU F 45 -37.55 -35.35 -55.87
C GLU F 45 -36.49 -34.63 -56.71
N ASN F 46 -36.88 -33.97 -57.82
CA ASN F 46 -35.95 -33.16 -58.61
C ASN F 46 -35.46 -31.96 -57.81
N SER F 47 -36.35 -31.29 -57.05
CA SER F 47 -35.93 -30.25 -56.12
C SER F 47 -34.79 -30.73 -55.23
N ILE F 48 -35.05 -31.85 -54.55
CA ILE F 48 -34.09 -32.45 -53.64
C ILE F 48 -32.80 -32.75 -54.38
N SER F 49 -32.86 -33.40 -55.54
CA SER F 49 -31.66 -33.74 -56.28
C SER F 49 -30.81 -32.53 -56.63
N ILE F 50 -31.42 -31.43 -57.07
CA ILE F 50 -30.64 -30.22 -57.38
C ILE F 50 -30.03 -29.66 -56.10
N GLU F 51 -30.84 -29.54 -55.06
CA GLU F 51 -30.39 -29.02 -53.77
C GLU F 51 -29.21 -29.84 -53.25
N ARG F 52 -29.31 -31.17 -53.35
CA ARG F 52 -28.26 -32.12 -52.99
C ARG F 52 -26.98 -31.80 -53.75
N MET F 53 -27.07 -31.73 -55.07
CA MET F 53 -25.92 -31.46 -55.91
C MET F 53 -25.25 -30.14 -55.49
N ILE F 54 -26.07 -29.11 -55.21
CA ILE F 54 -25.54 -27.83 -54.76
C ILE F 54 -24.78 -27.98 -53.46
N ARG F 55 -25.27 -28.76 -52.48
CA ARG F 55 -24.49 -29.02 -51.26
C ARG F 55 -23.12 -29.56 -51.61
N VAL F 56 -23.05 -30.63 -52.42
CA VAL F 56 -21.78 -31.30 -52.76
C VAL F 56 -20.80 -30.30 -53.34
N VAL F 57 -21.25 -29.51 -54.31
CA VAL F 57 -20.42 -28.48 -54.96
C VAL F 57 -19.95 -27.45 -53.92
N THR F 58 -20.83 -27.03 -53.02
CA THR F 58 -20.55 -25.97 -52.04
C THR F 58 -19.85 -26.46 -50.77
N ASP F 59 -19.62 -27.75 -50.59
CA ASP F 59 -18.96 -28.33 -49.41
C ASP F 59 -17.45 -28.04 -49.33
N LYS F 60 -17.06 -26.79 -49.09
CA LYS F 60 -15.67 -26.29 -49.09
C LYS F 60 -14.70 -27.18 -48.31
N LYS F 61 -15.08 -27.59 -47.10
CA LYS F 61 -14.35 -28.56 -46.27
C LYS F 61 -14.09 -29.88 -46.98
N TYR F 62 -15.13 -30.53 -47.50
CA TYR F 62 -14.98 -31.77 -48.23
C TYR F 62 -14.22 -31.58 -49.55
N GLN F 63 -14.29 -30.42 -50.19
CA GLN F 63 -13.43 -30.11 -51.35
C GLN F 63 -11.95 -30.03 -50.95
N ASP F 64 -11.59 -29.48 -49.78
CA ASP F 64 -10.20 -29.53 -49.27
C ASP F 64 -9.68 -30.96 -49.12
N LYS F 65 -10.55 -31.83 -48.62
CA LYS F 65 -10.25 -33.24 -48.34
C LYS F 65 -10.14 -34.04 -49.63
N LYS F 66 -11.04 -33.77 -50.57
CA LYS F 66 -11.05 -34.32 -51.93
C LYS F 66 -9.72 -34.04 -52.62
N LEU F 67 -9.29 -32.79 -52.61
CA LEU F 67 -7.98 -32.40 -53.13
C LEU F 67 -6.87 -33.21 -52.45
N LYS F 68 -6.92 -33.37 -51.12
CA LYS F 68 -5.90 -34.14 -50.38
C LYS F 68 -5.74 -35.57 -50.90
N ASN F 69 -6.82 -36.23 -51.30
CA ASN F 69 -6.78 -37.59 -51.87
C ASN F 69 -6.91 -37.66 -53.40
N ALA F 70 -7.01 -36.54 -54.11
CA ALA F 70 -7.20 -36.53 -55.55
C ALA F 70 -6.00 -37.13 -56.31
N GLY F 71 -4.81 -37.06 -55.73
CA GLY F 71 -3.62 -37.79 -56.18
C GLY F 71 -3.19 -37.49 -57.62
N SER F 72 -2.52 -38.46 -58.25
CA SER F 72 -2.05 -38.39 -59.63
C SER F 72 -3.07 -38.94 -60.66
N ASP F 73 -4.14 -39.59 -60.22
CA ASP F 73 -5.00 -40.39 -61.10
C ASP F 73 -5.84 -39.51 -62.08
N PRO F 74 -5.67 -39.64 -63.42
CA PRO F 74 -6.45 -38.87 -64.38
C PRO F 74 -7.95 -39.16 -64.31
N GLU F 75 -8.40 -40.32 -63.80
CA GLU F 75 -9.82 -40.56 -63.55
C GLU F 75 -10.37 -39.74 -62.37
N LYS F 76 -9.59 -39.52 -61.31
CA LYS F 76 -9.98 -38.63 -60.20
C LYS F 76 -10.10 -37.19 -60.69
N ILE F 77 -9.13 -36.75 -61.51
CA ILE F 77 -9.05 -35.38 -62.03
C ILE F 77 -10.24 -35.07 -62.98
N ALA F 78 -10.60 -35.98 -63.90
CA ALA F 78 -11.75 -35.78 -64.79
C ALA F 78 -13.08 -35.72 -64.02
N ASN F 79 -13.27 -36.61 -63.05
CA ASN F 79 -14.46 -36.60 -62.20
C ASN F 79 -14.47 -35.43 -61.21
N ALA F 80 -13.36 -34.71 -61.00
CA ALA F 80 -13.40 -33.42 -60.31
C ALA F 80 -14.03 -32.31 -61.17
N GLY F 81 -13.98 -32.42 -62.50
CA GLY F 81 -14.63 -31.50 -63.43
C GLY F 81 -16.11 -31.81 -63.70
N LYS F 82 -16.43 -33.09 -63.92
CA LYS F 82 -17.83 -33.55 -64.04
C LYS F 82 -18.59 -33.28 -62.74
N VAL F 83 -19.88 -32.98 -62.86
CA VAL F 83 -20.84 -33.03 -61.76
C VAL F 83 -22.06 -33.85 -62.19
N PHE F 84 -22.41 -34.86 -61.39
CA PHE F 84 -23.55 -35.74 -61.63
C PHE F 84 -24.80 -35.29 -60.89
N CYS F 85 -25.96 -35.52 -61.50
CA CYS F 85 -27.26 -35.33 -60.86
C CYS F 85 -28.25 -36.43 -61.27
N ARG F 86 -28.55 -37.33 -60.34
CA ARG F 86 -29.64 -38.33 -60.46
C ARG F 86 -30.99 -37.62 -60.34
N LEU F 87 -31.78 -37.61 -61.41
CA LEU F 87 -33.04 -36.87 -61.54
C LEU F 87 -34.17 -37.78 -62.04
N VAL F 88 -35.42 -37.44 -61.72
CA VAL F 88 -36.61 -38.11 -62.25
C VAL F 88 -36.90 -37.66 -63.68
N GLU F 89 -37.17 -38.62 -64.56
CA GLU F 89 -37.69 -38.43 -65.91
C GLU F 89 -38.90 -39.35 -66.13
N SER F 90 -39.95 -38.87 -66.80
CA SER F 90 -41.20 -39.60 -66.97
C SER F 90 -41.58 -39.81 -68.43
N THR F 91 -42.37 -40.85 -68.69
CA THR F 91 -42.89 -41.24 -70.00
C THR F 91 -44.09 -42.16 -69.83
N ALA F 92 -45.17 -41.93 -70.57
CA ALA F 92 -46.37 -42.78 -70.58
C ALA F 92 -46.99 -43.04 -69.18
N GLY F 93 -46.89 -42.07 -68.27
CA GLY F 93 -47.29 -42.18 -66.87
C GLY F 93 -46.29 -42.93 -65.97
N LYS F 94 -45.32 -43.65 -66.55
CA LYS F 94 -44.20 -44.27 -65.85
C LYS F 94 -43.07 -43.27 -65.60
N CYS F 95 -42.19 -43.58 -64.65
CA CYS F 95 -41.04 -42.75 -64.31
C CYS F 95 -39.81 -43.55 -63.91
N SER F 96 -38.65 -42.90 -64.04
CA SER F 96 -37.34 -43.47 -63.82
C SER F 96 -36.35 -42.37 -63.46
N ALA F 97 -35.17 -42.76 -63.04
CA ALA F 97 -33.99 -41.92 -62.97
C ALA F 97 -33.37 -41.64 -64.36
N ARG F 98 -32.66 -40.51 -64.49
CA ARG F 98 -31.53 -40.34 -65.43
C ARG F 98 -30.37 -39.67 -64.71
N LEU F 99 -29.16 -40.14 -65.01
CA LEU F 99 -27.92 -39.50 -64.61
C LEU F 99 -27.66 -38.28 -65.51
N GLY F 100 -28.23 -37.13 -65.15
CA GLY F 100 -27.80 -35.87 -65.74
C GLY F 100 -26.31 -35.61 -65.40
N MET F 101 -25.58 -35.00 -66.33
CA MET F 101 -24.20 -34.53 -66.11
C MET F 101 -23.99 -33.13 -66.69
N ALA F 102 -23.31 -32.27 -65.93
CA ALA F 102 -22.87 -30.95 -66.33
C ALA F 102 -21.52 -30.67 -65.67
N LEU F 103 -20.71 -29.80 -66.23
CA LEU F 103 -19.43 -29.47 -65.61
C LEU F 103 -19.65 -28.56 -64.41
N LYS F 104 -18.77 -28.62 -63.40
CA LYS F 104 -18.82 -27.70 -62.25
C LYS F 104 -18.92 -26.23 -62.71
N PRO F 105 -18.13 -25.77 -63.69
CA PRO F 105 -18.33 -24.45 -64.28
C PRO F 105 -19.73 -24.17 -64.81
N ASN F 106 -20.47 -25.16 -65.33
CA ASN F 106 -21.86 -24.95 -65.73
C ASN F 106 -22.72 -24.57 -64.52
N VAL F 107 -22.58 -25.30 -63.41
CA VAL F 107 -23.31 -25.04 -62.16
C VAL F 107 -22.87 -23.69 -61.58
N GLU F 108 -21.57 -23.43 -61.54
CA GLU F 108 -21.01 -22.16 -61.09
C GLU F 108 -21.53 -21.00 -61.93
N ALA F 109 -21.66 -21.17 -63.25
CA ALA F 109 -22.20 -20.13 -64.11
C ALA F 109 -23.61 -19.75 -63.66
N VAL F 110 -24.53 -20.71 -63.58
CA VAL F 110 -25.89 -20.43 -63.11
C VAL F 110 -25.85 -19.71 -61.76
N LEU F 111 -25.07 -20.22 -60.81
CA LEU F 111 -25.01 -19.64 -59.47
C LEU F 111 -24.43 -18.23 -59.50
N THR F 112 -23.25 -18.05 -60.07
CA THR F 112 -22.61 -16.75 -60.18
C THR F 112 -23.44 -15.79 -61.00
N ASP F 113 -24.20 -16.25 -61.99
CA ASP F 113 -25.07 -15.41 -62.79
C ASP F 113 -26.21 -14.83 -61.95
N VAL F 114 -26.88 -15.66 -61.15
CA VAL F 114 -28.11 -15.28 -60.45
C VAL F 114 -27.84 -14.63 -59.08
N LEU F 115 -26.82 -15.10 -58.35
CA LEU F 115 -26.45 -14.60 -57.02
C LEU F 115 -25.25 -13.62 -57.04
N GLY F 116 -24.67 -13.36 -58.21
CA GLY F 116 -23.46 -12.55 -58.39
C GLY F 116 -22.18 -13.39 -58.37
N ASN F 117 -21.15 -12.89 -59.06
CA ASN F 117 -19.84 -13.54 -59.21
C ASN F 117 -19.23 -13.89 -57.85
N GLU F 118 -19.37 -12.98 -56.88
CA GLU F 118 -18.96 -13.16 -55.49
C GLU F 118 -19.91 -14.11 -54.74
N LEU F 119 -19.98 -15.36 -55.19
CA LEU F 119 -20.46 -16.47 -54.36
C LEU F 119 -19.62 -16.62 -53.08
N ASP F 120 -18.39 -16.09 -53.10
CA ASP F 120 -17.52 -15.85 -51.94
C ASP F 120 -18.17 -14.97 -50.85
N ARG F 121 -19.27 -14.28 -51.14
CA ARG F 121 -20.24 -13.81 -50.14
C ARG F 121 -20.96 -15.02 -49.54
N ALA F 122 -20.21 -15.80 -48.76
CA ALA F 122 -20.64 -16.97 -48.03
C ALA F 122 -21.98 -16.78 -47.33
N ALA F 123 -22.28 -15.57 -46.84
CA ALA F 123 -23.58 -15.24 -46.27
C ALA F 123 -24.73 -15.45 -47.27
N VAL F 124 -24.63 -14.90 -48.48
CA VAL F 124 -25.75 -14.88 -49.44
C VAL F 124 -26.10 -16.28 -49.94
N LEU F 125 -25.09 -17.04 -50.36
CA LEU F 125 -25.29 -18.42 -50.80
C LEU F 125 -25.60 -19.34 -49.61
N GLY F 126 -24.84 -19.21 -48.52
CA GLY F 126 -24.95 -20.09 -47.35
C GLY F 126 -26.25 -19.94 -46.58
N LYS F 127 -26.85 -18.74 -46.53
CA LYS F 127 -28.16 -18.53 -45.89
C LYS F 127 -29.21 -19.42 -46.55
N ARG F 128 -29.46 -19.19 -47.84
CA ARG F 128 -30.45 -19.98 -48.61
C ARG F 128 -30.09 -21.46 -48.67
N MET F 129 -28.81 -21.82 -48.82
CA MET F 129 -28.43 -23.23 -48.82
C MET F 129 -28.53 -23.88 -47.45
N GLY F 130 -28.32 -23.14 -46.35
CA GLY F 130 -28.57 -23.61 -45.00
C GLY F 130 -30.02 -24.00 -44.84
N PHE F 131 -30.95 -23.18 -45.33
CA PHE F 131 -32.37 -23.47 -45.26
C PHE F 131 -32.73 -24.77 -46.03
N SER F 132 -32.18 -24.95 -47.23
CA SER F 132 -32.33 -26.18 -48.01
C SER F 132 -31.71 -27.40 -47.32
N ALA F 133 -30.48 -27.29 -46.84
CA ALA F 133 -29.78 -28.36 -46.13
C ALA F 133 -30.54 -28.75 -44.86
N MET F 134 -31.10 -27.77 -44.16
CA MET F 134 -31.97 -27.98 -43.02
C MET F 134 -33.19 -28.77 -43.47
N PHE F 135 -33.91 -28.38 -44.53
CA PHE F 135 -35.02 -29.18 -45.04
C PHE F 135 -34.60 -30.63 -45.33
N LYS F 136 -33.42 -30.86 -45.94
CA LYS F 136 -32.92 -32.22 -46.16
C LYS F 136 -32.67 -32.94 -44.84
N SER F 137 -32.03 -32.27 -43.90
CA SER F 137 -31.87 -32.77 -42.56
C SER F 137 -33.20 -33.13 -41.91
N ASN F 138 -34.25 -32.31 -42.06
CA ASN F 138 -35.59 -32.61 -41.57
C ASN F 138 -36.11 -33.92 -42.16
N LEU F 139 -36.03 -34.05 -43.49
CA LEU F 139 -36.57 -35.21 -44.20
C LEU F 139 -35.80 -36.49 -43.83
N GLU F 140 -34.47 -36.42 -43.74
CA GLU F 140 -33.65 -37.50 -43.21
C GLU F 140 -34.11 -37.93 -41.81
N GLU F 141 -34.33 -36.95 -40.94
CA GLU F 141 -34.71 -37.19 -39.56
C GLU F 141 -36.03 -37.95 -39.46
N VAL F 142 -37.05 -37.51 -40.20
CA VAL F 142 -38.31 -38.24 -40.25
C VAL F 142 -38.10 -39.63 -40.90
N LEU F 143 -37.23 -39.73 -41.91
CA LEU F 143 -37.02 -40.98 -42.63
C LEU F 143 -36.44 -42.06 -41.72
N TYR F 144 -35.23 -41.86 -41.19
CA TYR F 144 -34.40 -43.01 -40.79
C TYR F 144 -33.65 -42.86 -39.46
N GLN F 145 -34.10 -41.96 -38.59
CA GLN F 145 -33.61 -41.82 -37.19
C GLN F 145 -32.06 -41.73 -37.10
N ARG F 146 -31.46 -41.23 -38.18
CA ARG F 146 -30.04 -40.89 -38.40
C ARG F 146 -28.99 -41.96 -38.05
N GLY F 147 -29.34 -43.24 -38.11
CA GLY F 147 -28.51 -44.35 -37.62
C GLY F 147 -27.04 -44.29 -38.01
N LYS F 148 -26.73 -44.26 -39.32
CA LYS F 148 -25.33 -44.23 -39.78
C LYS F 148 -24.55 -43.00 -39.36
N ASN F 149 -25.21 -41.88 -39.08
CA ASN F 149 -24.54 -40.73 -38.46
C ASN F 149 -24.39 -40.91 -36.94
N GLN F 150 -25.40 -41.40 -36.24
CA GLN F 150 -25.29 -41.59 -34.78
C GLN F 150 -24.31 -42.69 -34.39
N LEU F 151 -23.98 -43.66 -35.25
CA LEU F 151 -22.85 -44.57 -35.00
C LEU F 151 -21.52 -43.79 -34.83
N LYS F 152 -21.40 -42.62 -35.46
CA LYS F 152 -20.32 -41.63 -35.21
C LYS F 152 -20.64 -40.71 -34.02
N LYS F 153 -21.86 -40.14 -33.97
CA LYS F 153 -22.27 -39.09 -33.01
C LYS F 153 -22.76 -39.58 -31.64
N ARG F 154 -22.78 -40.89 -31.43
CA ARG F 154 -22.68 -41.62 -30.15
C ARG F 154 -23.80 -41.43 -29.13
N ASN F 155 -25.01 -41.04 -29.54
CA ASN F 155 -26.11 -40.75 -28.61
C ASN F 155 -27.49 -41.28 -29.04
N ALA F 156 -28.38 -41.49 -28.06
CA ALA F 156 -29.60 -42.32 -28.16
C ALA F 156 -30.89 -41.58 -28.59
N ALA F 157 -32.00 -42.32 -28.67
CA ALA F 157 -33.22 -41.89 -29.36
C ALA F 157 -33.84 -40.59 -28.82
N GLU F 158 -33.91 -40.43 -27.51
CA GLU F 158 -34.41 -39.20 -26.90
C GLU F 158 -33.52 -38.02 -27.31
N THR F 159 -32.20 -38.18 -27.24
CA THR F 159 -31.27 -37.13 -27.70
C THR F 159 -31.54 -36.81 -29.17
N PHE F 160 -31.77 -37.84 -29.98
CA PHE F 160 -32.10 -37.68 -31.39
C PHE F 160 -33.37 -36.83 -31.55
N THR F 161 -34.41 -37.05 -30.75
CA THR F 161 -35.63 -36.26 -30.90
C THR F 161 -35.40 -34.76 -30.70
N LEU F 162 -34.55 -34.38 -29.75
CA LEU F 162 -34.24 -32.98 -29.53
C LEU F 162 -33.24 -32.41 -30.56
N SER F 163 -32.66 -33.26 -31.39
CA SER F 163 -31.59 -32.86 -32.30
C SER F 163 -32.12 -32.56 -33.69
N GLN F 164 -33.16 -31.73 -33.77
CA GLN F 164 -33.71 -31.32 -35.06
C GLN F 164 -32.65 -30.53 -35.85
N GLY F 165 -32.38 -30.93 -37.09
CA GLY F 165 -31.34 -30.35 -37.94
C GLY F 165 -29.94 -30.93 -37.77
N ALA F 166 -29.71 -31.91 -36.89
CA ALA F 166 -28.37 -32.47 -36.70
C ALA F 166 -27.88 -33.42 -37.81
N SER F 167 -28.63 -33.62 -38.91
CA SER F 167 -28.10 -34.31 -40.11
C SER F 167 -27.20 -33.40 -40.96
N LEU F 168 -27.23 -32.08 -40.73
CA LEU F 168 -26.46 -31.07 -41.46
C LEU F 168 -24.94 -31.32 -41.47
N GLU F 169 -24.29 -31.04 -42.60
CA GLU F 169 -22.84 -30.82 -42.62
C GLU F 169 -22.46 -29.65 -41.70
N ALA F 170 -21.30 -29.78 -41.04
CA ALA F 170 -20.88 -28.93 -39.93
C ALA F 170 -21.01 -27.43 -40.26
N ARG F 171 -20.56 -27.03 -41.45
CA ARG F 171 -20.58 -25.64 -41.92
C ARG F 171 -21.94 -24.96 -41.82
N PHE F 172 -23.02 -25.73 -41.99
CA PHE F 172 -24.35 -25.17 -41.90
C PHE F 172 -24.78 -24.91 -40.46
N ARG F 173 -24.24 -25.65 -39.50
CA ARG F 173 -24.71 -25.60 -38.11
C ARG F 173 -24.56 -24.19 -37.51
N PRO F 174 -23.45 -23.46 -37.76
CA PRO F 174 -23.35 -22.04 -37.44
C PRO F 174 -24.42 -21.18 -38.09
N ILE F 175 -24.70 -21.39 -39.38
CA ILE F 175 -25.67 -20.59 -40.14
C ILE F 175 -27.08 -20.75 -39.56
N MET F 176 -27.47 -21.98 -39.23
CA MET F 176 -28.85 -22.32 -38.83
C MET F 176 -29.21 -22.03 -37.36
N GLU F 177 -28.40 -21.24 -36.64
CA GLU F 177 -28.36 -21.14 -35.18
C GLU F 177 -29.74 -21.17 -34.48
N LYS F 178 -30.72 -20.45 -35.00
CA LYS F 178 -32.04 -20.22 -34.37
C LYS F 178 -32.94 -21.45 -34.37
N HIS F 179 -32.92 -22.22 -35.45
CA HIS F 179 -33.98 -23.20 -35.71
C HIS F 179 -33.63 -24.62 -35.30
N LEU F 180 -32.34 -24.94 -35.20
CA LEU F 180 -31.88 -26.27 -34.77
C LEU F 180 -32.44 -26.61 -33.38
N GLY F 181 -32.91 -27.86 -33.22
CA GLY F 181 -33.35 -28.37 -31.93
C GLY F 181 -32.18 -28.43 -30.96
N VAL F 182 -32.42 -28.15 -29.68
CA VAL F 182 -31.35 -27.94 -28.67
C VAL F 182 -30.37 -29.11 -28.65
N GLY F 183 -30.89 -30.31 -28.83
CA GLY F 183 -30.10 -31.54 -28.89
C GLY F 183 -29.00 -31.48 -29.94
N THR F 184 -29.23 -30.80 -31.06
CA THR F 184 -28.25 -30.65 -32.13
C THR F 184 -27.00 -29.97 -31.59
N VAL F 185 -27.19 -28.87 -30.87
CA VAL F 185 -26.09 -28.14 -30.24
C VAL F 185 -25.44 -29.01 -29.18
N VAL F 186 -26.23 -29.65 -28.34
CA VAL F 186 -25.74 -30.48 -27.24
C VAL F 186 -24.88 -31.62 -27.75
N ALA F 187 -25.39 -32.37 -28.72
CA ALA F 187 -24.69 -33.46 -29.37
C ALA F 187 -23.39 -32.95 -29.98
N SER F 188 -23.45 -31.79 -30.62
CA SER F 188 -22.27 -31.16 -31.17
C SER F 188 -21.24 -30.95 -30.07
N ILE F 189 -21.59 -30.32 -28.94
CA ILE F 189 -20.65 -30.09 -27.85
C ILE F 189 -20.05 -31.40 -27.36
N LYS F 190 -20.89 -32.40 -27.11
CA LYS F 190 -20.44 -33.70 -26.61
C LYS F 190 -19.44 -34.34 -27.58
N ASN F 191 -19.73 -34.26 -28.87
CA ASN F 191 -18.82 -34.75 -29.89
C ASN F 191 -17.57 -33.87 -30.05
N ILE F 192 -17.64 -32.57 -29.78
CA ILE F 192 -16.44 -31.71 -29.77
C ILE F 192 -15.46 -32.18 -28.68
N LEU F 193 -15.95 -32.55 -27.50
CA LEU F 193 -15.10 -33.11 -26.44
C LEU F 193 -14.44 -34.43 -26.87
N ALA F 194 -15.18 -35.28 -27.60
CA ALA F 194 -14.57 -36.46 -28.20
C ALA F 194 -13.51 -36.08 -29.25
N SER F 195 -13.77 -35.09 -30.09
CA SER F 195 -12.79 -34.59 -31.06
C SER F 195 -11.52 -34.08 -30.41
N LYS F 196 -11.62 -33.41 -29.26
CA LYS F 196 -10.45 -33.02 -28.45
C LYS F 196 -9.60 -34.21 -28.01
N LYS F 197 -10.16 -35.41 -27.85
CA LYS F 197 -9.36 -36.64 -27.72
C LYS F 197 -8.86 -37.13 -29.09
N ASN F 198 -9.77 -37.29 -30.04
CA ASN F 198 -9.55 -38.11 -31.22
C ASN F 198 -8.74 -37.43 -32.35
N GLY F 199 -8.73 -36.10 -32.41
CA GLY F 199 -8.00 -35.35 -33.45
C GLY F 199 -8.61 -35.41 -34.86
N ASN F 200 -9.83 -35.93 -35.00
CA ASN F 200 -10.62 -36.02 -36.24
C ASN F 200 -11.21 -34.67 -36.71
N TYR F 201 -10.60 -33.56 -36.31
CA TYR F 201 -11.16 -32.22 -36.42
C TYR F 201 -10.06 -31.16 -36.52
N ARG F 202 -10.40 -29.99 -37.05
CA ARG F 202 -9.68 -28.73 -36.86
C ARG F 202 -10.56 -27.72 -36.11
N ASN F 203 -10.09 -27.25 -34.96
CA ASN F 203 -10.72 -26.14 -34.23
C ASN F 203 -10.55 -24.79 -34.96
N LYS F 204 -11.38 -23.78 -34.65
CA LYS F 204 -11.68 -22.63 -35.52
C LYS F 204 -12.10 -21.36 -34.77
N MET F 205 -12.20 -20.21 -35.45
CA MET F 205 -12.70 -18.93 -34.91
C MET F 205 -13.58 -18.19 -35.94
N VAL F 206 -14.69 -17.59 -35.48
CA VAL F 206 -15.69 -16.89 -36.32
C VAL F 206 -16.27 -15.63 -35.64
N ARG F 207 -16.97 -14.80 -36.43
CA ARG F 207 -17.66 -13.55 -36.02
C ARG F 207 -19.00 -13.37 -36.77
N LYS F 208 -20.03 -12.80 -36.12
CA LYS F 208 -21.40 -12.70 -36.67
C LYS F 208 -21.95 -11.26 -36.60
N PRO F 209 -21.85 -10.46 -37.67
CA PRO F 209 -22.40 -9.10 -37.76
C PRO F 209 -23.92 -9.03 -37.63
N GLY F 210 -24.42 -7.86 -37.24
CA GLY F 210 -25.83 -7.62 -36.88
C GLY F 210 -26.27 -8.29 -35.56
N GLY F 211 -25.57 -9.33 -35.11
CA GLY F 211 -25.75 -10.01 -33.82
C GLY F 211 -24.69 -9.66 -32.78
N ASN F 212 -23.46 -10.15 -32.97
CA ASN F 212 -22.32 -9.91 -32.07
C ASN F 212 -20.98 -9.96 -32.83
N ARG F 213 -20.22 -8.86 -32.79
CA ARG F 213 -18.86 -8.73 -33.35
C ARG F 213 -17.78 -9.48 -32.55
N GLU F 214 -18.14 -10.17 -31.48
CA GLU F 214 -17.26 -11.12 -30.81
C GLU F 214 -16.67 -12.16 -31.76
N SER F 215 -15.41 -12.48 -31.53
CA SER F 215 -14.54 -13.16 -32.49
C SER F 215 -13.90 -14.35 -31.81
N TRP F 216 -14.50 -15.52 -31.99
CA TRP F 216 -14.40 -16.60 -31.01
C TRP F 216 -14.73 -17.98 -31.57
N SER F 217 -14.44 -19.03 -30.80
CA SER F 217 -14.38 -20.42 -31.23
C SER F 217 -15.73 -21.15 -31.15
N PRO F 218 -15.80 -22.42 -31.60
CA PRO F 218 -16.92 -23.31 -31.33
C PRO F 218 -17.32 -23.33 -29.86
N LEU F 219 -16.36 -23.26 -28.92
CA LEU F 219 -16.70 -23.26 -27.50
C LEU F 219 -17.66 -22.12 -27.19
N GLU F 220 -17.24 -20.90 -27.53
CA GLU F 220 -18.07 -19.73 -27.31
C GLU F 220 -19.34 -19.78 -28.18
N ARG F 221 -19.21 -20.15 -29.45
CA ARG F 221 -20.31 -20.20 -30.41
C ARG F 221 -21.42 -21.12 -29.91
N GLU F 222 -21.04 -22.33 -29.54
CA GLU F 222 -21.96 -23.30 -28.99
C GLU F 222 -22.57 -22.75 -27.71
N ILE F 223 -21.77 -22.27 -26.77
CA ILE F 223 -22.31 -21.75 -25.50
C ILE F 223 -23.27 -20.60 -25.76
N SER F 224 -22.97 -19.75 -26.73
CA SER F 224 -23.83 -18.65 -27.12
C SER F 224 -25.15 -19.18 -27.66
N PHE F 225 -25.11 -20.12 -28.60
CA PHE F 225 -26.32 -20.71 -29.14
C PHE F 225 -27.13 -21.39 -28.03
N LEU F 226 -26.44 -22.07 -27.12
CA LEU F 226 -27.04 -22.73 -25.97
C LEU F 226 -27.72 -21.69 -25.07
N ASN F 227 -27.09 -20.54 -24.84
CA ASN F 227 -27.70 -19.47 -24.08
C ASN F 227 -28.93 -18.92 -24.80
N LYS F 228 -28.87 -18.77 -26.13
CA LYS F 228 -30.00 -18.33 -26.95
C LYS F 228 -31.18 -19.29 -26.91
N LYS F 229 -30.98 -20.53 -26.45
CA LYS F 229 -32.01 -21.58 -26.36
C LYS F 229 -32.51 -21.85 -24.95
N LEU F 230 -31.63 -21.91 -23.95
CA LEU F 230 -31.98 -22.44 -22.62
C LEU F 230 -33.00 -21.56 -21.89
N PHE F 231 -33.70 -22.19 -20.94
CA PHE F 231 -34.74 -21.57 -20.14
C PHE F 231 -34.17 -20.49 -19.20
N PRO F 232 -34.79 -19.29 -19.16
CA PRO F 232 -34.34 -18.20 -18.29
C PRO F 232 -34.27 -18.61 -16.81
N GLY F 233 -33.44 -17.94 -16.02
CA GLY F 233 -33.12 -18.45 -14.68
C GLY F 233 -32.20 -19.68 -14.77
N PRO F 234 -32.55 -20.81 -14.13
CA PRO F 234 -31.57 -21.83 -13.77
C PRO F 234 -30.79 -22.35 -14.96
N MET F 235 -31.47 -22.64 -16.07
CA MET F 235 -30.84 -23.27 -17.22
C MET F 235 -29.90 -22.29 -17.93
N ARG F 236 -30.32 -21.04 -18.16
CA ARG F 236 -29.36 -20.03 -18.63
C ARG F 236 -28.26 -19.76 -17.62
N GLN F 237 -28.51 -19.87 -16.31
CA GLN F 237 -27.45 -19.69 -15.32
C GLN F 237 -26.41 -20.81 -15.44
N LEU F 238 -26.85 -22.05 -15.66
CA LEU F 238 -25.97 -23.16 -15.99
C LEU F 238 -25.21 -22.85 -17.30
N CYS F 239 -25.88 -22.21 -18.26
CA CYS F 239 -25.27 -21.79 -19.50
C CYS F 239 -24.11 -20.81 -19.25
N LYS F 240 -24.30 -19.84 -18.35
CA LYS F 240 -23.23 -18.91 -17.96
C LYS F 240 -22.09 -19.62 -17.23
N LYS F 241 -22.40 -20.54 -16.30
CA LYS F 241 -21.40 -21.36 -15.59
C LYS F 241 -20.53 -22.19 -16.52
N PHE F 242 -21.04 -22.52 -17.71
CA PHE F 242 -20.59 -23.67 -18.49
C PHE F 242 -19.08 -23.71 -18.72
N GLU F 243 -18.44 -22.56 -18.99
CA GLU F 243 -16.99 -22.49 -19.19
C GLU F 243 -16.16 -22.95 -17.99
N TYR F 244 -16.78 -23.00 -16.82
CA TYR F 244 -16.17 -23.30 -15.54
C TYR F 244 -16.64 -24.63 -14.95
N LEU F 245 -17.51 -25.36 -15.66
CA LEU F 245 -17.69 -26.80 -15.45
C LEU F 245 -16.45 -27.56 -15.92
N ASN F 246 -16.05 -28.65 -15.25
CA ASN F 246 -15.07 -29.58 -15.82
C ASN F 246 -15.67 -30.39 -16.98
N GLU F 247 -14.87 -31.12 -17.76
CA GLU F 247 -15.37 -31.80 -18.97
C GLU F 247 -16.46 -32.84 -18.68
N GLN F 248 -16.30 -33.65 -17.64
CA GLN F 248 -17.34 -34.60 -17.25
C GLN F 248 -18.56 -33.85 -16.70
N GLU F 249 -18.36 -32.81 -15.90
CA GLU F 249 -19.45 -31.94 -15.46
C GLU F 249 -20.20 -31.36 -16.66
N LYS F 250 -19.50 -30.94 -17.72
CA LYS F 250 -20.14 -30.50 -18.96
C LYS F 250 -20.98 -31.62 -19.52
N GLN F 251 -20.44 -32.82 -19.68
CA GLN F 251 -21.23 -33.94 -20.21
C GLN F 251 -22.45 -34.24 -19.33
N LEU F 252 -22.28 -34.27 -18.03
CA LEU F 252 -23.37 -34.53 -17.09
C LEU F 252 -24.44 -33.45 -17.17
N ALA F 253 -24.01 -32.20 -17.16
CA ALA F 253 -24.88 -31.05 -17.29
C ALA F 253 -25.65 -31.11 -18.60
N LEU F 254 -24.94 -31.35 -19.70
CA LEU F 254 -25.55 -31.48 -21.02
C LEU F 254 -26.62 -32.56 -20.97
N ASN F 255 -26.32 -33.72 -20.40
CA ASN F 255 -27.31 -34.78 -20.28
C ASN F 255 -28.53 -34.28 -19.53
N LEU F 256 -28.37 -33.74 -18.32
CA LEU F 256 -29.53 -33.37 -17.54
C LEU F 256 -30.29 -32.22 -18.19
N MET F 257 -29.61 -31.24 -18.78
CA MET F 257 -30.27 -30.16 -19.49
C MET F 257 -31.04 -30.70 -20.69
N LEU F 258 -30.47 -31.66 -21.39
CA LEU F 258 -31.11 -32.27 -22.52
C LEU F 258 -32.37 -33.01 -22.06
N ASP F 259 -32.27 -33.77 -20.98
CA ASP F 259 -33.43 -34.42 -20.38
C ASP F 259 -34.48 -33.40 -19.97
N ALA F 260 -34.08 -32.33 -19.30
CA ALA F 260 -34.97 -31.27 -18.89
C ALA F 260 -35.67 -30.67 -20.10
N SER F 261 -34.96 -30.51 -21.21
CA SER F 261 -35.50 -30.01 -22.46
C SER F 261 -36.55 -30.95 -23.06
N LEU F 262 -36.58 -32.24 -22.70
CA LEU F 262 -37.68 -33.11 -23.10
C LEU F 262 -39.01 -32.55 -22.55
N ILE F 263 -39.04 -31.96 -21.36
CA ILE F 263 -40.23 -31.32 -20.80
C ILE F 263 -40.23 -29.83 -21.11
N LEU F 264 -39.18 -29.13 -20.72
CA LEU F 264 -39.06 -27.67 -20.75
C LEU F 264 -38.98 -27.20 -22.20
N LYS F 265 -39.80 -26.23 -22.58
CA LYS F 265 -39.86 -25.67 -23.95
C LYS F 265 -39.53 -24.16 -24.00
N PRO F 266 -38.36 -23.69 -23.54
CA PRO F 266 -37.95 -22.29 -23.77
C PRO F 266 -37.76 -21.99 -25.28
N GLN F 267 -37.39 -20.76 -25.61
CA GLN F 267 -37.33 -20.27 -27.00
C GLN F 267 -36.47 -21.14 -27.96
N VAL F 268 -37.11 -21.83 -28.90
CA VAL F 268 -36.51 -22.64 -29.97
C VAL F 268 -37.29 -22.37 -31.27
N THR F 269 -36.61 -22.14 -32.39
CA THR F 269 -37.28 -21.40 -33.47
C THR F 269 -37.85 -22.34 -34.51
N HIS F 270 -39.15 -22.28 -34.75
CA HIS F 270 -39.76 -22.95 -35.89
C HIS F 270 -39.20 -22.39 -37.21
N LYS F 271 -39.35 -23.11 -38.32
CA LYS F 271 -39.27 -22.52 -39.68
C LYS F 271 -40.10 -23.34 -40.67
N MET F 272 -40.56 -22.70 -41.76
CA MET F 272 -40.98 -23.44 -42.95
C MET F 272 -39.89 -23.40 -44.03
N ILE F 273 -39.65 -24.53 -44.71
CA ILE F 273 -38.92 -24.57 -45.97
C ILE F 273 -39.68 -25.52 -46.88
N MET F 274 -40.52 -24.98 -47.77
CA MET F 274 -41.01 -25.77 -48.89
C MET F 274 -39.87 -26.03 -49.89
N PRO F 275 -39.86 -27.18 -50.57
CA PRO F 275 -39.02 -27.45 -51.74
C PRO F 275 -39.01 -26.34 -52.81
N TRP F 276 -37.85 -26.16 -53.45
CA TRP F 276 -37.70 -25.23 -54.57
C TRP F 276 -38.64 -25.59 -55.72
N SER F 277 -38.87 -26.87 -56.02
CA SER F 277 -39.86 -27.24 -57.04
C SER F 277 -41.29 -26.87 -56.61
N MET F 278 -41.60 -26.78 -55.31
CA MET F 278 -42.88 -26.24 -54.85
C MET F 278 -42.92 -24.73 -55.02
N TRP F 279 -41.82 -24.03 -54.80
CA TRP F 279 -41.77 -22.62 -55.20
C TRP F 279 -41.94 -22.46 -56.71
N LEU F 280 -41.31 -23.31 -57.53
CA LEU F 280 -41.58 -23.31 -58.96
C LEU F 280 -43.06 -23.59 -59.22
N ALA F 281 -43.65 -24.55 -58.52
CA ALA F 281 -45.05 -24.88 -58.68
C ALA F 281 -45.90 -23.65 -58.36
N VAL F 282 -45.56 -22.89 -57.33
CA VAL F 282 -46.23 -21.62 -57.03
C VAL F 282 -46.12 -20.66 -58.22
N LYS F 283 -44.93 -20.52 -58.84
CA LYS F 283 -44.79 -19.68 -60.04
C LYS F 283 -45.73 -20.16 -61.14
N LYS F 284 -45.60 -21.41 -61.56
CA LYS F 284 -46.43 -21.93 -62.65
C LYS F 284 -47.91 -21.91 -62.31
N TYR F 285 -48.27 -22.08 -61.04
CA TYR F 285 -49.64 -21.93 -60.59
C TYR F 285 -50.10 -20.50 -60.84
N ALA F 286 -49.32 -19.51 -60.38
CA ALA F 286 -49.63 -18.13 -60.62
C ALA F 286 -49.82 -17.90 -62.12
N GLU F 287 -48.90 -18.43 -62.93
CA GLU F 287 -49.01 -18.34 -64.38
C GLU F 287 -50.33 -18.95 -64.86
N MET F 288 -50.65 -20.18 -64.46
CA MET F 288 -51.86 -20.85 -64.93
C MET F 288 -53.13 -20.23 -64.37
N ASN F 289 -53.02 -19.42 -63.32
CA ASN F 289 -54.11 -18.62 -62.78
C ASN F 289 -54.30 -17.27 -63.48
N LYS F 290 -53.49 -16.93 -64.48
CA LYS F 290 -53.62 -15.70 -65.29
C LYS F 290 -53.59 -14.39 -64.48
N GLY F 291 -52.55 -14.19 -63.68
CA GLY F 291 -52.15 -12.87 -63.17
C GLY F 291 -52.81 -12.40 -61.87
N SER F 292 -52.96 -13.29 -60.88
CA SER F 292 -53.52 -12.97 -59.55
C SER F 292 -52.73 -13.51 -58.32
N PRO F 293 -52.19 -14.75 -58.29
CA PRO F 293 -51.37 -15.21 -57.16
C PRO F 293 -49.97 -14.59 -57.18
N SER F 294 -49.61 -13.82 -56.15
CA SER F 294 -48.36 -13.04 -56.11
C SER F 294 -47.39 -13.57 -55.04
N LEU F 295 -46.17 -13.91 -55.46
CA LEU F 295 -45.18 -14.55 -54.60
C LEU F 295 -44.80 -13.72 -53.37
N GLU F 296 -44.78 -12.39 -53.47
CA GLU F 296 -44.52 -11.56 -52.30
C GLU F 296 -45.55 -11.76 -51.21
N ASP F 297 -46.79 -12.07 -51.58
CA ASP F 297 -47.85 -12.40 -50.63
C ASP F 297 -47.52 -13.63 -49.81
N LEU F 298 -46.66 -14.51 -50.34
CA LEU F 298 -46.23 -15.78 -49.75
C LEU F 298 -44.80 -15.72 -49.15
N ALA F 299 -44.10 -14.59 -49.32
CA ALA F 299 -42.66 -14.50 -49.13
C ALA F 299 -42.22 -14.25 -47.65
N ALA F 300 -42.47 -15.21 -46.75
CA ALA F 300 -42.05 -15.11 -45.34
C ALA F 300 -41.66 -16.47 -44.71
N TYR F 301 -40.73 -16.45 -43.75
CA TYR F 301 -40.27 -17.64 -43.02
C TYR F 301 -41.13 -17.97 -41.80
N SER F 302 -42.26 -17.29 -41.68
CA SER F 302 -43.14 -17.28 -40.52
C SER F 302 -44.55 -16.83 -40.94
N GLY F 303 -45.55 -17.09 -40.10
CA GLY F 303 -46.92 -16.64 -40.32
C GLY F 303 -47.70 -17.42 -41.38
N VAL F 304 -49.00 -17.15 -41.42
CA VAL F 304 -50.00 -17.91 -42.20
C VAL F 304 -49.73 -17.98 -43.70
N ARG F 305 -48.94 -17.04 -44.21
CA ARG F 305 -48.41 -17.06 -45.58
C ARG F 305 -47.79 -18.40 -45.93
N ALA F 306 -47.18 -19.08 -44.97
CA ALA F 306 -46.67 -20.43 -45.15
C ALA F 306 -47.77 -21.46 -45.47
N PHE F 307 -48.89 -21.45 -44.73
CA PHE F 307 -50.00 -22.35 -45.02
C PHE F 307 -50.67 -22.00 -46.34
N MET F 308 -50.76 -20.70 -46.68
CA MET F 308 -51.19 -20.29 -48.02
C MET F 308 -50.34 -20.99 -49.08
N ALA F 309 -49.01 -20.93 -48.97
CA ALA F 309 -48.10 -21.51 -49.94
C ALA F 309 -48.22 -23.04 -50.02
N PHE F 310 -48.26 -23.73 -48.87
CA PHE F 310 -48.36 -25.17 -48.88
C PHE F 310 -49.69 -25.62 -49.48
N ASN F 311 -50.81 -25.09 -49.01
CA ASN F 311 -52.09 -25.45 -49.61
C ASN F 311 -52.15 -25.07 -51.08
N THR F 312 -51.51 -23.98 -51.49
CA THR F 312 -51.38 -23.66 -52.91
C THR F 312 -50.68 -24.82 -53.62
N ALA F 313 -49.56 -25.29 -53.10
CA ALA F 313 -48.89 -26.45 -53.67
C ALA F 313 -49.83 -27.66 -53.70
N CYS F 314 -50.73 -27.76 -52.72
CA CYS F 314 -51.70 -28.85 -52.64
C CYS F 314 -52.72 -28.86 -53.76
N TYR F 315 -52.79 -27.85 -54.63
CA TYR F 315 -53.66 -27.95 -55.79
C TYR F 315 -53.21 -29.09 -56.72
N MET F 316 -52.05 -28.96 -57.37
CA MET F 316 -51.67 -29.81 -58.51
C MET F 316 -50.19 -30.22 -58.55
N SER F 317 -49.42 -30.06 -57.47
CA SER F 317 -47.98 -30.41 -57.49
C SER F 317 -47.76 -31.92 -57.66
N LYS F 318 -46.63 -32.37 -58.23
CA LYS F 318 -46.42 -33.78 -58.62
C LYS F 318 -45.12 -34.38 -58.08
N PHE F 319 -45.15 -35.67 -57.84
CA PHE F 319 -44.11 -36.44 -57.18
C PHE F 319 -44.26 -37.92 -57.55
N THR F 320 -43.22 -38.71 -57.30
CA THR F 320 -43.22 -40.14 -57.64
C THR F 320 -44.01 -40.97 -56.64
N ILE F 321 -44.57 -42.07 -57.13
CA ILE F 321 -44.98 -43.23 -56.35
C ILE F 321 -44.20 -44.44 -56.86
N GLY F 322 -43.30 -44.94 -56.02
CA GLY F 322 -42.81 -46.30 -56.13
C GLY F 322 -43.82 -47.26 -55.49
N LYS F 323 -44.00 -48.46 -56.05
CA LYS F 323 -44.79 -49.52 -55.41
C LYS F 323 -44.11 -50.04 -54.14
N GLY F 324 -42.77 -50.06 -54.13
CA GLY F 324 -41.93 -50.40 -52.97
C GLY F 324 -41.96 -49.34 -51.86
N ILE F 325 -41.25 -49.59 -50.78
CA ILE F 325 -41.50 -48.91 -49.52
C ILE F 325 -40.21 -48.61 -48.76
N VAL F 326 -40.18 -47.49 -48.03
CA VAL F 326 -39.34 -47.37 -46.84
C VAL F 326 -40.08 -48.12 -45.74
N GLY F 327 -39.99 -49.44 -45.78
CA GLY F 327 -40.66 -50.38 -44.88
C GLY F 327 -40.22 -51.82 -45.12
N ASP F 328 -40.77 -52.78 -44.35
CA ASP F 328 -40.28 -54.17 -44.38
C ASP F 328 -41.39 -55.23 -44.24
N ALA F 329 -42.37 -55.02 -43.35
CA ALA F 329 -43.52 -55.90 -43.19
C ALA F 329 -44.54 -55.75 -44.34
N GLU F 330 -45.52 -56.66 -44.42
CA GLU F 330 -46.55 -56.64 -45.49
C GLU F 330 -47.58 -55.49 -45.37
N ILE F 331 -47.69 -54.84 -44.20
CA ILE F 331 -48.54 -53.66 -44.01
C ILE F 331 -47.90 -52.40 -44.65
N MET F 332 -48.64 -51.71 -45.51
CA MET F 332 -48.19 -50.52 -46.23
C MET F 332 -49.38 -49.60 -46.60
N GLU F 333 -49.10 -48.32 -46.90
CA GLU F 333 -50.10 -47.26 -47.02
C GLU F 333 -49.67 -46.08 -47.92
N ASN F 334 -50.67 -45.29 -48.32
CA ASN F 334 -50.72 -44.50 -49.55
C ASN F 334 -49.91 -43.19 -49.65
N GLY F 335 -50.03 -42.54 -50.80
CA GLY F 335 -49.44 -41.25 -51.09
C GLY F 335 -49.80 -40.13 -50.11
N ASN F 336 -50.98 -40.16 -49.49
CA ASN F 336 -51.27 -39.16 -48.46
C ASN F 336 -50.28 -39.30 -47.29
N ASP F 337 -49.74 -40.47 -47.02
CA ASP F 337 -48.66 -40.59 -46.05
C ASP F 337 -47.39 -39.90 -46.54
N LYS F 338 -47.06 -39.99 -47.84
CA LYS F 338 -46.00 -39.14 -48.40
C LYS F 338 -46.38 -37.68 -48.15
N MET F 339 -47.62 -37.31 -48.37
CA MET F 339 -48.07 -35.95 -48.20
C MET F 339 -47.86 -35.49 -46.76
N GLN F 340 -48.17 -36.35 -45.79
CA GLN F 340 -47.82 -36.08 -44.40
C GLN F 340 -46.32 -35.90 -44.26
N THR F 341 -45.52 -36.79 -44.81
CA THR F 341 -44.07 -36.72 -44.64
C THR F 341 -43.53 -35.40 -45.16
N LEU F 342 -43.98 -35.02 -46.36
CA LEU F 342 -43.64 -33.74 -46.95
C LEU F 342 -43.98 -32.62 -45.98
N ALA F 343 -45.20 -32.61 -45.48
CA ALA F 343 -45.62 -31.58 -44.55
C ALA F 343 -44.72 -31.53 -43.32
N MET F 344 -44.42 -32.70 -42.75
CA MET F 344 -43.56 -32.81 -41.60
C MET F 344 -42.23 -32.18 -41.90
N ALA F 345 -41.61 -32.56 -43.01
CA ALA F 345 -40.34 -32.00 -43.41
C ALA F 345 -40.45 -30.49 -43.67
N CYS F 346 -41.56 -30.03 -44.26
CA CYS F 346 -41.70 -28.64 -44.67
C CYS F 346 -41.86 -27.71 -43.47
N PHE F 347 -42.67 -28.08 -42.49
CA PHE F 347 -42.94 -27.23 -41.33
C PHE F 347 -42.13 -27.62 -40.07
N GLY F 348 -41.33 -28.69 -40.12
CA GLY F 348 -40.58 -29.17 -38.94
C GLY F 348 -41.45 -29.81 -37.85
N LEU F 349 -42.52 -30.51 -38.24
CA LEU F 349 -43.55 -31.04 -37.32
C LEU F 349 -43.12 -32.23 -36.46
N ALA F 350 -41.90 -32.76 -36.62
CA ALA F 350 -41.49 -34.07 -36.10
C ALA F 350 -41.70 -34.23 -34.57
N TYR F 351 -41.73 -33.13 -33.82
CA TYR F 351 -42.00 -33.13 -32.38
C TYR F 351 -43.17 -32.23 -31.98
N GLU F 352 -43.92 -31.75 -32.97
CA GLU F 352 -45.20 -31.08 -32.79
C GLU F 352 -46.26 -32.09 -32.34
N ASP F 353 -47.40 -31.62 -31.81
CA ASP F 353 -48.52 -32.49 -31.48
C ASP F 353 -49.22 -33.05 -32.73
N THR F 354 -49.24 -34.38 -32.85
CA THR F 354 -50.00 -35.11 -33.84
C THR F 354 -51.49 -34.75 -33.81
N GLY F 355 -52.11 -34.49 -32.66
CA GLY F 355 -53.51 -34.12 -32.58
C GLY F 355 -53.79 -32.77 -33.24
N ILE F 356 -53.01 -31.76 -32.86
CA ILE F 356 -52.98 -30.46 -33.52
C ILE F 356 -52.85 -30.66 -35.02
N VAL F 357 -51.84 -31.41 -35.44
CA VAL F 357 -51.62 -31.59 -36.87
C VAL F 357 -52.81 -32.32 -37.50
N ALA F 358 -53.39 -33.33 -36.83
CA ALA F 358 -54.51 -34.09 -37.33
C ALA F 358 -55.70 -33.20 -37.62
N ALA F 359 -55.97 -32.24 -36.75
CA ALA F 359 -57.02 -31.26 -37.00
C ALA F 359 -56.67 -30.30 -38.15
N MET F 360 -55.45 -29.81 -38.27
CA MET F 360 -55.04 -28.86 -39.32
C MET F 360 -55.07 -29.50 -40.70
N ILE F 361 -54.33 -30.59 -40.86
CA ILE F 361 -54.45 -31.47 -42.02
C ILE F 361 -55.84 -32.10 -42.11
N SER F 362 -56.68 -31.92 -41.10
CA SER F 362 -58.08 -32.30 -41.11
C SER F 362 -58.31 -33.80 -41.39
N GLN F 363 -57.34 -34.65 -40.99
CA GLN F 363 -57.24 -36.12 -41.12
C GLN F 363 -56.42 -36.69 -39.94
N PRO F 364 -56.59 -37.96 -39.52
CA PRO F 364 -55.88 -38.51 -38.36
C PRO F 364 -54.35 -38.52 -38.52
N MET F 365 -53.61 -38.32 -37.42
CA MET F 365 -52.14 -38.35 -37.39
C MET F 365 -51.55 -39.56 -36.63
N LYS F 366 -50.23 -39.74 -36.76
CA LYS F 366 -49.53 -41.04 -36.65
C LYS F 366 -48.17 -40.95 -35.95
N LYS F 367 -47.66 -42.10 -35.51
CA LYS F 367 -46.29 -42.35 -35.04
C LYS F 367 -45.54 -43.27 -35.98
N ARG F 368 -44.23 -43.43 -35.83
CA ARG F 368 -43.39 -44.15 -36.80
C ARG F 368 -43.87 -45.57 -37.05
N TYR F 369 -44.38 -46.25 -36.04
CA TYR F 369 -44.92 -47.59 -36.23
C TYR F 369 -45.99 -47.64 -37.31
N GLN F 370 -46.65 -46.51 -37.54
CA GLN F 370 -47.66 -46.33 -38.56
C GLN F 370 -47.14 -45.61 -39.82
N LEU F 371 -46.12 -44.73 -39.74
CA LEU F 371 -45.70 -43.90 -40.90
C LEU F 371 -45.05 -44.73 -42.03
N ARG F 372 -45.53 -44.56 -43.27
CA ARG F 372 -44.93 -45.13 -44.50
C ARG F 372 -44.58 -44.01 -45.50
N VAL F 373 -43.49 -44.17 -46.26
CA VAL F 373 -43.04 -43.26 -47.33
C VAL F 373 -42.06 -43.95 -48.31
N GLY F 374 -41.76 -43.33 -49.44
CA GLY F 374 -40.65 -43.67 -50.33
C GLY F 374 -39.34 -42.95 -50.00
N ASN F 375 -38.28 -43.26 -50.75
CA ASN F 375 -36.91 -42.77 -50.49
C ASN F 375 -36.58 -41.37 -51.05
N PHE F 376 -37.45 -40.78 -51.88
CA PHE F 376 -37.20 -39.55 -52.65
C PHE F 376 -35.96 -39.61 -53.60
N ASN F 377 -35.49 -40.79 -54.01
CA ASN F 377 -34.27 -40.98 -54.82
C ASN F 377 -34.59 -41.62 -56.20
N PRO F 378 -34.29 -40.99 -57.36
CA PRO F 378 -34.97 -41.32 -58.63
C PRO F 378 -34.89 -42.78 -59.05
N PRO F 379 -35.96 -43.36 -59.61
CA PRO F 379 -36.18 -44.80 -59.49
C PRO F 379 -35.73 -45.61 -60.69
N GLU F 380 -35.68 -46.93 -60.59
CA GLU F 380 -35.57 -47.78 -61.79
C GLU F 380 -36.86 -47.71 -62.62
N LYS F 381 -38.01 -47.91 -61.98
CA LYS F 381 -39.38 -47.85 -62.52
C LYS F 381 -40.36 -47.35 -61.46
N GLY F 382 -41.46 -46.73 -61.86
CA GLY F 382 -42.49 -46.23 -60.95
C GLY F 382 -43.56 -45.43 -61.68
N THR F 383 -44.47 -44.77 -60.95
CA THR F 383 -45.58 -43.97 -61.53
C THR F 383 -45.68 -42.57 -60.90
N ILE F 384 -46.14 -41.55 -61.61
CA ILE F 384 -46.30 -40.19 -61.06
C ILE F 384 -47.63 -40.09 -60.29
N LYS F 385 -47.69 -39.23 -59.27
CA LYS F 385 -48.93 -38.80 -58.64
C LYS F 385 -48.90 -37.31 -58.32
N GLY F 386 -50.09 -36.73 -58.24
CA GLY F 386 -50.34 -35.32 -57.90
C GLY F 386 -51.04 -35.11 -56.54
N THR F 387 -51.01 -33.89 -56.01
CA THR F 387 -51.47 -33.54 -54.65
C THR F 387 -52.97 -33.68 -54.41
N SER F 388 -53.32 -34.15 -53.21
CA SER F 388 -54.68 -34.06 -52.63
C SER F 388 -55.02 -32.60 -52.27
N ALA F 389 -56.22 -32.13 -52.61
CA ALA F 389 -56.59 -30.70 -52.56
C ALA F 389 -56.57 -30.08 -51.14
N GLY F 390 -56.09 -28.83 -51.01
CA GLY F 390 -56.31 -27.95 -49.84
C GLY F 390 -55.78 -28.43 -48.48
N TYR F 391 -54.89 -29.42 -48.49
CA TYR F 391 -54.68 -30.41 -47.43
C TYR F 391 -54.74 -29.93 -45.96
N PHE F 392 -54.10 -28.82 -45.59
CA PHE F 392 -54.30 -28.21 -44.28
C PHE F 392 -55.64 -27.49 -44.25
N HIS F 393 -56.77 -28.22 -44.28
CA HIS F 393 -58.08 -27.59 -44.42
C HIS F 393 -58.42 -26.73 -43.20
N LYS F 394 -57.69 -26.93 -42.11
CA LYS F 394 -57.51 -25.97 -41.04
C LYS F 394 -56.03 -25.58 -40.95
N TRP F 395 -55.75 -24.32 -40.55
CA TRP F 395 -54.42 -23.74 -40.30
C TRP F 395 -54.22 -23.43 -38.80
N ALA F 396 -53.08 -22.83 -38.43
CA ALA F 396 -52.88 -22.24 -37.10
C ALA F 396 -51.76 -21.18 -37.08
N GLU F 397 -51.75 -20.34 -36.03
CA GLU F 397 -50.67 -19.39 -35.74
C GLU F 397 -49.42 -20.10 -35.15
N PHE F 398 -48.23 -19.88 -35.74
CA PHE F 398 -46.95 -20.47 -35.32
C PHE F 398 -46.41 -19.87 -34.00
N GLY F 399 -45.29 -20.39 -33.49
CA GLY F 399 -44.72 -20.00 -32.22
C GLY F 399 -43.46 -20.78 -31.87
N ASN F 400 -42.81 -20.39 -30.77
CA ASN F 400 -41.41 -20.72 -30.52
C ASN F 400 -41.05 -21.04 -29.06
N ARG F 401 -42.01 -21.01 -28.13
CA ARG F 401 -41.76 -21.26 -26.69
C ARG F 401 -43.00 -21.70 -25.93
N LEU F 402 -42.77 -22.20 -24.71
CA LEU F 402 -43.85 -22.68 -23.82
C LEU F 402 -44.86 -21.56 -23.56
N PRO F 403 -46.08 -21.87 -23.09
CA PRO F 403 -47.09 -20.83 -22.83
C PRO F 403 -46.66 -19.84 -21.73
N PHE F 404 -46.25 -20.35 -20.57
CA PHE F 404 -45.84 -19.48 -19.44
C PHE F 404 -44.50 -19.95 -18.87
N ASN F 405 -43.79 -20.83 -19.59
CA ASN F 405 -42.47 -21.35 -19.14
C ASN F 405 -42.61 -21.89 -17.70
N SER F 406 -42.33 -21.05 -16.70
CA SER F 406 -42.43 -21.46 -15.28
C SER F 406 -42.98 -20.30 -14.44
N PHE F 407 -43.46 -20.59 -13.23
CA PHE F 407 -44.01 -19.55 -12.32
C PHE F 407 -42.88 -18.59 -11.91
N GLY F 408 -43.14 -17.29 -12.05
CA GLY F 408 -42.14 -16.26 -11.69
C GLY F 408 -42.53 -15.52 -10.42
N THR F 409 -41.78 -14.46 -10.09
CA THR F 409 -42.00 -13.62 -8.90
C THR F 409 -43.29 -12.82 -9.01
N GLY F 410 -43.63 -12.07 -7.96
CA GLY F 410 -44.40 -10.84 -8.16
C GLY F 410 -43.74 -9.95 -9.22
N GLU F 411 -44.54 -9.28 -10.03
CA GLU F 411 -44.06 -8.55 -11.22
C GLU F 411 -43.37 -7.22 -10.87
N SER F 412 -43.79 -6.55 -9.79
CA SER F 412 -43.24 -5.25 -9.36
C SER F 412 -43.44 -4.94 -7.88
N LYS F 413 -44.61 -5.32 -7.31
CA LYS F 413 -44.97 -5.14 -5.89
C LYS F 413 -44.32 -6.21 -4.97
N GLN F 414 -44.61 -6.12 -3.67
CA GLN F 414 -44.09 -6.99 -2.59
C GLN F 414 -42.57 -6.95 -2.38
N ILE F 415 -41.90 -5.88 -2.84
CA ILE F 415 -40.50 -5.54 -2.54
C ILE F 415 -40.41 -4.73 -1.23
N SER F 416 -39.21 -4.43 -0.73
CA SER F 416 -39.01 -3.66 0.52
C SER F 416 -39.63 -2.25 0.44
N ASN F 417 -40.77 -2.06 1.11
CA ASN F 417 -41.65 -0.88 0.93
C ASN F 417 -40.93 0.44 1.26
N SER F 418 -41.18 1.49 0.47
CA SER F 418 -40.78 2.86 0.81
C SER F 418 -41.84 3.55 1.67
N GLY F 419 -41.45 4.60 2.40
CA GLY F 419 -42.34 5.34 3.28
C GLY F 419 -42.00 6.83 3.30
N VAL F 420 -42.73 7.63 2.54
CA VAL F 420 -42.74 9.10 2.66
C VAL F 420 -43.45 9.49 3.95
N PHE F 421 -44.65 8.97 4.22
CA PHE F 421 -45.44 9.44 5.34
C PHE F 421 -44.96 8.89 6.69
N ALA F 422 -44.83 9.79 7.67
CA ALA F 422 -44.35 9.49 9.01
C ALA F 422 -45.41 8.73 9.83
N VAL F 423 -45.61 7.45 9.55
CA VAL F 423 -46.64 6.62 10.18
C VAL F 423 -46.09 5.25 10.57
N GLN F 424 -46.29 4.84 11.83
CA GLN F 424 -45.87 3.53 12.33
C GLN F 424 -46.57 2.40 11.56
N ARG F 425 -45.79 1.40 11.10
CA ARG F 425 -46.21 0.51 10.00
C ARG F 425 -45.66 -0.93 10.09
N PRO F 426 -46.43 -1.95 9.66
CA PRO F 426 -45.91 -3.21 9.15
C PRO F 426 -45.16 -3.05 7.81
N SER F 427 -44.60 -4.15 7.29
CA SER F 427 -43.99 -4.19 5.95
C SER F 427 -44.07 -5.59 5.32
N THR F 428 -44.18 -5.67 3.99
CA THR F 428 -44.02 -6.90 3.21
C THR F 428 -42.52 -7.26 3.11
N THR F 429 -41.91 -7.63 4.24
CA THR F 429 -40.44 -7.80 4.36
C THR F 429 -39.96 -8.94 3.45
N ASN F 430 -39.02 -8.66 2.55
CA ASN F 430 -38.61 -9.57 1.47
C ASN F 430 -37.09 -9.50 1.19
N ILE F 431 -36.29 -9.24 2.23
CA ILE F 431 -34.83 -9.06 2.15
C ILE F 431 -34.12 -10.30 1.57
N GLN F 432 -34.69 -11.49 1.80
CA GLN F 432 -34.16 -12.76 1.37
C GLN F 432 -34.08 -12.88 -0.16
N ARG F 433 -35.19 -12.63 -0.87
CA ARG F 433 -35.20 -12.62 -2.35
C ARG F 433 -34.46 -11.41 -2.92
N LEU F 434 -34.46 -10.27 -2.22
CA LEU F 434 -33.64 -9.11 -2.59
C LEU F 434 -32.14 -9.50 -2.60
N ALA F 435 -31.65 -10.19 -1.56
CA ALA F 435 -30.30 -10.73 -1.51
C ALA F 435 -30.02 -11.78 -2.60
N GLU F 436 -31.00 -12.62 -2.98
CA GLU F 436 -30.89 -13.47 -4.17
C GLU F 436 -30.67 -12.64 -5.45
N LEU F 437 -31.47 -11.60 -5.70
CA LEU F 437 -31.28 -10.73 -6.88
C LEU F 437 -29.87 -10.10 -6.90
N MET F 438 -29.38 -9.63 -5.74
CA MET F 438 -27.99 -9.18 -5.61
C MET F 438 -26.99 -10.31 -5.94
N ALA F 439 -27.19 -11.52 -5.41
CA ALA F 439 -26.33 -12.66 -5.68
C ALA F 439 -26.28 -13.02 -7.19
N ARG F 440 -27.43 -13.03 -7.86
CA ARG F 440 -27.50 -13.31 -9.31
C ARG F 440 -26.85 -12.19 -10.15
N ASN F 441 -27.06 -10.91 -9.82
CA ASN F 441 -26.44 -9.81 -10.57
C ASN F 441 -24.94 -9.58 -10.25
N THR F 442 -24.47 -9.99 -9.08
CA THR F 442 -23.02 -10.03 -8.73
C THR F 442 -22.30 -11.28 -9.27
N GLY F 443 -23.02 -12.27 -9.83
CA GLY F 443 -22.43 -13.46 -10.46
C GLY F 443 -22.02 -14.55 -9.48
N GLU F 444 -22.82 -14.81 -8.44
CA GLU F 444 -22.52 -15.83 -7.42
C GLU F 444 -22.24 -17.21 -8.03
N THR F 445 -21.18 -17.87 -7.53
CA THR F 445 -20.46 -18.95 -8.21
C THR F 445 -20.27 -20.23 -7.34
N SER F 446 -20.46 -20.13 -6.02
CA SER F 446 -20.30 -21.32 -5.12
C SER F 446 -21.58 -22.16 -5.17
N ASP F 447 -21.42 -23.49 -5.36
CA ASP F 447 -22.55 -24.46 -5.42
C ASP F 447 -23.52 -24.10 -6.55
N ASN F 448 -23.14 -24.42 -7.80
CA ASN F 448 -24.00 -24.12 -8.98
C ASN F 448 -24.47 -25.44 -9.62
N PHE F 449 -23.53 -26.31 -9.98
CA PHE F 449 -23.87 -27.61 -10.62
C PHE F 449 -25.02 -28.28 -9.86
N THR F 450 -24.73 -28.78 -8.66
CA THR F 450 -25.76 -29.47 -7.82
C THR F 450 -26.97 -28.55 -7.61
N GLN F 451 -26.72 -27.28 -7.26
CA GLN F 451 -27.80 -26.30 -7.02
C GLN F 451 -28.78 -26.31 -8.20
N LEU F 452 -28.26 -26.21 -9.42
CA LEU F 452 -29.07 -26.20 -10.62
C LEU F 452 -29.60 -27.58 -10.94
N VAL F 453 -28.88 -28.66 -10.62
CA VAL F 453 -29.44 -30.02 -10.68
C VAL F 453 -30.69 -30.10 -9.83
N GLN F 454 -30.60 -29.64 -8.58
CA GLN F 454 -31.76 -29.60 -7.70
C GLN F 454 -32.84 -28.72 -8.28
N LYS F 455 -32.50 -27.51 -8.74
CA LYS F 455 -33.48 -26.61 -9.34
C LYS F 455 -34.19 -27.27 -10.51
N ILE F 456 -33.48 -28.03 -11.33
CA ILE F 456 -34.09 -28.77 -12.41
C ILE F 456 -35.07 -29.79 -11.83
N ARG F 457 -34.65 -30.58 -10.84
CA ARG F 457 -35.53 -31.59 -10.23
C ARG F 457 -36.84 -30.95 -9.77
N GLU F 458 -36.74 -29.88 -8.98
CA GLU F 458 -37.93 -29.25 -8.44
C GLU F 458 -38.71 -28.46 -9.50
N GLN F 459 -38.04 -27.86 -10.48
CA GLN F 459 -38.73 -27.20 -11.59
C GLN F 459 -39.57 -28.19 -12.36
N VAL F 460 -39.04 -29.39 -12.62
CA VAL F 460 -39.83 -30.44 -13.27
C VAL F 460 -41.09 -30.71 -12.46
N GLY F 461 -40.97 -30.88 -11.14
CA GLY F 461 -42.14 -31.06 -10.29
C GLY F 461 -43.13 -29.89 -10.39
N ALA F 462 -42.62 -28.66 -10.32
CA ALA F 462 -43.47 -27.49 -10.45
C ALA F 462 -44.19 -27.50 -11.79
N PHE F 463 -43.48 -27.80 -12.86
CA PHE F 463 -44.04 -27.92 -14.19
C PHE F 463 -45.08 -29.03 -14.23
N ALA F 464 -44.82 -30.14 -13.57
CA ALA F 464 -45.74 -31.26 -13.46
C ALA F 464 -47.01 -30.87 -12.71
N ASP F 465 -46.99 -29.77 -11.95
CA ASP F 465 -48.21 -29.12 -11.51
C ASP F 465 -48.74 -28.20 -12.61
N GLN F 466 -47.89 -27.30 -13.13
CA GLN F 466 -48.23 -26.21 -14.06
C GLN F 466 -48.88 -26.67 -15.38
N LYS F 467 -48.67 -27.93 -15.75
CA LYS F 467 -49.34 -28.59 -16.87
C LYS F 467 -50.85 -28.36 -16.88
N ALA F 468 -51.45 -28.16 -15.71
CA ALA F 468 -52.85 -27.84 -15.53
C ALA F 468 -53.36 -26.75 -16.48
N ASN F 469 -52.49 -25.80 -16.88
CA ASN F 469 -52.84 -24.80 -17.88
C ASN F 469 -51.75 -24.56 -18.93
N LEU F 470 -50.57 -25.17 -18.82
CA LEU F 470 -49.45 -24.91 -19.72
C LEU F 470 -49.66 -25.49 -21.14
N ARG F 471 -50.41 -24.80 -22.03
CA ARG F 471 -50.95 -25.40 -23.28
C ARG F 471 -50.80 -24.58 -24.60
N GLU F 472 -51.07 -23.29 -24.70
CA GLU F 472 -50.77 -22.47 -25.89
C GLU F 472 -50.66 -20.98 -25.58
N PHE F 473 -50.17 -20.18 -26.52
CA PHE F 473 -50.58 -18.77 -26.49
C PHE F 473 -52.11 -18.69 -26.52
N THR F 474 -52.70 -17.96 -25.56
CA THR F 474 -54.08 -18.10 -25.03
C THR F 474 -55.23 -17.89 -26.04
N GLY F 475 -54.95 -17.40 -27.25
CA GLY F 475 -55.92 -17.33 -28.36
C GLY F 475 -55.96 -18.60 -29.25
N GLY F 476 -55.31 -19.67 -28.84
CA GLY F 476 -54.86 -20.70 -29.74
C GLY F 476 -55.92 -21.73 -30.11
N TYR F 477 -56.25 -21.84 -31.39
CA TYR F 477 -57.14 -22.87 -31.92
C TYR F 477 -56.85 -23.19 -33.40
N ILE F 478 -57.39 -24.32 -33.91
CA ILE F 478 -57.26 -24.76 -35.33
C ILE F 478 -58.34 -24.17 -36.24
N TYR F 479 -58.20 -22.90 -36.60
CA TYR F 479 -59.17 -22.20 -37.44
C TYR F 479 -59.18 -22.72 -38.89
N ASP F 480 -60.33 -22.61 -39.57
CA ASP F 480 -60.52 -23.00 -40.97
C ASP F 480 -59.66 -22.20 -41.95
N ILE F 481 -59.43 -22.72 -43.16
CA ILE F 481 -58.80 -21.91 -44.24
C ILE F 481 -59.70 -20.75 -44.69
N THR F 482 -61.01 -20.88 -44.54
CA THR F 482 -61.96 -19.76 -44.60
C THR F 482 -61.85 -18.79 -43.42
N ASP F 483 -60.94 -19.03 -42.47
CA ASP F 483 -60.85 -18.36 -41.19
C ASP F 483 -59.41 -18.14 -40.68
N VAL F 484 -58.55 -17.63 -41.57
CA VAL F 484 -57.35 -16.91 -41.12
C VAL F 484 -57.72 -15.76 -40.17
N THR F 485 -58.96 -15.30 -40.25
CA THR F 485 -59.62 -14.37 -39.34
C THR F 485 -59.81 -14.88 -37.92
N LYS F 486 -59.37 -16.09 -37.56
CA LYS F 486 -59.40 -16.61 -36.17
C LYS F 486 -60.79 -16.53 -35.49
N SER F 487 -61.87 -16.61 -36.25
CA SER F 487 -63.27 -16.41 -35.87
C SER F 487 -63.88 -17.63 -35.15
N ASN F 488 -63.37 -18.84 -35.41
CA ASN F 488 -63.97 -20.14 -35.06
C ASN F 488 -63.11 -20.95 -34.06
N PRO F 489 -62.91 -20.50 -32.80
CA PRO F 489 -62.03 -21.19 -31.85
C PRO F 489 -62.57 -22.57 -31.46
N LYS F 490 -61.81 -23.64 -31.73
CA LYS F 490 -62.19 -25.04 -31.45
C LYS F 490 -60.98 -25.94 -31.10
N ILE F 491 -61.18 -26.89 -30.19
CA ILE F 491 -60.15 -27.75 -29.58
C ILE F 491 -59.89 -29.02 -30.43
N PRO F 492 -58.66 -29.58 -30.48
CA PRO F 492 -58.37 -30.79 -31.26
C PRO F 492 -59.05 -32.07 -30.74
N GLN F 493 -58.89 -32.39 -29.45
CA GLN F 493 -59.40 -33.61 -28.83
C GLN F 493 -59.77 -33.38 -27.35
N LEU F 494 -60.75 -34.13 -26.86
CA LEU F 494 -61.10 -34.22 -25.43
C LEU F 494 -60.22 -35.26 -24.70
N GLY F 495 -59.95 -36.40 -25.33
CA GLY F 495 -59.23 -37.54 -24.77
C GLY F 495 -59.79 -38.90 -25.26
N GLY F 496 -59.60 -39.95 -24.46
CA GLY F 496 -60.24 -41.26 -24.66
C GLY F 496 -61.73 -41.27 -24.28
N THR G 8 -12.51 -55.09 -47.21
CA THR G 8 -11.75 -55.64 -46.05
C THR G 8 -12.03 -57.10 -45.75
N PRO G 9 -13.26 -57.67 -45.78
CA PRO G 9 -13.46 -59.08 -45.36
C PRO G 9 -12.67 -60.10 -46.18
N GLU G 10 -12.47 -59.86 -47.47
CA GLU G 10 -11.64 -60.69 -48.34
C GLU G 10 -10.22 -60.78 -47.80
N GLU G 11 -9.65 -59.64 -47.43
CA GLU G 11 -8.33 -59.58 -46.80
C GLU G 11 -8.36 -60.22 -45.40
N GLN G 12 -9.47 -60.15 -44.68
CA GLN G 12 -9.59 -60.91 -43.45
C GLN G 12 -9.55 -62.42 -43.73
N ARG G 13 -10.25 -62.90 -44.77
CA ARG G 13 -10.17 -64.32 -45.19
C ARG G 13 -8.76 -64.70 -45.59
N ALA G 14 -8.02 -63.80 -46.24
CA ALA G 14 -6.62 -64.03 -46.57
C ALA G 14 -5.72 -64.18 -45.33
N LYS G 15 -5.81 -63.25 -44.36
CA LYS G 15 -5.05 -63.34 -43.10
C LYS G 15 -5.42 -64.58 -42.30
N ASN G 16 -6.70 -64.92 -42.27
CA ASN G 16 -7.18 -66.18 -41.71
C ASN G 16 -6.57 -67.37 -42.46
N ALA G 17 -6.59 -67.39 -43.79
CA ALA G 17 -6.00 -68.47 -44.58
C ALA G 17 -4.51 -68.62 -44.26
N LYS G 18 -3.73 -67.53 -44.19
CA LYS G 18 -2.33 -67.58 -43.76
C LYS G 18 -2.18 -68.14 -42.34
N THR G 19 -3.03 -67.70 -41.42
CA THR G 19 -3.06 -68.21 -40.04
C THR G 19 -3.24 -69.72 -40.01
N ILE G 20 -4.20 -70.24 -40.78
CA ILE G 20 -4.46 -71.68 -40.88
C ILE G 20 -3.31 -72.38 -41.60
N LEU G 21 -2.77 -71.81 -42.68
CA LEU G 21 -1.63 -72.37 -43.41
C LEU G 21 -0.43 -72.51 -42.48
N GLU G 22 -0.21 -71.55 -41.60
CA GLU G 22 0.79 -71.66 -40.56
C GLU G 22 0.51 -72.85 -39.65
N ASN G 23 -0.71 -72.98 -39.17
CA ASN G 23 -1.08 -74.11 -38.34
C ASN G 23 -0.87 -75.44 -39.08
N ILE G 24 -1.20 -75.47 -40.37
CA ILE G 24 -1.00 -76.61 -41.26
C ILE G 24 0.50 -76.92 -41.38
N GLN G 25 1.33 -75.92 -41.64
CA GLN G 25 2.78 -76.12 -41.79
C GLN G 25 3.37 -76.66 -40.48
N ILE G 26 2.97 -76.09 -39.34
CA ILE G 26 3.35 -76.58 -38.02
C ILE G 26 2.95 -78.05 -37.91
N TYR G 27 1.69 -78.37 -38.18
CA TYR G 27 1.18 -79.73 -38.06
C TYR G 27 1.90 -80.70 -38.99
N GLU G 28 2.15 -80.34 -40.25
CA GLU G 28 2.89 -81.20 -41.18
C GLU G 28 4.27 -81.51 -40.60
N ARG G 29 4.94 -80.46 -40.12
CA ARG G 29 6.24 -80.62 -39.49
C ARG G 29 6.13 -81.46 -38.25
N MET G 30 5.13 -81.24 -37.40
CA MET G 30 4.91 -82.05 -36.22
C MET G 30 4.70 -83.53 -36.58
N CYS G 31 3.96 -83.79 -37.65
CA CYS G 31 3.65 -85.14 -38.09
C CYS G 31 4.90 -85.86 -38.54
N ASP G 32 5.69 -85.21 -39.38
CA ASP G 32 6.99 -85.75 -39.74
C ASP G 32 7.90 -85.88 -38.51
N LEU G 33 7.86 -84.93 -37.56
CA LEU G 33 8.74 -84.91 -36.39
C LEU G 33 8.54 -86.12 -35.47
N PHE G 34 7.28 -86.50 -35.21
CA PHE G 34 7.01 -87.72 -34.45
C PHE G 34 6.95 -88.99 -35.31
N GLY G 35 7.17 -88.90 -36.62
CA GLY G 35 7.24 -90.05 -37.52
C GLY G 35 5.89 -90.58 -37.99
N VAL G 36 4.86 -89.74 -38.04
CA VAL G 36 3.48 -90.12 -38.37
C VAL G 36 3.36 -90.55 -39.84
N SER G 37 2.72 -91.70 -40.12
CA SER G 37 2.50 -92.20 -41.49
C SER G 37 1.57 -91.29 -42.29
N GLU G 38 1.76 -91.23 -43.61
CA GLU G 38 1.16 -90.20 -44.45
C GLU G 38 -0.37 -90.16 -44.29
N ASP G 39 -1.01 -91.31 -44.38
CA ASP G 39 -2.43 -91.42 -44.14
C ASP G 39 -2.77 -91.09 -42.69
N ASP G 40 -1.98 -91.57 -41.73
CA ASP G 40 -2.22 -91.29 -40.32
C ASP G 40 -2.14 -89.80 -39.97
N LYS G 41 -1.54 -88.97 -40.81
CA LYS G 41 -1.55 -87.52 -40.59
C LYS G 41 -2.96 -86.94 -40.54
N LEU G 42 -3.90 -87.51 -41.29
CA LEU G 42 -5.28 -87.03 -41.35
C LEU G 42 -6.01 -87.14 -40.00
N ILE G 43 -5.49 -87.97 -39.11
CA ILE G 43 -6.26 -88.43 -37.98
C ILE G 43 -6.53 -87.27 -37.02
N ILE G 44 -7.81 -87.10 -36.71
CA ILE G 44 -8.26 -86.08 -35.77
C ILE G 44 -7.66 -86.31 -34.38
N GLU G 45 -7.59 -87.56 -33.91
CA GLU G 45 -6.88 -87.89 -32.68
C GLU G 45 -5.42 -87.39 -32.72
N ASN G 46 -4.73 -87.50 -33.87
CA ASN G 46 -3.40 -86.92 -34.01
C ASN G 46 -3.45 -85.39 -33.93
N SER G 47 -4.44 -84.75 -34.54
CA SER G 47 -4.67 -83.32 -34.36
C SER G 47 -4.67 -82.96 -32.87
N ILE G 48 -5.55 -83.62 -32.14
CA ILE G 48 -5.73 -83.40 -30.72
C ILE G 48 -4.40 -83.62 -30.00
N SER G 49 -3.71 -84.73 -30.26
CA SER G 49 -2.45 -85.01 -29.58
C SER G 49 -1.42 -83.92 -29.80
N ILE G 50 -1.27 -83.40 -31.01
CA ILE G 50 -0.31 -82.32 -31.26
C ILE G 50 -0.74 -81.06 -30.51
N GLU G 51 -2.02 -80.70 -30.65
CA GLU G 51 -2.57 -79.54 -29.99
C GLU G 51 -2.36 -79.61 -28.48
N ARG G 52 -2.59 -80.79 -27.90
CA ARG G 52 -2.36 -81.09 -26.48
C ARG G 52 -0.92 -80.81 -26.12
N MET G 53 0.01 -81.40 -26.85
CA MET G 53 1.43 -81.24 -26.59
C MET G 53 1.80 -79.75 -26.61
N ILE G 54 1.26 -79.01 -27.58
CA ILE G 54 1.53 -77.58 -27.69
C ILE G 54 1.03 -76.86 -26.44
N ARG G 55 -0.16 -77.18 -25.91
CA ARG G 55 -0.61 -76.58 -24.65
C ARG G 55 0.44 -76.78 -23.56
N VAL G 56 0.86 -78.03 -23.34
CA VAL G 56 1.81 -78.37 -22.26
C VAL G 56 3.06 -77.52 -22.37
N VAL G 57 3.65 -77.47 -23.57
CA VAL G 57 4.84 -76.67 -23.84
C VAL G 57 4.59 -75.20 -23.56
N THR G 58 3.44 -74.67 -23.96
CA THR G 58 3.11 -73.25 -23.86
C THR G 58 2.53 -72.83 -22.51
N ASP G 59 2.29 -73.76 -21.58
CA ASP G 59 1.73 -73.48 -20.24
C ASP G 59 2.71 -72.75 -19.29
N LYS G 60 3.01 -71.48 -19.57
CA LYS G 60 4.02 -70.67 -18.86
C LYS G 60 3.90 -70.73 -17.33
N LYS G 61 2.68 -70.61 -16.81
CA LYS G 61 2.35 -70.80 -15.38
C LYS G 61 2.80 -72.15 -14.84
N TYR G 62 2.37 -73.24 -15.48
CA TYR G 62 2.76 -74.58 -15.07
C TYR G 62 4.27 -74.82 -15.26
N GLN G 63 4.93 -74.19 -16.25
CA GLN G 63 6.39 -74.23 -16.35
C GLN G 63 7.07 -73.53 -15.15
N ASP G 64 6.55 -72.41 -14.63
CA ASP G 64 7.06 -71.79 -13.40
C ASP G 64 7.01 -72.75 -12.19
N LYS G 65 5.90 -73.49 -12.10
CA LYS G 65 5.62 -74.43 -11.02
C LYS G 65 6.50 -75.68 -11.13
N LYS G 66 6.66 -76.17 -12.37
CA LYS G 66 7.55 -77.28 -12.73
C LYS G 66 8.97 -76.98 -12.28
N LEU G 67 9.49 -75.81 -12.63
CA LEU G 67 10.79 -75.35 -12.16
C LEU G 67 10.85 -75.37 -10.62
N LYS G 68 9.81 -74.88 -9.93
CA LYS G 68 9.78 -74.85 -8.47
C LYS G 68 9.98 -76.23 -7.85
N ASN G 69 9.46 -77.30 -8.45
CA ASN G 69 9.63 -78.69 -7.97
C ASN G 69 10.67 -79.51 -8.76
N ALA G 70 11.33 -78.95 -9.76
CA ALA G 70 12.29 -79.69 -10.59
C ALA G 70 13.50 -80.18 -9.79
N GLY G 71 13.86 -79.50 -8.70
CA GLY G 71 14.82 -79.96 -7.70
C GLY G 71 16.22 -80.27 -8.24
N SER G 72 16.92 -81.16 -7.56
CA SER G 72 18.26 -81.64 -7.94
C SER G 72 18.26 -82.89 -8.84
N ASP G 73 17.11 -83.53 -9.06
CA ASP G 73 17.06 -84.87 -9.65
C ASP G 73 17.40 -84.87 -11.17
N PRO G 74 18.47 -85.55 -11.61
CA PRO G 74 18.82 -85.62 -13.03
C PRO G 74 17.74 -86.27 -13.90
N GLU G 75 16.86 -87.11 -13.35
CA GLU G 75 15.71 -87.63 -14.11
C GLU G 75 14.65 -86.54 -14.37
N LYS G 76 14.41 -85.62 -13.42
CA LYS G 76 13.52 -84.47 -13.64
C LYS G 76 14.09 -83.55 -14.72
N ILE G 77 15.39 -83.29 -14.65
CA ILE G 77 16.09 -82.38 -15.59
C ILE G 77 16.08 -82.93 -17.03
N ALA G 78 16.36 -84.23 -17.25
CA ALA G 78 16.30 -84.83 -18.58
C ALA G 78 14.89 -84.81 -19.18
N ASN G 79 13.88 -85.15 -18.38
CA ASN G 79 12.48 -85.08 -18.81
C ASN G 79 11.96 -83.65 -18.96
N ALA G 80 12.67 -82.62 -18.47
CA ALA G 80 12.39 -81.24 -18.85
C ALA G 80 12.83 -80.91 -20.29
N GLY G 81 13.82 -81.63 -20.83
CA GLY G 81 14.27 -81.50 -22.21
C GLY G 81 13.45 -82.33 -23.21
N LYS G 82 13.16 -83.59 -22.87
CA LYS G 82 12.25 -84.43 -23.67
C LYS G 82 10.85 -83.83 -23.73
N VAL G 83 10.17 -84.01 -24.86
CA VAL G 83 8.72 -83.81 -24.97
C VAL G 83 8.10 -85.06 -25.60
N PHE G 84 7.09 -85.62 -24.93
CA PHE G 84 6.36 -86.80 -25.38
C PHE G 84 5.09 -86.45 -26.14
N CYS G 85 4.74 -87.28 -27.14
CA CYS G 85 3.47 -87.20 -27.83
C CYS G 85 2.92 -88.60 -28.16
N ARG G 86 1.86 -89.00 -27.44
CA ARG G 86 1.05 -90.20 -27.73
C ARG G 86 0.23 -89.96 -29.00
N LEU G 87 0.51 -90.70 -30.06
CA LEU G 87 -0.06 -90.52 -31.41
C LEU G 87 -0.61 -91.84 -31.96
N VAL G 88 -1.58 -91.78 -32.86
CA VAL G 88 -2.08 -92.94 -33.60
C VAL G 88 -1.14 -93.33 -34.73
N GLU G 89 -0.84 -94.63 -34.82
CA GLU G 89 -0.15 -95.27 -35.94
C GLU G 89 -0.95 -96.51 -36.40
N SER G 90 -1.04 -96.74 -37.72
CA SER G 90 -1.87 -97.80 -38.30
C SER G 90 -1.08 -98.78 -39.15
N THR G 91 -1.60 -99.99 -39.26
CA THR G 91 -1.04 -101.10 -40.07
C THR G 91 -2.12 -102.13 -40.33
N ALA G 92 -2.23 -102.63 -41.57
CA ALA G 92 -3.17 -103.69 -41.96
C ALA G 92 -4.64 -103.41 -41.59
N GLY G 93 -5.05 -102.15 -41.60
CA GLY G 93 -6.37 -101.69 -41.15
C GLY G 93 -6.54 -101.59 -39.64
N LYS G 94 -5.63 -102.17 -38.85
CA LYS G 94 -5.53 -102.01 -37.39
C LYS G 94 -4.79 -100.73 -37.02
N CYS G 95 -4.98 -100.27 -35.78
CA CYS G 95 -4.33 -99.08 -35.25
C CYS G 95 -3.98 -99.20 -33.77
N SER G 96 -3.03 -98.37 -33.36
CA SER G 96 -2.44 -98.35 -32.03
C SER G 96 -1.86 -96.96 -31.75
N ALA G 97 -1.47 -96.74 -30.51
CA ALA G 97 -0.61 -95.66 -30.09
C ALA G 97 0.88 -95.91 -30.47
N ARG G 98 1.65 -94.83 -30.62
CA ARG G 98 3.10 -94.79 -30.38
C ARG G 98 3.46 -93.55 -29.56
N LEU G 99 4.36 -93.72 -28.61
CA LEU G 99 5.00 -92.63 -27.89
C LEU G 99 6.06 -91.99 -28.78
N GLY G 100 5.67 -91.02 -29.62
CA GLY G 100 6.62 -90.13 -30.26
C GLY G 100 7.38 -89.32 -29.20
N MET G 101 8.65 -89.03 -29.44
CA MET G 101 9.47 -88.13 -28.61
C MET G 101 10.31 -87.18 -29.48
N ALA G 102 10.35 -85.91 -29.11
CA ALA G 102 11.19 -84.88 -29.69
C ALA G 102 11.62 -83.93 -28.57
N LEU G 103 12.74 -83.24 -28.72
CA LEU G 103 13.17 -82.29 -27.70
C LEU G 103 12.31 -81.03 -27.76
N LYS G 104 12.12 -80.35 -26.63
CA LYS G 104 11.43 -79.04 -26.60
C LYS G 104 11.98 -78.09 -27.67
N PRO G 105 13.30 -77.93 -27.84
CA PRO G 105 13.87 -77.18 -28.94
C PRO G 105 13.41 -77.62 -30.33
N ASN G 106 13.12 -78.90 -30.57
CA ASN G 106 12.56 -79.34 -31.86
C ASN G 106 11.18 -78.69 -32.08
N VAL G 107 10.32 -78.74 -31.06
CA VAL G 107 8.97 -78.13 -31.11
C VAL G 107 9.09 -76.61 -31.25
N GLU G 108 9.95 -75.99 -30.44
CA GLU G 108 10.21 -74.56 -30.52
C GLU G 108 10.73 -74.16 -31.89
N ALA G 109 11.58 -74.96 -32.53
CA ALA G 109 12.07 -74.67 -33.87
C ALA G 109 10.90 -74.57 -34.84
N VAL G 110 10.06 -75.60 -34.94
CA VAL G 110 8.90 -75.54 -35.82
C VAL G 110 8.06 -74.30 -35.53
N LEU G 111 7.76 -74.03 -34.26
CA LEU G 111 6.93 -72.90 -33.88
C LEU G 111 7.59 -71.57 -34.23
N THR G 112 8.81 -71.34 -33.76
CA THR G 112 9.57 -70.13 -34.06
C THR G 112 9.82 -69.97 -35.55
N ASP G 113 9.96 -71.05 -36.31
CA ASP G 113 10.15 -71.00 -37.75
C ASP G 113 8.91 -70.46 -38.46
N VAL G 114 7.73 -70.97 -38.09
CA VAL G 114 6.49 -70.67 -38.83
C VAL G 114 5.78 -69.41 -38.33
N LEU G 115 5.81 -69.14 -37.02
CA LEU G 115 5.16 -67.98 -36.39
C LEU G 115 6.15 -66.82 -36.07
N GLY G 116 7.43 -67.01 -36.36
CA GLY G 116 8.49 -66.07 -36.03
C GLY G 116 9.16 -66.36 -34.67
N ASN G 117 10.44 -65.97 -34.55
CA ASN G 117 11.26 -66.19 -33.36
C ASN G 117 10.58 -65.64 -32.09
N GLU G 118 9.94 -64.48 -32.20
CA GLU G 118 9.15 -63.84 -31.16
C GLU G 118 7.80 -64.54 -30.97
N LEU G 119 7.83 -65.82 -30.57
CA LEU G 119 6.71 -66.48 -29.92
C LEU G 119 6.28 -65.74 -28.64
N ASP G 120 7.19 -64.95 -28.07
CA ASP G 120 6.95 -63.94 -27.03
C ASP G 120 5.89 -62.88 -27.43
N ARG G 121 5.52 -62.77 -28.72
CA ARG G 121 4.25 -62.20 -29.17
C ARG G 121 3.11 -63.13 -28.75
N ALA G 122 2.88 -63.18 -27.44
CA ALA G 122 1.83 -63.92 -26.76
C ALA G 122 0.48 -63.82 -27.48
N ALA G 123 0.16 -62.69 -28.10
CA ALA G 123 -1.04 -62.53 -28.91
C ALA G 123 -1.08 -63.53 -30.08
N VAL G 124 -0.03 -63.62 -30.88
CA VAL G 124 -0.03 -64.39 -32.13
C VAL G 124 -0.16 -65.89 -31.88
N LEU G 125 0.65 -66.42 -30.97
CA LEU G 125 0.57 -67.84 -30.60
C LEU G 125 -0.67 -68.11 -29.76
N GLY G 126 -0.96 -67.27 -28.77
CA GLY G 126 -2.06 -67.46 -27.83
C GLY G 126 -3.44 -67.35 -28.45
N LYS G 127 -3.64 -66.53 -29.48
CA LYS G 127 -4.91 -66.43 -30.20
C LYS G 127 -5.28 -67.80 -30.79
N ARG G 128 -4.45 -68.29 -31.70
CA ARG G 128 -4.66 -69.60 -32.35
C ARG G 128 -4.68 -70.76 -31.34
N MET G 129 -3.82 -70.74 -30.33
CA MET G 129 -3.84 -71.80 -29.31
C MET G 129 -5.05 -71.71 -28.38
N GLY G 130 -5.57 -70.53 -28.10
CA GLY G 130 -6.82 -70.33 -27.38
C GLY G 130 -7.95 -71.01 -28.12
N PHE G 131 -8.03 -70.83 -29.44
CA PHE G 131 -9.06 -71.47 -30.26
C PHE G 131 -8.97 -73.00 -30.18
N SER G 132 -7.77 -73.57 -30.28
CA SER G 132 -7.53 -75.01 -30.11
C SER G 132 -7.87 -75.51 -28.70
N ALA G 133 -7.41 -74.80 -27.66
CA ALA G 133 -7.69 -75.16 -26.27
C ALA G 133 -9.19 -75.10 -25.98
N MET G 134 -9.88 -74.12 -26.58
CA MET G 134 -11.33 -74.01 -26.53
C MET G 134 -11.94 -75.25 -27.17
N PHE G 135 -11.54 -75.64 -28.39
CA PHE G 135 -12.04 -76.87 -29.00
C PHE G 135 -11.83 -78.09 -28.07
N LYS G 136 -10.68 -78.21 -27.41
CA LYS G 136 -10.44 -79.30 -26.45
C LYS G 136 -11.40 -79.19 -25.26
N SER G 137 -11.55 -77.99 -24.72
CA SER G 137 -12.53 -77.72 -23.69
C SER G 137 -13.94 -78.10 -24.13
N ASN G 138 -14.34 -77.81 -25.38
CA ASN G 138 -15.64 -78.22 -25.93
C ASN G 138 -15.78 -79.75 -25.89
N LEU G 139 -14.78 -80.46 -26.39
CA LEU G 139 -14.82 -81.91 -26.50
C LEU G 139 -14.85 -82.57 -25.11
N GLU G 140 -14.04 -82.08 -24.17
CA GLU G 140 -14.11 -82.47 -22.76
C GLU G 140 -15.52 -82.29 -22.19
N GLU G 141 -16.12 -81.13 -22.45
CA GLU G 141 -17.43 -80.79 -21.93
C GLU G 141 -18.50 -81.76 -22.41
N VAL G 142 -18.54 -82.06 -23.70
CA VAL G 142 -19.46 -83.06 -24.23
C VAL G 142 -19.10 -84.45 -23.67
N LEU G 143 -17.81 -84.77 -23.49
CA LEU G 143 -17.39 -86.08 -23.02
C LEU G 143 -17.89 -86.36 -21.60
N TYR G 144 -17.46 -85.59 -20.61
CA TYR G 144 -17.46 -86.09 -19.24
C TYR G 144 -17.92 -85.11 -18.15
N GLN G 145 -18.68 -84.08 -18.53
CA GLN G 145 -19.36 -83.16 -17.58
C GLN G 145 -18.42 -82.58 -16.50
N ARG G 146 -17.13 -82.50 -16.85
CA ARG G 146 -16.00 -81.89 -16.14
C ARG G 146 -15.77 -82.31 -14.67
N GLY G 147 -16.20 -83.50 -14.27
CA GLY G 147 -16.25 -83.93 -12.87
C GLY G 147 -14.98 -83.63 -12.05
N LYS G 148 -13.81 -84.14 -12.47
CA LYS G 148 -12.57 -83.92 -11.73
C LYS G 148 -12.13 -82.48 -11.64
N ASN G 149 -12.55 -81.61 -12.56
CA ASN G 149 -12.35 -80.17 -12.40
C ASN G 149 -13.40 -79.54 -11.47
N GLN G 150 -14.68 -79.90 -11.58
CA GLN G 150 -15.72 -79.34 -10.72
C GLN G 150 -15.60 -79.77 -9.25
N LEU G 151 -14.93 -80.89 -8.93
CA LEU G 151 -14.55 -81.18 -7.53
C LEU G 151 -13.68 -80.06 -6.92
N LYS G 152 -12.90 -79.35 -7.75
CA LYS G 152 -12.20 -78.10 -7.41
C LYS G 152 -13.10 -76.87 -7.55
N LYS G 153 -13.82 -76.75 -8.68
CA LYS G 153 -14.59 -75.53 -9.07
C LYS G 153 -16.01 -75.42 -8.50
N ARG G 154 -16.44 -76.41 -7.72
CA ARG G 154 -17.45 -76.37 -6.66
C ARG G 154 -18.89 -76.07 -7.06
N ASN G 155 -19.31 -76.31 -8.30
CA ASN G 155 -20.64 -75.94 -8.78
C ASN G 155 -21.32 -77.01 -9.68
N ALA G 156 -22.65 -76.97 -9.73
CA ALA G 156 -23.53 -78.07 -10.19
C ALA G 156 -23.92 -78.04 -11.69
N ALA G 157 -24.71 -79.02 -12.13
CA ALA G 157 -24.91 -79.36 -13.54
C ALA G 157 -25.46 -78.21 -14.40
N GLU G 158 -26.44 -77.47 -13.91
CA GLU G 158 -26.96 -76.32 -14.62
C GLU G 158 -25.87 -75.27 -14.81
N THR G 159 -25.09 -74.98 -13.77
CA THR G 159 -23.95 -74.06 -13.88
C THR G 159 -22.98 -74.57 -14.94
N PHE G 160 -22.72 -75.88 -14.95
CA PHE G 160 -21.87 -76.52 -15.93
C PHE G 160 -22.40 -76.27 -17.36
N THR G 161 -23.72 -76.38 -17.60
CA THR G 161 -24.24 -76.16 -18.94
C THR G 161 -23.95 -74.75 -19.47
N LEU G 162 -24.02 -73.75 -18.62
CA LEU G 162 -23.71 -72.37 -19.05
C LEU G 162 -22.21 -72.11 -19.13
N SER G 163 -21.36 -73.03 -18.67
CA SER G 163 -19.94 -72.82 -18.56
C SER G 163 -19.19 -73.38 -19.75
N GLN G 164 -19.64 -73.05 -20.96
CA GLN G 164 -18.97 -73.49 -22.19
C GLN G 164 -17.55 -72.90 -22.23
N GLY G 165 -16.53 -73.73 -22.42
CA GLY G 165 -15.13 -73.36 -22.41
C GLY G 165 -14.46 -73.34 -21.03
N ALA G 166 -15.15 -73.66 -19.94
CA ALA G 166 -14.53 -73.63 -18.61
C ALA G 166 -13.57 -74.80 -18.29
N SER G 167 -13.29 -75.71 -19.23
CA SER G 167 -12.20 -76.70 -19.07
C SER G 167 -10.82 -76.09 -19.33
N LEU G 168 -10.74 -74.89 -19.93
CA LEU G 168 -9.51 -74.18 -20.27
C LEU G 168 -8.57 -73.94 -19.08
N GLU G 169 -7.26 -74.06 -19.30
CA GLU G 169 -6.27 -73.44 -18.42
C GLU G 169 -6.48 -71.92 -18.33
N ALA G 170 -6.25 -71.37 -17.13
CA ALA G 170 -6.61 -70.01 -16.76
C ALA G 170 -6.17 -68.97 -17.79
N ARG G 171 -4.93 -69.08 -18.26
CA ARG G 171 -4.32 -68.16 -19.23
C ARG G 171 -5.14 -67.97 -20.50
N PHE G 172 -5.86 -68.99 -20.93
CA PHE G 172 -6.68 -68.88 -22.12
C PHE G 172 -7.97 -68.11 -21.88
N ARG G 173 -8.47 -68.10 -20.64
CA ARG G 173 -9.79 -67.53 -20.34
C ARG G 173 -9.87 -66.04 -20.69
N PRO G 174 -8.83 -65.23 -20.42
CA PRO G 174 -8.73 -63.87 -20.93
C PRO G 174 -8.77 -63.79 -22.47
N ILE G 175 -8.04 -64.66 -23.16
CA ILE G 175 -7.94 -64.66 -24.63
C ILE G 175 -9.32 -64.92 -25.26
N MET G 176 -10.06 -65.89 -24.72
CA MET G 176 -11.30 -66.41 -25.32
C MET G 176 -12.56 -65.56 -25.02
N GLU G 177 -12.42 -64.33 -24.54
CA GLU G 177 -13.46 -63.54 -23.86
C GLU G 177 -14.87 -63.63 -24.47
N LYS G 178 -14.98 -63.58 -25.81
CA LYS G 178 -16.25 -63.48 -26.54
C LYS G 178 -17.07 -64.76 -26.52
N HIS G 179 -16.42 -65.92 -26.62
CA HIS G 179 -17.09 -67.16 -26.97
C HIS G 179 -17.44 -68.04 -25.78
N LEU G 180 -16.74 -67.87 -24.65
CA LEU G 180 -17.02 -68.63 -23.42
C LEU G 180 -18.47 -68.42 -22.98
N GLY G 181 -19.14 -69.50 -22.57
CA GLY G 181 -20.48 -69.44 -21.99
C GLY G 181 -20.45 -68.68 -20.68
N VAL G 182 -21.50 -67.91 -20.39
CA VAL G 182 -21.51 -66.94 -19.27
C VAL G 182 -21.12 -67.60 -17.95
N GLY G 183 -21.55 -68.85 -17.76
CA GLY G 183 -21.23 -69.65 -16.59
C GLY G 183 -19.74 -69.78 -16.35
N THR G 184 -18.93 -69.82 -17.40
CA THR G 184 -17.47 -69.90 -17.31
C THR G 184 -16.94 -68.72 -16.53
N VAL G 185 -17.37 -67.53 -16.90
CA VAL G 185 -16.99 -66.29 -16.21
C VAL G 185 -17.51 -66.31 -14.79
N VAL G 186 -18.78 -66.68 -14.62
CA VAL G 186 -19.43 -66.69 -13.30
C VAL G 186 -18.72 -67.62 -12.34
N ALA G 187 -18.48 -68.86 -12.75
CA ALA G 187 -17.75 -69.86 -12.00
C ALA G 187 -16.37 -69.35 -11.66
N SER G 188 -15.71 -68.70 -12.62
CA SER G 188 -14.41 -68.09 -12.37
C SER G 188 -14.52 -67.09 -11.24
N ILE G 189 -15.47 -66.15 -11.28
CA ILE G 189 -15.61 -65.14 -10.22
C ILE G 189 -15.84 -65.81 -8.87
N LYS G 190 -16.75 -66.78 -8.82
CA LYS G 190 -17.09 -67.47 -7.57
C LYS G 190 -15.85 -68.17 -6.99
N ASN G 191 -15.07 -68.80 -7.85
CA ASN G 191 -13.83 -69.43 -7.43
C ASN G 191 -12.73 -68.41 -7.10
N ILE G 192 -12.71 -67.22 -7.70
CA ILE G 192 -11.79 -66.15 -7.32
C ILE G 192 -12.05 -65.73 -5.87
N LEU G 193 -13.31 -65.61 -5.45
CA LEU G 193 -13.65 -65.31 -4.04
C LEU G 193 -13.17 -66.42 -3.09
N ALA G 194 -13.26 -67.68 -3.51
CA ALA G 194 -12.65 -68.77 -2.75
C ALA G 194 -11.13 -68.65 -2.71
N SER G 195 -10.47 -68.30 -3.82
CA SER G 195 -9.03 -68.06 -3.86
C SER G 195 -8.60 -66.95 -2.92
N LYS G 196 -9.38 -65.88 -2.79
CA LYS G 196 -9.13 -64.83 -1.80
C LYS G 196 -9.14 -65.34 -0.35
N LYS G 197 -9.87 -66.42 -0.04
CA LYS G 197 -9.68 -67.14 1.23
C LYS G 197 -8.45 -68.04 1.19
N ASN G 198 -8.36 -68.90 0.18
CA ASN G 198 -7.49 -70.08 0.21
C ASN G 198 -6.02 -69.81 -0.12
N GLY G 199 -5.70 -68.74 -0.85
CA GLY G 199 -4.32 -68.40 -1.22
C GLY G 199 -3.68 -69.30 -2.30
N ASN G 200 -4.47 -70.16 -2.94
CA ASN G 200 -4.08 -71.06 -4.03
C ASN G 200 -3.85 -70.35 -5.39
N TYR G 201 -3.54 -69.07 -5.37
CA TYR G 201 -3.55 -68.18 -6.51
C TYR G 201 -2.57 -67.01 -6.35
N ARG G 202 -2.17 -66.40 -7.47
CA ARG G 202 -1.61 -65.06 -7.54
C ARG G 202 -2.54 -64.13 -8.32
N ASN G 203 -2.99 -63.05 -7.69
CA ASN G 203 -3.72 -61.97 -8.37
C ASN G 203 -2.81 -61.15 -9.32
N LYS G 204 -3.39 -60.41 -10.28
CA LYS G 204 -2.70 -59.96 -11.52
C LYS G 204 -3.29 -58.68 -12.13
N MET G 205 -2.63 -58.09 -13.13
CA MET G 205 -3.11 -56.92 -13.90
C MET G 205 -2.77 -57.06 -15.40
N VAL G 206 -3.70 -56.68 -16.28
CA VAL G 206 -3.61 -56.80 -17.75
C VAL G 206 -4.23 -55.60 -18.49
N ARG G 207 -3.95 -55.50 -19.80
CA ARG G 207 -4.45 -54.48 -20.75
C ARG G 207 -4.73 -55.09 -22.15
N LYS G 208 -5.75 -54.61 -22.87
CA LYS G 208 -6.22 -55.19 -24.14
C LYS G 208 -6.35 -54.13 -25.25
N PRO G 209 -5.34 -53.95 -26.11
CA PRO G 209 -5.37 -53.03 -27.26
C PRO G 209 -6.43 -53.37 -28.32
N GLY G 210 -6.82 -52.37 -29.09
CA GLY G 210 -7.95 -52.41 -30.03
C GLY G 210 -9.34 -52.47 -29.36
N GLY G 211 -9.41 -52.91 -28.09
CA GLY G 211 -10.62 -52.91 -27.26
C GLY G 211 -10.63 -51.80 -26.20
N ASN G 212 -9.80 -51.93 -25.16
CA ASN G 212 -9.67 -50.97 -24.07
C ASN G 212 -8.26 -50.98 -23.45
N ARG G 213 -7.58 -49.82 -23.48
CA ARG G 213 -6.26 -49.58 -22.87
C ARG G 213 -6.30 -49.48 -21.34
N GLU G 214 -7.46 -49.67 -20.71
CA GLU G 214 -7.57 -49.86 -19.27
C GLU G 214 -6.69 -51.00 -18.77
N SER G 215 -6.10 -50.79 -17.58
CA SER G 215 -4.97 -51.54 -17.08
C SER G 215 -5.29 -52.01 -15.67
N TRP G 216 -5.77 -53.24 -15.57
CA TRP G 216 -6.63 -53.63 -14.46
C TRP G 216 -6.69 -55.15 -14.23
N SER G 217 -7.28 -55.56 -13.10
CA SER G 217 -7.19 -56.90 -12.53
C SER G 217 -8.26 -57.87 -13.05
N PRO G 218 -8.22 -59.15 -12.64
CA PRO G 218 -9.32 -60.08 -12.84
C PRO G 218 -10.67 -59.52 -12.41
N LEU G 219 -10.73 -58.73 -11.33
CA LEU G 219 -11.99 -58.16 -10.88
C LEU G 219 -12.63 -57.34 -12.01
N GLU G 220 -11.88 -56.38 -12.53
CA GLU G 220 -12.34 -55.55 -13.63
C GLU G 220 -12.53 -56.38 -14.89
N ARG G 221 -11.58 -57.26 -15.22
CA ARG G 221 -11.59 -58.09 -16.43
C ARG G 221 -12.85 -58.95 -16.48
N GLU G 222 -13.11 -59.66 -15.40
CA GLU G 222 -14.31 -60.47 -15.28
C GLU G 222 -15.54 -59.59 -15.38
N ILE G 223 -15.62 -58.50 -14.62
CA ILE G 223 -16.80 -57.62 -14.66
C ILE G 223 -17.01 -57.09 -16.08
N SER G 224 -15.94 -56.75 -16.77
CA SER G 224 -15.99 -56.29 -18.15
C SER G 224 -16.55 -57.37 -19.05
N PHE G 225 -16.01 -58.58 -18.97
CA PHE G 225 -16.51 -59.70 -19.78
C PHE G 225 -17.98 -59.97 -19.45
N LEU G 226 -18.34 -59.89 -18.18
CA LEU G 226 -19.70 -60.06 -17.70
C LEU G 226 -20.61 -58.98 -18.29
N ASN G 227 -20.15 -57.73 -18.36
CA ASN G 227 -20.90 -56.66 -18.99
C ASN G 227 -21.06 -56.92 -20.48
N LYS G 228 -20.00 -57.41 -21.15
CA LYS G 228 -20.04 -57.77 -22.57
C LYS G 228 -21.03 -58.90 -22.88
N LYS G 229 -21.47 -59.65 -21.86
CA LYS G 229 -22.41 -60.78 -21.99
C LYS G 229 -23.83 -60.47 -21.52
N LEU G 230 -24.01 -59.78 -20.39
CA LEU G 230 -25.32 -59.69 -19.73
C LEU G 230 -26.35 -58.92 -20.56
N PHE G 231 -27.62 -59.20 -20.26
CA PHE G 231 -28.77 -58.62 -20.94
C PHE G 231 -28.88 -57.10 -20.66
N PRO G 232 -29.08 -56.27 -21.72
CA PRO G 232 -29.22 -54.83 -21.56
C PRO G 232 -30.34 -54.44 -20.58
N GLY G 233 -30.27 -53.26 -19.97
CA GLY G 233 -31.14 -52.95 -18.84
C GLY G 233 -30.73 -53.73 -17.60
N PRO G 234 -31.63 -54.46 -16.93
CA PRO G 234 -31.47 -54.85 -15.53
C PRO G 234 -30.18 -55.62 -15.28
N MET G 235 -29.85 -56.58 -16.14
CA MET G 235 -28.73 -57.46 -15.91
C MET G 235 -27.41 -56.71 -16.11
N ARG G 236 -27.26 -55.92 -17.17
CA ARG G 236 -26.10 -55.02 -17.26
C ARG G 236 -26.09 -53.98 -16.14
N GLN G 237 -27.23 -53.53 -15.63
CA GLN G 237 -27.24 -52.60 -14.52
C GLN G 237 -26.70 -53.27 -13.24
N LEU G 238 -27.07 -54.52 -13.01
CA LEU G 238 -26.46 -55.33 -11.96
C LEU G 238 -24.95 -55.48 -12.21
N CYS G 239 -24.56 -55.61 -13.48
CA CYS G 239 -23.15 -55.67 -13.86
C CYS G 239 -22.40 -54.39 -13.46
N LYS G 240 -23.00 -53.22 -13.67
CA LYS G 240 -22.41 -51.95 -13.22
C LYS G 240 -22.35 -51.85 -11.69
N LYS G 241 -23.42 -52.26 -10.98
CA LYS G 241 -23.46 -52.29 -9.51
C LYS G 241 -22.36 -53.17 -8.91
N PHE G 242 -21.88 -54.16 -9.65
CA PHE G 242 -21.24 -55.35 -9.11
C PHE G 242 -20.10 -55.04 -8.14
N GLU G 243 -19.27 -54.03 -8.42
CA GLU G 243 -18.17 -53.64 -7.54
C GLU G 243 -18.61 -53.21 -6.13
N TYR G 244 -19.88 -52.87 -5.98
CA TYR G 244 -20.49 -52.32 -4.79
C TYR G 244 -21.47 -53.28 -4.12
N LEU G 245 -21.67 -54.48 -4.69
CA LEU G 245 -22.21 -55.62 -3.96
C LEU G 245 -21.20 -56.10 -2.91
N ASN G 246 -21.66 -56.57 -1.75
CA ASN G 246 -20.78 -57.32 -0.83
C ASN G 246 -20.47 -58.73 -1.38
N GLU G 247 -19.52 -59.46 -0.81
CA GLU G 247 -19.08 -60.75 -1.37
C GLU G 247 -20.21 -61.79 -1.46
N GLN G 248 -21.02 -61.93 -0.41
CA GLN G 248 -22.17 -62.83 -0.45
C GLN G 248 -23.21 -62.32 -1.45
N GLU G 249 -23.48 -61.01 -1.48
CA GLU G 249 -24.34 -60.41 -2.49
C GLU G 249 -23.83 -60.72 -3.89
N LYS G 250 -22.51 -60.67 -4.13
CA LYS G 250 -21.93 -61.08 -5.40
C LYS G 250 -22.26 -62.53 -5.67
N GLN G 251 -22.03 -63.43 -4.73
CA GLN G 251 -22.36 -64.84 -4.95
C GLN G 251 -23.86 -65.05 -5.23
N LEU G 252 -24.72 -64.39 -4.48
CA LEU G 252 -26.17 -64.49 -4.65
C LEU G 252 -26.60 -63.96 -6.01
N ALA G 253 -26.08 -62.78 -6.37
CA ALA G 253 -26.33 -62.15 -7.65
C ALA G 253 -25.87 -63.05 -8.78
N LEU G 254 -24.64 -63.57 -8.69
CA LEU G 254 -24.09 -64.49 -9.66
C LEU G 254 -25.03 -65.67 -9.82
N ASN G 255 -25.48 -66.28 -8.73
CA ASN G 255 -26.40 -67.39 -8.82
C ASN G 255 -27.67 -66.97 -9.57
N LEU G 256 -28.33 -65.91 -9.16
CA LEU G 256 -29.60 -65.57 -9.80
C LEU G 256 -29.39 -65.16 -11.26
N MET G 257 -28.33 -64.43 -11.57
CA MET G 257 -28.01 -64.07 -12.95
C MET G 257 -27.73 -65.32 -13.77
N LEU G 258 -27.03 -66.28 -13.20
CA LEU G 258 -26.73 -67.53 -13.87
C LEU G 258 -28.03 -68.28 -14.15
N ASP G 259 -28.91 -68.36 -13.16
CA ASP G 259 -30.22 -68.96 -13.35
C ASP G 259 -31.00 -68.24 -14.43
N ALA G 260 -31.03 -66.91 -14.39
CA ALA G 260 -31.71 -66.10 -15.38
C ALA G 260 -31.15 -66.40 -16.77
N SER G 261 -29.85 -66.57 -16.88
CA SER G 261 -29.18 -66.93 -18.13
C SER G 261 -29.59 -68.30 -18.65
N LEU G 262 -30.12 -69.20 -17.81
CA LEU G 262 -30.71 -70.44 -18.33
C LEU G 262 -31.87 -70.12 -19.29
N ILE G 263 -32.65 -69.06 -19.05
CA ILE G 263 -33.71 -68.62 -19.96
C ILE G 263 -33.19 -67.53 -20.90
N LEU G 264 -32.66 -66.45 -20.34
CA LEU G 264 -32.28 -65.24 -21.04
C LEU G 264 -31.06 -65.51 -21.92
N LYS G 265 -31.14 -65.13 -23.20
CA LYS G 265 -30.05 -65.34 -24.18
C LYS G 265 -29.52 -64.02 -24.78
N PRO G 266 -29.00 -63.07 -23.99
CA PRO G 266 -28.30 -61.90 -24.55
C PRO G 266 -27.01 -62.31 -25.29
N GLN G 267 -26.28 -61.35 -25.84
CA GLN G 267 -25.12 -61.59 -26.72
C GLN G 267 -24.03 -62.50 -26.10
N VAL G 268 -23.89 -63.71 -26.64
CA VAL G 268 -22.85 -64.72 -26.31
C VAL G 268 -22.35 -65.34 -27.61
N THR G 269 -21.03 -65.49 -27.80
CA THR G 269 -20.54 -65.59 -29.17
C THR G 269 -20.32 -67.03 -29.57
N HIS G 270 -20.97 -67.49 -30.64
CA HIS G 270 -20.66 -68.76 -31.26
C HIS G 270 -19.21 -68.76 -31.78
N LYS G 271 -18.62 -69.94 -32.04
CA LYS G 271 -17.46 -70.07 -32.93
C LYS G 271 -17.42 -71.46 -33.57
N MET G 272 -16.79 -71.60 -34.73
CA MET G 272 -16.32 -72.91 -35.21
C MET G 272 -14.81 -73.05 -34.98
N ILE G 273 -14.38 -74.24 -34.54
CA ILE G 273 -12.99 -74.67 -34.61
C ILE G 273 -12.98 -76.11 -35.08
N MET G 274 -12.77 -76.33 -36.37
CA MET G 274 -12.41 -77.67 -36.85
C MET G 274 -10.98 -78.02 -36.38
N PRO G 275 -10.69 -79.30 -36.09
CA PRO G 275 -9.35 -79.83 -35.91
C PRO G 275 -8.34 -79.42 -36.99
N TRP G 276 -7.08 -79.23 -36.60
CA TRP G 276 -5.98 -78.95 -37.52
C TRP G 276 -5.80 -80.08 -38.53
N SER G 277 -5.98 -81.35 -38.16
CA SER G 277 -5.94 -82.44 -39.14
C SER G 277 -7.11 -82.35 -40.13
N MET G 278 -8.25 -81.74 -39.78
CA MET G 278 -9.31 -81.46 -40.74
C MET G 278 -8.92 -80.30 -41.65
N TRP G 279 -8.23 -79.29 -41.14
CA TRP G 279 -7.63 -78.31 -42.05
C TRP G 279 -6.59 -78.94 -42.97
N LEU G 280 -5.76 -79.85 -42.47
CA LEU G 280 -4.86 -80.61 -43.34
C LEU G 280 -5.68 -81.41 -44.35
N ALA G 281 -6.78 -82.04 -43.92
CA ALA G 281 -7.63 -82.81 -44.81
C ALA G 281 -8.17 -81.90 -45.91
N VAL G 282 -8.57 -80.68 -45.58
CA VAL G 282 -8.97 -79.68 -46.58
C VAL G 282 -7.83 -79.43 -47.57
N LYS G 283 -6.59 -79.25 -47.11
CA LYS G 283 -5.46 -79.09 -48.03
C LYS G 283 -5.33 -80.28 -48.95
N LYS G 284 -5.19 -81.49 -48.41
CA LYS G 284 -5.02 -82.68 -49.23
C LYS G 284 -6.23 -82.94 -50.13
N TYR G 285 -7.41 -82.58 -49.69
CA TYR G 285 -8.61 -82.65 -50.52
C TYR G 285 -8.45 -81.72 -51.70
N ALA G 286 -8.09 -80.47 -51.45
CA ALA G 286 -7.85 -79.52 -52.53
C ALA G 286 -6.82 -80.10 -53.49
N GLU G 287 -5.73 -80.65 -52.96
CA GLU G 287 -4.72 -81.30 -53.77
C GLU G 287 -5.34 -82.44 -54.61
N MET G 288 -6.08 -83.35 -54.00
CA MET G 288 -6.63 -84.50 -54.71
C MET G 288 -7.76 -84.09 -55.67
N ASN G 289 -8.30 -82.88 -55.52
CA ASN G 289 -9.25 -82.30 -56.45
C ASN G 289 -8.59 -81.56 -57.62
N LYS G 290 -7.26 -81.52 -57.71
CA LYS G 290 -6.50 -80.93 -58.84
C LYS G 290 -6.84 -79.44 -59.13
N GLY G 291 -6.71 -78.59 -58.11
CA GLY G 291 -6.58 -77.14 -58.30
C GLY G 291 -7.88 -76.32 -58.38
N SER G 292 -8.87 -76.63 -57.54
CA SER G 292 -10.16 -75.90 -57.47
C SER G 292 -10.66 -75.53 -56.06
N PRO G 293 -10.56 -76.38 -55.00
CA PRO G 293 -10.96 -75.97 -53.64
C PRO G 293 -9.92 -75.05 -53.00
N SER G 294 -10.31 -73.82 -52.66
CA SER G 294 -9.38 -72.78 -52.16
C SER G 294 -9.64 -72.42 -50.71
N LEU G 295 -8.61 -72.54 -49.87
CA LEU G 295 -8.73 -72.37 -48.41
C LEU G 295 -9.22 -70.98 -48.00
N GLU G 296 -8.88 -69.92 -48.74
CA GLU G 296 -9.41 -68.60 -48.43
C GLU G 296 -10.93 -68.55 -48.54
N ASP G 297 -11.51 -69.34 -49.43
CA ASP G 297 -12.96 -69.48 -49.54
C ASP G 297 -13.59 -70.02 -48.26
N LEU G 298 -12.82 -70.74 -47.45
CA LEU G 298 -13.22 -71.37 -46.19
C LEU G 298 -12.72 -70.61 -44.93
N ALA G 299 -11.93 -69.55 -45.11
CA ALA G 299 -11.13 -68.95 -44.06
C ALA G 299 -11.88 -67.92 -43.19
N ALA G 300 -12.90 -68.35 -42.42
CA ALA G 300 -13.65 -67.48 -41.50
C ALA G 300 -14.11 -68.18 -40.21
N TYR G 301 -14.21 -67.43 -39.11
CA TYR G 301 -14.69 -67.92 -37.80
C TYR G 301 -16.22 -67.87 -37.66
N SER G 302 -16.90 -67.59 -38.76
CA SER G 302 -18.32 -67.28 -38.84
C SER G 302 -18.83 -67.53 -40.25
N GLY G 303 -20.15 -67.65 -40.41
CA GLY G 303 -20.79 -67.79 -41.73
C GLY G 303 -20.66 -69.17 -42.38
N VAL G 304 -21.42 -69.37 -43.45
CA VAL G 304 -21.66 -70.66 -44.12
C VAL G 304 -20.38 -71.34 -44.61
N ARG G 305 -19.30 -70.59 -44.79
CA ARG G 305 -17.95 -71.09 -45.07
C ARG G 305 -17.55 -72.19 -44.09
N ALA G 306 -17.99 -72.11 -42.84
CA ALA G 306 -17.80 -73.16 -41.85
C ALA G 306 -18.47 -74.49 -42.24
N PHE G 307 -19.74 -74.46 -42.67
CA PHE G 307 -20.42 -75.67 -43.12
C PHE G 307 -19.80 -76.21 -44.41
N MET G 308 -19.36 -75.33 -45.31
CA MET G 308 -18.57 -75.74 -46.48
C MET G 308 -17.38 -76.59 -46.00
N ALA G 309 -16.59 -76.08 -45.05
CA ALA G 309 -15.40 -76.76 -44.57
C ALA G 309 -15.71 -78.10 -43.88
N PHE G 310 -16.71 -78.13 -43.00
CA PHE G 310 -17.05 -79.36 -42.31
C PHE G 310 -17.55 -80.41 -43.29
N ASN G 311 -18.53 -80.09 -44.14
CA ASN G 311 -18.99 -81.05 -45.14
C ASN G 311 -17.86 -81.45 -46.08
N THR G 312 -16.94 -80.56 -46.40
CA THR G 312 -15.74 -80.93 -47.15
C THR G 312 -14.98 -82.02 -46.39
N ALA G 313 -14.74 -81.83 -45.10
CA ALA G 313 -14.11 -82.85 -44.29
C ALA G 313 -14.93 -84.15 -44.33
N CYS G 314 -16.25 -84.04 -44.44
CA CYS G 314 -17.15 -85.18 -44.51
C CYS G 314 -16.97 -86.04 -45.76
N TYR G 315 -16.20 -85.64 -46.75
CA TYR G 315 -15.92 -86.54 -47.86
C TYR G 315 -15.16 -87.78 -47.39
N MET G 316 -13.91 -87.64 -46.96
CA MET G 316 -12.99 -88.78 -46.79
C MET G 316 -12.08 -88.70 -45.54
N SER G 317 -12.33 -87.82 -44.58
CA SER G 317 -11.47 -87.69 -43.39
C SER G 317 -11.49 -88.96 -42.52
N LYS G 318 -10.43 -89.27 -41.76
CA LYS G 318 -10.27 -90.55 -41.05
C LYS G 318 -9.95 -90.41 -39.57
N PHE G 319 -10.40 -91.37 -38.79
CA PHE G 319 -10.36 -91.37 -37.33
C PHE G 319 -10.47 -92.81 -36.83
N THR G 320 -10.14 -93.03 -35.57
CA THR G 320 -10.16 -94.38 -34.98
C THR G 320 -11.57 -94.84 -34.61
N ILE G 321 -11.78 -96.14 -34.66
CA ILE G 321 -12.85 -96.85 -33.96
C ILE G 321 -12.21 -97.86 -33.02
N GLY G 322 -12.33 -97.60 -31.72
CA GLY G 322 -12.20 -98.65 -30.71
C GLY G 322 -13.51 -99.42 -30.61
N LYS G 323 -13.44 -100.73 -30.38
CA LYS G 323 -14.63 -101.55 -30.07
C LYS G 323 -15.24 -101.16 -28.71
N GLY G 324 -14.38 -100.78 -27.75
CA GLY G 324 -14.76 -100.26 -26.43
C GLY G 324 -15.39 -98.87 -26.48
N ILE G 325 -15.78 -98.33 -25.32
CA ILE G 325 -16.74 -97.24 -25.26
C ILE G 325 -16.41 -96.25 -24.16
N VAL G 326 -16.72 -94.98 -24.37
CA VAL G 326 -17.02 -94.07 -23.27
C VAL G 326 -18.46 -94.36 -22.88
N GLY G 327 -18.62 -95.46 -22.13
CA GLY G 327 -19.91 -96.00 -21.68
C GLY G 327 -19.72 -97.18 -20.72
N ASP G 328 -20.82 -97.76 -20.24
CA ASP G 328 -20.76 -98.79 -19.18
C ASP G 328 -21.79 -99.93 -19.32
N ALA G 329 -23.03 -99.61 -19.69
CA ALA G 329 -24.07 -100.62 -19.98
C ALA G 329 -23.85 -101.34 -21.32
N GLU G 330 -24.59 -102.42 -21.56
CA GLU G 330 -24.47 -103.22 -22.80
C GLU G 330 -25.00 -102.52 -24.07
N ILE G 331 -25.80 -101.46 -23.94
CA ILE G 331 -26.27 -100.64 -25.07
C ILE G 331 -25.14 -99.72 -25.58
N MET G 332 -24.85 -99.78 -26.89
CA MET G 332 -23.81 -99.00 -27.55
C MET G 332 -24.12 -98.77 -29.03
N GLU G 333 -23.47 -97.78 -29.65
CA GLU G 333 -23.83 -97.26 -30.99
C GLU G 333 -22.66 -96.58 -31.73
N ASN G 334 -22.85 -96.42 -33.04
CA ASN G 334 -21.82 -96.37 -34.08
C ASN G 334 -20.98 -95.09 -34.25
N GLY G 335 -20.08 -95.14 -35.24
CA GLY G 335 -19.22 -94.02 -35.64
C GLY G 335 -19.97 -92.74 -36.02
N ASN G 336 -21.19 -92.82 -36.53
CA ASN G 336 -21.96 -91.60 -36.77
C ASN G 336 -22.20 -90.85 -35.44
N ASP G 337 -22.28 -91.54 -34.32
CA ASP G 337 -22.32 -90.85 -33.04
C ASP G 337 -21.00 -90.13 -32.74
N LYS G 338 -19.85 -90.73 -33.07
CA LYS G 338 -18.58 -89.97 -33.04
C LYS G 338 -18.72 -88.76 -33.96
N MET G 339 -19.31 -88.94 -35.14
CA MET G 339 -19.46 -87.85 -36.10
C MET G 339 -20.30 -86.73 -35.50
N GLN G 340 -21.38 -87.07 -34.80
CA GLN G 340 -22.13 -86.08 -34.04
C GLN G 340 -21.22 -85.42 -33.01
N THR G 341 -20.47 -86.18 -32.24
CA THR G 341 -19.65 -85.61 -31.17
C THR G 341 -18.66 -84.61 -31.74
N LEU G 342 -17.99 -85.00 -32.83
CA LEU G 342 -17.08 -84.12 -33.54
C LEU G 342 -17.81 -82.84 -33.92
N ALA G 343 -18.96 -82.94 -34.55
CA ALA G 343 -19.72 -81.77 -34.95
C ALA G 343 -20.04 -80.88 -33.74
N MET G 344 -20.49 -81.49 -32.64
CA MET G 344 -20.81 -80.77 -31.43
C MET G 344 -19.60 -80.00 -30.97
N ALA G 345 -18.46 -80.67 -30.87
CA ALA G 345 -17.23 -80.02 -30.47
C ALA G 345 -16.82 -78.92 -31.46
N CYS G 346 -17.00 -79.15 -32.76
CA CYS G 346 -16.53 -78.24 -33.80
C CYS G 346 -17.33 -76.95 -33.83
N PHE G 347 -18.66 -77.02 -33.73
CA PHE G 347 -19.52 -75.84 -33.81
C PHE G 347 -20.01 -75.33 -32.44
N GLY G 348 -19.66 -76.00 -31.34
CA GLY G 348 -20.13 -75.60 -30.00
C GLY G 348 -21.62 -75.87 -29.75
N LEU G 349 -22.16 -76.96 -30.31
CA LEU G 349 -23.61 -77.26 -30.32
C LEU G 349 -24.20 -77.72 -28.98
N ALA G 350 -23.40 -77.87 -27.92
CA ALA G 350 -23.77 -78.57 -26.69
C ALA G 350 -25.06 -78.03 -26.03
N TYR G 351 -25.42 -76.78 -26.28
CA TYR G 351 -26.65 -76.17 -25.77
C TYR G 351 -27.54 -75.59 -26.88
N GLU G 352 -27.20 -75.88 -28.13
CA GLU G 352 -28.03 -75.63 -29.30
C GLU G 352 -29.24 -76.57 -29.30
N ASP G 353 -30.27 -76.26 -30.09
CA ASP G 353 -31.41 -77.15 -30.26
C ASP G 353 -31.06 -78.42 -31.06
N THR G 354 -31.23 -79.57 -30.42
CA THR G 354 -31.14 -80.89 -31.05
C THR G 354 -32.05 -81.01 -32.27
N GLY G 355 -33.24 -80.43 -32.29
CA GLY G 355 -34.15 -80.52 -33.44
C GLY G 355 -33.58 -79.79 -34.65
N ILE G 356 -33.16 -78.55 -34.46
CA ILE G 356 -32.40 -77.78 -35.44
C ILE G 356 -31.25 -78.61 -35.96
N VAL G 357 -30.43 -79.14 -35.05
CA VAL G 357 -29.26 -79.92 -35.48
C VAL G 357 -29.72 -81.16 -36.24
N ALA G 358 -30.77 -81.84 -35.79
CA ALA G 358 -31.28 -83.06 -36.42
C ALA G 358 -31.65 -82.81 -37.87
N ALA G 359 -32.29 -81.67 -38.15
CA ALA G 359 -32.60 -81.30 -39.51
C ALA G 359 -31.34 -80.95 -40.33
N MET G 360 -30.36 -80.23 -39.78
CA MET G 360 -29.15 -79.83 -40.50
C MET G 360 -28.26 -81.03 -40.85
N ILE G 361 -27.88 -81.78 -39.82
CA ILE G 361 -27.27 -83.11 -39.99
C ILE G 361 -28.22 -84.09 -40.69
N SER G 362 -29.48 -83.70 -40.88
CA SER G 362 -30.45 -84.44 -41.67
C SER G 362 -30.68 -85.89 -41.17
N GLN G 363 -30.51 -86.11 -39.85
CA GLN G 363 -30.64 -87.35 -39.07
C GLN G 363 -31.08 -87.02 -37.62
N PRO G 364 -31.76 -87.91 -36.88
CA PRO G 364 -32.26 -87.61 -35.53
C PRO G 364 -31.15 -87.24 -34.53
N MET G 365 -31.45 -86.33 -33.59
CA MET G 365 -30.53 -85.90 -32.52
C MET G 365 -30.94 -86.36 -31.11
N LYS G 366 -30.02 -86.18 -30.15
CA LYS G 366 -29.90 -86.99 -28.93
C LYS G 366 -29.53 -86.17 -27.68
N LYS G 367 -29.75 -86.77 -26.51
CA LYS G 367 -29.26 -86.34 -25.19
C LYS G 367 -28.25 -87.33 -24.63
N ARG G 368 -27.55 -86.99 -23.54
CA ARG G 368 -26.43 -87.81 -23.04
C ARG G 368 -26.83 -89.24 -22.74
N TYR G 369 -28.04 -89.48 -22.26
CA TYR G 369 -28.50 -90.84 -22.02
C TYR G 369 -28.41 -91.70 -23.27
N GLN G 370 -28.44 -91.09 -24.43
CA GLN G 370 -28.30 -91.72 -25.72
C GLN G 370 -26.90 -91.57 -26.34
N LEU G 371 -26.13 -90.51 -26.04
CA LEU G 371 -24.84 -90.25 -26.74
C LEU G 371 -23.76 -91.28 -26.40
N ARG G 372 -23.11 -91.87 -27.41
CA ARG G 372 -21.93 -92.75 -27.28
C ARG G 372 -20.74 -92.20 -28.09
N VAL G 373 -19.51 -92.37 -27.61
CA VAL G 373 -18.26 -91.99 -28.29
C VAL G 373 -17.04 -92.74 -27.69
N GLY G 374 -15.89 -92.67 -28.35
CA GLY G 374 -14.58 -93.06 -27.81
C GLY G 374 -13.83 -91.91 -27.12
N ASN G 375 -12.65 -92.20 -26.56
CA ASN G 375 -11.87 -91.27 -25.75
C ASN G 375 -10.97 -90.28 -26.51
N PHE G 376 -10.80 -90.45 -27.84
CA PHE G 376 -9.83 -89.73 -28.67
C PHE G 376 -8.34 -89.86 -28.22
N ASN G 377 -7.96 -90.91 -27.47
CA ASN G 377 -6.61 -91.08 -26.90
C ASN G 377 -5.94 -92.36 -27.44
N PRO G 378 -4.76 -92.30 -28.12
CA PRO G 378 -4.33 -93.38 -29.03
C PRO G 378 -4.25 -94.76 -28.40
N PRO G 379 -4.63 -95.83 -29.11
CA PRO G 379 -5.15 -97.03 -28.45
C PRO G 379 -4.12 -98.15 -28.28
N GLU G 380 -4.42 -99.17 -27.50
CA GLU G 380 -3.63 -100.41 -27.55
C GLU G 380 -3.83 -101.14 -28.88
N LYS G 381 -5.10 -101.33 -29.28
CA LYS G 381 -5.57 -101.95 -30.54
C LYS G 381 -6.88 -101.31 -30.98
N GLY G 382 -7.19 -101.33 -32.28
CA GLY G 382 -8.43 -100.78 -32.82
C GLY G 382 -8.43 -100.79 -34.35
N THR G 383 -9.42 -100.17 -34.99
CA THR G 383 -9.56 -100.12 -36.46
C THR G 383 -9.81 -98.69 -36.96
N ILE G 384 -9.39 -98.32 -38.18
CA ILE G 384 -9.64 -96.98 -38.74
C ILE G 384 -11.05 -96.92 -39.36
N LYS G 385 -11.67 -95.74 -39.37
CA LYS G 385 -12.85 -95.46 -40.17
C LYS G 385 -12.78 -94.07 -40.79
N GLY G 386 -13.50 -93.89 -41.89
CA GLY G 386 -13.64 -92.65 -42.65
C GLY G 386 -15.05 -92.04 -42.60
N THR G 387 -15.18 -90.77 -42.97
CA THR G 387 -16.43 -89.96 -42.83
C THR G 387 -17.61 -90.41 -43.69
N SER G 388 -18.81 -90.32 -43.12
CA SER G 388 -20.08 -90.38 -43.85
C SER G 388 -20.29 -89.10 -44.69
N ALA G 389 -20.72 -89.23 -45.94
CA ALA G 389 -20.73 -88.14 -46.92
C ALA G 389 -21.65 -86.95 -46.57
N GLY G 390 -21.19 -85.71 -46.83
CA GLY G 390 -22.02 -84.48 -46.88
C GLY G 390 -22.78 -84.07 -45.62
N TYR G 391 -22.39 -84.63 -44.47
CA TYR G 391 -23.22 -84.89 -43.29
C TYR G 391 -24.25 -83.81 -42.89
N PHE G 392 -23.90 -82.51 -42.85
CA PHE G 392 -24.88 -81.44 -42.68
C PHE G 392 -25.62 -81.25 -44.00
N HIS G 393 -26.47 -82.19 -44.41
CA HIS G 393 -27.10 -82.13 -45.74
C HIS G 393 -28.05 -80.94 -45.84
N LYS G 394 -28.43 -80.37 -44.71
CA LYS G 394 -28.90 -79.00 -44.58
C LYS G 394 -27.94 -78.19 -43.71
N TRP G 395 -27.82 -76.89 -43.98
CA TRP G 395 -27.03 -75.89 -43.23
C TRP G 395 -27.94 -74.85 -42.54
N ALA G 396 -27.36 -73.84 -41.89
CA ALA G 396 -28.10 -72.66 -41.41
C ALA G 396 -27.19 -71.43 -41.18
N GLU G 397 -27.78 -70.24 -41.11
CA GLU G 397 -27.12 -69.00 -40.72
C GLU G 397 -26.89 -68.93 -39.19
N PHE G 398 -25.65 -68.68 -38.76
CA PHE G 398 -25.24 -68.58 -37.34
C PHE G 398 -25.74 -67.29 -36.64
N GLY G 399 -25.50 -67.16 -35.35
CA GLY G 399 -26.01 -66.05 -34.54
C GLY G 399 -25.59 -66.15 -33.08
N ASN G 400 -25.91 -65.12 -32.31
CA ASN G 400 -25.25 -64.85 -31.02
C ASN G 400 -26.16 -64.31 -29.92
N ARG G 401 -27.47 -64.12 -30.15
CA ARG G 401 -28.40 -63.57 -29.16
C ARG G 401 -29.85 -63.93 -29.43
N LEU G 402 -30.69 -63.70 -28.43
CA LEU G 402 -32.15 -64.01 -28.50
C LEU G 402 -32.77 -63.25 -29.68
N PRO G 403 -33.98 -63.64 -30.16
CA PRO G 403 -34.63 -62.96 -31.29
C PRO G 403 -34.96 -61.49 -30.99
N PHE G 404 -35.66 -61.23 -29.87
CA PHE G 404 -36.05 -59.85 -29.50
C PHE G 404 -35.70 -59.57 -28.04
N ASN G 405 -34.88 -60.42 -27.43
CA ASN G 405 -34.46 -60.25 -26.01
C ASN G 405 -35.71 -60.06 -25.14
N SER G 406 -36.11 -58.81 -24.90
CA SER G 406 -37.30 -58.49 -24.08
C SER G 406 -38.05 -57.29 -24.68
N PHE G 407 -39.31 -57.10 -24.28
CA PHE G 407 -40.13 -55.97 -24.79
C PHE G 407 -39.53 -54.64 -24.31
N GLY G 408 -39.33 -53.70 -25.24
CA GLY G 408 -38.75 -52.38 -24.91
C GLY G 408 -39.80 -51.29 -24.97
N THR G 409 -39.36 -50.03 -24.85
CA THR G 409 -40.21 -48.83 -24.88
C THR G 409 -40.82 -48.61 -26.26
N GLY G 410 -41.66 -47.59 -26.40
CA GLY G 410 -41.78 -46.90 -27.68
C GLY G 410 -40.40 -46.47 -28.18
N GLU G 411 -40.17 -46.54 -29.50
CA GLU G 411 -38.85 -46.36 -30.11
C GLU G 411 -38.41 -44.89 -30.16
N SER G 412 -39.35 -43.95 -30.29
CA SER G 412 -39.06 -42.50 -30.39
C SER G 412 -40.23 -41.61 -29.99
N LYS G 413 -41.47 -41.99 -30.34
CA LYS G 413 -42.72 -41.27 -30.00
C LYS G 413 -43.18 -41.52 -28.55
N GLN G 414 -44.31 -40.91 -28.18
CA GLN G 414 -44.94 -40.97 -26.84
C GLN G 414 -44.10 -40.38 -25.69
N ILE G 415 -43.13 -39.51 -26.01
CA ILE G 415 -42.38 -38.67 -25.06
C ILE G 415 -43.13 -37.35 -24.80
N SER G 416 -42.66 -36.50 -23.87
CA SER G 416 -43.31 -35.21 -23.54
C SER G 416 -43.38 -34.27 -24.76
N ASN G 417 -44.57 -34.13 -25.34
CA ASN G 417 -44.78 -33.51 -26.67
C ASN G 417 -44.31 -32.05 -26.71
N SER G 418 -43.67 -31.63 -27.82
CA SER G 418 -43.40 -30.20 -28.09
C SER G 418 -44.60 -29.55 -28.79
N GLY G 419 -44.68 -28.22 -28.73
CA GLY G 419 -45.76 -27.44 -29.32
C GLY G 419 -45.27 -26.09 -29.85
N VAL G 420 -45.02 -26.02 -31.16
CA VAL G 420 -44.84 -24.76 -31.88
C VAL G 420 -46.17 -24.02 -31.97
N PHE G 421 -47.24 -24.69 -32.41
CA PHE G 421 -48.49 -23.99 -32.68
C PHE G 421 -49.28 -23.66 -31.41
N ALA G 422 -49.74 -22.42 -31.32
CA ALA G 422 -50.48 -21.87 -30.19
C ALA G 422 -51.92 -22.41 -30.14
N VAL G 423 -52.09 -23.68 -29.74
CA VAL G 423 -53.38 -24.38 -29.73
C VAL G 423 -53.58 -25.16 -28.43
N GLN G 424 -54.72 -24.95 -27.75
CA GLN G 424 -55.08 -25.67 -26.53
C GLN G 424 -55.17 -27.18 -26.79
N ARG G 425 -54.52 -28.00 -25.94
CA ARG G 425 -54.16 -29.38 -26.28
C ARG G 425 -54.13 -30.37 -25.09
N PRO G 426 -54.52 -31.64 -25.31
CA PRO G 426 -54.05 -32.78 -24.51
C PRO G 426 -52.56 -33.07 -24.71
N SER G 427 -52.01 -34.04 -23.99
CA SER G 427 -50.64 -34.54 -24.18
C SER G 427 -50.50 -36.03 -23.80
N THR G 428 -49.60 -36.75 -24.47
CA THR G 428 -49.15 -38.11 -24.07
C THR G 428 -48.18 -38.00 -22.87
N THR G 429 -48.69 -37.59 -21.71
CA THR G 429 -47.86 -37.22 -20.54
C THR G 429 -47.12 -38.45 -20.02
N ASN G 430 -45.78 -38.38 -19.95
CA ASN G 430 -44.89 -39.53 -19.69
C ASN G 430 -43.69 -39.15 -18.79
N ILE G 431 -43.89 -38.21 -17.87
CA ILE G 431 -42.86 -37.65 -16.98
C ILE G 431 -42.21 -38.75 -16.10
N GLN G 432 -42.98 -39.78 -15.77
CA GLN G 432 -42.56 -40.89 -14.91
C GLN G 432 -41.41 -41.69 -15.54
N ARG G 433 -41.55 -42.16 -16.79
CA ARG G 433 -40.46 -42.85 -17.50
C ARG G 433 -39.32 -41.90 -17.90
N LEU G 434 -39.63 -40.64 -18.16
CA LEU G 434 -38.59 -39.60 -18.36
C LEU G 434 -37.69 -39.48 -17.12
N ALA G 435 -38.28 -39.42 -15.92
CA ALA G 435 -37.54 -39.43 -14.66
C ALA G 435 -36.77 -40.75 -14.43
N GLU G 436 -37.29 -41.91 -14.86
CA GLU G 436 -36.49 -43.15 -14.89
C GLU G 436 -35.25 -43.01 -15.79
N LEU G 437 -35.38 -42.50 -17.03
CA LEU G 437 -34.22 -42.29 -17.91
C LEU G 437 -33.17 -41.36 -17.27
N MET G 438 -33.61 -40.27 -16.61
CA MET G 438 -32.72 -39.43 -15.81
C MET G 438 -32.06 -40.21 -14.68
N ALA G 439 -32.81 -41.03 -13.92
CA ALA G 439 -32.27 -41.84 -12.84
C ALA G 439 -31.21 -42.84 -13.33
N ARG G 440 -31.44 -43.51 -14.46
CA ARG G 440 -30.47 -44.45 -15.05
C ARG G 440 -29.22 -43.74 -15.58
N ASN G 441 -29.35 -42.59 -16.24
CA ASN G 441 -28.18 -41.85 -16.76
C ASN G 441 -27.40 -41.07 -15.67
N THR G 442 -28.04 -40.70 -14.56
CA THR G 442 -27.38 -40.14 -13.36
C THR G 442 -26.76 -41.22 -12.45
N GLY G 443 -26.99 -42.51 -12.70
CA GLY G 443 -26.38 -43.62 -11.96
C GLY G 443 -27.05 -43.94 -10.62
N GLU G 444 -28.39 -43.89 -10.55
CA GLU G 444 -29.13 -44.15 -9.32
C GLU G 444 -28.77 -45.50 -8.68
N THR G 445 -28.59 -45.50 -7.35
CA THR G 445 -27.83 -46.51 -6.60
C THR G 445 -28.59 -47.08 -5.38
N SER G 446 -29.67 -46.43 -4.93
CA SER G 446 -30.47 -46.94 -3.77
C SER G 446 -31.42 -48.04 -4.24
N ASP G 447 -31.43 -49.18 -3.52
CA ASP G 447 -32.30 -50.35 -3.82
C ASP G 447 -32.02 -50.89 -5.24
N ASN G 448 -30.92 -51.63 -5.40
CA ASN G 448 -30.54 -52.20 -6.72
C ASN G 448 -30.64 -53.73 -6.67
N PHE G 449 -29.93 -54.35 -5.72
CA PHE G 449 -29.92 -55.83 -5.57
C PHE G 449 -31.36 -56.36 -5.66
N THR G 450 -32.17 -56.12 -4.62
CA THR G 450 -33.58 -56.59 -4.57
C THR G 450 -34.33 -56.09 -5.81
N GLN G 451 -34.19 -54.80 -6.15
CA GLN G 451 -34.88 -54.20 -7.31
C GLN G 451 -34.64 -55.06 -8.55
N LEU G 452 -33.38 -55.39 -8.82
CA LEU G 452 -33.01 -56.20 -9.97
C LEU G 452 -33.39 -57.66 -9.76
N VAL G 453 -33.38 -58.19 -8.53
CA VAL G 453 -33.95 -59.51 -8.24
C VAL G 453 -35.41 -59.54 -8.67
N GLN G 454 -36.18 -58.54 -8.26
CA GLN G 454 -37.57 -58.43 -8.67
C GLN G 454 -37.67 -58.30 -10.18
N LYS G 455 -36.87 -57.42 -10.78
CA LYS G 455 -36.90 -57.24 -12.23
C LYS G 455 -36.62 -58.55 -12.94
N ILE G 456 -35.70 -59.37 -12.44
CA ILE G 456 -35.44 -60.69 -12.99
C ILE G 456 -36.70 -61.54 -12.87
N ARG G 457 -37.32 -61.60 -11.68
CA ARG G 457 -38.53 -62.39 -11.48
C ARG G 457 -39.58 -62.04 -12.51
N GLU G 458 -39.90 -60.76 -12.63
CA GLU G 458 -40.95 -60.34 -13.54
C GLU G 458 -40.52 -60.41 -15.01
N GLN G 459 -39.24 -60.20 -15.33
CA GLN G 459 -38.74 -60.37 -16.69
C GLN G 459 -38.92 -61.81 -17.13
N VAL G 460 -38.61 -62.77 -16.25
CA VAL G 460 -38.84 -64.18 -16.56
C VAL G 460 -40.30 -64.40 -16.90
N GLY G 461 -41.23 -63.86 -16.11
CA GLY G 461 -42.65 -63.96 -16.43
C GLY G 461 -42.98 -63.33 -17.78
N ALA G 462 -42.48 -62.14 -18.05
CA ALA G 462 -42.70 -61.48 -19.32
C ALA G 462 -42.18 -62.34 -20.47
N PHE G 463 -40.98 -62.89 -20.32
CA PHE G 463 -40.40 -63.78 -21.29
C PHE G 463 -41.25 -65.04 -21.44
N ALA G 464 -41.78 -65.56 -20.35
CA ALA G 464 -42.67 -66.71 -20.36
C ALA G 464 -43.98 -66.40 -21.10
N ASP G 465 -44.31 -65.13 -21.30
CA ASP G 465 -45.30 -64.75 -22.30
C ASP G 465 -44.66 -64.66 -23.69
N GLN G 466 -43.55 -63.92 -23.81
CA GLN G 466 -42.87 -63.56 -25.06
C GLN G 466 -42.41 -64.76 -25.91
N LYS G 467 -42.24 -65.92 -25.28
CA LYS G 467 -41.98 -67.21 -25.92
C LYS G 467 -42.90 -67.46 -27.12
N ALA G 468 -44.11 -66.91 -27.08
CA ALA G 468 -45.09 -66.99 -28.16
C ALA G 468 -44.49 -66.68 -29.53
N ASN G 469 -43.47 -65.84 -29.62
CA ASN G 469 -42.75 -65.59 -30.87
C ASN G 469 -41.23 -65.57 -30.74
N LEU G 470 -40.66 -65.67 -29.53
CA LEU G 470 -39.22 -65.56 -29.30
C LEU G 470 -38.43 -66.77 -29.83
N ARG G 471 -38.12 -66.85 -31.15
CA ARG G 471 -37.66 -68.10 -31.81
C ARG G 471 -36.44 -68.01 -32.76
N GLU G 472 -36.29 -67.07 -33.68
CA GLU G 472 -35.05 -66.87 -34.48
C GLU G 472 -34.93 -65.46 -35.03
N PHE G 473 -33.76 -65.10 -35.56
CA PHE G 473 -33.77 -64.04 -36.58
C PHE G 473 -34.74 -64.44 -37.71
N THR G 474 -35.68 -63.56 -38.04
CA THR G 474 -36.98 -63.83 -38.70
C THR G 474 -36.94 -64.48 -40.09
N GLY G 475 -35.78 -64.57 -40.73
CA GLY G 475 -35.57 -65.33 -41.98
C GLY G 475 -35.19 -66.81 -41.76
N GLY G 476 -35.27 -67.31 -40.53
CA GLY G 476 -34.51 -68.46 -40.11
C GLY G 476 -35.13 -69.80 -40.48
N TYR G 477 -34.42 -70.60 -41.27
CA TYR G 477 -34.80 -71.97 -41.61
C TYR G 477 -33.58 -72.86 -41.94
N ILE G 478 -33.77 -74.20 -41.96
CA ILE G 478 -32.73 -75.20 -42.32
C ILE G 478 -32.64 -75.47 -43.83
N TYR G 479 -32.04 -74.55 -44.57
CA TYR G 479 -31.91 -74.66 -46.03
C TYR G 479 -30.94 -75.78 -46.45
N ASP G 480 -31.17 -76.36 -47.64
CA ASP G 480 -30.33 -77.41 -48.22
C ASP G 480 -28.90 -76.95 -48.52
N ILE G 481 -27.96 -77.89 -48.66
CA ILE G 481 -26.61 -77.56 -49.16
C ILE G 481 -26.62 -77.08 -50.61
N THR G 482 -27.61 -77.50 -51.39
CA THR G 482 -27.96 -76.89 -52.69
C THR G 482 -28.57 -75.49 -52.56
N ASP G 483 -28.72 -74.97 -51.34
CA ASP G 483 -29.49 -73.77 -51.02
C ASP G 483 -28.88 -72.92 -49.88
N VAL G 484 -27.58 -72.67 -49.97
CA VAL G 484 -27.00 -71.50 -49.29
C VAL G 484 -27.71 -70.21 -49.70
N THR G 485 -28.38 -70.23 -50.86
CA THR G 485 -29.28 -69.23 -51.38
C THR G 485 -30.55 -69.02 -50.56
N LYS G 486 -30.78 -69.73 -49.44
CA LYS G 486 -31.91 -69.50 -48.53
C LYS G 486 -33.31 -69.52 -49.22
N SER G 487 -33.45 -70.27 -50.30
CA SER G 487 -34.60 -70.35 -51.20
C SER G 487 -35.77 -71.19 -50.65
N ASN G 488 -35.48 -72.16 -49.78
CA ASN G 488 -36.37 -73.24 -49.35
C ASN G 488 -36.72 -73.18 -47.84
N PRO G 489 -37.43 -72.16 -47.33
CA PRO G 489 -37.68 -72.00 -45.90
C PRO G 489 -38.60 -73.13 -45.37
N LYS G 490 -38.12 -73.91 -44.39
CA LYS G 490 -38.84 -75.05 -43.78
C LYS G 490 -38.49 -75.27 -42.30
N ILE G 491 -39.47 -75.67 -41.49
CA ILE G 491 -39.42 -75.78 -40.02
C ILE G 491 -38.87 -77.16 -39.57
N PRO G 492 -38.14 -77.29 -38.45
CA PRO G 492 -37.62 -78.58 -37.97
C PRO G 492 -38.68 -79.58 -37.53
N GLN G 493 -39.59 -79.19 -36.63
CA GLN G 493 -40.62 -80.05 -36.05
C GLN G 493 -41.90 -79.27 -35.72
N LEU G 494 -43.04 -79.94 -35.79
CA LEU G 494 -44.34 -79.44 -35.30
C LEU G 494 -44.52 -79.68 -33.78
N GLY G 495 -44.10 -80.86 -33.29
CA GLY G 495 -44.27 -81.32 -31.91
C GLY G 495 -44.53 -82.83 -31.82
N GLY G 496 -45.20 -83.26 -30.76
CA GLY G 496 -45.72 -84.63 -30.60
C GLY G 496 -46.96 -84.91 -31.47
N THR H 8 -0.92 -92.66 -0.54
CA THR H 8 -1.38 -92.32 0.84
C THR H 8 -2.07 -93.48 1.58
N PRO H 9 -2.95 -94.33 1.00
CA PRO H 9 -3.65 -95.34 1.79
C PRO H 9 -2.73 -96.35 2.50
N GLU H 10 -1.61 -96.71 1.91
CA GLU H 10 -0.59 -97.56 2.51
C GLU H 10 -0.09 -96.95 3.81
N GLU H 11 0.23 -95.66 3.78
CA GLU H 11 0.62 -94.91 4.98
C GLU H 11 -0.55 -94.78 5.97
N GLN H 12 -1.78 -94.70 5.50
CA GLN H 12 -2.93 -94.78 6.39
C GLN H 12 -2.98 -96.16 7.08
N ARG H 13 -2.76 -97.26 6.36
CA ARG H 13 -2.67 -98.61 6.96
C ARG H 13 -1.53 -98.69 7.96
N ALA H 14 -0.41 -98.04 7.71
CA ALA H 14 0.71 -97.98 8.65
C ALA H 14 0.34 -97.22 9.94
N LYS H 15 -0.26 -96.03 9.86
CA LYS H 15 -0.71 -95.27 11.03
C LYS H 15 -1.79 -96.02 11.81
N ASN H 16 -2.69 -96.67 11.10
CA ASN H 16 -3.67 -97.59 11.70
C ASN H 16 -2.95 -98.75 12.40
N ALA H 17 -1.98 -99.41 11.77
CA ALA H 17 -1.23 -100.50 12.38
C ALA H 17 -0.52 -100.03 13.67
N LYS H 18 0.13 -98.86 13.66
CA LYS H 18 0.71 -98.27 14.88
C LYS H 18 -0.35 -98.02 15.95
N THR H 19 -1.49 -97.47 15.57
CA THR H 19 -2.62 -97.24 16.47
C THR H 19 -3.06 -98.53 17.15
N ILE H 20 -3.21 -99.61 16.39
CA ILE H 20 -3.58 -100.92 16.93
C ILE H 20 -2.43 -101.50 17.76
N LEU H 21 -1.18 -101.38 17.32
CA LEU H 21 -0.02 -101.85 18.07
C LEU H 21 0.05 -101.17 19.43
N GLU H 22 -0.29 -99.89 19.49
CA GLU H 22 -0.42 -99.18 20.76
C GLU H 22 -1.50 -99.81 21.63
N ASN H 23 -2.67 -100.06 21.06
CA ASN H 23 -3.75 -100.71 21.80
C ASN H 23 -3.31 -102.09 22.28
N ILE H 24 -2.58 -102.83 21.46
CA ILE H 24 -2.01 -104.14 21.78
C ILE H 24 -1.02 -104.00 22.93
N GLN H 25 -0.09 -103.06 22.87
CA GLN H 25 0.91 -102.86 23.92
C GLN H 25 0.23 -102.50 25.26
N ILE H 26 -0.76 -101.61 25.21
CA ILE H 26 -1.59 -101.28 26.37
C ILE H 26 -2.21 -102.54 26.92
N TYR H 27 -2.89 -103.32 26.08
CA TYR H 27 -3.58 -104.53 26.49
C TYR H 27 -2.60 -105.56 27.07
N GLU H 28 -1.45 -105.80 26.45
CA GLU H 28 -0.44 -106.73 26.99
C GLU H 28 -0.05 -106.30 28.39
N ARG H 29 0.24 -105.01 28.53
CA ARG H 29 0.58 -104.44 29.83
C ARG H 29 -0.57 -104.57 30.79
N MET H 30 -1.79 -104.29 30.37
CA MET H 30 -2.97 -104.45 31.21
C MET H 30 -3.12 -105.91 31.67
N CYS H 31 -2.86 -106.87 30.78
CA CYS H 31 -2.99 -108.28 31.08
C CYS H 31 -1.98 -108.71 32.12
N ASP H 32 -0.73 -108.34 31.92
CA ASP H 32 0.26 -108.57 32.96
C ASP H 32 -0.09 -107.82 34.26
N LEU H 33 -0.62 -106.60 34.18
CA LEU H 33 -0.91 -105.75 35.34
C LEU H 33 -1.96 -106.38 36.26
N PHE H 34 -3.03 -106.94 35.72
CA PHE H 34 -4.01 -107.67 36.54
C PHE H 34 -3.65 -109.14 36.76
N GLY H 35 -2.54 -109.63 36.24
CA GLY H 35 -2.05 -110.99 36.47
C GLY H 35 -2.67 -112.06 35.58
N VAL H 36 -3.14 -111.68 34.39
CA VAL H 36 -3.86 -112.58 33.46
C VAL H 36 -2.94 -113.67 32.91
N SER H 37 -3.37 -114.95 32.93
CA SER H 37 -2.59 -116.08 32.39
C SER H 37 -2.43 -115.99 30.86
N GLU H 38 -1.32 -116.51 30.34
CA GLU H 38 -0.89 -116.24 28.97
C GLU H 38 -1.99 -116.59 27.96
N ASP H 39 -2.56 -117.77 28.08
CA ASP H 39 -3.68 -118.18 27.25
C ASP H 39 -4.90 -117.30 27.54
N ASP H 40 -5.19 -117.01 28.80
CA ASP H 40 -6.33 -116.17 29.15
C ASP H 40 -6.25 -114.75 28.60
N LYS H 41 -5.07 -114.29 28.17
CA LYS H 41 -4.97 -112.98 27.50
C LYS H 41 -5.81 -112.92 26.23
N LEU H 42 -5.97 -114.03 25.51
CA LEU H 42 -6.73 -114.07 24.26
C LEU H 42 -8.21 -113.74 24.45
N ILE H 43 -8.70 -113.84 25.67
CA ILE H 43 -10.12 -113.90 25.92
C ILE H 43 -10.77 -112.58 25.56
N ILE H 44 -11.80 -112.67 24.73
CA ILE H 44 -12.60 -111.51 24.32
C ILE H 44 -13.27 -110.85 25.52
N GLU H 45 -13.82 -111.63 26.45
CA GLU H 45 -14.33 -111.12 27.72
C GLU H 45 -13.26 -110.27 28.46
N ASN H 46 -11.99 -110.71 28.45
CA ASN H 46 -10.91 -109.91 29.02
C ASN H 46 -10.71 -108.62 28.21
N SER H 47 -10.78 -108.68 26.88
CA SER H 47 -10.77 -107.48 26.05
C SER H 47 -11.80 -106.47 26.56
N ILE H 48 -13.04 -106.93 26.65
CA ILE H 48 -14.17 -106.13 27.09
C ILE H 48 -13.88 -105.58 28.47
N SER H 49 -13.46 -106.40 29.42
CA SER H 49 -13.20 -105.93 30.78
C SER H 49 -12.16 -104.82 30.82
N ILE H 50 -11.06 -104.92 30.07
CA ILE H 50 -10.05 -103.87 30.06
C ILE H 50 -10.64 -102.61 29.44
N GLU H 51 -11.29 -102.75 28.30
CA GLU H 51 -11.91 -101.64 27.60
C GLU H 51 -12.91 -100.92 28.51
N ARG H 52 -13.71 -101.68 29.24
CA ARG H 52 -14.66 -101.19 30.24
C ARG H 52 -13.94 -100.34 31.28
N MET H 53 -12.92 -100.91 31.89
CA MET H 53 -12.17 -100.22 32.93
C MET H 53 -11.62 -98.89 32.38
N ILE H 54 -11.11 -98.91 31.15
CA ILE H 54 -10.59 -97.69 30.53
C ILE H 54 -11.69 -96.66 30.39
N ARG H 55 -12.91 -97.03 29.99
CA ARG H 55 -14.01 -96.05 29.95
C ARG H 55 -14.18 -95.40 31.31
N VAL H 56 -14.31 -96.19 32.38
CA VAL H 56 -14.56 -95.67 33.73
C VAL H 56 -13.51 -94.66 34.12
N VAL H 57 -12.24 -95.01 33.92
CA VAL H 57 -11.11 -94.12 34.21
C VAL H 57 -11.19 -92.84 33.38
N THR H 58 -11.54 -92.96 32.11
CA THR H 58 -11.56 -91.83 31.16
C THR H 58 -12.85 -91.01 31.19
N ASP H 59 -13.87 -91.39 31.95
CA ASP H 59 -15.16 -90.69 32.05
C ASP H 59 -15.08 -89.35 32.80
N LYS H 60 -14.44 -88.34 32.21
CA LYS H 60 -14.16 -87.02 32.82
C LYS H 60 -15.37 -86.38 33.51
N LYS H 61 -16.53 -86.39 32.83
CA LYS H 61 -17.82 -85.97 33.38
C LYS H 61 -18.20 -86.69 34.67
N TYR H 62 -18.21 -88.02 34.64
CA TYR H 62 -18.52 -88.82 35.83
C TYR H 62 -17.45 -88.65 36.91
N GLN H 63 -16.18 -88.41 36.58
CA GLN H 63 -15.16 -88.06 37.57
C GLN H 63 -15.47 -86.71 38.25
N ASP H 64 -15.98 -85.70 37.53
CA ASP H 64 -16.44 -84.44 38.16
C ASP H 64 -17.54 -84.67 39.20
N LYS H 65 -18.47 -85.56 38.87
CA LYS H 65 -19.63 -85.91 39.68
C LYS H 65 -19.22 -86.73 40.89
N LYS H 66 -18.31 -87.68 40.69
CA LYS H 66 -17.68 -88.50 41.73
C LYS H 66 -17.03 -87.62 42.78
N LEU H 67 -16.22 -86.66 42.35
CA LEU H 67 -15.63 -85.67 43.25
C LEU H 67 -16.72 -84.93 44.03
N LYS H 68 -17.81 -84.52 43.37
CA LYS H 68 -18.91 -83.80 44.03
C LYS H 68 -19.51 -84.58 45.21
N ASN H 69 -19.61 -85.91 45.12
CA ASN H 69 -20.12 -86.77 46.19
C ASN H 69 -19.02 -87.51 46.99
N ALA H 70 -17.74 -87.33 46.68
CA ALA H 70 -16.66 -88.05 47.34
C ALA H 70 -16.57 -87.72 48.84
N GLY H 71 -17.00 -86.52 49.25
CA GLY H 71 -17.21 -86.14 50.64
C GLY H 71 -15.96 -86.23 51.53
N SER H 72 -16.19 -86.44 52.82
CA SER H 72 -15.13 -86.61 53.83
C SER H 72 -14.70 -88.08 54.07
N ASP H 73 -15.41 -89.05 53.50
CA ASP H 73 -15.27 -90.46 53.88
C ASP H 73 -13.93 -91.07 53.41
N PRO H 74 -13.04 -91.53 54.31
CA PRO H 74 -11.78 -92.16 53.92
C PRO H 74 -11.96 -93.43 53.09
N GLU H 75 -13.09 -94.13 53.17
CA GLU H 75 -13.38 -95.26 52.28
C GLU H 75 -13.66 -94.81 50.84
N LYS H 76 -14.34 -93.67 50.63
CA LYS H 76 -14.53 -93.09 49.29
C LYS H 76 -13.20 -92.68 48.68
N ILE H 77 -12.34 -92.04 49.49
CA ILE H 77 -11.03 -91.53 49.06
C ILE H 77 -10.08 -92.68 48.67
N ALA H 78 -9.99 -93.77 49.44
CA ALA H 78 -9.16 -94.92 49.08
C ALA H 78 -9.63 -95.61 47.80
N ASN H 79 -10.93 -95.81 47.65
CA ASN H 79 -11.50 -96.38 46.43
C ASN H 79 -11.45 -95.42 45.22
N ALA H 80 -11.15 -94.12 45.42
CA ALA H 80 -10.79 -93.24 44.31
C ALA H 80 -9.38 -93.54 43.76
N GLY H 81 -8.48 -94.09 44.57
CA GLY H 81 -7.15 -94.51 44.16
C GLY H 81 -7.10 -95.92 43.55
N LYS H 82 -7.78 -96.88 44.17
CA LYS H 82 -7.95 -98.24 43.61
C LYS H 82 -8.69 -98.17 42.27
N VAL H 83 -8.33 -99.07 41.35
CA VAL H 83 -9.14 -99.40 40.18
C VAL H 83 -9.33 -100.92 40.10
N PHE H 84 -10.58 -101.36 40.01
CA PHE H 84 -10.94 -102.77 39.91
C PHE H 84 -11.14 -103.22 38.46
N CYS H 85 -10.79 -104.48 38.19
CA CYS H 85 -11.08 -105.13 36.92
C CYS H 85 -11.47 -106.60 37.12
N ARG H 86 -12.75 -106.92 36.94
CA ARG H 86 -13.29 -108.28 36.87
C ARG H 86 -12.84 -108.94 35.55
N LEU H 87 -12.02 -109.97 35.64
CA LEU H 87 -11.37 -110.64 34.49
C LEU H 87 -11.56 -112.15 34.55
N VAL H 88 -11.51 -112.83 33.41
CA VAL H 88 -11.52 -114.30 33.32
C VAL H 88 -10.15 -114.87 33.66
N GLU H 89 -10.14 -115.90 34.50
CA GLU H 89 -9.00 -116.76 34.80
C GLU H 89 -9.41 -118.24 34.66
N SER H 90 -8.54 -119.08 34.11
CA SER H 90 -8.85 -120.49 33.80
C SER H 90 -7.91 -121.46 34.48
N THR H 91 -8.39 -122.69 34.70
CA THR H 91 -7.65 -123.81 35.30
C THR H 91 -8.36 -125.11 34.96
N ALA H 92 -7.60 -126.14 34.55
CA ALA H 92 -8.12 -127.49 34.27
C ALA H 92 -9.30 -127.53 33.27
N GLY H 93 -9.32 -126.60 32.30
CA GLY H 93 -10.41 -126.41 31.34
C GLY H 93 -11.62 -125.65 31.90
N LYS H 94 -11.72 -125.48 33.22
CA LYS H 94 -12.71 -124.62 33.90
C LYS H 94 -12.26 -123.16 33.92
N CYS H 95 -13.20 -122.25 34.14
CA CYS H 95 -12.95 -120.82 34.20
C CYS H 95 -13.83 -120.11 35.22
N SER H 96 -13.35 -118.95 35.65
CA SER H 96 -13.95 -118.11 36.67
C SER H 96 -13.52 -116.66 36.49
N ALA H 97 -14.14 -115.76 37.23
CA ALA H 97 -13.67 -114.42 37.47
C ALA H 97 -12.49 -114.36 38.47
N ARG H 98 -11.67 -113.31 38.35
CA ARG H 98 -10.91 -112.73 39.48
C ARG H 98 -11.03 -111.21 39.46
N LEU H 99 -11.18 -110.63 40.64
CA LEU H 99 -11.11 -109.18 40.85
C LEU H 99 -9.63 -108.76 40.83
N GLY H 100 -9.09 -108.48 39.64
CA GLY H 100 -7.83 -107.77 39.53
C GLY H 100 -7.96 -106.37 40.14
N MET H 101 -6.90 -105.86 40.76
CA MET H 101 -6.81 -104.47 41.26
C MET H 101 -5.44 -103.86 40.93
N ALA H 102 -5.45 -102.62 40.47
CA ALA H 102 -4.27 -101.79 40.23
C ALA H 102 -4.63 -100.35 40.57
N LEU H 103 -3.67 -99.52 40.91
CA LEU H 103 -3.96 -98.12 41.19
C LEU H 103 -4.23 -97.35 39.89
N LYS H 104 -5.05 -96.30 39.93
CA LYS H 104 -5.27 -95.43 38.77
C LYS H 104 -3.94 -94.97 38.14
N PRO H 105 -2.93 -94.53 38.92
CA PRO H 105 -1.60 -94.28 38.38
C PRO H 105 -0.96 -95.44 37.64
N ASN H 106 -1.22 -96.71 38.00
CA ASN H 106 -0.73 -97.85 37.22
C ASN H 106 -1.32 -97.83 35.81
N VAL H 107 -2.64 -97.65 35.71
CA VAL H 107 -3.35 -97.56 34.42
C VAL H 107 -2.88 -96.35 33.62
N GLU H 108 -2.80 -95.19 34.29
CA GLU H 108 -2.30 -93.97 33.68
C GLU H 108 -0.87 -94.13 33.18
N ALA H 109 -0.01 -94.85 33.90
CA ALA H 109 1.35 -95.10 33.45
C ALA H 109 1.33 -95.83 32.11
N VAL H 110 0.67 -96.98 32.02
CA VAL H 110 0.57 -97.71 30.76
C VAL H 110 0.06 -96.79 29.64
N LEU H 111 -1.02 -96.04 29.91
CA LEU H 111 -1.62 -95.18 28.89
C LEU H 111 -0.67 -94.05 28.49
N THR H 112 -0.18 -93.27 29.45
CA THR H 112 0.76 -92.19 29.20
C THR H 112 2.05 -92.69 28.58
N ASP H 113 2.49 -93.91 28.89
CA ASP H 113 3.69 -94.49 28.31
C ASP H 113 3.51 -94.76 26.82
N VAL H 114 2.39 -95.36 26.42
CA VAL H 114 2.18 -95.84 25.06
C VAL H 114 1.60 -94.77 24.13
N LEU H 115 0.70 -93.91 24.62
CA LEU H 115 0.04 -92.84 23.86
C LEU H 115 0.66 -91.45 24.08
N GLY H 116 1.67 -91.34 24.94
CA GLY H 116 2.30 -90.09 25.35
C GLY H 116 1.67 -89.48 26.62
N ASN H 117 2.48 -88.72 27.37
CA ASN H 117 2.08 -88.09 28.63
C ASN H 117 0.82 -87.24 28.47
N GLU H 118 0.72 -86.52 27.36
CA GLU H 118 -0.45 -85.73 26.95
C GLU H 118 -1.60 -86.62 26.47
N LEU H 119 -2.10 -87.48 27.36
CA LEU H 119 -3.45 -88.05 27.22
C LEU H 119 -4.52 -86.95 27.14
N ASP H 120 -4.20 -85.76 27.64
CA ASP H 120 -4.93 -84.50 27.42
C ASP H 120 -5.12 -84.13 25.93
N ARG H 121 -4.38 -84.77 25.02
CA ARG H 121 -4.77 -84.89 23.59
C ARG H 121 -5.99 -85.80 23.48
N ALA H 122 -7.12 -85.29 23.97
CA ALA H 122 -8.43 -85.89 23.95
C ALA H 122 -8.77 -86.56 22.62
N ALA H 123 -8.29 -86.01 21.49
CA ALA H 123 -8.43 -86.62 20.18
C ALA H 123 -7.80 -88.02 20.11
N VAL H 124 -6.53 -88.16 20.53
CA VAL H 124 -5.76 -89.40 20.34
C VAL H 124 -6.33 -90.55 21.15
N LEU H 125 -6.58 -90.31 22.45
CA LEU H 125 -7.17 -91.32 23.31
C LEU H 125 -8.67 -91.53 22.99
N GLY H 126 -9.41 -90.43 22.81
CA GLY H 126 -10.85 -90.48 22.59
C GLY H 126 -11.26 -91.11 21.27
N LYS H 127 -10.46 -90.97 20.20
CA LYS H 127 -10.73 -91.63 18.91
C LYS H 127 -10.81 -93.14 19.09
N ARG H 128 -9.69 -93.74 19.51
CA ARG H 128 -9.60 -95.19 19.75
C ARG H 128 -10.59 -95.67 20.82
N MET H 129 -10.77 -94.91 21.91
CA MET H 129 -11.74 -95.31 22.93
C MET H 129 -13.19 -95.15 22.48
N GLY H 130 -13.50 -94.18 21.62
CA GLY H 130 -14.81 -94.07 20.99
C GLY H 130 -15.13 -95.32 20.19
N PHE H 131 -14.17 -95.82 19.43
CA PHE H 131 -14.36 -97.05 18.64
C PHE H 131 -14.64 -98.26 19.55
N SER H 132 -13.91 -98.41 20.66
CA SER H 132 -14.16 -99.44 21.67
C SER H 132 -15.52 -99.27 22.36
N ALA H 133 -15.85 -98.07 22.81
CA ALA H 133 -17.13 -97.78 23.46
C ALA H 133 -18.30 -98.04 22.51
N MET H 134 -18.12 -97.72 21.23
CA MET H 134 -19.06 -98.04 20.18
C MET H 134 -19.22 -99.55 20.09
N PHE H 135 -18.14 -100.33 19.99
CA PHE H 135 -18.26 -101.80 20.02
C PHE H 135 -19.04 -102.29 21.24
N LYS H 136 -18.80 -101.74 22.44
CA LYS H 136 -19.57 -102.11 23.63
C LYS H 136 -21.04 -101.73 23.46
N SER H 137 -21.31 -100.53 22.99
CA SER H 137 -22.65 -100.11 22.64
C SER H 137 -23.31 -101.06 21.64
N ASN H 138 -22.60 -101.53 20.62
CA ASN H 138 -23.11 -102.52 19.67
C ASN H 138 -23.53 -103.81 20.38
N LEU H 139 -22.64 -104.34 21.23
CA LEU H 139 -22.87 -105.60 21.92
C LEU H 139 -24.04 -105.48 22.91
N GLU H 140 -24.11 -104.38 23.67
CA GLU H 140 -25.28 -104.06 24.49
C GLU H 140 -26.57 -104.06 23.68
N GLU H 141 -26.55 -103.41 22.52
CA GLU H 141 -27.71 -103.26 21.66
C GLU H 141 -28.24 -104.62 21.21
N VAL H 142 -27.35 -105.49 20.71
CA VAL H 142 -27.76 -106.85 20.36
C VAL H 142 -28.22 -107.62 21.60
N LEU H 143 -27.58 -107.40 22.76
CA LEU H 143 -27.91 -108.14 23.98
C LEU H 143 -29.33 -107.84 24.45
N TYR H 144 -29.63 -106.60 24.82
CA TYR H 144 -30.74 -106.36 25.74
C TYR H 144 -31.65 -105.18 25.42
N GLN H 145 -31.67 -104.73 24.16
CA GLN H 145 -32.62 -103.72 23.65
C GLN H 145 -32.70 -102.44 24.50
N ARG H 146 -31.59 -102.16 25.20
CA ARG H 146 -31.27 -100.99 26.02
C ARG H 146 -32.29 -100.55 27.09
N GLY H 147 -33.09 -101.48 27.61
CA GLY H 147 -34.24 -101.17 28.49
C GLY H 147 -33.96 -100.16 29.59
N LYS H 148 -33.00 -100.43 30.48
CA LYS H 148 -32.71 -99.52 31.60
C LYS H 148 -32.21 -98.16 31.18
N ASN H 149 -31.63 -98.00 30.00
CA ASN H 149 -31.35 -96.67 29.44
C ASN H 149 -32.59 -96.03 28.81
N GLN H 150 -33.40 -96.77 28.06
CA GLN H 150 -34.61 -96.19 27.44
C GLN H 150 -35.69 -95.81 28.46
N LEU H 151 -35.71 -96.38 29.67
CA LEU H 151 -36.56 -95.85 30.75
C LEU H 151 -36.23 -94.37 31.06
N LYS H 152 -34.97 -93.95 30.84
CA LYS H 152 -34.53 -92.54 30.84
C LYS H 152 -34.77 -91.86 29.48
N LYS H 153 -34.38 -92.51 28.37
CA LYS H 153 -34.35 -91.92 27.00
C LYS H 153 -35.67 -92.00 26.21
N ARG H 154 -36.71 -92.56 26.81
CA ARG H 154 -38.14 -92.32 26.59
C ARG H 154 -38.73 -92.70 25.22
N ASN H 155 -38.11 -93.61 24.47
CA ASN H 155 -38.55 -93.94 23.11
C ASN H 155 -38.53 -95.44 22.77
N ALA H 156 -39.35 -95.85 21.79
CA ALA H 156 -39.80 -97.23 21.54
C ALA H 156 -38.93 -98.04 20.54
N ALA H 157 -39.31 -99.30 20.29
CA ALA H 157 -38.46 -100.32 19.66
C ALA H 157 -37.95 -99.94 18.26
N GLU H 158 -38.81 -99.39 17.41
CA GLU H 158 -38.41 -98.93 16.09
C GLU H 158 -37.35 -97.82 16.22
N THR H 159 -37.56 -96.86 17.10
CA THR H 159 -36.56 -95.81 17.35
C THR H 159 -35.26 -96.45 17.80
N PHE H 160 -35.33 -97.46 18.67
CA PHE H 160 -34.18 -98.20 19.14
C PHE H 160 -33.43 -98.83 17.96
N THR H 161 -34.11 -99.43 17.00
CA THR H 161 -33.43 -100.05 15.86
C THR H 161 -32.57 -99.06 15.07
N LEU H 162 -33.04 -97.84 14.88
CA LEU H 162 -32.28 -96.81 14.19
C LEU H 162 -31.19 -96.19 15.05
N SER H 163 -31.17 -96.48 16.35
CA SER H 163 -30.27 -95.82 17.29
C SER H 163 -29.02 -96.64 17.55
N GLN H 164 -28.36 -97.07 16.48
CA GLN H 164 -27.11 -97.82 16.60
C GLN H 164 -26.03 -96.93 17.25
N GLY H 165 -25.41 -97.40 18.32
CA GLY H 165 -24.43 -96.66 19.12
C GLY H 165 -25.02 -95.80 20.23
N ALA H 166 -26.34 -95.75 20.44
CA ALA H 166 -26.91 -94.89 21.49
C ALA H 166 -26.75 -95.42 22.93
N SER H 167 -26.05 -96.54 23.16
CA SER H 167 -25.65 -96.95 24.53
C SER H 167 -24.45 -96.16 25.06
N LEU H 168 -23.72 -95.44 24.19
CA LEU H 168 -22.54 -94.65 24.51
C LEU H 168 -22.76 -93.60 25.62
N GLU H 169 -21.77 -93.41 26.49
CA GLU H 169 -21.67 -92.19 27.28
C GLU H 169 -21.58 -90.95 26.38
N ALA H 170 -22.20 -89.85 26.82
CA ALA H 170 -22.45 -88.67 26.01
C ALA H 170 -21.20 -88.16 25.29
N ARG H 171 -20.07 -88.09 25.99
CA ARG H 171 -18.78 -87.63 25.47
C ARG H 171 -18.35 -88.32 24.19
N PHE H 172 -18.70 -89.58 24.02
CA PHE H 172 -18.33 -90.32 22.81
C PHE H 172 -19.19 -89.94 21.63
N ARG H 173 -20.42 -89.50 21.85
CA ARG H 173 -21.39 -89.28 20.77
C ARG H 173 -20.89 -88.23 19.75
N PRO H 174 -20.26 -87.12 20.19
CA PRO H 174 -19.55 -86.21 19.29
C PRO H 174 -18.44 -86.89 18.49
N ILE H 175 -17.63 -87.73 19.13
CA ILE H 175 -16.48 -88.39 18.49
C ILE H 175 -16.96 -89.33 17.38
N MET H 176 -18.01 -90.10 17.62
CA MET H 176 -18.47 -91.18 16.73
C MET H 176 -19.34 -90.71 15.55
N GLU H 177 -19.37 -89.42 15.23
CA GLU H 177 -20.39 -88.76 14.40
C GLU H 177 -20.86 -89.54 13.17
N LYS H 178 -19.95 -90.18 12.44
CA LYS H 178 -20.20 -90.82 11.14
C LYS H 178 -20.99 -92.13 11.25
N HIS H 179 -20.73 -92.92 12.28
CA HIS H 179 -21.14 -94.33 12.29
C HIS H 179 -22.42 -94.59 13.07
N LEU H 180 -22.77 -93.70 14.02
CA LEU H 180 -24.00 -93.81 14.80
C LEU H 180 -25.23 -93.86 13.89
N GLY H 181 -26.17 -94.76 14.19
CA GLY H 181 -27.43 -94.84 13.49
C GLY H 181 -28.24 -93.58 13.73
N VAL H 182 -28.99 -93.10 12.73
CA VAL H 182 -29.64 -91.77 12.74
C VAL H 182 -30.49 -91.57 13.99
N GLY H 183 -31.15 -92.65 14.44
CA GLY H 183 -31.96 -92.65 15.65
C GLY H 183 -31.19 -92.19 16.88
N THR H 184 -29.90 -92.49 16.96
CA THR H 184 -29.05 -92.08 18.07
C THR H 184 -29.04 -90.57 18.20
N VAL H 185 -28.82 -89.88 17.07
CA VAL H 185 -28.85 -88.43 17.02
C VAL H 185 -30.24 -87.92 17.35
N VAL H 186 -31.26 -88.51 16.74
CA VAL H 186 -32.65 -88.09 16.90
C VAL H 186 -33.09 -88.18 18.36
N ALA H 187 -32.86 -89.33 18.98
CA ALA H 187 -33.14 -89.59 20.38
C ALA H 187 -32.39 -88.59 21.25
N SER H 188 -31.13 -88.32 20.91
CA SER H 188 -30.36 -87.31 21.61
C SER H 188 -31.08 -85.97 21.54
N ILE H 189 -31.47 -85.49 20.36
CA ILE H 189 -32.15 -84.19 20.23
C ILE H 189 -33.43 -84.18 21.07
N LYS H 190 -34.24 -85.23 20.97
CA LYS H 190 -35.51 -85.29 21.69
C LYS H 190 -35.28 -85.24 23.21
N ASN H 191 -34.26 -85.94 23.68
CA ASN H 191 -33.89 -85.87 25.08
C ASN H 191 -33.22 -84.55 25.47
N ILE H 192 -32.54 -83.85 24.57
CA ILE H 192 -32.02 -82.50 24.83
C ILE H 192 -33.18 -81.54 25.11
N LEU H 193 -34.28 -81.62 24.37
CA LEU H 193 -35.48 -80.81 24.64
C LEU H 193 -36.08 -81.12 26.02
N ALA H 194 -36.08 -82.39 26.42
CA ALA H 194 -36.46 -82.74 27.79
C ALA H 194 -35.47 -82.16 28.82
N SER H 195 -34.17 -82.21 28.56
CA SER H 195 -33.16 -81.61 29.43
C SER H 195 -33.36 -80.11 29.60
N LYS H 196 -33.75 -79.39 28.53
CA LYS H 196 -34.13 -77.98 28.63
C LYS H 196 -35.30 -77.71 29.58
N LYS H 197 -36.20 -78.67 29.80
CA LYS H 197 -37.15 -78.60 30.91
C LYS H 197 -36.51 -79.00 32.24
N ASN H 198 -35.88 -80.17 32.27
CA ASN H 198 -35.56 -80.87 33.51
C ASN H 198 -34.31 -80.36 34.25
N GLY H 199 -33.36 -79.73 33.56
CA GLY H 199 -32.13 -79.22 34.16
C GLY H 199 -31.10 -80.28 34.59
N ASN H 200 -31.30 -81.53 34.18
CA ASN H 200 -30.41 -82.69 34.40
C ASN H 200 -29.13 -82.68 33.54
N TYR H 201 -28.70 -81.51 33.10
CA TYR H 201 -27.68 -81.34 32.07
C TYR H 201 -26.95 -79.99 32.21
N ARG H 202 -25.75 -79.91 31.64
CA ARG H 202 -25.07 -78.66 31.29
C ARG H 202 -24.91 -78.55 29.78
N ASN H 203 -25.45 -77.49 29.19
CA ASN H 203 -25.23 -77.14 27.78
C ASN H 203 -23.77 -76.65 27.54
N LYS H 204 -23.30 -76.67 26.28
CA LYS H 204 -21.85 -76.69 25.93
C LYS H 204 -21.54 -76.09 24.55
N MET H 205 -20.26 -75.89 24.23
CA MET H 205 -19.78 -75.43 22.91
C MET H 205 -18.47 -76.16 22.50
N VAL H 206 -18.35 -76.55 21.23
CA VAL H 206 -17.23 -77.32 20.66
C VAL H 206 -16.85 -76.88 19.22
N ARG H 207 -15.68 -77.32 18.75
CA ARG H 207 -15.10 -77.09 17.40
C ARG H 207 -14.38 -78.33 16.86
N LYS H 208 -14.42 -78.60 15.55
CA LYS H 208 -13.89 -79.83 14.92
C LYS H 208 -12.95 -79.54 13.74
N PRO H 209 -11.62 -79.48 13.95
CA PRO H 209 -10.62 -79.29 12.90
C PRO H 209 -10.60 -80.39 11.82
N GLY H 210 -10.08 -80.04 10.65
CA GLY H 210 -10.13 -80.87 9.44
C GLY H 210 -11.53 -81.01 8.81
N GLY H 211 -12.59 -80.80 9.59
CA GLY H 211 -14.00 -80.75 9.15
C GLY H 211 -14.57 -79.34 9.06
N ASN H 212 -14.82 -78.70 10.21
CA ASN H 212 -15.36 -77.33 10.30
C ASN H 212 -14.90 -76.63 11.59
N ARG H 213 -14.21 -75.50 11.44
CA ARG H 213 -13.77 -74.60 12.53
C ARG H 213 -14.91 -73.80 13.19
N GLU H 214 -16.16 -74.00 12.75
CA GLU H 214 -17.34 -73.50 13.47
C GLU H 214 -17.35 -73.94 14.94
N SER H 215 -17.80 -73.02 15.80
CA SER H 215 -17.59 -73.06 17.24
C SER H 215 -18.92 -72.88 17.93
N TRP H 216 -19.55 -73.98 18.30
CA TRP H 216 -21.01 -74.03 18.42
C TRP H 216 -21.51 -75.20 19.29
N SER H 217 -22.79 -75.18 19.63
CA SER H 217 -23.41 -75.99 20.68
C SER H 217 -23.91 -77.35 20.19
N PRO H 218 -24.43 -78.20 21.09
CA PRO H 218 -25.18 -79.39 20.73
C PRO H 218 -26.26 -79.13 19.69
N LEU H 219 -26.94 -77.98 19.74
CA LEU H 219 -27.98 -77.67 18.76
C LEU H 219 -27.40 -77.73 17.34
N GLU H 220 -26.35 -76.95 17.12
CA GLU H 220 -25.67 -76.93 15.84
C GLU H 220 -25.02 -78.28 15.53
N ARG H 221 -24.34 -78.88 16.50
CA ARG H 221 -23.61 -80.15 16.36
C ARG H 221 -24.56 -81.25 15.91
N GLU H 222 -25.65 -81.40 16.62
CA GLU H 222 -26.68 -82.36 16.27
C GLU H 222 -27.23 -82.07 14.89
N ILE H 223 -27.64 -80.82 14.61
CA ILE H 223 -28.19 -80.47 13.30
C ILE H 223 -27.19 -80.77 12.20
N SER H 224 -25.91 -80.51 12.43
CA SER H 224 -24.85 -80.79 11.50
C SER H 224 -24.75 -82.29 11.25
N PHE H 225 -24.69 -83.09 12.32
CA PHE H 225 -24.63 -84.55 12.17
C PHE H 225 -25.88 -85.05 11.44
N LEU H 226 -27.04 -84.49 11.74
CA LEU H 226 -28.30 -84.80 11.10
C LEU H 226 -28.24 -84.46 9.61
N ASN H 227 -27.66 -83.33 9.26
CA ASN H 227 -27.46 -82.97 7.86
C ASN H 227 -26.52 -83.95 7.17
N LYS H 228 -25.43 -84.35 7.85
CA LYS H 228 -24.48 -85.35 7.34
C LYS H 228 -25.11 -86.72 7.10
N LYS H 229 -26.29 -86.98 7.67
CA LYS H 229 -27.02 -88.25 7.55
C LYS H 229 -28.23 -88.20 6.61
N LEU H 230 -29.05 -87.15 6.66
CA LEU H 230 -30.35 -87.15 6.00
C LEU H 230 -30.27 -87.22 4.48
N PHE H 231 -31.36 -87.69 3.87
CA PHE H 231 -31.49 -87.87 2.44
C PHE H 231 -31.47 -86.52 1.69
N PRO H 232 -30.67 -86.39 0.61
CA PRO H 232 -30.60 -85.17 -0.18
C PRO H 232 -31.96 -84.72 -0.70
N GLY H 233 -32.14 -83.43 -1.00
CA GLY H 233 -33.47 -82.90 -1.24
C GLY H 233 -34.28 -82.83 0.07
N PRO H 234 -35.50 -83.38 0.13
CA PRO H 234 -36.50 -82.98 1.12
C PRO H 234 -36.01 -83.11 2.56
N MET H 235 -35.35 -84.22 2.88
CA MET H 235 -34.95 -84.50 4.26
C MET H 235 -33.81 -83.57 4.68
N ARG H 236 -32.78 -83.39 3.86
CA ARG H 236 -31.79 -82.34 4.16
C ARG H 236 -32.40 -80.95 4.16
N GLN H 237 -33.43 -80.67 3.35
CA GLN H 237 -34.08 -79.37 3.38
C GLN H 237 -34.80 -79.15 4.72
N LEU H 238 -35.46 -80.20 5.24
CA LEU H 238 -36.00 -80.18 6.60
C LEU H 238 -34.86 -79.97 7.61
N CYS H 239 -33.69 -80.56 7.36
CA CYS H 239 -32.52 -80.37 8.19
C CYS H 239 -32.08 -78.90 8.23
N LYS H 240 -32.08 -78.21 7.10
CA LYS H 240 -31.79 -76.77 7.04
C LYS H 240 -32.86 -75.95 7.75
N LYS H 241 -34.15 -76.26 7.57
CA LYS H 241 -35.27 -75.60 8.26
C LYS H 241 -35.18 -75.71 9.78
N PHE H 242 -34.50 -76.74 10.28
CA PHE H 242 -34.73 -77.27 11.62
C PHE H 242 -34.64 -76.21 12.72
N GLU H 243 -33.71 -75.26 12.64
CA GLU H 243 -33.56 -74.18 13.63
C GLU H 243 -34.80 -73.28 13.76
N TYR H 244 -35.67 -73.31 12.75
CA TYR H 244 -36.84 -72.47 12.61
C TYR H 244 -38.16 -73.25 12.74
N LEU H 245 -38.09 -74.56 12.97
CA LEU H 245 -39.21 -75.33 13.54
C LEU H 245 -39.42 -74.92 15.01
N ASN H 246 -40.67 -74.88 15.49
CA ASN H 246 -40.92 -74.80 16.93
C ASN H 246 -40.59 -76.13 17.63
N GLU H 247 -40.53 -76.18 18.96
CA GLU H 247 -40.08 -77.39 19.69
C GLU H 247 -40.95 -78.62 19.40
N GLN H 248 -42.28 -78.48 19.40
CA GLN H 248 -43.15 -79.59 19.05
C GLN H 248 -43.01 -79.95 17.58
N GLU H 249 -42.90 -78.96 16.69
CA GLU H 249 -42.59 -79.21 15.29
C GLU H 249 -41.28 -79.98 15.13
N LYS H 250 -40.25 -79.66 15.92
CA LYS H 250 -39.02 -80.43 15.95
C LYS H 250 -39.32 -81.86 16.35
N GLN H 251 -40.03 -82.08 17.44
CA GLN H 251 -40.36 -83.45 17.85
C GLN H 251 -41.15 -84.21 16.77
N LEU H 252 -42.15 -83.57 16.17
CA LEU H 252 -42.97 -84.16 15.13
C LEU H 252 -42.13 -84.49 13.90
N ALA H 253 -41.31 -83.55 13.47
CA ALA H 253 -40.41 -83.71 12.35
C ALA H 253 -39.45 -84.86 12.61
N LEU H 254 -38.82 -84.87 13.80
CA LEU H 254 -37.92 -85.93 14.20
C LEU H 254 -38.64 -87.27 14.10
N ASN H 255 -39.85 -87.38 14.62
CA ASN H 255 -40.61 -88.61 14.52
C ASN H 255 -40.78 -89.01 13.06
N LEU H 256 -41.31 -88.13 12.21
CA LEU H 256 -41.60 -88.53 10.85
C LEU H 256 -40.30 -88.84 10.08
N MET H 257 -39.23 -88.06 10.29
CA MET H 257 -37.95 -88.33 9.66
C MET H 257 -37.40 -89.67 10.13
N LEU H 258 -37.56 -89.98 11.40
CA LEU H 258 -37.11 -91.24 11.95
C LEU H 258 -37.89 -92.38 11.31
N ASP H 259 -39.21 -92.24 11.21
CA ASP H 259 -40.03 -93.22 10.52
C ASP H 259 -39.59 -93.37 9.06
N ALA H 260 -39.39 -92.26 8.36
CA ALA H 260 -38.94 -92.28 6.99
C ALA H 260 -37.61 -93.02 6.87
N SER H 261 -36.72 -92.82 7.83
CA SER H 261 -35.43 -93.51 7.89
C SER H 261 -35.58 -95.02 8.08
N LEU H 262 -36.71 -95.52 8.59
CA LEU H 262 -36.95 -96.97 8.58
C LEU H 262 -36.94 -97.51 7.13
N ILE H 263 -37.42 -96.76 6.15
CA ILE H 263 -37.34 -97.15 4.73
C ILE H 263 -36.09 -96.54 4.08
N LEU H 264 -35.97 -95.23 4.15
CA LEU H 264 -34.96 -94.44 3.43
C LEU H 264 -33.58 -94.72 4.01
N LYS H 265 -32.61 -95.04 3.15
CA LYS H 265 -31.22 -95.36 3.55
C LYS H 265 -30.18 -94.39 2.95
N PRO H 266 -30.25 -93.07 3.18
CA PRO H 266 -29.17 -92.17 2.79
C PRO H 266 -27.86 -92.47 3.56
N GLN H 267 -26.79 -91.73 3.30
CA GLN H 267 -25.44 -92.00 3.83
C GLN H 267 -25.37 -92.13 5.36
N VAL H 268 -25.12 -93.34 5.85
CA VAL H 268 -24.88 -93.71 7.27
C VAL H 268 -23.71 -94.69 7.33
N THR H 269 -22.76 -94.51 8.24
CA THR H 269 -21.44 -95.11 7.99
C THR H 269 -21.28 -96.42 8.71
N HIS H 270 -21.00 -97.50 7.99
CA HIS H 270 -20.59 -98.76 8.59
C HIS H 270 -19.27 -98.57 9.36
N LYS H 271 -18.93 -99.49 10.27
CA LYS H 271 -17.54 -99.68 10.73
C LYS H 271 -17.31 -101.12 11.20
N MET H 272 -16.07 -101.60 11.15
CA MET H 272 -15.67 -102.78 11.94
C MET H 272 -14.89 -102.34 13.19
N ILE H 273 -15.17 -102.98 14.33
CA ILE H 273 -14.29 -102.94 15.51
C ILE H 273 -14.23 -104.36 16.05
N MET H 274 -13.17 -105.10 15.70
CA MET H 274 -12.86 -106.32 16.44
C MET H 274 -12.35 -105.96 17.84
N PRO H 275 -12.62 -106.79 18.86
CA PRO H 275 -11.98 -106.74 20.18
C PRO H 275 -10.44 -106.62 20.15
N TRP H 276 -9.90 -105.89 21.12
CA TRP H 276 -8.45 -105.77 21.31
C TRP H 276 -7.80 -107.14 21.54
N SER H 277 -8.43 -108.06 22.28
CA SER H 277 -7.90 -109.41 22.41
C SER H 277 -7.90 -110.17 21.07
N MET H 278 -8.78 -109.84 20.12
CA MET H 278 -8.71 -110.39 18.77
C MET H 278 -7.56 -109.74 18.00
N TRP H 279 -7.29 -108.46 18.18
CA TRP H 279 -6.05 -107.90 17.66
C TRP H 279 -4.82 -108.55 18.28
N LEU H 280 -4.82 -108.82 19.58
CA LEU H 280 -3.75 -109.60 20.20
C LEU H 280 -3.69 -110.99 19.57
N ALA H 281 -4.83 -111.62 19.34
CA ALA H 281 -4.87 -112.93 18.72
C ALA H 281 -4.24 -112.88 17.34
N VAL H 282 -4.51 -111.83 16.56
CA VAL H 282 -3.84 -111.61 15.28
C VAL H 282 -2.32 -111.53 15.47
N LYS H 283 -1.82 -110.79 16.47
CA LYS H 283 -0.38 -110.75 16.75
C LYS H 283 0.16 -112.15 17.03
N LYS H 284 -0.39 -112.84 18.02
CA LYS H 284 0.10 -114.17 18.38
C LYS H 284 -0.07 -115.17 17.25
N TYR H 285 -1.09 -115.02 16.43
CA TYR H 285 -1.27 -115.83 15.24
C TYR H 285 -0.11 -115.58 14.30
N ALA H 286 0.18 -114.31 13.99
CA ALA H 286 1.31 -113.97 13.16
C ALA H 286 2.57 -114.61 13.71
N GLU H 287 2.78 -114.49 15.03
CA GLU H 287 3.91 -115.11 15.71
C GLU H 287 3.92 -116.63 15.48
N MET H 288 2.81 -117.31 15.74
CA MET H 288 2.75 -118.77 15.59
C MET H 288 2.82 -119.22 14.14
N ASN H 289 2.58 -118.32 13.19
CA ASN H 289 2.76 -118.56 11.77
C ASN H 289 4.20 -118.32 11.29
N LYS H 290 5.13 -117.93 12.16
CA LYS H 290 6.57 -117.76 11.83
C LYS H 290 6.84 -116.78 10.68
N GLY H 291 6.34 -115.55 10.80
CA GLY H 291 6.85 -114.38 10.04
C GLY H 291 6.23 -114.14 8.66
N SER H 292 4.90 -114.30 8.52
CA SER H 292 4.17 -114.04 7.25
C SER H 292 2.86 -113.21 7.38
N PRO H 293 1.98 -113.38 8.40
CA PRO H 293 0.81 -112.51 8.56
C PRO H 293 1.18 -111.13 9.11
N SER H 294 0.92 -110.06 8.35
CA SER H 294 1.36 -108.70 8.68
C SER H 294 0.18 -107.78 9.00
N LEU H 295 0.20 -107.17 10.18
CA LEU H 295 -0.91 -106.37 10.71
C LEU H 295 -1.26 -105.17 9.81
N GLU H 296 -0.30 -104.55 9.15
CA GLU H 296 -0.60 -103.46 8.22
C GLU H 296 -1.49 -103.93 7.08
N ASP H 297 -1.38 -105.18 6.67
CA ASP H 297 -2.26 -105.79 5.68
C ASP H 297 -3.72 -105.80 6.11
N LEU H 298 -3.95 -105.78 7.44
CA LEU H 298 -5.27 -105.83 8.09
C LEU H 298 -5.72 -104.45 8.63
N ALA H 299 -4.88 -103.43 8.54
CA ALA H 299 -5.02 -102.18 9.29
C ALA H 299 -5.95 -101.14 8.62
N ALA H 300 -7.25 -101.43 8.49
CA ALA H 300 -8.26 -100.50 7.95
C ALA H 300 -9.64 -100.61 8.61
N TYR H 301 -10.37 -99.48 8.67
CA TYR H 301 -11.73 -99.41 9.22
C TYR H 301 -12.82 -99.75 8.18
N SER H 302 -12.40 -100.25 7.03
CA SER H 302 -13.21 -100.46 5.85
C SER H 302 -12.53 -101.50 4.93
N GLY H 303 -13.29 -102.06 4.00
CA GLY H 303 -12.76 -103.00 2.99
C GLY H 303 -12.46 -104.41 3.51
N VAL H 304 -12.20 -105.31 2.57
CA VAL H 304 -12.11 -106.77 2.77
C VAL H 304 -11.06 -107.19 3.80
N ARG H 305 -10.07 -106.33 4.07
CA ARG H 305 -9.10 -106.47 5.15
C ARG H 305 -9.78 -106.79 6.48
N ALA H 306 -10.97 -106.26 6.71
CA ALA H 306 -11.76 -106.60 7.88
C ALA H 306 -12.18 -108.08 7.93
N PHE H 307 -12.68 -108.64 6.82
CA PHE H 307 -13.01 -110.07 6.77
C PHE H 307 -11.77 -110.94 6.88
N MET H 308 -10.65 -110.52 6.29
CA MET H 308 -9.36 -111.17 6.51
C MET H 308 -9.10 -111.29 8.02
N ALA H 309 -9.19 -110.18 8.75
CA ALA H 309 -8.91 -110.15 10.18
C ALA H 309 -9.88 -111.03 10.99
N PHE H 310 -11.17 -110.93 10.72
CA PHE H 310 -12.14 -111.71 11.47
C PHE H 310 -11.95 -113.20 11.21
N ASN H 311 -11.89 -113.64 9.95
CA ASN H 311 -11.64 -115.04 9.66
C ASN H 311 -10.29 -115.49 10.22
N THR H 312 -9.29 -114.62 10.24
CA THR H 312 -8.04 -114.94 10.92
C THR H 312 -8.31 -115.25 12.39
N ALA H 313 -9.06 -114.39 13.07
CA ALA H 313 -9.45 -114.68 14.45
C ALA H 313 -10.22 -116.01 14.54
N CYS H 314 -10.97 -116.36 13.50
CA CYS H 314 -11.71 -117.60 13.45
C CYS H 314 -10.84 -118.85 13.42
N TYR H 315 -9.53 -118.77 13.29
CA TYR H 315 -8.70 -119.96 13.42
C TYR H 315 -8.80 -120.53 14.84
N MET H 316 -8.29 -119.84 15.85
CA MET H 316 -8.03 -120.42 17.19
C MET H 316 -8.35 -119.49 18.38
N SER H 317 -9.06 -118.37 18.18
CA SER H 317 -9.34 -117.43 19.30
C SER H 317 -10.25 -118.08 20.36
N LYS H 318 -10.19 -117.65 21.63
CA LYS H 318 -10.86 -118.33 22.76
C LYS H 318 -11.72 -117.40 23.62
N PHE H 319 -12.77 -117.96 24.17
CA PHE H 319 -13.82 -117.25 24.91
C PHE H 319 -14.53 -118.24 25.82
N THR H 320 -15.30 -117.72 26.78
CA THR H 320 -16.00 -118.55 27.77
C THR H 320 -17.27 -119.17 27.19
N ILE H 321 -17.63 -120.34 27.70
CA ILE H 321 -18.97 -120.91 27.66
C ILE H 321 -19.44 -121.10 29.10
N GLY H 322 -20.44 -120.31 29.49
CA GLY H 322 -21.30 -120.65 30.62
C GLY H 322 -22.37 -121.64 30.16
N LYS H 323 -22.75 -122.59 31.02
CA LYS H 323 -23.91 -123.47 30.76
C LYS H 323 -25.23 -122.67 30.78
N GLY H 324 -25.30 -121.65 31.63
CA GLY H 324 -26.42 -120.70 31.72
C GLY H 324 -26.53 -119.76 30.51
N ILE H 325 -27.52 -118.89 30.51
CA ILE H 325 -27.99 -118.24 29.29
C ILE H 325 -28.40 -116.80 29.52
N VAL H 326 -28.19 -115.94 28.53
CA VAL H 326 -29.02 -114.75 28.35
C VAL H 326 -30.30 -115.24 27.69
N GLY H 327 -31.17 -115.83 28.50
CA GLY H 327 -32.43 -116.45 28.11
C GLY H 327 -33.25 -116.91 29.32
N ASP H 328 -34.43 -117.49 29.10
CA ASP H 328 -35.37 -117.82 30.18
C ASP H 328 -36.15 -119.13 29.99
N ALA H 329 -36.61 -119.42 28.77
CA ALA H 329 -37.28 -120.69 28.43
C ALA H 329 -36.28 -121.86 28.35
N GLU H 330 -36.79 -123.10 28.28
CA GLU H 330 -35.96 -124.31 28.20
C GLU H 330 -35.22 -124.51 26.85
N ILE H 331 -35.63 -123.81 25.79
CA ILE H 331 -34.94 -123.80 24.49
C ILE H 331 -33.66 -122.95 24.55
N MET H 332 -32.52 -123.54 24.17
CA MET H 332 -31.20 -122.90 24.17
C MET H 332 -30.26 -123.50 23.11
N GLU H 333 -29.19 -122.78 22.76
CA GLU H 333 -28.34 -123.11 21.60
C GLU H 333 -26.91 -122.55 21.70
N ASN H 334 -26.03 -123.10 20.86
CA ASN H 334 -24.59 -123.25 21.06
C ASN H 334 -23.67 -122.02 20.90
N GLY H 335 -22.38 -122.27 21.07
CA GLY H 335 -21.32 -121.28 20.89
C GLY H 335 -21.27 -120.63 19.51
N ASN H 336 -21.70 -121.30 18.45
CA ASN H 336 -21.78 -120.64 17.16
C ASN H 336 -22.77 -119.46 17.22
N ASP H 337 -23.78 -119.51 18.06
CA ASP H 337 -24.62 -118.34 18.29
C ASP H 337 -23.84 -117.22 18.97
N LYS H 338 -22.97 -117.52 19.93
CA LYS H 338 -22.03 -116.50 20.43
C LYS H 338 -21.20 -116.00 19.25
N MET H 339 -20.75 -116.87 18.38
CA MET H 339 -19.93 -116.48 17.24
C MET H 339 -20.70 -115.52 16.35
N GLN H 340 -21.98 -115.78 16.09
CA GLN H 340 -22.83 -114.83 15.41
C GLN H 340 -22.87 -113.52 16.18
N THR H 341 -23.10 -113.55 17.49
CA THR H 341 -23.26 -112.33 18.27
C THR H 341 -22.00 -111.48 18.16
N LEU H 342 -20.84 -112.12 18.31
CA LEU H 342 -19.55 -111.47 18.14
C LEU H 342 -19.50 -110.79 16.79
N ALA H 343 -19.81 -111.53 15.73
CA ALA H 343 -19.78 -110.98 14.39
C ALA H 343 -20.70 -109.76 14.26
N MET H 344 -21.91 -109.88 14.79
CA MET H 344 -22.88 -108.80 14.77
C MET H 344 -22.28 -107.59 15.43
N ALA H 345 -21.75 -107.74 16.63
CA ALA H 345 -21.13 -106.65 17.34
C ALA H 345 -19.91 -106.10 16.57
N CYS H 346 -19.12 -106.96 15.94
CA CYS H 346 -17.88 -106.56 15.30
C CYS H 346 -18.13 -105.75 14.04
N PHE H 347 -19.07 -106.16 13.20
CA PHE H 347 -19.33 -105.49 11.92
C PHE H 347 -20.57 -104.55 11.96
N GLY H 348 -21.28 -104.47 13.09
CA GLY H 348 -22.50 -103.65 13.19
C GLY H 348 -23.70 -104.20 12.41
N LEU H 349 -23.84 -105.53 12.33
CA LEU H 349 -24.83 -106.21 11.46
C LEU H 349 -26.29 -106.12 11.93
N ALA H 350 -26.58 -105.50 13.09
CA ALA H 350 -27.87 -105.61 13.78
C ALA H 350 -29.09 -105.24 12.90
N TYR H 351 -28.90 -104.42 11.87
CA TYR H 351 -29.95 -104.05 10.92
C TYR H 351 -29.59 -104.36 9.47
N GLU H 352 -28.50 -105.10 9.27
CA GLU H 352 -28.12 -105.70 7.99
C GLU H 352 -29.09 -106.83 7.63
N ASP H 353 -29.11 -107.26 6.37
CA ASP H 353 -29.90 -108.43 5.96
C ASP H 353 -29.33 -109.76 6.51
N THR H 354 -30.14 -110.45 7.30
CA THR H 354 -29.86 -111.81 7.76
C THR H 354 -29.57 -112.77 6.60
N GLY H 355 -30.22 -112.65 5.45
CA GLY H 355 -29.97 -113.54 4.31
C GLY H 355 -28.57 -113.36 3.75
N ILE H 356 -28.19 -112.11 3.47
CA ILE H 356 -26.84 -111.71 3.13
C ILE H 356 -25.87 -112.31 4.14
N VAL H 357 -26.11 -112.07 5.42
CA VAL H 357 -25.19 -112.55 6.45
C VAL H 357 -25.16 -114.09 6.42
N ALA H 358 -26.31 -114.75 6.26
CA ALA H 358 -26.41 -116.20 6.25
C ALA H 358 -25.53 -116.80 5.16
N ALA H 359 -25.52 -116.19 3.99
CA ALA H 359 -24.64 -116.62 2.91
C ALA H 359 -23.16 -116.36 3.24
N MET H 360 -22.79 -115.20 3.80
CA MET H 360 -21.39 -114.86 4.09
C MET H 360 -20.80 -115.74 5.19
N ILE H 361 -21.45 -115.76 6.35
CA ILE H 361 -21.20 -116.76 7.39
C ILE H 361 -21.49 -118.18 6.91
N SER H 362 -22.08 -118.33 5.73
CA SER H 362 -22.26 -119.61 5.06
C SER H 362 -23.07 -120.63 5.91
N GLN H 363 -23.96 -120.13 6.77
CA GLN H 363 -24.87 -120.83 7.71
C GLN H 363 -26.15 -119.99 7.92
N PRO H 364 -27.31 -120.58 8.27
CA PRO H 364 -28.57 -119.83 8.40
C PRO H 364 -28.52 -118.72 9.46
N MET H 365 -29.23 -117.61 9.21
CA MET H 365 -29.35 -116.46 10.14
C MET H 365 -30.74 -116.30 10.77
N LYS H 366 -30.82 -115.42 11.77
CA LYS H 366 -31.80 -115.46 12.86
C LYS H 366 -32.32 -114.07 13.29
N LYS H 367 -33.45 -114.08 14.01
CA LYS H 367 -34.03 -112.94 14.76
C LYS H 367 -33.97 -113.19 16.26
N ARG H 368 -34.26 -112.18 17.09
CA ARG H 368 -34.07 -112.28 18.55
C ARG H 368 -34.82 -113.45 19.17
N TYR H 369 -36.00 -113.77 18.67
CA TYR H 369 -36.74 -114.92 19.18
C TYR H 369 -35.93 -116.20 19.12
N GLN H 370 -34.97 -116.26 18.20
CA GLN H 370 -34.05 -117.37 18.03
C GLN H 370 -32.66 -117.11 18.63
N LEU H 371 -32.18 -115.86 18.75
CA LEU H 371 -30.78 -115.60 19.19
C LEU H 371 -30.53 -115.95 20.66
N ARG H 372 -29.48 -116.74 20.95
CA ARG H 372 -28.97 -117.05 22.30
C ARG H 372 -27.51 -116.63 22.45
N VAL H 373 -27.11 -116.17 23.64
CA VAL H 373 -25.72 -115.80 24.00
C VAL H 373 -25.52 -115.77 25.53
N GLY H 374 -24.26 -115.69 25.99
CA GLY H 374 -23.89 -115.36 27.37
C GLY H 374 -23.70 -113.85 27.62
N ASN H 375 -23.41 -113.47 28.86
CA ASN H 375 -23.33 -112.08 29.31
C ASN H 375 -21.98 -111.37 29.04
N PHE H 376 -20.94 -112.09 28.62
CA PHE H 376 -19.55 -111.60 28.52
C PHE H 376 -18.94 -111.05 29.85
N ASN H 377 -19.46 -111.44 31.04
CA ASN H 377 -19.04 -110.90 32.34
C ASN H 377 -18.43 -112.02 33.24
N PRO H 378 -17.17 -111.95 33.72
CA PRO H 378 -16.43 -113.13 34.15
C PRO H 378 -17.12 -113.96 35.24
N PRO H 379 -17.05 -115.30 35.20
CA PRO H 379 -18.10 -116.12 35.79
C PRO H 379 -17.77 -116.65 37.18
N GLU H 380 -18.75 -117.21 37.89
CA GLU H 380 -18.44 -118.03 39.08
C GLU H 380 -17.71 -119.33 38.68
N LYS H 381 -18.29 -120.07 37.71
CA LYS H 381 -17.78 -121.31 37.11
C LYS H 381 -18.18 -121.39 35.63
N GLY H 382 -17.43 -122.11 34.81
CA GLY H 382 -17.72 -122.29 33.39
C GLY H 382 -16.58 -123.03 32.67
N THR H 383 -16.63 -123.12 31.34
CA THR H 383 -15.62 -123.82 30.51
C THR H 383 -15.15 -122.96 29.33
N ILE H 384 -13.90 -123.11 28.86
CA ILE H 384 -13.39 -122.34 27.71
C ILE H 384 -13.83 -123.02 26.40
N LYS H 385 -14.00 -122.23 25.33
CA LYS H 385 -14.12 -122.73 23.97
C LYS H 385 -13.35 -121.85 23.00
N GLY H 386 -12.97 -122.46 21.87
CA GLY H 386 -12.26 -121.84 20.75
C GLY H 386 -13.08 -121.74 19.45
N THR H 387 -12.66 -120.89 18.51
CA THR H 387 -13.41 -120.53 17.28
C THR H 387 -13.62 -121.67 16.28
N SER H 388 -14.81 -121.68 15.66
CA SER H 388 -15.10 -122.46 14.45
C SER H 388 -14.36 -121.86 13.23
N ALA H 389 -13.75 -122.70 12.40
CA ALA H 389 -12.81 -122.27 11.35
C ALA H 389 -13.44 -121.39 10.24
N GLY H 390 -12.72 -120.35 9.78
CA GLY H 390 -12.96 -119.61 8.52
C GLY H 390 -14.32 -118.90 8.38
N TYR H 391 -15.02 -118.70 9.49
CA TYR H 391 -16.47 -118.59 9.59
C TYR H 391 -17.23 -117.81 8.50
N PHE H 392 -16.78 -116.63 8.08
CA PHE H 392 -17.34 -115.95 6.91
C PHE H 392 -16.81 -116.64 5.65
N HIS H 393 -17.23 -117.87 5.36
CA HIS H 393 -16.65 -118.64 4.26
C HIS H 393 -16.96 -118.00 2.91
N LYS H 394 -17.93 -117.09 2.88
CA LYS H 394 -18.07 -116.05 1.87
C LYS H 394 -17.93 -114.67 2.55
N TRP H 395 -17.40 -113.69 1.82
CA TRP H 395 -17.24 -112.27 2.20
C TRP H 395 -18.15 -111.36 1.33
N ALA H 396 -18.07 -110.04 1.51
CA ALA H 396 -18.66 -109.06 0.59
C ALA H 396 -18.01 -107.66 0.70
N GLU H 397 -18.22 -106.82 -0.33
CA GLU H 397 -17.84 -105.40 -0.33
C GLU H 397 -18.79 -104.55 0.53
N PHE H 398 -18.27 -103.76 1.48
CA PHE H 398 -19.03 -102.89 2.38
C PHE H 398 -19.62 -101.64 1.67
N GLY H 399 -20.40 -100.83 2.40
CA GLY H 399 -21.10 -99.69 1.84
C GLY H 399 -21.93 -98.95 2.88
N ASN H 400 -22.50 -97.81 2.48
CA ASN H 400 -22.98 -96.79 3.41
C ASN H 400 -24.27 -96.08 3.01
N ARG H 401 -24.90 -96.43 1.88
CA ARG H 401 -26.14 -95.78 1.40
C ARG H 401 -26.95 -96.65 0.45
N LEU H 402 -28.19 -96.23 0.22
CA LEU H 402 -29.13 -96.95 -0.69
C LEU H 402 -28.52 -97.07 -2.08
N PRO H 403 -29.02 -97.98 -2.95
CA PRO H 403 -28.48 -98.16 -4.30
C PRO H 403 -28.63 -96.90 -5.17
N PHE H 404 -29.85 -96.37 -5.27
CA PHE H 404 -30.11 -95.16 -6.09
C PHE H 404 -30.92 -94.13 -5.31
N ASN H 405 -31.00 -94.29 -3.98
CA ASN H 405 -31.74 -93.34 -3.11
C ASN H 405 -33.16 -93.14 -3.67
N SER H 406 -33.34 -92.11 -4.50
CA SER H 406 -34.66 -91.82 -5.12
C SER H 406 -34.47 -91.33 -6.56
N PHE H 407 -35.55 -91.36 -7.36
CA PHE H 407 -35.49 -90.92 -8.77
C PHE H 407 -35.20 -89.42 -8.82
N GLY H 408 -34.20 -89.03 -9.62
CA GLY H 408 -33.81 -87.61 -9.76
C GLY H 408 -34.23 -87.04 -11.10
N THR H 409 -33.80 -85.82 -11.40
CA THR H 409 -34.09 -85.10 -12.65
C THR H 409 -33.42 -85.75 -13.85
N GLY H 410 -33.67 -85.23 -15.05
CA GLY H 410 -32.67 -85.31 -16.11
C GLY H 410 -31.32 -84.78 -15.61
N GLU H 411 -30.22 -85.41 -16.04
CA GLU H 411 -28.87 -85.15 -15.50
C GLU H 411 -28.27 -83.82 -16.00
N SER H 412 -28.59 -83.39 -17.21
CA SER H 412 -28.05 -82.16 -17.81
C SER H 412 -28.93 -81.57 -18.93
N LYS H 413 -29.55 -82.43 -19.76
CA LYS H 413 -30.47 -82.05 -20.85
C LYS H 413 -31.89 -81.70 -20.35
N GLN H 414 -32.77 -81.35 -21.29
CA GLN H 414 -34.18 -80.96 -21.07
C GLN H 414 -34.38 -79.66 -20.25
N ILE H 415 -33.35 -78.81 -20.17
CA ILE H 415 -33.40 -77.44 -19.64
C ILE H 415 -33.82 -76.44 -20.74
N SER H 416 -34.04 -75.16 -20.42
CA SER H 416 -34.45 -74.14 -21.40
C SER H 416 -33.41 -73.97 -22.53
N ASN H 417 -33.72 -74.47 -23.73
CA ASN H 417 -32.76 -74.66 -24.82
C ASN H 417 -32.14 -73.33 -25.29
N SER H 418 -30.84 -73.32 -25.59
CA SER H 418 -30.18 -72.21 -26.29
C SER H 418 -30.31 -72.35 -27.81
N GLY H 419 -30.16 -71.24 -28.54
CA GLY H 419 -30.27 -71.21 -30.00
C GLY H 419 -29.30 -70.21 -30.61
N VAL H 420 -28.15 -70.69 -31.10
CA VAL H 420 -27.26 -69.94 -31.99
C VAL H 420 -27.92 -69.77 -33.36
N PHE H 421 -28.41 -70.85 -33.96
CA PHE H 421 -28.88 -70.79 -35.34
C PHE H 421 -30.28 -70.15 -35.46
N ALA H 422 -30.40 -69.21 -36.40
CA ALA H 422 -31.61 -68.44 -36.66
C ALA H 422 -32.68 -69.30 -37.37
N VAL H 423 -33.33 -70.20 -36.63
CA VAL H 423 -34.30 -71.16 -37.16
C VAL H 423 -35.54 -71.24 -36.27
N GLN H 424 -36.73 -71.09 -36.85
CA GLN H 424 -38.01 -71.21 -36.13
C GLN H 424 -38.17 -72.60 -35.52
N ARG H 425 -38.53 -72.67 -34.23
CA ARG H 425 -38.31 -73.87 -33.41
C ARG H 425 -39.37 -74.11 -32.30
N PRO H 426 -39.71 -75.37 -32.00
CA PRO H 426 -40.22 -75.80 -30.69
C PRO H 426 -39.15 -75.69 -29.59
N SER H 427 -39.52 -75.98 -28.34
CA SER H 427 -38.58 -76.08 -27.20
C SER H 427 -39.07 -77.08 -26.14
N THR H 428 -38.13 -77.73 -25.45
CA THR H 428 -38.40 -78.53 -24.23
C THR H 428 -38.63 -77.58 -23.03
N THR H 429 -39.73 -76.83 -23.06
CA THR H 429 -40.00 -75.73 -22.11
C THR H 429 -40.14 -76.27 -20.68
N ASN H 430 -39.31 -75.77 -19.74
CA ASN H 430 -39.15 -76.33 -18.39
C ASN H 430 -38.96 -75.23 -17.32
N ILE H 431 -39.59 -74.06 -17.53
CA ILE H 431 -39.47 -72.88 -16.66
C ILE H 431 -39.91 -73.17 -15.22
N GLN H 432 -40.85 -74.09 -15.04
CA GLN H 432 -41.43 -74.47 -13.76
C GLN H 432 -40.38 -75.09 -12.82
N ARG H 433 -39.63 -76.13 -13.27
CA ARG H 433 -38.54 -76.71 -12.48
C ARG H 433 -37.33 -75.78 -12.37
N LEU H 434 -37.09 -74.94 -13.38
CA LEU H 434 -36.07 -73.88 -13.30
C LEU H 434 -36.38 -72.92 -12.14
N ALA H 435 -37.63 -72.46 -12.01
CA ALA H 435 -38.09 -71.64 -10.89
C ALA H 435 -38.02 -72.39 -9.54
N GLU H 436 -38.26 -73.71 -9.50
CA GLU H 436 -37.96 -74.51 -8.29
C GLU H 436 -36.47 -74.45 -7.93
N LEU H 437 -35.54 -74.67 -8.87
CA LEU H 437 -34.09 -74.57 -8.60
C LEU H 437 -33.72 -73.18 -8.05
N MET H 438 -34.28 -72.10 -8.62
CA MET H 438 -34.13 -70.75 -8.06
C MET H 438 -34.69 -70.66 -6.63
N ALA H 439 -35.88 -71.19 -6.37
CA ALA H 439 -36.49 -71.19 -5.04
C ALA H 439 -35.63 -71.93 -4.01
N ARG H 440 -35.08 -73.10 -4.35
CA ARG H 440 -34.21 -73.87 -3.45
C ARG H 440 -32.87 -73.16 -3.21
N ASN H 441 -32.24 -72.57 -4.23
CA ASN H 441 -30.97 -71.85 -4.04
C ASN H 441 -31.10 -70.45 -3.39
N THR H 442 -32.27 -69.80 -3.50
CA THR H 442 -32.62 -68.58 -2.75
C THR H 442 -33.09 -68.84 -1.33
N GLY H 443 -33.31 -70.10 -0.93
CA GLY H 443 -33.68 -70.48 0.45
C GLY H 443 -35.16 -70.31 0.78
N GLU H 444 -36.07 -70.63 -0.14
CA GLU H 444 -37.51 -70.48 0.06
C GLU H 444 -38.01 -71.19 1.33
N THR H 445 -38.86 -70.49 2.08
CA THR H 445 -39.13 -70.73 3.51
C THR H 445 -40.64 -70.86 3.86
N SER H 446 -41.54 -70.43 2.98
CA SER H 446 -43.00 -70.53 3.24
C SER H 446 -43.50 -71.94 2.92
N ASP H 447 -44.25 -72.55 3.86
CA ASP H 447 -44.81 -73.92 3.73
C ASP H 447 -43.69 -74.95 3.53
N ASN H 448 -43.00 -75.32 4.62
CA ASN H 448 -41.89 -76.31 4.56
C ASN H 448 -42.28 -77.57 5.34
N PHE H 449 -42.65 -77.42 6.62
CA PHE H 449 -43.05 -78.57 7.47
C PHE H 449 -44.01 -79.48 6.70
N THR H 450 -45.25 -79.02 6.50
CA THR H 450 -46.29 -79.82 5.78
C THR H 450 -45.76 -80.22 4.40
N GLN H 451 -45.18 -79.27 3.66
CA GLN H 451 -44.65 -79.54 2.30
C GLN H 451 -43.74 -80.77 2.33
N LEU H 452 -42.79 -80.80 3.27
CA LEU H 452 -41.86 -81.91 3.40
C LEU H 452 -42.56 -83.12 4.00
N VAL H 453 -43.54 -82.96 4.89
CA VAL H 453 -44.39 -84.08 5.32
C VAL H 453 -45.01 -84.75 4.10
N GLN H 454 -45.63 -83.97 3.23
CA GLN H 454 -46.21 -84.48 2.01
C GLN H 454 -45.13 -85.13 1.14
N LYS H 455 -44.00 -84.46 0.96
CA LYS H 455 -42.90 -85.01 0.15
C LYS H 455 -42.45 -86.35 0.70
N ILE H 456 -42.39 -86.50 2.02
CA ILE H 456 -42.07 -87.78 2.64
C ILE H 456 -43.14 -88.80 2.27
N ARG H 457 -44.42 -88.47 2.43
CA ARG H 457 -45.51 -89.39 2.10
C ARG H 457 -45.36 -89.90 0.66
N GLU H 458 -45.23 -89.00 -0.29
CA GLU H 458 -45.16 -89.40 -1.69
C GLU H 458 -43.81 -90.04 -2.03
N GLN H 459 -42.70 -89.63 -1.40
CA GLN H 459 -41.41 -90.27 -1.61
C GLN H 459 -41.48 -91.72 -1.18
N VAL H 460 -42.11 -92.00 -0.04
CA VAL H 460 -42.31 -93.38 0.41
C VAL H 460 -43.04 -94.16 -0.67
N GLY H 461 -44.13 -93.63 -1.22
CA GLY H 461 -44.83 -94.28 -2.33
C GLY H 461 -43.92 -94.51 -3.54
N ALA H 462 -43.16 -93.50 -3.94
CA ALA H 462 -42.24 -93.62 -5.06
C ALA H 462 -41.23 -94.73 -4.78
N PHE H 463 -40.68 -94.75 -3.58
CA PHE H 463 -39.75 -95.78 -3.15
C PHE H 463 -40.42 -97.15 -3.16
N ALA H 464 -41.68 -97.22 -2.74
CA ALA H 464 -42.47 -98.44 -2.76
C ALA H 464 -42.70 -98.93 -4.19
N ASP H 465 -42.53 -98.08 -5.20
CA ASP H 465 -42.36 -98.53 -6.56
C ASP H 465 -40.90 -98.93 -6.82
N GLN H 466 -39.95 -98.04 -6.49
CA GLN H 466 -38.52 -98.15 -6.81
C GLN H 466 -37.83 -99.39 -6.24
N LYS H 467 -38.41 -100.00 -5.21
CA LYS H 467 -38.01 -101.30 -4.66
C LYS H 467 -37.78 -102.36 -5.73
N ALA H 468 -38.48 -102.24 -6.86
CA ALA H 468 -38.32 -103.11 -8.02
C ALA H 468 -36.86 -103.35 -8.42
N ASN H 469 -35.98 -102.38 -8.19
CA ASN H 469 -34.55 -102.56 -8.41
C ASN H 469 -33.66 -102.02 -7.29
N LEU H 470 -34.20 -101.36 -6.27
CA LEU H 470 -33.42 -100.72 -5.21
C LEU H 470 -32.76 -101.75 -4.25
N ARG H 471 -31.60 -102.35 -4.62
CA ARG H 471 -31.05 -103.55 -3.95
C ARG H 471 -29.54 -103.58 -3.59
N GLU H 472 -28.58 -103.20 -4.43
CA GLU H 472 -27.15 -103.03 -4.05
C GLU H 472 -26.39 -102.09 -4.97
N PHE H 473 -25.17 -101.70 -4.60
CA PHE H 473 -24.23 -101.32 -5.64
C PHE H 473 -24.10 -102.48 -6.64
N THR H 474 -24.29 -102.20 -7.94
CA THR H 474 -24.70 -103.12 -9.02
C THR H 474 -23.77 -104.31 -9.31
N GLY H 475 -22.56 -104.35 -8.75
CA GLY H 475 -21.65 -105.51 -8.80
C GLY H 475 -21.85 -106.51 -7.64
N GLY H 476 -22.91 -106.37 -6.85
CA GLY H 476 -22.96 -106.88 -5.51
C GLY H 476 -23.34 -108.36 -5.40
N TYR H 477 -22.45 -109.18 -4.86
CA TYR H 477 -22.71 -110.59 -4.57
C TYR H 477 -21.86 -111.11 -3.40
N ILE H 478 -22.21 -112.28 -2.84
CA ILE H 478 -21.47 -112.97 -1.75
C ILE H 478 -20.35 -113.89 -2.26
N TYR H 479 -19.24 -113.31 -2.67
CA TYR H 479 -18.11 -114.05 -3.21
C TYR H 479 -17.38 -114.89 -2.15
N ASP H 480 -16.77 -116.00 -2.56
CA ASP H 480 -15.99 -116.90 -1.70
C ASP H 480 -14.76 -116.24 -1.07
N ILE H 481 -14.23 -116.80 0.02
CA ILE H 481 -12.92 -116.35 0.55
C ILE H 481 -11.76 -116.66 -0.40
N THR H 482 -11.91 -117.68 -1.25
CA THR H 482 -11.06 -117.90 -2.43
C THR H 482 -11.29 -116.86 -3.54
N ASP H 483 -12.19 -115.89 -3.35
CA ASP H 483 -12.68 -114.97 -4.36
C ASP H 483 -12.97 -113.55 -3.85
N VAL H 484 -12.01 -113.00 -3.11
CA VAL H 484 -11.90 -111.53 -2.99
C VAL H 484 -11.81 -110.88 -4.38
N THR H 485 -11.39 -111.65 -5.38
CA THR H 485 -11.41 -111.34 -6.79
C THR H 485 -12.80 -111.16 -7.40
N LYS H 486 -13.90 -111.28 -6.66
CA LYS H 486 -15.27 -110.99 -7.14
C LYS H 486 -15.66 -111.75 -8.44
N SER H 487 -15.10 -112.93 -8.65
CA SER H 487 -15.19 -113.76 -9.86
C SER H 487 -16.51 -114.54 -9.96
N ASN H 488 -17.16 -114.85 -8.83
CA ASN H 488 -18.26 -115.81 -8.69
C ASN H 488 -19.59 -115.13 -8.23
N PRO H 489 -20.22 -114.26 -9.04
CA PRO H 489 -21.41 -113.53 -8.61
C PRO H 489 -22.61 -114.47 -8.41
N LYS H 490 -23.19 -114.51 -7.19
CA LYS H 490 -24.32 -115.38 -6.80
C LYS H 490 -25.23 -114.74 -5.73
N ILE H 491 -26.53 -114.98 -5.82
CA ILE H 491 -27.60 -114.36 -5.03
C ILE H 491 -27.84 -115.11 -3.71
N PRO H 492 -28.23 -114.46 -2.58
CA PRO H 492 -28.49 -115.14 -1.30
C PRO H 492 -29.70 -116.09 -1.31
N GLN H 493 -30.88 -115.59 -1.73
CA GLN H 493 -32.14 -116.33 -1.72
C GLN H 493 -33.05 -115.92 -2.88
N LEU H 494 -33.89 -116.85 -3.35
CA LEU H 494 -34.99 -116.59 -4.29
C LEU H 494 -36.26 -116.13 -3.57
N GLY H 495 -36.57 -116.73 -2.42
CA GLY H 495 -37.80 -116.50 -1.63
C GLY H 495 -38.32 -117.78 -0.99
N GLY H 496 -39.63 -117.83 -0.71
CA GLY H 496 -40.34 -119.05 -0.29
C GLY H 496 -40.56 -120.06 -1.42
N THR J 8 -108.26 -61.30 -4.47
CA THR J 8 -107.83 -61.41 -3.05
C THR J 8 -107.17 -60.15 -2.49
N PRO J 9 -106.27 -59.40 -3.18
CA PRO J 9 -105.58 -58.26 -2.55
C PRO J 9 -106.51 -57.17 -2.03
N GLU J 10 -107.63 -56.91 -2.71
CA GLU J 10 -108.65 -55.97 -2.28
C GLU J 10 -109.19 -56.36 -0.91
N GLU J 11 -109.51 -57.64 -0.73
CA GLU J 11 -109.93 -58.18 0.56
C GLU J 11 -108.80 -58.14 1.58
N GLN J 12 -107.55 -58.30 1.16
CA GLN J 12 -106.42 -58.06 2.07
C GLN J 12 -106.39 -56.60 2.52
N ARG J 13 -106.58 -55.62 1.62
CA ARG J 13 -106.69 -54.21 1.99
C ARG J 13 -107.84 -53.95 2.94
N ALA J 14 -108.97 -54.64 2.76
CA ALA J 14 -110.10 -54.56 3.66
C ALA J 14 -109.78 -55.08 5.08
N LYS J 15 -109.17 -56.28 5.20
CA LYS J 15 -108.76 -56.83 6.51
C LYS J 15 -107.70 -55.96 7.18
N ASN J 16 -106.77 -55.44 6.40
CA ASN J 16 -105.82 -54.43 6.85
C ASN J 16 -106.55 -53.18 7.34
N ALA J 17 -107.50 -52.63 6.58
CA ALA J 17 -108.25 -51.45 7.00
C ALA J 17 -109.00 -51.71 8.32
N LYS J 18 -109.66 -52.86 8.49
CA LYS J 18 -110.28 -53.24 9.76
C LYS J 18 -109.24 -53.31 10.90
N THR J 19 -108.09 -53.92 10.64
CA THR J 19 -106.99 -54.00 11.60
C THR J 19 -106.56 -52.61 12.08
N ILE J 20 -106.39 -51.67 11.14
CA ILE J 20 -106.03 -50.28 11.45
C ILE J 20 -107.19 -49.58 12.17
N LEU J 21 -108.44 -49.77 11.72
CA LEU J 21 -109.61 -49.18 12.34
C LEU J 21 -109.71 -49.64 13.80
N GLU J 22 -109.38 -50.89 14.08
CA GLU J 22 -109.29 -51.38 15.45
C GLU J 22 -108.23 -50.62 16.23
N ASN J 23 -107.04 -50.46 15.65
CA ASN J 23 -105.99 -49.70 16.30
C ASN J 23 -106.43 -48.25 16.56
N ILE J 24 -107.13 -47.66 15.59
CA ILE J 24 -107.71 -46.31 15.70
C ILE J 24 -108.73 -46.27 16.82
N GLN J 25 -109.67 -47.21 16.89
CA GLN J 25 -110.69 -47.24 17.93
C GLN J 25 -110.05 -47.38 19.32
N ILE J 26 -109.06 -48.27 19.45
CA ILE J 26 -108.26 -48.40 20.66
C ILE J 26 -107.65 -47.06 21.02
N TYR J 27 -106.94 -46.43 20.08
CA TYR J 27 -106.26 -45.16 20.31
C TYR J 27 -107.25 -44.05 20.68
N GLU J 28 -108.39 -43.91 20.01
CA GLU J 28 -109.41 -42.92 20.35
C GLU J 28 -109.84 -43.11 21.79
N ARG J 29 -110.12 -44.37 22.15
CA ARG J 29 -110.51 -44.71 23.50
C ARG J 29 -109.38 -44.43 24.47
N MET J 30 -108.15 -44.77 24.13
CA MET J 30 -107.00 -44.46 24.96
C MET J 30 -106.85 -42.95 25.18
N CYS J 31 -107.08 -42.15 24.13
CA CYS J 31 -106.96 -40.71 24.20
C CYS J 31 -107.98 -40.12 25.13
N ASP J 32 -109.24 -40.51 24.97
CA ASP J 32 -110.26 -40.11 25.93
C ASP J 32 -109.94 -40.65 27.34
N LEU J 33 -109.41 -41.87 27.47
CA LEU J 33 -109.15 -42.51 28.76
C LEU J 33 -108.13 -41.74 29.61
N PHE J 34 -107.04 -41.28 29.00
CA PHE J 34 -106.08 -40.42 29.71
C PHE J 34 -106.44 -38.93 29.68
N GLY J 35 -107.55 -38.54 29.06
CA GLY J 35 -108.04 -37.15 29.06
C GLY J 35 -107.38 -36.25 28.01
N VAL J 36 -106.88 -36.80 26.91
CA VAL J 36 -106.14 -36.08 25.87
C VAL J 36 -107.05 -35.09 25.12
N SER J 37 -106.61 -33.83 24.95
CA SER J 37 -107.37 -32.81 24.20
C SER J 37 -107.49 -33.14 22.71
N GLU J 38 -108.59 -32.71 22.08
CA GLU J 38 -108.98 -33.21 20.77
C GLU J 38 -107.87 -33.02 19.74
N ASP J 39 -107.29 -31.83 19.68
CA ASP J 39 -106.15 -31.58 18.83
C ASP J 39 -104.93 -32.38 19.27
N ASP J 40 -104.67 -32.47 20.58
CA ASP J 40 -103.55 -33.24 21.10
C ASP J 40 -103.62 -34.73 20.77
N LYS J 41 -104.79 -35.26 20.40
CA LYS J 41 -104.88 -36.66 19.95
C LYS J 41 -104.01 -36.93 18.73
N LEU J 42 -103.83 -35.94 17.85
CA LEU J 42 -103.04 -36.11 16.62
C LEU J 42 -101.56 -36.40 16.90
N ILE J 43 -101.10 -36.10 18.11
CA ILE J 43 -99.69 -35.99 18.38
C ILE J 43 -99.02 -37.36 18.26
N ILE J 44 -97.98 -37.41 17.45
CA ILE J 44 -97.18 -38.61 17.26
C ILE J 44 -96.54 -39.06 18.56
N GLU J 45 -96.01 -38.14 19.37
CA GLU J 45 -95.53 -38.45 20.72
C GLU J 45 -96.62 -39.15 21.55
N ASN J 46 -97.89 -38.73 21.44
CA ASN J 46 -98.99 -39.43 22.10
C ASN J 46 -99.18 -40.83 21.52
N SER J 47 -99.08 -41.00 20.20
CA SER J 47 -99.05 -42.32 19.58
C SER J 47 -98.04 -43.21 20.27
N ILE J 48 -96.81 -42.74 20.31
CA ILE J 48 -95.69 -43.48 20.89
C ILE J 48 -96.02 -43.79 22.35
N SER J 49 -96.46 -42.83 23.14
CA SER J 49 -96.75 -43.06 24.55
C SER J 49 -97.80 -44.15 24.75
N ILE J 50 -98.88 -44.17 23.97
CA ILE J 50 -99.88 -45.22 24.10
C ILE J 50 -99.28 -46.57 23.71
N GLU J 51 -98.60 -46.60 22.57
CA GLU J 51 -97.97 -47.82 22.09
C GLU J 51 -97.01 -48.38 23.13
N ARG J 52 -96.21 -47.50 23.74
CA ARG J 52 -95.28 -47.83 24.83
C ARG J 52 -96.03 -48.49 25.97
N MET J 53 -97.06 -47.83 26.47
CA MET J 53 -97.85 -48.35 27.58
C MET J 53 -98.39 -49.74 27.24
N ILE J 54 -98.87 -49.94 26.01
CA ILE J 54 -99.38 -51.23 25.59
C ILE J 54 -98.28 -52.28 25.65
N ARG J 55 -97.05 -51.98 25.22
CA ARG J 55 -95.94 -52.94 25.37
C ARG J 55 -95.80 -53.36 26.82
N VAL J 56 -95.70 -52.40 27.75
CA VAL J 56 -95.49 -52.68 29.18
C VAL J 56 -96.56 -53.64 29.70
N VAL J 57 -97.82 -53.33 29.42
CA VAL J 57 -98.96 -54.15 29.83
C VAL J 57 -98.85 -55.55 29.22
N THR J 58 -98.48 -55.65 27.95
CA THR J 58 -98.43 -56.91 27.21
C THR J 58 -97.15 -57.72 27.39
N ASP J 59 -96.15 -57.20 28.11
CA ASP J 59 -94.86 -57.88 28.34
C ASP J 59 -94.96 -59.08 29.30
N LYS J 60 -95.60 -60.17 28.87
CA LYS J 60 -95.89 -61.38 29.69
C LYS J 60 -94.69 -61.90 30.50
N LYS J 61 -93.53 -61.98 29.86
CA LYS J 61 -92.25 -62.32 30.50
C LYS J 61 -91.90 -61.39 31.66
N TYR J 62 -91.89 -60.08 31.42
CA TYR J 62 -91.61 -59.10 32.46
C TYR J 62 -92.70 -59.09 33.54
N GLN J 63 -93.97 -59.39 33.21
CA GLN J 63 -95.00 -59.57 34.23
C GLN J 63 -94.73 -60.80 35.12
N ASP J 64 -94.20 -61.91 34.60
CA ASP J 64 -93.76 -63.05 35.43
C ASP J 64 -92.68 -62.65 36.45
N LYS J 65 -91.74 -61.82 35.99
CA LYS J 65 -90.60 -61.35 36.77
C LYS J 65 -91.04 -60.33 37.82
N LYS J 66 -91.94 -59.44 37.44
CA LYS J 66 -92.59 -58.45 38.32
C LYS J 66 -93.27 -59.15 39.48
N LEU J 67 -94.08 -60.17 39.20
CA LEU J 67 -94.69 -61.01 40.23
C LEU J 67 -93.62 -61.61 41.15
N LYS J 68 -92.52 -62.13 40.59
CA LYS J 68 -91.43 -62.71 41.39
C LYS J 68 -90.86 -61.75 42.44
N ASN J 69 -90.76 -60.46 42.13
CA ASN J 69 -90.28 -59.44 43.06
C ASN J 69 -91.39 -58.57 43.70
N ALA J 70 -92.66 -58.80 43.39
CA ALA J 70 -93.76 -57.99 43.90
C ALA J 70 -93.89 -58.06 45.43
N GLY J 71 -93.47 -59.18 46.03
CA GLY J 71 -93.30 -59.33 47.48
C GLY J 71 -94.57 -59.09 48.31
N SER J 72 -94.38 -58.67 49.56
CA SER J 72 -95.46 -58.34 50.51
C SER J 72 -95.89 -56.86 50.48
N ASP J 73 -95.16 -55.99 49.78
CA ASP J 73 -95.32 -54.54 49.92
C ASP J 73 -96.64 -54.02 49.31
N PRO J 74 -97.55 -53.41 50.11
CA PRO J 74 -98.80 -52.86 49.59
C PRO J 74 -98.59 -51.74 48.56
N GLU J 75 -97.46 -51.03 48.56
CA GLU J 75 -97.15 -50.06 47.50
C GLU J 75 -96.83 -50.74 46.17
N LYS J 76 -96.14 -51.90 46.17
CA LYS J 76 -95.92 -52.70 44.94
C LYS J 76 -97.25 -53.21 44.38
N ILE J 77 -98.11 -53.71 45.26
CA ILE J 77 -99.42 -54.28 44.89
C ILE J 77 -100.36 -53.22 44.28
N ALA J 78 -100.46 -52.02 44.86
CA ALA J 78 -101.29 -50.94 44.30
C ALA J 78 -100.78 -50.47 42.93
N ASN J 79 -99.47 -50.29 42.78
CA ASN J 79 -98.87 -49.93 41.51
C ASN J 79 -98.90 -51.07 40.47
N ALA J 80 -99.20 -52.31 40.87
CA ALA J 80 -99.54 -53.36 39.90
C ALA J 80 -100.93 -53.17 39.28
N GLY J 81 -101.85 -52.49 39.97
CA GLY J 81 -103.17 -52.14 39.46
C GLY J 81 -103.21 -50.86 38.63
N LYS J 82 -102.54 -49.80 39.10
CA LYS J 82 -102.35 -48.56 38.33
C LYS J 82 -101.58 -48.84 37.04
N VAL J 83 -101.90 -48.10 35.98
CA VAL J 83 -101.06 -47.97 34.78
C VAL J 83 -100.87 -46.49 34.47
N PHE J 84 -99.62 -46.07 34.33
CA PHE J 84 -99.25 -44.69 34.01
C PHE J 84 -99.02 -44.48 32.52
N CYS J 85 -99.35 -43.28 32.04
CA CYS J 85 -99.03 -42.85 30.69
C CYS J 85 -98.64 -41.36 30.65
N ARG J 86 -97.35 -41.08 30.45
CA ARG J 86 -96.81 -39.74 30.17
C ARG J 86 -97.21 -39.32 28.76
N LEU J 87 -98.05 -38.28 28.65
CA LEU J 87 -98.67 -37.81 27.40
C LEU J 87 -98.47 -36.31 27.22
N VAL J 88 -98.49 -35.83 25.97
CA VAL J 88 -98.47 -34.40 25.64
C VAL J 88 -99.85 -33.77 25.85
N GLU J 89 -99.88 -32.62 26.51
CA GLU J 89 -101.02 -31.72 26.63
C GLU J 89 -100.61 -30.29 26.28
N SER J 90 -101.46 -29.55 25.56
CA SER J 90 -101.13 -28.22 25.05
C SER J 90 -102.10 -27.14 25.52
N THR J 91 -101.62 -25.90 25.55
CA THR J 91 -102.37 -24.70 25.94
C THR J 91 -101.66 -23.47 25.41
N ALA J 92 -102.38 -22.51 24.82
CA ALA J 92 -101.87 -21.22 24.34
C ALA J 92 -100.66 -21.36 23.37
N GLY J 93 -100.63 -22.42 22.57
CA GLY J 93 -99.51 -22.77 21.68
C GLY J 93 -98.32 -23.43 22.39
N LYS J 94 -98.25 -23.38 23.72
CA LYS J 94 -97.28 -24.10 24.56
C LYS J 94 -97.73 -25.54 24.80
N CYS J 95 -96.79 -26.41 25.18
CA CYS J 95 -97.06 -27.81 25.49
C CYS J 95 -96.20 -28.35 26.63
N SER J 96 -96.69 -29.43 27.23
CA SER J 96 -96.12 -30.08 28.39
C SER J 96 -96.55 -31.54 28.43
N ALA J 97 -95.95 -32.31 29.33
CA ALA J 97 -96.43 -33.59 29.77
C ALA J 97 -97.63 -33.49 30.73
N ARG J 98 -98.46 -34.55 30.77
CA ARG J 98 -99.25 -34.93 31.96
C ARG J 98 -99.12 -36.43 32.19
N LEU J 99 -99.01 -36.82 33.45
CA LEU J 99 -99.10 -38.20 33.90
C LEU J 99 -100.57 -38.63 33.91
N GLY J 100 -101.08 -39.09 32.77
CA GLY J 100 -102.35 -39.82 32.75
C GLY J 100 -102.23 -41.10 33.57
N MET J 101 -103.31 -41.50 34.25
CA MET J 101 -103.41 -42.79 34.96
C MET J 101 -104.78 -43.46 34.70
N ALA J 102 -104.76 -44.76 34.45
CA ALA J 102 -105.93 -45.61 34.32
C ALA J 102 -105.58 -46.99 34.90
N LEU J 103 -106.55 -47.75 35.34
CA LEU J 103 -106.28 -49.08 35.86
C LEU J 103 -105.98 -50.04 34.72
N LYS J 104 -105.16 -51.07 34.95
CA LYS J 104 -104.91 -52.13 33.95
C LYS J 104 -106.22 -52.67 33.37
N PRO J 105 -107.25 -52.98 34.18
CA PRO J 105 -108.57 -53.33 33.66
C PRO J 105 -109.18 -52.30 32.72
N ASN J 106 -108.93 -51.00 32.88
CA ASN J 106 -109.41 -50.00 31.90
C ASN J 106 -108.77 -50.25 30.53
N VAL J 107 -107.46 -50.44 30.50
CA VAL J 107 -106.71 -50.74 29.26
C VAL J 107 -107.16 -52.07 28.66
N GLU J 108 -107.26 -53.10 29.51
CA GLU J 108 -107.76 -54.42 29.09
C GLU J 108 -109.17 -54.33 28.54
N ALA J 109 -110.05 -53.50 29.10
CA ALA J 109 -111.40 -53.33 28.59
C ALA J 109 -111.34 -52.83 27.15
N VAL J 110 -110.67 -51.72 26.89
CA VAL J 110 -110.54 -51.21 25.52
C VAL J 110 -110.00 -52.29 24.59
N LEU J 111 -108.93 -52.98 24.99
CA LEU J 111 -108.30 -54.00 24.15
C LEU J 111 -109.25 -55.17 23.92
N THR J 112 -109.76 -55.79 24.98
CA THR J 112 -110.70 -56.90 24.88
C THR J 112 -111.97 -56.51 24.15
N ASP J 113 -112.42 -55.26 24.25
CA ASP J 113 -113.60 -54.78 23.55
C ASP J 113 -113.38 -54.76 22.04
N VAL J 114 -112.25 -54.23 21.60
CA VAL J 114 -112.00 -53.98 20.17
C VAL J 114 -111.41 -55.19 19.44
N LEU J 115 -110.53 -55.95 20.10
CA LEU J 115 -109.84 -57.13 19.54
C LEU J 115 -110.47 -58.47 19.96
N GLY J 116 -111.51 -58.43 20.80
CA GLY J 116 -112.14 -59.60 21.40
C GLY J 116 -111.55 -59.99 22.76
N ASN J 117 -112.38 -60.62 23.60
CA ASN J 117 -112.02 -61.04 24.96
C ASN J 117 -110.75 -61.90 24.97
N GLU J 118 -110.63 -62.79 23.99
CA GLU J 118 -109.45 -63.64 23.76
C GLU J 118 -108.29 -62.84 23.17
N LEU J 119 -107.80 -61.85 23.91
CA LEU J 119 -106.46 -61.30 23.73
C LEU J 119 -105.37 -62.39 23.86
N ASP J 120 -105.72 -63.49 24.53
CA ASP J 120 -104.98 -64.77 24.54
C ASP J 120 -104.77 -65.37 23.14
N ARG J 121 -105.47 -64.90 22.10
CA ARG J 121 -105.05 -65.01 20.69
C ARG J 121 -103.81 -64.13 20.47
N ALA J 122 -102.70 -64.56 21.06
CA ALA J 122 -101.39 -63.95 20.98
C ALA J 122 -101.02 -63.52 19.56
N ALA J 123 -101.46 -64.25 18.53
CA ALA J 123 -101.30 -63.86 17.14
C ALA J 123 -101.93 -62.49 16.83
N VAL J 124 -103.20 -62.28 17.19
CA VAL J 124 -103.95 -61.09 16.77
C VAL J 124 -103.42 -59.82 17.41
N LEU J 125 -103.21 -59.84 18.72
CA LEU J 125 -102.62 -58.70 19.43
C LEU J 125 -101.13 -58.55 19.12
N GLY J 126 -100.38 -59.66 19.13
CA GLY J 126 -98.93 -59.65 18.94
C GLY J 126 -98.48 -59.25 17.55
N LYS J 127 -99.25 -59.56 16.50
CA LYS J 127 -98.94 -59.12 15.13
C LYS J 127 -98.88 -57.60 15.07
N ARG J 128 -100.00 -56.94 15.34
CA ARG J 128 -100.08 -55.47 15.33
C ARG J 128 -99.14 -54.82 16.34
N MET J 129 -98.98 -55.39 17.54
CA MET J 129 -98.04 -54.83 18.51
C MET J 129 -96.58 -55.06 18.13
N GLY J 130 -96.24 -56.15 17.45
CA GLY J 130 -94.92 -56.37 16.88
C GLY J 130 -94.58 -55.26 15.90
N PHE J 131 -95.52 -54.89 15.03
CA PHE J 131 -95.31 -53.81 14.06
C PHE J 131 -95.04 -52.47 14.77
N SER J 132 -95.80 -52.14 15.81
CA SER J 132 -95.58 -50.95 16.65
C SER J 132 -94.23 -51.00 17.39
N ALA J 133 -93.92 -52.12 18.05
CA ALA J 133 -92.66 -52.30 18.76
C ALA J 133 -91.46 -52.19 17.81
N MET J 134 -91.61 -52.71 16.60
CA MET J 134 -90.64 -52.58 15.54
C MET J 134 -90.48 -51.09 15.20
N PHE J 135 -91.55 -50.35 14.95
CA PHE J 135 -91.43 -48.89 14.75
C PHE J 135 -90.68 -48.20 15.89
N LYS J 136 -90.95 -48.55 17.16
CA LYS J 136 -90.21 -48.00 18.29
C LYS J 136 -88.74 -48.38 18.23
N SER J 137 -88.46 -49.64 17.95
CA SER J 137 -87.12 -50.12 17.72
C SER J 137 -86.42 -49.34 16.61
N ASN J 138 -87.11 -49.04 15.49
CA ASN J 138 -86.57 -48.23 14.41
C ASN J 138 -86.17 -46.84 14.92
N LEU J 139 -87.07 -46.18 15.64
CA LEU J 139 -86.86 -44.82 16.13
C LEU J 139 -85.72 -44.78 17.14
N GLU J 140 -85.67 -45.73 18.07
CA GLU J 140 -84.53 -45.91 18.97
C GLU J 140 -83.21 -46.05 18.21
N GLU J 141 -83.21 -46.87 17.16
CA GLU J 141 -82.02 -47.16 16.37
C GLU J 141 -81.47 -45.90 15.71
N VAL J 142 -82.35 -45.12 15.06
CA VAL J 142 -81.92 -43.83 14.50
C VAL J 142 -81.50 -42.87 15.61
N LEU J 143 -82.17 -42.89 16.77
CA LEU J 143 -81.87 -41.97 17.86
C LEU J 143 -80.46 -42.18 18.42
N TYR J 144 -80.17 -43.34 18.98
CA TYR J 144 -79.08 -43.42 19.97
C TYR J 144 -78.17 -44.64 19.86
N GLN J 145 -78.13 -45.29 18.69
CA GLN J 145 -77.16 -46.37 18.37
C GLN J 145 -77.11 -47.49 19.44
N ARG J 146 -78.23 -47.66 20.14
CA ARG J 146 -78.57 -48.69 21.13
C ARG J 146 -77.58 -48.94 22.28
N GLY J 147 -76.80 -47.94 22.67
CA GLY J 147 -75.67 -48.09 23.60
C GLY J 147 -75.97 -48.91 24.86
N LYS J 148 -76.96 -48.49 25.67
CA LYS J 148 -77.29 -49.21 26.91
C LYS J 148 -77.78 -50.63 26.71
N ASN J 149 -78.33 -50.98 25.56
CA ASN J 149 -78.60 -52.38 25.21
C ASN J 149 -77.35 -53.12 24.73
N GLN J 150 -76.50 -52.51 23.88
CA GLN J 150 -75.29 -53.17 23.40
C GLN J 150 -74.24 -53.38 24.50
N LEU J 151 -74.25 -52.62 25.60
CA LEU J 151 -73.43 -52.97 26.77
C LEU J 151 -73.77 -54.37 27.32
N LYS J 152 -75.02 -54.83 27.13
CA LYS J 152 -75.46 -56.22 27.34
C LYS J 152 -75.19 -57.11 26.13
N LYS J 153 -75.56 -56.65 24.91
CA LYS J 153 -75.54 -57.46 23.66
C LYS J 153 -74.20 -57.53 22.91
N ARG J 154 -73.18 -56.86 23.43
CA ARG J 154 -71.74 -57.13 23.29
C ARG J 154 -71.13 -56.98 21.89
N ASN J 155 -71.72 -56.20 20.98
CA ASN J 155 -71.24 -56.10 19.60
C ASN J 155 -71.24 -54.67 19.02
N ALA J 156 -70.40 -54.44 18.01
CA ALA J 156 -69.96 -53.11 17.55
C ALA J 156 -70.79 -52.48 16.40
N ALA J 157 -70.40 -51.27 15.96
CA ALA J 157 -71.23 -50.38 15.15
C ALA J 157 -71.69 -50.98 13.82
N GLU J 158 -70.82 -51.66 13.10
CA GLU J 158 -71.20 -52.33 11.85
C GLU J 158 -72.25 -53.40 12.13
N THR J 159 -72.06 -54.21 13.17
CA THR J 159 -73.08 -55.20 13.57
C THR J 159 -74.40 -54.49 13.87
N PHE J 160 -74.34 -53.36 14.57
CA PHE J 160 -75.50 -52.55 14.88
C PHE J 160 -76.22 -52.12 13.59
N THR J 161 -75.50 -51.69 12.56
CA THR J 161 -76.17 -51.27 11.32
C THR J 161 -77.00 -52.37 10.68
N LEU J 162 -76.52 -53.61 10.71
CA LEU J 162 -77.27 -54.74 10.16
C LEU J 162 -78.40 -55.22 11.10
N SER J 163 -78.44 -54.72 12.32
CA SER J 163 -79.36 -55.21 13.34
C SER J 163 -80.62 -54.36 13.43
N GLN J 164 -81.25 -54.12 12.28
CA GLN J 164 -82.51 -53.36 12.25
C GLN J 164 -83.60 -54.14 13.01
N GLY J 165 -84.25 -53.49 13.98
CA GLY J 165 -85.25 -54.09 14.86
C GLY J 165 -84.69 -54.77 16.12
N ALA J 166 -83.38 -54.78 16.36
CA ALA J 166 -82.83 -55.45 17.55
C ALA J 166 -83.03 -54.69 18.88
N SER J 167 -83.73 -53.55 18.91
CA SER J 167 -84.17 -52.92 20.17
C SER J 167 -85.39 -53.61 20.80
N LEU J 168 -86.09 -54.47 20.04
CA LEU J 168 -87.29 -55.20 20.46
C LEU J 168 -87.09 -56.05 21.72
N GLU J 169 -88.10 -56.09 22.60
CA GLU J 169 -88.23 -57.18 23.57
C GLU J 169 -88.30 -58.55 22.88
N ALA J 170 -87.70 -59.56 23.51
CA ALA J 170 -87.43 -60.85 22.91
C ALA J 170 -88.66 -61.47 22.24
N ARG J 171 -89.80 -61.43 22.93
CA ARG J 171 -91.08 -61.98 22.45
C ARG J 171 -91.48 -61.51 21.07
N PHE J 172 -91.13 -60.29 20.70
CA PHE J 172 -91.47 -59.76 19.38
C PHE J 172 -90.57 -60.33 18.29
N ARG J 173 -89.34 -60.72 18.62
CA ARG J 173 -88.35 -61.12 17.61
C ARG J 173 -88.83 -62.31 16.78
N PRO J 174 -89.46 -63.34 17.36
CA PRO J 174 -90.16 -64.38 16.61
C PRO J 174 -91.26 -63.85 15.68
N ILE J 175 -92.08 -62.91 16.16
CA ILE J 175 -93.21 -62.36 15.39
C ILE J 175 -92.69 -61.63 14.15
N MET J 176 -91.64 -60.82 14.29
CA MET J 176 -91.17 -59.91 13.25
C MET J 176 -90.26 -60.55 12.18
N GLU J 177 -90.22 -61.88 12.08
CA GLU J 177 -89.19 -62.68 11.39
C GLU J 177 -88.67 -62.09 10.07
N LYS J 178 -89.58 -61.60 9.21
CA LYS J 178 -89.29 -61.17 7.84
C LYS J 178 -88.50 -59.87 7.75
N HIS J 179 -88.79 -58.91 8.62
CA HIS J 179 -88.36 -57.52 8.43
C HIS J 179 -87.11 -57.14 9.19
N LEU J 180 -86.79 -57.86 10.27
CA LEU J 180 -85.58 -57.61 11.05
C LEU J 180 -84.32 -57.71 10.18
N GLY J 181 -83.40 -56.77 10.35
CA GLY J 181 -82.10 -56.80 9.68
C GLY J 181 -81.30 -58.01 10.15
N VAL J 182 -80.53 -58.64 9.25
CA VAL J 182 -79.89 -59.95 9.50
C VAL J 182 -79.08 -59.94 10.79
N GLY J 183 -78.43 -58.81 11.08
CA GLY J 183 -77.64 -58.60 12.28
C GLY J 183 -78.44 -58.85 13.55
N THR J 184 -79.73 -58.55 13.56
CA THR J 184 -80.62 -58.78 14.70
C THR J 184 -80.63 -60.25 15.06
N VAL J 185 -80.82 -61.11 14.07
CA VAL J 185 -80.80 -62.56 14.25
C VAL J 185 -79.42 -63.00 14.69
N VAL J 186 -78.38 -62.50 14.02
CA VAL J 186 -77.00 -62.89 14.29
C VAL J 186 -76.60 -62.57 15.72
N ALA J 187 -76.84 -61.32 16.14
CA ALA J 187 -76.60 -60.84 17.49
C ALA J 187 -77.36 -61.70 18.48
N SER J 188 -78.61 -62.02 18.15
CA SER J 188 -79.41 -62.90 19.01
C SER J 188 -78.70 -64.24 19.17
N ILE J 189 -78.27 -64.90 18.09
CA ILE J 189 -77.59 -66.20 18.19
C ILE J 189 -76.34 -66.08 19.05
N LYS J 190 -75.52 -65.06 18.80
CA LYS J 190 -74.26 -64.86 19.54
C LYS J 190 -74.54 -64.68 21.03
N ASN J 191 -75.57 -63.91 21.36
CA ASN J 191 -75.97 -63.74 22.74
C ASN J 191 -76.64 -64.99 23.33
N ILE J 192 -77.31 -65.83 22.54
CA ILE J 192 -77.84 -67.11 23.00
C ILE J 192 -76.69 -68.01 23.47
N LEU J 193 -75.57 -68.06 22.75
CA LEU J 193 -74.39 -68.81 23.19
C LEU J 193 -73.82 -68.28 24.51
N ALA J 194 -73.82 -66.96 24.70
CA ALA J 194 -73.48 -66.38 26.00
C ALA J 194 -74.49 -66.79 27.08
N SER J 195 -75.79 -66.78 26.79
CA SER J 195 -76.82 -67.24 27.71
C SER J 195 -76.64 -68.70 28.12
N LYS J 196 -76.21 -69.57 27.21
CA LYS J 196 -75.84 -70.96 27.54
C LYS J 196 -74.70 -71.06 28.55
N LYS J 197 -73.80 -70.07 28.63
CA LYS J 197 -72.87 -69.96 29.76
C LYS J 197 -73.55 -69.34 30.99
N ASN J 198 -74.19 -68.19 30.82
CA ASN J 198 -74.53 -67.30 31.93
C ASN J 198 -75.80 -67.68 32.71
N GLY J 199 -76.73 -68.42 32.10
CA GLY J 199 -77.98 -68.83 32.75
C GLY J 199 -79.02 -67.71 32.97
N ASN J 200 -78.81 -66.54 32.36
CA ASN J 200 -79.69 -65.36 32.37
C ASN J 200 -80.96 -65.51 31.50
N TYR J 201 -81.38 -66.75 31.24
CA TYR J 201 -82.36 -67.09 30.22
C TYR J 201 -83.11 -68.39 30.57
N ARG J 202 -84.30 -68.56 29.99
CA ARG J 202 -84.96 -69.86 29.83
C ARG J 202 -85.08 -70.21 28.35
N ASN J 203 -84.53 -71.36 27.95
CA ASN J 203 -84.73 -71.94 26.61
C ASN J 203 -86.17 -72.46 26.41
N LYS J 204 -86.61 -72.64 25.17
CA LYS J 204 -88.05 -72.69 24.78
C LYS J 204 -88.33 -73.50 23.50
N MET J 205 -89.61 -73.76 23.19
CA MET J 205 -90.06 -74.43 21.95
C MET J 205 -91.34 -73.77 21.39
N VAL J 206 -91.43 -73.60 20.07
CA VAL J 206 -92.54 -72.94 19.35
C VAL J 206 -92.88 -73.61 18.01
N ARG J 207 -94.04 -73.24 17.43
CA ARG J 207 -94.57 -73.70 16.14
C ARG J 207 -95.29 -72.55 15.38
N LYS J 208 -95.21 -72.51 14.04
CA LYS J 208 -95.72 -71.40 13.21
C LYS J 208 -96.64 -71.89 12.06
N PRO J 209 -97.96 -71.91 12.24
CA PRO J 209 -98.94 -72.28 11.21
C PRO J 209 -98.94 -71.37 9.98
N GLY J 210 -99.42 -71.90 8.86
CA GLY J 210 -99.34 -71.28 7.52
C GLY J 210 -97.92 -71.24 6.93
N GLY J 211 -96.88 -71.33 7.75
CA GLY J 211 -95.46 -71.45 7.36
C GLY J 211 -94.90 -72.85 7.52
N ASN J 212 -94.68 -73.29 8.76
CA ASN J 212 -94.14 -74.61 9.09
C ASN J 212 -94.63 -75.11 10.47
N ARG J 213 -95.31 -76.26 10.48
CA ARG J 213 -95.80 -76.95 11.70
C ARG J 213 -94.67 -77.63 12.51
N GLU J 214 -93.42 -77.51 12.08
CA GLU J 214 -92.26 -77.88 12.89
C GLU J 214 -92.28 -77.21 14.28
N SER J 215 -91.85 -77.97 15.28
CA SER J 215 -92.11 -77.70 16.70
C SER J 215 -90.78 -77.76 17.43
N TRP J 216 -90.16 -76.60 17.63
CA TRP J 216 -88.72 -76.54 17.79
C TRP J 216 -88.24 -75.25 18.46
N SER J 217 -86.95 -75.21 18.84
CA SER J 217 -86.36 -74.24 19.75
C SER J 217 -85.84 -72.96 19.06
N PRO J 218 -85.34 -71.98 19.82
CA PRO J 218 -84.58 -70.87 19.29
C PRO J 218 -83.48 -71.29 18.33
N LEU J 219 -82.80 -72.42 18.58
CA LEU J 219 -81.74 -72.89 17.71
C LEU J 219 -82.29 -73.06 16.29
N GLU J 220 -83.33 -73.87 16.16
CA GLU J 220 -83.97 -74.09 14.87
C GLU J 220 -84.61 -72.81 14.34
N ARG J 221 -85.32 -72.07 15.19
CA ARG J 221 -86.04 -70.84 14.82
C ARG J 221 -85.09 -69.82 14.22
N GLU J 222 -83.99 -69.55 14.92
CA GLU J 222 -82.96 -68.66 14.45
C GLU J 222 -82.37 -69.19 13.15
N ILE J 223 -81.97 -70.45 13.08
CA ILE J 223 -81.38 -71.01 11.87
C ILE J 223 -82.36 -70.91 10.70
N SER J 224 -83.64 -71.12 10.95
CA SER J 224 -84.68 -71.00 9.95
C SER J 224 -84.77 -69.56 9.46
N PHE J 225 -84.85 -68.60 10.38
CA PHE J 225 -84.90 -67.19 9.99
C PHE J 225 -83.64 -66.81 9.21
N LEU J 226 -82.49 -67.31 9.65
CA LEU J 226 -81.21 -67.09 8.99
C LEU J 226 -81.24 -67.68 7.58
N ASN J 227 -81.81 -68.85 7.39
CA ASN J 227 -81.96 -69.43 6.07
C ASN J 227 -82.89 -68.59 5.21
N LYS J 228 -83.99 -68.09 5.79
CA LYS J 228 -84.93 -67.18 5.09
C LYS J 228 -84.29 -65.87 4.65
N LYS J 229 -83.12 -65.51 5.20
CA LYS J 229 -82.39 -64.27 4.89
C LYS J 229 -81.16 -64.47 4.01
N LEU J 230 -80.34 -65.51 4.25
CA LEU J 230 -79.01 -65.61 3.63
C LEU J 230 -79.06 -65.79 2.11
N PHE J 231 -77.95 -65.43 1.47
CA PHE J 231 -77.78 -65.48 0.02
C PHE J 231 -77.79 -66.93 -0.49
N PRO J 232 -78.57 -67.24 -1.56
CA PRO J 232 -78.62 -68.58 -2.14
C PRO J 232 -77.24 -69.11 -2.55
N GLY J 233 -77.07 -70.43 -2.61
CA GLY J 233 -75.72 -70.99 -2.73
C GLY J 233 -74.96 -70.85 -1.42
N PRO J 234 -73.73 -70.28 -1.41
CA PRO J 234 -72.77 -70.52 -0.34
C PRO J 234 -73.29 -70.15 1.04
N MET J 235 -73.95 -69.01 1.16
CA MET J 235 -74.38 -68.50 2.46
C MET J 235 -75.54 -69.35 3.00
N ARG J 236 -76.55 -69.67 2.19
CA ARG J 236 -77.55 -70.66 2.64
C ARG J 236 -76.94 -72.03 2.88
N GLN J 237 -75.90 -72.42 2.15
CA GLN J 237 -75.24 -73.71 2.41
C GLN J 237 -74.56 -73.70 3.79
N LEU J 238 -73.92 -72.60 4.15
CA LEU J 238 -73.42 -72.38 5.51
C LEU J 238 -74.58 -72.43 6.50
N CYS J 239 -75.73 -71.89 6.13
CA CYS J 239 -76.93 -71.94 6.95
C CYS J 239 -77.36 -73.39 7.23
N LYS J 240 -77.34 -74.25 6.21
CA LYS J 240 -77.63 -75.68 6.39
C LYS J 240 -76.58 -76.38 7.25
N LYS J 241 -75.29 -76.09 7.05
CA LYS J 241 -74.19 -76.63 7.87
C LYS J 241 -74.32 -76.27 9.35
N PHE J 242 -75.00 -75.17 9.66
CA PHE J 242 -74.81 -74.44 10.90
C PHE J 242 -74.93 -75.30 12.16
N GLU J 243 -75.87 -76.25 12.20
CA GLU J 243 -76.03 -77.15 13.35
C GLU J 243 -74.80 -78.01 13.67
N TYR J 244 -73.91 -78.15 12.69
CA TYR J 244 -72.73 -79.00 12.71
C TYR J 244 -71.43 -78.21 12.74
N LEU J 245 -71.49 -76.88 12.76
CA LEU J 245 -70.39 -76.03 13.22
C LEU J 245 -70.21 -76.19 14.74
N ASN J 246 -68.98 -76.16 15.26
CA ASN J 246 -68.77 -75.99 16.70
C ASN J 246 -69.11 -74.56 17.17
N GLU J 247 -69.20 -74.29 18.47
CA GLU J 247 -69.67 -72.99 18.97
C GLU J 247 -68.79 -71.82 18.51
N GLN J 248 -67.45 -71.96 18.57
CA GLN J 248 -66.57 -70.92 18.06
C GLN J 248 -66.68 -70.80 16.55
N GLU J 249 -66.77 -71.92 15.83
CA GLU J 249 -67.05 -71.90 14.40
C GLU J 249 -68.34 -71.17 14.09
N LYS J 250 -69.39 -71.36 14.89
CA LYS J 250 -70.63 -70.60 14.76
C LYS J 250 -70.34 -69.12 14.93
N GLN J 251 -69.65 -68.71 15.99
CA GLN J 251 -69.33 -67.31 16.17
C GLN J 251 -68.51 -66.73 15.00
N LEU J 252 -67.50 -67.47 14.55
CA LEU J 252 -66.64 -67.05 13.45
C LEU J 252 -67.45 -66.92 12.16
N ALA J 253 -68.26 -67.93 11.87
CA ALA J 253 -69.14 -67.95 10.71
C ALA J 253 -70.10 -66.78 10.76
N LEU J 254 -70.75 -66.58 11.91
CA LEU J 254 -71.66 -65.46 12.11
C LEU J 254 -70.95 -64.15 11.81
N ASN J 255 -69.75 -63.96 12.34
CA ASN J 255 -68.98 -62.76 12.05
C ASN J 255 -68.77 -62.60 10.55
N LEU J 256 -68.23 -63.60 9.87
CA LEU J 256 -67.90 -63.43 8.47
C LEU J 256 -69.17 -63.27 7.63
N MET J 257 -70.25 -64.00 7.93
CA MET J 257 -71.52 -63.83 7.24
C MET J 257 -72.07 -62.44 7.46
N LEU J 258 -71.95 -61.92 8.67
CA LEU J 258 -72.40 -60.59 9.00
C LEU J 258 -71.61 -59.57 8.20
N ASP J 259 -70.29 -59.72 8.16
CA ASP J 259 -69.44 -58.87 7.33
C ASP J 259 -69.84 -58.96 5.86
N ALA J 260 -70.04 -60.17 5.35
CA ALA J 260 -70.44 -60.38 3.98
C ALA J 260 -71.77 -59.68 3.71
N SER J 261 -72.69 -59.71 4.67
CA SER J 261 -73.97 -59.03 4.59
C SER J 261 -73.83 -57.51 4.52
N LEU J 262 -72.71 -56.92 4.97
CA LEU J 262 -72.46 -55.50 4.73
C LEU J 262 -72.45 -55.19 3.23
N ILE J 263 -71.93 -56.10 2.38
CA ILE J 263 -71.98 -55.95 0.92
C ILE J 263 -73.20 -56.65 0.35
N LEU J 264 -73.34 -57.95 0.62
CA LEU J 264 -74.33 -58.83 0.03
C LEU J 264 -75.72 -58.47 0.52
N LYS J 265 -76.67 -58.29 -0.42
CA LYS J 265 -78.06 -57.91 -0.11
C LYS J 265 -79.09 -58.97 -0.57
N PRO J 266 -79.04 -60.23 -0.13
CA PRO J 266 -80.12 -61.19 -0.39
C PRO J 266 -81.43 -60.77 0.28
N GLN J 267 -82.50 -61.55 0.12
CA GLN J 267 -83.86 -61.19 0.56
C GLN J 267 -83.98 -60.81 2.05
N VAL J 268 -84.23 -59.53 2.33
CA VAL J 268 -84.50 -58.95 3.66
C VAL J 268 -85.67 -57.97 3.53
N THR J 269 -86.65 -58.00 4.44
CA THR J 269 -87.97 -57.46 4.06
C THR J 269 -88.14 -56.04 4.55
N HIS J 270 -88.40 -55.10 3.67
CA HIS J 270 -88.82 -53.75 4.04
C HIS J 270 -90.15 -53.81 4.79
N LYS J 271 -90.52 -52.76 5.53
CA LYS J 271 -91.91 -52.50 5.92
C LYS J 271 -92.15 -51.00 6.13
N MET J 272 -93.39 -50.54 5.98
CA MET J 272 -93.81 -49.26 6.56
C MET J 272 -94.62 -49.48 7.84
N ILE J 273 -94.37 -48.66 8.86
CA ILE J 273 -95.27 -48.50 10.01
C ILE J 273 -95.35 -47.02 10.31
N MET J 274 -96.40 -46.35 9.82
CA MET J 274 -96.73 -45.03 10.33
C MET J 274 -97.28 -45.15 11.77
N PRO J 275 -97.02 -44.17 12.65
CA PRO J 275 -97.70 -44.00 13.94
C PRO J 275 -99.23 -44.12 13.89
N TRP J 276 -99.80 -44.69 14.95
CA TRP J 276 -101.26 -44.77 15.12
C TRP J 276 -101.91 -43.38 15.11
N SER J 277 -101.29 -42.36 15.70
CA SER J 277 -101.82 -41.00 15.59
C SER J 277 -101.79 -40.47 14.16
N MET J 278 -100.89 -40.96 13.29
CA MET J 278 -100.92 -40.63 11.87
C MET J 278 -102.05 -41.40 11.18
N TRP J 279 -102.33 -42.64 11.57
CA TRP J 279 -103.55 -43.28 11.11
C TRP J 279 -104.80 -42.53 11.58
N LEU J 280 -104.83 -42.06 12.82
CA LEU J 280 -105.92 -41.19 13.28
C LEU J 280 -105.96 -39.92 12.43
N ALA J 281 -104.81 -39.33 12.13
CA ALA J 281 -104.75 -38.14 11.31
C ALA J 281 -105.35 -38.43 9.93
N VAL J 282 -105.07 -39.59 9.34
CA VAL J 282 -105.70 -40.01 8.10
C VAL J 282 -107.22 -40.06 8.27
N LYS J 283 -107.75 -40.63 9.36
CA LYS J 283 -109.20 -40.63 9.59
C LYS J 283 -109.73 -39.20 9.64
N LYS J 284 -109.21 -38.36 10.51
CA LYS J 284 -109.71 -36.99 10.64
C LYS J 284 -109.51 -36.18 9.36
N TYR J 285 -108.46 -36.46 8.61
CA TYR J 285 -108.25 -35.85 7.30
C TYR J 285 -109.39 -36.26 6.38
N ALA J 286 -109.68 -37.55 6.28
CA ALA J 286 -110.79 -38.04 5.48
C ALA J 286 -112.06 -37.31 5.90
N GLU J 287 -112.31 -37.23 7.21
CA GLU J 287 -113.44 -36.51 7.74
C GLU J 287 -113.44 -35.04 7.27
N MET J 288 -112.34 -34.32 7.44
CA MET J 288 -112.27 -32.92 7.07
C MET J 288 -112.30 -32.70 5.56
N ASN J 289 -112.04 -33.74 4.78
CA ASN J 289 -112.20 -33.74 3.34
C ASN J 289 -113.62 -34.06 2.86
N LYS J 290 -114.58 -34.30 3.75
CA LYS J 290 -116.00 -34.53 3.43
C LYS J 290 -116.25 -35.69 2.44
N GLY J 291 -115.76 -36.88 2.78
CA GLY J 291 -116.24 -38.15 2.20
C GLY J 291 -115.59 -38.62 0.89
N SER J 292 -114.27 -38.49 0.76
CA SER J 292 -113.49 -38.94 -0.42
C SER J 292 -112.19 -39.74 -0.12
N PRO J 293 -111.34 -39.41 0.88
CA PRO J 293 -110.17 -40.22 1.20
C PRO J 293 -110.56 -41.51 1.97
N SER J 294 -110.28 -42.67 1.39
CA SER J 294 -110.73 -43.97 1.93
C SER J 294 -109.57 -44.83 2.43
N LEU J 295 -109.62 -45.24 3.70
CA LEU J 295 -108.52 -45.93 4.37
C LEU J 295 -108.15 -47.26 3.70
N GLU J 296 -109.10 -47.99 3.12
CA GLU J 296 -108.77 -49.21 2.38
C GLU J 296 -107.84 -48.93 1.21
N ASP J 297 -107.95 -47.76 0.60
CA ASP J 297 -107.04 -47.33 -0.46
C ASP J 297 -105.60 -47.24 0.01
N LEU J 298 -105.39 -47.04 1.32
CA LEU J 298 -104.11 -46.89 1.99
C LEU J 298 -103.67 -48.16 2.76
N ALA J 299 -104.51 -49.19 2.81
CA ALA J 299 -104.39 -50.29 3.76
C ALA J 299 -103.45 -51.42 3.31
N ALA J 300 -102.14 -51.16 3.16
CA ALA J 300 -101.13 -52.16 2.80
C ALA J 300 -99.76 -51.94 3.47
N TYR J 301 -99.04 -53.04 3.73
CA TYR J 301 -97.68 -53.03 4.32
C TYR J 301 -96.57 -52.85 3.27
N SER J 302 -96.95 -52.55 2.04
CA SER J 302 -96.13 -52.53 0.86
C SER J 302 -96.77 -51.67 -0.23
N GLY J 303 -95.99 -51.26 -1.23
CA GLY J 303 -96.49 -50.50 -2.37
C GLY J 303 -96.79 -49.02 -2.11
N VAL J 304 -97.03 -48.29 -3.19
CA VAL J 304 -97.13 -46.82 -3.23
C VAL J 304 -98.20 -46.24 -2.31
N ARG J 305 -99.19 -47.04 -1.94
CA ARG J 305 -100.20 -46.73 -0.91
C ARG J 305 -99.55 -46.20 0.36
N ALA J 306 -98.36 -46.68 0.71
CA ALA J 306 -97.60 -46.16 1.82
C ALA J 306 -97.18 -44.68 1.64
N PHE J 307 -96.66 -44.31 0.47
CA PHE J 307 -96.31 -42.91 0.19
C PHE J 307 -97.55 -42.04 0.13
N MET J 308 -98.66 -42.55 -0.41
CA MET J 308 -99.95 -41.86 -0.33
C MET J 308 -100.26 -41.50 1.13
N ALA J 309 -100.19 -42.48 2.03
CA ALA J 309 -100.50 -42.28 3.44
C ALA J 309 -99.55 -41.28 4.12
N PHE J 310 -98.25 -41.42 3.91
CA PHE J 310 -97.29 -40.51 4.53
C PHE J 310 -97.48 -39.10 4.03
N ASN J 311 -97.51 -38.87 2.72
CA ASN J 311 -97.75 -37.53 2.20
C ASN J 311 -99.12 -37.00 2.63
N THR J 312 -100.11 -37.86 2.77
CA THR J 312 -101.39 -37.44 3.37
C THR J 312 -101.14 -36.90 4.76
N ALA J 313 -100.42 -37.62 5.60
CA ALA J 313 -100.06 -37.12 6.92
C ALA J 313 -99.30 -35.78 6.81
N CYS J 314 -98.52 -35.60 5.75
CA CYS J 314 -97.77 -34.38 5.51
C CYS J 314 -98.63 -33.15 5.26
N TYR J 315 -99.94 -33.26 5.10
CA TYR J 315 -100.77 -32.07 5.03
C TYR J 315 -100.71 -31.27 6.33
N MET J 316 -101.25 -31.80 7.43
CA MET J 316 -101.54 -31.01 8.64
C MET J 316 -101.26 -31.73 9.98
N SER J 317 -100.54 -32.85 9.99
CA SER J 317 -100.28 -33.60 11.25
C SER J 317 -99.40 -32.79 12.21
N LYS J 318 -99.51 -33.00 13.53
CA LYS J 318 -98.85 -32.15 14.55
C LYS J 318 -98.02 -32.92 15.57
N PHE J 319 -96.98 -32.28 16.06
CA PHE J 319 -95.95 -32.85 16.91
C PHE J 319 -95.26 -31.72 17.69
N THR J 320 -94.53 -32.08 18.73
CA THR J 320 -93.83 -31.10 19.58
C THR J 320 -92.55 -30.58 18.94
N ILE J 321 -92.21 -29.34 19.28
CA ILE J 321 -90.88 -28.78 19.18
C ILE J 321 -90.43 -28.36 20.57
N GLY J 322 -89.45 -29.08 21.12
CA GLY J 322 -88.62 -28.56 22.19
C GLY J 322 -87.53 -27.66 21.60
N LYS J 323 -87.17 -26.57 22.30
CA LYS J 323 -86.01 -25.75 21.93
C LYS J 323 -84.69 -26.52 22.12
N GLY J 324 -84.63 -27.39 23.13
CA GLY J 324 -83.52 -28.32 23.40
C GLY J 324 -83.39 -29.44 22.37
N ILE J 325 -82.39 -30.29 22.53
CA ILE J 325 -81.90 -31.13 21.44
C ILE J 325 -81.50 -32.52 21.92
N VAL J 326 -81.69 -33.53 21.08
CA VAL J 326 -80.86 -34.73 21.12
C VAL J 326 -79.55 -34.36 20.43
N GLY J 327 -78.71 -33.64 21.15
CA GLY J 327 -77.44 -33.08 20.68
C GLY J 327 -76.64 -32.43 21.83
N ASP J 328 -75.45 -31.89 21.53
CA ASP J 328 -74.54 -31.40 22.58
C ASP J 328 -73.76 -30.13 22.20
N ALA J 329 -73.26 -30.04 20.96
CA ALA J 329 -72.58 -28.84 20.45
C ALA J 329 -73.57 -27.70 20.14
N GLU J 330 -73.07 -26.49 19.88
CA GLU J 330 -73.90 -25.31 19.58
C GLU J 330 -74.59 -25.34 18.20
N ILE J 331 -74.15 -26.21 17.27
CA ILE J 331 -74.81 -26.42 15.98
C ILE J 331 -76.10 -27.25 16.14
N MET J 332 -77.22 -26.74 15.63
CA MET J 332 -78.54 -27.37 15.72
C MET J 332 -79.46 -26.94 14.55
N GLU J 333 -80.52 -27.71 14.29
CA GLU J 333 -81.33 -27.59 13.07
C GLU J 333 -82.78 -28.13 13.23
N ASN J 334 -83.62 -27.72 12.29
CA ASN J 334 -85.07 -27.54 12.42
C ASN J 334 -85.99 -28.79 12.43
N GLY J 335 -87.29 -28.52 12.54
CA GLY J 335 -88.35 -29.52 12.50
C GLY J 335 -88.36 -30.39 11.24
N ASN J 336 -87.91 -29.90 10.09
CA ASN J 336 -87.80 -30.77 8.92
C ASN J 336 -86.82 -31.91 9.21
N ASP J 337 -85.82 -31.73 10.06
CA ASP J 337 -84.99 -32.85 10.49
C ASP J 337 -85.78 -33.84 11.33
N LYS J 338 -86.68 -33.39 12.21
CA LYS J 338 -87.63 -34.31 12.84
C LYS J 338 -88.43 -35.01 11.74
N MET J 339 -88.87 -34.29 10.72
CA MET J 339 -89.65 -34.86 9.65
C MET J 339 -88.86 -35.95 8.94
N GLN J 340 -87.58 -35.73 8.68
CA GLN J 340 -86.71 -36.78 8.18
C GLN J 340 -86.69 -37.95 9.16
N THR J 341 -86.50 -37.70 10.45
CA THR J 341 -86.36 -38.78 11.43
C THR J 341 -87.62 -39.64 11.43
N LEU J 342 -88.78 -38.99 11.44
CA LEU J 342 -90.07 -39.66 11.36
C LEU J 342 -90.09 -40.54 10.12
N ALA J 343 -89.75 -39.98 8.97
CA ALA J 343 -89.75 -40.75 7.73
C ALA J 343 -88.82 -41.96 7.83
N MET J 344 -87.63 -41.77 8.36
CA MET J 344 -86.66 -42.83 8.54
C MET J 344 -87.28 -43.92 9.38
N ALA J 345 -87.84 -43.57 10.53
CA ALA J 345 -88.48 -44.54 11.38
C ALA J 345 -89.67 -45.21 10.68
N CYS J 346 -90.45 -44.46 9.90
CA CYS J 346 -91.68 -44.97 9.30
C CYS J 346 -91.40 -45.97 8.20
N PHE J 347 -90.44 -45.71 7.32
CA PHE J 347 -90.13 -46.58 6.19
C PHE J 347 -88.92 -47.49 6.41
N GLY J 348 -88.22 -47.38 7.54
CA GLY J 348 -87.01 -48.17 7.82
C GLY J 348 -85.79 -47.76 6.98
N LEU J 349 -85.64 -46.46 6.70
CA LEU J 349 -84.64 -45.93 5.76
C LEU J 349 -83.18 -45.94 6.27
N ALA J 350 -82.92 -46.36 7.52
CA ALA J 350 -81.65 -46.14 8.22
C ALA J 350 -80.41 -46.64 7.44
N TYR J 351 -80.58 -47.62 6.55
CA TYR J 351 -79.51 -48.13 5.70
C TYR J 351 -79.83 -48.07 4.21
N GLU J 352 -80.92 -47.38 3.86
CA GLU J 352 -81.25 -47.00 2.50
C GLU J 352 -80.27 -45.93 1.99
N ASP J 353 -80.21 -45.71 0.67
CA ASP J 353 -79.42 -44.63 0.10
C ASP J 353 -80.00 -43.24 0.41
N THR J 354 -79.21 -42.42 1.09
CA THR J 354 -79.49 -41.00 1.31
C THR J 354 -79.75 -40.25 0.01
N GLY J 355 -79.08 -40.55 -1.09
CA GLY J 355 -79.29 -39.86 -2.37
C GLY J 355 -80.68 -40.13 -2.92
N ILE J 356 -81.05 -41.41 -3.00
CA ILE J 356 -82.40 -41.86 -3.31
C ILE J 356 -83.39 -41.10 -2.44
N VAL J 357 -83.19 -41.14 -1.12
CA VAL J 357 -84.13 -40.48 -0.23
C VAL J 357 -84.15 -38.98 -0.49
N ALA J 358 -83.00 -38.35 -0.74
CA ALA J 358 -82.89 -36.92 -0.98
C ALA J 358 -83.74 -36.50 -2.18
N ALA J 359 -83.73 -37.30 -3.23
CA ALA J 359 -84.58 -37.06 -4.38
C ALA J 359 -86.08 -37.27 -4.07
N MET J 360 -86.45 -38.31 -3.32
CA MET J 360 -87.86 -38.60 -3.02
C MET J 360 -88.48 -37.55 -2.10
N ILE J 361 -87.85 -37.34 -0.94
CA ILE J 361 -88.14 -36.20 -0.08
C ILE J 361 -87.83 -34.86 -0.78
N SER J 362 -87.20 -34.91 -1.96
CA SER J 362 -87.01 -33.76 -2.81
C SER J 362 -86.22 -32.61 -2.13
N GLN J 363 -85.34 -32.97 -1.17
CA GLN J 363 -84.46 -32.12 -0.34
C GLN J 363 -83.18 -32.91 0.03
N PRO J 364 -82.03 -32.27 0.32
CA PRO J 364 -80.78 -32.98 0.59
C PRO J 364 -80.86 -33.91 1.82
N MET J 365 -80.14 -35.05 1.78
CA MET J 365 -80.05 -36.02 2.89
C MET J 365 -78.68 -36.09 3.57
N LYS J 366 -78.63 -36.79 4.71
CA LYS J 366 -77.67 -36.56 5.80
C LYS J 366 -77.17 -37.85 6.46
N LYS J 367 -76.06 -37.73 7.20
CA LYS J 367 -75.50 -38.72 8.13
C LYS J 367 -75.59 -38.24 9.58
N ARG J 368 -75.34 -39.09 10.56
CA ARG J 368 -75.56 -38.76 11.98
C ARG J 368 -74.82 -37.51 12.42
N TYR J 369 -73.62 -37.27 11.92
CA TYR J 369 -72.90 -36.05 12.24
C TYR J 369 -73.71 -34.80 11.94
N GLN J 370 -74.64 -34.89 11.02
CA GLN J 370 -75.55 -33.84 10.64
C GLN J 370 -76.96 -33.98 11.24
N LEU J 371 -77.45 -35.19 11.55
CA LEU J 371 -78.86 -35.39 11.99
C LEU J 371 -79.14 -34.80 13.37
N ARG J 372 -80.19 -33.98 13.51
CA ARG J 372 -80.74 -33.45 14.78
C ARG J 372 -82.21 -33.85 14.95
N VAL J 373 -82.64 -34.10 16.20
CA VAL J 373 -84.04 -34.41 16.57
C VAL J 373 -84.28 -34.19 18.08
N GLY J 374 -85.54 -34.19 18.52
CA GLY J 374 -85.95 -34.30 19.92
C GLY J 374 -86.15 -35.74 20.41
N ASN J 375 -86.48 -35.91 21.68
CA ASN J 375 -86.58 -37.21 22.35
C ASN J 375 -87.91 -37.96 22.17
N PHE J 376 -88.95 -37.33 21.62
CA PHE J 376 -90.34 -37.82 21.56
C PHE J 376 -90.97 -38.15 22.95
N ASN J 377 -90.49 -37.57 24.06
CA ASN J 377 -90.94 -37.89 25.43
C ASN J 377 -91.57 -36.64 26.12
N PRO J 378 -92.84 -36.65 26.56
CA PRO J 378 -93.59 -35.40 26.79
C PRO J 378 -92.93 -34.40 27.74
N PRO J 379 -93.00 -33.09 27.48
CA PRO J 379 -91.96 -32.18 27.95
C PRO J 379 -92.32 -31.42 29.23
N GLU J 380 -91.36 -30.75 29.85
CA GLU J 380 -91.70 -29.76 30.89
C GLU J 380 -92.40 -28.53 30.26
N LYS J 381 -91.81 -27.97 29.20
CA LYS J 381 -92.31 -26.84 28.39
C LYS J 381 -91.86 -27.01 26.94
N GLY J 382 -92.59 -26.43 25.99
CA GLY J 382 -92.27 -26.48 24.56
C GLY J 382 -93.37 -25.88 23.71
N THR J 383 -93.29 -26.01 22.38
CA THR J 383 -94.28 -25.45 21.42
C THR J 383 -94.73 -26.50 20.39
N ILE J 384 -95.96 -26.42 19.87
CA ILE J 384 -96.44 -27.37 18.84
C ILE J 384 -95.97 -26.92 17.44
N LYS J 385 -95.78 -27.87 16.53
CA LYS J 385 -95.61 -27.60 15.11
C LYS J 385 -96.36 -28.63 14.27
N GLY J 386 -96.72 -28.21 13.05
CA GLY J 386 -97.40 -29.02 12.03
C GLY J 386 -96.54 -29.33 10.79
N THR J 387 -96.95 -30.32 9.99
CA THR J 387 -96.17 -30.87 8.86
C THR J 387 -95.93 -29.91 7.69
N SER J 388 -94.72 -29.99 7.11
CA SER J 388 -94.40 -29.42 5.79
C SER J 388 -95.10 -30.21 4.67
N ALA J 389 -95.69 -29.53 3.70
CA ALA J 389 -96.60 -30.12 2.71
C ALA J 389 -95.95 -31.17 1.77
N GLY J 390 -96.67 -32.27 1.47
CA GLY J 390 -96.39 -33.20 0.35
C GLY J 390 -95.03 -33.93 0.37
N TYR J 391 -94.36 -33.95 1.52
CA TYR J 391 -92.91 -34.03 1.68
C TYR J 391 -92.13 -34.98 0.74
N PHE J 392 -92.56 -36.22 0.51
CA PHE J 392 -91.98 -37.08 -0.53
C PHE J 392 -92.48 -36.60 -1.89
N HIS J 393 -92.05 -35.43 -2.36
CA HIS J 393 -92.60 -34.86 -3.59
C HIS J 393 -92.26 -35.71 -4.81
N LYS J 394 -91.29 -36.61 -4.66
CA LYS J 394 -91.12 -37.80 -5.48
C LYS J 394 -91.28 -39.06 -4.60
N TRP J 395 -91.79 -40.14 -5.17
CA TRP J 395 -91.96 -41.48 -4.58
C TRP J 395 -91.04 -42.52 -5.25
N ALA J 396 -91.13 -43.79 -4.85
CA ALA J 396 -90.52 -44.91 -5.59
C ALA J 396 -91.17 -46.27 -5.28
N GLU J 397 -90.95 -47.27 -6.14
CA GLU J 397 -91.32 -48.66 -5.92
C GLU J 397 -90.39 -49.36 -4.91
N PHE J 398 -90.95 -50.00 -3.86
CA PHE J 398 -90.21 -50.70 -2.81
C PHE J 398 -89.61 -52.05 -3.28
N GLY J 399 -88.85 -52.72 -2.42
CA GLY J 399 -88.13 -53.94 -2.76
C GLY J 399 -87.32 -54.50 -1.59
N ASN J 400 -86.75 -55.68 -1.79
CA ASN J 400 -86.31 -56.55 -0.70
C ASN J 400 -84.99 -57.30 -0.94
N ARG J 401 -84.33 -57.14 -2.09
CA ARG J 401 -83.09 -57.86 -2.42
C ARG J 401 -82.25 -57.16 -3.49
N LEU J 402 -81.01 -57.61 -3.62
CA LEU J 402 -80.05 -57.05 -4.60
C LEU J 402 -80.62 -57.15 -6.02
N PRO J 403 -80.10 -56.39 -7.00
CA PRO J 403 -80.60 -56.44 -8.38
C PRO J 403 -80.43 -57.82 -9.03
N PHE J 404 -79.21 -58.37 -9.00
CA PHE J 404 -78.93 -59.69 -9.62
C PHE J 404 -78.15 -60.58 -8.65
N ASN J 405 -78.10 -60.20 -7.37
CA ASN J 405 -77.38 -60.99 -6.34
C ASN J 405 -75.95 -61.28 -6.82
N SER J 406 -75.75 -62.43 -7.47
CA SER J 406 -74.41 -62.81 -7.99
C SER J 406 -74.57 -63.53 -9.33
N PHE J 407 -73.48 -63.64 -10.10
CA PHE J 407 -73.50 -64.30 -11.42
C PHE J 407 -73.80 -65.79 -11.23
N GLY J 408 -74.78 -66.31 -11.99
CA GLY J 408 -75.16 -67.74 -11.90
C GLY J 408 -74.71 -68.52 -13.13
N THR J 409 -75.14 -69.77 -13.23
CA THR J 409 -74.81 -70.69 -14.33
C THR J 409 -75.45 -70.24 -15.64
N GLY J 410 -75.17 -70.95 -16.74
CA GLY J 410 -76.14 -71.05 -17.81
C GLY J 410 -77.51 -71.49 -17.27
N GLU J 411 -78.59 -70.94 -17.82
CA GLU J 411 -79.95 -71.11 -17.28
C GLU J 411 -80.55 -72.50 -17.57
N SER J 412 -80.19 -73.13 -18.70
CA SER J 412 -80.73 -74.45 -19.10
C SER J 412 -79.81 -75.20 -20.07
N LYS J 413 -79.18 -74.50 -21.02
CA LYS J 413 -78.23 -75.05 -22.02
C LYS J 413 -76.83 -75.30 -21.43
N GLN J 414 -75.92 -75.80 -22.27
CA GLN J 414 -74.52 -76.15 -21.96
C GLN J 414 -74.35 -77.30 -20.93
N ILE J 415 -75.38 -78.12 -20.74
CA ILE J 415 -75.34 -79.38 -19.99
C ILE J 415 -74.90 -80.55 -20.90
N SER J 416 -74.69 -81.76 -20.37
CA SER J 416 -74.26 -82.94 -21.16
C SER J 416 -75.27 -83.29 -22.27
N ASN J 417 -74.92 -82.98 -23.52
CA ASN J 417 -75.85 -82.97 -24.67
C ASN J 417 -76.47 -84.37 -24.93
N SER J 418 -77.76 -84.43 -25.26
CA SER J 418 -78.40 -85.65 -25.78
C SER J 418 -78.22 -85.75 -27.29
N GLY J 419 -78.37 -86.97 -27.83
CA GLY J 419 -78.23 -87.23 -29.27
C GLY J 419 -79.18 -88.32 -29.73
N VAL J 420 -80.30 -87.93 -30.32
CA VAL J 420 -81.17 -88.82 -31.09
C VAL J 420 -80.49 -89.21 -32.40
N PHE J 421 -79.98 -88.24 -33.17
CA PHE J 421 -79.46 -88.52 -34.50
C PHE J 421 -78.08 -89.17 -34.48
N ALA J 422 -77.93 -90.25 -35.25
CA ALA J 422 -76.72 -91.05 -35.35
C ALA J 422 -75.63 -90.32 -36.16
N VAL J 423 -75.00 -89.31 -35.56
CA VAL J 423 -74.01 -88.45 -36.21
C VAL J 423 -72.79 -88.22 -35.32
N GLN J 424 -71.59 -88.46 -35.84
CA GLN J 424 -70.33 -88.22 -35.12
C GLN J 424 -70.18 -86.75 -34.74
N ARG J 425 -69.84 -86.47 -33.47
CA ARG J 425 -70.08 -85.15 -32.86
C ARG J 425 -69.06 -84.74 -31.78
N PRO J 426 -68.73 -83.44 -31.68
CA PRO J 426 -68.25 -82.80 -30.45
C PRO J 426 -69.35 -82.74 -29.37
N SER J 427 -69.01 -82.23 -28.18
CA SER J 427 -69.96 -81.96 -27.09
C SER J 427 -69.52 -80.80 -26.20
N THR J 428 -70.46 -80.04 -25.63
CA THR J 428 -70.22 -79.06 -24.56
C THR J 428 -70.03 -79.80 -23.22
N THR J 429 -68.92 -80.54 -23.10
CA THR J 429 -68.68 -81.47 -21.97
C THR J 429 -68.58 -80.70 -20.66
N ASN J 430 -69.44 -81.04 -19.67
CA ASN J 430 -69.62 -80.27 -18.43
C ASN J 430 -69.85 -81.17 -17.20
N ILE J 431 -69.21 -82.36 -17.20
CA ILE J 431 -69.35 -83.39 -16.15
C ILE J 431 -68.95 -82.86 -14.77
N GLN J 432 -68.02 -81.92 -14.72
CA GLN J 432 -67.47 -81.33 -13.50
C GLN J 432 -68.55 -80.57 -12.71
N ARG J 433 -69.28 -79.63 -13.33
CA ARG J 433 -70.39 -78.93 -12.67
C ARG J 433 -71.60 -79.83 -12.45
N LEU J 434 -71.82 -80.82 -13.31
CA LEU J 434 -72.84 -81.86 -13.09
C LEU J 434 -72.55 -82.62 -11.78
N ALA J 435 -71.31 -83.04 -11.55
CA ALA J 435 -70.89 -83.66 -10.30
C ALA J 435 -71.00 -82.70 -9.08
N GLU J 436 -70.75 -81.40 -9.25
CA GLU J 436 -71.09 -80.41 -8.20
C GLU J 436 -72.58 -80.41 -7.87
N LEU J 437 -73.48 -80.35 -8.86
CA LEU J 437 -74.93 -80.41 -8.62
C LEU J 437 -75.33 -81.69 -7.85
N MET J 438 -74.77 -82.84 -8.22
CA MET J 438 -74.92 -84.08 -7.46
C MET J 438 -74.40 -83.94 -6.02
N ALA J 439 -73.21 -83.37 -5.82
CA ALA J 439 -72.64 -83.16 -4.49
C ALA J 439 -73.52 -82.25 -3.61
N ARG J 440 -74.06 -81.16 -4.17
CA ARG J 440 -74.96 -80.26 -3.43
C ARG J 440 -76.31 -80.92 -3.10
N ASN J 441 -76.91 -81.68 -4.03
CA ASN J 441 -78.19 -82.35 -3.75
C ASN J 441 -78.06 -83.62 -2.88
N THR J 442 -76.90 -84.27 -2.85
CA THR J 442 -76.57 -85.37 -1.91
C THR J 442 -76.13 -84.87 -0.52
N GLY J 443 -75.93 -83.56 -0.33
CA GLY J 443 -75.60 -82.96 0.97
C GLY J 443 -74.12 -83.08 1.37
N GLU J 444 -73.19 -82.91 0.42
CA GLU J 444 -71.76 -83.02 0.67
C GLU J 444 -71.28 -82.12 1.83
N THR J 445 -70.45 -82.69 2.71
CA THR J 445 -70.22 -82.20 4.09
C THR J 445 -68.72 -82.02 4.44
N SER J 446 -67.80 -82.58 3.67
CA SER J 446 -66.34 -82.44 3.94
C SER J 446 -65.85 -81.09 3.42
N ASP J 447 -65.12 -80.34 4.27
CA ASP J 447 -64.54 -79.01 3.92
C ASP J 447 -65.66 -78.03 3.54
N ASN J 448 -66.36 -77.49 4.53
CA ASN J 448 -67.47 -76.53 4.27
C ASN J 448 -67.10 -75.14 4.85
N PHE J 449 -66.76 -75.10 6.14
CA PHE J 449 -66.39 -73.82 6.81
C PHE J 449 -65.41 -73.04 5.92
N THR J 450 -64.16 -73.52 5.84
CA THR J 450 -63.11 -72.86 5.02
C THR J 450 -63.59 -72.69 3.58
N GLN J 451 -64.16 -73.74 2.99
CA GLN J 451 -64.65 -73.71 1.59
C GLN J 451 -65.56 -72.49 1.40
N LEU J 452 -66.53 -72.31 2.29
CA LEU J 452 -67.45 -71.20 2.22
C LEU J 452 -66.78 -69.89 2.64
N VAL J 453 -65.82 -69.90 3.56
CA VAL J 453 -64.98 -68.72 3.82
C VAL J 453 -64.32 -68.26 2.53
N GLN J 454 -63.68 -69.19 1.81
CA GLN J 454 -63.08 -68.87 0.53
C GLN J 454 -64.13 -68.38 -0.45
N LYS J 455 -65.26 -69.08 -0.56
CA LYS J 455 -66.32 -68.66 -1.47
C LYS J 455 -66.79 -67.25 -1.16
N ILE J 456 -66.88 -66.88 0.11
CA ILE J 456 -67.21 -65.52 0.51
C ILE J 456 -66.14 -64.57 0.00
N ARG J 457 -64.86 -64.88 0.25
CA ARG J 457 -63.76 -64.02 -0.21
C ARG J 457 -63.87 -63.74 -1.70
N GLU J 458 -63.98 -64.80 -2.49
CA GLU J 458 -64.02 -64.63 -3.94
C GLU J 458 -65.36 -64.06 -4.43
N GLN J 459 -66.48 -64.37 -3.77
CA GLN J 459 -67.76 -63.76 -4.10
C GLN J 459 -67.70 -62.26 -3.92
N VAL J 460 -67.09 -61.79 -2.82
CA VAL J 460 -66.90 -60.37 -2.60
C VAL J 460 -66.14 -59.76 -3.77
N GLY J 461 -65.06 -60.38 -4.21
CA GLY J 461 -64.32 -59.92 -5.38
C GLY J 461 -65.19 -59.89 -6.63
N ALA J 462 -65.94 -60.95 -6.89
CA ALA J 462 -66.83 -61.01 -8.03
C ALA J 462 -67.85 -59.88 -7.97
N PHE J 463 -68.44 -59.66 -6.80
CA PHE J 463 -69.37 -58.57 -6.57
C PHE J 463 -68.69 -57.23 -6.79
N ALA J 464 -67.45 -57.09 -6.35
CA ALA J 464 -66.66 -55.89 -6.55
C ALA J 464 -66.39 -55.64 -8.04
N ASP J 465 -66.53 -56.64 -8.89
CA ASP J 465 -66.67 -56.42 -10.32
C ASP J 465 -68.12 -56.08 -10.67
N GLN J 466 -69.07 -56.90 -10.23
CA GLN J 466 -70.50 -56.85 -10.59
C GLN J 466 -71.21 -55.52 -10.26
N LYS J 467 -70.65 -54.76 -9.33
CA LYS J 467 -71.06 -53.39 -9.00
C LYS J 467 -71.27 -52.52 -10.24
N ALA J 468 -70.54 -52.82 -11.32
CA ALA J 468 -70.64 -52.15 -12.61
C ALA J 468 -72.09 -51.98 -13.08
N ASN J 469 -72.99 -52.90 -12.71
CA ASN J 469 -74.41 -52.76 -13.00
C ASN J 469 -75.34 -53.12 -11.83
N LEU J 470 -74.82 -53.59 -10.70
CA LEU J 470 -75.63 -54.05 -9.57
C LEU J 470 -76.32 -52.89 -8.81
N ARG J 471 -77.47 -52.36 -9.30
CA ARG J 471 -78.03 -51.06 -8.85
C ARG J 471 -79.54 -50.98 -8.54
N GLU J 472 -80.48 -51.49 -9.33
CA GLU J 472 -81.92 -51.60 -8.96
C GLU J 472 -82.66 -52.68 -9.74
N PHE J 473 -83.89 -53.00 -9.34
CA PHE J 473 -84.80 -53.55 -10.33
C PHE J 473 -84.92 -52.57 -11.51
N THR J 474 -84.69 -53.06 -12.73
CA THR J 474 -84.25 -52.33 -13.95
C THR J 474 -85.16 -51.20 -14.45
N GLY J 475 -86.39 -51.08 -13.93
CA GLY J 475 -87.29 -49.94 -14.18
C GLY J 475 -87.12 -48.76 -13.22
N GLY J 476 -86.08 -48.77 -12.39
CA GLY J 476 -86.07 -48.04 -11.14
C GLY J 476 -85.69 -46.57 -11.27
N TYR J 477 -86.59 -45.67 -10.89
CA TYR J 477 -86.33 -44.23 -10.82
C TYR J 477 -87.22 -43.53 -9.78
N ILE J 478 -86.86 -42.28 -9.41
CA ILE J 478 -87.63 -41.43 -8.46
C ILE J 478 -88.74 -40.60 -9.14
N TYR J 479 -89.84 -41.25 -9.49
CA TYR J 479 -90.96 -40.60 -10.18
C TYR J 479 -91.71 -39.60 -9.28
N ASP J 480 -92.32 -38.58 -9.89
CA ASP J 480 -93.10 -37.54 -9.19
C ASP J 480 -94.35 -38.10 -8.51
N ILE J 481 -94.92 -37.37 -7.54
CA ILE J 481 -96.23 -37.72 -6.96
C ILE J 481 -97.36 -37.58 -7.99
N THR J 482 -97.19 -36.71 -8.98
CA THR J 482 -98.02 -36.69 -10.21
C THR J 482 -97.76 -37.90 -11.13
N ASP J 483 -96.87 -38.82 -10.76
CA ASP J 483 -96.35 -39.89 -11.61
C ASP J 483 -96.08 -41.20 -10.85
N VAL J 484 -97.06 -41.64 -10.06
CA VAL J 484 -97.18 -43.07 -9.71
C VAL J 484 -97.23 -43.94 -10.96
N THR J 485 -97.61 -43.34 -12.08
CA THR J 485 -97.57 -43.88 -13.44
C THR J 485 -96.17 -44.16 -13.97
N LYS J 486 -95.09 -43.92 -13.23
CA LYS J 486 -93.71 -44.27 -13.62
C LYS J 486 -93.28 -43.74 -15.01
N SER J 487 -93.83 -42.61 -15.43
CA SER J 487 -93.70 -41.98 -16.75
C SER J 487 -92.38 -41.22 -16.95
N ASN J 488 -91.76 -40.74 -15.87
CA ASN J 488 -90.66 -39.77 -15.85
C ASN J 488 -89.35 -40.36 -15.26
N PRO J 489 -88.69 -41.35 -15.90
CA PRO J 489 -87.52 -42.00 -15.33
C PRO J 489 -86.32 -41.03 -15.25
N LYS J 490 -85.78 -40.80 -14.04
CA LYS J 490 -84.65 -39.88 -13.76
C LYS J 490 -83.78 -40.33 -12.59
N ILE J 491 -82.47 -40.09 -12.68
CA ILE J 491 -81.42 -40.58 -11.77
C ILE J 491 -81.21 -39.62 -10.59
N PRO J 492 -80.86 -40.08 -9.36
CA PRO J 492 -80.63 -39.20 -8.21
C PRO J 492 -79.41 -38.26 -8.34
N GLN J 493 -78.23 -38.82 -8.63
CA GLN J 493 -76.96 -38.08 -8.71
C GLN J 493 -76.02 -38.69 -9.77
N LEU J 494 -75.17 -37.84 -10.37
CA LEU J 494 -74.05 -38.25 -11.23
C LEU J 494 -72.79 -38.59 -10.40
N GLY J 495 -72.51 -37.81 -9.36
CA GLY J 495 -71.31 -37.90 -8.52
C GLY J 495 -70.80 -36.52 -8.07
N GLY J 496 -69.50 -36.42 -7.77
CA GLY J 496 -68.79 -35.16 -7.53
C GLY J 496 -68.54 -34.34 -8.81
N THR K 8 -75.37 -47.86 45.10
CA THR K 8 -74.13 -48.61 45.41
C THR K 8 -72.93 -47.73 45.78
N PRO K 9 -72.61 -46.58 45.15
CA PRO K 9 -71.39 -45.85 45.48
C PRO K 9 -71.30 -45.39 46.95
N GLU K 10 -72.42 -45.03 47.56
CA GLU K 10 -72.51 -44.68 48.98
C GLU K 10 -72.01 -45.83 49.84
N GLU K 11 -72.46 -47.05 49.55
CA GLU K 11 -71.99 -48.25 50.23
C GLU K 11 -70.53 -48.54 49.89
N GLN K 12 -70.06 -48.21 48.69
CA GLN K 12 -68.64 -48.28 48.41
C GLN K 12 -67.85 -47.29 49.29
N ARG K 13 -68.32 -46.05 49.47
CA ARG K 13 -67.71 -45.09 50.41
C ARG K 13 -67.72 -45.61 51.84
N ALA K 14 -68.78 -46.30 52.25
CA ALA K 14 -68.84 -46.93 53.57
C ALA K 14 -67.80 -48.05 53.74
N LYS K 15 -67.68 -48.98 52.78
CA LYS K 15 -66.66 -50.05 52.84
C LYS K 15 -65.25 -49.48 52.80
N ASN K 16 -65.03 -48.46 51.99
CA ASN K 16 -63.80 -47.68 51.98
C ASN K 16 -63.56 -47.04 53.36
N ALA K 17 -64.54 -46.37 53.95
CA ALA K 17 -64.39 -45.76 55.27
C ALA K 17 -64.02 -46.81 56.32
N LYS K 18 -64.67 -47.99 56.35
CA LYS K 18 -64.28 -49.10 57.22
C LYS K 18 -62.84 -49.56 56.96
N THR K 19 -62.46 -49.70 55.71
CA THR K 19 -61.09 -50.06 55.31
C THR K 19 -60.08 -49.08 55.88
N ILE K 20 -60.34 -47.77 55.77
CA ILE K 20 -59.47 -46.72 56.31
C ILE K 20 -59.52 -46.74 57.84
N LEU K 21 -60.69 -46.90 58.45
CA LEU K 21 -60.83 -46.98 59.91
C LEU K 21 -60.02 -48.13 60.46
N GLU K 22 -59.98 -49.27 59.76
CA GLU K 22 -59.11 -50.37 60.10
C GLU K 22 -57.64 -49.94 60.05
N ASN K 23 -57.23 -49.29 58.98
CA ASN K 23 -55.86 -48.79 58.88
C ASN K 23 -55.55 -47.80 60.01
N ILE K 24 -56.50 -46.95 60.36
CA ILE K 24 -56.41 -46.00 61.47
C ILE K 24 -56.26 -46.75 62.79
N GLN K 25 -57.09 -47.75 63.05
CA GLN K 25 -57.03 -48.52 64.30
C GLN K 25 -55.69 -49.24 64.42
N ILE K 26 -55.21 -49.85 63.32
CA ILE K 26 -53.89 -50.46 63.25
C ILE K 26 -52.84 -49.42 63.61
N TYR K 27 -52.85 -48.26 62.95
CA TYR K 27 -51.88 -47.20 63.16
C TYR K 27 -51.93 -46.67 64.60
N GLU K 28 -53.10 -46.42 65.18
CA GLU K 28 -53.22 -45.98 66.57
C GLU K 28 -52.55 -46.99 67.48
N ARG K 29 -52.85 -48.26 67.27
CA ARG K 29 -52.25 -49.34 68.03
C ARG K 29 -50.76 -49.39 67.79
N MET K 30 -50.30 -49.27 66.56
CA MET K 30 -48.88 -49.22 66.25
C MET K 30 -48.19 -48.06 66.97
N CYS K 31 -48.83 -46.90 67.03
CA CYS K 31 -48.27 -45.71 67.65
C CYS K 31 -48.11 -45.91 69.14
N ASP K 32 -49.15 -46.40 69.79
CA ASP K 32 -49.02 -46.77 71.18
C ASP K 32 -47.99 -47.89 71.38
N LEU K 33 -47.91 -48.86 70.47
CA LEU K 33 -47.03 -50.03 70.58
C LEU K 33 -45.55 -49.65 70.60
N PHE K 34 -45.11 -48.73 69.73
CA PHE K 34 -43.75 -48.20 69.77
C PHE K 34 -43.56 -47.03 70.73
N GLY K 35 -44.60 -46.58 71.44
CA GLY K 35 -44.51 -45.54 72.46
C GLY K 35 -44.55 -44.12 71.92
N VAL K 36 -45.16 -43.90 70.75
CA VAL K 36 -45.20 -42.60 70.05
C VAL K 36 -46.02 -41.57 70.83
N SER K 37 -45.48 -40.35 71.03
CA SER K 37 -46.19 -39.26 71.73
C SER K 37 -47.42 -38.76 70.95
N GLU K 38 -48.44 -38.29 71.66
CA GLU K 38 -49.76 -38.08 71.08
C GLU K 38 -49.71 -37.17 69.85
N ASP K 39 -49.03 -36.05 69.97
CA ASP K 39 -48.81 -35.16 68.85
C ASP K 39 -47.96 -35.83 67.78
N ASP K 40 -46.90 -36.54 68.18
CA ASP K 40 -46.03 -37.23 67.22
C ASP K 40 -46.75 -38.31 66.40
N LYS K 41 -47.92 -38.78 66.83
CA LYS K 41 -48.71 -39.71 66.03
C LYS K 41 -49.09 -39.13 64.67
N LEU K 42 -49.29 -37.81 64.58
CA LEU K 42 -49.70 -37.15 63.33
C LEU K 42 -48.62 -37.25 62.24
N ILE K 43 -47.39 -37.54 62.62
CA ILE K 43 -46.26 -37.34 61.76
C ILE K 43 -46.32 -38.27 60.56
N ILE K 44 -46.23 -37.68 59.38
CA ILE K 44 -46.21 -38.42 58.11
C ILE K 44 -45.01 -39.36 58.05
N GLU K 45 -43.82 -38.91 58.50
CA GLU K 45 -42.65 -39.79 58.64
C GLU K 45 -42.99 -41.02 59.50
N ASN K 46 -43.76 -40.87 60.59
CA ASN K 46 -44.21 -42.01 61.38
C ASN K 46 -45.16 -42.90 60.57
N SER K 47 -46.07 -42.31 59.78
CA SER K 47 -46.89 -43.07 58.84
C SER K 47 -46.01 -43.99 58.00
N ILE K 48 -45.04 -43.37 57.33
CA ILE K 48 -44.13 -44.07 56.45
C ILE K 48 -43.42 -45.16 57.23
N SER K 49 -42.86 -44.87 58.40
CA SER K 49 -42.13 -45.86 59.16
C SER K 49 -42.99 -47.08 59.52
N ILE K 50 -44.24 -46.88 59.92
CA ILE K 50 -45.11 -48.02 60.22
C ILE K 50 -45.39 -48.81 58.96
N GLU K 51 -45.77 -48.12 57.90
CA GLU K 51 -46.06 -48.74 56.62
C GLU K 51 -44.87 -49.56 56.13
N ARG K 52 -43.66 -49.01 56.27
CA ARG K 52 -42.39 -49.68 55.94
C ARG K 52 -42.27 -50.97 56.72
N MET K 53 -42.40 -50.88 58.04
CA MET K 53 -42.28 -52.05 58.91
C MET K 53 -43.27 -53.13 58.47
N ILE K 54 -44.50 -52.73 58.15
CA ILE K 54 -45.52 -53.68 57.71
C ILE K 54 -45.08 -54.36 56.42
N ARG K 55 -44.49 -53.65 55.45
CA ARG K 55 -43.96 -54.31 54.24
C ARG K 55 -42.98 -55.41 54.64
N VAL K 56 -41.98 -55.08 55.46
CA VAL K 56 -40.92 -56.02 55.86
C VAL K 56 -41.52 -57.29 56.43
N VAL K 57 -42.45 -57.13 57.38
CA VAL K 57 -43.15 -58.25 58.02
C VAL K 57 -43.92 -59.07 56.98
N THR K 58 -44.60 -58.40 56.05
CA THR K 58 -45.47 -59.05 55.06
C THR K 58 -44.74 -59.56 53.82
N ASP K 59 -43.44 -59.34 53.67
CA ASP K 59 -42.64 -59.76 52.52
C ASP K 59 -42.39 -61.28 52.47
N LYS K 60 -43.42 -62.08 52.21
CA LYS K 60 -43.40 -63.56 52.24
C LYS K 60 -42.22 -64.18 51.50
N LYS K 61 -41.94 -63.70 50.29
CA LYS K 61 -40.75 -64.06 49.49
C LYS K 61 -39.44 -63.84 50.23
N TYR K 62 -39.21 -62.64 50.73
CA TYR K 62 -38.01 -62.32 51.50
C TYR K 62 -37.96 -63.09 52.83
N GLN K 63 -39.09 -63.41 53.45
CA GLN K 63 -39.11 -64.30 54.62
C GLN K 63 -38.66 -65.74 54.26
N ASP K 64 -39.02 -66.26 53.08
CA ASP K 64 -38.49 -67.56 52.60
C ASP K 64 -36.95 -67.56 52.49
N LYS K 65 -36.42 -66.46 51.98
CA LYS K 65 -34.99 -66.25 51.73
C LYS K 65 -34.24 -66.05 53.04
N LYS K 66 -34.83 -65.29 53.96
CA LYS K 66 -34.35 -65.06 55.34
C LYS K 66 -34.17 -66.39 56.04
N LEU K 67 -35.20 -67.24 56.02
CA LEU K 67 -35.11 -68.59 56.57
C LEU K 67 -33.95 -69.36 55.93
N LYS K 68 -33.78 -69.28 54.61
CA LYS K 68 -32.70 -69.98 53.90
C LYS K 68 -31.31 -69.63 54.45
N ASN K 69 -31.07 -68.37 54.83
CA ASN K 69 -29.80 -67.93 55.43
C ASN K 69 -29.82 -67.76 56.95
N ALA K 70 -30.93 -68.04 57.63
CA ALA K 70 -31.03 -67.85 59.08
C ALA K 70 -30.07 -68.74 59.88
N GLY K 71 -29.70 -69.90 59.31
CA GLY K 71 -28.62 -70.76 59.81
C GLY K 71 -28.79 -71.24 61.25
N SER K 72 -27.67 -71.53 61.90
CA SER K 72 -27.60 -71.96 63.31
C SER K 72 -27.45 -70.80 64.32
N ASP K 73 -27.22 -69.57 63.87
CA ASP K 73 -26.78 -68.48 64.75
C ASP K 73 -27.91 -67.98 65.69
N PRO K 74 -27.77 -68.07 67.02
CA PRO K 74 -28.78 -67.58 67.95
C PRO K 74 -29.04 -66.08 67.85
N GLU K 75 -28.09 -65.28 67.34
CA GLU K 75 -28.34 -63.85 67.08
C GLU K 75 -29.28 -63.65 65.88
N LYS K 76 -29.18 -64.47 64.83
CA LYS K 76 -30.13 -64.44 63.70
C LYS K 76 -31.53 -64.82 64.16
N ILE K 77 -31.63 -65.86 64.98
CA ILE K 77 -32.90 -66.39 65.49
C ILE K 77 -33.62 -65.38 66.40
N ALA K 78 -32.92 -64.71 67.33
CA ALA K 78 -33.53 -63.68 68.18
C ALA K 78 -34.03 -62.47 67.38
N ASN K 79 -33.23 -62.00 66.43
CA ASN K 79 -33.63 -60.90 65.55
C ASN K 79 -34.71 -61.31 64.53
N ALA K 80 -35.00 -62.60 64.34
CA ALA K 80 -36.21 -63.03 63.63
C ALA K 80 -37.48 -62.81 64.46
N GLY K 81 -37.39 -62.79 65.79
CA GLY K 81 -38.51 -62.50 66.69
C GLY K 81 -38.73 -60.99 66.93
N LYS K 82 -37.65 -60.24 67.16
CA LYS K 82 -37.70 -58.77 67.24
C LYS K 82 -38.19 -58.17 65.93
N VAL K 83 -38.93 -57.07 66.02
CA VAL K 83 -39.19 -56.17 64.89
C VAL K 83 -38.84 -54.73 65.31
N PHE K 84 -38.00 -54.07 64.52
CA PHE K 84 -37.58 -52.69 64.75
C PHE K 84 -38.42 -51.68 63.96
N CYS K 85 -38.62 -50.50 64.55
CA CYS K 85 -39.22 -49.38 63.88
C CYS K 85 -38.56 -48.05 64.30
N ARG K 86 -37.78 -47.46 63.36
CA ARG K 86 -37.23 -46.09 63.47
C ARG K 86 -38.36 -45.08 63.31
N LEU K 87 -38.67 -44.33 64.35
CA LEU K 87 -39.81 -43.40 64.45
C LEU K 87 -39.36 -42.02 64.93
N VAL K 88 -40.10 -40.97 64.58
CA VAL K 88 -39.90 -39.60 65.09
C VAL K 88 -40.45 -39.47 66.50
N GLU K 89 -39.66 -38.88 67.40
CA GLU K 89 -40.06 -38.42 68.72
C GLU K 89 -39.61 -36.97 68.93
N SER K 90 -40.46 -36.14 69.57
CA SER K 90 -40.21 -34.70 69.73
C SER K 90 -40.17 -34.25 71.18
N THR K 91 -39.48 -33.14 71.43
CA THR K 91 -39.33 -32.50 72.74
C THR K 91 -38.87 -31.06 72.54
N ALA K 92 -39.48 -30.11 73.26
CA ALA K 92 -39.09 -28.69 73.26
C ALA K 92 -39.03 -28.05 71.85
N GLY K 93 -39.90 -28.50 70.93
CA GLY K 93 -39.89 -28.11 69.52
C GLY K 93 -38.82 -28.79 68.65
N LYS K 94 -37.83 -29.44 69.27
CA LYS K 94 -36.84 -30.29 68.60
C LYS K 94 -37.38 -31.70 68.36
N CYS K 95 -36.76 -32.44 67.45
CA CYS K 95 -37.14 -33.81 67.12
C CYS K 95 -35.94 -34.69 66.78
N SER K 96 -36.15 -35.99 66.91
CA SER K 96 -35.16 -37.03 66.73
C SER K 96 -35.84 -38.36 66.37
N ALA K 97 -35.06 -39.34 66.00
CA ALA K 97 -35.43 -40.73 65.93
C ALA K 97 -35.51 -41.39 67.34
N ARG K 98 -36.33 -42.44 67.46
CA ARG K 98 -36.12 -43.54 68.42
C ARG K 98 -36.33 -44.88 67.72
N LEU K 99 -35.48 -45.85 68.06
CA LEU K 99 -35.63 -47.24 67.67
C LEU K 99 -36.71 -47.88 68.57
N GLY K 100 -37.97 -47.76 68.18
CA GLY K 100 -39.02 -48.60 68.75
C GLY K 100 -38.74 -50.07 68.45
N MET K 101 -39.10 -50.97 69.38
CA MET K 101 -39.05 -52.42 69.18
C MET K 101 -40.31 -53.10 69.74
N ALA K 102 -40.85 -54.03 68.99
CA ALA K 102 -41.95 -54.91 69.39
C ALA K 102 -41.73 -56.28 68.75
N LEU K 103 -42.28 -57.34 69.31
CA LEU K 103 -42.13 -58.66 68.72
C LEU K 103 -43.02 -58.79 67.49
N LYS K 104 -42.64 -59.60 66.51
CA LYS K 104 -43.49 -59.90 65.35
C LYS K 104 -44.91 -60.31 65.78
N PRO K 105 -45.11 -61.18 66.78
CA PRO K 105 -46.42 -61.46 67.33
C PRO K 105 -47.17 -60.23 67.83
N ASN K 106 -46.51 -59.18 68.34
CA ASN K 106 -47.21 -57.95 68.71
C ASN K 106 -47.84 -57.29 67.46
N VAL K 107 -47.07 -57.18 66.38
CA VAL K 107 -47.54 -56.63 65.09
C VAL K 107 -48.65 -57.50 64.51
N GLU K 108 -48.43 -58.81 64.49
CA GLU K 108 -49.42 -59.79 64.04
C GLU K 108 -50.71 -59.69 64.85
N ALA K 109 -50.63 -59.48 66.16
CA ALA K 109 -51.81 -59.32 66.99
C ALA K 109 -52.64 -58.14 66.51
N VAL K 110 -52.06 -56.94 66.42
CA VAL K 110 -52.78 -55.78 65.91
C VAL K 110 -53.41 -56.09 64.55
N LEU K 111 -52.64 -56.65 63.63
CA LEU K 111 -53.13 -56.94 62.28
C LEU K 111 -54.25 -57.97 62.30
N THR K 112 -54.02 -59.13 62.89
CA THR K 112 -55.03 -60.18 63.00
C THR K 112 -56.24 -59.72 63.78
N ASP K 113 -56.09 -58.82 64.76
CA ASP K 113 -57.21 -58.29 65.53
C ASP K 113 -58.12 -57.44 64.66
N VAL K 114 -57.55 -56.54 63.85
CA VAL K 114 -58.32 -55.53 63.12
C VAL K 114 -58.80 -56.02 61.74
N LEU K 115 -57.99 -56.83 61.05
CA LEU K 115 -58.29 -57.38 59.72
C LEU K 115 -58.80 -58.85 59.74
N GLY K 116 -58.87 -59.46 60.93
CA GLY K 116 -59.21 -60.86 61.13
C GLY K 116 -57.99 -61.78 61.15
N ASN K 117 -58.11 -62.91 61.86
CA ASN K 117 -57.05 -63.91 62.05
C ASN K 117 -56.48 -64.38 60.70
N GLU K 118 -57.36 -64.58 59.72
CA GLU K 118 -57.02 -64.92 58.34
C GLU K 118 -56.44 -63.72 57.58
N LEU K 119 -55.30 -63.21 58.04
CA LEU K 119 -54.41 -62.39 57.23
C LEU K 119 -53.94 -63.15 55.97
N ASP K 120 -54.01 -64.49 56.02
CA ASP K 120 -53.91 -65.40 54.88
C ASP K 120 -54.93 -65.13 53.76
N ARG K 121 -55.97 -64.32 54.01
CA ARG K 121 -56.72 -63.59 52.97
C ARG K 121 -55.83 -62.50 52.38
N ALA K 122 -54.81 -62.96 51.63
CA ALA K 122 -53.85 -62.16 50.91
C ALA K 122 -54.48 -60.98 50.17
N ALA K 123 -55.70 -61.11 49.67
CA ALA K 123 -56.45 -60.03 49.05
C ALA K 123 -56.67 -58.86 50.03
N VAL K 124 -57.18 -59.12 51.23
CA VAL K 124 -57.62 -58.07 52.16
C VAL K 124 -56.43 -57.25 52.67
N LEU K 125 -55.38 -57.92 53.13
CA LEU K 125 -54.17 -57.24 53.59
C LEU K 125 -53.38 -56.65 52.41
N GLY K 126 -53.21 -57.44 51.33
CA GLY K 126 -52.40 -57.04 50.18
C GLY K 126 -52.98 -55.89 49.37
N LYS K 127 -54.30 -55.74 49.29
CA LYS K 127 -54.94 -54.60 48.62
C LYS K 127 -54.48 -53.29 49.26
N ARG K 128 -54.82 -53.11 50.55
CA ARG K 128 -54.44 -51.91 51.31
C ARG K 128 -52.93 -51.72 51.40
N MET K 129 -52.16 -52.79 51.58
CA MET K 129 -50.70 -52.66 51.61
C MET K 129 -50.09 -52.37 50.25
N GLY K 130 -50.68 -52.84 49.16
CA GLY K 130 -50.29 -52.47 47.80
C GLY K 130 -50.42 -50.97 47.61
N PHE K 131 -51.53 -50.39 48.07
CA PHE K 131 -51.75 -48.94 47.96
C PHE K 131 -50.68 -48.14 48.74
N SER K 132 -50.35 -48.58 49.96
CA SER K 132 -49.26 -48.00 50.75
C SER K 132 -47.89 -48.16 50.10
N ALA K 133 -47.55 -49.38 49.65
CA ALA K 133 -46.29 -49.66 48.98
C ALA K 133 -46.15 -48.84 47.70
N MET K 134 -47.25 -48.66 46.97
CA MET K 134 -47.33 -47.79 45.82
C MET K 134 -47.02 -46.36 46.23
N PHE K 135 -47.66 -45.81 47.28
CA PHE K 135 -47.31 -44.48 47.78
C PHE K 135 -45.81 -44.37 48.10
N LYS K 136 -45.20 -45.39 48.73
CA LYS K 136 -43.75 -45.38 49.00
C LYS K 136 -42.96 -45.38 47.69
N SER K 137 -43.36 -46.23 46.76
CA SER K 137 -42.78 -46.24 45.43
C SER K 137 -42.90 -44.88 44.75
N ASN K 138 -44.03 -44.17 44.87
CA ASN K 138 -44.21 -42.82 44.34
C ASN K 138 -43.17 -41.86 44.96
N LEU K 139 -43.05 -41.87 46.28
CA LEU K 139 -42.18 -40.96 47.00
C LEU K 139 -40.70 -41.24 46.67
N GLU K 140 -40.30 -42.51 46.62
CA GLU K 140 -38.99 -42.91 46.12
C GLU K 140 -38.71 -42.37 44.72
N GLU K 141 -39.69 -42.50 43.83
CA GLU K 141 -39.56 -42.09 42.44
C GLU K 141 -39.31 -40.60 42.33
N VAL K 142 -40.08 -39.78 43.02
CA VAL K 142 -39.83 -38.33 43.06
C VAL K 142 -38.48 -38.04 43.74
N LEU K 143 -38.11 -38.80 44.78
CA LEU K 143 -36.88 -38.55 45.51
C LEU K 143 -35.64 -38.75 44.64
N TYR K 144 -35.40 -39.95 44.14
CA TYR K 144 -34.03 -40.34 43.77
C TYR K 144 -33.87 -41.12 42.46
N GLN K 145 -34.85 -41.02 41.55
CA GLN K 145 -34.78 -41.56 40.18
C GLN K 145 -34.33 -43.04 40.12
N ARG K 146 -34.61 -43.76 41.20
CA ARG K 146 -34.45 -45.20 41.45
C ARG K 146 -33.07 -45.82 41.14
N GLY K 147 -31.99 -45.05 41.22
CA GLY K 147 -30.65 -45.45 40.76
C GLY K 147 -30.20 -46.85 41.20
N LYS K 148 -30.16 -47.13 42.50
CA LYS K 148 -29.70 -48.43 43.00
C LYS K 148 -30.59 -49.61 42.59
N ASN K 149 -31.86 -49.38 42.27
CA ASN K 149 -32.69 -50.41 41.65
C ASN K 149 -32.44 -50.53 40.13
N GLN K 150 -32.31 -49.42 39.41
CA GLN K 150 -32.07 -49.48 37.96
C GLN K 150 -30.67 -50.01 37.61
N LEU K 151 -29.68 -49.98 38.50
CA LEU K 151 -28.42 -50.72 38.29
C LEU K 151 -28.68 -52.24 38.14
N LYS K 152 -29.76 -52.76 38.75
CA LYS K 152 -30.30 -54.11 38.52
C LYS K 152 -31.25 -54.15 37.30
N LYS K 153 -32.20 -53.20 37.21
CA LYS K 153 -33.31 -53.21 36.23
C LYS K 153 -33.00 -52.60 34.84
N ARG K 154 -31.76 -52.13 34.66
CA ARG K 154 -31.02 -52.00 33.40
C ARG K 154 -31.56 -51.02 32.35
N ASN K 155 -32.35 -50.02 32.72
CA ASN K 155 -32.98 -49.11 31.76
C ASN K 155 -32.96 -47.62 32.17
N ALA K 156 -33.06 -46.73 31.17
CA ALA K 156 -32.70 -45.30 31.26
C ALA K 156 -33.85 -44.33 31.63
N ALA K 157 -33.55 -43.03 31.71
CA ALA K 157 -34.39 -42.02 32.36
C ALA K 157 -35.81 -41.91 31.78
N GLU K 158 -35.96 -41.92 30.47
CA GLU K 158 -37.27 -41.89 29.83
C GLU K 158 -38.07 -43.12 30.23
N THR K 159 -37.47 -44.31 30.20
CA THR K 159 -38.14 -45.53 30.66
C THR K 159 -38.57 -45.36 32.12
N PHE K 160 -37.71 -44.78 32.95
CA PHE K 160 -38.00 -44.50 34.34
C PHE K 160 -39.24 -43.61 34.47
N THR K 161 -39.37 -42.56 33.65
CA THR K 161 -40.54 -41.69 33.74
C THR K 161 -41.86 -42.43 33.53
N LEU K 162 -41.90 -43.37 32.60
CA LEU K 162 -43.10 -44.17 32.36
C LEU K 162 -43.31 -45.27 33.40
N SER K 163 -42.34 -45.52 34.26
CA SER K 163 -42.36 -46.63 35.18
C SER K 163 -42.86 -46.23 36.56
N GLN K 164 -44.00 -45.54 36.60
CA GLN K 164 -44.60 -45.14 37.87
C GLN K 164 -45.00 -46.39 38.67
N GLY K 165 -44.56 -46.49 39.92
CA GLY K 165 -44.77 -47.64 40.79
C GLY K 165 -43.73 -48.76 40.66
N ALA K 166 -42.71 -48.65 39.81
CA ALA K 166 -41.72 -49.72 39.66
C ALA K 166 -40.69 -49.84 40.79
N SER K 167 -40.78 -49.04 41.87
CA SER K 167 -39.99 -49.28 43.09
C SER K 167 -40.55 -50.41 43.96
N LEU K 168 -41.79 -50.86 43.70
CA LEU K 168 -42.48 -51.92 44.44
C LEU K 168 -41.72 -53.25 44.49
N GLU K 169 -41.78 -53.95 45.63
CA GLU K 169 -41.50 -55.38 45.68
C GLU K 169 -42.43 -56.16 44.74
N ALA K 170 -41.90 -57.21 44.11
CA ALA K 170 -42.53 -57.92 43.00
C ALA K 170 -43.98 -58.31 43.31
N ARG K 171 -44.23 -58.85 44.50
CA ARG K 171 -45.55 -59.31 44.95
C ARG K 171 -46.64 -58.26 44.80
N PHE K 172 -46.31 -56.99 44.96
CA PHE K 172 -47.30 -55.94 44.83
C PHE K 172 -47.65 -55.65 43.38
N ARG K 173 -46.75 -55.92 42.44
CA ARG K 173 -46.93 -55.51 41.04
C ARG K 173 -48.18 -56.15 40.43
N PRO K 174 -48.49 -57.43 40.68
CA PRO K 174 -49.77 -58.03 40.34
C PRO K 174 -50.98 -57.31 40.95
N ILE K 175 -50.90 -56.96 42.24
CA ILE K 175 -52.01 -56.32 42.97
C ILE K 175 -52.33 -54.95 42.35
N MET K 176 -51.31 -54.16 42.03
CA MET K 176 -51.46 -52.75 41.61
C MET K 176 -51.81 -52.55 40.13
N GLU K 177 -52.26 -53.59 39.41
CA GLU K 177 -52.30 -53.68 37.95
C GLU K 177 -52.74 -52.40 37.21
N LYS K 178 -53.77 -51.71 37.71
CA LYS K 178 -54.42 -50.58 37.04
C LYS K 178 -53.57 -49.30 37.04
N HIS K 179 -52.87 -49.03 38.13
CA HIS K 179 -52.33 -47.69 38.38
C HIS K 179 -50.87 -47.54 38.00
N LEU K 180 -50.12 -48.63 37.94
CA LEU K 180 -48.70 -48.62 37.54
C LEU K 180 -48.54 -48.00 36.14
N GLY K 181 -47.54 -47.13 35.99
CA GLY K 181 -47.19 -46.55 34.70
C GLY K 181 -46.69 -47.64 33.76
N VAL K 182 -47.01 -47.55 32.46
CA VAL K 182 -46.81 -48.63 31.48
C VAL K 182 -45.37 -49.15 31.49
N GLY K 183 -44.43 -48.23 31.69
CA GLY K 183 -43.00 -48.55 31.80
C GLY K 183 -42.71 -49.58 32.86
N THR K 184 -43.45 -49.58 33.97
CA THR K 184 -43.28 -50.54 35.05
C THR K 184 -43.47 -51.96 34.54
N VAL K 185 -44.55 -52.17 33.80
CA VAL K 185 -44.84 -53.47 33.18
C VAL K 185 -43.76 -53.80 32.16
N VAL K 186 -43.42 -52.84 31.31
CA VAL K 186 -42.45 -53.03 30.23
C VAL K 186 -41.09 -53.44 30.78
N ALA K 187 -40.59 -52.68 31.74
CA ALA K 187 -39.34 -52.95 32.43
C ALA K 187 -39.38 -54.33 33.07
N SER K 188 -40.51 -54.67 33.69
CA SER K 188 -40.70 -55.99 34.25
C SER K 188 -40.52 -57.05 33.18
N ILE K 189 -41.19 -56.94 32.03
CA ILE K 189 -41.07 -57.93 30.95
C ILE K 189 -39.62 -58.05 30.50
N LYS K 190 -38.96 -56.92 30.26
CA LYS K 190 -37.58 -56.91 29.78
C LYS K 190 -36.66 -57.59 30.79
N ASN K 191 -36.86 -57.34 32.07
CA ASN K 191 -36.10 -58.00 33.11
C ASN K 191 -36.50 -59.47 33.29
N ILE K 192 -37.73 -59.87 33.00
CA ILE K 192 -38.13 -61.28 32.99
C ILE K 192 -37.32 -62.06 31.94
N LEU K 193 -37.12 -61.49 30.75
CA LEU K 193 -36.27 -62.11 29.73
C LEU K 193 -34.82 -62.26 30.19
N ALA K 194 -34.30 -61.27 30.92
CA ALA K 194 -32.99 -61.42 31.57
C ALA K 194 -33.01 -62.53 32.62
N SER K 195 -34.05 -62.62 33.45
CA SER K 195 -34.20 -63.69 34.43
C SER K 195 -34.22 -65.06 33.79
N LYS K 196 -34.85 -65.22 32.63
CA LYS K 196 -34.79 -66.47 31.85
C LYS K 196 -33.37 -66.86 31.45
N LYS K 197 -32.43 -65.92 31.29
CA LYS K 197 -31.01 -66.25 31.21
C LYS K 197 -30.41 -66.53 32.59
N ASN K 198 -30.60 -65.60 33.52
CA ASN K 198 -29.77 -65.51 34.73
C ASN K 198 -30.16 -66.48 35.85
N GLY K 199 -31.41 -66.95 35.89
CA GLY K 199 -31.88 -67.88 36.93
C GLY K 199 -32.08 -67.27 38.34
N ASN K 200 -32.01 -65.94 38.46
CA ASN K 200 -32.22 -65.15 39.67
C ASN K 200 -33.71 -65.04 40.11
N TYR K 201 -34.53 -66.01 39.72
CA TYR K 201 -35.98 -65.95 39.79
C TYR K 201 -36.60 -67.36 39.89
N ARG K 202 -37.83 -67.42 40.40
CA ARG K 202 -38.76 -68.54 40.21
C ARG K 202 -39.98 -68.07 39.41
N ASN K 203 -40.24 -68.71 38.27
CA ASN K 203 -41.48 -68.50 37.49
C ASN K 203 -42.71 -69.13 38.22
N LYS K 204 -43.92 -68.69 37.87
CA LYS K 204 -45.15 -68.81 38.72
C LYS K 204 -46.46 -68.86 37.92
N MET K 205 -47.58 -69.15 38.60
CA MET K 205 -48.94 -69.14 38.01
C MET K 205 -49.97 -68.55 39.01
N VAL K 206 -50.91 -67.73 38.53
CA VAL K 206 -51.92 -67.02 39.32
C VAL K 206 -53.29 -66.93 38.61
N ARG K 207 -54.34 -66.55 39.36
CA ARG K 207 -55.73 -66.34 38.92
C ARG K 207 -56.38 -65.13 39.63
N LYS K 208 -57.26 -64.37 38.96
CA LYS K 208 -57.85 -63.11 39.47
C LYS K 208 -59.39 -63.09 39.36
N PRO K 209 -60.13 -63.46 40.42
CA PRO K 209 -61.59 -63.41 40.47
C PRO K 209 -62.18 -62.00 40.31
N GLY K 210 -63.44 -61.95 39.89
CA GLY K 210 -64.14 -60.72 39.49
C GLY K 210 -63.63 -60.09 38.17
N GLY K 211 -62.40 -60.40 37.75
CA GLY K 211 -61.80 -60.01 36.47
C GLY K 211 -61.74 -61.15 35.45
N ASN K 212 -60.86 -62.14 35.67
CA ASN K 212 -60.67 -63.30 34.80
C ASN K 212 -60.17 -64.52 35.59
N ARG K 213 -60.94 -65.61 35.55
CA ARG K 213 -60.61 -66.92 36.15
C ARG K 213 -59.51 -67.69 35.38
N GLU K 214 -58.97 -67.13 34.31
CA GLU K 214 -57.76 -67.64 33.67
C GLU K 214 -56.60 -67.82 34.67
N SER K 215 -55.84 -68.89 34.47
CA SER K 215 -54.93 -69.46 35.45
C SER K 215 -53.58 -69.65 34.81
N TRP K 216 -52.69 -68.69 35.00
CA TRP K 216 -51.62 -68.43 34.03
C TRP K 216 -50.46 -67.62 34.62
N SER K 217 -49.35 -67.55 33.87
CA SER K 217 -48.04 -67.11 34.33
C SER K 217 -47.82 -65.60 34.22
N PRO K 218 -46.66 -65.09 34.69
CA PRO K 218 -46.22 -63.73 34.41
C PRO K 218 -46.30 -63.37 32.93
N LEU K 219 -46.01 -64.30 32.01
CA LEU K 219 -46.08 -64.02 30.59
C LEU K 219 -47.49 -63.52 30.23
N GLU K 220 -48.49 -64.32 30.55
CA GLU K 220 -49.87 -63.96 30.32
C GLU K 220 -50.29 -62.74 31.14
N ARG K 221 -49.92 -62.71 32.42
CA ARG K 221 -50.29 -61.64 33.36
C ARG K 221 -49.79 -60.29 32.86
N GLU K 222 -48.51 -60.23 32.51
CA GLU K 222 -47.91 -59.04 31.95
C GLU K 222 -48.60 -58.68 30.64
N ILE K 223 -48.76 -59.61 29.71
CA ILE K 223 -49.41 -59.32 28.43
C ILE K 223 -50.82 -58.80 28.65
N SER K 224 -51.53 -59.36 29.61
CA SER K 224 -52.87 -58.93 29.96
C SER K 224 -52.85 -57.50 30.48
N PHE K 225 -51.97 -57.21 31.43
CA PHE K 225 -51.86 -55.84 31.96
C PHE K 225 -51.48 -54.87 30.84
N LEU K 226 -50.58 -55.30 29.95
CA LEU K 226 -50.14 -54.53 28.80
C LEU K 226 -51.32 -54.27 27.86
N ASN K 227 -52.18 -55.25 27.63
CA ASN K 227 -53.37 -55.06 26.84
C ASN K 227 -54.33 -54.09 27.53
N LYS K 228 -54.49 -54.19 28.85
CA LYS K 228 -55.31 -53.26 29.64
C LYS K 228 -54.82 -51.81 29.58
N LYS K 229 -53.57 -51.59 29.15
CA LYS K 229 -52.95 -50.26 29.05
C LYS K 229 -52.83 -49.71 27.63
N LEU K 230 -52.44 -50.53 26.66
CA LEU K 230 -52.05 -50.05 25.33
C LEU K 230 -53.20 -49.40 24.55
N PHE K 231 -52.82 -48.55 23.60
CA PHE K 231 -53.75 -47.79 22.76
C PHE K 231 -54.54 -48.73 21.83
N PRO K 232 -55.88 -48.57 21.75
CA PRO K 232 -56.72 -49.37 20.87
C PRO K 232 -56.28 -49.33 19.40
N GLY K 233 -56.60 -50.36 18.62
CA GLY K 233 -55.98 -50.49 17.30
C GLY K 233 -54.51 -50.92 17.43
N PRO K 234 -53.56 -50.23 16.80
CA PRO K 234 -52.25 -50.80 16.48
C PRO K 234 -51.51 -51.32 17.70
N MET K 235 -51.52 -50.57 18.80
CA MET K 235 -50.73 -50.92 19.97
C MET K 235 -51.35 -52.14 20.68
N ARG K 236 -52.67 -52.17 20.89
CA ARG K 236 -53.30 -53.41 21.36
C ARG K 236 -53.14 -54.55 20.38
N GLN K 237 -53.10 -54.30 19.07
CA GLN K 237 -52.86 -55.37 18.10
C GLN K 237 -51.46 -55.95 18.25
N LEU K 238 -50.46 -55.11 18.49
CA LEU K 238 -49.12 -55.55 18.86
C LEU K 238 -49.18 -56.34 20.17
N CYS K 239 -50.03 -55.92 21.10
CA CYS K 239 -50.25 -56.63 22.36
C CYS K 239 -50.77 -58.06 22.12
N LYS K 240 -51.72 -58.23 21.20
CA LYS K 240 -52.20 -59.56 20.82
C LYS K 240 -51.12 -60.39 20.14
N LYS K 241 -50.35 -59.80 19.22
CA LYS K 241 -49.22 -60.46 18.53
C LYS K 241 -48.16 -60.97 19.50
N PHE K 242 -48.06 -60.36 20.68
CA PHE K 242 -46.84 -60.37 21.49
C PHE K 242 -46.29 -61.77 21.77
N GLU K 243 -47.15 -62.77 22.02
CA GLU K 243 -46.72 -64.15 22.27
C GLU K 243 -45.97 -64.78 21.09
N TYR K 244 -46.11 -64.21 19.90
CA TYR K 244 -45.59 -64.70 18.64
C TYR K 244 -44.48 -63.80 18.07
N LEU K 245 -44.12 -62.73 18.75
CA LEU K 245 -42.83 -62.05 18.58
C LEU K 245 -41.69 -62.95 19.09
N ASN K 246 -40.53 -62.96 18.45
CA ASN K 246 -39.32 -63.55 19.05
C ASN K 246 -38.79 -62.67 20.21
N GLU K 247 -37.86 -63.17 21.03
CA GLU K 247 -37.42 -62.44 22.24
C GLU K 247 -36.82 -61.05 21.93
N GLN K 248 -35.97 -60.95 20.91
CA GLN K 248 -35.44 -59.65 20.51
C GLN K 248 -36.55 -58.78 19.93
N GLU K 249 -37.44 -59.33 19.11
CA GLU K 249 -38.61 -58.62 18.64
C GLU K 249 -39.45 -58.10 19.80
N LYS K 250 -39.62 -58.88 20.86
CA LYS K 250 -40.30 -58.42 22.08
C LYS K 250 -39.54 -57.24 22.65
N GLN K 251 -38.23 -57.32 22.83
CA GLN K 251 -37.47 -56.19 23.36
C GLN K 251 -37.60 -54.95 22.47
N LEU K 252 -37.48 -55.11 21.17
CA LEU K 252 -37.58 -54.03 20.21
C LEU K 252 -38.97 -53.40 20.24
N ALA K 253 -40.00 -54.23 20.22
CA ALA K 253 -41.38 -53.81 20.30
C ALA K 253 -41.62 -53.05 21.60
N LEU K 254 -41.18 -53.61 22.72
CA LEU K 254 -41.29 -52.97 24.03
C LEU K 254 -40.65 -51.59 23.97
N ASN K 255 -39.45 -51.48 23.43
CA ASN K 255 -38.80 -50.19 23.31
C ASN K 255 -39.66 -49.23 22.51
N LEU K 256 -40.09 -49.60 21.30
CA LEU K 256 -40.81 -48.64 20.48
C LEU K 256 -42.18 -48.32 21.10
N MET K 257 -42.87 -49.28 21.69
CA MET K 257 -44.14 -49.02 22.37
C MET K 257 -43.92 -48.10 23.55
N LEU K 258 -42.84 -48.30 24.29
CA LEU K 258 -42.51 -47.46 25.41
C LEU K 258 -42.25 -46.03 24.92
N ASP K 259 -41.47 -45.87 23.86
CA ASP K 259 -41.25 -44.57 23.25
C ASP K 259 -42.56 -43.94 22.80
N ALA K 260 -43.41 -44.71 22.13
CA ALA K 260 -44.70 -44.24 21.67
C ALA K 260 -45.54 -43.78 22.86
N SER K 261 -45.47 -44.49 23.97
CA SER K 261 -46.16 -44.12 25.21
C SER K 261 -45.66 -42.81 25.80
N LEU K 262 -44.44 -42.35 25.46
CA LEU K 262 -44.03 -41.00 25.85
C LEU K 262 -44.99 -39.95 25.25
N ILE K 263 -45.52 -40.15 24.05
CA ILE K 263 -46.54 -39.26 23.46
C ILE K 263 -47.94 -39.78 23.75
N LEU K 264 -48.22 -41.02 23.36
CA LEU K 264 -49.54 -41.62 23.38
C LEU K 264 -49.99 -41.85 24.82
N LYS K 265 -51.20 -41.39 25.17
CA LYS K 265 -51.77 -41.52 26.51
C LYS K 265 -53.08 -42.35 26.55
N PRO K 266 -53.10 -43.61 26.12
CA PRO K 266 -54.27 -44.48 26.33
C PRO K 266 -54.52 -44.74 27.83
N GLN K 267 -55.56 -45.51 28.17
CA GLN K 267 -56.02 -45.71 29.55
C GLN K 267 -54.94 -46.21 30.53
N VAL K 268 -54.53 -45.34 31.46
CA VAL K 268 -53.60 -45.62 32.57
C VAL K 268 -54.15 -44.95 33.84
N THR K 269 -54.16 -45.66 34.98
CA THR K 269 -55.11 -45.26 36.02
C THR K 269 -54.45 -44.39 37.07
N HIS K 270 -54.97 -43.18 37.29
CA HIS K 270 -54.57 -42.35 38.41
C HIS K 270 -54.94 -43.06 39.73
N LYS K 271 -54.34 -42.65 40.86
CA LYS K 271 -54.90 -42.91 42.20
C LYS K 271 -54.45 -41.82 43.18
N MET K 272 -55.21 -41.59 44.25
CA MET K 272 -54.70 -40.92 45.45
C MET K 272 -54.39 -41.94 46.55
N ILE K 273 -53.27 -41.77 47.26
CA ILE K 273 -53.00 -42.41 48.53
C ILE K 273 -52.40 -41.35 49.44
N MET K 274 -53.23 -40.74 50.30
CA MET K 274 -52.68 -39.99 51.42
C MET K 274 -52.06 -40.96 52.45
N PRO K 275 -50.99 -40.55 53.16
CA PRO K 275 -50.47 -41.22 54.35
C PRO K 275 -51.53 -41.60 55.40
N TRP K 276 -51.32 -42.74 56.06
CA TRP K 276 -52.17 -43.17 57.17
C TRP K 276 -52.19 -42.15 58.31
N SER K 277 -51.07 -41.49 58.62
CA SER K 277 -51.09 -40.41 59.62
C SER K 277 -51.92 -39.21 59.15
N MET K 278 -52.08 -38.98 57.85
CA MET K 278 -53.01 -37.97 57.34
C MET K 278 -54.45 -38.46 57.49
N TRP K 279 -54.73 -39.74 57.29
CA TRP K 279 -56.03 -40.27 57.67
C TRP K 279 -56.29 -40.14 59.17
N LEU K 280 -55.31 -40.41 60.01
CA LEU K 280 -55.42 -40.14 61.44
C LEU K 280 -55.67 -38.66 61.68
N ALA K 281 -54.96 -37.77 60.96
CA ALA K 281 -55.14 -36.34 61.09
C ALA K 281 -56.58 -35.97 60.74
N VAL K 282 -57.15 -36.57 59.69
CA VAL K 282 -58.57 -36.39 59.36
C VAL K 282 -59.44 -36.81 60.55
N LYS K 283 -59.19 -37.95 61.19
CA LYS K 283 -59.96 -38.36 62.38
C LYS K 283 -59.86 -37.31 63.47
N LYS K 284 -58.65 -36.97 63.90
CA LYS K 284 -58.47 -36.01 64.98
C LYS K 284 -59.00 -34.62 64.60
N TYR K 285 -58.94 -34.26 63.34
CA TYR K 285 -59.55 -33.03 62.85
C TYR K 285 -61.04 -33.09 63.06
N ALA K 286 -61.69 -34.17 62.61
CA ALA K 286 -63.11 -34.36 62.81
C ALA K 286 -63.42 -34.24 64.30
N GLU K 287 -62.63 -34.90 65.14
CA GLU K 287 -62.79 -34.80 66.59
C GLU K 287 -62.68 -33.33 67.05
N MET K 288 -61.62 -32.62 66.67
CA MET K 288 -61.43 -31.24 67.11
C MET K 288 -62.44 -30.28 66.51
N ASN K 289 -63.14 -30.68 65.46
CA ASN K 289 -64.25 -29.94 64.87
C ASN K 289 -65.60 -30.23 65.54
N LYS K 290 -65.66 -31.09 66.56
CA LYS K 290 -66.88 -31.38 67.36
C LYS K 290 -68.08 -31.87 66.52
N GLY K 291 -67.87 -32.93 65.73
CA GLY K 291 -68.97 -33.77 65.22
C GLY K 291 -69.61 -33.35 63.89
N SER K 292 -68.80 -32.90 62.91
CA SER K 292 -69.27 -32.52 61.56
C SER K 292 -68.46 -33.09 60.36
N PRO K 293 -67.11 -33.17 60.37
CA PRO K 293 -66.36 -33.80 59.27
C PRO K 293 -66.47 -35.32 59.31
N SER K 294 -67.03 -35.94 58.28
CA SER K 294 -67.33 -37.38 58.25
C SER K 294 -66.47 -38.13 57.22
N LEU K 295 -65.74 -39.14 57.66
CA LEU K 295 -64.77 -39.87 56.85
C LEU K 295 -65.39 -40.53 55.61
N GLU K 296 -66.63 -41.01 55.69
CA GLU K 296 -67.29 -41.57 54.51
C GLU K 296 -67.44 -40.55 53.40
N ASP K 297 -67.60 -39.27 53.75
CA ASP K 297 -67.62 -38.18 52.77
C ASP K 297 -66.32 -38.09 51.98
N LEU K 298 -65.22 -38.57 52.55
CA LEU K 298 -63.87 -38.55 52.00
C LEU K 298 -63.41 -39.91 51.43
N ALA K 299 -64.23 -40.96 51.59
CA ALA K 299 -63.82 -42.35 51.43
C ALA K 299 -63.86 -42.86 49.97
N ALA K 300 -63.04 -42.32 49.06
CA ALA K 300 -62.94 -42.77 47.67
C ALA K 300 -61.51 -42.67 47.08
N TYR K 301 -61.19 -43.57 46.14
CA TYR K 301 -59.90 -43.61 45.44
C TYR K 301 -59.86 -42.70 44.20
N SER K 302 -60.89 -41.87 44.04
CA SER K 302 -61.18 -41.07 42.86
C SER K 302 -62.10 -39.90 43.24
N GLY K 303 -62.17 -38.89 42.39
CA GLY K 303 -63.07 -37.76 42.57
C GLY K 303 -62.64 -36.73 43.61
N VAL K 304 -63.35 -35.61 43.63
CA VAL K 304 -63.00 -34.39 44.38
C VAL K 304 -62.88 -34.60 45.90
N ARG K 305 -63.50 -35.65 46.42
CA ARG K 305 -63.33 -36.12 47.79
C ARG K 305 -61.86 -36.24 48.18
N ALA K 306 -60.99 -36.58 47.25
CA ALA K 306 -59.55 -36.59 47.47
C ALA K 306 -58.98 -35.20 47.77
N PHE K 307 -59.35 -34.17 47.00
CA PHE K 307 -58.90 -32.80 47.28
C PHE K 307 -59.49 -32.28 48.59
N MET K 308 -60.75 -32.64 48.90
CA MET K 308 -61.33 -32.36 50.22
C MET K 308 -60.39 -32.89 51.31
N ALA K 309 -59.99 -34.16 51.23
CA ALA K 309 -59.15 -34.79 52.24
C ALA K 309 -57.75 -34.15 52.33
N PHE K 310 -57.11 -33.89 51.20
CA PHE K 310 -55.78 -33.31 51.22
C PHE K 310 -55.83 -31.90 51.80
N ASN K 311 -56.70 -31.02 51.30
CA ASN K 311 -56.83 -29.69 51.87
C ASN K 311 -57.24 -29.74 53.34
N THR K 312 -58.05 -30.72 53.73
CA THR K 312 -58.34 -30.93 55.15
C THR K 312 -57.03 -31.17 55.90
N ALA K 313 -56.18 -32.07 55.42
CA ALA K 313 -54.88 -32.29 56.02
C ALA K 313 -54.07 -30.98 56.04
N CYS K 314 -54.26 -30.12 55.05
CA CYS K 314 -53.58 -28.84 54.97
C CYS K 314 -53.94 -27.86 56.07
N TYR K 315 -54.94 -28.11 56.91
CA TYR K 315 -55.17 -27.25 58.05
C TYR K 315 -53.98 -27.26 59.01
N MET K 316 -53.72 -28.39 59.68
CA MET K 316 -52.81 -28.42 60.85
C MET K 316 -51.90 -29.67 60.94
N SER K 317 -51.77 -30.48 59.88
CA SER K 317 -50.94 -31.70 59.93
C SER K 317 -49.45 -31.37 60.13
N LYS K 318 -48.66 -32.27 60.74
CA LYS K 318 -47.27 -31.98 61.15
C LYS K 318 -46.24 -32.98 60.65
N PHE K 319 -45.04 -32.51 60.43
CA PHE K 319 -43.94 -33.23 59.80
C PHE K 319 -42.61 -32.58 60.20
N THR K 320 -41.50 -33.29 59.99
CA THR K 320 -40.18 -32.78 60.36
C THR K 320 -39.64 -31.77 59.36
N ILE K 321 -38.82 -30.86 59.84
CA ILE K 321 -37.86 -30.08 59.08
C ILE K 321 -36.47 -30.38 59.62
N GLY K 322 -35.66 -31.07 58.81
CA GLY K 322 -34.22 -31.05 58.96
C GLY K 322 -33.65 -29.78 58.31
N LYS K 323 -32.61 -29.19 58.89
CA LYS K 323 -31.87 -28.09 58.25
C LYS K 323 -31.11 -28.58 57.00
N GLY K 324 -30.63 -29.82 57.02
CA GLY K 324 -30.00 -30.51 55.90
C GLY K 324 -30.98 -30.86 54.77
N ILE K 325 -30.47 -31.47 53.71
CA ILE K 325 -31.16 -31.49 52.41
C ILE K 325 -30.98 -32.81 51.69
N VAL K 326 -31.99 -33.23 50.95
CA VAL K 326 -31.78 -34.10 49.78
C VAL K 326 -31.32 -33.16 48.66
N GLY K 327 -30.05 -32.78 48.73
CA GLY K 327 -29.38 -31.84 47.83
C GLY K 327 -27.87 -31.76 48.10
N ASP K 328 -27.15 -30.93 47.34
CA ASP K 328 -25.68 -30.88 47.41
C ASP K 328 -25.06 -29.49 47.25
N ALA K 329 -25.58 -28.66 46.33
CA ALA K 329 -25.15 -27.27 46.16
C ALA K 329 -25.67 -26.35 47.29
N GLU K 330 -25.16 -25.12 47.37
CA GLU K 330 -25.56 -24.14 48.41
C GLU K 330 -26.99 -23.58 48.24
N ILE K 331 -27.61 -23.72 47.07
CA ILE K 331 -29.01 -23.34 46.83
C ILE K 331 -29.98 -24.36 47.46
N MET K 332 -30.91 -23.89 48.29
CA MET K 332 -31.90 -24.71 49.00
C MET K 332 -33.18 -23.92 49.32
N GLU K 333 -34.27 -24.61 49.61
CA GLU K 333 -35.62 -24.03 49.70
C GLU K 333 -36.60 -24.84 50.58
N ASN K 334 -37.69 -24.17 50.95
CA ASN K 334 -38.48 -24.37 52.17
C ASN K 334 -39.43 -25.58 52.25
N GLY K 335 -40.12 -25.67 53.39
CA GLY K 335 -41.14 -26.68 53.68
C GLY K 335 -42.28 -26.73 52.67
N ASN K 336 -42.65 -25.64 52.02
CA ASN K 336 -43.66 -25.72 50.98
C ASN K 336 -43.16 -26.63 49.83
N ASP K 337 -41.87 -26.73 49.59
CA ASP K 337 -41.36 -27.72 48.65
C ASP K 337 -41.58 -29.14 49.16
N LYS K 338 -41.40 -29.40 50.46
CA LYS K 338 -41.86 -30.69 51.03
C LYS K 338 -43.35 -30.84 50.76
N MET K 339 -44.13 -29.78 50.93
CA MET K 339 -45.56 -29.85 50.73
C MET K 339 -45.88 -30.22 49.29
N GLN K 340 -45.16 -29.65 48.32
CA GLN K 340 -45.26 -30.09 46.94
C GLN K 340 -44.91 -31.57 46.84
N THR K 341 -43.80 -32.00 47.43
CA THR K 341 -43.35 -33.39 47.28
C THR K 341 -44.42 -34.34 47.79
N LEU K 342 -44.97 -34.03 48.97
CA LEU K 342 -46.06 -34.79 49.56
C LEU K 342 -47.21 -34.87 48.56
N ALA K 343 -47.63 -33.74 48.02
CA ALA K 343 -48.73 -33.72 47.07
C ALA K 343 -48.42 -34.60 45.86
N MET K 344 -47.20 -34.48 45.32
CA MET K 344 -46.78 -35.27 44.18
C MET K 344 -46.91 -36.74 44.52
N ALA K 345 -46.37 -37.16 45.65
CA ALA K 345 -46.46 -38.54 46.06
C ALA K 345 -47.93 -38.96 46.30
N CYS K 346 -48.75 -38.07 46.86
CA CYS K 346 -50.12 -38.41 47.24
C CYS K 346 -51.01 -38.61 46.02
N PHE K 347 -50.93 -37.73 45.02
CA PHE K 347 -51.78 -37.80 43.83
C PHE K 347 -51.11 -38.44 42.62
N GLY K 348 -49.84 -38.81 42.69
CA GLY K 348 -49.10 -39.38 41.54
C GLY K 348 -48.77 -38.37 40.45
N LEU K 349 -48.50 -37.10 40.82
CA LEU K 349 -48.34 -35.97 39.89
C LEU K 349 -47.04 -35.97 39.06
N ALA K 350 -46.13 -36.92 39.26
CA ALA K 350 -44.75 -36.86 38.76
C ALA K 350 -44.64 -36.63 37.24
N TYR K 351 -45.67 -37.01 36.47
CA TYR K 351 -45.72 -36.78 35.01
C TYR K 351 -46.96 -36.00 34.58
N GLU K 352 -47.69 -35.46 35.54
CA GLU K 352 -48.76 -34.48 35.33
C GLU K 352 -48.17 -33.14 34.87
N ASP K 353 -49.00 -32.26 34.30
CA ASP K 353 -48.56 -30.90 33.96
C ASP K 353 -48.30 -30.03 35.20
N THR K 354 -47.07 -29.56 35.33
CA THR K 354 -46.67 -28.55 36.32
C THR K 354 -47.53 -27.30 36.25
N GLY K 355 -47.95 -26.83 35.08
CA GLY K 355 -48.79 -25.63 34.96
C GLY K 355 -50.16 -25.83 35.59
N ILE K 356 -50.83 -26.92 35.22
CA ILE K 356 -52.06 -27.39 35.85
C ILE K 356 -51.86 -27.42 37.35
N VAL K 357 -50.81 -28.09 37.82
CA VAL K 357 -50.60 -28.22 39.25
C VAL K 357 -50.36 -26.83 39.86
N ALA K 358 -49.59 -25.96 39.20
CA ALA K 358 -49.27 -24.64 39.69
C ALA K 358 -50.53 -23.82 39.93
N ALA K 359 -51.51 -23.91 39.04
CA ALA K 359 -52.79 -23.27 39.24
C ALA K 359 -53.59 -23.91 40.39
N MET K 360 -53.63 -25.23 40.52
CA MET K 360 -54.41 -25.90 41.57
C MET K 360 -53.85 -25.64 42.96
N ILE K 361 -52.57 -25.96 43.16
CA ILE K 361 -51.82 -25.52 44.33
C ILE K 361 -51.72 -24.00 44.40
N SER K 362 -52.15 -23.30 43.36
CA SER K 362 -52.28 -21.84 43.34
C SER K 362 -50.95 -21.11 43.64
N GLN K 363 -49.82 -21.73 43.29
CA GLN K 363 -48.41 -21.30 43.44
C GLN K 363 -47.55 -21.91 42.30
N PRO K 364 -46.43 -21.30 41.88
CA PRO K 364 -45.62 -21.80 40.75
C PRO K 364 -45.09 -23.23 40.95
N MET K 365 -45.00 -24.01 39.87
CA MET K 365 -44.44 -25.38 39.87
C MET K 365 -43.09 -25.53 39.15
N LYS K 366 -42.47 -26.71 39.31
CA LYS K 366 -41.02 -26.91 39.24
C LYS K 366 -40.61 -28.23 38.57
N LYS K 367 -39.34 -28.30 38.16
CA LYS K 367 -38.63 -29.51 37.73
C LYS K 367 -37.53 -29.89 38.70
N ARG K 368 -36.92 -31.07 38.58
CA ARG K 368 -35.98 -31.57 39.59
C ARG K 368 -34.81 -30.63 39.84
N TYR K 369 -34.33 -29.93 38.83
CA TYR K 369 -33.25 -28.96 39.04
C TYR K 369 -33.62 -27.93 40.09
N GLN K 370 -34.91 -27.69 40.29
CA GLN K 370 -35.44 -26.80 41.28
C GLN K 370 -35.98 -27.51 42.54
N LEU K 371 -36.44 -28.77 42.47
CA LEU K 371 -37.10 -29.43 43.63
C LEU K 371 -36.13 -29.73 44.78
N ARG K 372 -36.48 -29.33 46.01
CA ARG K 372 -35.78 -29.66 47.27
C ARG K 372 -36.72 -30.37 48.25
N VAL K 373 -36.21 -31.32 49.05
CA VAL K 373 -36.94 -32.04 50.10
C VAL K 373 -35.97 -32.70 51.11
N GLY K 374 -36.49 -33.18 52.25
CA GLY K 374 -35.78 -34.09 53.17
C GLY K 374 -36.00 -35.58 52.86
N ASN K 375 -35.37 -36.46 53.63
CA ASN K 375 -35.35 -37.91 53.40
C ASN K 375 -36.56 -38.69 53.94
N PHE K 376 -37.44 -38.07 54.75
CA PHE K 376 -38.51 -38.72 55.51
C PHE K 376 -38.06 -39.84 56.48
N ASN K 377 -36.79 -39.86 56.93
CA ASN K 377 -36.21 -40.93 57.77
C ASN K 377 -35.76 -40.38 59.15
N PRO K 378 -36.27 -40.86 60.31
CA PRO K 378 -36.24 -40.10 61.56
C PRO K 378 -34.84 -39.65 62.00
N PRO K 379 -34.68 -38.45 62.55
CA PRO K 379 -33.40 -37.74 62.45
C PRO K 379 -32.52 -37.86 63.69
N GLU K 380 -31.26 -37.45 63.60
CA GLU K 380 -30.45 -37.23 64.81
C GLU K 380 -30.99 -36.03 65.62
N LYS K 381 -31.18 -34.90 64.94
CA LYS K 381 -31.73 -33.62 65.46
C LYS K 381 -32.51 -32.90 64.36
N GLY K 382 -33.49 -32.07 64.72
CA GLY K 382 -34.29 -31.30 63.77
C GLY K 382 -35.43 -30.55 64.47
N THR K 383 -36.34 -29.94 63.71
CA THR K 383 -37.49 -29.18 64.25
C THR K 383 -38.82 -29.58 63.59
N ILE K 384 -39.95 -29.49 64.28
CA ILE K 384 -41.27 -29.81 63.70
C ILE K 384 -41.81 -28.62 62.90
N LYS K 385 -42.62 -28.88 61.86
CA LYS K 385 -43.43 -27.87 61.20
C LYS K 385 -44.81 -28.42 60.86
N GLY K 386 -45.77 -27.51 60.74
CA GLY K 386 -47.17 -27.77 60.37
C GLY K 386 -47.57 -27.21 58.99
N THR K 387 -48.69 -27.68 58.44
CA THR K 387 -49.15 -27.38 57.06
C THR K 387 -49.53 -25.93 56.78
N SER K 388 -49.18 -25.46 55.58
CA SER K 388 -49.73 -24.23 54.98
C SER K 388 -51.21 -24.43 54.59
N ALA K 389 -52.07 -23.46 54.88
CA ALA K 389 -53.52 -23.61 54.80
C ALA K 389 -54.07 -23.86 53.37
N GLY K 390 -55.08 -24.74 53.23
CA GLY K 390 -55.95 -24.87 52.04
C GLY K 390 -55.29 -25.22 50.71
N TYR K 391 -54.06 -25.71 50.75
CA TYR K 391 -53.03 -25.58 49.72
C TYR K 391 -53.46 -25.72 48.24
N PHE K 392 -54.26 -26.71 47.87
CA PHE K 392 -54.88 -26.76 46.53
C PHE K 392 -56.02 -25.74 46.48
N HIS K 393 -55.72 -24.45 46.48
CA HIS K 393 -56.77 -23.43 46.58
C HIS K 393 -57.66 -23.42 45.33
N LYS K 394 -57.20 -24.06 44.27
CA LYS K 394 -58.01 -24.58 43.18
C LYS K 394 -57.88 -26.11 43.12
N TRP K 395 -58.94 -26.80 42.71
CA TRP K 395 -59.01 -28.26 42.48
C TRP K 395 -59.20 -28.58 40.98
N ALA K 396 -59.37 -29.86 40.63
CA ALA K 396 -59.81 -30.28 39.30
C ALA K 396 -60.43 -31.70 39.28
N GLU K 397 -61.18 -32.02 38.23
CA GLU K 397 -61.68 -33.37 37.94
C GLU K 397 -60.57 -34.30 37.40
N PHE K 398 -60.39 -35.48 38.01
CA PHE K 398 -59.38 -36.48 37.63
C PHE K 398 -59.72 -37.22 36.31
N GLY K 399 -58.83 -38.10 35.85
CA GLY K 399 -58.97 -38.78 34.57
C GLY K 399 -57.80 -39.70 34.27
N ASN K 400 -57.92 -40.47 33.18
CA ASN K 400 -57.11 -41.67 32.97
C ASN K 400 -56.65 -41.92 31.52
N ARG K 401 -56.99 -41.05 30.56
CA ARG K 401 -56.63 -41.22 29.14
C ARG K 401 -56.63 -39.92 28.36
N LEU K 402 -56.05 -39.99 27.16
CA LEU K 402 -55.95 -38.82 26.24
C LEU K 402 -57.34 -38.27 25.95
N PRO K 403 -57.48 -37.02 25.44
CA PRO K 403 -58.79 -36.43 25.15
C PRO K 403 -59.54 -37.19 24.04
N PHE K 404 -58.89 -37.43 22.90
CA PHE K 404 -59.54 -38.13 21.76
C PHE K 404 -58.62 -39.24 21.23
N ASN K 405 -57.57 -39.59 21.98
CA ASN K 405 -56.62 -40.65 21.57
C ASN K 405 -56.12 -40.35 20.15
N SER K 406 -56.79 -40.93 19.14
CA SER K 406 -56.40 -40.71 17.72
C SER K 406 -57.66 -40.62 16.85
N PHE K 407 -57.52 -40.09 15.63
CA PHE K 407 -58.66 -39.96 14.70
C PHE K 407 -59.17 -41.34 14.29
N GLY K 408 -60.48 -41.57 14.41
CA GLY K 408 -61.09 -42.85 14.06
C GLY K 408 -61.89 -42.77 12.77
N THR K 409 -62.62 -43.83 12.44
CA THR K 409 -63.45 -43.94 11.23
C THR K 409 -64.66 -43.01 11.29
N GLY K 410 -65.45 -42.97 10.22
CA GLY K 410 -66.87 -42.67 10.39
C GLY K 410 -67.50 -43.58 11.43
N GLU K 411 -68.43 -43.05 12.22
CA GLU K 411 -68.97 -43.74 13.41
C GLU K 411 -69.98 -44.85 13.05
N SER K 412 -70.73 -44.70 11.95
CA SER K 412 -71.74 -45.69 11.52
C SER K 412 -72.07 -45.62 10.02
N LYS K 413 -72.11 -44.41 9.44
CA LYS K 413 -72.35 -44.16 8.01
C LYS K 413 -71.12 -44.41 7.12
N GLN K 414 -71.27 -44.20 5.81
CA GLN K 414 -70.24 -44.38 4.77
C GLN K 414 -69.75 -45.84 4.59
N ILE K 415 -70.53 -46.82 5.04
CA ILE K 415 -70.35 -48.26 4.77
C ILE K 415 -71.06 -48.65 3.45
N SER K 416 -70.91 -49.90 2.97
CA SER K 416 -71.52 -50.37 1.72
C SER K 416 -73.07 -50.26 1.77
N ASN K 417 -73.64 -49.28 1.05
CA ASN K 417 -75.03 -48.86 1.20
C ASN K 417 -76.03 -49.99 0.86
N SER K 418 -77.12 -50.12 1.63
CA SER K 418 -78.25 -50.98 1.28
C SER K 418 -79.25 -50.23 0.37
N GLY K 419 -80.08 -50.97 -0.36
CA GLY K 419 -81.06 -50.41 -1.28
C GLY K 419 -82.34 -51.25 -1.32
N VAL K 420 -83.36 -50.83 -0.58
CA VAL K 420 -84.73 -51.33 -0.73
C VAL K 420 -85.32 -50.82 -2.05
N PHE K 421 -85.24 -49.52 -2.33
CA PHE K 421 -85.94 -48.95 -3.48
C PHE K 421 -85.22 -49.24 -4.80
N ALA K 422 -85.98 -49.69 -5.79
CA ALA K 422 -85.51 -50.07 -7.12
C ALA K 422 -85.16 -48.83 -7.96
N VAL K 423 -84.02 -48.18 -7.65
CA VAL K 423 -83.58 -46.93 -8.28
C VAL K 423 -82.10 -46.98 -8.65
N GLN K 424 -81.76 -46.67 -9.90
CA GLN K 424 -80.37 -46.61 -10.37
C GLN K 424 -79.57 -45.57 -9.60
N ARG K 425 -78.37 -45.94 -9.10
CA ARG K 425 -77.70 -45.21 -8.01
C ARG K 425 -76.16 -45.24 -8.05
N PRO K 426 -75.50 -44.15 -7.63
CA PRO K 426 -74.13 -44.19 -7.09
C PRO K 426 -74.06 -44.92 -5.73
N SER K 427 -72.86 -45.06 -5.18
CA SER K 427 -72.63 -45.60 -3.82
C SER K 427 -71.36 -45.02 -3.17
N THR K 428 -71.37 -44.87 -1.84
CA THR K 428 -70.15 -44.58 -1.03
C THR K 428 -69.31 -45.86 -0.89
N THR K 429 -68.73 -46.33 -2.01
CA THR K 429 -68.06 -47.65 -2.08
C THR K 429 -66.84 -47.69 -1.16
N ASN K 430 -66.80 -48.65 -0.23
CA ASN K 430 -65.83 -48.71 0.88
C ASN K 430 -65.38 -50.15 1.19
N ILE K 431 -65.31 -51.00 0.16
CA ILE K 431 -64.98 -52.44 0.27
C ILE K 431 -63.59 -52.65 0.89
N GLN K 432 -62.67 -51.72 0.66
CA GLN K 432 -61.29 -51.77 1.14
C GLN K 432 -61.20 -51.77 2.67
N ARG K 433 -61.83 -50.81 3.35
CA ARG K 433 -61.87 -50.78 4.82
C ARG K 433 -62.77 -51.88 5.39
N LEU K 434 -63.82 -52.29 4.67
CA LEU K 434 -64.63 -53.46 5.04
C LEU K 434 -63.75 -54.73 5.10
N ALA K 435 -62.91 -54.96 4.08
CA ALA K 435 -61.93 -56.04 4.08
C ALA K 435 -60.87 -55.91 5.19
N GLU K 436 -60.44 -54.70 5.56
CA GLU K 436 -59.62 -54.50 6.77
C GLU K 436 -60.37 -54.97 8.03
N LEU K 437 -61.62 -54.58 8.25
CA LEU K 437 -62.40 -55.02 9.42
C LEU K 437 -62.50 -56.56 9.45
N MET K 438 -62.74 -57.22 8.31
CA MET K 438 -62.68 -58.68 8.21
C MET K 438 -61.29 -59.21 8.57
N ALA K 439 -60.21 -58.62 8.06
CA ALA K 439 -58.84 -59.04 8.37
C ALA K 439 -58.52 -58.93 9.88
N ARG K 440 -58.94 -57.83 10.54
CA ARG K 440 -58.74 -57.65 11.98
C ARG K 440 -59.57 -58.63 12.81
N ASN K 441 -60.84 -58.88 12.46
CA ASN K 441 -61.68 -59.83 13.21
C ASN K 441 -61.36 -61.32 12.92
N THR K 442 -60.79 -61.64 11.76
CA THR K 442 -60.23 -62.98 11.46
C THR K 442 -58.83 -63.22 12.03
N GLY K 443 -58.17 -62.20 12.60
CA GLY K 443 -56.87 -62.33 13.26
C GLY K 443 -55.67 -62.35 12.30
N GLU K 444 -55.67 -61.52 11.25
CA GLU K 444 -54.60 -61.48 10.25
C GLU K 444 -53.21 -61.25 10.89
N THR K 445 -52.23 -62.02 10.42
CA THR K 445 -50.96 -62.30 11.14
C THR K 445 -49.69 -62.06 10.29
N SER K 446 -49.81 -61.94 8.97
CA SER K 446 -48.63 -61.69 8.10
C SER K 446 -48.27 -60.19 8.12
N ASP K 447 -47.00 -59.88 8.35
CA ASP K 447 -46.47 -58.49 8.40
C ASP K 447 -47.16 -57.68 9.50
N ASN K 448 -46.76 -57.90 10.76
CA ASN K 448 -47.37 -57.18 11.92
C ASN K 448 -46.32 -56.28 12.57
N PHE K 449 -45.18 -56.84 12.96
CA PHE K 449 -44.09 -56.06 13.61
C PHE K 449 -43.84 -54.77 12.84
N THR K 450 -43.25 -54.88 11.65
CA THR K 450 -42.93 -53.70 10.80
C THR K 450 -44.20 -52.88 10.55
N GLN K 451 -45.30 -53.56 10.18
CA GLN K 451 -46.60 -52.89 9.89
C GLN K 451 -46.96 -51.95 11.05
N LEU K 452 -46.90 -52.46 12.28
CA LEU K 452 -47.23 -51.68 13.46
C LEU K 452 -46.11 -50.69 13.79
N VAL K 453 -44.84 -51.00 13.51
CA VAL K 453 -43.76 -50.00 13.58
C VAL K 453 -44.10 -48.82 12.69
N GLN K 454 -44.47 -49.07 11.44
CA GLN K 454 -44.89 -48.02 10.53
C GLN K 454 -46.11 -47.30 11.07
N LYS K 455 -47.12 -48.04 11.52
CA LYS K 455 -48.33 -47.42 12.08
C LYS K 455 -47.99 -46.51 13.25
N ILE K 456 -47.05 -46.90 14.10
CA ILE K 456 -46.58 -46.05 15.17
C ILE K 456 -45.96 -44.79 14.59
N ARG K 457 -45.05 -44.92 13.62
CA ARG K 457 -44.40 -43.76 13.01
C ARG K 457 -45.44 -42.76 12.50
N GLU K 458 -46.38 -43.24 11.70
CA GLU K 458 -47.37 -42.34 11.12
C GLU K 458 -48.41 -41.88 12.15
N GLN K 459 -48.76 -42.68 13.15
CA GLN K 459 -49.66 -42.26 14.22
C GLN K 459 -49.03 -41.10 14.98
N VAL K 460 -47.74 -41.18 15.28
CA VAL K 460 -47.03 -40.08 15.93
C VAL K 460 -47.19 -38.81 15.09
N GLY K 461 -46.97 -38.89 13.77
CA GLY K 461 -47.18 -37.74 12.90
C GLY K 461 -48.62 -37.22 12.96
N ALA K 462 -49.60 -38.11 12.88
CA ALA K 462 -50.99 -37.73 12.97
C ALA K 462 -51.27 -37.02 14.29
N PHE K 463 -50.77 -37.57 15.39
CA PHE K 463 -50.88 -36.98 16.71
C PHE K 463 -50.19 -35.61 16.74
N ALA K 464 -49.05 -35.50 16.09
CA ALA K 464 -48.32 -34.24 15.99
C ALA K 464 -49.11 -33.20 15.19
N ASP K 465 -50.11 -33.61 14.42
CA ASP K 465 -51.13 -32.70 13.95
C ASP K 465 -52.21 -32.50 15.01
N GLN K 466 -52.77 -33.60 15.55
CA GLN K 466 -53.94 -33.65 16.44
C GLN K 466 -53.75 -32.86 17.75
N LYS K 467 -52.51 -32.61 18.15
CA LYS K 467 -52.14 -31.73 19.26
C LYS K 467 -52.89 -30.40 19.23
N ALA K 468 -53.26 -29.93 18.04
CA ALA K 468 -54.04 -28.72 17.82
C ALA K 468 -55.27 -28.62 18.75
N ASN K 469 -55.85 -29.74 19.15
CA ASN K 469 -56.94 -29.76 20.13
C ASN K 469 -56.81 -30.84 21.20
N LEU K 470 -55.83 -31.74 21.12
CA LEU K 470 -55.70 -32.86 22.05
C LEU K 470 -55.27 -32.44 23.47
N ARG K 471 -56.20 -31.96 24.33
CA ARG K 471 -55.85 -31.22 25.58
C ARG K 471 -56.60 -31.62 26.89
N GLU K 472 -57.92 -31.81 26.96
CA GLU K 472 -58.60 -32.37 28.15
C GLU K 472 -59.95 -32.99 27.80
N PHE K 473 -60.57 -33.70 28.75
CA PHE K 473 -62.02 -33.82 28.69
C PHE K 473 -62.63 -32.40 28.67
N THR K 474 -63.48 -32.12 27.69
CA THR K 474 -63.83 -30.79 27.14
C THR K 474 -64.44 -29.77 28.11
N GLY K 475 -64.84 -30.18 29.32
CA GLY K 475 -65.26 -29.29 30.41
C GLY K 475 -64.12 -28.78 31.31
N GLY K 476 -62.87 -29.04 30.93
CA GLY K 476 -61.77 -29.08 31.86
C GLY K 476 -61.18 -27.73 32.23
N TYR K 477 -61.22 -27.35 33.50
CA TYR K 477 -60.58 -26.15 34.02
C TYR K 477 -60.21 -26.28 35.51
N ILE K 478 -59.35 -25.39 36.04
CA ILE K 478 -58.93 -25.32 37.46
C ILE K 478 -59.88 -24.50 38.34
N TYR K 479 -61.02 -25.07 38.68
CA TYR K 479 -62.04 -24.39 39.48
C TYR K 479 -61.60 -24.17 40.95
N ASP K 480 -62.11 -23.13 41.59
CA ASP K 480 -61.84 -22.78 42.99
C ASP K 480 -62.32 -23.85 43.98
N ILE K 481 -61.78 -23.88 45.20
CA ILE K 481 -62.34 -24.71 46.28
C ILE K 481 -63.75 -24.28 46.69
N THR K 482 -64.08 -22.99 46.51
CA THR K 482 -65.46 -22.49 46.53
C THR K 482 -66.31 -22.96 45.34
N ASP K 483 -65.75 -23.75 44.42
CA ASP K 483 -66.32 -24.08 43.12
C ASP K 483 -66.01 -25.51 42.66
N VAL K 484 -66.21 -26.48 43.54
CA VAL K 484 -66.47 -27.87 43.12
C VAL K 484 -67.64 -27.94 42.14
N THR K 485 -68.50 -26.92 42.18
CA THR K 485 -69.58 -26.65 41.24
C THR K 485 -69.14 -26.32 39.82
N LYS K 486 -67.84 -26.31 39.50
CA LYS K 486 -67.33 -26.13 38.12
C LYS K 486 -67.87 -24.87 37.39
N SER K 487 -68.19 -23.82 38.13
CA SER K 487 -68.84 -22.58 37.71
C SER K 487 -67.91 -21.59 37.00
N ASN K 488 -66.60 -21.65 37.30
CA ASN K 488 -65.58 -20.64 36.95
C ASN K 488 -64.50 -21.18 35.99
N PRO K 489 -64.82 -21.54 34.73
CA PRO K 489 -63.85 -22.15 33.82
C PRO K 489 -62.73 -21.16 33.43
N LYS K 490 -61.46 -21.51 33.72
CA LYS K 490 -60.27 -20.67 33.46
C LYS K 490 -59.01 -21.50 33.17
N ILE K 491 -58.16 -21.00 32.26
CA ILE K 491 -56.98 -21.68 31.69
C ILE K 491 -55.72 -21.47 32.56
N PRO K 492 -54.78 -22.43 32.67
CA PRO K 492 -53.56 -22.27 33.47
C PRO K 492 -52.59 -21.19 32.96
N GLN K 493 -52.20 -21.25 31.68
CA GLN K 493 -51.21 -20.36 31.05
C GLN K 493 -51.53 -20.12 29.57
N LEU K 494 -51.15 -18.95 29.06
CA LEU K 494 -51.14 -18.61 27.63
C LEU K 494 -49.86 -19.09 26.94
N GLY K 495 -48.70 -18.93 27.60
CA GLY K 495 -47.36 -19.22 27.07
C GLY K 495 -46.30 -18.22 27.56
N GLY K 496 -45.24 -18.05 26.79
CA GLY K 496 -44.23 -16.99 27.00
C GLY K 496 -44.72 -15.60 26.58
N THR L 8 -15.26 -56.55 50.91
CA THR L 8 -14.46 -57.09 49.78
C THR L 8 -13.16 -56.33 49.50
N PRO L 9 -13.06 -54.98 49.50
CA PRO L 9 -11.80 -54.32 49.11
C PRO L 9 -10.59 -54.69 49.96
N GLU L 10 -10.77 -54.94 51.25
CA GLU L 10 -9.73 -55.41 52.16
C GLU L 10 -9.14 -56.73 51.64
N GLU L 11 -10.01 -57.66 51.27
CA GLU L 11 -9.59 -58.92 50.67
C GLU L 11 -8.97 -58.71 49.29
N GLN L 12 -9.40 -57.71 48.54
CA GLN L 12 -8.70 -57.34 47.31
C GLN L 12 -7.28 -56.85 47.62
N ARG L 13 -7.09 -56.00 48.65
CA ARG L 13 -5.75 -55.58 49.09
C ARG L 13 -4.91 -56.78 49.53
N ALA L 14 -5.51 -57.76 50.18
CA ALA L 14 -4.81 -58.99 50.56
C ALA L 14 -4.34 -59.81 49.34
N LYS L 15 -5.22 -60.06 48.35
CA LYS L 15 -4.85 -60.77 47.11
C LYS L 15 -3.79 -60.00 46.33
N ASN L 16 -3.91 -58.68 46.27
CA ASN L 16 -2.89 -57.80 45.73
C ASN L 16 -1.57 -57.96 46.50
N ALA L 17 -1.59 -57.91 47.83
CA ALA L 17 -0.39 -58.07 48.64
C ALA L 17 0.28 -59.43 48.36
N LYS L 18 -0.48 -60.53 48.30
CA LYS L 18 0.06 -61.84 47.90
C LYS L 18 0.67 -61.80 46.50
N THR L 19 -0.01 -61.18 45.55
CA THR L 19 0.48 -61.00 44.18
C THR L 19 1.84 -60.30 44.17
N ILE L 20 1.98 -59.22 44.94
CA ILE L 20 3.23 -58.47 45.04
C ILE L 20 4.27 -59.30 45.80
N LEU L 21 3.90 -59.99 46.89
CA LEU L 21 4.81 -60.85 47.64
C LEU L 21 5.37 -61.94 46.75
N GLU L 22 4.56 -62.48 45.85
CA GLU L 22 5.04 -63.42 44.84
C GLU L 22 6.08 -62.75 43.95
N ASN L 23 5.79 -61.56 43.44
CA ASN L 23 6.75 -60.83 42.62
C ASN L 23 8.04 -60.57 43.39
N ILE L 24 7.93 -60.22 44.68
CA ILE L 24 9.05 -60.01 45.58
C ILE L 24 9.84 -61.30 45.74
N GLN L 25 9.20 -62.43 46.01
CA GLN L 25 9.88 -63.70 46.20
C GLN L 25 10.62 -64.10 44.91
N ILE L 26 9.97 -63.94 43.76
CA ILE L 26 10.61 -64.15 42.45
C ILE L 26 11.84 -63.27 42.35
N TYR L 27 11.70 -61.98 42.58
CA TYR L 27 12.80 -61.02 42.48
C TYR L 27 13.94 -61.36 43.45
N GLU L 28 13.67 -61.69 44.70
CA GLU L 28 14.70 -62.07 45.67
C GLU L 28 15.48 -63.26 45.12
N ARG L 29 14.74 -64.26 44.65
CA ARG L 29 15.35 -65.44 44.04
C ARG L 29 16.13 -65.06 42.80
N MET L 30 15.60 -64.22 41.94
CA MET L 30 16.31 -63.75 40.77
C MET L 30 17.61 -63.04 41.15
N CYS L 31 17.58 -62.23 42.20
CA CYS L 31 18.73 -61.48 42.66
C CYS L 31 19.82 -62.40 43.15
N ASP L 32 19.47 -63.35 44.00
CA ASP L 32 20.42 -64.36 44.39
C ASP L 32 20.88 -65.19 43.18
N LEU L 33 20.01 -65.50 42.23
CA LEU L 33 20.31 -66.36 41.08
C LEU L 33 21.39 -65.76 40.18
N PHE L 34 21.34 -64.46 39.88
CA PHE L 34 22.40 -63.78 39.14
C PHE L 34 23.55 -63.29 40.02
N GLY L 35 23.51 -63.49 41.33
CA GLY L 35 24.59 -63.15 42.25
C GLY L 35 24.61 -61.69 42.70
N VAL L 36 23.47 -61.01 42.70
CA VAL L 36 23.33 -59.58 43.00
C VAL L 36 23.67 -59.29 44.48
N SER L 37 24.52 -58.29 44.76
CA SER L 37 24.88 -57.89 46.13
C SER L 37 23.68 -57.31 46.91
N GLU L 38 23.66 -57.50 48.23
CA GLU L 38 22.46 -57.27 49.03
C GLU L 38 21.91 -55.86 48.84
N ASP L 39 22.77 -54.85 48.93
CA ASP L 39 22.38 -53.49 48.66
C ASP L 39 21.99 -53.31 47.19
N ASP L 40 22.73 -53.90 46.26
CA ASP L 40 22.42 -53.80 44.83
C ASP L 40 21.06 -54.39 44.47
N LYS L 41 20.46 -55.23 45.32
CA LYS L 41 19.11 -55.74 45.07
C LYS L 41 18.08 -54.61 44.98
N LEU L 42 18.28 -53.52 45.72
CA LEU L 42 17.34 -52.38 45.74
C LEU L 42 17.22 -51.69 44.37
N ILE L 43 18.21 -51.89 43.51
CA ILE L 43 18.40 -51.04 42.36
C ILE L 43 17.24 -51.19 41.38
N ILE L 44 16.64 -50.07 41.04
CA ILE L 44 15.55 -50.00 40.06
C ILE L 44 16.01 -50.52 38.70
N GLU L 45 17.21 -50.16 38.25
CA GLU L 45 17.80 -50.73 37.04
C GLU L 45 17.83 -52.27 37.11
N ASN L 46 18.13 -52.86 38.27
CA ASN L 46 18.05 -54.31 38.44
C ASN L 46 16.61 -54.80 38.33
N SER L 47 15.65 -54.07 38.90
CA SER L 47 14.24 -54.36 38.69
C SER L 47 13.92 -54.51 37.22
N ILE L 48 14.27 -53.46 36.47
CA ILE L 48 14.03 -53.40 35.04
C ILE L 48 14.72 -54.58 34.36
N SER L 49 15.98 -54.84 34.65
CA SER L 49 16.69 -55.93 34.01
C SER L 49 16.02 -57.28 34.23
N ILE L 50 15.56 -57.58 35.43
CA ILE L 50 14.87 -58.85 35.68
C ILE L 50 13.56 -58.89 34.92
N GLU L 51 12.79 -57.81 35.02
CA GLU L 51 11.51 -57.72 34.32
C GLU L 51 11.69 -57.92 32.82
N ARG L 52 12.73 -57.29 32.25
CA ARG L 52 13.12 -57.42 30.85
C ARG L 52 13.36 -58.88 30.52
N MET L 53 14.22 -59.54 31.28
CA MET L 53 14.57 -60.94 31.04
C MET L 53 13.29 -61.79 31.05
N ILE L 54 12.39 -61.53 32.00
CA ILE L 54 11.14 -62.27 32.09
C ILE L 54 10.32 -62.08 30.83
N ARG L 55 10.23 -60.86 30.27
CA ARG L 55 9.54 -60.66 28.99
C ARG L 55 10.12 -61.59 27.92
N VAL L 56 11.44 -61.56 27.73
CA VAL L 56 12.11 -62.35 26.69
C VAL L 56 11.75 -63.82 26.81
N VAL L 57 11.86 -64.36 28.02
CA VAL L 57 11.53 -65.76 28.31
C VAL L 57 10.06 -66.04 27.99
N THR L 58 9.17 -65.13 28.37
CA THR L 58 7.72 -65.30 28.24
C THR L 58 7.15 -64.93 26.85
N ASP L 59 7.97 -64.41 25.93
CA ASP L 59 7.54 -64.00 24.59
C ASP L 59 7.21 -65.19 23.66
N LYS L 60 6.12 -65.91 23.91
CA LYS L 60 5.72 -67.15 23.22
C LYS L 60 5.78 -67.04 21.68
N LYS L 61 5.25 -65.95 21.13
CA LYS L 61 5.35 -65.59 19.71
C LYS L 61 6.78 -65.56 19.20
N TYR L 62 7.64 -64.77 19.84
CA TYR L 62 9.05 -64.69 19.46
C TYR L 62 9.79 -66.02 19.69
N GLN L 63 9.40 -66.83 20.67
CA GLN L 63 9.94 -68.18 20.81
C GLN L 63 9.55 -69.09 19.63
N ASP L 64 8.34 -68.98 19.08
CA ASP L 64 7.95 -69.70 17.85
C ASP L 64 8.87 -69.35 16.66
N LYS L 65 9.18 -68.06 16.55
CA LYS L 65 9.99 -67.48 15.48
C LYS L 65 11.45 -67.87 15.63
N LYS L 66 11.95 -67.83 16.88
CA LYS L 66 13.29 -68.27 17.27
C LYS L 66 13.51 -69.72 16.85
N LEU L 67 12.58 -70.61 17.19
CA LEU L 67 12.61 -71.99 16.75
C LEU L 67 12.69 -72.07 15.22
N LYS L 68 11.88 -71.27 14.50
CA LYS L 68 11.87 -71.27 13.03
C LYS L 68 13.27 -71.00 12.44
N ASN L 69 14.07 -70.13 13.04
CA ASN L 69 15.44 -69.82 12.60
C ASN L 69 16.56 -70.49 13.42
N ALA L 70 16.23 -71.29 14.42
CA ALA L 70 17.23 -71.91 15.29
C ALA L 70 18.14 -72.90 14.52
N GLY L 71 17.64 -73.49 13.43
CA GLY L 71 18.43 -74.25 12.46
C GLY L 71 19.19 -75.45 13.05
N SER L 72 20.29 -75.81 12.39
CA SER L 72 21.19 -76.89 12.81
C SER L 72 22.35 -76.45 13.73
N ASP L 73 22.55 -75.14 13.92
CA ASP L 73 23.77 -74.62 14.55
C ASP L 73 23.84 -74.92 16.06
N PRO L 74 24.85 -75.68 16.54
CA PRO L 74 25.00 -75.97 17.97
C PRO L 74 25.22 -74.71 18.83
N GLU L 75 25.71 -73.60 18.28
CA GLU L 75 25.78 -72.33 19.01
C GLU L 75 24.39 -71.70 19.23
N LYS L 76 23.47 -71.81 18.26
CA LYS L 76 22.08 -71.37 18.44
C LYS L 76 21.38 -72.21 19.52
N ILE L 77 21.58 -73.52 19.48
CA ILE L 77 20.96 -74.47 20.42
C ILE L 77 21.45 -74.25 21.86
N ALA L 78 22.75 -74.06 22.10
CA ALA L 78 23.26 -73.78 23.45
C ALA L 78 22.74 -72.45 24.02
N ASN L 79 22.73 -71.40 23.20
CA ASN L 79 22.18 -70.10 23.60
C ASN L 79 20.64 -70.11 23.71
N ALA L 80 19.94 -71.14 23.22
CA ALA L 80 18.53 -71.35 23.57
C ALA L 80 18.35 -71.85 25.01
N GLY L 81 19.35 -72.52 25.59
CA GLY L 81 19.35 -72.96 26.99
C GLY L 81 19.82 -71.89 27.98
N LYS L 82 20.91 -71.18 27.65
CA LYS L 82 21.38 -70.02 28.44
C LYS L 82 20.32 -68.92 28.45
N VAL L 83 20.24 -68.20 29.56
CA VAL L 83 19.54 -66.91 29.64
C VAL L 83 20.48 -65.88 30.28
N PHE L 84 20.67 -64.75 29.60
CA PHE L 84 21.51 -63.65 30.05
C PHE L 84 20.72 -62.56 30.77
N CYS L 85 21.36 -61.94 31.76
CA CYS L 85 20.84 -60.76 32.43
C CYS L 85 21.95 -59.76 32.76
N ARG L 86 21.97 -58.64 32.04
CA ARG L 86 22.82 -57.46 32.32
C ARG L 86 22.27 -56.74 33.56
N LEU L 87 23.04 -56.74 34.65
CA LEU L 87 22.64 -56.24 35.98
C LEU L 87 23.69 -55.27 36.54
N VAL L 88 23.27 -54.35 37.41
CA VAL L 88 24.17 -53.46 38.15
C VAL L 88 24.84 -54.20 39.31
N GLU L 89 26.15 -54.03 39.44
CA GLU L 89 26.97 -54.43 40.57
C GLU L 89 27.84 -53.25 41.04
N SER L 90 27.99 -53.07 42.36
CA SER L 90 28.69 -51.92 42.94
C SER L 90 29.87 -52.30 43.81
N THR L 91 30.83 -51.39 43.95
CA THR L 91 32.04 -51.52 44.77
C THR L 91 32.62 -50.13 45.03
N ALA L 92 33.02 -49.84 46.26
CA ALA L 92 33.69 -48.59 46.66
C ALA L 92 32.92 -47.31 46.25
N GLY L 93 31.60 -47.36 46.24
CA GLY L 93 30.72 -46.29 45.74
C GLY L 93 30.60 -46.19 44.22
N LYS L 94 31.48 -46.86 43.47
CA LYS L 94 31.40 -47.03 42.01
C LYS L 94 30.46 -48.18 41.62
N CYS L 95 29.99 -48.17 40.38
CA CYS L 95 29.11 -49.21 39.84
C CYS L 95 29.37 -49.52 38.38
N SER L 96 28.95 -50.71 37.98
CA SER L 96 29.15 -51.29 36.67
C SER L 96 28.06 -52.32 36.38
N ALA L 97 28.01 -52.78 35.14
CA ALA L 97 27.31 -53.97 34.73
C ALA L 97 28.05 -55.27 35.14
N ARG L 98 27.29 -56.36 35.30
CA ARG L 98 27.77 -57.75 35.08
C ARG L 98 26.75 -58.52 34.27
N LEU L 99 27.24 -59.34 33.33
CA LEU L 99 26.46 -60.31 32.61
C LEU L 99 26.20 -61.52 33.51
N GLY L 100 25.14 -61.46 34.32
CA GLY L 100 24.62 -62.65 34.97
C GLY L 100 24.14 -63.67 33.92
N MET L 101 24.30 -64.96 34.19
CA MET L 101 23.76 -66.05 33.37
C MET L 101 23.15 -67.15 34.24
N ALA L 102 21.98 -67.64 33.85
CA ALA L 102 21.29 -68.77 34.43
C ALA L 102 20.57 -69.53 33.31
N LEU L 103 20.30 -70.81 33.47
CA LEU L 103 19.59 -71.56 32.45
C LEU L 103 18.11 -71.19 32.47
N LYS L 104 17.42 -71.27 31.33
CA LYS L 104 15.96 -71.07 31.26
C LYS L 104 15.23 -71.91 32.33
N PRO L 105 15.54 -73.20 32.52
CA PRO L 105 15.00 -73.96 33.64
C PRO L 105 15.23 -73.36 35.01
N ASN L 106 16.32 -72.64 35.27
CA ASN L 106 16.50 -71.94 36.55
C ASN L 106 15.42 -70.87 36.73
N VAL L 107 15.20 -70.05 35.70
CA VAL L 107 14.15 -69.00 35.69
C VAL L 107 12.77 -69.63 35.82
N GLU L 108 12.50 -70.67 35.02
CA GLU L 108 11.25 -71.42 35.08
C GLU L 108 11.02 -72.02 36.45
N ALA L 109 12.05 -72.53 37.13
CA ALA L 109 11.92 -73.06 38.47
C ALA L 109 11.39 -71.99 39.41
N VAL L 110 12.07 -70.84 39.50
CA VAL L 110 11.59 -69.74 40.36
C VAL L 110 10.14 -69.41 40.03
N LEU L 111 9.82 -69.23 38.75
CA LEU L 111 8.47 -68.85 38.33
C LEU L 111 7.44 -69.93 38.68
N THR L 112 7.67 -71.16 38.24
CA THR L 112 6.78 -72.28 38.54
C THR L 112 6.69 -72.54 40.02
N ASP L 113 7.74 -72.29 40.80
CA ASP L 113 7.72 -72.46 42.26
C ASP L 113 6.77 -71.48 42.92
N VAL L 114 6.84 -70.20 42.54
CA VAL L 114 6.13 -69.13 43.24
C VAL L 114 4.70 -68.91 42.70
N LEU L 115 4.49 -69.05 41.39
CA LEU L 115 3.20 -68.86 40.72
C LEU L 115 2.45 -70.18 40.41
N GLY L 116 3.06 -71.32 40.73
CA GLY L 116 2.55 -72.65 40.41
C GLY L 116 3.09 -73.19 39.08
N ASN L 117 3.17 -74.53 38.97
CA ASN L 117 3.69 -75.24 37.80
C ASN L 117 2.98 -74.81 36.51
N GLU L 118 1.65 -74.63 36.59
CA GLU L 118 0.81 -74.12 35.53
C GLU L 118 1.01 -72.61 35.31
N LEU L 119 2.22 -72.21 34.94
CA LEU L 119 2.47 -70.93 34.27
C LEU L 119 1.66 -70.81 32.96
N ASP L 120 1.24 -71.95 32.41
CA ASP L 120 0.24 -72.08 31.34
C ASP L 120 -1.13 -71.46 31.71
N ARG L 121 -1.39 -71.12 32.98
CA ARG L 121 -2.38 -70.12 33.39
C ARG L 121 -1.89 -68.73 32.95
N ALA L 122 -1.89 -68.52 31.65
CA ALA L 122 -1.54 -67.29 30.96
C ALA L 122 -2.12 -66.04 31.64
N ALA L 123 -3.31 -66.13 32.22
CA ALA L 123 -3.89 -65.05 33.01
C ALA L 123 -3.00 -64.64 34.20
N VAL L 124 -2.56 -65.59 35.02
CA VAL L 124 -1.88 -65.29 36.29
C VAL L 124 -0.50 -64.66 36.05
N LEU L 125 0.29 -65.26 35.17
CA LEU L 125 1.60 -64.70 34.82
C LEU L 125 1.46 -63.45 33.94
N GLY L 126 0.58 -63.49 32.94
CA GLY L 126 0.41 -62.40 31.99
C GLY L 126 -0.18 -61.13 32.57
N LYS L 127 -1.05 -61.22 33.58
CA LYS L 127 -1.60 -60.04 34.28
C LYS L 127 -0.46 -59.22 34.87
N ARG L 128 0.28 -59.81 35.82
CA ARG L 128 1.41 -59.15 36.48
C ARG L 128 2.52 -58.74 35.49
N MET L 129 2.81 -59.58 34.49
CA MET L 129 3.83 -59.21 33.50
C MET L 129 3.35 -58.13 32.54
N GLY L 130 2.06 -58.05 32.22
CA GLY L 130 1.47 -56.96 31.47
C GLY L 130 1.69 -55.64 32.19
N PHE L 131 1.49 -55.61 33.50
CA PHE L 131 1.69 -54.41 34.31
C PHE L 131 3.17 -53.96 34.26
N SER L 132 4.11 -54.89 34.39
CA SER L 132 5.54 -54.62 34.25
C SER L 132 5.93 -54.15 32.84
N ALA L 133 5.46 -54.85 31.81
CA ALA L 133 5.72 -54.49 30.41
C ALA L 133 5.15 -53.10 30.09
N MET L 134 3.99 -52.78 30.64
CA MET L 134 3.38 -51.47 30.57
C MET L 134 4.31 -50.45 31.22
N PHE L 135 4.78 -50.67 32.45
CA PHE L 135 5.77 -49.77 33.06
C PHE L 135 6.99 -49.56 32.16
N LYS L 136 7.52 -50.61 31.53
CA LYS L 136 8.65 -50.47 30.59
C LYS L 136 8.24 -49.63 29.39
N SER L 137 7.08 -49.91 28.82
CA SER L 137 6.50 -49.11 27.76
C SER L 137 6.36 -47.64 28.17
N ASN L 138 5.93 -47.34 29.41
CA ASN L 138 5.85 -45.98 29.93
C ASN L 138 7.24 -45.31 29.92
N LEU L 139 8.24 -45.99 30.45
CA LEU L 139 9.58 -45.46 30.58
C LEU L 139 10.22 -45.22 29.20
N GLU L 140 10.06 -46.18 28.28
CA GLU L 140 10.44 -46.00 26.87
C GLU L 140 9.79 -44.75 26.26
N GLU L 141 8.50 -44.57 26.49
CA GLU L 141 7.73 -43.48 25.93
C GLU L 141 8.26 -42.13 26.40
N VAL L 142 8.50 -41.96 27.70
CA VAL L 142 9.12 -40.75 28.22
C VAL L 142 10.55 -40.61 27.69
N LEU L 143 11.29 -41.70 27.54
CA LEU L 143 12.69 -41.66 27.10
C LEU L 143 12.81 -41.12 25.68
N TYR L 144 12.25 -41.81 24.69
CA TYR L 144 12.76 -41.66 23.32
C TYR L 144 11.71 -41.58 22.21
N GLN L 145 10.47 -41.22 22.55
CA GLN L 145 9.40 -40.91 21.58
C GLN L 145 9.19 -42.02 20.51
N ARG L 146 9.55 -43.25 20.90
CA ARG L 146 9.40 -44.54 20.20
C ARG L 146 9.89 -44.62 18.74
N GLY L 147 10.88 -43.82 18.35
CA GLY L 147 11.31 -43.65 16.95
C GLY L 147 11.48 -44.95 16.17
N LYS L 148 12.34 -45.86 16.62
CA LYS L 148 12.59 -47.12 15.90
C LYS L 148 11.38 -48.04 15.80
N ASN L 149 10.41 -47.93 16.69
CA ASN L 149 9.13 -48.61 16.51
C ASN L 149 8.19 -47.86 15.55
N GLN L 150 8.09 -46.53 15.64
CA GLN L 150 7.22 -45.77 14.74
C GLN L 150 7.71 -45.76 13.29
N LEU L 151 8.99 -46.01 13.00
CA LEU L 151 9.42 -46.27 11.61
C LEU L 151 8.70 -47.50 11.01
N LYS L 152 8.28 -48.46 11.85
CA LYS L 152 7.36 -49.55 11.49
C LYS L 152 5.89 -49.13 11.60
N LYS L 153 5.49 -48.48 12.71
CA LYS L 153 4.08 -48.18 13.06
C LYS L 153 3.50 -46.88 12.45
N ARG L 154 4.30 -46.16 11.69
CA ARG L 154 3.94 -45.24 10.60
C ARG L 154 3.14 -43.98 10.96
N ASN L 155 3.20 -43.49 12.20
CA ASN L 155 2.38 -42.35 12.65
C ASN L 155 3.12 -41.34 13.54
N ALA L 156 2.63 -40.10 13.55
CA ALA L 156 3.34 -38.89 14.01
C ALA L 156 3.15 -38.51 15.51
N ALA L 157 3.79 -37.41 15.94
CA ALA L 157 4.00 -37.09 17.35
C ALA L 157 2.72 -36.97 18.18
N GLU L 158 1.70 -36.30 17.64
CA GLU L 158 0.41 -36.20 18.33
C GLU L 158 -0.20 -37.59 18.53
N THR L 159 -0.18 -38.44 17.50
CA THR L 159 -0.65 -39.81 17.64
C THR L 159 0.14 -40.54 18.73
N PHE L 160 1.46 -40.32 18.76
CA PHE L 160 2.33 -40.88 19.77
C PHE L 160 1.89 -40.45 21.18
N THR L 161 1.53 -39.18 21.38
CA THR L 161 1.10 -38.73 22.71
C THR L 161 -0.12 -39.49 23.23
N LEU L 162 -1.08 -39.78 22.36
CA LEU L 162 -2.26 -40.54 22.77
C LEU L 162 -2.00 -42.04 22.88
N SER L 163 -0.84 -42.52 22.46
CA SER L 163 -0.53 -43.94 22.39
C SER L 163 0.23 -44.42 23.60
N GLN L 164 -0.26 -44.09 24.79
CA GLN L 164 0.35 -44.55 26.04
C GLN L 164 0.28 -46.09 26.11
N GLY L 165 1.41 -46.75 26.33
CA GLY L 165 1.54 -48.20 26.34
C GLY L 165 1.79 -48.85 24.99
N ALA L 166 1.88 -48.11 23.88
CA ALA L 166 2.09 -48.73 22.56
C ALA L 166 3.53 -49.23 22.29
N SER L 167 4.46 -49.16 23.25
CA SER L 167 5.76 -49.85 23.13
C SER L 167 5.67 -51.35 23.42
N LEU L 168 4.56 -51.82 24.00
CA LEU L 168 4.31 -53.22 24.36
C LEU L 168 4.44 -54.21 23.19
N GLU L 169 5.00 -55.39 23.44
CA GLU L 169 4.78 -56.53 22.57
C GLU L 169 3.29 -56.87 22.45
N ALA L 170 2.88 -57.31 21.26
CA ALA L 170 1.48 -57.43 20.86
C ALA L 170 0.64 -58.20 21.88
N ARG L 171 1.16 -59.32 22.37
CA ARG L 171 0.48 -60.19 23.35
C ARG L 171 -0.01 -59.46 24.59
N PHE L 172 0.69 -58.42 25.02
CA PHE L 172 0.28 -57.67 26.19
C PHE L 172 -0.89 -56.74 25.90
N ARG L 173 -1.04 -56.28 24.65
CA ARG L 173 -2.02 -55.25 24.32
C ARG L 173 -3.45 -55.69 24.64
N PRO L 174 -3.86 -56.94 24.37
CA PRO L 174 -5.10 -57.51 24.88
C PRO L 174 -5.24 -57.47 26.40
N ILE L 175 -4.17 -57.84 27.13
CA ILE L 175 -4.18 -57.91 28.60
C ILE L 175 -4.42 -56.51 29.19
N MET L 176 -3.75 -55.49 28.67
CA MET L 176 -3.72 -54.14 29.24
C MET L 176 -4.94 -53.26 28.90
N GLU L 177 -6.03 -53.82 28.40
CA GLU L 177 -7.12 -53.13 27.69
C GLU L 177 -7.54 -51.77 28.27
N LYS L 178 -7.65 -51.65 29.59
CA LYS L 178 -8.20 -50.50 30.29
C LYS L 178 -7.27 -49.28 30.28
N HIS L 179 -5.97 -49.49 30.40
CA HIS L 179 -5.04 -48.42 30.76
C HIS L 179 -4.31 -47.80 29.58
N LEU L 180 -4.21 -48.53 28.47
CA LEU L 180 -3.57 -48.04 27.25
C LEU L 180 -4.25 -46.76 26.76
N GLY L 181 -3.46 -45.76 26.36
CA GLY L 181 -3.96 -44.54 25.75
C GLY L 181 -4.63 -44.85 24.43
N VAL L 182 -5.72 -44.15 24.09
CA VAL L 182 -6.61 -44.49 22.96
C VAL L 182 -5.82 -44.64 21.65
N GLY L 183 -4.79 -43.81 21.47
CA GLY L 183 -3.90 -43.85 20.32
C GLY L 183 -3.26 -45.22 20.13
N THR L 184 -2.97 -45.93 21.20
CA THR L 184 -2.39 -47.27 21.13
C THR L 184 -3.29 -48.20 20.36
N VAL L 185 -4.57 -48.20 20.69
CA VAL L 185 -5.59 -49.00 20.00
C VAL L 185 -5.71 -48.53 18.56
N VAL L 186 -5.79 -47.21 18.37
CA VAL L 186 -5.98 -46.63 17.03
C VAL L 186 -4.85 -46.99 16.10
N ALA L 187 -3.61 -46.77 16.55
CA ALA L 187 -2.40 -47.11 15.83
C ALA L 187 -2.40 -48.60 15.51
N SER L 188 -2.79 -49.42 16.48
CA SER L 188 -2.91 -50.86 16.25
C SER L 188 -3.87 -51.12 15.10
N ILE L 189 -5.08 -50.56 15.10
CA ILE L 189 -6.05 -50.79 14.03
C ILE L 189 -5.47 -50.37 12.69
N LYS L 190 -4.87 -49.18 12.62
CA LYS L 190 -4.31 -48.65 11.37
C LYS L 190 -3.21 -49.57 10.85
N ASN L 191 -2.37 -50.07 11.73
CA ASN L 191 -1.35 -51.04 11.36
C ASN L 191 -1.92 -52.42 11.02
N ILE L 192 -3.04 -52.83 11.61
CA ILE L 192 -3.71 -54.07 11.23
C ILE L 192 -4.16 -54.00 9.77
N LEU L 193 -4.69 -52.87 9.32
CA LEU L 193 -5.06 -52.68 7.91
C LEU L 193 -3.84 -52.77 6.99
N ALA L 194 -2.70 -52.23 7.41
CA ALA L 194 -1.44 -52.44 6.68
C ALA L 194 -1.04 -53.92 6.68
N SER L 195 -1.16 -54.63 7.80
CA SER L 195 -0.88 -56.06 7.87
C SER L 195 -1.76 -56.87 6.92
N LYS L 196 -3.04 -56.51 6.76
CA LYS L 196 -3.91 -57.12 5.75
C LYS L 196 -3.40 -56.96 4.32
N LYS L 197 -2.62 -55.91 4.00
CA LYS L 197 -1.86 -55.86 2.75
C LYS L 197 -0.58 -56.70 2.83
N ASN L 198 0.23 -56.46 3.86
CA ASN L 198 1.64 -56.87 3.87
C ASN L 198 1.89 -58.35 4.23
N GLY L 199 0.97 -59.00 4.95
CA GLY L 199 1.12 -60.40 5.35
C GLY L 199 2.16 -60.67 6.45
N ASN L 200 2.69 -59.64 7.09
CA ASN L 200 3.63 -59.65 8.21
C ASN L 200 3.02 -60.09 9.56
N TYR L 201 1.92 -60.84 9.52
CA TYR L 201 1.05 -61.11 10.66
C TYR L 201 0.30 -62.44 10.49
N ARG L 202 -0.15 -63.01 11.61
CA ARG L 202 -1.22 -64.00 11.67
C ARG L 202 -2.43 -63.43 12.42
N ASN L 203 -3.59 -63.40 11.77
CA ASN L 203 -4.87 -63.07 12.41
C ASN L 203 -5.34 -64.20 13.36
N LYS L 204 -6.25 -63.89 14.30
CA LYS L 204 -6.47 -64.67 15.55
C LYS L 204 -7.90 -64.55 16.12
N MET L 205 -8.24 -65.36 17.13
CA MET L 205 -9.52 -65.31 17.86
C MET L 205 -9.31 -65.55 19.38
N VAL L 206 -10.01 -64.79 20.23
CA VAL L 206 -9.89 -64.81 21.71
C VAL L 206 -11.25 -64.62 22.41
N ARG L 207 -11.29 -64.91 23.73
CA ARG L 207 -12.44 -64.77 24.65
C ARG L 207 -11.99 -64.28 26.04
N LYS L 208 -12.81 -63.47 26.73
CA LYS L 208 -12.45 -62.81 28.01
C LYS L 208 -13.52 -63.02 29.10
N PRO L 209 -13.36 -64.03 29.98
CA PRO L 209 -14.25 -64.29 31.12
C PRO L 209 -14.32 -63.17 32.14
N GLY L 210 -15.43 -63.14 32.89
CA GLY L 210 -15.79 -62.05 33.81
C GLY L 210 -16.21 -60.73 33.10
N GLY L 211 -15.79 -60.53 31.84
CA GLY L 211 -16.18 -59.41 30.98
C GLY L 211 -17.20 -59.81 29.90
N ASN L 212 -16.77 -60.57 28.89
CA ASN L 212 -17.61 -61.03 27.78
C ASN L 212 -17.09 -62.37 27.20
N ARG L 213 -17.95 -63.40 27.24
CA ARG L 213 -17.70 -64.73 26.65
C ARG L 213 -17.77 -64.76 25.11
N GLU L 214 -17.99 -63.61 24.46
CA GLU L 214 -17.81 -63.47 23.02
C GLU L 214 -16.42 -63.91 22.56
N SER L 215 -16.40 -64.56 21.39
CA SER L 215 -15.28 -65.37 20.92
C SER L 215 -14.92 -64.92 19.52
N TRP L 216 -13.92 -64.06 19.41
CA TRP L 216 -13.84 -63.13 18.29
C TRP L 216 -12.43 -62.55 18.09
N SER L 217 -12.23 -61.87 16.95
CA SER L 217 -10.92 -61.50 16.41
C SER L 217 -10.40 -60.15 16.91
N PRO L 218 -9.17 -59.76 16.53
CA PRO L 218 -8.68 -58.40 16.71
C PRO L 218 -9.66 -57.34 16.24
N LEU L 219 -10.40 -57.57 15.15
CA LEU L 219 -11.37 -56.59 14.66
C LEU L 219 -12.37 -56.26 15.76
N GLU L 220 -13.03 -57.29 16.28
CA GLU L 220 -13.98 -57.13 17.36
C GLU L 220 -13.31 -56.63 18.63
N ARG L 221 -12.15 -57.22 18.99
CA ARG L 221 -11.41 -56.90 20.21
C ARG L 221 -11.05 -55.43 20.25
N GLU L 222 -10.44 -54.95 19.17
CA GLU L 222 -10.09 -53.56 19.04
C GLU L 222 -11.35 -52.69 19.09
N ILE L 223 -12.38 -53.00 18.31
CA ILE L 223 -13.61 -52.20 18.32
C ILE L 223 -14.22 -52.16 19.72
N SER L 224 -14.18 -53.27 20.44
CA SER L 224 -14.67 -53.36 21.80
C SER L 224 -13.87 -52.45 22.71
N PHE L 225 -12.53 -52.54 22.66
CA PHE L 225 -11.68 -51.68 23.47
C PHE L 225 -11.93 -50.20 23.12
N LEU L 226 -12.11 -49.91 21.83
CA LEU L 226 -12.40 -48.59 21.33
C LEU L 226 -13.74 -48.10 21.88
N ASN L 227 -14.75 -48.96 21.93
CA ASN L 227 -16.03 -48.62 22.53
C ASN L 227 -15.88 -48.36 24.03
N LYS L 228 -15.07 -49.17 24.72
CA LYS L 228 -14.78 -48.97 26.15
C LYS L 228 -14.06 -47.65 26.45
N LYS L 229 -13.50 -47.00 25.43
CA LYS L 229 -12.77 -45.73 25.55
C LYS L 229 -13.52 -44.51 25.05
N LEU L 230 -14.20 -44.60 23.91
CA LEU L 230 -14.73 -43.41 23.21
C LEU L 230 -15.82 -42.69 24.01
N PHE L 231 -16.01 -41.41 23.68
CA PHE L 231 -16.97 -40.52 24.32
C PHE L 231 -18.41 -40.95 24.03
N PRO L 232 -19.28 -41.03 25.05
CA PRO L 232 -20.68 -41.40 24.87
C PRO L 232 -21.41 -40.50 23.87
N GLY L 233 -22.48 -40.99 23.24
CA GLY L 233 -23.05 -40.29 22.09
C GLY L 233 -22.14 -40.44 20.86
N PRO L 234 -21.76 -39.34 20.18
CA PRO L 234 -21.31 -39.39 18.79
C PRO L 234 -20.13 -40.34 18.59
N MET L 235 -19.13 -40.29 19.46
CA MET L 235 -17.91 -41.05 19.28
C MET L 235 -18.17 -42.54 19.50
N ARG L 236 -18.89 -42.94 20.54
CA ARG L 236 -19.34 -44.33 20.65
C ARG L 236 -20.27 -44.73 19.51
N GLN L 237 -21.07 -43.82 18.98
CA GLN L 237 -21.94 -44.15 17.84
C GLN L 237 -21.09 -44.45 16.59
N LEU L 238 -20.04 -43.67 16.37
CA LEU L 238 -19.04 -43.98 15.35
C LEU L 238 -18.38 -45.34 15.65
N CYS L 239 -18.16 -45.65 16.92
CA CYS L 239 -17.62 -46.93 17.34
C CYS L 239 -18.55 -48.09 16.93
N LYS L 240 -19.86 -47.93 17.10
CA LYS L 240 -20.84 -48.92 16.66
C LYS L 240 -20.88 -49.03 15.13
N LYS L 241 -20.85 -47.91 14.40
CA LYS L 241 -20.80 -47.89 12.93
C LYS L 241 -19.58 -48.62 12.36
N PHE L 242 -18.50 -48.72 13.13
CA PHE L 242 -17.15 -48.91 12.63
C PHE L 242 -17.02 -50.11 11.68
N GLU L 243 -17.69 -51.22 11.96
CA GLU L 243 -17.65 -52.43 11.10
C GLU L 243 -18.18 -52.18 9.68
N TYR L 244 -18.94 -51.11 9.50
CA TYR L 244 -19.64 -50.75 8.27
C TYR L 244 -19.06 -49.49 7.61
N LEU L 245 -18.01 -48.90 8.19
CA LEU L 245 -17.11 -47.99 7.46
C LEU L 245 -16.29 -48.79 6.44
N ASN L 246 -15.98 -48.23 5.27
CA ASN L 246 -14.95 -48.81 4.39
C ASN L 246 -13.54 -48.60 4.97
N GLU L 247 -12.51 -49.25 4.43
CA GLU L 247 -11.16 -49.20 5.03
C GLU L 247 -10.57 -47.79 5.10
N GLN L 248 -10.71 -46.99 4.04
CA GLN L 248 -10.27 -45.60 4.07
C GLN L 248 -11.12 -44.79 5.03
N GLU L 249 -12.44 -44.99 5.04
CA GLU L 249 -13.32 -44.38 6.01
C GLU L 249 -12.88 -44.72 7.43
N LYS L 250 -12.49 -45.97 7.70
CA LYS L 250 -11.93 -46.35 9.00
C LYS L 250 -10.69 -45.53 9.28
N GLN L 251 -9.73 -45.45 8.36
CA GLN L 251 -8.54 -44.65 8.59
C GLN L 251 -8.87 -43.17 8.84
N LEU L 252 -9.76 -42.59 8.05
CA LEU L 252 -10.18 -41.21 8.19
C LEU L 252 -10.86 -40.97 9.54
N ALA L 253 -11.79 -41.85 9.89
CA ALA L 253 -12.50 -41.81 11.15
C ALA L 253 -11.51 -41.92 12.31
N LEU L 254 -10.61 -42.89 12.25
CA LEU L 254 -9.58 -43.07 13.26
C LEU L 254 -8.79 -41.78 13.41
N ASN L 255 -8.35 -41.16 12.32
CA ASN L 255 -7.63 -39.91 12.40
C ASN L 255 -8.47 -38.86 13.12
N LEU L 256 -9.70 -38.61 12.68
CA LEU L 256 -10.46 -37.53 13.28
C LEU L 256 -10.81 -37.84 14.74
N MET L 257 -11.14 -39.09 15.07
CA MET L 257 -11.40 -39.48 16.44
C MET L 257 -10.15 -39.30 17.29
N LEU L 258 -9.00 -39.63 16.75
CA LEU L 258 -7.74 -39.47 17.44
C LEU L 258 -7.48 -37.99 17.71
N ASP L 259 -7.69 -37.15 16.69
CA ASP L 259 -7.58 -35.71 16.87
C ASP L 259 -8.56 -35.21 17.92
N ALA L 260 -9.81 -35.65 17.85
CA ALA L 260 -10.83 -35.27 18.81
C ALA L 260 -10.39 -35.67 20.22
N SER L 261 -9.78 -36.83 20.37
CA SER L 261 -9.25 -37.32 21.63
C SER L 261 -8.11 -36.45 22.17
N LEU L 262 -7.43 -35.65 21.33
CA LEU L 262 -6.49 -34.66 21.86
C LEU L 262 -7.21 -33.66 22.79
N ILE L 263 -8.46 -33.31 22.50
CA ILE L 263 -9.27 -32.44 23.39
C ILE L 263 -10.12 -33.30 24.32
N LEU L 264 -10.94 -34.17 23.75
CA LEU L 264 -11.96 -34.94 24.45
C LEU L 264 -11.31 -35.97 25.36
N LYS L 265 -11.72 -36.01 26.63
CA LYS L 265 -11.17 -36.94 27.64
C LYS L 265 -12.23 -37.89 28.22
N PRO L 266 -12.94 -38.71 27.44
CA PRO L 266 -13.80 -39.77 28.00
C PRO L 266 -12.99 -40.82 28.77
N GLN L 267 -13.66 -41.84 29.33
CA GLN L 267 -13.04 -42.82 30.23
C GLN L 267 -11.80 -43.54 29.66
N VAL L 268 -10.61 -43.25 30.22
CA VAL L 268 -9.31 -43.87 29.93
C VAL L 268 -8.59 -44.11 31.25
N THR L 269 -8.01 -45.29 31.47
CA THR L 269 -7.76 -45.70 32.86
C THR L 269 -6.35 -45.40 33.29
N HIS L 270 -6.17 -44.61 34.34
CA HIS L 270 -4.87 -44.45 34.99
C HIS L 270 -4.39 -45.80 35.55
N LYS L 271 -3.09 -45.93 35.83
CA LYS L 271 -2.58 -46.97 36.76
C LYS L 271 -1.28 -46.51 37.42
N MET L 272 -0.96 -47.04 38.60
CA MET L 272 0.42 -47.02 39.12
C MET L 272 1.09 -48.38 38.92
N ILE L 273 2.36 -48.38 38.51
CA ILE L 273 3.24 -49.55 38.61
C ILE L 273 4.58 -49.04 39.11
N MET L 274 4.83 -49.14 40.41
CA MET L 274 6.20 -49.01 40.91
C MET L 274 7.03 -50.23 40.49
N PRO L 275 8.34 -50.06 40.22
CA PRO L 275 9.31 -51.15 40.09
C PRO L 275 9.25 -52.21 41.19
N TRP L 276 9.51 -53.48 40.81
CA TRP L 276 9.61 -54.59 41.75
C TRP L 276 10.70 -54.35 42.79
N SER L 277 11.85 -53.76 42.43
CA SER L 277 12.85 -53.38 43.43
C SER L 277 12.35 -52.31 44.40
N MET L 278 11.39 -51.45 44.01
CA MET L 278 10.74 -50.54 44.94
C MET L 278 9.77 -51.30 45.84
N TRP L 279 9.07 -52.30 45.33
CA TRP L 279 8.33 -53.19 46.23
C TRP L 279 9.26 -53.92 47.19
N LEU L 280 10.41 -54.40 46.73
CA LEU L 280 11.42 -54.96 47.63
C LEU L 280 11.87 -53.90 48.64
N ALA L 281 12.08 -52.67 48.19
CA ALA L 281 12.48 -51.59 49.07
C ALA L 281 11.42 -51.37 50.14
N VAL L 282 10.15 -51.42 49.78
CA VAL L 282 9.06 -51.37 50.76
C VAL L 282 9.19 -52.51 51.77
N LYS L 283 9.46 -53.75 51.34
CA LYS L 283 9.67 -54.85 52.28
C LYS L 283 10.82 -54.54 53.23
N LYS L 284 12.01 -54.26 52.70
CA LYS L 284 13.17 -54.00 53.55
C LYS L 284 12.98 -52.76 54.42
N TYR L 285 12.24 -51.78 53.95
CA TYR L 285 11.88 -50.61 54.74
C TYR L 285 11.03 -51.07 55.92
N ALA L 286 9.97 -51.84 55.66
CA ALA L 286 9.15 -52.39 56.72
C ALA L 286 10.03 -53.13 57.72
N GLU L 287 10.93 -53.97 57.23
CA GLU L 287 11.88 -54.68 58.08
C GLU L 287 12.71 -53.70 58.91
N MET L 288 13.33 -52.70 58.30
CA MET L 288 14.18 -51.76 59.02
C MET L 288 13.39 -50.84 59.94
N ASN L 289 12.08 -50.75 59.76
CA ASN L 289 11.18 -50.05 60.65
C ASN L 289 10.69 -50.89 61.83
N LYS L 290 11.12 -52.16 61.96
CA LYS L 290 10.79 -53.05 63.09
C LYS L 290 9.29 -53.25 63.34
N GLY L 291 8.55 -53.67 62.31
CA GLY L 291 7.22 -54.30 62.48
C GLY L 291 6.01 -53.36 62.52
N SER L 292 5.97 -52.34 61.67
CA SER L 292 4.84 -51.38 61.56
C SER L 292 4.35 -51.06 60.12
N PRO L 293 5.21 -50.88 59.08
CA PRO L 293 4.72 -50.67 57.71
C PRO L 293 4.23 -51.98 57.07
N SER L 294 2.95 -52.04 56.71
CA SER L 294 2.31 -53.28 56.22
C SER L 294 1.92 -53.19 54.75
N LEU L 295 2.40 -54.13 53.93
CA LEU L 295 2.23 -54.10 52.48
C LEU L 295 0.77 -54.13 52.04
N GLU L 296 -0.12 -54.80 52.76
CA GLU L 296 -1.54 -54.77 52.42
C GLU L 296 -2.11 -53.37 52.49
N ASP L 297 -1.59 -52.52 53.37
CA ASP L 297 -1.96 -51.11 53.45
C ASP L 297 -1.65 -50.35 52.17
N LEU L 298 -0.69 -50.85 51.39
CA LEU L 298 -0.20 -50.28 50.14
C LEU L 298 -0.72 -51.02 48.88
N ALA L 299 -1.44 -52.12 49.06
CA ALA L 299 -1.71 -53.11 48.02
C ALA L 299 -2.91 -52.77 47.11
N ALA L 300 -2.84 -51.68 46.33
CA ALA L 300 -3.90 -51.30 45.38
C ALA L 300 -3.37 -50.64 44.09
N TYR L 301 -4.08 -50.82 42.97
CA TYR L 301 -3.76 -50.23 41.66
C TYR L 301 -4.33 -48.81 41.49
N SER L 302 -4.86 -48.25 42.56
CA SER L 302 -5.62 -47.02 42.60
C SER L 302 -5.61 -46.43 44.01
N GLY L 303 -5.95 -45.15 44.14
CA GLY L 303 -6.08 -44.48 45.44
C GLY L 303 -4.75 -44.11 46.10
N VAL L 304 -4.86 -43.32 47.17
CA VAL L 304 -3.74 -42.65 47.85
C VAL L 304 -2.66 -43.60 48.38
N ARG L 305 -3.01 -44.87 48.58
CA ARG L 305 -2.08 -45.94 48.89
C ARG L 305 -0.89 -45.96 47.94
N ALA L 306 -1.09 -45.59 46.68
CA ALA L 306 -0.01 -45.43 45.72
C ALA L 306 1.00 -44.33 46.11
N PHE L 307 0.52 -43.14 46.51
CA PHE L 307 1.42 -42.07 46.97
C PHE L 307 2.11 -42.45 48.27
N MET L 308 1.41 -43.15 49.17
CA MET L 308 2.05 -43.73 50.36
C MET L 308 3.26 -44.57 49.93
N ALA L 309 3.08 -45.49 48.99
CA ALA L 309 4.14 -46.39 48.55
C ALA L 309 5.30 -45.64 47.87
N PHE L 310 5.00 -44.71 46.98
CA PHE L 310 6.05 -43.97 46.30
C PHE L 310 6.85 -43.13 47.28
N ASN L 311 6.18 -42.31 48.10
CA ASN L 311 6.91 -41.53 49.11
C ASN L 311 7.66 -42.43 50.08
N THR L 312 7.12 -43.61 50.40
CA THR L 312 7.87 -44.59 51.18
C THR L 312 9.18 -44.92 50.47
N ALA L 313 9.11 -45.25 49.18
CA ALA L 313 10.31 -45.50 48.40
C ALA L 313 11.23 -44.27 48.44
N CYS L 314 10.67 -43.07 48.51
CA CYS L 314 11.44 -41.84 48.58
C CYS L 314 12.26 -41.68 49.84
N TYR L 315 12.14 -42.53 50.85
CA TYR L 315 13.05 -42.46 51.98
C TYR L 315 14.49 -42.75 51.55
N MET L 316 14.80 -43.99 51.14
CA MET L 316 16.20 -44.46 51.01
C MET L 316 16.47 -45.36 49.79
N SER L 317 15.57 -45.44 48.80
CA SER L 317 15.77 -46.33 47.64
C SER L 317 16.98 -45.88 46.79
N LYS L 318 17.65 -46.78 46.06
CA LYS L 318 18.93 -46.48 45.37
C LYS L 318 18.93 -46.86 43.89
N PHE L 319 19.70 -46.12 43.12
CA PHE L 319 19.74 -46.18 41.66
C PHE L 319 21.07 -45.59 41.18
N THR L 320 21.43 -45.84 39.93
CA THR L 320 22.70 -45.37 39.36
C THR L 320 22.65 -43.91 38.97
N ILE L 321 23.79 -43.24 39.03
CA ILE L 321 24.10 -42.01 38.33
C ILE L 321 25.30 -42.28 37.42
N GLY L 322 25.04 -42.27 36.11
CA GLY L 322 26.09 -42.06 35.11
C GLY L 322 26.37 -40.56 35.00
N LYS L 323 27.64 -40.17 34.79
CA LYS L 323 27.99 -38.78 34.46
C LYS L 323 27.45 -38.37 33.07
N GLY L 324 27.41 -39.31 32.13
CA GLY L 324 26.82 -39.17 30.80
C GLY L 324 25.30 -39.06 30.81
N ILE L 325 24.69 -38.89 29.65
CA ILE L 325 23.33 -38.37 29.54
C ILE L 325 22.55 -39.04 28.43
N VAL L 326 21.24 -39.20 28.61
CA VAL L 326 20.29 -39.24 27.50
C VAL L 326 20.10 -37.79 27.07
N GLY L 327 21.08 -37.28 26.34
CA GLY L 327 21.17 -35.89 25.87
C GLY L 327 22.35 -35.67 24.93
N ASP L 328 22.53 -34.45 24.43
CA ASP L 328 23.54 -34.17 23.39
C ASP L 328 24.24 -32.81 23.52
N ALA L 329 23.51 -31.74 23.87
CA ALA L 329 24.08 -30.42 24.13
C ALA L 329 24.81 -30.35 25.49
N GLU L 330 25.56 -29.28 25.74
CA GLU L 330 26.32 -29.09 26.99
C GLU L 330 25.46 -28.82 28.24
N ILE L 331 24.19 -28.43 28.07
CA ILE L 331 23.23 -28.26 29.17
C ILE L 331 22.74 -29.62 29.70
N MET L 332 22.87 -29.85 31.02
CA MET L 332 22.49 -31.10 31.69
C MET L 332 22.12 -30.86 33.16
N GLU L 333 21.40 -31.81 33.78
CA GLU L 333 20.77 -31.62 35.09
C GLU L 333 20.52 -32.95 35.85
N ASN L 334 20.27 -32.80 37.15
CA ASN L 334 20.55 -33.76 38.22
C ASN L 334 19.64 -35.00 38.38
N GLY L 335 19.97 -35.80 39.40
CA GLY L 335 19.21 -36.98 39.80
C GLY L 335 17.75 -36.71 40.14
N ASN L 336 17.38 -35.53 40.62
CA ASN L 336 15.97 -35.23 40.83
C ASN L 336 15.22 -35.29 39.49
N ASP L 337 15.86 -34.99 38.36
CA ASP L 337 15.23 -35.22 37.08
C ASP L 337 15.02 -36.71 36.80
N LYS L 338 15.97 -37.58 37.17
CA LYS L 338 15.70 -39.03 37.16
C LYS L 338 14.49 -39.29 38.06
N MET L 339 14.43 -38.67 39.22
CA MET L 339 13.34 -38.89 40.15
C MET L 339 12.00 -38.50 39.52
N GLN L 340 11.97 -37.38 38.80
CA GLN L 340 10.80 -37.03 38.01
C GLN L 340 10.51 -38.13 36.99
N THR L 341 11.51 -38.59 36.26
CA THR L 341 11.28 -39.57 35.19
C THR L 341 10.67 -40.84 35.78
N LEU L 342 11.23 -41.31 36.89
CA LEU L 342 10.71 -42.45 37.61
C LEU L 342 9.25 -42.22 37.94
N ALA L 343 8.94 -41.07 38.54
CA ALA L 343 7.57 -40.77 38.90
C ALA L 343 6.65 -40.80 37.68
N MET L 344 7.09 -40.18 36.59
CA MET L 344 6.34 -40.15 35.34
C MET L 344 6.04 -41.56 34.91
N ALA L 345 7.06 -42.40 34.85
CA ALA L 345 6.88 -43.78 34.46
C ALA L 345 5.97 -44.53 35.45
N CYS L 346 6.10 -44.26 36.75
CA CYS L 346 5.38 -45.00 37.78
C CYS L 346 3.89 -44.69 37.76
N PHE L 347 3.50 -43.43 37.64
CA PHE L 347 2.10 -43.02 37.69
C PHE L 347 1.49 -42.77 36.29
N GLY L 348 2.25 -42.88 35.21
CA GLY L 348 1.76 -42.60 33.85
C GLY L 348 1.50 -41.11 33.57
N LEU L 349 2.32 -40.22 34.14
CA LEU L 349 2.09 -38.75 34.12
C LEU L 349 2.35 -38.07 32.77
N ALA L 350 2.79 -38.79 31.74
CA ALA L 350 3.35 -38.21 30.50
C ALA L 350 2.43 -37.19 29.81
N TYR L 351 1.11 -37.30 30.02
CA TYR L 351 0.13 -36.35 29.48
C TYR L 351 -0.75 -35.70 30.56
N GLU L 352 -0.39 -35.91 31.83
CA GLU L 352 -0.93 -35.19 32.97
C GLU L 352 -0.47 -33.73 32.95
N ASP L 353 -1.14 -32.86 33.72
CA ASP L 353 -0.70 -31.48 33.87
C ASP L 353 0.60 -31.36 34.69
N THR L 354 1.63 -30.80 34.07
CA THR L 354 2.89 -30.42 34.72
C THR L 354 2.66 -29.51 35.92
N GLY L 355 1.69 -28.59 35.91
CA GLY L 355 1.44 -27.69 37.03
C GLY L 355 0.93 -28.45 38.25
N ILE L 356 -0.09 -29.28 38.06
CA ILE L 356 -0.58 -30.24 39.03
C ILE L 356 0.59 -31.03 39.59
N VAL L 357 1.39 -31.63 38.72
CA VAL L 357 2.51 -32.45 39.19
C VAL L 357 3.51 -31.57 39.95
N ALA L 358 3.79 -30.36 39.49
CA ALA L 358 4.74 -29.45 40.12
C ALA L 358 4.34 -29.17 41.56
N ALA L 359 3.05 -28.96 41.80
CA ALA L 359 2.56 -28.77 43.15
C ALA L 359 2.66 -30.06 44.00
N MET L 360 2.34 -31.23 43.45
CA MET L 360 2.36 -32.49 44.20
C MET L 360 3.78 -32.90 44.59
N ILE L 361 4.65 -33.02 43.58
CA ILE L 361 6.09 -33.13 43.79
C ILE L 361 6.67 -31.90 44.48
N SER L 362 5.86 -30.84 44.64
CA SER L 362 6.21 -29.66 45.41
C SER L 362 7.49 -28.95 44.93
N GLN L 363 7.79 -29.06 43.62
CA GLN L 363 8.93 -28.52 42.86
C GLN L 363 8.50 -28.24 41.39
N PRO L 364 9.12 -27.32 40.65
CA PRO L 364 8.69 -26.97 39.29
C PRO L 364 8.75 -28.16 38.31
N MET L 365 7.82 -28.21 37.35
CA MET L 365 7.75 -29.23 36.28
C MET L 365 8.08 -28.71 34.88
N LYS L 366 8.25 -29.67 33.94
CA LYS L 366 9.07 -29.51 32.73
C LYS L 366 8.47 -30.17 31.48
N LYS L 367 8.99 -29.77 30.31
CA LYS L 367 8.78 -30.40 28.99
C LYS L 367 10.07 -31.02 28.47
N ARG L 368 10.02 -31.81 27.40
CA ARG L 368 11.18 -32.58 26.94
C ARG L 368 12.40 -31.72 26.65
N TYR L 369 12.21 -30.51 26.15
CA TYR L 369 13.34 -29.60 25.92
C TYR L 369 14.15 -29.38 27.18
N GLN L 370 13.53 -29.54 28.34
CA GLN L 370 14.14 -29.43 29.64
C GLN L 370 14.47 -30.78 30.28
N LEU L 371 13.75 -31.87 29.99
CA LEU L 371 13.94 -33.17 30.72
C LEU L 371 15.28 -33.83 30.41
N ARG L 372 16.04 -34.21 31.45
CA ARG L 372 17.28 -35.02 31.37
C ARG L 372 17.15 -36.31 32.20
N VAL L 373 17.75 -37.41 31.74
CA VAL L 373 17.81 -38.71 32.44
C VAL L 373 18.94 -39.60 31.90
N GLY L 374 19.27 -40.70 32.58
CA GLY L 374 20.09 -41.81 32.08
C GLY L 374 19.30 -42.92 31.38
N ASN L 375 19.99 -43.92 30.86
CA ASN L 375 19.40 -44.99 30.04
C ASN L 375 18.76 -46.18 30.83
N PHE L 376 18.95 -46.25 32.15
CA PHE L 376 18.59 -47.39 33.00
C PHE L 376 19.24 -48.75 32.59
N ASN L 377 20.37 -48.76 31.86
CA ASN L 377 21.00 -49.98 31.32
C ASN L 377 22.44 -50.17 31.91
N PRO L 378 22.77 -51.27 32.61
CA PRO L 378 23.91 -51.29 33.54
C PRO L 378 25.25 -50.88 32.94
N PRO L 379 26.11 -50.15 33.66
CA PRO L 379 27.07 -49.27 33.00
C PRO L 379 28.47 -49.84 32.88
N GLU L 380 29.35 -49.22 32.10
CA GLU L 380 30.78 -49.53 32.18
C GLU L 380 31.36 -49.07 33.53
N LYS L 381 31.10 -47.81 33.90
CA LYS L 381 31.49 -47.13 35.15
C LYS L 381 30.43 -46.10 35.55
N GLY L 382 30.30 -45.80 36.84
CA GLY L 382 29.35 -44.81 37.36
C GLY L 382 29.33 -44.79 38.87
N THR L 383 28.38 -44.06 39.48
CA THR L 383 28.24 -43.93 40.96
C THR L 383 26.81 -44.18 41.43
N ILE L 384 26.58 -44.67 42.64
CA ILE L 384 25.23 -44.89 43.18
C ILE L 384 24.67 -43.58 43.77
N LYS L 385 23.35 -43.41 43.74
CA LYS L 385 22.66 -42.38 44.50
C LYS L 385 21.36 -42.92 45.10
N GLY L 386 20.94 -42.29 46.19
CA GLY L 386 19.70 -42.57 46.92
C GLY L 386 18.63 -41.46 46.83
N THR L 387 17.38 -41.77 47.18
CA THR L 387 16.21 -40.89 46.99
C THR L 387 16.20 -39.61 47.84
N SER L 388 15.72 -38.52 47.23
CA SER L 388 15.31 -37.30 47.94
C SER L 388 14.02 -37.53 48.75
N ALA L 389 13.96 -37.06 49.99
CA ALA L 389 12.92 -37.42 50.95
C ALA L 389 11.49 -36.96 50.56
N GLY L 390 10.47 -37.82 50.81
CA GLY L 390 9.04 -37.48 50.83
C GLY L 390 8.42 -36.93 49.54
N TYR L 391 9.10 -37.12 48.41
CA TYR L 391 9.08 -36.26 47.22
C TYR L 391 7.72 -35.68 46.77
N PHE L 392 6.64 -36.45 46.72
CA PHE L 392 5.29 -35.91 46.51
C PHE L 392 4.81 -35.26 47.81
N HIS L 393 5.41 -34.13 48.21
CA HIS L 393 5.10 -33.54 49.52
C HIS L 393 3.65 -33.06 49.59
N LYS L 394 3.01 -32.92 48.43
CA LYS L 394 1.56 -32.94 48.27
C LYS L 394 1.16 -34.15 47.41
N TRP L 395 -0.02 -34.71 47.67
CA TRP L 395 -0.67 -35.81 46.92
C TRP L 395 -1.94 -35.31 46.20
N ALA L 396 -2.68 -36.22 45.53
CA ALA L 396 -4.03 -35.95 45.03
C ALA L 396 -4.86 -37.23 44.79
N GLU L 397 -6.18 -37.08 44.69
CA GLU L 397 -7.11 -38.15 44.30
C GLU L 397 -7.05 -38.42 42.78
N PHE L 398 -6.86 -39.68 42.37
CA PHE L 398 -6.77 -40.11 40.96
C PHE L 398 -8.14 -40.10 40.23
N GLY L 399 -8.15 -40.39 38.93
CA GLY L 399 -9.35 -40.32 38.10
C GLY L 399 -9.07 -40.69 36.66
N ASN L 400 -10.14 -40.77 35.85
CA ASN L 400 -10.13 -41.51 34.59
C ASN L 400 -10.93 -40.85 33.45
N ARG L 401 -11.56 -39.68 33.66
CA ARG L 401 -12.38 -39.02 32.63
C ARG L 401 -12.54 -37.52 32.87
N LEU L 402 -13.03 -36.84 31.84
CA LEU L 402 -13.25 -35.36 31.89
C LEU L 402 -14.21 -35.02 33.04
N PRO L 403 -14.26 -33.75 33.50
CA PRO L 403 -15.15 -33.35 34.60
C PRO L 403 -16.63 -33.56 34.27
N PHE L 404 -17.09 -33.00 33.13
CA PHE L 404 -18.52 -33.12 32.74
C PHE L 404 -18.63 -33.57 31.27
N ASN L 405 -17.53 -34.06 30.69
CA ASN L 405 -17.52 -34.54 29.29
C ASN L 405 -18.10 -33.45 28.38
N SER L 406 -19.41 -33.51 28.11
CA SER L 406 -20.10 -32.50 27.26
C SER L 406 -21.50 -32.22 27.82
N PHE L 407 -22.11 -31.11 27.38
CA PHE L 407 -23.46 -30.72 27.85
C PHE L 407 -24.48 -31.75 27.37
N GLY L 408 -25.32 -32.25 28.30
CA GLY L 408 -26.34 -33.25 27.96
C GLY L 408 -27.75 -32.65 27.98
N THR L 409 -28.77 -33.49 27.84
CA THR L 409 -30.18 -33.11 27.83
C THR L 409 -30.64 -32.59 29.20
N GLY L 410 -31.89 -32.15 29.30
CA GLY L 410 -32.60 -32.26 30.57
C GLY L 410 -32.54 -33.69 31.10
N GLU L 411 -32.42 -33.85 32.42
CA GLU L 411 -32.15 -35.15 33.06
C GLU L 411 -33.38 -36.08 33.09
N SER L 412 -34.59 -35.52 33.19
CA SER L 412 -35.84 -36.30 33.27
C SER L 412 -37.10 -35.50 32.83
N LYS L 413 -37.16 -34.21 33.15
CA LYS L 413 -38.26 -33.29 32.78
C LYS L 413 -38.16 -32.80 31.32
N GLN L 414 -39.11 -31.95 30.91
CA GLN L 414 -39.24 -31.36 29.56
C GLN L 414 -39.48 -32.38 28.42
N ILE L 415 -39.96 -33.58 28.75
CA ILE L 415 -40.47 -34.59 27.80
C ILE L 415 -41.96 -34.35 27.51
N SER L 416 -42.57 -35.09 26.57
CA SER L 416 -44.00 -34.95 26.21
C SER L 416 -44.94 -35.18 27.41
N ASN L 417 -45.50 -34.10 27.97
CA ASN L 417 -46.18 -34.10 29.27
C ASN L 417 -47.39 -35.05 29.30
N SER L 418 -47.59 -35.77 30.42
CA SER L 418 -48.83 -36.51 30.68
C SER L 418 -49.89 -35.60 31.34
N GLY L 419 -51.16 -35.99 31.25
CA GLY L 419 -52.28 -35.23 31.80
C GLY L 419 -53.37 -36.15 32.32
N VAL L 420 -53.39 -36.39 33.63
CA VAL L 420 -54.53 -36.98 34.34
C VAL L 420 -55.69 -35.98 34.39
N PHE L 421 -55.44 -34.75 34.82
CA PHE L 421 -56.53 -33.81 35.05
C PHE L 421 -57.08 -33.19 33.75
N ALA L 422 -58.41 -33.19 33.64
CA ALA L 422 -59.14 -32.72 32.47
C ALA L 422 -59.13 -31.19 32.40
N VAL L 423 -58.00 -30.59 32.01
CA VAL L 423 -57.79 -29.14 31.98
C VAL L 423 -57.10 -28.70 30.69
N GLN L 424 -57.67 -27.72 29.99
CA GLN L 424 -57.08 -27.15 28.77
C GLN L 424 -55.71 -26.54 29.04
N ARG L 425 -54.70 -26.88 28.22
CA ARG L 425 -53.28 -26.73 28.59
C ARG L 425 -52.32 -26.43 27.42
N PRO L 426 -51.27 -25.62 27.65
CA PRO L 426 -50.02 -25.68 26.88
C PRO L 426 -49.24 -26.99 27.13
N SER L 427 -48.11 -27.17 26.43
CA SER L 427 -47.17 -28.29 26.66
C SER L 427 -45.73 -27.91 26.31
N THR L 428 -44.75 -28.49 27.01
CA THR L 428 -43.32 -28.45 26.64
C THR L 428 -43.06 -29.41 25.47
N THR L 429 -43.60 -29.11 24.29
CA THR L 429 -43.62 -30.02 23.13
C THR L 429 -42.19 -30.31 22.65
N ASN L 430 -41.80 -31.59 22.60
CA ASN L 430 -40.41 -32.02 22.39
C ASN L 430 -40.33 -33.29 21.52
N ILE L 431 -41.26 -33.46 20.57
CA ILE L 431 -41.40 -34.63 19.70
C ILE L 431 -40.14 -34.87 18.86
N GLN L 432 -39.42 -33.81 18.51
CA GLN L 432 -38.22 -33.83 17.69
C GLN L 432 -37.08 -34.62 18.35
N ARG L 433 -36.71 -34.31 19.61
CA ARG L 433 -35.70 -35.07 20.36
C ARG L 433 -36.21 -36.45 20.77
N LEU L 434 -37.51 -36.61 21.01
CA LEU L 434 -38.13 -37.93 21.22
C LEU L 434 -37.91 -38.83 19.99
N ALA L 435 -38.14 -38.33 18.78
CA ALA L 435 -37.84 -39.04 17.54
C ALA L 435 -36.33 -39.31 17.34
N GLU L 436 -35.43 -38.43 17.78
CA GLU L 436 -34.00 -38.74 17.85
C GLU L 436 -33.72 -39.94 18.78
N LEU L 437 -34.27 -39.97 20.00
CA LEU L 437 -34.09 -41.11 20.91
C LEU L 437 -34.58 -42.43 20.27
N MET L 438 -35.74 -42.40 19.60
CA MET L 438 -36.21 -43.54 18.80
C MET L 438 -35.21 -43.92 17.68
N ALA L 439 -34.70 -42.94 16.93
CA ALA L 439 -33.72 -43.18 15.88
C ALA L 439 -32.43 -43.83 16.41
N ARG L 440 -31.91 -43.35 17.55
CA ARG L 440 -30.70 -43.92 18.18
C ARG L 440 -30.95 -45.34 18.72
N ASN L 441 -32.10 -45.60 19.36
CA ASN L 441 -32.39 -46.94 19.90
C ASN L 441 -32.83 -47.96 18.81
N THR L 442 -33.37 -47.51 17.68
CA THR L 442 -33.64 -48.35 16.49
C THR L 442 -32.39 -48.57 15.61
N GLY L 443 -31.26 -47.90 15.88
CA GLY L 443 -29.99 -48.11 15.17
C GLY L 443 -29.90 -47.39 13.82
N GLU L 444 -30.40 -46.16 13.72
CA GLU L 444 -30.39 -45.37 12.47
C GLU L 444 -28.98 -45.26 11.86
N THR L 445 -28.89 -45.46 10.54
CA THR L 445 -27.67 -45.83 9.81
C THR L 445 -27.36 -44.94 8.59
N SER L 446 -28.33 -44.17 8.11
CA SER L 446 -28.11 -43.27 6.93
C SER L 446 -27.41 -41.97 7.40
N ASP L 447 -26.34 -41.59 6.70
CA ASP L 447 -25.54 -40.36 7.01
C ASP L 447 -24.98 -40.41 8.43
N ASN L 448 -23.91 -41.18 8.63
CA ASN L 448 -23.27 -41.32 9.97
C ASN L 448 -21.86 -40.71 9.94
N PHE L 449 -21.01 -41.17 9.01
CA PHE L 449 -19.62 -40.66 8.88
C PHE L 449 -19.62 -39.13 8.95
N THR L 450 -20.10 -38.48 7.89
CA THR L 450 -20.15 -36.99 7.82
C THR L 450 -20.90 -36.43 9.03
N GLN L 451 -22.07 -37.01 9.35
CA GLN L 451 -22.90 -36.55 10.49
C GLN L 451 -22.04 -36.46 11.75
N LEU L 452 -21.29 -37.51 12.05
CA LEU L 452 -20.45 -37.56 13.22
C LEU L 452 -19.20 -36.70 13.02
N VAL L 453 -18.67 -36.57 11.81
CA VAL L 453 -17.62 -35.57 11.52
C VAL L 453 -18.11 -34.18 11.92
N GLN L 454 -19.30 -33.81 11.46
CA GLN L 454 -19.89 -32.54 11.85
C GLN L 454 -20.10 -32.46 13.35
N LYS L 455 -20.65 -33.51 13.97
CA LYS L 455 -20.86 -33.52 15.41
C LYS L 455 -19.54 -33.32 16.14
N ILE L 456 -18.46 -33.90 15.68
CA ILE L 456 -17.14 -33.68 16.25
C ILE L 456 -16.77 -32.21 16.11
N ARG L 457 -16.90 -31.63 14.92
CA ARG L 457 -16.57 -30.22 14.69
C ARG L 457 -17.30 -29.33 15.70
N GLU L 458 -18.61 -29.49 15.79
CA GLU L 458 -19.39 -28.63 16.67
C GLU L 458 -19.20 -28.98 18.15
N GLN L 459 -18.97 -30.25 18.49
CA GLN L 459 -18.67 -30.64 19.87
C GLN L 459 -17.38 -29.96 20.33
N VAL L 460 -16.36 -29.93 19.47
CA VAL L 460 -15.12 -29.23 19.79
C VAL L 460 -15.43 -27.77 20.10
N GLY L 461 -16.23 -27.11 19.28
CA GLY L 461 -16.64 -25.73 19.56
C GLY L 461 -17.37 -25.61 20.90
N ALA L 462 -18.32 -26.49 21.16
CA ALA L 462 -19.05 -26.49 22.42
C ALA L 462 -18.09 -26.66 23.59
N PHE L 463 -17.16 -27.60 23.48
CA PHE L 463 -16.14 -27.83 24.47
C PHE L 463 -15.26 -26.58 24.64
N ALA L 464 -14.93 -25.92 23.54
CA ALA L 464 -14.16 -24.69 23.55
C ALA L 464 -14.92 -23.56 24.25
N ASP L 465 -16.23 -23.67 24.42
CA ASP L 465 -16.95 -22.87 25.38
C ASP L 465 -16.85 -23.48 26.79
N GLN L 466 -17.15 -24.77 26.92
CA GLN L 466 -17.29 -25.51 28.20
C GLN L 466 -16.03 -25.52 29.06
N LYS L 467 -14.87 -25.28 28.45
CA LYS L 467 -13.58 -25.08 29.13
C LYS L 467 -13.68 -24.11 30.30
N ALA L 468 -14.62 -23.16 30.23
CA ALA L 468 -14.92 -22.20 31.28
C ALA L 468 -15.02 -22.84 32.67
N ASN L 469 -15.47 -24.10 32.77
CA ASN L 469 -15.48 -24.83 34.03
C ASN L 469 -14.97 -26.27 33.93
N LEU L 470 -14.65 -26.78 32.74
CA LEU L 470 -14.26 -28.18 32.54
C LEU L 470 -12.85 -28.49 33.11
N ARG L 471 -12.71 -28.72 34.43
CA ARG L 471 -11.39 -28.72 35.12
C ARG L 471 -11.07 -29.88 36.11
N GLU L 472 -11.93 -30.32 37.03
CA GLU L 472 -11.71 -31.55 37.83
C GLU L 472 -13.00 -32.14 38.37
N PHE L 473 -12.95 -33.36 38.93
CA PHE L 473 -13.96 -33.69 39.92
C PHE L 473 -13.94 -32.63 41.04
N THR L 474 -15.11 -32.04 41.34
CA THR L 474 -15.32 -30.72 41.96
C THR L 474 -14.73 -30.51 43.37
N GLY L 475 -14.25 -31.56 44.03
CA GLY L 475 -13.49 -31.47 45.30
C GLY L 475 -11.98 -31.32 45.12
N GLY L 476 -11.51 -31.09 43.90
CA GLY L 476 -10.16 -31.40 43.51
C GLY L 476 -9.11 -30.36 43.89
N TYR L 477 -8.13 -30.73 44.71
CA TYR L 477 -6.99 -29.89 45.05
C TYR L 477 -5.75 -30.72 45.43
N ILE L 478 -4.57 -30.09 45.47
CA ILE L 478 -3.27 -30.71 45.87
C ILE L 478 -3.02 -30.68 47.38
N TYR L 479 -3.69 -31.54 48.12
CA TYR L 479 -3.57 -31.61 49.58
C TYR L 479 -2.19 -32.12 50.05
N ASP L 480 -1.77 -31.68 51.23
CA ASP L 480 -0.50 -32.09 51.86
C ASP L 480 -0.44 -33.59 52.18
N ILE L 481 0.76 -34.15 52.36
CA ILE L 481 0.91 -35.52 52.88
C ILE L 481 0.42 -35.66 54.33
N THR L 482 0.45 -34.56 55.09
CA THR L 482 -0.27 -34.43 56.37
C THR L 482 -1.79 -34.33 56.20
N ASP L 483 -2.30 -34.39 54.97
CA ASP L 483 -3.69 -34.10 54.61
C ASP L 483 -4.25 -34.98 53.47
N VAL L 484 -4.04 -36.29 53.60
CA VAL L 484 -4.92 -37.25 52.91
C VAL L 484 -6.39 -37.02 53.28
N THR L 485 -6.61 -36.37 54.42
CA THR L 485 -7.89 -35.85 54.90
C THR L 485 -8.49 -34.75 54.05
N LYS L 486 -7.88 -34.31 52.95
CA LYS L 486 -8.47 -33.33 52.01
C LYS L 486 -8.96 -32.02 52.65
N SER L 487 -8.32 -31.60 53.75
CA SER L 487 -8.67 -30.49 54.62
C SER L 487 -8.27 -29.11 54.05
N ASN L 488 -7.24 -29.06 53.20
CA ASN L 488 -6.52 -27.85 52.77
C ASN L 488 -6.67 -27.58 51.25
N PRO L 489 -7.86 -27.27 50.71
CA PRO L 489 -8.06 -27.11 49.27
C PRO L 489 -7.31 -25.87 48.74
N LYS L 490 -6.38 -26.07 47.78
CA LYS L 490 -5.55 -25.02 47.17
C LYS L 490 -5.19 -25.30 45.70
N ILE L 491 -5.13 -24.24 44.88
CA ILE L 491 -4.98 -24.27 43.41
C ILE L 491 -3.48 -24.32 43.00
N PRO L 492 -3.09 -24.98 41.90
CA PRO L 492 -1.69 -25.04 41.46
C PRO L 492 -1.10 -23.69 41.01
N GLN L 493 -1.76 -23.00 40.08
CA GLN L 493 -1.29 -21.73 39.48
C GLN L 493 -2.47 -20.81 39.12
N LEU L 494 -2.23 -19.50 39.16
CA LEU L 494 -3.14 -18.47 38.63
C LEU L 494 -2.93 -18.24 37.12
N GLY L 495 -1.68 -18.23 36.66
CA GLY L 495 -1.28 -17.95 35.29
C GLY L 495 0.05 -17.18 35.20
N GLY L 496 0.26 -16.41 34.13
CA GLY L 496 1.36 -15.46 34.00
C GLY L 496 1.18 -14.18 34.83
N THR M 8 25.06 -55.21 5.13
CA THR M 8 24.61 -54.92 3.74
C THR M 8 25.48 -53.89 3.01
N PRO M 9 25.96 -52.75 3.59
CA PRO M 9 26.69 -51.76 2.79
C PRO M 9 27.96 -52.28 2.13
N GLU M 10 28.67 -53.20 2.75
CA GLU M 10 29.84 -53.87 2.19
C GLU M 10 29.47 -54.57 0.88
N GLU M 11 28.37 -55.32 0.90
CA GLU M 11 27.85 -55.97 -0.30
C GLU M 11 27.34 -54.93 -1.32
N GLN M 12 26.83 -53.79 -0.87
CA GLN M 12 26.53 -52.70 -1.79
C GLN M 12 27.82 -52.20 -2.47
N ARG M 13 28.91 -52.00 -1.72
CA ARG M 13 30.22 -51.64 -2.30
C ARG M 13 30.72 -52.68 -3.27
N ALA M 14 30.48 -53.96 -3.00
CA ALA M 14 30.83 -55.04 -3.90
C ALA M 14 30.04 -54.98 -5.23
N LYS M 15 28.71 -54.84 -5.17
CA LYS M 15 27.87 -54.69 -6.38
C LYS M 15 28.22 -53.44 -7.17
N ASN M 16 28.49 -52.34 -6.47
CA ASN M 16 29.04 -51.13 -7.07
C ASN M 16 30.39 -51.41 -7.75
N ALA M 17 31.32 -52.09 -7.08
CA ALA M 17 32.63 -52.41 -7.64
C ALA M 17 32.46 -53.26 -8.92
N LYS M 18 31.59 -54.28 -8.93
CA LYS M 18 31.27 -55.05 -10.13
C LYS M 18 30.69 -54.16 -11.24
N THR M 19 29.77 -53.27 -10.89
CA THR M 19 29.19 -52.31 -11.82
C THR M 19 30.26 -51.46 -12.50
N ILE M 20 31.20 -50.94 -11.72
CA ILE M 20 32.32 -50.14 -12.23
C ILE M 20 33.28 -51.03 -13.03
N LEU M 21 33.59 -52.24 -12.57
CA LEU M 21 34.45 -53.17 -13.28
C LEU M 21 33.87 -53.50 -14.65
N GLU M 22 32.55 -53.63 -14.74
CA GLU M 22 31.87 -53.77 -16.02
C GLU M 22 32.11 -52.55 -16.90
N ASN M 23 31.93 -51.36 -16.36
CA ASN M 23 32.18 -50.14 -17.11
C ASN M 23 33.65 -50.08 -17.56
N ILE M 24 34.58 -50.48 -16.70
CA ILE M 24 36.01 -50.57 -17.00
C ILE M 24 36.25 -51.57 -18.13
N GLN M 25 35.68 -52.77 -18.06
CA GLN M 25 35.87 -53.79 -19.08
C GLN M 25 35.32 -53.30 -20.44
N ILE M 26 34.14 -52.68 -20.43
CA ILE M 26 33.56 -52.04 -21.61
C ILE M 26 34.56 -51.03 -22.16
N TYR M 27 35.03 -50.11 -21.33
CA TYR M 27 35.94 -49.04 -21.73
C TYR M 27 37.26 -49.61 -22.28
N GLU M 28 37.87 -50.61 -21.62
CA GLU M 28 39.10 -51.24 -22.11
C GLU M 28 38.87 -51.79 -23.51
N ARG M 29 37.76 -52.49 -23.67
CA ARG M 29 37.38 -53.03 -24.97
C ARG M 29 37.12 -51.92 -25.97
N MET M 30 36.43 -50.87 -25.58
CA MET M 30 36.20 -49.72 -26.44
C MET M 30 37.53 -49.08 -26.87
N CYS M 31 38.48 -48.98 -25.96
CA CYS M 31 39.78 -48.37 -26.23
C CYS M 31 40.55 -49.18 -27.25
N ASP M 32 40.64 -50.48 -27.03
CA ASP M 32 41.23 -51.35 -28.03
C ASP M 32 40.43 -51.30 -29.35
N LEU M 33 39.10 -51.23 -29.30
CA LEU M 33 38.23 -51.27 -30.48
C LEU M 33 38.47 -50.09 -31.43
N PHE M 34 38.62 -48.87 -30.90
CA PHE M 34 38.99 -47.71 -31.73
C PHE M 34 40.49 -47.54 -31.92
N GLY M 35 41.34 -48.42 -31.36
CA GLY M 35 42.78 -48.42 -31.56
C GLY M 35 43.54 -47.44 -30.66
N VAL M 36 43.01 -47.10 -29.49
CA VAL M 36 43.57 -46.10 -28.56
C VAL M 36 44.90 -46.59 -27.97
N SER M 37 45.94 -45.74 -27.99
CA SER M 37 47.26 -46.07 -27.40
C SER M 37 47.20 -46.22 -25.88
N GLU M 38 48.06 -47.07 -25.32
CA GLU M 38 47.92 -47.55 -23.94
C GLU M 38 47.84 -46.38 -22.94
N ASP M 39 48.76 -45.44 -23.06
CA ASP M 39 48.73 -44.24 -22.25
C ASP M 39 47.49 -43.40 -22.58
N ASP M 40 47.14 -43.25 -23.86
CA ASP M 40 45.97 -42.47 -24.26
C ASP M 40 44.66 -43.03 -23.71
N LYS M 41 44.62 -44.29 -23.27
CA LYS M 41 43.42 -44.84 -22.62
C LYS M 41 43.03 -44.06 -21.37
N LEU M 42 44.00 -43.50 -20.64
CA LEU M 42 43.74 -42.76 -19.40
C LEU M 42 42.92 -41.48 -19.65
N ILE M 43 42.89 -41.00 -20.88
CA ILE M 43 42.46 -39.66 -21.15
C ILE M 43 40.98 -39.49 -20.84
N ILE M 44 40.69 -38.48 -20.02
CA ILE M 44 39.32 -38.14 -19.65
C ILE M 44 38.49 -37.75 -20.89
N GLU M 45 39.06 -36.98 -21.81
CA GLU M 45 38.43 -36.70 -23.11
C GLU M 45 38.04 -38.01 -23.82
N ASN M 46 38.88 -39.05 -23.78
CA ASN M 46 38.51 -40.35 -24.33
C ASN M 46 37.36 -40.98 -23.55
N SER M 47 37.35 -40.86 -22.22
CA SER M 47 36.21 -41.28 -21.41
C SER M 47 34.92 -40.66 -21.96
N ILE M 48 34.92 -39.34 -22.07
CA ILE M 48 33.79 -38.57 -22.54
C ILE M 48 33.41 -39.05 -23.93
N SER M 49 34.35 -39.18 -24.86
CA SER M 49 34.04 -39.61 -26.22
C SER M 49 33.36 -40.97 -26.26
N ILE M 50 33.82 -41.95 -25.48
CA ILE M 50 33.17 -43.26 -25.46
C ILE M 50 31.77 -43.13 -24.88
N GLU M 51 31.65 -42.46 -23.75
CA GLU M 51 30.38 -42.25 -23.10
C GLU M 51 29.37 -41.58 -24.03
N ARG M 52 29.83 -40.58 -24.78
CA ARG M 52 29.06 -39.86 -25.80
C ARG M 52 28.55 -40.84 -26.83
N MET M 53 29.45 -41.63 -27.42
CA MET M 53 29.09 -42.59 -28.45
C MET M 53 28.02 -43.55 -27.91
N ILE M 54 28.18 -44.01 -26.67
CA ILE M 54 27.21 -44.90 -26.06
C ILE M 54 25.85 -44.23 -25.96
N ARG M 55 25.77 -42.95 -25.58
CA ARG M 55 24.47 -42.24 -25.59
C ARG M 55 23.83 -42.34 -26.97
N VAL M 56 24.55 -41.95 -28.02
CA VAL M 56 24.02 -41.93 -29.39
C VAL M 56 23.43 -43.28 -29.76
N VAL M 57 24.20 -44.34 -29.54
CA VAL M 57 23.77 -45.72 -29.82
C VAL M 57 22.51 -46.06 -29.01
N THR M 58 22.47 -45.69 -27.74
CA THR M 58 21.38 -46.03 -26.82
C THR M 58 20.17 -45.10 -26.88
N ASP M 59 20.20 -44.03 -27.68
CA ASP M 59 19.10 -43.07 -27.81
C ASP M 59 17.88 -43.62 -28.58
N LYS M 60 17.14 -44.56 -27.99
CA LYS M 60 16.02 -45.29 -28.62
C LYS M 60 15.01 -44.38 -29.34
N LYS M 61 14.61 -43.29 -28.69
CA LYS M 61 13.78 -42.22 -29.28
C LYS M 61 14.36 -41.65 -30.57
N TYR M 62 15.60 -41.17 -30.52
CA TYR M 62 16.27 -40.62 -31.70
C TYR M 62 16.52 -41.70 -32.77
N GLN M 63 16.71 -42.97 -32.40
CA GLN M 63 16.76 -44.07 -33.37
C GLN M 63 15.40 -44.25 -34.09
N ASP M 64 14.26 -44.12 -33.40
CA ASP M 64 12.93 -44.13 -34.05
C ASP M 64 12.80 -43.03 -35.12
N LYS M 65 13.31 -41.85 -34.79
CA LYS M 65 13.25 -40.65 -35.62
C LYS M 65 14.19 -40.77 -36.81
N LYS M 66 15.39 -41.29 -36.57
CA LYS M 66 16.41 -41.61 -37.58
C LYS M 66 15.83 -42.54 -38.63
N LEU M 67 15.20 -43.64 -38.21
CA LEU M 67 14.50 -44.55 -39.10
C LEU M 67 13.44 -43.79 -39.92
N LYS M 68 12.66 -42.91 -39.30
CA LYS M 68 11.63 -42.13 -39.99
C LYS M 68 12.19 -41.32 -41.18
N ASN M 69 13.39 -40.76 -41.06
CA ASN M 69 14.05 -40.01 -42.14
C ASN M 69 15.15 -40.78 -42.88
N ALA M 70 15.41 -42.05 -42.55
CA ALA M 70 16.48 -42.82 -43.17
C ALA M 70 16.24 -43.05 -44.68
N GLY M 71 14.97 -43.06 -45.12
CA GLY M 71 14.58 -43.03 -46.52
C GLY M 71 15.12 -44.18 -47.38
N SER M 72 15.27 -43.91 -48.67
CA SER M 72 15.81 -44.86 -49.65
C SER M 72 17.33 -44.76 -49.85
N ASP M 73 18.00 -43.74 -49.28
CA ASP M 73 19.38 -43.40 -49.65
C ASP M 73 20.41 -44.44 -49.12
N PRO M 74 21.17 -45.12 -50.00
CA PRO M 74 22.18 -46.09 -49.56
C PRO M 74 23.29 -45.46 -48.71
N GLU M 75 23.56 -44.15 -48.80
CA GLU M 75 24.50 -43.49 -47.91
C GLU M 75 23.94 -43.35 -46.48
N LYS M 76 22.63 -43.10 -46.31
CA LYS M 76 21.99 -43.10 -44.99
C LYS M 76 22.05 -44.49 -44.35
N ILE M 77 21.76 -45.53 -45.15
CA ILE M 77 21.73 -46.92 -44.70
C ILE M 77 23.12 -47.41 -44.26
N ALA M 78 24.19 -47.13 -45.01
CA ALA M 78 25.55 -47.51 -44.62
C ALA M 78 26.01 -46.82 -43.32
N ASN M 79 25.74 -45.51 -43.20
CA ASN M 79 26.05 -44.76 -42.00
C ASN M 79 25.13 -45.13 -40.81
N ALA M 80 24.03 -45.85 -41.00
CA ALA M 80 23.31 -46.48 -39.91
C ALA M 80 24.05 -47.69 -39.32
N GLY M 81 24.91 -48.35 -40.11
CA GLY M 81 25.75 -49.46 -39.66
C GLY M 81 27.08 -49.01 -39.02
N LYS M 82 27.76 -48.04 -39.64
CA LYS M 82 28.95 -47.41 -39.06
C LYS M 82 28.61 -46.71 -37.75
N VAL M 83 29.55 -46.72 -36.80
CA VAL M 83 29.54 -45.82 -35.64
C VAL M 83 30.90 -45.13 -35.53
N PHE M 84 30.88 -43.80 -35.46
CA PHE M 84 32.07 -42.96 -35.35
C PHE M 84 32.40 -42.61 -33.89
N CYS M 85 33.69 -42.49 -33.59
CA CYS M 85 34.17 -41.97 -32.33
C CYS M 85 35.43 -41.10 -32.52
N ARG M 86 35.26 -39.78 -32.34
CA ARG M 86 36.36 -38.80 -32.27
C ARG M 86 37.09 -38.97 -30.94
N LEU M 87 38.35 -39.39 -30.97
CA LEU M 87 39.17 -39.76 -29.81
C LEU M 87 40.53 -39.05 -29.85
N VAL M 88 41.16 -38.84 -28.69
CA VAL M 88 42.52 -38.32 -28.58
C VAL M 88 43.55 -39.41 -28.87
N GLU M 89 44.54 -39.08 -29.70
CA GLU M 89 45.74 -39.86 -29.95
C GLU M 89 46.98 -38.96 -29.80
N SER M 90 48.06 -39.48 -29.20
CA SER M 90 49.26 -38.69 -28.89
C SER M 90 50.52 -39.25 -29.52
N THR M 91 51.51 -38.38 -29.74
CA THR M 91 52.83 -38.70 -30.30
C THR M 91 53.80 -37.58 -29.94
N ALA M 92 55.02 -37.92 -29.50
CA ALA M 92 56.10 -36.97 -29.21
C ALA M 92 55.70 -35.82 -28.24
N GLY M 93 54.82 -36.11 -27.29
CA GLY M 93 54.22 -35.14 -26.36
C GLY M 93 53.10 -34.28 -26.95
N LYS M 94 52.94 -34.26 -28.29
CA LYS M 94 51.82 -33.64 -29.00
C LYS M 94 50.60 -34.57 -29.04
N CYS M 95 49.43 -34.00 -29.29
CA CYS M 95 48.17 -34.74 -29.38
C CYS M 95 47.22 -34.18 -30.43
N SER M 96 46.31 -35.03 -30.87
CA SER M 96 45.34 -34.78 -31.92
C SER M 96 44.13 -35.69 -31.75
N ALA M 97 43.09 -35.42 -32.52
CA ALA M 97 42.00 -36.33 -32.77
C ALA M 97 42.37 -37.47 -33.73
N ARG M 98 41.67 -38.60 -33.63
CA ARG M 98 41.42 -39.54 -34.74
C ARG M 98 39.94 -39.95 -34.75
N LEU M 99 39.38 -40.03 -35.95
CA LEU M 99 38.06 -40.61 -36.18
C LEU M 99 38.17 -42.14 -36.13
N GLY M 100 38.07 -42.71 -34.94
CA GLY M 100 37.84 -44.15 -34.81
C GLY M 100 36.49 -44.51 -35.44
N MET M 101 36.40 -45.70 -36.05
CA MET M 101 35.14 -46.27 -36.57
C MET M 101 35.03 -47.77 -36.22
N ALA M 102 33.85 -48.18 -35.78
CA ALA M 102 33.47 -49.56 -35.54
C ALA M 102 32.00 -49.74 -35.90
N LEU M 103 31.56 -50.93 -36.23
CA LEU M 103 30.16 -51.15 -36.55
C LEU M 103 29.32 -51.14 -35.28
N LYS M 104 28.05 -50.72 -35.35
CA LYS M 104 27.13 -50.82 -34.20
C LYS M 104 27.15 -52.20 -33.56
N PRO M 105 27.11 -53.31 -34.32
CA PRO M 105 27.31 -54.65 -33.75
C PRO M 105 28.60 -54.82 -32.97
N ASN M 106 29.71 -54.15 -33.32
CA ASN M 106 30.92 -54.22 -32.51
C ASN M 106 30.67 -53.64 -31.11
N VAL M 107 30.04 -52.46 -31.05
CA VAL M 107 29.68 -51.80 -29.77
C VAL M 107 28.68 -52.65 -28.99
N GLU M 108 27.64 -53.14 -29.67
CA GLU M 108 26.65 -54.03 -29.08
C GLU M 108 27.29 -55.29 -28.54
N ALA M 109 28.28 -55.87 -29.22
CA ALA M 109 28.97 -57.04 -28.74
C ALA M 109 29.62 -56.76 -27.38
N VAL M 110 30.46 -55.73 -27.29
CA VAL M 110 31.08 -55.37 -26.02
C VAL M 110 30.01 -55.19 -24.94
N LEU M 111 28.95 -54.44 -25.23
CA LEU M 111 27.91 -54.16 -24.25
C LEU M 111 27.17 -55.44 -23.85
N THR M 112 26.64 -56.17 -24.81
CA THR M 112 25.93 -57.42 -24.55
C THR M 112 26.84 -58.46 -23.89
N ASP M 113 28.13 -58.45 -24.17
CA ASP M 113 29.09 -59.37 -23.54
C ASP M 113 29.24 -59.08 -22.06
N VAL M 114 29.40 -57.82 -21.69
CA VAL M 114 29.75 -57.43 -20.31
C VAL M 114 28.51 -57.25 -19.41
N LEU M 115 27.42 -56.71 -19.95
CA LEU M 115 26.16 -56.45 -19.23
C LEU M 115 25.07 -57.51 -19.46
N GLY M 116 25.35 -58.51 -20.30
CA GLY M 116 24.40 -59.54 -20.72
C GLY M 116 23.65 -59.19 -22.01
N ASN M 117 23.24 -60.21 -22.74
CA ASN M 117 22.53 -60.08 -24.03
C ASN M 117 21.29 -59.18 -23.91
N GLU M 118 20.55 -59.33 -22.81
CA GLU M 118 19.40 -58.50 -22.45
C GLU M 118 19.84 -57.11 -21.98
N LEU M 119 20.48 -56.35 -22.87
CA LEU M 119 20.55 -54.89 -22.76
C LEU M 119 19.15 -54.26 -22.72
N ASP M 120 18.15 -54.98 -23.23
CA ASP M 120 16.70 -54.73 -23.05
C ASP M 120 16.27 -54.66 -21.58
N ARG M 121 17.10 -55.11 -20.62
CA ARG M 121 17.04 -54.69 -19.21
C ARG M 121 17.46 -53.21 -19.11
N ALA M 122 16.60 -52.35 -19.63
CA ALA M 122 16.71 -50.91 -19.63
C ALA M 122 17.19 -50.34 -18.30
N ALA M 123 16.82 -50.96 -17.18
CA ALA M 123 17.31 -50.60 -15.85
C ALA M 123 18.83 -50.71 -15.75
N VAL M 124 19.42 -51.84 -16.13
CA VAL M 124 20.84 -52.13 -15.89
C VAL M 124 21.74 -51.23 -16.72
N LEU M 125 21.47 -51.09 -18.02
CA LEU M 125 22.24 -50.20 -18.89
C LEU M 125 21.89 -48.73 -18.59
N GLY M 126 20.62 -48.40 -18.44
CA GLY M 126 20.15 -47.02 -18.26
C GLY M 126 20.57 -46.40 -16.93
N LYS M 127 20.69 -47.17 -15.85
CA LYS M 127 21.17 -46.68 -14.55
C LYS M 127 22.57 -46.09 -14.72
N ARG M 128 23.54 -46.93 -15.09
CA ARG M 128 24.93 -46.52 -15.30
C ARG M 128 25.06 -45.45 -16.39
N MET M 129 24.32 -45.55 -17.49
CA MET M 129 24.39 -44.53 -18.53
C MET M 129 23.72 -43.21 -18.12
N GLY M 130 22.69 -43.24 -17.28
CA GLY M 130 22.11 -42.04 -16.68
C GLY M 130 23.15 -41.30 -15.88
N PHE M 131 23.95 -42.01 -15.07
CA PHE M 131 25.00 -41.40 -14.27
C PHE M 131 26.06 -40.72 -15.17
N SER M 132 26.47 -41.38 -16.25
CA SER M 132 27.39 -40.80 -17.25
C SER M 132 26.78 -39.60 -17.98
N ALA M 133 25.55 -39.71 -18.46
CA ALA M 133 24.84 -38.64 -19.14
C ALA M 133 24.67 -37.42 -18.22
N MET M 134 24.39 -37.68 -16.94
CA MET M 134 24.34 -36.67 -15.90
C MET M 134 25.70 -36.00 -15.79
N PHE M 135 26.81 -36.73 -15.66
CA PHE M 135 28.14 -36.13 -15.66
C PHE M 135 28.37 -35.24 -16.89
N LYS M 136 27.96 -35.67 -18.10
CA LYS M 136 28.07 -34.84 -19.29
C LYS M 136 27.20 -33.59 -19.18
N SER M 137 25.97 -33.74 -18.72
CA SER M 137 25.11 -32.63 -18.41
C SER M 137 25.74 -31.66 -17.42
N ASN M 138 26.40 -32.16 -16.37
CA ASN M 138 27.13 -31.32 -15.41
C ASN M 138 28.21 -30.49 -16.12
N LEU M 139 29.03 -31.15 -16.94
CA LEU M 139 30.16 -30.51 -17.61
C LEU M 139 29.66 -29.47 -18.62
N GLU M 140 28.64 -29.79 -19.40
CA GLU M 140 27.95 -28.83 -20.27
C GLU M 140 27.47 -27.59 -19.48
N GLU M 141 26.85 -27.82 -18.33
CA GLU M 141 26.28 -26.77 -17.51
C GLU M 141 27.36 -25.80 -17.03
N VAL M 142 28.47 -26.31 -16.51
CA VAL M 142 29.60 -25.45 -16.13
C VAL M 142 30.20 -24.79 -17.38
N LEU M 143 30.25 -25.48 -18.52
CA LEU M 143 30.85 -24.94 -19.74
C LEU M 143 30.09 -23.71 -20.25
N TYR M 144 28.83 -23.87 -20.64
CA TYR M 144 28.25 -22.92 -21.60
C TYR M 144 26.82 -22.47 -21.31
N GLN M 145 26.36 -22.59 -20.06
CA GLN M 145 25.07 -22.04 -19.59
C GLN M 145 23.85 -22.42 -20.48
N ARG M 146 24.00 -23.57 -21.15
CA ARG M 146 23.02 -24.29 -21.99
C ARG M 146 22.30 -23.50 -23.09
N GLY M 147 22.89 -22.44 -23.61
CA GLY M 147 22.24 -21.48 -24.52
C GLY M 147 21.42 -22.11 -25.64
N LYS M 148 22.02 -22.94 -26.50
CA LYS M 148 21.30 -23.54 -27.62
C LYS M 148 20.17 -24.47 -27.22
N ASN M 149 20.20 -25.05 -26.02
CA ASN M 149 19.04 -25.77 -25.48
C ASN M 149 17.99 -24.82 -24.89
N GLN M 150 18.38 -23.79 -24.14
CA GLN M 150 17.42 -22.84 -23.56
C GLN M 150 16.71 -21.98 -24.62
N LEU M 151 17.27 -21.78 -25.81
CA LEU M 151 16.50 -21.19 -26.93
C LEU M 151 15.24 -22.02 -27.26
N LYS M 152 15.27 -23.34 -27.01
CA LYS M 152 14.10 -24.24 -27.03
C LYS M 152 13.34 -24.22 -25.68
N LYS M 153 14.06 -24.35 -24.56
CA LYS M 153 13.49 -24.56 -23.20
C LYS M 153 13.07 -23.28 -22.44
N ARG M 154 13.27 -22.12 -23.05
CA ARG M 154 12.54 -20.85 -22.87
C ARG M 154 12.65 -20.16 -21.50
N ASN M 155 13.70 -20.41 -20.73
CA ASN M 155 13.83 -19.85 -19.36
C ASN M 155 15.24 -19.34 -19.00
N ALA M 156 15.30 -18.42 -18.03
CA ALA M 156 16.45 -17.53 -17.77
C ALA M 156 17.48 -18.04 -16.74
N ALA M 157 18.52 -17.24 -16.48
CA ALA M 157 19.76 -17.68 -15.80
C ALA M 157 19.54 -18.25 -14.41
N GLU M 158 18.70 -17.63 -13.59
CA GLU M 158 18.38 -18.15 -12.26
C GLU M 158 17.72 -19.52 -12.38
N THR M 159 16.75 -19.67 -13.29
CA THR M 159 16.13 -20.98 -13.54
C THR M 159 17.19 -21.99 -13.95
N PHE M 160 18.13 -21.59 -14.80
CA PHE M 160 19.24 -22.42 -15.23
C PHE M 160 20.07 -22.88 -14.02
N THR M 161 20.36 -22.01 -13.05
CA THR M 161 21.15 -22.43 -11.90
C THR M 161 20.50 -23.56 -11.10
N LEU M 162 19.19 -23.53 -10.95
CA LEU M 162 18.48 -24.60 -10.25
C LEU M 162 18.28 -25.86 -11.11
N SER M 163 18.59 -25.80 -12.39
CA SER M 163 18.31 -26.87 -13.33
C SER M 163 19.52 -27.77 -13.54
N GLN M 164 20.12 -28.22 -12.45
CA GLN M 164 21.26 -29.14 -12.53
C GLN M 164 20.82 -30.46 -13.17
N GLY M 165 21.51 -30.90 -14.22
CA GLY M 165 21.17 -32.09 -14.99
C GLY M 165 20.18 -31.86 -16.14
N ALA M 166 19.68 -30.65 -16.38
CA ALA M 166 18.71 -30.42 -17.46
C ALA M 166 19.30 -30.41 -18.89
N SER M 167 20.60 -30.68 -19.09
CA SER M 167 21.15 -30.94 -20.44
C SER M 167 20.84 -32.35 -20.95
N LEU M 168 20.40 -33.26 -20.08
CA LEU M 168 20.06 -34.66 -20.39
C LEU M 168 19.03 -34.81 -21.51
N GLU M 169 19.22 -35.83 -22.37
CA GLU M 169 18.13 -36.37 -23.17
C GLU M 169 16.98 -36.86 -22.29
N ALA M 170 15.74 -36.66 -22.76
CA ALA M 170 14.52 -36.83 -21.99
C ALA M 170 14.47 -38.16 -21.23
N ARG M 171 14.81 -39.25 -21.92
CA ARG M 171 14.81 -40.61 -21.37
C ARG M 171 15.57 -40.77 -20.06
N PHE M 172 16.64 -40.01 -19.88
CA PHE M 172 17.42 -40.07 -18.65
C PHE M 172 16.74 -39.38 -17.50
N ARG M 173 15.90 -38.37 -17.76
CA ARG M 173 15.34 -37.53 -16.71
C ARG M 173 14.50 -38.35 -15.70
N PRO M 174 13.68 -39.32 -16.13
CA PRO M 174 13.06 -40.29 -15.24
C PRO M 174 14.05 -41.09 -14.39
N ILE M 175 15.14 -41.57 -15.01
CA ILE M 175 16.15 -42.40 -14.34
C ILE M 175 16.83 -41.62 -13.21
N MET M 176 17.19 -40.37 -13.47
CA MET M 176 18.03 -39.55 -12.57
C MET M 176 17.26 -38.86 -11.42
N GLU M 177 16.03 -39.29 -11.12
CA GLU M 177 15.03 -38.55 -10.33
C GLU M 177 15.58 -37.80 -9.09
N LYS M 178 16.46 -38.43 -8.32
CA LYS M 178 16.95 -37.96 -7.02
C LYS M 178 17.90 -36.76 -7.13
N HIS M 179 18.77 -36.76 -8.13
CA HIS M 179 19.94 -35.87 -8.13
C HIS M 179 19.76 -34.60 -8.95
N LEU M 180 18.84 -34.60 -9.91
CA LEU M 180 18.54 -33.42 -10.72
C LEU M 180 18.13 -32.23 -9.84
N GLY M 181 18.67 -31.05 -10.14
CA GLY M 181 18.28 -29.81 -9.48
C GLY M 181 16.83 -29.49 -9.76
N VAL M 182 16.09 -28.94 -8.78
CA VAL M 182 14.62 -28.79 -8.83
C VAL M 182 14.17 -28.08 -10.11
N GLY M 183 14.96 -27.11 -10.55
CA GLY M 183 14.72 -26.37 -11.78
C GLY M 183 14.58 -27.26 -12.99
N THR M 184 15.31 -28.37 -13.04
CA THR M 184 15.25 -29.33 -14.14
C THR M 184 13.83 -29.86 -14.30
N VAL M 185 13.24 -30.28 -13.18
CA VAL M 185 11.86 -30.77 -13.15
C VAL M 185 10.91 -29.64 -13.51
N VAL M 186 11.11 -28.47 -12.92
CA VAL M 186 10.23 -27.31 -13.13
C VAL M 186 10.21 -26.90 -14.60
N ALA M 187 11.38 -26.73 -15.19
CA ALA M 187 11.55 -26.40 -16.59
C ALA M 187 10.89 -27.45 -17.45
N SER M 188 11.07 -28.73 -17.10
CA SER M 188 10.41 -29.81 -17.80
C SER M 188 8.89 -29.60 -17.77
N ILE M 189 8.29 -29.37 -16.60
CA ILE M 189 6.83 -29.18 -16.51
C ILE M 189 6.39 -28.01 -17.38
N LYS M 190 7.09 -26.88 -17.29
CA LYS M 190 6.74 -25.67 -18.04
C LYS M 190 6.80 -25.95 -19.55
N ASN M 191 7.81 -26.66 -19.98
CA ASN M 191 7.93 -27.06 -21.37
C ASN M 191 6.93 -28.14 -21.77
N ILE M 192 6.48 -29.01 -20.86
CA ILE M 192 5.40 -29.96 -21.14
C ILE M 192 4.11 -29.22 -21.47
N LEU M 193 3.78 -28.15 -20.75
CA LEU M 193 2.61 -27.32 -21.07
C LEU M 193 2.73 -26.66 -22.45
N ALA M 194 3.93 -26.23 -22.84
CA ALA M 194 4.17 -25.77 -24.20
C ALA M 194 3.98 -26.91 -25.20
N SER M 195 4.48 -28.12 -24.92
CA SER M 195 4.28 -29.29 -25.78
C SER M 195 2.81 -29.62 -25.97
N LYS M 196 1.98 -29.48 -24.93
CA LYS M 196 0.52 -29.62 -25.06
C LYS M 196 -0.11 -28.63 -26.05
N LYS M 197 0.49 -27.45 -26.27
CA LYS M 197 0.12 -26.60 -27.41
C LYS M 197 0.75 -27.10 -28.71
N ASN M 198 2.06 -27.28 -28.70
CA ASN M 198 2.86 -27.36 -29.93
C ASN M 198 2.84 -28.71 -30.65
N GLY M 199 2.55 -29.81 -29.95
CA GLY M 199 2.51 -31.16 -30.53
C GLY M 199 3.87 -31.76 -30.91
N ASN M 200 4.98 -31.14 -30.48
CA ASN M 200 6.37 -31.57 -30.67
C ASN M 200 6.79 -32.76 -29.78
N TYR M 201 5.83 -33.57 -29.34
CA TYR M 201 5.98 -34.56 -28.28
C TYR M 201 4.99 -35.71 -28.44
N ARG M 202 5.31 -36.87 -27.84
CA ARG M 202 4.36 -37.91 -27.50
C ARG M 202 4.28 -38.09 -25.98
N ASN M 203 3.08 -37.94 -25.42
CA ASN M 203 2.80 -38.24 -24.01
C ASN M 203 2.83 -39.77 -23.75
N LYS M 204 2.99 -40.19 -22.48
CA LYS M 204 3.49 -41.54 -22.10
C LYS M 204 3.01 -42.02 -20.72
N MET M 205 3.25 -43.29 -20.37
CA MET M 205 2.96 -43.88 -19.05
C MET M 205 4.08 -44.84 -18.60
N VAL M 206 4.46 -44.80 -17.31
CA VAL M 206 5.56 -45.57 -16.71
C VAL M 206 5.23 -46.06 -15.28
N ARG M 207 6.05 -46.99 -14.76
CA ARG M 207 6.00 -47.59 -13.41
C ARG M 207 7.40 -47.83 -12.83
N LYS M 208 7.60 -47.68 -11.52
CA LYS M 208 8.92 -47.74 -10.86
C LYS M 208 8.94 -48.71 -9.65
N PRO M 209 9.36 -49.97 -9.83
CA PRO M 209 9.50 -50.96 -8.75
C PRO M 209 10.51 -50.59 -7.67
N GLY M 210 10.33 -51.17 -6.48
CA GLY M 210 11.06 -50.82 -5.26
C GLY M 210 10.69 -49.45 -4.67
N GLY M 211 10.14 -48.53 -5.47
CA GLY M 211 9.61 -47.23 -5.06
C GLY M 211 8.08 -47.18 -5.02
N ASN M 212 7.42 -47.19 -6.18
CA ASN M 212 5.96 -47.15 -6.31
C ASN M 212 5.49 -47.85 -7.61
N ARG M 213 4.65 -48.88 -7.45
CA ARG M 213 3.99 -49.62 -8.54
C ARG M 213 2.87 -48.84 -9.24
N GLU M 214 2.61 -47.61 -8.84
CA GLU M 214 1.76 -46.69 -9.59
C GLU M 214 2.19 -46.53 -11.06
N SER M 215 1.20 -46.45 -11.94
CA SER M 215 1.36 -46.66 -13.37
C SER M 215 0.74 -45.47 -14.09
N TRP M 216 1.57 -44.51 -14.46
CA TRP M 216 1.12 -43.14 -14.62
C TRP M 216 2.05 -42.28 -15.48
N SER M 217 1.59 -41.08 -15.85
CA SER M 217 2.17 -40.24 -16.90
C SER M 217 3.26 -39.29 -16.39
N PRO M 218 3.90 -38.52 -17.29
CA PRO M 218 4.75 -37.40 -16.93
C PRO M 218 4.10 -36.45 -15.92
N LEU M 219 2.79 -36.22 -16.00
CA LEU M 219 2.11 -35.34 -15.06
C LEU M 219 2.33 -35.84 -13.63
N GLU M 220 1.96 -37.09 -13.39
CA GLU M 220 2.15 -37.71 -12.10
C GLU M 220 3.63 -37.84 -11.75
N ARG M 221 4.45 -38.30 -12.70
CA ARG M 221 5.88 -38.54 -12.51
C ARG M 221 6.59 -37.27 -12.07
N GLU M 222 6.37 -36.18 -12.80
CA GLU M 222 6.91 -34.89 -12.45
C GLU M 222 6.39 -34.45 -11.09
N ILE M 223 5.08 -34.50 -10.84
CA ILE M 223 4.54 -34.07 -9.56
C ILE M 223 5.13 -34.90 -8.42
N SER M 224 5.34 -36.19 -8.65
CA SER M 224 5.95 -37.08 -7.67
C SER M 224 7.38 -36.65 -7.40
N PHE M 225 8.18 -36.44 -8.44
CA PHE M 225 9.55 -35.99 -8.27
C PHE M 225 9.58 -34.64 -7.55
N LEU M 226 8.66 -33.75 -7.90
CA LEU M 226 8.51 -32.44 -7.29
C LEU M 226 8.17 -32.59 -5.80
N ASN M 227 7.30 -33.53 -5.44
CA ASN M 227 7.00 -33.80 -4.06
C ASN M 227 8.22 -34.36 -3.33
N LYS M 228 8.99 -35.23 -3.98
CA LYS M 228 10.24 -35.77 -3.42
C LYS M 228 11.31 -34.70 -3.17
N LYS M 229 11.16 -33.52 -3.76
CA LYS M 229 12.09 -32.39 -3.64
C LYS M 229 11.62 -31.26 -2.74
N LEU M 230 10.34 -30.85 -2.82
CA LEU M 230 9.87 -29.62 -2.20
C LEU M 230 9.93 -29.65 -0.67
N PHE M 231 9.97 -28.45 -0.08
CA PHE M 231 10.06 -28.25 1.35
C PHE M 231 8.80 -28.72 2.08
N PRO M 232 8.93 -29.50 3.17
CA PRO M 232 7.78 -29.97 3.94
C PRO M 232 6.87 -28.83 4.43
N GLY M 233 5.59 -29.12 4.69
CA GLY M 233 4.62 -28.05 4.89
C GLY M 233 4.31 -27.34 3.57
N PRO M 234 4.41 -26.00 3.48
CA PRO M 234 3.71 -25.22 2.46
C PRO M 234 4.05 -25.66 1.04
N MET M 235 5.32 -25.90 0.76
CA MET M 235 5.75 -26.19 -0.61
C MET M 235 5.29 -27.60 -1.02
N ARG M 236 5.44 -28.62 -0.18
CA ARG M 236 4.82 -29.90 -0.48
C ARG M 236 3.29 -29.82 -0.51
N GLN M 237 2.67 -28.93 0.27
CA GLN M 237 1.22 -28.77 0.20
C GLN M 237 0.80 -28.20 -1.16
N LEU M 238 1.56 -27.23 -1.68
CA LEU M 238 1.40 -26.75 -3.05
C LEU M 238 1.62 -27.90 -4.04
N CYS M 239 2.57 -28.79 -3.74
CA CYS M 239 2.82 -29.98 -4.55
C CYS M 239 1.58 -30.89 -4.61
N LYS M 240 0.92 -31.11 -3.48
CA LYS M 240 -0.34 -31.88 -3.45
C LYS M 240 -1.46 -31.18 -4.21
N LYS M 241 -1.61 -29.85 -4.04
CA LYS M 241 -2.61 -29.04 -4.77
C LYS M 241 -2.43 -29.11 -6.28
N PHE M 242 -1.23 -29.39 -6.76
CA PHE M 242 -0.77 -29.03 -8.10
C PHE M 242 -1.71 -29.49 -9.21
N GLU M 243 -2.28 -30.70 -9.12
CA GLU M 243 -3.21 -31.22 -10.13
C GLU M 243 -4.48 -30.38 -10.30
N TYR M 244 -4.77 -29.53 -9.31
CA TYR M 244 -5.98 -28.72 -9.21
C TYR M 244 -5.70 -27.22 -9.35
N LEU M 245 -4.44 -26.83 -9.56
CA LEU M 245 -4.10 -25.53 -10.15
C LEU M 245 -4.52 -25.49 -11.62
N ASN M 246 -4.97 -24.35 -12.14
CA ASN M 246 -5.09 -24.16 -13.59
C ASN M 246 -3.72 -24.02 -14.26
N GLU M 247 -3.62 -24.08 -15.59
CA GLU M 247 -2.31 -24.10 -16.28
C GLU M 247 -1.47 -22.85 -16.00
N GLN M 248 -2.06 -21.66 -16.03
CA GLN M 248 -1.33 -20.45 -15.68
C GLN M 248 -0.97 -20.44 -14.20
N GLU M 249 -1.88 -20.87 -13.32
CA GLU M 249 -1.58 -21.05 -11.91
C GLU M 249 -0.41 -22.00 -11.72
N LYS M 250 -0.33 -23.09 -12.47
CA LYS M 250 0.83 -23.98 -12.46
C LYS M 250 2.06 -23.22 -12.85
N GLN M 251 2.06 -22.48 -13.94
CA GLN M 251 3.23 -21.71 -14.34
C GLN M 251 3.65 -20.69 -13.26
N LEU M 252 2.69 -19.96 -12.71
CA LEU M 252 2.93 -18.97 -11.68
C LEU M 252 3.50 -19.62 -10.41
N ALA M 253 2.88 -20.71 -9.98
CA ALA M 253 3.32 -21.49 -8.84
C ALA M 253 4.73 -21.99 -9.07
N LEU M 254 5.00 -22.59 -10.22
CA LEU M 254 6.31 -23.07 -10.59
C LEU M 254 7.31 -21.94 -10.48
N ASN M 255 7.02 -20.77 -11.03
CA ASN M 255 7.91 -19.63 -10.92
C ASN M 255 8.19 -19.30 -9.47
N LEU M 256 7.16 -19.11 -8.64
CA LEU M 256 7.41 -18.67 -7.28
C LEU M 256 8.12 -19.78 -6.48
N MET M 257 7.76 -21.04 -6.68
CA MET M 257 8.45 -22.15 -6.01
C MET M 257 9.90 -22.20 -6.44
N LEU M 258 10.16 -21.97 -7.71
CA LEU M 258 11.51 -21.96 -8.24
C LEU M 258 12.30 -20.82 -7.59
N ASP M 259 11.71 -19.63 -7.52
CA ASP M 259 12.33 -18.52 -6.82
C ASP M 259 12.59 -18.85 -5.36
N ALA M 260 11.61 -19.41 -4.68
CA ALA M 260 11.73 -19.80 -3.30
C ALA M 260 12.88 -20.79 -3.13
N SER M 261 13.03 -21.71 -4.08
CA SER M 261 14.12 -22.68 -4.10
C SER M 261 15.50 -22.03 -4.26
N LEU M 262 15.58 -20.80 -4.78
CA LEU M 262 16.85 -20.07 -4.76
C LEU M 262 17.34 -19.87 -3.31
N ILE M 263 16.45 -19.67 -2.34
CA ILE M 263 16.79 -19.59 -0.92
C ILE M 263 16.64 -20.95 -0.24
N LEU M 264 15.45 -21.53 -0.33
CA LEU M 264 15.06 -22.73 0.39
C LEU M 264 15.81 -23.94 -0.15
N LYS M 265 16.43 -24.72 0.74
CA LYS M 265 17.21 -25.92 0.38
C LYS M 265 16.64 -27.22 0.98
N PRO M 266 15.39 -27.62 0.74
CA PRO M 266 14.91 -28.95 1.13
C PRO M 266 15.67 -30.07 0.40
N GLN M 267 15.33 -31.34 0.67
CA GLN M 267 16.06 -32.51 0.19
C GLN M 267 16.25 -32.57 -1.35
N VAL M 268 17.49 -32.38 -1.82
CA VAL M 268 17.95 -32.50 -3.21
C VAL M 268 19.28 -33.26 -3.22
N THR M 269 19.45 -34.24 -4.12
CA THR M 269 20.47 -35.27 -3.83
C THR M 269 21.77 -34.97 -4.53
N HIS M 270 22.86 -34.84 -3.78
CA HIS M 270 24.20 -34.80 -4.35
C HIS M 270 24.51 -36.12 -5.09
N LYS M 271 25.50 -36.13 -5.97
CA LYS M 271 26.18 -37.38 -6.40
C LYS M 271 27.62 -37.10 -6.83
N MET M 272 28.49 -38.09 -6.75
CA MET M 272 29.75 -38.08 -7.51
C MET M 272 29.64 -38.98 -8.75
N ILE M 273 30.18 -38.52 -9.88
CA ILE M 273 30.47 -39.36 -11.04
C ILE M 273 31.84 -38.94 -11.55
N MET M 274 32.89 -39.67 -11.17
CA MET M 274 34.16 -39.56 -11.88
C MET M 274 34.04 -40.19 -13.28
N PRO M 275 34.74 -39.66 -14.28
CA PRO M 275 34.95 -40.30 -15.58
C PRO M 275 35.37 -41.77 -15.52
N TRP M 276 34.90 -42.57 -16.49
CA TRP M 276 35.30 -43.97 -16.65
C TRP M 276 36.81 -44.10 -16.85
N SER M 277 37.47 -43.19 -17.58
CA SER M 277 38.93 -43.23 -17.67
C SER M 277 39.60 -42.95 -16.32
N MET M 278 38.97 -42.22 -15.40
CA MET M 278 39.47 -42.08 -14.04
C MET M 278 39.24 -43.37 -13.25
N TRP M 279 38.14 -44.07 -13.45
CA TRP M 279 38.03 -45.42 -12.91
C TRP M 279 39.09 -46.36 -13.48
N LEU M 280 39.36 -46.29 -14.78
CA LEU M 280 40.48 -47.03 -15.36
C LEU M 280 41.79 -46.60 -14.71
N ALA M 281 41.99 -45.30 -14.49
CA ALA M 281 43.18 -44.80 -13.84
C ALA M 281 43.32 -45.39 -12.46
N VAL M 282 42.23 -45.49 -11.70
CA VAL M 282 42.21 -46.17 -10.41
C VAL M 282 42.67 -47.62 -10.57
N LYS M 283 42.17 -48.37 -11.56
CA LYS M 283 42.64 -49.74 -11.80
C LYS M 283 44.15 -49.76 -12.05
N LYS M 284 44.63 -49.02 -13.05
CA LYS M 284 46.05 -49.02 -13.37
C LYS M 284 46.91 -48.50 -12.23
N TYR M 285 46.39 -47.58 -11.43
CA TYR M 285 47.06 -47.12 -10.23
C TYR M 285 47.21 -48.27 -9.26
N ALA M 286 46.12 -48.98 -8.97
CA ALA M 286 46.16 -50.15 -8.12
C ALA M 286 47.21 -51.12 -8.64
N GLU M 287 47.19 -51.38 -9.95
CA GLU M 287 48.18 -52.24 -10.58
C GLU M 287 49.61 -51.70 -10.33
N MET M 288 49.88 -50.43 -10.60
CA MET M 288 51.21 -49.87 -10.44
C MET M 288 51.63 -49.75 -8.98
N ASN M 289 50.67 -49.83 -8.05
CA ASN M 289 50.93 -49.89 -6.62
C ASN M 289 51.19 -51.32 -6.11
N LYS M 290 51.17 -52.35 -6.96
CA LYS M 290 51.50 -53.73 -6.60
C LYS M 290 50.64 -54.32 -5.46
N GLY M 291 49.32 -54.28 -5.61
CA GLY M 291 48.38 -55.15 -4.87
C GLY M 291 47.91 -54.63 -3.50
N SER M 292 47.59 -53.33 -3.39
CA SER M 292 47.07 -52.71 -2.15
C SER M 292 45.84 -51.78 -2.33
N PRO M 293 45.72 -50.90 -3.36
CA PRO M 293 44.50 -50.11 -3.56
C PRO M 293 43.35 -50.94 -4.12
N SER M 294 42.24 -51.06 -3.39
CA SER M 294 41.12 -51.95 -3.73
C SER M 294 39.86 -51.17 -4.10
N LEU M 295 39.32 -51.42 -5.30
CA LEU M 295 38.21 -50.66 -5.86
C LEU M 295 36.94 -50.72 -5.00
N GLU M 296 36.66 -51.83 -4.32
CA GLU M 296 35.52 -51.90 -3.42
C GLU M 296 35.62 -50.89 -2.29
N ASP M 297 36.83 -50.55 -1.86
CA ASP M 297 37.06 -49.50 -0.87
C ASP M 297 36.58 -48.14 -1.35
N LEU M 298 36.51 -47.94 -2.67
CA LEU M 298 36.12 -46.72 -3.36
C LEU M 298 34.68 -46.78 -3.94
N ALA M 299 34.01 -47.92 -3.84
CA ALA M 299 32.82 -48.23 -4.62
C ALA M 299 31.50 -47.71 -3.99
N ALA M 300 31.32 -46.39 -3.89
CA ALA M 300 30.08 -45.76 -3.37
C ALA M 300 29.73 -44.44 -4.07
N TYR M 301 28.42 -44.13 -4.17
CA TYR M 301 27.89 -42.89 -4.75
C TYR M 301 27.82 -41.74 -3.74
N SER M 302 28.39 -41.94 -2.57
CA SER M 302 28.28 -41.09 -1.39
C SER M 302 29.46 -41.35 -0.45
N GLY M 303 29.71 -40.42 0.48
CA GLY M 303 30.74 -40.58 1.50
C GLY M 303 32.18 -40.38 1.02
N VAL M 304 33.10 -40.30 1.99
CA VAL M 304 34.50 -39.89 1.81
C VAL M 304 35.29 -40.74 0.81
N ARG M 305 34.83 -41.97 0.56
CA ARG M 305 35.32 -42.85 -0.49
C ARG M 305 35.42 -42.12 -1.84
N ALA M 306 34.51 -41.19 -2.11
CA ALA M 306 34.59 -40.35 -3.30
C ALA M 306 35.83 -39.44 -3.32
N PHE M 307 36.16 -38.78 -2.22
CA PHE M 307 37.38 -37.95 -2.14
C PHE M 307 38.63 -38.81 -2.21
N MET M 308 38.60 -40.02 -1.60
CA MET M 308 39.68 -41.00 -1.79
C MET M 308 39.92 -41.23 -3.28
N ALA M 309 38.86 -41.54 -4.04
CA ALA M 309 38.97 -41.84 -5.46
C ALA M 309 39.47 -40.64 -6.28
N PHE M 310 38.93 -39.44 -6.04
CA PHE M 310 39.34 -38.28 -6.80
C PHE M 310 40.81 -37.94 -6.51
N ASN M 311 41.19 -37.83 -5.24
CA ASN M 311 42.60 -37.58 -4.92
C ASN M 311 43.50 -38.68 -5.44
N THR M 312 43.03 -39.93 -5.45
CA THR M 312 43.77 -41.01 -6.10
C THR M 312 44.00 -40.67 -7.55
N ALA M 313 42.97 -40.27 -8.28
CA ALA M 313 43.13 -39.83 -9.65
C ALA M 313 44.11 -38.65 -9.74
N CYS M 314 44.16 -37.81 -8.71
CA CYS M 314 45.07 -36.68 -8.66
C CYS M 314 46.55 -37.06 -8.59
N TYR M 315 46.91 -38.32 -8.42
CA TYR M 315 48.32 -38.68 -8.52
C TYR M 315 48.86 -38.42 -9.93
N MET M 316 48.40 -39.16 -10.94
CA MET M 316 49.08 -39.22 -12.26
C MET M 316 48.12 -39.26 -13.47
N SER M 317 46.82 -38.98 -13.31
CA SER M 317 45.87 -39.05 -14.45
C SER M 317 46.19 -38.00 -15.52
N LYS M 318 45.84 -38.23 -16.80
CA LYS M 318 46.27 -37.38 -17.93
C LYS M 318 45.12 -36.91 -18.83
N PHE M 319 45.31 -35.74 -19.40
CA PHE M 319 44.29 -35.00 -20.16
C PHE M 319 45.00 -34.01 -21.08
N THR M 320 44.26 -33.49 -22.06
CA THR M 320 44.82 -32.55 -23.05
C THR M 320 44.96 -31.14 -22.49
N ILE M 321 45.94 -30.41 -23.00
CA ILE M 321 46.02 -28.96 -22.98
C ILE M 321 46.06 -28.46 -24.42
N GLY M 322 44.99 -27.81 -24.86
CA GLY M 322 45.03 -26.91 -26.00
C GLY M 322 45.58 -25.56 -25.55
N LYS M 323 46.36 -24.88 -26.39
CA LYS M 323 46.77 -23.49 -26.15
C LYS M 323 45.57 -22.53 -26.21
N GLY M 324 44.61 -22.81 -27.08
CA GLY M 324 43.33 -22.10 -27.22
C GLY M 324 42.39 -22.31 -26.02
N ILE M 325 41.23 -21.69 -26.07
CA ILE M 325 40.43 -21.46 -24.86
C ILE M 325 38.94 -21.57 -25.13
N VAL M 326 38.18 -22.05 -24.16
CA VAL M 326 36.77 -21.68 -24.02
C VAL M 326 36.78 -20.29 -23.38
N GLY M 327 37.05 -19.29 -24.20
CA GLY M 327 37.19 -17.88 -23.82
C GLY M 327 37.36 -16.97 -25.05
N ASP M 328 37.49 -15.65 -24.83
CA ASP M 328 37.49 -14.68 -25.94
C ASP M 328 38.46 -13.50 -25.74
N ALA M 329 38.53 -12.94 -24.53
CA ALA M 329 39.49 -11.87 -24.19
C ALA M 329 40.94 -12.40 -24.06
N GLU M 330 41.92 -11.50 -23.98
CA GLU M 330 43.34 -11.86 -23.86
C GLU M 330 43.74 -12.45 -22.49
N ILE M 331 42.92 -12.29 -21.45
CA ILE M 331 43.12 -12.92 -20.14
C ILE M 331 42.76 -14.42 -20.17
N MET M 332 43.71 -15.27 -19.76
CA MET M 332 43.56 -16.74 -19.74
C MET M 332 44.42 -17.39 -18.66
N GLU M 333 44.11 -18.63 -18.28
CA GLU M 333 44.69 -19.30 -17.10
C GLU M 333 44.65 -20.85 -17.18
N ASN M 334 45.46 -21.46 -16.30
CA ASN M 334 46.09 -22.77 -16.46
C ASN M 334 45.26 -24.05 -16.31
N GLY M 335 45.94 -25.19 -16.45
CA GLY M 335 45.38 -26.52 -16.27
C GLY M 335 44.75 -26.76 -14.89
N ASN M 336 45.21 -26.11 -13.83
CA ASN M 336 44.53 -26.25 -12.55
C ASN M 336 43.09 -25.73 -12.66
N ASP M 337 42.80 -24.77 -13.53
CA ASP M 337 41.41 -24.40 -13.78
C ASP M 337 40.65 -25.53 -14.47
N LYS M 338 41.26 -26.25 -15.40
CA LYS M 338 40.65 -27.50 -15.90
C LYS M 338 40.41 -28.42 -14.72
N MET M 339 41.39 -28.54 -13.81
CA MET M 339 41.27 -29.42 -12.67
C MET M 339 40.08 -29.02 -11.80
N GLN M 340 39.88 -27.72 -11.58
CA GLN M 340 38.67 -27.23 -10.93
C GLN M 340 37.44 -27.67 -11.72
N THR M 341 37.43 -27.46 -13.04
CA THR M 341 36.24 -27.76 -13.85
C THR M 341 35.88 -29.23 -13.72
N LEU M 342 36.88 -30.10 -13.83
CA LEU M 342 36.72 -31.52 -13.65
C LEU M 342 36.08 -31.79 -12.30
N ALA M 343 36.63 -31.22 -11.24
CA ALA M 343 36.09 -31.42 -9.90
C ALA M 343 34.63 -30.98 -9.83
N MET M 344 34.32 -29.81 -10.38
CA MET M 344 32.98 -29.27 -10.40
C MET M 344 32.06 -30.27 -11.07
N ALA M 345 32.42 -30.73 -12.25
CA ALA M 345 31.62 -31.70 -12.96
C ALA M 345 31.52 -33.01 -12.18
N CYS M 346 32.59 -33.46 -11.51
CA CYS M 346 32.63 -34.75 -10.85
C CYS M 346 31.74 -34.78 -9.61
N PHE M 347 31.78 -33.74 -8.78
CA PHE M 347 31.02 -33.69 -7.52
C PHE M 347 29.73 -32.87 -7.62
N GLY M 348 29.43 -32.24 -8.75
CA GLY M 348 28.23 -31.38 -8.90
C GLY M 348 28.32 -30.05 -8.14
N LEU M 349 29.51 -29.46 -8.03
CA LEU M 349 29.79 -28.29 -7.19
C LEU M 349 29.21 -26.96 -7.69
N ALA M 350 28.57 -26.92 -8.86
CA ALA M 350 28.23 -25.68 -9.58
C ALA M 350 27.44 -24.65 -8.74
N TYR M 351 26.72 -25.10 -7.71
CA TYR M 351 25.98 -24.22 -6.80
C TYR M 351 26.36 -24.43 -5.34
N GLU M 352 27.42 -25.20 -5.10
CA GLU M 352 28.09 -25.31 -3.81
C GLU M 352 28.81 -24.01 -3.44
N ASP M 353 29.17 -23.81 -2.18
CA ASP M 353 29.98 -22.68 -1.78
C ASP M 353 31.44 -22.76 -2.28
N THR M 354 31.83 -21.78 -3.08
CA THR M 354 33.21 -21.56 -3.51
C THR M 354 34.18 -21.49 -2.33
N GLY M 355 33.82 -20.90 -1.19
CA GLY M 355 34.72 -20.81 -0.03
C GLY M 355 35.01 -22.18 0.56
N ILE M 356 33.96 -22.95 0.82
CA ILE M 356 34.06 -24.37 1.19
C ILE M 356 34.97 -25.09 0.22
N VAL M 357 34.69 -24.96 -1.08
CA VAL M 357 35.50 -25.67 -2.07
C VAL M 357 36.95 -25.17 -2.02
N ALA M 358 37.16 -23.86 -1.87
CA ALA M 358 38.49 -23.27 -1.84
C ALA M 358 39.33 -23.86 -0.71
N ALA M 359 38.73 -24.06 0.45
CA ALA M 359 39.42 -24.72 1.54
C ALA M 359 39.68 -26.21 1.26
N MET M 360 38.74 -26.96 0.68
CA MET M 360 38.92 -28.40 0.41
C MET M 360 39.98 -28.66 -0.65
N ILE M 361 39.79 -28.06 -1.83
CA ILE M 361 40.85 -27.98 -2.84
C ILE M 361 42.07 -27.21 -2.34
N SER M 362 41.97 -26.58 -1.18
CA SER M 362 43.10 -25.96 -0.49
C SER M 362 43.79 -24.86 -1.34
N GLN M 363 43.04 -24.20 -2.23
CA GLN M 363 43.40 -23.13 -3.18
C GLN M 363 42.18 -22.21 -3.43
N PRO M 364 42.33 -20.93 -3.80
CA PRO M 364 41.20 -20.01 -3.97
C PRO M 364 40.20 -20.46 -5.04
N MET M 365 38.91 -20.18 -4.84
CA MET M 365 37.81 -20.47 -5.79
C MET M 365 37.20 -19.23 -6.46
N LYS M 366 36.36 -19.49 -7.48
CA LYS M 366 36.09 -18.57 -8.59
C LYS M 366 34.62 -18.57 -9.06
N LYS M 367 34.26 -17.52 -9.81
CA LYS M 367 33.01 -17.38 -10.57
C LYS M 367 33.30 -17.37 -12.07
N ARG M 368 32.28 -17.46 -12.93
CA ARG M 368 32.47 -17.64 -14.38
C ARG M 368 33.31 -16.54 -15.00
N TYR M 369 33.20 -15.30 -14.52
CA TYR M 369 34.03 -14.22 -15.03
C TYR M 369 35.52 -14.54 -14.92
N GLN M 370 35.88 -15.41 -13.98
CA GLN M 370 37.22 -15.88 -13.76
C GLN M 370 37.49 -17.28 -14.35
N LEU M 371 36.49 -18.18 -14.47
CA LEU M 371 36.73 -19.58 -14.88
C LEU M 371 37.19 -19.71 -16.34
N ARG M 372 38.29 -20.43 -16.59
CA ARG M 372 38.79 -20.82 -17.92
C ARG M 372 38.91 -22.35 -18.04
N VAL M 373 38.65 -22.91 -19.24
CA VAL M 373 38.79 -24.34 -19.57
C VAL M 373 38.88 -24.56 -21.10
N GLY M 374 39.24 -25.77 -21.52
CA GLY M 374 39.09 -26.26 -22.90
C GLY M 374 37.75 -26.96 -23.17
N ASN M 375 37.53 -27.39 -24.41
CA ASN M 375 36.26 -27.96 -24.89
C ASN M 375 36.05 -29.46 -24.60
N PHE M 376 37.08 -30.18 -24.15
CA PHE M 376 37.10 -31.66 -24.02
C PHE M 376 36.82 -32.43 -25.34
N ASN M 377 37.04 -31.84 -26.52
CA ASN M 377 36.72 -32.44 -27.84
C ASN M 377 37.99 -32.62 -28.70
N PRO M 378 38.37 -33.85 -29.14
CA PRO M 378 39.76 -34.13 -29.55
C PRO M 378 40.32 -33.22 -30.63
N PRO M 379 41.60 -32.83 -30.57
CA PRO M 379 42.02 -31.57 -31.17
C PRO M 379 42.67 -31.71 -32.55
N GLU M 380 42.88 -30.61 -33.26
CA GLU M 380 43.77 -30.64 -34.42
C GLU M 380 45.23 -30.85 -33.99
N LYS M 381 45.70 -30.06 -33.02
CA LYS M 381 47.04 -30.09 -32.39
C LYS M 381 46.94 -29.66 -30.93
N GLY M 382 47.85 -30.11 -30.06
CA GLY M 382 47.89 -29.75 -28.65
C GLY M 382 48.95 -30.53 -27.89
N THR M 383 48.98 -30.44 -26.56
CA THR M 383 49.97 -31.13 -25.69
C THR M 383 49.30 -31.86 -24.53
N ILE M 384 49.85 -32.97 -24.03
CA ILE M 384 49.28 -33.69 -22.87
C ILE M 384 49.73 -33.02 -21.55
N LYS M 385 48.91 -33.13 -20.51
CA LYS M 385 49.31 -32.81 -19.14
C LYS M 385 48.72 -33.82 -18.16
N GLY M 386 49.39 -33.96 -17.02
CA GLY M 386 49.03 -34.82 -15.89
C GLY M 386 48.61 -34.05 -14.62
N THR M 387 47.95 -34.73 -13.68
CA THR M 387 47.32 -34.14 -12.48
C THR M 387 48.29 -33.52 -11.46
N SER M 388 47.88 -32.40 -10.88
CA SER M 388 48.47 -31.84 -9.65
C SER M 388 48.14 -32.71 -8.43
N ALA M 389 49.12 -32.99 -7.56
CA ALA M 389 49.01 -33.99 -6.50
C ALA M 389 47.94 -33.69 -5.42
N GLY M 390 47.21 -34.72 -4.97
CA GLY M 390 46.40 -34.72 -3.73
C GLY M 390 45.26 -33.71 -3.63
N TYR M 391 44.85 -33.14 -4.76
CA TYR M 391 44.25 -31.80 -4.91
C TYR M 391 43.24 -31.34 -3.84
N PHE M 392 42.26 -32.18 -3.44
CA PHE M 392 41.41 -31.87 -2.28
C PHE M 392 42.21 -32.10 -1.00
N HIS M 393 43.21 -31.28 -0.70
CA HIS M 393 44.11 -31.54 0.43
C HIS M 393 43.36 -31.45 1.76
N LYS M 394 42.17 -30.85 1.75
CA LYS M 394 41.11 -31.07 2.73
C LYS M 394 39.89 -31.68 2.04
N TRP M 395 39.14 -32.51 2.76
CA TRP M 395 37.87 -33.15 2.37
C TRP M 395 36.68 -32.61 3.19
N ALA M 396 35.47 -33.15 2.99
CA ALA M 396 34.33 -32.92 3.88
C ALA M 396 33.25 -34.01 3.76
N GLU M 397 32.36 -34.10 4.77
CA GLU M 397 31.17 -34.94 4.75
C GLU M 397 30.06 -34.35 3.86
N PHE M 398 29.52 -35.13 2.91
CA PHE M 398 28.46 -34.73 1.97
C PHE M 398 27.06 -34.60 2.64
N GLY M 399 26.06 -34.16 1.88
CA GLY M 399 24.73 -33.89 2.41
C GLY M 399 23.77 -33.38 1.33
N ASN M 400 22.50 -33.24 1.71
CA ASN M 400 21.40 -33.16 0.74
C ASN M 400 20.28 -32.17 1.09
N ARG M 401 20.36 -31.45 2.21
CA ARG M 401 19.31 -30.50 2.66
C ARG M 401 19.82 -29.43 3.60
N LEU M 402 18.99 -28.41 3.80
CA LEU M 402 19.32 -27.27 4.69
C LEU M 402 19.61 -27.77 6.10
N PRO M 403 20.27 -26.97 6.97
CA PRO M 403 20.59 -27.40 8.34
C PRO M 403 19.34 -27.68 9.18
N PHE M 404 18.41 -26.72 9.24
CA PHE M 404 17.18 -26.87 10.04
C PHE M 404 15.94 -26.50 9.21
N ASN M 405 16.10 -26.37 7.89
CA ASN M 405 14.98 -26.02 6.99
C ASN M 405 14.28 -24.76 7.51
N SER M 406 13.23 -24.93 8.31
CA SER M 406 12.48 -23.78 8.89
C SER M 406 12.06 -24.10 10.33
N PHE M 407 11.70 -23.07 11.11
CA PHE M 407 11.26 -23.26 12.52
C PHE M 407 9.96 -24.06 12.55
N GLY M 408 9.91 -25.11 13.37
CA GLY M 408 8.71 -25.96 13.49
C GLY M 408 8.00 -25.75 14.82
N THR M 409 7.00 -26.57 15.10
CA THR M 409 6.20 -26.52 16.32
C THR M 409 7.01 -26.91 17.55
N GLY M 410 6.40 -26.84 18.73
CA GLY M 410 6.79 -27.73 19.82
C GLY M 410 6.78 -29.19 19.34
N GLU M 411 7.74 -29.99 19.81
CA GLU M 411 7.97 -31.35 19.29
C GLU M 411 6.92 -32.37 19.78
N SER M 412 6.38 -32.19 20.98
CA SER M 412 5.39 -33.12 21.57
C SER M 412 4.51 -32.48 22.66
N LYS M 413 5.08 -31.59 23.49
CA LYS M 413 4.38 -30.84 24.56
C LYS M 413 3.57 -29.64 24.01
N GLN M 414 2.91 -28.91 24.93
CA GLN M 414 2.06 -27.74 24.67
C GLN M 414 0.80 -28.02 23.81
N ILE M 415 0.36 -29.28 23.75
CA ILE M 415 -0.93 -29.70 23.19
C ILE M 415 -2.03 -29.65 24.27
N SER M 416 -3.31 -29.88 23.92
CA SER M 416 -4.44 -29.84 24.87
C SER M 416 -4.26 -30.86 26.02
N ASN M 417 -3.91 -30.37 27.21
CA ASN M 417 -3.44 -31.19 28.34
C ASN M 417 -4.48 -32.23 28.80
N SER M 418 -4.05 -33.44 29.13
CA SER M 418 -4.89 -34.43 29.82
C SER M 418 -4.84 -34.23 31.34
N GLY M 419 -5.84 -34.75 32.05
CA GLY M 419 -5.94 -34.63 33.50
C GLY M 419 -6.56 -35.88 34.13
N VAL M 420 -5.73 -36.78 34.66
CA VAL M 420 -6.15 -37.86 35.54
C VAL M 420 -6.56 -37.28 36.89
N PHE M 421 -5.74 -36.44 37.51
CA PHE M 421 -6.00 -35.99 38.87
C PHE M 421 -7.08 -34.91 38.96
N ALA M 422 -8.02 -35.10 39.87
CA ALA M 422 -9.17 -34.23 40.09
C ALA M 422 -8.75 -32.92 40.78
N VAL M 423 -8.12 -32.02 40.05
CA VAL M 423 -7.57 -30.76 40.57
C VAL M 423 -7.90 -29.58 39.65
N GLN M 424 -8.47 -28.51 40.21
CA GLN M 424 -8.78 -27.29 39.46
C GLN M 424 -7.51 -26.65 38.87
N ARG M 425 -7.54 -26.31 37.57
CA ARG M 425 -6.31 -26.11 36.77
C ARG M 425 -6.43 -25.06 35.65
N PRO M 426 -5.36 -24.30 35.36
CA PRO M 426 -5.09 -23.70 34.05
C PRO M 426 -4.80 -24.77 32.96
N SER M 427 -4.62 -24.33 31.72
CA SER M 427 -4.18 -25.19 30.60
C SER M 427 -3.39 -24.41 29.55
N THR M 428 -2.43 -25.07 28.88
CA THR M 428 -1.75 -24.57 27.67
C THR M 428 -2.69 -24.69 26.46
N THR M 429 -3.78 -23.92 26.44
CA THR M 429 -4.88 -24.08 25.46
C THR M 429 -4.38 -23.78 24.04
N ASN M 430 -4.54 -24.74 23.13
CA ASN M 430 -3.93 -24.72 21.79
C ASN M 430 -4.87 -25.29 20.70
N ILE M 431 -6.18 -25.11 20.87
CA ILE M 431 -7.23 -25.63 19.99
C ILE M 431 -7.08 -25.15 18.55
N GLN M 432 -6.54 -23.94 18.36
CA GLN M 432 -6.34 -23.30 17.07
C GLN M 432 -5.37 -24.08 16.17
N ARG M 433 -4.16 -24.42 16.65
CA ARG M 433 -3.22 -25.26 15.89
C ARG M 433 -3.67 -26.72 15.80
N LEU M 434 -4.39 -27.23 16.80
CA LEU M 434 -5.03 -28.55 16.73
C LEU M 434 -6.02 -28.60 15.54
N ALA M 435 -6.87 -27.58 15.39
CA ALA M 435 -7.77 -27.45 14.23
C ALA M 435 -7.01 -27.29 12.90
N GLU M 436 -5.85 -26.61 12.87
CA GLU M 436 -4.97 -26.64 11.69
C GLU M 436 -4.49 -28.06 11.36
N LEU M 437 -4.00 -28.83 12.33
CA LEU M 437 -3.58 -30.23 12.08
C LEU M 437 -4.75 -31.07 11.52
N MET M 438 -5.96 -30.92 12.06
CA MET M 438 -7.17 -31.53 11.48
C MET M 438 -7.41 -31.05 10.04
N ALA M 439 -7.32 -29.76 9.76
CA ALA M 439 -7.50 -29.22 8.42
C ALA M 439 -6.48 -29.77 7.42
N ARG M 440 -5.20 -29.88 7.80
CA ARG M 440 -4.15 -30.45 6.93
C ARG M 440 -4.35 -31.96 6.70
N ASN M 441 -4.72 -32.74 7.72
CA ASN M 441 -4.94 -34.18 7.55
C ASN M 441 -6.28 -34.54 6.88
N THR M 442 -7.30 -33.67 6.95
CA THR M 442 -8.55 -33.79 6.18
C THR M 442 -8.43 -33.27 4.73
N GLY M 443 -7.32 -32.63 4.36
CA GLY M 443 -7.05 -32.19 2.98
C GLY M 443 -7.72 -30.86 2.60
N GLU M 444 -7.75 -29.89 3.53
CA GLU M 444 -8.39 -28.58 3.29
C GLU M 444 -7.87 -27.89 2.00
N THR M 445 -8.80 -27.34 1.22
CA THR M 445 -8.63 -27.02 -0.21
C THR M 445 -9.02 -25.58 -0.59
N SER M 446 -9.76 -24.86 0.27
CA SER M 446 -10.16 -23.47 -0.03
C SER M 446 -9.01 -22.51 0.30
N ASP M 447 -8.68 -21.61 -0.64
CA ASP M 447 -7.60 -20.60 -0.50
C ASP M 447 -6.24 -21.30 -0.26
N ASN M 448 -5.64 -21.83 -1.33
CA ASN M 448 -4.32 -22.52 -1.22
C ASN M 448 -3.26 -21.73 -1.98
N PHE M 449 -3.50 -21.46 -3.27
CA PHE M 449 -2.53 -20.71 -4.11
C PHE M 449 -2.03 -19.48 -3.35
N THR M 450 -2.89 -18.48 -3.20
CA THR M 450 -2.53 -17.21 -2.48
C THR M 450 -2.00 -17.54 -1.08
N GLN M 451 -2.70 -18.40 -0.34
CA GLN M 451 -2.30 -18.78 1.03
C GLN M 451 -0.83 -19.22 1.04
N LEU M 452 -0.45 -20.10 0.13
CA LEU M 452 0.90 -20.59 0.04
C LEU M 452 1.82 -19.54 -0.56
N VAL M 453 1.35 -18.68 -1.47
CA VAL M 453 2.12 -17.50 -1.90
C VAL M 453 2.50 -16.67 -0.69
N GLN M 454 1.52 -16.35 0.15
CA GLN M 454 1.78 -15.60 1.37
C GLN M 454 2.74 -16.38 2.27
N LYS M 455 2.50 -17.68 2.48
CA LYS M 455 3.38 -18.49 3.31
C LYS M 455 4.80 -18.46 2.80
N ILE M 456 5.00 -18.49 1.49
CA ILE M 456 6.32 -18.35 0.90
C ILE M 456 6.90 -17.00 1.26
N ARG M 457 6.15 -15.91 1.07
CA ARG M 457 6.63 -14.56 1.39
C ARG M 457 7.13 -14.50 2.83
N GLU M 458 6.30 -14.93 3.76
CA GLU M 458 6.66 -14.83 5.17
C GLU M 458 7.72 -15.87 5.57
N GLN M 459 7.73 -17.06 4.96
CA GLN M 459 8.78 -18.04 5.20
C GLN M 459 10.13 -17.49 4.79
N VAL M 460 10.20 -16.81 3.65
CA VAL M 460 11.44 -16.16 3.22
C VAL M 460 11.90 -15.18 4.30
N GLY M 461 11.00 -14.34 4.82
CA GLY M 461 11.34 -13.44 5.91
C GLY M 461 11.85 -14.19 7.14
N ALA M 462 11.15 -15.25 7.55
CA ALA M 462 11.55 -16.04 8.69
C ALA M 462 12.95 -16.62 8.46
N PHE M 463 13.20 -17.15 7.27
CA PHE M 463 14.49 -17.67 6.88
C PHE M 463 15.54 -16.57 6.90
N ALA M 464 15.18 -15.37 6.45
CA ALA M 464 16.05 -14.20 6.47
C ALA M 464 16.39 -13.79 7.91
N ASP M 465 15.63 -14.23 8.90
CA ASP M 465 16.08 -14.22 10.28
C ASP M 465 16.95 -15.45 10.58
N GLN M 466 16.46 -16.64 10.26
CA GLN M 466 17.04 -17.95 10.61
C GLN M 466 18.47 -18.17 10.08
N LYS M 467 18.86 -17.43 9.04
CA LYS M 467 20.23 -17.37 8.53
C LYS M 467 21.27 -17.20 9.62
N ALA M 468 20.90 -16.57 10.73
CA ALA M 468 21.74 -16.38 11.91
C ALA M 468 22.45 -17.67 12.35
N ASN M 469 21.86 -18.83 12.12
CA ASN M 469 22.51 -20.11 12.38
C ASN M 469 22.34 -21.15 11.27
N LEU M 470 21.57 -20.88 10.22
CA LEU M 470 21.27 -21.86 9.17
C LEU M 470 22.47 -22.15 8.25
N ARG M 471 23.43 -23.01 8.67
CA ARG M 471 24.77 -23.12 8.03
C ARG M 471 25.33 -24.53 7.71
N GLU M 472 25.28 -25.55 8.56
CA GLU M 472 25.62 -26.95 8.20
C GLU M 472 24.98 -27.98 9.13
N PHE M 473 25.05 -29.26 8.78
CA PHE M 473 24.99 -30.27 9.85
C PHE M 473 26.10 -29.97 10.87
N THR M 474 25.74 -29.87 12.15
CA THR M 474 26.44 -29.14 13.23
C THR M 474 27.86 -29.60 13.57
N GLY M 475 28.33 -30.74 13.04
CA GLY M 475 29.73 -31.18 13.12
C GLY M 475 30.63 -30.67 11.99
N GLY M 476 30.15 -29.74 11.17
CA GLY M 476 30.65 -29.54 9.84
C GLY M 476 31.91 -28.67 9.75
N TYR M 477 33.00 -29.23 9.24
CA TYR M 477 34.23 -28.50 8.96
C TYR M 477 35.06 -29.13 7.82
N ILE M 478 36.04 -28.40 7.27
CA ILE M 478 36.97 -28.88 6.21
C ILE M 478 38.21 -29.61 6.76
N TYR M 479 38.03 -30.85 7.20
CA TYR M 479 39.11 -31.65 7.78
C TYR M 479 40.17 -32.05 6.74
N ASP M 480 41.42 -32.24 7.20
CA ASP M 480 42.55 -32.66 6.37
C ASP M 480 42.37 -34.06 5.76
N ILE M 481 43.11 -34.38 4.69
CA ILE M 481 43.15 -35.76 4.18
C ILE M 481 43.82 -36.73 5.17
N THR M 482 44.71 -36.22 6.03
CA THR M 482 45.17 -36.93 7.24
C THR M 482 44.10 -37.06 8.32
N ASP M 483 42.88 -36.55 8.09
CA ASP M 483 41.82 -36.39 9.08
C ASP M 483 40.41 -36.62 8.53
N VAL M 484 40.23 -37.73 7.81
CA VAL M 484 38.90 -38.34 7.66
C VAL M 484 38.28 -38.62 9.04
N THR M 485 39.12 -38.73 10.06
CA THR M 485 38.80 -38.81 11.48
C THR M 485 38.14 -37.56 12.05
N LYS M 486 37.88 -36.49 11.27
CA LYS M 486 37.13 -35.30 11.73
C LYS M 486 37.67 -34.66 13.02
N SER M 487 38.97 -34.76 13.28
CA SER M 487 39.69 -34.37 14.48
C SER M 487 39.96 -32.85 14.57
N ASN M 488 40.05 -32.17 13.43
CA ASN M 488 40.57 -30.79 13.27
C ASN M 488 39.49 -29.80 12.78
N PRO M 489 38.43 -29.49 13.56
CA PRO M 489 37.34 -28.63 13.10
C PRO M 489 37.82 -27.18 12.87
N LYS M 490 37.68 -26.66 11.64
CA LYS M 490 38.11 -25.31 11.23
C LYS M 490 37.23 -24.68 10.14
N ILE M 491 37.00 -23.38 10.20
CA ILE M 491 36.06 -22.60 9.38
C ILE M 491 36.73 -22.13 8.06
N PRO M 492 36.01 -22.00 6.92
CA PRO M 492 36.59 -21.55 5.66
C PRO M 492 37.06 -20.10 5.64
N GLN M 493 36.18 -19.15 6.02
CA GLN M 493 36.43 -17.70 5.99
C GLN M 493 35.70 -16.98 7.13
N LEU M 494 36.28 -15.86 7.60
CA LEU M 494 35.63 -14.92 8.51
C LEU M 494 34.76 -13.89 7.75
N GLY M 495 35.25 -13.40 6.60
CA GLY M 495 34.63 -12.35 5.79
C GLY M 495 35.67 -11.42 5.13
N GLY M 496 35.27 -10.18 4.83
CA GLY M 496 36.18 -9.10 4.41
C GLY M 496 37.02 -8.53 5.55
N THR N 8 19.37 -22.14 -45.81
CA THR N 8 18.20 -21.25 -46.01
C THR N 8 18.55 -19.84 -46.51
N PRO N 9 19.60 -19.12 -46.06
CA PRO N 9 19.80 -17.73 -46.49
C PRO N 9 20.01 -17.56 -48.00
N GLU N 10 20.63 -18.52 -48.66
CA GLU N 10 20.80 -18.54 -50.12
C GLU N 10 19.44 -18.51 -50.80
N GLU N 11 18.50 -19.36 -50.34
CA GLU N 11 17.13 -19.35 -50.82
C GLU N 11 16.40 -18.05 -50.46
N GLN N 12 16.71 -17.44 -49.31
CA GLN N 12 16.20 -16.12 -49.01
C GLN N 12 16.72 -15.09 -50.03
N ARG N 13 18.00 -15.11 -50.40
CA ARG N 13 18.56 -14.26 -51.46
C ARG N 13 17.88 -14.52 -52.79
N ALA N 14 17.55 -15.76 -53.10
CA ALA N 14 16.80 -16.10 -54.31
C ALA N 14 15.38 -15.51 -54.33
N LYS N 15 14.60 -15.67 -53.24
CA LYS N 15 13.25 -15.09 -53.14
C LYS N 15 13.30 -13.56 -53.17
N ASN N 16 14.30 -12.97 -52.52
CA ASN N 16 14.59 -11.55 -52.63
C ASN N 16 14.91 -11.16 -54.08
N ALA N 17 15.79 -11.89 -54.78
CA ALA N 17 16.12 -11.60 -56.16
C ALA N 17 14.87 -11.66 -57.05
N LYS N 18 14.00 -12.67 -56.90
CA LYS N 18 12.71 -12.73 -57.60
C LYS N 18 11.83 -11.53 -57.28
N THR N 19 11.74 -11.15 -56.01
CA THR N 19 11.00 -9.98 -55.57
C THR N 19 11.48 -8.71 -56.28
N ILE N 20 12.79 -8.51 -56.35
CA ILE N 20 13.38 -7.37 -57.04
C ILE N 20 13.17 -7.49 -58.56
N LEU N 21 13.35 -8.68 -59.13
CA LEU N 21 13.12 -8.90 -60.56
C LEU N 21 11.68 -8.57 -60.94
N GLU N 22 10.73 -8.87 -60.08
CA GLU N 22 9.35 -8.45 -60.26
C GLU N 22 9.25 -6.93 -60.27
N ASN N 23 9.86 -6.26 -59.30
CA ASN N 23 9.87 -4.81 -59.27
C ASN N 23 10.51 -4.24 -60.54
N ILE N 24 11.59 -4.85 -61.00
CA ILE N 24 12.29 -4.49 -62.25
C ILE N 24 11.35 -4.68 -63.43
N GLN N 25 10.67 -5.82 -63.56
CA GLN N 25 9.77 -6.07 -64.67
C GLN N 25 8.62 -5.06 -64.68
N ILE N 26 8.04 -4.78 -63.51
CA ILE N 26 7.03 -3.73 -63.34
C ILE N 26 7.59 -2.42 -63.85
N TYR N 27 8.76 -2.01 -63.36
CA TYR N 27 9.37 -0.74 -63.73
C TYR N 27 9.68 -0.66 -65.23
N GLU N 28 10.24 -1.71 -65.85
CA GLU N 28 10.50 -1.74 -67.28
C GLU N 28 9.20 -1.50 -68.03
N ARG N 29 8.15 -2.22 -67.63
CA ARG N 29 6.85 -2.04 -68.23
C ARG N 29 6.31 -0.65 -67.98
N MET N 30 6.45 -0.12 -66.78
CA MET N 30 6.04 1.25 -66.48
C MET N 30 6.78 2.26 -67.36
N CYS N 31 8.07 2.05 -67.59
CA CYS N 31 8.89 2.94 -68.38
C CYS N 31 8.44 2.96 -69.82
N ASP N 32 8.26 1.78 -70.40
CA ASP N 32 7.68 1.71 -71.72
C ASP N 32 6.26 2.29 -71.75
N LEU N 33 5.45 2.06 -70.70
CA LEU N 33 4.04 2.50 -70.64
C LEU N 33 3.89 4.01 -70.72
N PHE N 34 4.71 4.78 -69.99
CA PHE N 34 4.72 6.24 -70.10
C PHE N 34 5.62 6.77 -71.23
N GLY N 35 6.29 5.91 -72.00
CA GLY N 35 7.09 6.30 -73.15
C GLY N 35 8.50 6.78 -72.83
N VAL N 36 9.08 6.33 -71.71
CA VAL N 36 10.39 6.77 -71.20
C VAL N 36 11.52 6.32 -72.13
N SER N 37 12.44 7.23 -72.50
CA SER N 37 13.60 6.90 -73.36
C SER N 37 14.59 5.96 -72.66
N GLU N 38 15.28 5.12 -73.44
CA GLU N 38 16.01 3.98 -72.90
C GLU N 38 17.01 4.40 -71.82
N ASP N 39 17.80 5.42 -72.10
CA ASP N 39 18.71 5.97 -71.12
C ASP N 39 17.93 6.61 -69.96
N ASP N 40 16.86 7.34 -70.24
CA ASP N 40 16.05 7.97 -69.20
C ASP N 40 15.42 6.96 -68.24
N LYS N 41 15.33 5.68 -68.59
CA LYS N 41 14.84 4.66 -67.66
C LYS N 41 15.70 4.56 -66.40
N LEU N 42 17.01 4.83 -66.51
CA LEU N 42 17.94 4.73 -65.37
C LEU N 42 17.61 5.76 -64.27
N ILE N 43 16.87 6.80 -64.60
CA ILE N 43 16.80 7.97 -63.77
C ILE N 43 16.11 7.66 -62.46
N ILE N 44 16.79 8.01 -61.37
CA ILE N 44 16.28 7.83 -60.02
C ILE N 44 14.99 8.64 -59.82
N GLU N 45 14.94 9.88 -60.31
CA GLU N 45 13.71 10.68 -60.32
C GLU N 45 12.56 9.90 -61.00
N ASN N 46 12.82 9.17 -62.10
CA ASN N 46 11.81 8.32 -62.71
C ASN N 46 11.42 7.17 -61.78
N SER N 47 12.40 6.55 -61.09
CA SER N 47 12.09 5.57 -60.06
C SER N 47 11.06 6.12 -59.08
N ILE N 48 11.38 7.27 -58.50
CA ILE N 48 10.54 7.93 -57.53
C ILE N 48 9.18 8.20 -58.13
N SER N 49 9.10 8.76 -59.33
CA SER N 49 7.81 9.07 -59.95
C SER N 49 6.94 7.83 -60.11
N ILE N 50 7.49 6.71 -60.56
CA ILE N 50 6.69 5.48 -60.69
C ILE N 50 6.24 5.01 -59.32
N GLU N 51 7.15 4.95 -58.37
CA GLU N 51 6.86 4.52 -57.02
C GLU N 51 5.74 5.38 -56.41
N ARG N 52 5.82 6.70 -56.62
CA ARG N 52 4.82 7.68 -56.20
C ARG N 52 3.46 7.31 -56.79
N MET N 53 3.40 7.15 -58.10
CA MET N 53 2.16 6.83 -58.78
C MET N 53 1.56 5.55 -58.20
N ILE N 54 2.39 4.54 -57.94
CA ILE N 54 1.93 3.29 -57.36
C ILE N 54 1.31 3.53 -55.99
N ARG N 55 1.92 4.37 -55.13
CA ARG N 55 1.29 4.71 -53.85
C ARG N 55 -0.12 5.24 -54.07
N VAL N 56 -0.29 6.25 -54.93
CA VAL N 56 -1.58 6.90 -55.18
C VAL N 56 -2.63 5.86 -55.57
N VAL N 57 -2.29 5.02 -56.53
CA VAL N 57 -3.17 3.94 -57.00
C VAL N 57 -3.53 2.99 -55.85
N THR N 58 -2.55 2.62 -55.03
CA THR N 58 -2.71 1.64 -53.96
C THR N 58 -3.27 2.20 -52.65
N ASP N 59 -3.47 3.51 -52.54
CA ASP N 59 -3.99 4.17 -51.33
C ASP N 59 -5.49 3.89 -51.06
N LYS N 60 -5.83 2.65 -50.69
CA LYS N 60 -7.22 2.17 -50.50
C LYS N 60 -8.10 3.11 -49.67
N LYS N 61 -7.58 3.59 -48.54
CA LYS N 61 -8.21 4.62 -47.70
C LYS N 61 -8.57 5.90 -48.46
N TYR N 62 -7.59 6.50 -49.14
CA TYR N 62 -7.82 7.70 -49.93
C TYR N 62 -8.73 7.41 -51.14
N GLN N 63 -8.73 6.21 -51.71
CA GLN N 63 -9.70 5.84 -52.73
C GLN N 63 -11.14 5.79 -52.16
N ASP N 64 -11.36 5.32 -50.93
CA ASP N 64 -12.68 5.40 -50.26
C ASP N 64 -13.19 6.85 -50.15
N LYS N 65 -12.27 7.75 -49.80
CA LYS N 65 -12.53 9.17 -49.58
C LYS N 65 -12.80 9.89 -50.90
N LYS N 66 -12.01 9.55 -51.92
CA LYS N 66 -12.16 10.02 -53.31
C LYS N 66 -13.55 9.69 -53.83
N LEU N 67 -13.98 8.44 -53.68
CA LEU N 67 -15.34 8.03 -54.02
C LEU N 67 -16.36 8.89 -53.27
N LYS N 68 -16.17 9.14 -51.98
CA LYS N 68 -17.10 9.94 -51.17
C LYS N 68 -17.32 11.35 -51.76
N ASN N 69 -16.29 11.97 -52.33
CA ASN N 69 -16.40 13.29 -52.97
C ASN N 69 -16.45 13.27 -54.51
N ALA N 70 -16.42 12.10 -55.15
CA ALA N 70 -16.41 12.00 -56.60
C ALA N 70 -17.69 12.55 -57.25
N GLY N 71 -18.81 12.53 -56.53
CA GLY N 71 -20.05 13.23 -56.89
C GLY N 71 -20.64 12.84 -58.25
N SER N 72 -21.37 13.76 -58.85
CA SER N 72 -21.99 13.61 -60.18
C SER N 72 -21.11 14.09 -61.35
N ASP N 73 -19.99 14.75 -61.09
CA ASP N 73 -19.24 15.49 -62.10
C ASP N 73 -18.52 14.56 -63.11
N PRO N 74 -18.85 14.60 -64.42
CA PRO N 74 -18.17 13.77 -65.41
C PRO N 74 -16.68 14.05 -65.53
N GLU N 75 -16.18 15.23 -65.16
CA GLU N 75 -14.73 15.50 -65.10
C GLU N 75 -14.06 14.74 -63.94
N LYS N 76 -14.71 14.60 -62.78
CA LYS N 76 -14.20 13.78 -61.67
C LYS N 76 -14.14 12.31 -62.08
N ILE N 77 -15.17 11.82 -62.73
CA ILE N 77 -15.31 10.42 -63.17
C ILE N 77 -14.24 10.05 -64.23
N ALA N 78 -13.99 10.89 -65.24
CA ALA N 78 -12.95 10.63 -66.23
C ALA N 78 -11.53 10.61 -65.61
N ASN N 79 -11.25 11.57 -64.75
CA ASN N 79 -9.97 11.61 -64.03
C ASN N 79 -9.82 10.50 -62.97
N ALA N 80 -10.91 9.79 -62.59
CA ALA N 80 -10.79 8.56 -61.83
C ALA N 80 -10.26 7.39 -62.68
N GLY N 81 -10.45 7.42 -64.00
CA GLY N 81 -9.92 6.43 -64.94
C GLY N 81 -8.48 6.72 -65.39
N LYS N 82 -8.19 7.98 -65.74
CA LYS N 82 -6.81 8.43 -66.04
C LYS N 82 -5.90 8.24 -64.83
N VAL N 83 -4.65 7.92 -65.07
CA VAL N 83 -3.56 8.04 -64.09
C VAL N 83 -2.40 8.83 -64.72
N PHE N 84 -1.96 9.89 -64.03
CA PHE N 84 -0.87 10.74 -64.46
C PHE N 84 0.47 10.34 -63.83
N CYS N 85 1.55 10.52 -64.59
CA CYS N 85 2.90 10.37 -64.08
C CYS N 85 3.84 11.43 -64.70
N ARG N 86 4.25 12.40 -63.86
CA ARG N 86 5.31 13.38 -64.16
C ARG N 86 6.67 12.67 -64.15
N LEU N 87 7.32 12.59 -65.31
CA LEU N 87 8.57 11.83 -65.53
C LEU N 87 9.63 12.70 -66.21
N VAL N 88 10.91 12.39 -66.01
CA VAL N 88 12.03 13.02 -66.72
C VAL N 88 12.16 12.47 -68.14
N GLU N 89 12.31 13.37 -69.11
CA GLU N 89 12.68 13.09 -70.49
C GLU N 89 13.86 13.99 -70.91
N SER N 90 14.82 13.45 -71.67
CA SER N 90 16.05 14.17 -72.02
C SER N 90 16.26 14.28 -73.53
N THR N 91 17.00 15.31 -73.94
CA THR N 91 17.37 15.60 -75.34
C THR N 91 18.58 16.52 -75.35
N ALA N 92 19.57 16.25 -76.20
CA ALA N 92 20.76 17.09 -76.41
C ALA N 92 21.53 17.44 -75.11
N GLY N 93 21.53 16.52 -74.13
CA GLY N 93 22.09 16.73 -72.79
C GLY N 93 21.21 17.54 -71.83
N LYS N 94 20.18 18.22 -72.34
CA LYS N 94 19.14 18.89 -71.57
C LYS N 94 18.04 17.92 -71.12
N CYS N 95 17.28 18.29 -70.10
CA CYS N 95 16.18 17.48 -69.57
C CYS N 95 15.00 18.32 -69.10
N SER N 96 13.85 17.67 -69.05
CA SER N 96 12.56 18.25 -68.72
C SER N 96 11.62 17.18 -68.16
N ALA N 97 10.49 17.61 -67.65
CA ALA N 97 9.34 16.78 -67.39
C ALA N 97 8.56 16.41 -68.67
N ARG N 98 7.84 15.29 -68.65
CA ARG N 98 6.62 15.06 -69.43
C ARG N 98 5.53 14.44 -68.55
N LEU N 99 4.31 14.89 -68.73
CA LEU N 99 3.12 14.28 -68.15
C LEU N 99 2.77 13.01 -68.93
N GLY N 100 3.37 11.89 -68.58
CA GLY N 100 2.88 10.59 -69.02
C GLY N 100 1.46 10.36 -68.50
N MET N 101 0.62 9.69 -69.29
CA MET N 101 -0.73 9.24 -68.89
C MET N 101 -1.01 7.80 -69.34
N ALA N 102 -1.58 7.00 -68.46
CA ALA N 102 -2.06 5.65 -68.73
C ALA N 102 -3.31 5.43 -67.89
N LEU N 103 -4.20 4.52 -68.30
CA LEU N 103 -5.40 4.24 -67.52
C LEU N 103 -5.03 3.42 -66.29
N LYS N 104 -5.79 3.55 -65.19
CA LYS N 104 -5.61 2.70 -64.00
C LYS N 104 -5.55 1.21 -64.38
N PRO N 105 -6.45 0.69 -65.23
CA PRO N 105 -6.32 -0.67 -65.74
C PRO N 105 -4.98 -0.98 -66.42
N ASN N 106 -4.31 -0.03 -67.07
CA ASN N 106 -2.98 -0.29 -67.62
C ASN N 106 -1.99 -0.59 -66.49
N VAL N 107 -2.00 0.23 -65.43
CA VAL N 107 -1.14 0.03 -64.25
C VAL N 107 -1.49 -1.28 -63.54
N GLU N 108 -2.78 -1.53 -63.33
CA GLU N 108 -3.28 -2.76 -62.74
C GLU N 108 -2.85 -3.97 -63.56
N ALA N 109 -2.87 -3.90 -64.89
CA ALA N 109 -2.43 -4.99 -65.74
C ALA N 109 -0.98 -5.34 -65.43
N VAL N 110 -0.06 -4.38 -65.52
CA VAL N 110 1.34 -4.64 -65.19
C VAL N 110 1.46 -5.27 -63.81
N LEU N 111 0.80 -4.69 -62.80
CA LEU N 111 0.89 -5.18 -61.43
C LEU N 111 0.31 -6.59 -61.30
N THR N 112 -0.92 -6.80 -61.71
CA THR N 112 -1.57 -8.10 -61.67
C THR N 112 -0.83 -9.12 -62.52
N ASP N 113 -0.19 -8.73 -63.61
CA ASP N 113 0.59 -9.63 -64.46
C ASP N 113 1.82 -10.15 -63.72
N VAL N 114 2.57 -9.27 -63.06
CA VAL N 114 3.87 -9.61 -62.48
C VAL N 114 3.76 -10.18 -61.05
N LEU N 115 2.84 -9.66 -60.23
CA LEU N 115 2.61 -10.07 -58.84
C LEU N 115 1.43 -11.04 -58.65
N GLY N 116 0.72 -11.36 -59.73
CA GLY N 116 -0.50 -12.18 -59.73
C GLY N 116 -1.78 -11.35 -59.61
N ASN N 117 -2.88 -11.88 -60.15
CA ASN N 117 -4.19 -11.23 -60.19
C ASN N 117 -4.65 -10.79 -58.79
N GLU N 118 -4.40 -11.64 -57.78
CA GLU N 118 -4.64 -11.36 -56.36
C GLU N 118 -3.61 -10.38 -55.79
N LEU N 119 -3.60 -9.16 -56.33
CA LEU N 119 -3.03 -8.00 -55.64
C LEU N 119 -3.72 -7.76 -54.27
N ASP N 120 -4.94 -8.29 -54.13
CA ASP N 120 -5.67 -8.44 -52.86
C ASP N 120 -4.91 -9.25 -51.80
N ARG N 121 -3.83 -9.97 -52.17
CA ARG N 121 -2.75 -10.38 -51.25
C ARG N 121 -1.97 -9.13 -50.82
N ALA N 122 -2.64 -8.30 -50.02
CA ALA N 122 -2.14 -7.09 -49.42
C ALA N 122 -0.71 -7.24 -48.86
N ALA N 123 -0.36 -8.41 -48.34
CA ALA N 123 1.00 -8.72 -47.90
C ALA N 123 2.02 -8.57 -49.03
N VAL N 124 1.79 -9.19 -50.19
CA VAL N 124 2.80 -9.29 -51.26
C VAL N 124 3.07 -7.93 -51.89
N LEU N 125 2.03 -7.19 -52.24
CA LEU N 125 2.17 -5.84 -52.79
C LEU N 125 2.61 -4.85 -51.71
N GLY N 126 1.98 -4.90 -50.53
CA GLY N 126 2.22 -3.95 -49.44
C GLY N 126 3.60 -4.05 -48.82
N LYS N 127 4.21 -5.24 -48.76
CA LYS N 127 5.58 -5.43 -48.26
C LYS N 127 6.55 -4.59 -49.09
N ARG N 128 6.65 -4.90 -50.38
CA ARG N 128 7.53 -4.17 -51.31
C ARG N 128 7.17 -2.69 -51.43
N MET N 129 5.88 -2.33 -51.45
CA MET N 129 5.50 -0.92 -51.51
C MET N 129 5.76 -0.19 -50.20
N GLY N 130 5.67 -0.85 -49.04
CA GLY N 130 6.08 -0.29 -47.76
C GLY N 130 7.54 0.10 -47.78
N PHE N 131 8.40 -0.76 -48.33
CA PHE N 131 9.83 -0.48 -48.44
C PHE N 131 10.09 0.77 -49.32
N SER N 132 9.40 0.88 -50.46
CA SER N 132 9.46 2.06 -51.34
C SER N 132 8.92 3.32 -50.66
N ALA N 133 7.74 3.24 -50.03
CA ALA N 133 7.13 4.37 -49.33
C ALA N 133 8.03 4.84 -48.18
N MET N 134 8.67 3.90 -47.49
CA MET N 134 9.67 4.17 -46.48
C MET N 134 10.83 4.93 -47.11
N PHE N 135 11.42 4.46 -48.21
CA PHE N 135 12.46 5.23 -48.90
C PHE N 135 12.00 6.66 -49.23
N LYS N 136 10.76 6.85 -49.71
CA LYS N 136 10.23 8.20 -49.97
C LYS N 136 10.13 9.00 -48.68
N SER N 137 9.62 8.39 -47.62
CA SER N 137 9.60 8.99 -46.31
C SER N 137 11.00 9.39 -45.84
N ASN N 138 12.03 8.55 -46.06
CA ASN N 138 13.42 8.87 -45.74
C ASN N 138 13.86 10.14 -46.49
N LEU N 139 13.63 10.19 -47.79
CA LEU N 139 14.07 11.29 -48.64
C LEU N 139 13.35 12.59 -48.27
N GLU N 140 12.04 12.54 -48.03
CA GLU N 140 11.28 13.66 -47.48
C GLU N 140 11.89 14.17 -46.17
N GLU N 141 12.23 13.25 -45.26
CA GLU N 141 12.76 13.58 -43.95
C GLU N 141 14.07 14.34 -44.06
N VAL N 142 15.00 13.85 -44.88
CA VAL N 142 16.25 14.59 -45.11
C VAL N 142 15.97 15.91 -45.83
N LEU N 143 14.98 15.95 -46.74
CA LEU N 143 14.69 17.15 -47.50
C LEU N 143 14.20 18.30 -46.61
N TYR N 144 13.06 18.13 -45.94
CA TYR N 144 12.30 19.31 -45.52
C TYR N 144 11.70 19.25 -44.10
N GLN N 145 12.25 18.41 -43.23
CA GLN N 145 11.92 18.35 -41.79
C GLN N 145 10.40 18.28 -41.50
N ARG N 146 9.67 17.71 -42.47
CA ARG N 146 8.24 17.36 -42.50
C ARG N 146 7.23 18.46 -42.11
N GLY N 147 7.57 19.73 -42.29
CA GLY N 147 6.79 20.88 -41.78
C GLY N 147 5.28 20.80 -42.00
N LYS N 148 4.82 20.68 -43.25
CA LYS N 148 3.39 20.63 -43.55
C LYS N 148 2.67 19.44 -42.97
N ASN N 149 3.35 18.33 -42.69
CA ASN N 149 2.77 17.23 -41.93
C ASN N 149 2.78 17.50 -40.42
N GLN N 150 3.87 18.04 -39.86
CA GLN N 150 3.94 18.32 -38.42
C GLN N 150 3.00 19.46 -37.99
N LEU N 151 2.57 20.36 -38.87
CA LEU N 151 1.47 21.29 -38.55
C LEU N 151 0.18 20.53 -38.18
N LYS N 152 -0.02 19.32 -38.71
CA LYS N 152 -1.06 18.36 -38.28
C LYS N 152 -0.59 17.51 -37.08
N LYS N 153 0.63 16.95 -37.14
CA LYS N 153 1.14 15.95 -36.16
C LYS N 153 1.78 16.53 -34.89
N ARG N 154 1.83 17.85 -34.77
CA ARG N 154 1.87 18.66 -33.54
C ARG N 154 3.11 18.54 -32.64
N ASN N 155 4.26 18.13 -33.16
CA ASN N 155 5.47 17.88 -32.34
C ASN N 155 6.78 18.38 -32.96
N ALA N 156 7.77 18.65 -32.11
CA ALA N 156 8.96 19.47 -32.40
C ALA N 156 10.21 18.69 -32.92
N ALA N 157 11.30 19.42 -33.19
CA ALA N 157 12.44 18.94 -33.97
C ALA N 157 13.12 17.68 -33.43
N GLU N 158 13.34 17.61 -32.12
CA GLU N 158 13.90 16.42 -31.50
C GLU N 158 12.98 15.21 -31.72
N THR N 159 11.67 15.38 -31.51
CA THR N 159 10.70 14.32 -31.80
C THR N 159 10.81 13.89 -33.26
N PHE N 160 10.93 14.86 -34.16
CA PHE N 160 11.09 14.62 -35.59
C PHE N 160 12.34 13.75 -35.84
N THR N 161 13.47 14.02 -35.19
CA THR N 161 14.68 13.21 -35.41
C THR N 161 14.47 11.74 -35.10
N LEU N 162 13.74 11.42 -34.04
CA LEU N 162 13.45 10.04 -33.69
C LEU N 162 12.35 9.41 -34.56
N SER N 163 11.67 10.20 -35.36
CA SER N 163 10.51 9.75 -36.12
C SER N 163 10.87 9.36 -37.53
N GLN N 164 11.90 8.52 -37.68
CA GLN N 164 12.30 8.02 -39.00
C GLN N 164 11.16 7.18 -39.60
N GLY N 165 10.74 7.51 -40.82
CA GLY N 165 9.62 6.87 -41.52
C GLY N 165 8.25 7.48 -41.23
N ALA N 166 8.12 8.51 -40.39
CA ALA N 166 6.79 9.08 -40.08
C ALA N 166 6.18 9.96 -41.18
N SER N 167 6.80 10.08 -42.37
CA SER N 167 6.13 10.69 -43.55
C SER N 167 5.15 9.74 -44.24
N LEU N 168 5.21 8.44 -43.92
CA LEU N 168 4.35 7.38 -44.49
C LEU N 168 2.85 7.64 -44.34
N GLU N 169 2.07 7.30 -45.37
CA GLU N 169 0.64 7.08 -45.20
C GLU N 169 0.37 5.97 -44.17
N ALA N 170 -0.70 6.14 -43.40
CA ALA N 170 -1.00 5.36 -42.20
C ALA N 170 -0.90 3.86 -42.44
N ARG N 171 -1.48 3.38 -43.54
CA ARG N 171 -1.52 1.96 -43.92
C ARG N 171 -0.15 1.30 -43.94
N PHE N 172 0.89 2.03 -44.27
CA PHE N 172 2.24 1.48 -44.30
C PHE N 172 2.83 1.31 -42.91
N ARG N 173 2.40 2.12 -41.94
CA ARG N 173 3.03 2.15 -40.62
C ARG N 173 2.95 0.78 -39.91
N PRO N 174 1.82 0.05 -39.98
CA PRO N 174 1.76 -1.34 -39.56
C PRO N 174 2.76 -2.25 -40.27
N ILE N 175 2.89 -2.13 -41.59
CA ILE N 175 3.76 -2.97 -42.42
C ILE N 175 5.23 -2.79 -42.00
N MET N 176 5.66 -1.55 -41.80
CA MET N 176 7.06 -1.19 -41.59
C MET N 176 7.59 -1.37 -40.16
N GLU N 177 6.87 -2.12 -39.30
CA GLU N 177 7.01 -2.12 -37.83
C GLU N 177 8.46 -2.05 -37.29
N LYS N 178 9.37 -2.81 -37.89
CA LYS N 178 10.74 -3.01 -37.39
C LYS N 178 11.64 -1.78 -37.58
N HIS N 179 11.50 -1.08 -38.69
CA HIS N 179 12.51 -0.12 -39.14
C HIS N 179 12.21 1.33 -38.79
N LEU N 180 10.94 1.66 -38.56
CA LEU N 180 10.53 3.00 -38.17
C LEU N 180 11.24 3.44 -36.89
N GLY N 181 11.72 4.68 -36.85
CA GLY N 181 12.32 5.28 -35.66
C GLY N 181 11.26 5.41 -34.57
N VAL N 182 11.64 5.21 -33.30
CA VAL N 182 10.70 5.07 -32.17
C VAL N 182 9.72 6.24 -32.11
N GLY N 183 10.22 7.44 -32.44
CA GLY N 183 9.42 8.66 -32.49
C GLY N 183 8.21 8.54 -33.39
N THR N 184 8.31 7.79 -34.48
CA THR N 184 7.22 7.56 -35.42
C THR N 184 6.04 6.92 -34.70
N VAL N 185 6.31 5.87 -33.94
CA VAL N 185 5.29 5.19 -33.13
C VAL N 185 4.76 6.14 -32.07
N VAL N 186 5.65 6.82 -31.37
CA VAL N 186 5.29 7.72 -30.28
C VAL N 186 4.36 8.84 -30.75
N ALA N 187 4.76 9.52 -31.82
CA ALA N 187 3.98 10.56 -32.46
C ALA N 187 2.63 10.02 -32.89
N SER N 188 2.63 8.82 -33.45
CA SER N 188 1.37 8.17 -33.81
C SER N 188 0.48 8.02 -32.59
N ILE N 189 0.98 7.48 -31.47
CA ILE N 189 0.15 7.31 -30.26
C ILE N 189 -0.39 8.66 -29.79
N LYS N 190 0.48 9.67 -29.72
CA LYS N 190 0.07 11.00 -29.25
C LYS N 190 -1.03 11.58 -30.15
N ASN N 191 -0.89 11.41 -31.45
CA ASN N 191 -1.91 11.85 -32.38
C ASN N 191 -3.17 10.97 -32.34
N ILE N 192 -3.07 9.68 -32.00
CA ILE N 192 -4.25 8.83 -31.79
C ILE N 192 -5.10 9.38 -30.63
N LEU N 193 -4.48 9.82 -29.54
CA LEU N 193 -5.20 10.45 -28.43
C LEU N 193 -5.91 11.74 -28.86
N ALA N 194 -5.27 12.53 -29.73
CA ALA N 194 -5.94 13.68 -30.33
C ALA N 194 -7.11 13.24 -31.22
N SER N 195 -6.95 12.19 -32.04
CA SER N 195 -8.03 11.63 -32.84
C SER N 195 -9.21 11.17 -32.01
N LYS N 196 -8.98 10.58 -30.84
CA LYS N 196 -10.05 10.25 -29.89
C LYS N 196 -10.85 11.46 -29.42
N LYS N 197 -10.28 12.68 -29.40
CA LYS N 197 -11.06 13.91 -29.26
C LYS N 197 -11.71 14.31 -30.59
N ASN N 198 -10.92 14.41 -31.65
CA ASN N 198 -11.29 15.15 -32.86
C ASN N 198 -12.21 14.40 -33.83
N GLY N 199 -12.23 13.07 -33.80
CA GLY N 199 -13.07 12.26 -34.70
C GLY N 199 -12.63 12.22 -36.18
N ASN N 200 -11.44 12.72 -36.49
CA ASN N 200 -10.79 12.73 -37.81
C ASN N 200 -10.26 11.36 -38.27
N TYR N 201 -10.80 10.27 -37.73
CA TYR N 201 -10.27 8.93 -37.82
C TYR N 201 -11.36 7.87 -37.71
N ARG N 202 -11.08 6.67 -38.21
CA ARG N 202 -11.76 5.42 -37.85
C ARG N 202 -10.81 4.47 -37.14
N ASN N 203 -11.14 4.06 -35.92
CA ASN N 203 -10.42 3.01 -35.19
C ASN N 203 -10.67 1.61 -35.82
N LYS N 204 -9.81 0.63 -35.52
CA LYS N 204 -9.61 -0.60 -36.35
C LYS N 204 -9.11 -1.81 -35.57
N MET N 205 -9.07 -3.00 -36.19
CA MET N 205 -8.52 -4.24 -35.63
C MET N 205 -7.76 -5.06 -36.70
N VAL N 206 -6.60 -5.63 -36.34
CA VAL N 206 -5.69 -6.38 -37.23
C VAL N 206 -5.04 -7.60 -36.54
N ARG N 207 -4.44 -8.49 -37.35
CA ARG N 207 -3.70 -9.70 -36.94
C ARG N 207 -2.45 -9.94 -37.83
N LYS N 208 -1.35 -10.47 -37.27
CA LYS N 208 -0.05 -10.61 -37.97
C LYS N 208 0.51 -12.05 -37.87
N PRO N 209 0.29 -12.92 -38.86
CA PRO N 209 0.83 -14.28 -38.92
C PRO N 209 2.35 -14.35 -38.97
N GLY N 210 2.90 -15.49 -38.56
CA GLY N 210 4.34 -15.71 -38.35
C GLY N 210 4.93 -14.96 -37.13
N GLY N 211 4.27 -13.88 -36.68
CA GLY N 211 4.61 -13.12 -35.46
C GLY N 211 3.67 -13.41 -34.29
N ASN N 212 2.42 -12.92 -34.36
CA ASN N 212 1.40 -13.11 -33.32
C ASN N 212 -0.02 -13.09 -33.93
N ARG N 213 -0.77 -14.18 -33.73
CA ARG N 213 -2.18 -14.35 -34.12
C ARG N 213 -3.16 -13.55 -33.26
N GLU N 214 -2.68 -12.79 -32.27
CA GLU N 214 -3.49 -11.79 -31.57
C GLU N 214 -4.18 -10.81 -32.51
N SER N 215 -5.42 -10.46 -32.17
CA SER N 215 -6.39 -9.85 -33.06
C SER N 215 -6.94 -8.61 -32.39
N TRP N 216 -6.38 -7.46 -32.72
CA TRP N 216 -6.37 -6.32 -31.79
C TRP N 216 -6.12 -4.98 -32.48
N SER N 217 -6.31 -3.88 -31.76
CA SER N 217 -6.42 -2.53 -32.28
C SER N 217 -5.09 -1.79 -32.40
N PRO N 218 -5.07 -0.56 -32.93
CA PRO N 218 -3.94 0.34 -32.84
C PRO N 218 -3.37 0.46 -31.43
N LEU N 219 -4.20 0.44 -30.39
CA LEU N 219 -3.71 0.55 -29.02
C LEU N 219 -2.72 -0.58 -28.75
N GLU N 220 -3.16 -1.81 -28.95
CA GLU N 220 -2.31 -2.97 -28.77
C GLU N 220 -1.15 -2.98 -29.76
N ARG N 221 -1.43 -2.70 -31.04
CA ARG N 221 -0.43 -2.71 -32.12
C ARG N 221 0.71 -1.77 -31.83
N GLU N 222 0.38 -0.53 -31.49
CA GLU N 222 1.35 0.47 -31.11
C GLU N 222 2.11 0.00 -29.88
N ILE N 223 1.42 -0.42 -28.82
CA ILE N 223 2.10 -0.85 -27.59
C ILE N 223 3.03 -2.02 -27.88
N SER N 224 2.63 -2.93 -28.75
CA SER N 224 3.44 -4.06 -29.16
C SER N 224 4.69 -3.57 -29.89
N PHE N 225 4.54 -2.69 -30.88
CA PHE N 225 5.67 -2.15 -31.59
C PHE N 225 6.60 -1.40 -30.63
N LEU N 226 6.02 -0.66 -29.69
CA LEU N 226 6.75 0.07 -28.66
C LEU N 226 7.53 -0.91 -27.78
N ASN N 227 6.94 -2.04 -27.41
CA ASN N 227 7.63 -3.06 -26.65
C ASN N 227 8.77 -3.66 -27.47
N LYS N 228 8.55 -3.90 -28.77
CA LYS N 228 9.59 -4.40 -29.68
C LYS N 228 10.77 -3.44 -29.85
N LYS N 229 10.61 -2.17 -29.44
CA LYS N 229 11.64 -1.13 -29.54
C LYS N 229 12.30 -0.76 -28.21
N LEU N 230 11.55 -0.63 -27.14
CA LEU N 230 12.04 -0.03 -25.89
C LEU N 230 13.15 -0.85 -25.23
N PHE N 231 13.94 -0.17 -24.41
CA PHE N 231 15.07 -0.74 -23.68
C PHE N 231 14.62 -1.75 -22.63
N PRO N 232 15.24 -2.95 -22.58
CA PRO N 232 14.90 -3.97 -21.59
C PRO N 232 15.00 -3.47 -20.15
N GLY N 233 14.27 -4.09 -19.21
CA GLY N 233 14.10 -3.49 -17.90
C GLY N 233 13.18 -2.27 -17.95
N PRO N 234 13.58 -1.10 -17.42
CA PRO N 234 12.65 -0.05 -17.03
C PRO N 234 11.73 0.41 -18.15
N MET N 235 12.29 0.61 -19.35
CA MET N 235 11.53 1.17 -20.46
C MET N 235 10.51 0.14 -20.99
N ARG N 236 10.90 -1.12 -21.19
CA ARG N 236 9.90 -2.16 -21.47
C ARG N 236 8.93 -2.35 -20.33
N GLN N 237 9.33 -2.16 -19.07
CA GLN N 237 8.39 -2.26 -17.95
C GLN N 237 7.33 -1.15 -18.02
N LEU N 238 7.75 0.07 -18.37
CA LEU N 238 6.83 1.16 -18.68
C LEU N 238 5.93 0.77 -19.87
N CYS N 239 6.48 0.06 -20.85
CA CYS N 239 5.73 -0.44 -21.98
C CYS N 239 4.61 -1.41 -21.54
N LYS N 240 4.91 -2.31 -20.60
CA LYS N 240 3.89 -3.21 -20.04
C LYS N 240 2.84 -2.44 -19.22
N LYS N 241 3.26 -1.46 -18.41
CA LYS N 241 2.35 -0.60 -17.63
C LYS N 241 1.37 0.18 -18.52
N PHE N 242 1.74 0.43 -19.77
CA PHE N 242 1.21 1.52 -20.56
C PHE N 242 -0.33 1.55 -20.62
N GLU N 243 -0.99 0.39 -20.74
CA GLU N 243 -2.46 0.31 -20.78
C GLU N 243 -3.15 0.86 -19.53
N TYR N 244 -2.40 0.98 -18.43
CA TYR N 244 -2.86 1.36 -17.11
C TYR N 244 -2.33 2.74 -16.67
N LEU N 245 -1.55 3.41 -17.51
CA LEU N 245 -1.34 4.86 -17.42
C LEU N 245 -2.64 5.59 -17.79
N ASN N 246 -2.96 6.72 -17.15
CA ASN N 246 -4.01 7.62 -17.67
C ASN N 246 -3.54 8.36 -18.94
N GLU N 247 -4.42 9.02 -19.67
CA GLU N 247 -4.07 9.62 -20.98
C GLU N 247 -2.95 10.68 -20.87
N GLN N 248 -3.00 11.56 -19.88
CA GLN N 248 -1.92 12.52 -19.67
C GLN N 248 -0.65 11.81 -19.22
N GLU N 249 -0.75 10.82 -18.34
CA GLU N 249 0.38 9.98 -17.98
C GLU N 249 0.99 9.32 -19.21
N LYS N 250 0.18 8.83 -20.15
CA LYS N 250 0.67 8.31 -21.42
C LYS N 250 1.43 9.38 -22.15
N GLN N 251 0.87 10.58 -22.32
CA GLN N 251 1.59 11.65 -23.01
C GLN N 251 2.91 12.00 -22.30
N LEU N 252 2.90 12.12 -20.99
CA LEU N 252 4.08 12.44 -20.21
C LEU N 252 5.14 11.35 -20.33
N ALA N 253 4.72 10.10 -20.20
CA ALA N 253 5.58 8.94 -20.35
C ALA N 253 6.18 8.91 -21.74
N LEU N 254 5.35 9.08 -22.77
CA LEU N 254 5.81 9.13 -24.14
C LEU N 254 6.87 10.21 -24.29
N ASN N 255 6.63 11.40 -23.77
CA ASN N 255 7.63 12.46 -23.84
C ASN N 255 8.93 12.01 -23.20
N LEU N 256 8.90 11.54 -21.95
CA LEU N 256 10.15 11.23 -21.27
C LEU N 256 10.84 10.03 -21.94
N MET N 257 10.10 9.02 -22.38
CA MET N 257 10.68 7.89 -23.09
C MET N 257 11.30 8.35 -24.39
N LEU N 258 10.64 9.26 -25.10
CA LEU N 258 11.16 9.80 -26.33
C LEU N 258 12.45 10.55 -26.06
N ASP N 259 12.48 11.40 -25.03
CA ASP N 259 13.70 12.08 -24.62
C ASP N 259 14.79 11.07 -24.27
N ALA N 260 14.46 10.05 -23.48
CA ALA N 260 15.41 9.02 -23.11
C ALA N 260 15.97 8.34 -24.35
N SER N 261 15.13 8.10 -25.36
CA SER N 261 15.53 7.52 -26.63
C SER N 261 16.50 8.42 -27.41
N LEU N 262 16.56 9.73 -27.14
CA LEU N 262 17.61 10.56 -27.72
C LEU N 262 19.00 10.05 -27.29
N ILE N 263 19.16 9.54 -26.07
CA ILE N 263 20.41 8.92 -25.61
C ILE N 263 20.38 7.41 -25.82
N LEU N 264 19.38 6.74 -25.27
CA LEU N 264 19.27 5.30 -25.20
C LEU N 264 19.02 4.73 -26.59
N LYS N 265 19.80 3.72 -27.00
CA LYS N 265 19.70 3.09 -28.32
C LYS N 265 19.38 1.58 -28.23
N PRO N 266 18.27 1.14 -27.62
CA PRO N 266 17.84 -0.26 -27.71
C PRO N 266 17.47 -0.66 -29.15
N GLN N 267 17.08 -1.92 -29.37
CA GLN N 267 16.86 -2.49 -30.71
C GLN N 267 15.88 -1.69 -31.60
N VAL N 268 16.42 -1.05 -32.65
CA VAL N 268 15.68 -0.32 -33.71
C VAL N 268 16.31 -0.68 -35.06
N THR N 269 15.51 -0.98 -36.09
CA THR N 269 16.06 -1.79 -37.18
C THR N 269 16.50 -0.93 -38.34
N HIS N 270 17.77 -1.01 -38.73
CA HIS N 270 18.25 -0.41 -39.97
C HIS N 270 17.53 -1.05 -41.17
N LYS N 271 17.56 -0.40 -42.34
CA LYS N 271 17.32 -1.08 -43.64
C LYS N 271 18.03 -0.34 -44.77
N MET N 272 18.36 -1.04 -45.86
CA MET N 272 18.64 -0.39 -47.13
C MET N 272 17.43 -0.49 -48.09
N ILE N 273 17.12 0.59 -48.80
CA ILE N 273 16.24 0.55 -49.97
C ILE N 273 16.90 1.44 -51.03
N MET N 274 17.62 0.84 -51.95
CA MET N 274 17.99 1.54 -53.18
C MET N 274 16.73 1.75 -54.05
N PRO N 275 16.64 2.85 -54.81
CA PRO N 275 15.67 3.05 -55.89
C PRO N 275 15.54 1.88 -56.87
N TRP N 276 14.32 1.65 -57.36
CA TRP N 276 14.04 0.65 -58.40
C TRP N 276 14.84 0.93 -59.67
N SER N 277 15.03 2.19 -60.07
CA SER N 277 15.90 2.50 -61.21
C SER N 277 17.37 2.15 -60.94
N MET N 278 17.82 2.13 -59.68
CA MET N 278 19.14 1.63 -59.33
C MET N 278 19.17 0.11 -59.40
N TRP N 279 18.11 -0.58 -59.02
CA TRP N 279 18.01 -2.00 -59.32
C TRP N 279 18.01 -2.27 -60.82
N LEU N 280 17.30 -1.48 -61.61
CA LEU N 280 17.39 -1.56 -63.07
C LEU N 280 18.83 -1.30 -63.53
N ALA N 281 19.49 -0.30 -62.94
CA ALA N 281 20.86 0.00 -63.28
C ALA N 281 21.75 -1.20 -63.00
N VAL N 282 21.54 -1.89 -61.87
CA VAL N 282 22.24 -3.14 -61.58
C VAL N 282 21.99 -4.17 -62.69
N LYS N 283 20.75 -4.36 -63.15
CA LYS N 283 20.48 -5.27 -64.27
C LYS N 283 21.26 -4.86 -65.50
N LYS N 284 21.10 -3.63 -65.98
CA LYS N 284 21.80 -3.19 -67.19
C LYS N 284 23.30 -3.20 -67.02
N TYR N 285 23.80 -2.95 -65.82
CA TYR N 285 25.22 -3.08 -65.53
C TYR N 285 25.65 -4.53 -65.72
N ALA N 286 24.93 -5.46 -65.11
CA ALA N 286 25.22 -6.87 -65.30
C ALA N 286 25.23 -7.20 -66.79
N GLU N 287 24.23 -6.72 -67.53
CA GLU N 287 24.17 -6.91 -68.97
C GLU N 287 25.43 -6.33 -69.64
N MET N 288 25.78 -5.08 -69.36
CA MET N 288 26.93 -4.45 -70.01
C MET N 288 28.27 -5.05 -69.55
N ASN N 289 28.27 -5.78 -68.46
CA ASN N 289 29.41 -6.54 -67.99
C ASN N 289 29.53 -7.94 -68.61
N LYS N 290 28.61 -8.34 -69.50
CA LYS N 290 28.65 -9.62 -70.23
C LYS N 290 28.72 -10.87 -69.34
N GLY N 291 27.78 -11.01 -68.41
CA GLY N 291 27.45 -12.30 -67.77
C GLY N 291 28.25 -12.68 -66.53
N SER N 292 28.51 -11.74 -65.63
CA SER N 292 29.22 -11.97 -64.34
C SER N 292 28.59 -11.35 -63.08
N PRO N 293 28.04 -10.10 -63.07
CA PRO N 293 27.35 -9.56 -61.89
C PRO N 293 25.96 -10.19 -61.70
N SER N 294 25.74 -10.88 -60.59
CA SER N 294 24.49 -11.65 -60.35
C SER N 294 23.65 -11.05 -59.22
N LEU N 295 22.40 -10.73 -59.51
CA LEU N 295 21.50 -10.03 -58.59
C LEU N 295 21.28 -10.78 -57.28
N GLU N 296 21.24 -12.11 -57.29
CA GLU N 296 21.12 -12.86 -56.04
C GLU N 296 22.27 -12.61 -55.09
N ASP N 297 23.46 -12.33 -55.62
CA ASP N 297 24.61 -11.94 -54.82
C ASP N 297 24.38 -10.64 -54.04
N LEU N 298 23.45 -9.80 -54.53
CA LEU N 298 23.09 -8.49 -53.98
C LEU N 298 21.74 -8.51 -53.23
N ALA N 299 21.04 -9.64 -53.22
CA ALA N 299 19.63 -9.72 -52.87
C ALA N 299 19.36 -9.86 -51.34
N ALA N 300 19.71 -8.86 -50.53
CA ALA N 300 19.46 -8.85 -49.08
C ALA N 300 19.13 -7.46 -48.51
N TYR N 301 18.32 -7.41 -47.45
CA TYR N 301 17.94 -6.18 -46.74
C TYR N 301 18.94 -5.77 -45.65
N SER N 302 20.08 -6.45 -45.62
CA SER N 302 21.09 -6.39 -44.57
C SER N 302 22.43 -6.87 -45.12
N GLY N 303 23.52 -6.55 -44.42
CA GLY N 303 24.86 -7.03 -44.77
C GLY N 303 25.52 -6.32 -45.96
N VAL N 304 26.80 -6.59 -46.14
CA VAL N 304 27.71 -5.90 -47.07
C VAL N 304 27.27 -5.93 -48.53
N ARG N 305 26.43 -6.88 -48.90
CA ARG N 305 25.74 -6.96 -50.19
C ARG N 305 25.08 -5.63 -50.55
N ALA N 306 24.58 -4.89 -49.57
CA ALA N 306 24.05 -3.56 -49.78
C ALA N 306 25.11 -2.56 -50.29
N PHE N 307 26.29 -2.52 -49.68
CA PHE N 307 27.38 -1.65 -50.16
C PHE N 307 27.88 -2.09 -51.53
N MET N 308 27.94 -3.41 -51.79
CA MET N 308 28.21 -3.91 -53.13
C MET N 308 27.24 -3.27 -54.13
N ALA N 309 25.93 -3.32 -53.86
CA ALA N 309 24.92 -2.80 -54.76
C ALA N 309 25.03 -1.28 -54.95
N PHE N 310 25.20 -0.52 -53.86
CA PHE N 310 25.28 0.92 -53.98
C PHE N 310 26.52 1.32 -54.76
N ASN N 311 27.71 0.83 -54.38
CA ASN N 311 28.91 1.14 -55.14
C ASN N 311 28.80 0.66 -56.59
N THR N 312 28.12 -0.44 -56.84
CA THR N 312 27.82 -0.85 -58.21
C THR N 312 27.05 0.25 -58.92
N ALA N 313 25.98 0.76 -58.30
CA ALA N 313 25.25 1.88 -58.87
C ALA N 313 26.19 3.08 -59.08
N CYS N 314 27.19 3.25 -58.22
CA CYS N 314 28.15 4.33 -58.33
C CYS N 314 29.04 4.27 -59.56
N TYR N 315 29.02 3.20 -60.36
CA TYR N 315 29.74 3.23 -61.62
C TYR N 315 29.19 4.30 -62.57
N MET N 316 27.96 4.13 -63.06
CA MET N 316 27.45 4.90 -64.21
C MET N 316 25.97 5.32 -64.11
N SER N 317 25.33 5.23 -62.94
CA SER N 317 23.89 5.58 -62.81
C SER N 317 23.65 7.09 -63.06
N LYS N 318 22.47 7.51 -63.52
CA LYS N 318 22.21 8.89 -63.97
C LYS N 318 20.97 9.53 -63.33
N PHE N 319 21.04 10.84 -63.17
CA PHE N 319 20.08 11.65 -62.44
C PHE N 319 20.18 13.09 -62.92
N THR N 320 19.17 13.90 -62.61
CA THR N 320 19.11 15.31 -63.05
C THR N 320 20.02 16.20 -62.20
N ILE N 321 20.51 17.27 -62.81
CA ILE N 321 21.01 18.47 -62.17
C ILE N 321 20.18 19.65 -62.66
N GLY N 322 19.37 20.20 -61.75
CA GLY N 322 18.87 21.56 -61.91
C GLY N 322 19.94 22.55 -61.45
N LYS N 323 20.05 23.71 -62.11
CA LYS N 323 20.91 24.81 -61.63
C LYS N 323 20.38 25.40 -60.32
N GLY N 324 19.05 25.44 -60.16
CA GLY N 324 18.34 25.86 -58.94
C GLY N 324 18.51 24.87 -57.77
N ILE N 325 17.92 25.19 -56.63
CA ILE N 325 18.32 24.60 -55.36
C ILE N 325 17.13 24.36 -54.45
N VAL N 326 17.19 23.29 -53.66
CA VAL N 326 16.48 23.25 -52.36
C VAL N 326 17.34 24.07 -51.40
N GLY N 327 17.24 25.37 -51.52
CA GLY N 327 18.02 26.36 -50.77
C GLY N 327 17.54 27.80 -51.04
N ASP N 328 18.17 28.80 -50.42
CA ASP N 328 17.68 30.19 -50.49
C ASP N 328 18.79 31.25 -50.53
N ALA N 329 19.87 31.10 -49.76
CA ALA N 329 21.03 31.98 -49.78
C ALA N 329 21.91 31.75 -51.04
N GLU N 330 22.87 32.64 -51.29
CA GLU N 330 23.76 32.55 -52.46
C GLU N 330 24.80 31.42 -52.39
N ILE N 331 25.05 30.84 -51.20
CA ILE N 331 25.92 29.66 -51.03
C ILE N 331 25.21 28.38 -51.50
N MET N 332 25.86 27.63 -52.40
CA MET N 332 25.33 26.39 -52.99
C MET N 332 26.47 25.44 -53.42
N GLU N 333 26.16 24.15 -53.61
CA GLU N 333 27.16 23.09 -53.78
C GLU N 333 26.62 21.84 -54.53
N ASN N 334 27.57 21.04 -55.00
CA ASN N 334 27.48 20.16 -56.17
C ASN N 334 26.67 18.85 -56.09
N GLY N 335 26.67 18.12 -57.20
CA GLY N 335 26.05 16.81 -57.34
C GLY N 335 26.53 15.76 -56.33
N ASN N 336 27.77 15.83 -55.86
CA ASN N 336 28.18 14.91 -54.80
C ASN N 336 27.33 15.12 -53.55
N ASP N 337 26.82 16.31 -53.29
CA ASP N 337 25.85 16.49 -52.21
C ASP N 337 24.54 15.77 -52.51
N LYS N 338 24.06 15.78 -53.76
CA LYS N 338 22.94 14.90 -54.14
C LYS N 338 23.35 13.46 -53.84
N MET N 339 24.57 13.07 -54.18
CA MET N 339 25.05 11.72 -53.97
C MET N 339 25.00 11.37 -52.49
N GLN N 340 25.42 12.28 -51.61
CA GLN N 340 25.23 12.10 -50.18
C GLN N 340 23.75 11.93 -49.86
N THR N 341 22.89 12.79 -50.38
CA THR N 341 21.46 12.75 -50.03
C THR N 341 20.88 11.40 -50.40
N LEU N 342 21.19 10.93 -51.61
CA LEU N 342 20.78 9.63 -52.08
C LEU N 342 21.24 8.56 -51.09
N ALA N 343 22.51 8.58 -50.72
CA ALA N 343 23.04 7.61 -49.78
C ALA N 343 22.28 7.65 -48.46
N MET N 344 22.05 8.85 -47.94
CA MET N 344 21.32 9.05 -46.70
C MET N 344 19.97 8.40 -46.82
N ALA N 345 19.23 8.72 -47.87
CA ALA N 345 17.92 8.13 -48.08
C ALA N 345 18.01 6.61 -48.25
N CYS N 346 19.04 6.10 -48.94
CA CYS N 346 19.15 4.68 -49.26
C CYS N 346 19.44 3.84 -48.04
N PHE N 347 20.35 4.26 -47.18
CA PHE N 347 20.76 3.50 -46.00
C PHE N 347 20.10 3.96 -44.69
N GLY N 348 19.29 5.04 -44.71
CA GLY N 348 18.68 5.59 -43.49
C GLY N 348 19.68 6.30 -42.55
N LEU N 349 20.69 6.97 -43.11
CA LEU N 349 21.82 7.54 -42.35
C LEU N 349 21.48 8.80 -41.52
N ALA N 350 20.26 9.32 -41.58
CA ALA N 350 19.90 10.67 -41.10
C ALA N 350 20.29 10.92 -39.62
N TYR N 351 20.41 9.87 -38.81
CA TYR N 351 20.84 9.97 -37.41
C TYR N 351 22.05 9.10 -37.09
N GLU N 352 22.67 8.54 -38.13
CA GLU N 352 23.97 7.88 -38.06
C GLU N 352 25.08 8.92 -37.79
N ASP N 353 26.27 8.47 -37.37
CA ASP N 353 27.41 9.36 -37.23
C ASP N 353 27.97 9.84 -38.58
N THR N 354 27.96 11.15 -38.78
CA THR N 354 28.62 11.82 -39.91
C THR N 354 30.09 11.44 -40.02
N GLY N 355 30.84 11.26 -38.94
CA GLY N 355 32.25 10.89 -39.00
C GLY N 355 32.45 9.51 -39.60
N ILE N 356 31.73 8.52 -39.06
CA ILE N 356 31.62 7.18 -39.63
C ILE N 356 31.32 7.28 -41.10
N VAL N 357 30.27 8.01 -41.46
CA VAL N 357 29.87 8.10 -42.87
C VAL N 357 30.99 8.77 -43.67
N ALA N 358 31.64 9.82 -43.14
CA ALA N 358 32.69 10.55 -43.82
C ALA N 358 33.85 9.63 -44.19
N ALA N 359 34.21 8.73 -43.29
CA ALA N 359 35.23 7.73 -43.59
C ALA N 359 34.76 6.70 -44.63
N MET N 360 33.52 6.21 -44.57
CA MET N 360 33.02 5.20 -45.50
C MET N 360 32.88 5.74 -46.93
N ILE N 361 32.11 6.83 -47.06
CA ILE N 361 32.10 7.64 -48.29
C ILE N 361 33.47 8.24 -48.58
N SER N 362 34.42 8.13 -47.65
CA SER N 362 35.81 8.50 -47.86
C SER N 362 36.00 9.99 -48.26
N GLN N 363 35.07 10.86 -47.81
CA GLN N 363 34.97 12.32 -48.01
C GLN N 363 34.28 12.97 -46.80
N PRO N 364 34.50 14.26 -46.48
CA PRO N 364 33.91 14.89 -45.29
C PRO N 364 32.38 14.89 -45.28
N MET N 365 31.77 14.77 -44.08
CA MET N 365 30.31 14.82 -43.87
C MET N 365 29.80 16.07 -43.14
N LYS N 366 28.48 16.24 -43.13
CA LYS N 366 27.80 17.54 -43.02
C LYS N 366 26.52 17.50 -42.17
N LYS N 367 26.08 18.69 -41.75
CA LYS N 367 24.77 18.98 -41.13
C LYS N 367 23.90 19.83 -42.05
N ARG N 368 22.62 20.01 -41.75
CA ARG N 368 21.68 20.66 -42.67
C ARG N 368 22.11 22.07 -43.06
N TYR N 369 22.74 22.81 -42.16
CA TYR N 369 23.25 24.14 -42.50
C TYR N 369 24.18 24.10 -43.70
N GLN N 370 24.82 22.96 -43.93
CA GLN N 370 25.70 22.72 -45.05
C GLN N 370 25.05 21.91 -46.19
N LEU N 371 24.04 21.05 -45.94
CA LEU N 371 23.50 20.15 -46.99
C LEU N 371 22.73 20.90 -48.08
N ARG N 372 23.05 20.65 -49.36
CA ARG N 372 22.31 21.13 -50.55
C ARG N 372 21.85 19.95 -51.41
N VAL N 373 20.68 20.07 -52.06
CA VAL N 373 20.12 19.09 -53.00
C VAL N 373 19.03 19.73 -53.90
N GLY N 374 18.60 19.03 -54.95
CA GLY N 374 17.39 19.33 -55.73
C GLY N 374 16.13 18.64 -55.21
N ASN N 375 14.99 18.88 -55.84
CA ASN N 375 13.67 18.43 -55.40
C ASN N 375 13.28 16.99 -55.83
N PHE N 376 14.05 16.35 -56.71
CA PHE N 376 13.71 15.07 -57.37
C PHE N 376 12.38 15.08 -58.17
N ASN N 377 11.86 16.23 -58.61
CA ASN N 377 10.55 16.37 -59.28
C ASN N 377 10.71 16.92 -60.73
N PRO N 378 10.28 16.21 -61.80
CA PRO N 378 10.80 16.46 -63.15
C PRO N 378 10.68 17.89 -63.65
N PRO N 379 11.67 18.43 -64.38
CA PRO N 379 11.90 19.88 -64.37
C PRO N 379 11.31 20.60 -65.57
N GLU N 380 11.27 21.93 -65.55
CA GLU N 380 11.02 22.70 -66.78
C GLU N 380 12.21 22.57 -67.75
N LYS N 381 13.42 22.80 -67.25
CA LYS N 381 14.72 22.70 -67.95
C LYS N 381 15.81 22.27 -66.97
N GLY N 382 16.87 21.62 -67.45
CA GLY N 382 18.00 21.17 -66.63
C GLY N 382 18.98 20.33 -67.43
N THR N 383 19.96 19.70 -66.77
CA THR N 383 21.01 18.87 -67.42
C THR N 383 21.18 17.52 -66.71
N ILE N 384 21.56 16.44 -67.42
CA ILE N 384 21.79 15.13 -66.79
C ILE N 384 23.20 15.07 -66.18
N LYS N 385 23.37 14.27 -65.11
CA LYS N 385 24.68 13.89 -64.61
C LYS N 385 24.68 12.42 -64.19
N GLY N 386 25.89 11.83 -64.21
CA GLY N 386 26.19 10.46 -63.82
C GLY N 386 27.04 10.33 -62.53
N THR N 387 27.06 9.15 -61.92
CA THR N 387 27.69 8.89 -60.60
C THR N 387 29.20 9.03 -60.53
N SER N 388 29.69 9.58 -59.42
CA SER N 388 31.10 9.52 -59.00
C SER N 388 31.48 8.09 -58.60
N ALA N 389 32.63 7.59 -59.04
CA ALA N 389 33.01 6.18 -58.92
C ALA N 389 33.17 5.64 -57.49
N GLY N 390 32.71 4.41 -57.21
CA GLY N 390 33.05 3.60 -56.02
C GLY N 390 32.70 4.17 -54.65
N TYR N 391 31.81 5.16 -54.61
CA TYR N 391 31.71 6.21 -53.61
C TYR N 391 31.93 5.84 -52.13
N PHE N 392 31.35 4.76 -51.61
CA PHE N 392 31.70 4.23 -50.29
C PHE N 392 33.04 3.50 -50.38
N HIS N 393 34.15 4.23 -50.58
CA HIS N 393 35.44 3.59 -50.83
C HIS N 393 35.93 2.82 -49.61
N LYS N 394 35.32 3.08 -48.45
CA LYS N 394 35.26 2.19 -47.31
C LYS N 394 33.81 1.81 -47.02
N TRP N 395 33.58 0.59 -46.51
CA TRP N 395 32.29 0.03 -46.08
C TRP N 395 32.26 -0.18 -44.55
N ALA N 396 31.18 -0.75 -44.01
CA ALA N 396 31.13 -1.25 -42.63
C ALA N 396 30.03 -2.31 -42.41
N GLU N 397 30.13 -3.07 -41.32
CA GLU N 397 29.10 -3.99 -40.85
C GLU N 397 27.93 -3.25 -40.16
N PHE N 398 26.68 -3.51 -40.59
CA PHE N 398 25.45 -2.88 -40.07
C PHE N 398 25.07 -3.39 -38.66
N GLY N 399 24.01 -2.83 -38.06
CA GLY N 399 23.61 -3.13 -36.70
C GLY N 399 22.39 -2.33 -36.27
N ASN N 400 21.86 -2.65 -35.08
CA ASN N 400 20.50 -2.29 -34.69
C ASN N 400 20.32 -1.88 -33.23
N ARG N 401 21.38 -1.86 -32.40
CA ARG N 401 21.29 -1.51 -30.97
C ARG N 401 22.60 -1.02 -30.38
N LEU N 402 22.51 -0.44 -29.19
CA LEU N 402 23.69 0.09 -28.46
C LEU N 402 24.72 -1.02 -28.25
N PRO N 403 25.99 -0.68 -27.94
CA PRO N 403 27.03 -1.70 -27.72
C PRO N 403 26.74 -2.61 -26.53
N PHE N 404 26.46 -2.03 -25.36
CA PHE N 404 26.18 -2.83 -24.13
C PHE N 404 24.91 -2.31 -23.43
N ASN N 405 24.13 -1.49 -24.14
CA ASN N 405 22.87 -0.93 -23.57
C ASN N 405 23.17 -0.29 -22.21
N SER N 406 23.01 -1.07 -21.13
CA SER N 406 23.27 -0.56 -19.75
C SER N 406 23.91 -1.67 -18.90
N PHE N 407 24.52 -1.30 -17.77
CA PHE N 407 25.17 -2.28 -16.88
C PHE N 407 24.12 -3.21 -16.27
N GLY N 408 24.35 -4.53 -16.35
CA GLY N 408 23.40 -5.52 -15.82
C GLY N 408 23.93 -6.18 -14.55
N THR N 409 23.25 -7.21 -14.07
CA THR N 409 23.60 -7.97 -12.87
C THR N 409 24.87 -8.78 -13.07
N GLY N 410 25.33 -9.47 -12.02
CA GLY N 410 26.08 -10.71 -12.22
C GLY N 410 25.31 -11.67 -13.14
N GLU N 411 26.01 -12.39 -14.00
CA GLU N 411 25.39 -13.19 -15.07
C GLU N 411 24.76 -14.49 -14.56
N SER N 412 25.30 -15.09 -13.49
CA SER N 412 24.80 -16.35 -12.92
C SER N 412 25.19 -16.57 -11.45
N LYS N 413 26.40 -16.16 -11.05
CA LYS N 413 26.92 -16.24 -9.67
C LYS N 413 26.38 -15.13 -8.75
N GLN N 414 26.81 -15.14 -7.49
CA GLN N 414 26.42 -14.18 -6.42
C GLN N 414 24.93 -14.21 -6.03
N ILE N 415 24.23 -15.30 -6.34
CA ILE N 415 22.87 -15.61 -5.86
C ILE N 415 22.93 -16.35 -4.50
N SER N 416 21.78 -16.59 -3.84
CA SER N 416 21.74 -17.28 -2.53
C SER N 416 22.36 -18.70 -2.59
N ASN N 417 23.57 -18.85 -2.05
CA ASN N 417 24.42 -20.04 -2.25
C ASN N 417 23.76 -21.33 -1.76
N SER N 418 23.91 -22.43 -2.50
CA SER N 418 23.55 -23.78 -2.02
C SER N 418 24.72 -24.41 -1.25
N GLY N 419 24.41 -25.41 -0.42
CA GLY N 419 25.40 -26.11 0.42
C GLY N 419 25.06 -27.58 0.57
N VAL N 420 25.71 -28.44 -0.22
CA VAL N 420 25.75 -29.89 -0.01
C VAL N 420 26.59 -30.20 1.22
N PHE N 421 27.80 -29.66 1.31
CA PHE N 421 28.73 -30.08 2.37
C PHE N 421 28.41 -29.42 3.71
N ALA N 422 28.39 -30.26 4.76
CA ALA N 422 28.06 -29.88 6.13
C ALA N 422 29.21 -29.08 6.77
N VAL N 423 29.37 -27.81 6.38
CA VAL N 423 30.47 -26.94 6.83
C VAL N 423 29.96 -25.54 7.20
N GLN N 424 30.31 -25.06 8.39
CA GLN N 424 29.95 -23.72 8.85
C GLN N 424 30.54 -22.65 7.93
N ARG N 425 29.71 -21.67 7.50
CA ARG N 425 30.00 -20.85 6.31
C ARG N 425 29.45 -19.41 6.36
N PRO N 426 30.17 -18.43 5.79
CA PRO N 426 29.59 -17.20 5.26
C PRO N 426 28.70 -17.44 4.03
N SER N 427 28.07 -16.39 3.50
CA SER N 427 27.32 -16.43 2.23
C SER N 427 27.33 -15.07 1.52
N THR N 428 27.27 -15.08 0.18
CA THR N 428 27.02 -13.89 -0.66
C THR N 428 25.52 -13.54 -0.60
N THR N 429 25.04 -13.10 0.56
CA THR N 429 23.60 -12.92 0.84
C THR N 429 23.01 -11.83 -0.07
N ASN N 430 21.97 -12.16 -0.85
CA ASN N 430 21.44 -11.32 -1.93
C ASN N 430 19.90 -11.40 -2.04
N ILE N 431 19.22 -11.59 -0.89
CA ILE N 431 17.76 -11.77 -0.79
C ILE N 431 17.00 -10.57 -1.36
N GLN N 432 17.58 -9.37 -1.27
CA GLN N 432 16.99 -8.13 -1.72
C GLN N 432 16.74 -8.10 -3.24
N ARG N 433 17.77 -8.40 -4.06
CA ARG N 433 17.60 -8.51 -5.52
C ARG N 433 16.80 -9.76 -5.92
N LEU N 434 16.89 -10.85 -5.16
CA LEU N 434 16.03 -12.02 -5.35
C LEU N 434 14.54 -11.63 -5.22
N ALA N 435 14.17 -10.87 -4.18
CA ALA N 435 12.83 -10.33 -4.01
C ALA N 435 12.43 -9.34 -5.13
N GLU N 436 13.36 -8.54 -5.67
CA GLU N 436 13.09 -7.77 -6.89
C GLU N 436 12.75 -8.67 -8.07
N LEU N 437 13.51 -9.74 -8.35
CA LEU N 437 13.20 -10.68 -9.44
C LEU N 437 11.80 -11.30 -9.25
N MET N 438 11.44 -11.69 -8.02
CA MET N 438 10.07 -12.13 -7.71
C MET N 438 9.05 -11.02 -7.99
N ALA N 439 9.29 -9.78 -7.57
CA ALA N 439 8.39 -8.66 -7.81
C ALA N 439 8.19 -8.39 -9.31
N ARG N 440 9.25 -8.43 -10.12
CA ARG N 440 9.15 -8.25 -11.58
C ARG N 440 8.41 -9.41 -12.27
N ASN N 441 8.66 -10.67 -11.87
CA ASN N 441 7.96 -11.81 -12.49
C ASN N 441 6.52 -12.01 -11.98
N THR N 442 6.17 -11.53 -10.79
CA THR N 442 4.77 -11.46 -10.28
C THR N 442 4.00 -10.24 -10.81
N GLY N 443 4.64 -9.30 -11.52
CA GLY N 443 3.98 -8.15 -12.15
C GLY N 443 3.68 -6.99 -11.20
N GLU N 444 4.59 -6.67 -10.28
CA GLU N 444 4.41 -5.59 -9.30
C GLU N 444 4.05 -4.25 -9.96
N THR N 445 3.05 -3.56 -9.39
CA THR N 445 2.26 -2.51 -10.05
C THR N 445 2.18 -1.19 -9.26
N SER N 446 2.51 -1.19 -7.96
CA SER N 446 2.45 0.05 -7.13
C SER N 446 3.71 0.88 -7.37
N ASP N 447 3.54 2.19 -7.63
CA ASP N 447 4.64 3.16 -7.88
C ASP N 447 5.47 2.72 -9.10
N ASN N 448 4.95 2.95 -10.32
CA ASN N 448 5.67 2.58 -11.56
C ASN N 448 6.06 3.84 -12.34
N PHE N 449 5.08 4.70 -12.64
CA PHE N 449 5.34 5.95 -13.40
C PHE N 449 6.57 6.66 -12.82
N THR N 450 6.42 7.26 -11.63
CA THR N 450 7.53 7.98 -10.96
C THR N 450 8.76 7.08 -10.84
N GLN N 451 8.56 5.83 -10.37
CA GLN N 451 9.67 4.86 -10.19
C GLN N 451 10.51 4.79 -11.49
N LEU N 452 9.84 4.61 -12.62
CA LEU N 452 10.52 4.52 -13.90
C LEU N 452 11.01 5.89 -14.36
N VAL N 453 10.32 6.99 -14.04
CA VAL N 453 10.86 8.33 -14.24
C VAL N 453 12.20 8.46 -13.55
N GLN N 454 12.26 8.08 -12.28
CA GLN N 454 13.51 8.10 -11.53
C GLN N 454 14.53 7.17 -12.18
N LYS N 455 14.13 5.94 -12.52
CA LYS N 455 15.05 5.00 -13.16
C LYS N 455 15.61 5.58 -14.44
N ILE N 456 14.81 6.28 -15.22
CA ILE N 456 15.29 6.96 -16.42
C ILE N 456 16.32 8.00 -16.02
N ARG N 457 16.02 8.86 -15.05
CA ARG N 457 16.96 9.90 -14.61
C ARG N 457 18.32 9.28 -14.26
N GLU N 458 18.31 8.27 -13.40
CA GLU N 458 19.56 7.68 -12.96
C GLU N 458 20.21 6.81 -14.05
N GLN N 459 19.44 6.15 -14.91
CA GLN N 459 19.99 5.42 -16.04
C GLN N 459 20.75 6.35 -16.96
N VAL N 460 20.19 7.53 -17.24
CA VAL N 460 20.88 8.54 -18.04
C VAL N 460 22.22 8.85 -17.40
N GLY N 461 22.26 9.11 -16.10
CA GLY N 461 23.52 9.34 -15.39
C GLY N 461 24.49 8.16 -15.53
N ALA N 462 24.01 6.94 -15.33
CA ALA N 462 24.83 5.76 -15.47
C ALA N 462 25.40 5.67 -16.88
N PHE N 463 24.56 5.90 -17.89
CA PHE N 463 24.97 5.94 -19.28
C PHE N 463 25.99 7.04 -19.51
N ALA N 464 25.80 8.20 -18.89
CA ALA N 464 26.73 9.31 -18.97
C ALA N 464 28.09 8.97 -18.33
N ASP N 465 28.16 7.93 -17.51
CA ASP N 465 29.42 7.30 -17.18
C ASP N 465 29.82 6.29 -18.27
N GLN N 466 28.93 5.38 -18.63
CA GLN N 466 29.15 4.23 -19.52
C GLN N 466 29.64 4.60 -20.92
N LYS N 467 29.39 5.84 -21.35
CA LYS N 467 29.92 6.42 -22.58
C LYS N 467 31.43 6.18 -22.76
N ALA N 468 32.15 6.05 -21.65
CA ALA N 468 33.58 5.74 -21.61
C ALA N 468 33.96 4.58 -22.55
N ASN N 469 33.06 3.62 -22.78
CA ASN N 469 33.29 2.56 -23.74
C ASN N 469 32.10 2.25 -24.64
N LEU N 470 30.93 2.87 -24.44
CA LEU N 470 29.71 2.57 -25.18
C LEU N 470 29.76 3.05 -26.65
N ARG N 471 30.41 2.30 -27.57
CA ARG N 471 30.79 2.80 -28.91
C ARG N 471 30.50 1.91 -30.15
N GLU N 472 30.77 0.61 -30.20
CA GLU N 472 30.33 -0.29 -31.30
C GLU N 472 30.26 -1.75 -30.87
N PHE N 473 29.68 -2.61 -31.70
CA PHE N 473 30.08 -4.02 -31.63
C PHE N 473 31.61 -4.10 -31.82
N THR N 474 32.31 -4.77 -30.88
CA THR N 474 33.73 -4.61 -30.53
C THR N 474 34.75 -4.88 -31.65
N GLY N 475 34.34 -5.46 -32.79
CA GLY N 475 35.17 -5.60 -34.00
C GLY N 475 35.11 -4.40 -34.95
N GLY N 476 34.50 -3.29 -34.55
CA GLY N 476 33.95 -2.32 -35.46
C GLY N 476 34.96 -1.33 -36.01
N TYR N 477 35.14 -1.29 -37.33
CA TYR N 477 35.97 -0.31 -38.03
C TYR N 477 35.51 -0.08 -39.47
N ILE N 478 35.97 1.01 -40.12
CA ILE N 478 35.68 1.36 -41.54
C ILE N 478 36.65 0.70 -42.53
N TYR N 479 36.47 -0.58 -42.79
CA TYR N 479 37.34 -1.34 -43.68
C TYR N 479 37.19 -0.92 -45.16
N ASP N 480 38.24 -1.08 -45.95
CA ASP N 480 38.27 -0.77 -47.39
C ASP N 480 37.32 -1.64 -48.21
N ILE N 481 36.94 -1.20 -49.42
CA ILE N 481 36.20 -2.06 -50.36
C ILE N 481 37.04 -3.26 -50.83
N THR N 482 38.37 -3.13 -50.84
CA THR N 482 39.31 -4.26 -50.95
C THR N 482 39.33 -5.15 -49.70
N ASP N 483 38.53 -4.84 -48.67
CA ASP N 483 38.59 -5.43 -47.34
C ASP N 483 37.22 -5.61 -46.67
N VAL N 484 36.27 -6.17 -47.41
CA VAL N 484 35.14 -6.86 -46.78
C VAL N 484 35.61 -7.94 -45.80
N THR N 485 36.84 -8.41 -46.00
CA THR N 485 37.60 -9.28 -45.11
C THR N 485 37.94 -8.68 -43.75
N LYS N 486 37.55 -7.44 -43.43
CA LYS N 486 37.75 -6.84 -42.09
C LYS N 486 39.20 -6.88 -41.57
N SER N 487 40.18 -6.86 -42.45
CA SER N 487 41.61 -7.02 -42.22
C SER N 487 42.31 -5.78 -41.66
N ASN N 488 41.77 -4.59 -41.93
CA ASN N 488 42.40 -3.27 -41.75
C ASN N 488 41.66 -2.39 -40.70
N PRO N 489 41.61 -2.75 -39.41
CA PRO N 489 40.83 -2.01 -38.41
C PRO N 489 41.42 -0.60 -38.18
N LYS N 490 40.62 0.46 -38.42
CA LYS N 490 41.02 1.88 -38.28
C LYS N 490 39.86 2.79 -37.86
N ILE N 491 40.16 3.80 -37.04
CA ILE N 491 39.20 4.71 -36.36
C ILE N 491 38.84 5.92 -37.25
N PRO N 492 37.62 6.48 -37.22
CA PRO N 492 37.24 7.64 -38.04
C PRO N 492 37.97 8.94 -37.68
N GLN N 493 37.95 9.35 -36.40
CA GLN N 493 38.52 10.61 -35.92
C GLN N 493 39.06 10.46 -34.48
N LEU N 494 40.09 11.24 -34.16
CA LEU N 494 40.59 11.43 -32.79
C LEU N 494 39.81 12.51 -32.02
N GLY N 495 39.47 13.62 -32.70
CA GLY N 495 38.80 14.80 -32.13
C GLY N 495 39.30 16.10 -32.77
N GLY N 496 39.20 17.21 -32.03
CA GLY N 496 39.81 18.51 -32.38
C GLY N 496 41.34 18.53 -32.19
N THR O 8 -10.23 31.04 -50.16
CA THR O 8 -10.85 31.66 -48.95
C THR O 8 -10.55 33.15 -48.78
N PRO O 9 -9.34 33.71 -48.99
CA PRO O 9 -9.10 35.12 -48.69
C PRO O 9 -9.98 36.10 -49.47
N GLU O 10 -10.33 35.78 -50.71
CA GLU O 10 -11.25 36.55 -51.54
C GLU O 10 -12.61 36.68 -50.84
N GLU O 11 -13.12 35.56 -50.34
CA GLU O 11 -14.36 35.56 -49.56
C GLU O 11 -14.18 36.29 -48.22
N GLN O 12 -12.99 36.26 -47.62
CA GLN O 12 -12.72 37.09 -46.47
C GLN O 12 -12.80 38.59 -46.85
N ARG O 13 -12.22 39.00 -47.98
CA ARG O 13 -12.37 40.39 -48.48
C ARG O 13 -13.81 40.74 -48.74
N ALA O 14 -14.62 39.81 -49.24
CA ALA O 14 -16.05 40.03 -49.43
C ALA O 14 -16.80 40.25 -48.10
N LYS O 15 -16.60 39.39 -47.08
CA LYS O 15 -17.21 39.56 -45.75
C LYS O 15 -16.76 40.84 -45.09
N ASN O 16 -15.47 41.18 -45.23
CA ASN O 16 -14.94 42.47 -44.81
C ASN O 16 -15.64 43.62 -45.56
N ALA O 17 -15.78 43.56 -46.88
CA ALA O 17 -16.46 44.59 -47.66
C ALA O 17 -17.91 44.77 -47.19
N LYS O 18 -18.66 43.68 -46.95
CA LYS O 18 -20.00 43.76 -46.38
C LYS O 18 -19.99 44.41 -44.99
N THR O 19 -19.04 44.03 -44.14
CA THR O 19 -18.86 44.63 -42.81
C THR O 19 -18.67 46.14 -42.90
N ILE O 20 -17.82 46.60 -43.81
CA ILE O 20 -17.58 48.03 -44.03
C ILE O 20 -18.81 48.68 -44.65
N LEU O 21 -19.47 48.04 -45.63
CA LEU O 21 -20.68 48.56 -46.25
C LEU O 21 -21.77 48.77 -45.20
N GLU O 22 -21.87 47.87 -44.24
CA GLU O 22 -22.76 48.05 -43.10
C GLU O 22 -22.38 49.30 -42.31
N ASN O 23 -21.11 49.46 -41.98
CA ASN O 23 -20.64 50.64 -41.27
C ASN O 23 -20.95 51.91 -42.08
N ILE O 24 -20.77 51.86 -43.40
CA ILE O 24 -21.08 52.93 -44.33
C ILE O 24 -22.58 53.24 -44.29
N GLN O 25 -23.44 52.23 -44.40
CA GLN O 25 -24.89 52.42 -44.38
C GLN O 25 -25.33 53.05 -43.06
N ILE O 26 -24.80 52.55 -41.93
CA ILE O 26 -25.02 53.13 -40.62
C ILE O 26 -24.62 54.60 -40.64
N TYR O 27 -23.40 54.90 -41.07
CA TYR O 27 -22.89 56.26 -41.09
C TYR O 27 -23.72 57.17 -42.00
N GLU O 28 -24.11 56.74 -43.20
CA GLU O 28 -24.96 57.53 -44.10
C GLU O 28 -26.25 57.88 -43.38
N ARG O 29 -26.86 56.87 -42.76
CA ARG O 29 -28.08 57.07 -42.00
C ARG O 29 -27.83 57.99 -40.82
N MET O 30 -26.75 57.82 -40.09
CA MET O 30 -26.39 58.71 -39.00
C MET O 30 -26.23 60.15 -39.48
N CYS O 31 -25.61 60.35 -40.64
CA CYS O 31 -25.37 61.66 -41.20
C CYS O 31 -26.68 62.36 -41.55
N ASP O 32 -27.55 61.65 -42.25
CA ASP O 32 -28.89 62.18 -42.49
C ASP O 32 -29.64 62.40 -41.17
N LEU O 33 -29.49 61.50 -40.18
CA LEU O 33 -30.23 61.56 -38.91
C LEU O 33 -29.93 62.83 -38.11
N PHE O 34 -28.65 63.23 -38.00
CA PHE O 34 -28.29 64.49 -37.37
C PHE O 34 -28.35 65.70 -38.31
N GLY O 35 -28.71 65.52 -39.57
CA GLY O 35 -28.89 66.62 -40.54
C GLY O 35 -27.61 67.11 -41.19
N VAL O 36 -26.58 66.27 -41.30
CA VAL O 36 -25.25 66.62 -41.82
C VAL O 36 -25.31 66.95 -43.31
N SER O 37 -24.71 68.08 -43.74
CA SER O 37 -24.65 68.48 -45.15
C SER O 37 -23.80 67.53 -46.01
N GLU O 38 -24.15 67.38 -47.29
CA GLU O 38 -23.64 66.29 -48.11
C GLU O 38 -22.11 66.26 -48.13
N ASP O 39 -21.50 67.40 -48.36
CA ASP O 39 -20.05 67.52 -48.30
C ASP O 39 -19.55 67.29 -46.88
N ASP O 40 -20.23 67.84 -45.87
CA ASP O 40 -19.82 67.63 -44.47
C ASP O 40 -19.86 66.18 -44.03
N LYS O 41 -20.56 65.29 -44.74
CA LYS O 41 -20.51 63.86 -44.42
C LYS O 41 -19.10 63.29 -44.51
N LEU O 42 -18.25 63.81 -45.40
CA LEU O 42 -16.89 63.31 -45.58
C LEU O 42 -16.01 63.51 -44.33
N ILE O 43 -16.42 64.40 -43.45
CA ILE O 43 -15.53 64.93 -42.44
C ILE O 43 -15.15 63.83 -41.46
N ILE O 44 -13.84 63.68 -41.27
CA ILE O 44 -13.27 62.71 -40.33
C ILE O 44 -13.71 63.04 -38.90
N GLU O 45 -13.73 64.32 -38.51
CA GLU O 45 -14.30 64.74 -37.22
C GLU O 45 -15.75 64.23 -37.07
N ASN O 46 -16.57 64.26 -38.12
CA ASN O 46 -17.91 63.68 -38.08
C ASN O 46 -17.85 62.16 -37.91
N SER O 47 -16.92 61.48 -38.58
CA SER O 47 -16.67 60.07 -38.34
C SER O 47 -16.50 59.80 -36.85
N ILE O 48 -15.53 60.51 -36.26
CA ILE O 48 -15.20 60.38 -34.86
C ILE O 48 -16.43 60.66 -34.02
N SER O 49 -17.15 61.74 -34.26
CA SER O 49 -18.32 62.06 -33.46
C SER O 49 -19.38 60.97 -33.48
N ILE O 50 -19.66 60.37 -34.64
CA ILE O 50 -20.64 59.28 -34.70
C ILE O 50 -20.11 58.08 -33.93
N GLU O 51 -18.87 57.70 -34.18
CA GLU O 51 -18.24 56.58 -33.53
C GLU O 51 -18.28 56.75 -32.00
N ARG O 52 -17.98 57.97 -31.54
CA ARG O 52 -18.04 58.36 -30.12
C ARG O 52 -19.44 58.10 -29.58
N MET O 53 -20.45 58.65 -30.23
CA MET O 53 -21.82 58.51 -29.79
C MET O 53 -22.18 57.02 -29.69
N ILE O 54 -21.76 56.22 -30.67
CA ILE O 54 -22.03 54.79 -30.64
C ILE O 54 -21.39 54.14 -29.42
N ARG O 55 -20.15 54.50 -29.05
CA ARG O 55 -19.55 53.98 -27.81
C ARG O 55 -20.47 54.27 -26.63
N VAL O 56 -20.87 55.52 -26.44
CA VAL O 56 -21.69 55.93 -25.28
C VAL O 56 -22.94 55.08 -25.20
N VAL O 57 -23.66 54.95 -26.31
CA VAL O 57 -24.88 54.15 -26.38
C VAL O 57 -24.59 52.69 -26.03
N THR O 58 -23.49 52.14 -26.55
CA THR O 58 -23.13 50.73 -26.39
C THR O 58 -22.41 50.39 -25.08
N ASP O 59 -22.07 51.38 -24.25
CA ASP O 59 -21.36 51.18 -22.98
C ASP O 59 -22.22 50.52 -21.88
N LYS O 60 -22.54 49.23 -22.04
CA LYS O 60 -23.46 48.47 -21.15
C LYS O 60 -23.17 48.63 -19.66
N LYS O 61 -21.89 48.54 -19.28
CA LYS O 61 -21.40 48.82 -17.91
C LYS O 61 -21.79 50.21 -17.40
N TYR O 62 -21.45 51.24 -18.17
CA TYR O 62 -21.80 52.62 -17.80
C TYR O 62 -23.32 52.84 -17.84
N GLN O 63 -24.07 52.16 -18.69
CA GLN O 63 -25.54 52.20 -18.63
C GLN O 63 -26.08 51.57 -17.32
N ASP O 64 -25.49 50.50 -16.79
CA ASP O 64 -25.85 49.96 -15.46
C ASP O 64 -25.67 51.00 -14.35
N LYS O 65 -24.57 51.73 -14.43
CA LYS O 65 -24.16 52.74 -13.45
C LYS O 65 -25.04 53.98 -13.54
N LYS O 66 -25.35 54.39 -14.77
CA LYS O 66 -26.29 55.48 -15.10
C LYS O 66 -27.64 55.21 -14.47
N LEU O 67 -28.19 54.02 -14.68
CA LEU O 67 -29.44 53.60 -14.04
C LEU O 67 -29.32 53.72 -12.51
N LYS O 68 -28.20 53.27 -11.92
CA LYS O 68 -28.00 53.34 -10.47
C LYS O 68 -28.14 54.76 -9.91
N ASN O 69 -27.69 55.78 -10.65
CA ASN O 69 -27.81 57.19 -10.24
C ASN O 69 -28.93 57.97 -10.95
N ALA O 70 -29.71 57.35 -11.84
CA ALA O 70 -30.75 58.03 -12.59
C ALA O 70 -31.87 58.59 -11.69
N GLY O 71 -32.09 57.97 -10.52
CA GLY O 71 -32.94 58.50 -9.46
C GLY O 71 -34.40 58.78 -9.85
N SER O 72 -35.02 59.72 -9.15
CA SER O 72 -36.39 60.18 -9.40
C SER O 72 -36.50 61.36 -10.37
N ASP O 73 -35.40 61.99 -10.76
CA ASP O 73 -35.42 63.28 -11.45
C ASP O 73 -35.93 63.18 -12.91
N PRO O 74 -37.05 63.85 -13.27
CA PRO O 74 -37.56 63.81 -14.63
C PRO O 74 -36.59 64.40 -15.67
N GLU O 75 -35.65 65.28 -15.28
CA GLU O 75 -34.60 65.74 -16.20
C GLU O 75 -33.57 64.64 -16.51
N LYS O 76 -33.22 63.79 -15.54
CA LYS O 76 -32.35 62.62 -15.78
C LYS O 76 -33.04 61.63 -16.72
N ILE O 77 -34.32 61.36 -16.50
CA ILE O 77 -35.12 60.41 -17.28
C ILE O 77 -35.29 60.87 -18.75
N ALA O 78 -35.59 62.15 -19.01
CA ALA O 78 -35.69 62.66 -20.38
C ALA O 78 -34.36 62.59 -21.13
N ASN O 79 -33.26 62.98 -20.48
CA ASN O 79 -31.93 62.89 -21.06
C ASN O 79 -31.42 61.44 -21.18
N ALA O 80 -32.05 60.45 -20.55
CA ALA O 80 -31.82 59.04 -20.86
C ALA O 80 -32.42 58.63 -22.23
N GLY O 81 -33.47 59.32 -22.69
CA GLY O 81 -34.08 59.09 -24.01
C GLY O 81 -33.38 59.85 -25.14
N LYS O 82 -33.05 61.13 -24.92
CA LYS O 82 -32.25 61.93 -25.86
C LYS O 82 -30.86 61.31 -26.05
N VAL O 83 -30.31 61.42 -27.25
CA VAL O 83 -28.89 61.21 -27.53
C VAL O 83 -28.34 62.41 -28.30
N PHE O 84 -27.27 63.01 -27.79
CA PHE O 84 -26.60 64.16 -28.40
C PHE O 84 -25.42 63.75 -29.28
N CYS O 85 -25.20 64.50 -30.35
CA CYS O 85 -24.01 64.38 -31.19
C CYS O 85 -23.52 65.76 -31.66
N ARG O 86 -22.39 66.20 -31.09
CA ARG O 86 -21.62 67.38 -31.55
C ARG O 86 -20.94 67.05 -32.89
N LEU O 87 -21.35 67.72 -33.97
CA LEU O 87 -20.93 67.45 -35.35
C LEU O 87 -20.46 68.73 -36.05
N VAL O 88 -19.60 68.62 -37.05
CA VAL O 88 -19.18 69.73 -37.91
C VAL O 88 -20.26 70.05 -38.94
N GLU O 89 -20.57 71.33 -39.09
CA GLU O 89 -21.38 71.91 -40.16
C GLU O 89 -20.66 73.10 -40.79
N SER O 90 -20.72 73.24 -42.12
CA SER O 90 -19.97 74.26 -42.86
C SER O 90 -20.86 75.19 -43.67
N THR O 91 -20.36 76.40 -43.93
CA THR O 91 -21.01 77.45 -44.73
C THR O 91 -19.97 78.46 -45.18
N ALA O 92 -20.01 78.87 -46.45
CA ALA O 92 -19.13 79.90 -47.02
C ALA O 92 -17.62 79.65 -46.81
N GLY O 93 -17.19 78.38 -46.78
CA GLY O 93 -15.84 77.95 -46.46
C GLY O 93 -15.50 77.95 -44.97
N LYS O 94 -16.32 78.58 -44.12
CA LYS O 94 -16.24 78.52 -42.65
C LYS O 94 -16.92 77.27 -42.11
N CYS O 95 -16.60 76.89 -40.88
CA CYS O 95 -17.17 75.73 -40.20
C CYS O 95 -17.35 75.95 -38.71
N SER O 96 -18.26 75.15 -38.14
CA SER O 96 -18.68 75.22 -36.75
C SER O 96 -19.22 73.86 -36.32
N ALA O 97 -19.46 73.70 -35.02
CA ALA O 97 -20.28 72.67 -34.44
C ALA O 97 -21.79 72.90 -34.66
N ARG O 98 -22.57 71.81 -34.66
CA ARG O 98 -23.98 71.79 -34.24
C ARG O 98 -24.24 70.62 -33.31
N LEU O 99 -25.04 70.84 -32.28
CA LEU O 99 -25.56 69.81 -31.41
C LEU O 99 -26.73 69.10 -32.13
N GLY O 100 -26.42 68.09 -32.94
CA GLY O 100 -27.43 67.17 -33.42
C GLY O 100 -28.06 66.42 -32.22
N MET O 101 -29.36 66.13 -32.30
CA MET O 101 -30.07 65.28 -31.33
C MET O 101 -31.00 64.29 -32.03
N ALA O 102 -30.99 63.04 -31.57
CA ALA O 102 -31.89 61.98 -31.98
C ALA O 102 -32.18 61.10 -30.76
N LEU O 103 -33.30 60.40 -30.74
CA LEU O 103 -33.62 59.53 -29.62
C LEU O 103 -32.77 58.26 -29.70
N LYS O 104 -32.44 57.65 -28.55
CA LYS O 104 -31.74 56.35 -28.53
C LYS O 104 -32.42 55.33 -29.45
N PRO O 105 -33.75 55.17 -29.46
CA PRO O 105 -34.43 54.35 -30.44
C PRO O 105 -34.13 54.70 -31.89
N ASN O 106 -33.88 55.96 -32.25
CA ASN O 106 -33.47 56.31 -33.61
C ASN O 106 -32.13 55.64 -33.96
N VAL O 107 -31.16 55.76 -33.05
CA VAL O 107 -29.82 55.14 -33.22
C VAL O 107 -29.94 53.61 -33.24
N GLU O 108 -30.70 53.05 -32.31
CA GLU O 108 -30.98 51.62 -32.25
C GLU O 108 -31.65 51.13 -33.53
N ALA O 109 -32.56 51.90 -34.12
CA ALA O 109 -33.20 51.53 -35.37
C ALA O 109 -32.15 51.35 -36.46
N VAL O 110 -31.33 52.37 -36.72
CA VAL O 110 -30.27 52.26 -37.72
C VAL O 110 -29.41 51.03 -37.45
N LEU O 111 -28.96 50.84 -36.20
CA LEU O 111 -28.08 49.73 -35.86
C LEU O 111 -28.79 48.39 -36.04
N THR O 112 -29.94 48.20 -35.42
CA THR O 112 -30.71 46.97 -35.55
C THR O 112 -31.13 46.72 -36.99
N ASP O 113 -31.37 47.75 -37.80
CA ASP O 113 -31.73 47.59 -39.20
C ASP O 113 -30.57 47.01 -40.00
N VAL O 114 -29.36 47.54 -39.82
CA VAL O 114 -28.21 47.20 -40.67
C VAL O 114 -27.45 45.96 -40.17
N LEU O 115 -27.32 45.77 -38.86
CA LEU O 115 -26.60 44.66 -38.23
C LEU O 115 -27.54 43.53 -37.72
N GLY O 116 -28.84 43.68 -37.87
CA GLY O 116 -29.87 42.78 -37.36
C GLY O 116 -30.36 43.16 -35.97
N ASN O 117 -31.61 42.79 -35.67
CA ASN O 117 -32.30 43.09 -34.41
C ASN O 117 -31.47 42.62 -33.18
N GLU O 118 -30.86 41.44 -33.29
CA GLU O 118 -29.94 40.87 -32.32
C GLU O 118 -28.58 41.59 -32.33
N LEU O 119 -28.58 42.88 -32.02
CA LEU O 119 -27.39 43.59 -31.54
C LEU O 119 -26.80 42.93 -30.27
N ASP O 120 -27.65 42.18 -29.55
CA ASP O 120 -27.27 41.24 -28.49
C ASP O 120 -26.27 40.15 -28.94
N ARG O 121 -26.06 39.96 -30.25
CA ARG O 121 -24.83 39.35 -30.80
C ARG O 121 -23.65 40.30 -30.57
N ALA O 122 -23.27 40.44 -29.31
CA ALA O 122 -22.16 41.23 -28.81
C ALA O 122 -20.90 41.08 -29.66
N ALA O 123 -20.66 39.90 -30.24
CA ALA O 123 -19.55 39.68 -31.17
C ALA O 123 -19.65 40.60 -32.40
N VAL O 124 -20.80 40.64 -33.09
CA VAL O 124 -20.93 41.33 -34.38
C VAL O 124 -20.78 42.84 -34.23
N LEU O 125 -21.49 43.44 -33.28
CA LEU O 125 -21.38 44.87 -33.01
C LEU O 125 -20.04 45.20 -32.33
N GLY O 126 -19.64 44.42 -31.33
CA GLY O 126 -18.44 44.67 -30.53
C GLY O 126 -17.14 44.52 -31.32
N LYS O 127 -17.05 43.62 -32.30
CA LYS O 127 -15.87 43.48 -33.16
C LYS O 127 -15.58 44.80 -33.87
N ARG O 128 -16.52 45.24 -34.72
CA ARG O 128 -16.38 46.51 -35.46
C ARG O 128 -16.25 47.72 -34.54
N MET O 129 -16.99 47.77 -33.43
CA MET O 129 -16.86 48.90 -32.50
C MET O 129 -15.56 48.87 -31.71
N GLY O 130 -15.01 47.70 -31.42
CA GLY O 130 -13.68 47.55 -30.84
C GLY O 130 -12.63 48.18 -31.74
N PHE O 131 -12.70 47.92 -33.04
CA PHE O 131 -11.78 48.49 -34.02
C PHE O 131 -11.86 50.03 -34.03
N SER O 132 -13.08 50.59 -34.02
CA SER O 132 -13.30 52.04 -33.92
C SER O 132 -12.79 52.62 -32.59
N ALA O 133 -13.14 52.00 -31.46
CA ALA O 133 -12.70 52.43 -30.14
C ALA O 133 -11.17 52.39 -30.03
N MET O 134 -10.55 51.38 -30.62
CA MET O 134 -9.12 51.27 -30.74
C MET O 134 -8.58 52.45 -31.53
N PHE O 135 -9.11 52.76 -32.72
CA PHE O 135 -8.70 53.96 -33.45
C PHE O 135 -8.80 55.23 -32.59
N LYS O 136 -9.88 55.40 -31.81
CA LYS O 136 -10.00 56.54 -30.90
C LYS O 136 -8.92 56.51 -29.83
N SER O 137 -8.70 55.35 -29.23
CA SER O 137 -7.61 55.15 -28.32
C SER O 137 -6.26 55.49 -28.93
N ASN O 138 -6.00 55.12 -30.19
CA ASN O 138 -4.78 55.49 -30.91
C ASN O 138 -4.63 57.01 -31.00
N LEU O 139 -5.70 57.70 -31.42
CA LEU O 139 -5.68 59.14 -31.62
C LEU O 139 -5.49 59.89 -30.29
N GLU O 140 -6.19 59.45 -29.24
CA GLU O 140 -5.95 59.95 -27.88
C GLU O 140 -4.48 59.80 -27.46
N GLU O 141 -3.91 58.62 -27.72
CA GLU O 141 -2.55 58.31 -27.32
C GLU O 141 -1.55 59.24 -27.99
N VAL O 142 -1.66 59.45 -29.30
CA VAL O 142 -0.81 60.42 -29.99
C VAL O 142 -1.10 61.84 -29.48
N LEU O 143 -2.35 62.17 -29.17
CA LEU O 143 -2.73 63.51 -28.74
C LEU O 143 -2.08 63.89 -27.42
N TYR O 144 -2.39 63.18 -26.33
CA TYR O 144 -2.24 63.77 -25.00
C TYR O 144 -1.65 62.86 -23.92
N GLN O 145 -0.93 61.81 -24.31
CA GLN O 145 -0.14 60.95 -23.39
C GLN O 145 -0.95 60.44 -22.17
N ARG O 146 -2.27 60.34 -22.38
CA ARG O 146 -3.32 59.80 -21.49
C ARG O 146 -3.37 60.29 -20.05
N GLY O 147 -2.91 61.51 -19.77
CA GLY O 147 -2.70 62.04 -18.41
C GLY O 147 -3.86 61.79 -17.44
N LYS O 148 -5.07 62.27 -17.75
CA LYS O 148 -6.22 62.11 -16.85
C LYS O 148 -6.63 60.67 -16.62
N ASN O 149 -6.32 59.74 -17.52
CA ASN O 149 -6.49 58.32 -17.25
C ASN O 149 -5.34 57.75 -16.41
N GLN O 150 -4.08 58.10 -16.70
CA GLN O 150 -2.95 57.59 -15.92
C GLN O 150 -2.91 58.12 -14.48
N LEU O 151 -3.54 59.25 -14.16
CA LEU O 151 -3.74 59.64 -12.74
C LEU O 151 -4.55 58.57 -11.97
N LYS O 152 -5.42 57.81 -12.66
CA LYS O 152 -6.07 56.59 -12.15
C LYS O 152 -5.17 55.34 -12.32
N LYS O 153 -4.59 55.13 -13.52
CA LYS O 153 -3.87 53.90 -13.91
C LYS O 153 -2.38 53.83 -13.51
N ARG O 154 -1.88 54.86 -12.84
CA ARG O 154 -0.75 54.89 -11.91
C ARG O 154 0.64 54.55 -12.45
N ASN O 155 0.90 54.71 -13.75
CA ASN O 155 2.18 54.31 -14.36
C ASN O 155 2.74 55.31 -15.39
N ALA O 156 4.07 55.27 -15.59
CA ALA O 156 4.88 56.33 -16.22
C ALA O 156 5.08 56.21 -17.75
N ALA O 157 5.81 57.16 -18.34
CA ALA O 157 5.85 57.40 -19.78
C ALA O 157 6.30 56.20 -20.63
N GLU O 158 7.33 55.49 -20.20
CA GLU O 158 7.78 54.28 -20.89
C GLU O 158 6.68 53.23 -20.88
N THR O 159 6.03 53.01 -19.75
CA THR O 159 4.89 52.09 -19.67
C THR O 159 3.80 52.53 -20.64
N PHE O 160 3.53 53.84 -20.71
CA PHE O 160 2.58 54.42 -21.62
C PHE O 160 2.93 54.07 -23.08
N THR O 161 4.20 54.17 -23.47
CA THR O 161 4.59 53.85 -24.85
C THR O 161 4.23 52.43 -25.25
N LEU O 162 4.41 51.47 -24.36
CA LEU O 162 4.06 50.08 -24.64
C LEU O 162 2.55 49.81 -24.54
N SER O 163 1.77 50.76 -24.05
CA SER O 163 0.36 50.56 -23.76
C SER O 163 -0.52 51.06 -24.90
N GLN O 164 -0.20 50.64 -26.12
CA GLN O 164 -1.02 51.00 -27.28
C GLN O 164 -2.43 50.41 -27.14
N GLY O 165 -3.46 51.24 -27.25
CA GLY O 165 -4.86 50.86 -27.05
C GLY O 165 -5.36 50.94 -25.61
N ALA O 166 -4.55 51.33 -24.62
CA ALA O 166 -5.02 51.39 -23.23
C ALA O 166 -5.94 52.58 -22.89
N SER O 167 -6.33 53.43 -23.85
CA SER O 167 -7.40 54.43 -23.63
C SER O 167 -8.80 53.80 -23.68
N LEU O 168 -8.94 52.58 -24.20
CA LEU O 168 -10.20 51.85 -24.34
C LEU O 168 -10.99 51.69 -23.04
N GLU O 169 -12.32 51.79 -23.12
CA GLU O 169 -13.19 51.24 -22.08
C GLU O 169 -12.97 49.73 -21.91
N ALA O 170 -13.07 49.26 -20.68
CA ALA O 170 -12.65 47.93 -20.26
C ALA O 170 -13.21 46.82 -21.17
N ARG O 171 -14.49 46.89 -21.49
CA ARG O 171 -15.20 45.92 -22.33
C ARG O 171 -14.54 45.64 -23.66
N PHE O 172 -13.88 46.64 -24.24
CA PHE O 172 -13.19 46.44 -25.51
C PHE O 172 -11.89 45.69 -25.36
N ARG O 173 -11.24 45.76 -24.20
CA ARG O 173 -9.90 45.21 -24.02
C ARG O 173 -9.86 43.69 -24.28
N PRO O 174 -10.85 42.91 -23.83
CA PRO O 174 -11.00 41.51 -24.24
C PRO O 174 -11.14 41.33 -25.76
N ILE O 175 -11.95 42.16 -26.42
CA ILE O 175 -12.22 42.06 -27.86
C ILE O 175 -10.92 42.28 -28.67
N MET O 176 -10.13 43.28 -28.28
CA MET O 176 -8.96 43.75 -29.05
C MET O 176 -7.67 42.93 -28.84
N GLU O 177 -7.76 41.73 -28.27
CA GLU O 177 -6.64 40.98 -27.67
C GLU O 177 -5.31 41.03 -28.44
N LYS O 178 -5.35 40.89 -29.77
CA LYS O 178 -4.17 40.74 -30.64
C LYS O 178 -3.37 42.03 -30.81
N HIS O 179 -4.03 43.16 -30.89
CA HIS O 179 -3.40 44.38 -31.40
C HIS O 179 -2.92 45.34 -30.31
N LEU O 180 -3.48 45.24 -29.11
CA LEU O 180 -3.07 46.07 -27.98
C LEU O 180 -1.58 45.89 -27.68
N GLY O 181 -0.88 46.99 -27.44
CA GLY O 181 0.52 46.98 -27.01
C GLY O 181 0.65 46.30 -25.66
N VAL O 182 1.72 45.54 -25.44
CA VAL O 182 1.87 44.65 -24.26
C VAL O 182 1.63 45.40 -22.95
N GLY O 183 2.07 46.65 -22.90
CA GLY O 183 1.89 47.53 -21.75
C GLY O 183 0.43 47.67 -21.35
N THR O 184 -0.49 47.65 -22.30
CA THR O 184 -1.92 47.74 -22.04
C THR O 184 -2.37 46.62 -21.14
N VAL O 185 -1.97 45.39 -21.47
CA VAL O 185 -2.27 44.21 -20.67
C VAL O 185 -1.58 44.33 -19.32
N VAL O 186 -0.31 44.70 -19.31
CA VAL O 186 0.49 44.79 -18.09
C VAL O 186 -0.11 45.79 -17.11
N ALA O 187 -0.40 46.99 -17.58
CA ALA O 187 -1.04 48.04 -16.81
C ALA O 187 -2.38 47.55 -16.28
N SER O 188 -3.14 46.86 -17.12
CA SER O 188 -4.39 46.26 -16.68
C SER O 188 -4.14 45.33 -15.51
N ILE O 189 -3.21 44.38 -15.60
CA ILE O 189 -2.94 43.44 -14.50
C ILE O 189 -2.56 44.21 -13.23
N LYS O 190 -1.65 45.18 -13.35
CA LYS O 190 -1.19 45.94 -12.19
C LYS O 190 -2.34 46.69 -11.53
N ASN O 191 -3.22 47.27 -12.33
CA ASN O 191 -4.42 47.92 -11.81
C ASN O 191 -5.46 46.93 -11.29
N ILE O 192 -5.54 45.70 -11.81
CA ILE O 192 -6.40 44.66 -11.25
C ILE O 192 -5.98 44.33 -9.81
N LEU O 193 -4.67 44.24 -9.53
CA LEU O 193 -4.18 44.04 -8.17
C LEU O 193 -4.56 45.20 -7.24
N ALA O 194 -4.52 46.43 -7.74
CA ALA O 194 -5.03 47.57 -6.99
C ALA O 194 -6.54 47.45 -6.76
N SER O 195 -7.32 47.04 -7.77
CA SER O 195 -8.76 46.80 -7.62
C SER O 195 -9.07 45.75 -6.57
N LYS O 196 -8.27 44.69 -6.46
CA LYS O 196 -8.40 43.71 -5.38
C LYS O 196 -8.23 44.31 -3.98
N LYS O 197 -7.48 45.42 -3.82
CA LYS O 197 -7.52 46.21 -2.59
C LYS O 197 -8.75 47.11 -2.55
N ASN O 198 -8.96 47.90 -3.60
CA ASN O 198 -9.82 49.08 -3.54
C ASN O 198 -11.32 48.80 -3.68
N GLY O 199 -11.72 47.68 -4.29
CA GLY O 199 -13.13 47.32 -4.48
C GLY O 199 -13.90 48.16 -5.54
N ASN O 200 -13.19 48.97 -6.33
CA ASN O 200 -13.70 49.80 -7.42
C ASN O 200 -14.08 49.01 -8.69
N TYR O 201 -14.39 47.72 -8.55
CA TYR O 201 -14.50 46.76 -9.63
C TYR O 201 -15.45 45.62 -9.27
N ARG O 202 -15.98 44.93 -10.30
CA ARG O 202 -16.53 43.58 -10.21
C ARG O 202 -15.70 42.61 -11.04
N ASN O 203 -15.18 41.57 -10.40
CA ASN O 203 -14.52 40.45 -11.09
C ASN O 203 -15.53 39.57 -11.87
N LYS O 204 -15.07 38.77 -12.84
CA LYS O 204 -15.89 38.24 -13.96
C LYS O 204 -15.37 36.91 -14.54
N MET O 205 -16.14 36.28 -15.43
CA MET O 205 -15.75 35.05 -16.17
C MET O 205 -16.25 35.10 -17.63
N VAL O 206 -15.43 34.66 -18.59
CA VAL O 206 -15.69 34.68 -20.04
C VAL O 206 -15.15 33.44 -20.77
N ARG O 207 -15.59 33.25 -22.03
CA ARG O 207 -15.19 32.17 -22.96
C ARG O 207 -15.08 32.68 -24.41
N LYS O 208 -14.14 32.16 -25.21
CA LYS O 208 -13.82 32.66 -26.57
C LYS O 208 -13.82 31.53 -27.63
N PRO O 209 -14.93 31.29 -28.35
CA PRO O 209 -15.02 30.30 -29.43
C PRO O 209 -14.09 30.57 -30.62
N GLY O 210 -13.79 29.51 -31.37
CA GLY O 210 -12.77 29.49 -32.42
C GLY O 210 -11.32 29.59 -31.93
N GLY O 211 -11.10 30.11 -30.72
CA GLY O 211 -9.80 30.16 -30.02
C GLY O 211 -9.67 29.13 -28.90
N ASN O 212 -10.38 29.33 -27.79
CA ASN O 212 -10.37 28.43 -26.62
C ASN O 212 -11.71 28.49 -25.85
N ARG O 213 -12.38 27.34 -25.73
CA ARG O 213 -13.61 27.13 -24.95
C ARG O 213 -13.40 27.14 -23.43
N GLU O 214 -12.17 27.35 -22.96
CA GLU O 214 -11.90 27.64 -21.55
C GLU O 214 -12.73 28.82 -21.02
N SER O 215 -13.17 28.68 -19.77
CA SER O 215 -14.25 29.47 -19.18
C SER O 215 -13.76 30.03 -17.87
N TRP O 216 -13.29 31.27 -17.89
CA TRP O 216 -12.29 31.72 -16.93
C TRP O 216 -12.21 33.25 -16.80
N SER O 217 -11.50 33.72 -15.78
CA SER O 217 -11.54 35.11 -15.29
C SER O 217 -10.53 36.04 -15.99
N PRO O 218 -10.53 37.34 -15.66
CA PRO O 218 -9.47 38.26 -16.04
C PRO O 218 -8.07 37.72 -15.73
N LEU O 219 -7.89 37.01 -14.62
CA LEU O 219 -6.57 36.45 -14.29
C LEU O 219 -6.08 35.57 -15.42
N GLU O 220 -6.87 34.57 -15.78
CA GLU O 220 -6.54 33.68 -16.87
C GLU O 220 -6.50 34.43 -18.22
N ARG O 221 -7.49 35.28 -18.48
CA ARG O 221 -7.62 36.02 -19.73
C ARG O 221 -6.38 36.87 -19.98
N GLU O 222 -5.99 37.66 -18.99
CA GLU O 222 -4.80 38.47 -19.05
C GLU O 222 -3.58 37.58 -19.24
N ILE O 223 -3.40 36.54 -18.43
CA ILE O 223 -2.23 35.66 -18.55
C ILE O 223 -2.19 35.03 -19.94
N SER O 224 -3.33 34.66 -20.49
CA SER O 224 -3.43 34.10 -21.82
C SER O 224 -2.99 35.13 -22.86
N PHE O 225 -3.52 36.35 -22.80
CA PHE O 225 -3.13 37.40 -23.72
C PHE O 225 -1.63 37.68 -23.59
N LEU O 226 -1.12 37.68 -22.36
CA LEU O 226 0.29 37.89 -22.05
C LEU O 226 1.12 36.76 -22.68
N ASN O 227 0.66 35.52 -22.60
CA ASN O 227 1.34 34.41 -23.25
C ASN O 227 1.32 34.57 -24.77
N LYS O 228 0.20 35.01 -25.33
CA LYS O 228 0.07 35.28 -26.78
C LYS O 228 1.01 36.39 -27.26
N LYS O 229 1.57 37.20 -26.36
CA LYS O 229 2.48 38.32 -26.66
C LYS O 229 3.94 38.04 -26.34
N LEU O 230 4.25 37.43 -25.20
CA LEU O 230 5.64 37.37 -24.69
C LEU O 230 6.56 36.55 -25.59
N PHE O 231 7.86 36.83 -25.45
CA PHE O 231 8.92 36.21 -26.21
C PHE O 231 9.07 34.72 -25.86
N PRO O 232 9.15 33.83 -26.87
CA PRO O 232 9.32 32.39 -26.64
C PRO O 232 10.54 32.06 -25.77
N GLY O 233 10.55 30.92 -25.09
CA GLY O 233 11.55 30.67 -24.05
C GLY O 233 11.27 31.54 -22.82
N PRO O 234 12.26 32.31 -22.30
CA PRO O 234 12.24 32.79 -20.92
C PRO O 234 10.99 33.58 -20.57
N MET O 235 10.57 34.48 -21.45
CA MET O 235 9.46 35.39 -21.14
C MET O 235 8.14 34.62 -21.15
N ARG O 236 7.87 33.76 -22.13
CA ARG O 236 6.72 32.86 -22.03
C ARG O 236 6.83 31.91 -20.85
N GLN O 237 8.03 31.48 -20.45
CA GLN O 237 8.17 30.62 -19.28
C GLN O 237 7.78 31.38 -18.01
N LEU O 238 8.17 32.64 -17.90
CA LEU O 238 7.68 33.52 -16.83
C LEU O 238 6.15 33.66 -16.93
N CYS O 239 5.61 33.70 -18.14
CA CYS O 239 4.17 33.73 -18.37
C CYS O 239 3.48 32.50 -17.79
N LYS O 240 4.05 31.32 -17.99
CA LYS O 240 3.53 30.07 -17.41
C LYS O 240 3.65 30.08 -15.88
N LYS O 241 4.78 30.52 -15.33
CA LYS O 241 4.99 30.66 -13.87
C LYS O 241 3.97 31.58 -13.20
N PHE O 242 3.41 32.52 -13.95
CA PHE O 242 2.83 33.74 -13.41
C PHE O 242 1.80 33.50 -12.30
N GLU O 243 0.95 32.47 -12.42
CA GLU O 243 -0.05 32.15 -11.39
C GLU O 243 0.56 31.80 -10.02
N TYR O 244 1.84 31.47 -10.00
CA TYR O 244 2.59 30.99 -8.84
C TYR O 244 3.64 32.00 -8.36
N LEU O 245 3.76 33.15 -9.03
CA LEU O 245 4.38 34.34 -8.44
C LEU O 245 3.50 34.89 -7.31
N ASN O 246 4.08 35.43 -6.23
CA ASN O 246 3.32 36.24 -5.28
C ASN O 246 2.94 37.61 -5.88
N GLU O 247 2.05 38.39 -5.25
CA GLU O 247 1.54 39.64 -5.85
C GLU O 247 2.65 40.66 -6.12
N GLN O 248 3.59 40.86 -5.19
CA GLN O 248 4.72 41.76 -5.42
C GLN O 248 5.64 41.18 -6.49
N GLU O 249 5.90 39.87 -6.47
CA GLU O 249 6.64 39.21 -7.53
C GLU O 249 5.97 39.43 -8.88
N LYS O 250 4.63 39.37 -8.97
CA LYS O 250 3.91 39.70 -10.18
C LYS O 250 4.20 41.12 -10.58
N GLN O 251 4.07 42.09 -9.69
CA GLN O 251 4.37 43.48 -10.03
C GLN O 251 5.83 43.66 -10.50
N LEU O 252 6.78 43.05 -9.81
CA LEU O 252 8.19 43.14 -10.15
C LEU O 252 8.46 42.50 -11.52
N ALA O 253 7.91 41.31 -11.73
CA ALA O 253 8.03 40.60 -12.99
C ALA O 253 7.42 41.44 -14.12
N LEU O 254 6.21 41.96 -13.91
CA LEU O 254 5.55 42.81 -14.88
C LEU O 254 6.45 43.98 -15.23
N ASN O 255 7.03 44.65 -14.24
CA ASN O 255 7.94 45.76 -14.49
C ASN O 255 9.10 45.30 -15.36
N LEU O 256 9.82 44.24 -14.97
CA LEU O 256 11.00 43.87 -15.72
C LEU O 256 10.63 43.37 -17.12
N MET O 257 9.54 42.62 -17.26
CA MET O 257 9.07 42.18 -18.57
C MET O 257 8.69 43.37 -19.44
N LEU O 258 8.06 44.35 -18.84
CA LEU O 258 7.68 45.56 -19.55
C LEU O 258 8.93 46.28 -20.03
N ASP O 259 9.92 46.44 -19.15
CA ASP O 259 11.20 47.02 -19.54
C ASP O 259 11.86 46.22 -20.65
N ALA O 260 11.89 44.90 -20.52
CA ALA O 260 12.46 44.03 -21.53
C ALA O 260 11.74 44.23 -22.87
N SER O 261 10.43 44.41 -22.82
CA SER O 261 9.62 44.68 -24.01
C SER O 261 9.96 46.02 -24.67
N LEU O 262 10.58 46.97 -23.96
CA LEU O 262 11.10 48.16 -24.62
C LEU O 262 12.14 47.78 -25.68
N ILE O 263 12.95 46.74 -25.47
CA ILE O 263 13.90 46.24 -26.46
C ILE O 263 13.28 45.10 -27.27
N LEU O 264 12.83 44.06 -26.58
CA LEU O 264 12.38 42.81 -27.16
C LEU O 264 11.06 43.02 -27.90
N LYS O 265 10.98 42.56 -29.16
CA LYS O 265 9.80 42.71 -30.02
C LYS O 265 9.20 41.35 -30.46
N PRO O 266 8.79 40.45 -29.56
CA PRO O 266 8.03 39.26 -29.95
C PRO O 266 6.66 39.62 -30.56
N GLN O 267 5.87 38.63 -30.97
CA GLN O 267 4.62 38.81 -31.72
C GLN O 267 3.60 39.77 -31.04
N VAL O 268 3.40 40.94 -31.64
CA VAL O 268 2.40 41.97 -31.25
C VAL O 268 1.75 42.51 -32.53
N THR O 269 0.42 42.64 -32.57
CA THR O 269 -0.23 42.66 -33.88
C THR O 269 -0.50 44.07 -34.35
N HIS O 270 0.02 44.46 -35.50
CA HIS O 270 -0.37 45.69 -36.17
C HIS O 270 -1.87 45.66 -36.52
N LYS O 271 -2.48 46.82 -36.78
CA LYS O 271 -3.74 46.89 -37.54
C LYS O 271 -3.86 48.25 -38.26
N MET O 272 -4.62 48.31 -39.35
CA MET O 272 -5.15 49.58 -39.85
C MET O 272 -6.62 49.76 -39.47
N ILE O 273 -7.00 50.97 -39.06
CA ILE O 273 -8.40 51.39 -38.98
C ILE O 273 -8.46 52.81 -39.55
N MET O 274 -8.82 52.94 -40.82
CA MET O 274 -9.24 54.24 -41.33
C MET O 274 -10.60 54.63 -40.73
N PRO O 275 -10.86 55.92 -40.49
CA PRO O 275 -12.18 56.47 -40.19
C PRO O 275 -13.32 55.99 -41.12
N TRP O 276 -14.51 55.83 -40.57
CA TRP O 276 -15.71 55.50 -41.34
C TRP O 276 -16.01 56.56 -42.40
N SER O 277 -15.80 57.85 -42.13
CA SER O 277 -15.95 58.87 -43.17
C SER O 277 -14.91 58.72 -44.28
N MET O 278 -13.73 58.14 -44.03
CA MET O 278 -12.79 57.79 -45.08
C MET O 278 -13.27 56.57 -45.86
N TRP O 279 -13.89 55.60 -45.21
CA TRP O 279 -14.59 54.56 -45.97
C TRP O 279 -15.73 55.13 -46.82
N LEU O 280 -16.51 56.07 -46.29
CA LEU O 280 -17.50 56.79 -47.09
C LEU O 280 -16.81 57.52 -48.24
N ALA O 281 -15.68 58.17 -47.98
CA ALA O 281 -14.93 58.86 -49.01
C ALA O 281 -14.52 57.89 -50.10
N VAL O 282 -14.07 56.69 -49.74
CA VAL O 282 -13.78 55.63 -50.71
C VAL O 282 -15.03 55.32 -51.55
N LYS O 283 -16.21 55.17 -50.94
CA LYS O 283 -17.44 54.94 -51.71
C LYS O 283 -17.68 56.09 -52.68
N LYS O 284 -17.76 57.33 -52.21
CA LYS O 284 -18.02 58.47 -53.08
C LYS O 284 -16.94 58.66 -54.13
N TYR O 285 -15.70 58.33 -53.80
CA TYR O 285 -14.61 58.34 -54.76
C TYR O 285 -14.90 57.34 -55.87
N ALA O 286 -15.22 56.10 -55.49
CA ALA O 286 -15.59 55.09 -56.46
C ALA O 286 -16.72 55.60 -57.35
N GLU O 287 -17.74 56.19 -56.73
CA GLU O 287 -18.85 56.79 -57.46
C GLU O 287 -18.34 57.88 -58.43
N MET O 288 -17.54 58.82 -57.97
CA MET O 288 -17.06 59.91 -58.81
C MET O 288 -16.06 59.44 -59.87
N ASN O 289 -15.51 58.25 -59.70
CA ASN O 289 -14.66 57.60 -60.69
C ASN O 289 -15.45 56.79 -61.74
N LYS O 290 -16.78 56.75 -61.67
CA LYS O 290 -17.64 56.09 -62.66
C LYS O 290 -17.35 54.60 -62.89
N GLY O 291 -17.35 53.81 -61.81
CA GLY O 291 -17.50 52.35 -61.88
C GLY O 291 -16.22 51.52 -62.06
N SER O 292 -15.13 51.88 -61.37
CA SER O 292 -13.84 51.15 -61.40
C SER O 292 -13.18 50.87 -60.03
N PRO O 293 -13.15 51.78 -59.03
CA PRO O 293 -12.60 51.47 -57.70
C PRO O 293 -13.57 50.59 -56.88
N SER O 294 -13.13 49.39 -56.52
CA SER O 294 -13.99 48.38 -55.86
C SER O 294 -13.56 48.12 -54.41
N LEU O 295 -14.49 48.30 -53.47
CA LEU O 295 -14.21 48.22 -52.04
C LEU O 295 -13.66 46.85 -51.60
N GLU O 296 -14.08 45.75 -52.21
CA GLU O 296 -13.52 44.45 -51.89
C GLU O 296 -12.03 44.39 -52.17
N ASP O 297 -11.55 45.13 -53.16
CA ASP O 297 -10.12 45.25 -53.44
C ASP O 297 -9.34 45.87 -52.28
N LEU O 298 -10.03 46.64 -51.43
CA LEU O 298 -9.49 47.35 -50.27
C LEU O 298 -9.83 46.68 -48.93
N ALA O 299 -10.63 45.61 -48.95
CA ALA O 299 -11.31 45.08 -47.77
C ALA O 299 -10.46 44.10 -46.93
N ALA O 300 -9.36 44.58 -46.32
CA ALA O 300 -8.50 43.77 -45.44
C ALA O 300 -7.89 44.55 -44.26
N TYR O 301 -7.67 43.88 -43.12
CA TYR O 301 -7.04 44.45 -41.91
C TYR O 301 -5.51 44.40 -41.95
N SER O 302 -4.95 44.05 -43.10
CA SER O 302 -3.55 43.74 -43.31
C SER O 302 -3.20 43.89 -44.80
N GLY O 303 -1.91 43.99 -45.11
CA GLY O 303 -1.43 44.04 -46.49
C GLY O 303 -1.64 45.38 -47.21
N VAL O 304 -1.01 45.49 -48.38
CA VAL O 304 -0.88 46.75 -49.15
C VAL O 304 -2.19 47.40 -49.53
N ARG O 305 -3.29 46.64 -49.54
CA ARG O 305 -4.65 47.13 -49.70
C ARG O 305 -4.95 48.29 -48.74
N ALA O 306 -4.35 48.29 -47.56
CA ALA O 306 -4.45 49.40 -46.63
C ALA O 306 -3.82 50.70 -47.17
N PHE O 307 -2.62 50.65 -47.74
CA PHE O 307 -1.99 51.82 -48.35
C PHE O 307 -2.76 52.28 -49.58
N MET O 308 -3.30 51.34 -50.37
CA MET O 308 -4.22 51.68 -51.46
C MET O 308 -5.36 52.57 -50.92
N ALA O 309 -6.02 52.12 -49.85
CA ALA O 309 -7.16 52.84 -49.28
C ALA O 309 -6.77 54.20 -48.72
N PHE O 310 -5.67 54.29 -47.97
CA PHE O 310 -5.27 55.56 -47.40
C PHE O 310 -4.89 56.55 -48.50
N ASN O 311 -4.02 56.16 -49.42
CA ASN O 311 -3.68 57.06 -50.53
C ASN O 311 -4.90 57.41 -51.37
N THR O 312 -5.86 56.49 -51.50
CA THR O 312 -7.13 56.82 -52.14
C THR O 312 -7.80 57.96 -51.37
N ALA O 313 -7.90 57.85 -50.05
CA ALA O 313 -8.44 58.93 -49.25
C ALA O 313 -7.63 60.22 -49.46
N CYS O 314 -6.32 60.10 -49.72
CA CYS O 314 -5.45 61.23 -49.96
C CYS O 314 -5.77 62.01 -51.23
N TYR O 315 -6.65 61.54 -52.10
CA TYR O 315 -7.06 62.37 -53.23
C TYR O 315 -7.76 63.64 -52.76
N MET O 316 -8.96 63.53 -52.18
CA MET O 316 -9.87 64.68 -51.97
C MET O 316 -10.63 64.69 -50.63
N SER O 317 -10.25 63.87 -49.64
CA SER O 317 -10.98 63.81 -48.35
C SER O 317 -10.86 65.14 -47.58
N LYS O 318 -11.83 65.50 -46.73
CA LYS O 318 -11.90 66.83 -46.08
C LYS O 318 -12.05 66.78 -44.57
N PHE O 319 -11.51 67.79 -43.92
CA PHE O 319 -11.39 67.89 -42.46
C PHE O 319 -11.23 69.36 -42.07
N THR O 320 -11.42 69.67 -40.80
CA THR O 320 -11.33 71.05 -40.30
C THR O 320 -9.90 71.52 -40.13
N ILE O 321 -9.69 72.82 -40.28
CA ILE O 321 -8.56 73.56 -39.77
C ILE O 321 -9.09 74.64 -38.82
N GLY O 322 -8.81 74.47 -37.54
CA GLY O 322 -8.84 75.57 -36.58
C GLY O 322 -7.52 76.36 -36.68
N LYS O 323 -7.57 77.68 -36.53
CA LYS O 323 -6.35 78.50 -36.41
C LYS O 323 -5.61 78.20 -35.11
N GLY O 324 -6.34 77.89 -34.04
CA GLY O 324 -5.81 77.45 -32.73
C GLY O 324 -5.18 76.06 -32.78
N ILE O 325 -4.66 75.61 -31.64
CA ILE O 325 -3.69 74.51 -31.61
C ILE O 325 -3.88 73.60 -30.41
N VAL O 326 -3.61 72.31 -30.58
CA VAL O 326 -3.17 71.46 -29.47
C VAL O 326 -1.69 71.79 -29.26
N GLY O 327 -1.45 72.92 -28.61
CA GLY O 327 -0.13 73.50 -28.36
C GLY O 327 -0.20 74.73 -27.45
N ASP O 328 0.94 75.35 -27.14
CA ASP O 328 0.99 76.43 -26.15
C ASP O 328 1.99 77.56 -26.48
N ALA O 329 3.19 77.22 -26.98
CA ALA O 329 4.19 78.19 -27.44
C ALA O 329 3.80 78.84 -28.79
N GLU O 330 4.51 79.89 -29.20
CA GLU O 330 4.25 80.62 -30.45
C GLU O 330 4.63 79.83 -31.72
N ILE O 331 5.44 78.78 -31.62
CA ILE O 331 5.78 77.89 -32.74
C ILE O 331 4.61 76.93 -33.06
N MET O 332 4.17 76.92 -34.32
CA MET O 332 3.05 76.10 -34.80
C MET O 332 3.20 75.77 -36.31
N GLU O 333 2.48 74.74 -36.78
CA GLU O 333 2.69 74.13 -38.10
C GLU O 333 1.44 73.41 -38.66
N ASN O 334 1.48 73.17 -39.97
CA ASN O 334 0.35 73.04 -40.88
C ASN O 334 -0.51 71.77 -40.87
N GLY O 335 -1.51 71.75 -41.75
CA GLY O 335 -2.40 70.62 -41.98
C GLY O 335 -1.70 69.32 -42.36
N ASN O 336 -0.54 69.36 -43.01
CA ASN O 336 0.19 68.12 -43.25
C ASN O 336 0.59 67.46 -41.92
N ASP O 337 0.80 68.21 -40.85
CA ASP O 337 0.98 67.61 -39.54
C ASP O 337 -0.29 66.92 -39.05
N LYS O 338 -1.47 67.49 -39.29
CA LYS O 338 -2.72 66.74 -39.07
C LYS O 338 -2.68 65.48 -39.92
N MET O 339 -2.24 65.57 -41.17
CA MET O 339 -2.20 64.44 -42.06
C MET O 339 -1.29 63.35 -41.49
N GLN O 340 -0.14 63.73 -40.94
CA GLN O 340 0.70 62.79 -40.21
C GLN O 340 -0.08 62.19 -39.05
N THR O 341 -0.75 63.01 -38.25
CA THR O 341 -1.44 62.51 -37.05
C THR O 341 -2.49 61.48 -37.44
N LEU O 342 -3.26 61.79 -38.47
CA LEU O 342 -4.26 60.88 -39.02
C LEU O 342 -3.57 59.57 -39.39
N ALA O 343 -2.49 59.63 -40.15
CA ALA O 343 -1.78 58.44 -40.55
C ALA O 343 -1.31 57.63 -39.35
N MET O 344 -0.75 58.30 -38.34
CA MET O 344 -0.29 57.66 -37.13
C MET O 344 -1.45 56.93 -36.49
N ALA O 345 -2.56 57.60 -36.30
CA ALA O 345 -3.73 56.98 -35.71
C ALA O 345 -4.25 55.83 -36.58
N CYS O 346 -4.22 55.97 -37.91
CA CYS O 346 -4.80 54.99 -38.82
C CYS O 346 -4.00 53.70 -38.86
N PHE O 347 -2.67 53.78 -38.92
CA PHE O 347 -1.82 52.59 -39.02
C PHE O 347 -1.18 52.17 -37.70
N GLY O 348 -1.40 52.90 -36.60
CA GLY O 348 -0.77 52.60 -35.30
C GLY O 348 0.73 52.88 -35.24
N LEU O 349 1.20 53.92 -35.94
CA LEU O 349 2.64 54.22 -36.14
C LEU O 349 3.37 54.76 -34.89
N ALA O 350 2.69 54.98 -33.77
CA ALA O 350 3.21 55.77 -32.63
C ALA O 350 4.57 55.27 -32.10
N TYR O 351 4.91 54.00 -32.30
CA TYR O 351 6.20 53.42 -31.90
C TYR O 351 6.94 52.76 -33.07
N GLU O 352 6.45 52.98 -34.28
CA GLU O 352 7.15 52.65 -35.52
C GLU O 352 8.36 53.58 -35.72
N ASP O 353 9.28 53.22 -36.60
CA ASP O 353 10.39 54.10 -36.96
C ASP O 353 9.94 55.31 -37.79
N THR O 354 10.19 56.51 -37.25
CA THR O 354 10.02 57.78 -37.95
C THR O 354 10.79 57.81 -39.28
N GLY O 355 11.97 57.23 -39.40
CA GLY O 355 12.73 57.23 -40.65
C GLY O 355 12.03 56.45 -41.73
N ILE O 356 11.64 55.21 -41.42
CA ILE O 356 10.78 54.38 -42.25
C ILE O 356 9.58 55.18 -42.68
N VAL O 357 8.86 55.78 -41.73
CA VAL O 357 7.64 56.52 -42.07
C VAL O 357 8.01 57.71 -42.95
N ALA O 358 9.11 58.42 -42.67
CA ALA O 358 9.52 59.59 -43.43
C ALA O 358 9.74 59.24 -44.90
N ALA O 359 10.35 58.09 -45.17
CA ALA O 359 10.50 57.62 -46.53
C ALA O 359 9.14 57.23 -47.18
N MET O 360 8.24 56.56 -46.47
CA MET O 360 6.96 56.11 -47.03
C MET O 360 6.03 57.29 -47.34
N ILE O 361 5.77 58.11 -46.32
CA ILE O 361 5.14 59.42 -46.51
C ILE O 361 6.00 60.34 -47.38
N SER O 362 7.22 59.94 -47.69
CA SER O 362 8.09 60.63 -48.64
C SER O 362 8.37 62.10 -48.25
N GLN O 363 8.36 62.41 -46.95
CA GLN O 363 8.57 63.70 -46.27
C GLN O 363 9.18 63.46 -44.86
N PRO O 364 9.92 64.40 -44.26
CA PRO O 364 10.58 64.18 -42.96
C PRO O 364 9.60 63.88 -41.82
N MET O 365 10.00 63.03 -40.86
CA MET O 365 9.22 62.68 -39.66
C MET O 365 9.79 63.23 -38.34
N LYS O 366 8.99 63.11 -37.28
CA LYS O 366 9.00 63.99 -36.10
C LYS O 366 8.78 63.27 -34.77
N LYS O 367 9.13 63.93 -33.67
CA LYS O 367 8.80 63.60 -32.28
C LYS O 367 7.86 64.63 -31.67
N ARG O 368 7.29 64.36 -30.50
CA ARG O 368 6.24 65.21 -29.92
C ARG O 368 6.66 66.66 -29.76
N TYR O 369 7.91 66.92 -29.44
CA TYR O 369 8.40 68.30 -29.34
C TYR O 369 8.15 69.07 -30.62
N GLN O 370 8.05 68.39 -31.74
CA GLN O 370 7.77 68.94 -33.05
C GLN O 370 6.30 68.74 -33.48
N LEU O 371 5.58 67.71 -33.04
CA LEU O 371 4.22 67.41 -33.56
C LEU O 371 3.17 68.46 -33.16
N ARG O 372 2.42 68.99 -34.13
CA ARG O 372 1.25 69.89 -33.93
C ARG O 372 -0.01 69.28 -34.56
N VAL O 373 -1.19 69.49 -33.94
CA VAL O 373 -2.51 69.07 -34.44
C VAL O 373 -3.65 69.86 -33.77
N GLY O 374 -4.88 69.76 -34.29
CA GLY O 374 -6.12 70.17 -33.62
C GLY O 374 -6.77 69.08 -32.77
N ASN O 375 -7.87 69.41 -32.12
CA ASN O 375 -8.56 68.54 -31.14
C ASN O 375 -9.53 67.50 -31.75
N PHE O 376 -9.86 67.58 -33.05
CA PHE O 376 -10.92 66.81 -33.72
C PHE O 376 -12.34 66.98 -33.10
N ASN O 377 -12.63 68.07 -32.38
CA ASN O 377 -13.91 68.28 -31.68
C ASN O 377 -14.66 69.53 -32.22
N PRO O 378 -15.90 69.43 -32.75
CA PRO O 378 -16.44 70.45 -33.66
C PRO O 378 -16.44 71.87 -33.12
N PRO O 379 -16.16 72.89 -33.94
CA PRO O 379 -15.57 74.12 -33.42
C PRO O 379 -16.58 75.26 -33.21
N GLU O 380 -16.19 76.33 -32.53
CA GLU O 380 -16.99 77.57 -32.57
C GLU O 380 -16.94 78.21 -33.97
N LYS O 381 -15.73 78.37 -34.52
CA LYS O 381 -15.42 78.91 -35.86
C LYS O 381 -14.16 78.23 -36.41
N GLY O 382 -14.00 78.16 -37.72
CA GLY O 382 -12.83 77.58 -38.38
C GLY O 382 -13.02 77.49 -39.89
N THR O 383 -12.09 76.83 -40.60
CA THR O 383 -12.13 76.67 -42.08
C THR O 383 -11.92 75.21 -42.51
N ILE O 384 -12.49 74.78 -43.64
CA ILE O 384 -12.29 73.40 -44.15
C ILE O 384 -10.97 73.29 -44.92
N LYS O 385 -10.35 72.11 -44.92
CA LYS O 385 -9.26 71.78 -45.83
C LYS O 385 -9.40 70.35 -46.34
N GLY O 386 -8.81 70.11 -47.51
CA GLY O 386 -8.75 68.82 -48.20
C GLY O 386 -7.34 68.21 -48.28
N THR O 387 -7.24 66.90 -48.57
CA THR O 387 -5.99 66.11 -48.53
C THR O 387 -4.93 66.49 -49.54
N SER O 388 -3.66 66.44 -49.10
CA SER O 388 -2.48 66.45 -49.99
C SER O 388 -2.37 65.12 -50.75
N ALA O 389 -2.09 65.17 -52.05
CA ALA O 389 -2.19 64.01 -52.95
C ALA O 389 -1.22 62.85 -52.64
N GLY O 390 -1.70 61.59 -52.75
CA GLY O 390 -0.88 60.36 -52.84
C GLY O 390 0.01 60.03 -51.64
N TYR O 391 -0.24 60.65 -50.49
CA TYR O 391 0.72 60.99 -49.44
C TYR O 391 1.79 59.94 -49.08
N PHE O 392 1.46 58.66 -48.92
CA PHE O 392 2.46 57.59 -48.80
C PHE O 392 3.04 57.30 -50.18
N HIS O 393 3.83 58.22 -50.75
CA HIS O 393 4.30 58.06 -52.12
C HIS O 393 5.24 56.87 -52.26
N LYS O 394 5.74 56.37 -51.14
CA LYS O 394 6.25 55.01 -50.99
C LYS O 394 5.40 54.27 -49.95
N TRP O 395 5.25 52.94 -50.13
CA TRP O 395 4.54 52.01 -49.23
C TRP O 395 5.55 51.02 -48.59
N ALA O 396 5.05 50.05 -47.80
CA ALA O 396 5.84 48.90 -47.35
C ALA O 396 4.97 47.69 -46.93
N GLU O 397 5.57 46.50 -46.86
CA GLU O 397 4.97 45.29 -46.30
C GLU O 397 4.91 45.33 -44.76
N PHE O 398 3.72 45.10 -44.17
CA PHE O 398 3.49 45.10 -42.71
C PHE O 398 4.07 43.87 -42.00
N GLY O 399 3.98 43.81 -40.67
CA GLY O 399 4.58 42.75 -39.86
C GLY O 399 4.35 42.95 -38.37
N ASN O 400 4.75 41.96 -37.58
CA ASN O 400 4.24 41.79 -36.21
C ASN O 400 5.27 41.31 -35.18
N ARG O 401 6.54 41.11 -35.56
CA ARG O 401 7.60 40.62 -34.65
C ARG O 401 9.00 40.96 -35.11
N LEU O 402 9.95 40.79 -34.19
CA LEU O 402 11.39 41.08 -34.45
C LEU O 402 11.88 40.25 -35.65
N PRO O 403 13.01 40.61 -36.28
CA PRO O 403 13.53 39.86 -37.43
C PRO O 403 13.90 38.41 -37.08
N PHE O 404 14.72 38.22 -36.04
CA PHE O 404 15.17 36.87 -35.63
C PHE O 404 14.99 36.67 -34.12
N ASN O 405 14.24 37.58 -33.47
CA ASN O 405 13.99 37.49 -32.01
C ASN O 405 15.33 37.36 -31.28
N SER O 406 15.75 36.11 -31.01
CA SER O 406 17.04 35.85 -30.30
C SER O 406 17.72 34.61 -30.91
N PHE O 407 19.02 34.45 -30.64
CA PHE O 407 19.79 33.29 -31.17
C PHE O 407 19.24 31.99 -30.54
N GLY O 408 18.95 31.00 -31.37
CA GLY O 408 18.41 29.70 -30.91
C GLY O 408 19.45 28.60 -31.01
N THR O 409 19.04 27.35 -30.76
CA THR O 409 19.88 26.16 -30.81
C THR O 409 20.31 25.84 -32.23
N GLY O 410 21.15 24.81 -32.40
CA GLY O 410 21.12 24.04 -33.64
C GLY O 410 19.69 23.58 -33.96
N GLU O 411 19.32 23.57 -35.23
CA GLU O 411 17.94 23.36 -35.68
C GLU O 411 17.50 21.89 -35.58
N SER O 412 18.42 20.93 -35.76
CA SER O 412 18.12 19.49 -35.73
C SER O 412 19.35 18.61 -35.41
N LYS O 413 20.53 18.97 -35.93
CA LYS O 413 21.81 18.27 -35.68
C LYS O 413 22.43 18.61 -34.32
N GLN O 414 23.60 18.02 -34.03
CA GLN O 414 24.38 18.17 -32.79
C GLN O 414 23.69 17.65 -31.51
N ILE O 415 22.69 16.77 -31.66
CA ILE O 415 22.05 16.00 -30.58
C ILE O 415 22.84 14.69 -30.32
N SER O 416 22.48 13.91 -29.29
CA SER O 416 23.16 12.64 -28.95
C SER O 416 23.10 11.62 -30.12
N ASN O 417 24.22 11.43 -30.83
CA ASN O 417 24.27 10.73 -32.12
C ASN O 417 23.81 9.27 -32.01
N SER O 418 23.05 8.78 -33.01
CA SER O 418 22.76 7.35 -33.16
C SER O 418 23.87 6.64 -33.94
N GLY O 419 23.96 5.32 -33.80
CA GLY O 419 24.98 4.50 -34.46
C GLY O 419 24.43 3.13 -34.85
N VAL O 420 24.03 2.97 -36.11
CA VAL O 420 23.77 1.67 -36.73
C VAL O 420 25.08 0.92 -36.92
N PHE O 421 26.09 1.55 -37.52
CA PHE O 421 27.32 0.83 -37.89
C PHE O 421 28.25 0.59 -36.71
N ALA O 422 28.73 -0.65 -36.58
CA ALA O 422 29.58 -1.12 -35.51
C ALA O 422 31.02 -0.58 -35.66
N VAL O 423 31.23 0.70 -35.36
CA VAL O 423 32.51 1.40 -35.55
C VAL O 423 32.85 2.26 -34.34
N GLN O 424 34.06 2.09 -33.78
CA GLN O 424 34.55 2.89 -32.66
C GLN O 424 34.61 4.38 -33.02
N ARG O 425 34.06 5.25 -32.16
CA ARG O 425 33.66 6.62 -32.55
C ARG O 425 33.77 7.67 -31.43
N PRO O 426 34.13 8.92 -31.76
CA PRO O 426 33.75 10.11 -31.00
C PRO O 426 32.22 10.39 -31.05
N SER O 427 31.77 11.42 -30.33
CA SER O 427 30.38 11.91 -30.39
C SER O 427 30.28 13.41 -30.09
N THR O 428 29.31 14.10 -30.70
CA THR O 428 28.90 15.48 -30.34
C THR O 428 28.08 15.46 -29.04
N THR O 429 28.72 15.11 -27.92
CA THR O 429 28.03 14.83 -26.64
C THR O 429 27.34 16.09 -26.12
N ASN O 430 26.03 16.02 -25.88
CA ASN O 430 25.17 17.19 -25.61
C ASN O 430 24.08 16.88 -24.55
N ILE O 431 24.39 15.99 -23.60
CA ILE O 431 23.46 15.50 -22.56
C ILE O 431 22.93 16.65 -21.70
N GLN O 432 23.72 17.71 -21.50
CA GLN O 432 23.40 18.86 -20.69
C GLN O 432 22.17 19.63 -21.23
N ARG O 433 22.16 20.02 -22.51
CA ARG O 433 21.01 20.67 -23.14
C ARG O 433 19.84 19.70 -23.34
N LEU O 434 20.11 18.41 -23.55
CA LEU O 434 19.06 17.38 -23.57
C LEU O 434 18.31 17.34 -22.22
N ALA O 435 19.03 17.35 -21.10
CA ALA O 435 18.45 17.45 -19.76
C ALA O 435 17.70 18.77 -19.53
N GLU O 436 18.15 19.90 -20.09
CA GLU O 436 17.35 21.14 -20.11
C GLU O 436 16.02 20.95 -20.86
N LEU O 437 16.01 20.36 -22.05
CA LEU O 437 14.76 20.09 -22.79
C LEU O 437 13.80 19.21 -21.96
N MET O 438 14.31 18.17 -21.30
CA MET O 438 13.53 17.38 -20.35
C MET O 438 13.00 18.24 -19.19
N ALA O 439 13.83 19.10 -18.59
CA ALA O 439 13.40 19.98 -17.50
C ALA O 439 12.29 20.95 -17.94
N ARG O 440 12.40 21.55 -19.14
CA ARG O 440 11.36 22.46 -19.66
C ARG O 440 10.06 21.71 -20.00
N ASN O 441 10.12 20.52 -20.59
CA ASN O 441 8.89 19.76 -20.92
C ASN O 441 8.25 19.05 -19.71
N THR O 442 9.02 18.75 -18.65
CA THR O 442 8.49 18.27 -17.34
C THR O 442 7.98 19.40 -16.44
N GLY O 443 8.18 20.68 -16.81
CA GLY O 443 7.65 21.83 -16.08
C GLY O 443 8.47 22.23 -14.85
N GLU O 444 9.80 22.19 -14.93
CA GLU O 444 10.69 22.52 -13.81
C GLU O 444 10.40 23.92 -13.22
N THR O 445 10.37 23.99 -11.89
CA THR O 445 9.70 25.06 -11.11
C THR O 445 10.59 25.71 -10.03
N SER O 446 11.72 25.08 -9.66
CA SER O 446 12.64 25.67 -8.65
C SER O 446 13.53 26.73 -9.28
N ASP O 447 13.61 27.91 -8.66
CA ASP O 447 14.45 29.06 -9.13
C ASP O 447 14.00 29.50 -10.53
N ASN O 448 12.89 30.24 -10.61
CA ASN O 448 12.36 30.72 -11.92
C ASN O 448 12.44 32.25 -11.97
N PHE O 449 11.85 32.93 -10.99
CA PHE O 449 11.86 34.42 -10.94
C PHE O 449 13.27 34.94 -11.22
N THR O 450 14.19 34.76 -10.27
CA THR O 450 15.59 35.23 -10.42
C THR O 450 16.21 34.66 -11.70
N GLN O 451 16.03 33.34 -11.92
CA GLN O 451 16.58 32.67 -13.13
C GLN O 451 16.19 33.44 -14.39
N LEU O 452 14.92 33.76 -14.53
CA LEU O 452 14.42 34.49 -15.68
C LEU O 452 14.81 35.97 -15.60
N VAL O 453 14.93 36.57 -14.42
CA VAL O 453 15.53 37.91 -14.28
C VAL O 453 16.93 37.90 -14.88
N GLN O 454 17.75 36.93 -14.49
CA GLN O 454 19.09 36.79 -15.05
C GLN O 454 19.01 36.56 -16.56
N LYS O 455 18.14 35.65 -17.01
CA LYS O 455 18.01 35.38 -18.43
C LYS O 455 17.65 36.64 -19.19
N ILE O 456 16.79 37.49 -18.64
CA ILE O 456 16.46 38.77 -19.24
C ILE O 456 17.72 39.63 -19.32
N ARG O 457 18.46 39.76 -18.22
CA ARG O 457 19.70 40.56 -18.22
C ARG O 457 20.63 40.14 -19.33
N GLU O 458 20.93 38.85 -19.41
CA GLU O 458 21.87 38.36 -20.41
C GLU O 458 21.27 38.35 -21.82
N GLN O 459 19.97 38.11 -21.97
CA GLN O 459 19.31 38.20 -23.27
C GLN O 459 19.43 39.61 -23.81
N VAL O 460 19.22 40.62 -22.97
CA VAL O 460 19.40 42.01 -23.39
C VAL O 460 20.82 42.20 -23.91
N GLY O 461 21.84 41.72 -23.21
CA GLY O 461 23.21 41.79 -23.69
C GLY O 461 23.39 41.08 -25.03
N ALA O 462 22.85 39.87 -25.16
CA ALA O 462 22.94 39.13 -26.41
C ALA O 462 22.30 39.91 -27.53
N PHE O 463 21.11 40.48 -27.28
CA PHE O 463 20.41 41.31 -28.24
C PHE O 463 21.24 42.55 -28.57
N ALA O 464 21.89 43.14 -27.59
CA ALA O 464 22.77 44.28 -27.77
C ALA O 464 23.99 43.92 -28.64
N ASP O 465 24.29 42.64 -28.79
CA ASP O 465 25.16 42.19 -29.87
C ASP O 465 24.36 42.02 -31.16
N GLN O 466 23.25 41.27 -31.10
CA GLN O 466 22.43 40.83 -32.26
C GLN O 466 21.87 41.97 -33.11
N LYS O 467 21.78 43.17 -32.53
CA LYS O 467 21.43 44.41 -33.24
C LYS O 467 22.21 44.60 -34.54
N ALA O 468 23.42 44.04 -34.61
CA ALA O 468 24.27 44.04 -35.79
C ALA O 468 23.52 43.66 -37.07
N ASN O 469 22.49 42.81 -36.98
CA ASN O 469 21.65 42.49 -38.12
C ASN O 469 20.14 42.47 -37.82
N LEU O 470 19.72 42.66 -36.56
CA LEU O 470 18.32 42.56 -36.16
C LEU O 470 17.46 43.74 -36.67
N ARG O 471 17.01 43.73 -37.94
CA ARG O 471 16.47 44.94 -38.62
C ARG O 471 15.15 44.80 -39.43
N GLU O 472 14.90 43.80 -40.27
CA GLU O 472 13.57 43.55 -40.89
C GLU O 472 13.39 42.10 -41.33
N PHE O 473 12.17 41.71 -41.71
CA PHE O 473 12.07 40.59 -42.65
C PHE O 473 12.89 40.92 -43.90
N THR O 474 13.79 40.01 -44.29
CA THR O 474 15.01 40.24 -45.10
C THR O 474 14.81 40.79 -46.52
N GLY O 475 13.58 40.84 -47.03
CA GLY O 475 13.22 41.52 -48.29
C GLY O 475 12.87 43.02 -48.13
N GLY O 476 13.09 43.59 -46.95
CA GLY O 476 12.39 44.78 -46.52
C GLY O 476 12.94 46.09 -47.05
N TYR O 477 12.14 46.83 -47.80
CA TYR O 477 12.48 48.18 -48.26
C TYR O 477 11.23 49.05 -48.52
N ILE O 478 11.40 50.38 -48.64
CA ILE O 478 10.32 51.36 -48.94
C ILE O 478 10.06 51.54 -50.44
N TYR O 479 9.38 50.57 -51.06
CA TYR O 479 9.09 50.58 -52.48
C TYR O 479 8.08 51.68 -52.86
N ASP O 480 8.16 52.17 -54.11
CA ASP O 480 7.25 53.19 -54.66
C ASP O 480 5.80 52.72 -54.76
N ILE O 481 4.84 53.65 -54.85
CA ILE O 481 3.45 53.29 -55.16
C ILE O 481 3.29 52.72 -56.58
N THR O 482 4.18 53.09 -57.49
CA THR O 482 4.38 52.39 -58.78
C THR O 482 5.02 51.00 -58.63
N ASP O 483 5.31 50.56 -57.40
CA ASP O 483 6.11 49.37 -57.09
C ASP O 483 5.64 48.61 -55.85
N VAL O 484 4.34 48.35 -55.76
CA VAL O 484 3.83 47.24 -54.96
C VAL O 484 4.51 45.92 -55.35
N THR O 485 5.03 45.87 -56.57
CA THR O 485 5.89 44.82 -57.14
C THR O 485 7.24 44.68 -56.46
N LYS O 486 7.59 45.45 -55.42
CA LYS O 486 8.83 45.28 -54.63
C LYS O 486 10.13 45.25 -55.47
N SER O 487 10.14 45.93 -56.61
CA SER O 487 11.18 45.93 -57.65
C SER O 487 12.40 46.80 -57.29
N ASN O 488 12.21 47.84 -56.46
CA ASN O 488 13.14 48.94 -56.20
C ASN O 488 13.65 48.97 -54.73
N PRO O 489 14.43 47.98 -54.25
CA PRO O 489 14.85 47.93 -52.85
C PRO O 489 15.81 49.07 -52.50
N LYS O 490 15.44 49.92 -51.53
CA LYS O 490 16.22 51.10 -51.07
C LYS O 490 16.04 51.41 -49.58
N ILE O 491 17.11 51.87 -48.93
CA ILE O 491 17.23 52.07 -47.47
C ILE O 491 16.73 53.47 -47.06
N PRO O 492 16.13 53.68 -45.86
CA PRO O 492 15.66 55.00 -45.42
C PRO O 492 16.77 56.03 -45.16
N GLN O 493 17.78 55.69 -44.35
CA GLN O 493 18.87 56.58 -43.94
C GLN O 493 20.18 55.81 -43.72
N LEU O 494 21.31 56.49 -43.96
CA LEU O 494 22.65 56.01 -43.58
C LEU O 494 23.00 56.35 -42.13
N GLY O 495 22.63 57.56 -41.66
CA GLY O 495 22.95 58.11 -40.35
C GLY O 495 23.22 59.62 -40.39
N GLY O 496 24.01 60.12 -39.44
CA GLY O 496 24.54 61.49 -39.43
C GLY O 496 25.67 61.71 -40.45
N THR P 8 -16.55 71.56 -4.98
CA THR P 8 -15.93 71.32 -3.65
C THR P 8 -15.17 72.52 -3.08
N PRO P 9 -14.37 73.33 -3.81
CA PRO P 9 -13.58 74.39 -3.17
C PRO P 9 -14.41 75.44 -2.43
N GLU P 10 -15.59 75.76 -2.91
CA GLU P 10 -16.54 76.66 -2.26
C GLU P 10 -16.89 76.14 -0.87
N GLU P 11 -17.21 74.85 -0.77
CA GLU P 11 -17.45 74.20 0.51
C GLU P 11 -16.19 74.12 1.36
N GLN P 12 -15.01 74.01 0.76
CA GLN P 12 -13.77 74.14 1.51
C GLN P 12 -13.64 75.56 2.10
N ARG P 13 -13.95 76.62 1.33
CA ARG P 13 -13.97 78.00 1.85
C ARG P 13 -14.99 78.15 2.97
N ALA P 14 -16.13 77.49 2.88
CA ALA P 14 -17.13 77.49 3.95
C ALA P 14 -16.61 76.82 5.24
N LYS P 15 -16.02 75.62 5.16
CA LYS P 15 -15.44 74.94 6.33
C LYS P 15 -14.29 75.74 6.93
N ASN P 16 -13.46 76.34 6.08
CA ASN P 16 -12.44 77.29 6.50
C ASN P 16 -13.07 78.49 7.20
N ALA P 17 -14.11 79.11 6.64
CA ALA P 17 -14.79 80.25 7.26
C ALA P 17 -15.34 79.86 8.65
N LYS P 18 -15.99 78.70 8.80
CA LYS P 18 -16.42 78.20 10.10
C LYS P 18 -15.24 78.02 11.06
N THR P 19 -14.15 77.43 10.59
CA THR P 19 -12.92 77.26 11.37
C THR P 19 -12.41 78.60 11.91
N ILE P 20 -12.36 79.62 11.06
CA ILE P 20 -11.93 80.97 11.46
C ILE P 20 -12.97 81.60 12.39
N LEU P 21 -14.27 81.46 12.10
CA LEU P 21 -15.34 81.99 12.95
C LEU P 21 -15.25 81.39 14.35
N GLU P 22 -14.90 80.11 14.46
CA GLU P 22 -14.63 79.50 15.74
C GLU P 22 -13.46 80.18 16.44
N ASN P 23 -12.35 80.39 15.72
CA ASN P 23 -11.20 81.08 16.29
C ASN P 23 -11.59 82.49 16.73
N ILE P 24 -12.41 83.18 15.94
CA ILE P 24 -12.95 84.51 16.25
C ILE P 24 -13.80 84.45 17.51
N GLN P 25 -14.73 83.50 17.62
CA GLN P 25 -15.59 83.39 18.79
C GLN P 25 -14.77 83.11 20.05
N ILE P 26 -13.78 82.21 19.95
CA ILE P 26 -12.83 81.95 21.02
C ILE P 26 -12.15 83.25 21.41
N TYR P 27 -11.57 83.96 20.46
CA TYR P 27 -10.85 85.20 20.71
C TYR P 27 -11.75 86.28 21.32
N GLU P 28 -12.98 86.48 20.84
CA GLU P 28 -13.91 87.44 21.41
C GLU P 28 -14.15 87.10 22.87
N ARG P 29 -14.40 85.82 23.14
CA ARG P 29 -14.59 85.35 24.50
C ARG P 29 -13.34 85.54 25.31
N MET P 30 -12.17 85.22 24.78
CA MET P 30 -10.91 85.45 25.46
C MET P 30 -10.71 86.93 25.80
N CYS P 31 -11.08 87.81 24.89
CA CYS P 31 -10.92 89.26 25.06
C CYS P 31 -11.79 89.75 26.19
N ASP P 32 -13.06 89.38 26.17
CA ASP P 32 -13.93 89.68 27.29
C ASP P 32 -13.44 89.01 28.58
N LEU P 33 -12.91 87.79 28.52
CA LEU P 33 -12.48 87.02 29.69
C LEU P 33 -11.34 87.70 30.46
N PHE P 34 -10.33 88.22 29.75
CA PHE P 34 -9.27 89.00 30.40
C PHE P 34 -9.60 90.49 30.57
N GLY P 35 -10.78 90.95 30.15
CA GLY P 35 -11.25 92.32 30.34
C GLY P 35 -10.73 93.32 29.31
N VAL P 36 -10.40 92.88 28.10
CA VAL P 36 -9.79 93.70 27.04
C VAL P 36 -10.78 94.76 26.53
N SER P 37 -10.35 96.02 26.42
CA SER P 37 -11.20 97.12 25.89
C SER P 37 -11.54 96.93 24.41
N GLU P 38 -12.70 97.42 23.98
CA GLU P 38 -13.28 97.06 22.69
C GLU P 38 -12.31 97.34 21.54
N ASP P 39 -11.73 98.53 21.52
CA ASP P 39 -10.72 98.87 20.54
C ASP P 39 -9.46 98.02 20.74
N ASP P 40 -9.03 97.80 21.97
CA ASP P 40 -7.85 96.99 22.26
C ASP P 40 -7.99 95.54 21.79
N LYS P 41 -9.21 95.05 21.55
CA LYS P 41 -9.38 93.70 20.98
C LYS P 41 -8.70 93.54 19.63
N LEU P 42 -8.63 94.61 18.83
CA LEU P 42 -8.02 94.56 17.49
C LEU P 42 -6.51 94.23 17.54
N ILE P 43 -5.89 94.43 18.69
CA ILE P 43 -4.46 94.50 18.77
C ILE P 43 -3.84 93.15 18.42
N ILE P 44 -2.92 93.17 17.47
CA ILE P 44 -2.17 91.99 17.05
C ILE P 44 -1.36 91.41 18.21
N GLU P 45 -0.71 92.26 19.02
CA GLU P 45 -0.06 91.82 20.25
C GLU P 45 -1.03 91.03 21.15
N ASN P 46 -2.29 91.47 21.26
CA ASN P 46 -3.30 90.71 22.00
C ASN P 46 -3.59 89.38 21.32
N SER P 47 -3.67 89.35 19.99
CA SER P 47 -3.76 88.09 19.24
C SER P 47 -2.68 87.12 19.70
N ILE P 48 -1.44 87.58 19.61
CA ILE P 48 -0.28 86.80 19.96
C ILE P 48 -0.39 86.34 21.41
N SER P 49 -0.70 87.23 22.34
CA SER P 49 -0.80 86.85 23.75
C SER P 49 -1.83 85.75 23.98
N ILE P 50 -3.00 85.82 23.37
CA ILE P 50 -4.00 84.76 23.54
C ILE P 50 -3.48 83.46 22.94
N GLU P 51 -2.97 83.53 21.72
CA GLU P 51 -2.43 82.37 21.03
C GLU P 51 -1.33 81.69 21.87
N ARG P 52 -0.46 82.51 22.46
CA ARG P 52 0.62 82.07 23.36
C ARG P 52 0.03 81.31 24.53
N MET P 53 -0.93 81.92 25.23
CA MET P 53 -1.55 81.30 26.38
C MET P 53 -2.15 79.94 25.99
N ILE P 54 -2.80 79.87 24.83
CA ILE P 54 -3.39 78.64 24.36
C ILE P 54 -2.31 77.57 24.15
N ARG P 55 -1.14 77.92 23.59
CA ARG P 55 -0.04 76.94 23.49
C ARG P 55 0.28 76.38 24.87
N VAL P 56 0.53 77.24 25.85
CA VAL P 56 0.94 76.81 27.20
C VAL P 56 -0.06 75.82 27.77
N VAL P 57 -1.34 76.17 27.71
CA VAL P 57 -2.43 75.30 28.19
C VAL P 57 -2.43 73.97 27.44
N THR P 58 -2.24 73.99 26.12
CA THR P 58 -2.32 72.81 25.26
C THR P 58 -1.04 71.98 25.19
N ASP P 59 0.06 72.42 25.82
CA ASP P 59 1.35 71.73 25.81
C ASP P 59 1.38 70.43 26.64
N LYS P 60 0.67 69.39 26.20
CA LYS P 60 0.46 68.12 26.92
C LYS P 60 1.75 67.52 27.50
N LYS P 61 2.82 67.48 26.70
CA LYS P 61 4.18 67.09 27.12
C LYS P 61 4.70 67.90 28.31
N TYR P 62 4.70 69.23 28.19
CA TYR P 62 5.14 70.10 29.28
C TYR P 62 4.20 70.01 30.50
N GLN P 63 2.90 69.74 30.31
CA GLN P 63 2.01 69.47 31.45
C GLN P 63 2.39 68.16 32.17
N ASP P 64 2.82 67.10 31.47
CA ASP P 64 3.36 65.89 32.12
C ASP P 64 4.57 66.19 33.01
N LYS P 65 5.46 67.05 32.51
CA LYS P 65 6.70 67.44 33.16
C LYS P 65 6.43 68.35 34.37
N LYS P 66 5.49 69.28 34.20
CA LYS P 66 4.99 70.18 35.25
C LYS P 66 4.47 69.37 36.42
N LEU P 67 3.61 68.38 36.16
CA LEU P 67 3.14 67.46 37.18
C LEU P 67 4.32 66.77 37.88
N LYS P 68 5.32 66.30 37.12
CA LYS P 68 6.50 65.64 37.70
C LYS P 68 7.21 66.48 38.75
N ASN P 69 7.31 67.80 38.55
CA ASN P 69 7.93 68.73 39.51
C ASN P 69 6.94 69.53 40.37
N ALA P 70 5.63 69.34 40.22
CA ALA P 70 4.62 70.10 40.96
C ALA P 70 4.70 69.88 42.48
N GLY P 71 5.19 68.70 42.91
CA GLY P 71 5.56 68.41 44.30
C GLY P 71 4.42 68.57 45.31
N SER P 72 4.79 68.86 46.55
CA SER P 72 3.86 69.10 47.67
C SER P 72 3.45 70.58 47.85
N ASP P 73 4.09 71.51 47.15
CA ASP P 73 3.98 72.94 47.44
C ASP P 73 2.60 73.53 47.08
N PRO P 74 1.81 74.05 48.05
CA PRO P 74 0.52 74.65 47.76
C PRO P 74 0.59 75.87 46.83
N GLU P 75 1.73 76.57 46.74
CA GLU P 75 1.90 77.64 45.75
C GLU P 75 2.02 77.09 44.31
N LYS P 76 2.67 75.94 44.11
CA LYS P 76 2.71 75.27 42.80
C LYS P 76 1.32 74.83 42.39
N ILE P 77 0.57 74.24 43.32
CA ILE P 77 -0.79 73.71 43.09
C ILE P 77 -1.78 74.83 42.72
N ALA P 78 -1.78 75.96 43.42
CA ALA P 78 -2.66 77.09 43.08
C ALA P 78 -2.35 77.70 41.71
N ASN P 79 -1.07 77.88 41.41
CA ASN P 79 -0.64 78.37 40.10
C ASN P 79 -0.83 77.33 38.97
N ALA P 80 -1.09 76.06 39.27
CA ALA P 80 -1.58 75.10 38.28
C ALA P 80 -3.05 75.37 37.88
N GLY P 81 -3.84 75.97 38.76
CA GLY P 81 -5.23 76.37 38.47
C GLY P 81 -5.35 77.74 37.78
N LYS P 82 -4.60 78.74 38.25
CA LYS P 82 -4.51 80.04 37.58
C LYS P 82 -3.92 79.90 36.18
N VAL P 83 -4.39 80.73 35.25
CA VAL P 83 -3.72 80.98 33.97
C VAL P 83 -3.55 82.48 33.77
N PHE P 84 -2.33 82.91 33.50
CA PHE P 84 -1.98 84.31 33.26
C PHE P 84 -1.95 84.66 31.78
N CYS P 85 -2.33 85.91 31.47
CA CYS P 85 -2.19 86.47 30.13
C CYS P 85 -1.79 87.95 30.20
N ARG P 86 -0.54 88.25 29.83
CA ARG P 86 -0.02 89.60 29.61
C ARG P 86 -0.61 90.17 28.32
N LEU P 87 -1.43 91.21 28.43
CA LEU P 87 -2.22 91.80 27.33
C LEU P 87 -2.02 93.32 27.27
N VAL P 88 -2.20 93.92 26.10
CA VAL P 88 -2.21 95.37 25.91
C VAL P 88 -3.53 95.99 26.36
N GLU P 89 -3.45 97.06 27.13
CA GLU P 89 -4.56 97.93 27.50
C GLU P 89 -4.18 99.41 27.23
N SER P 90 -5.10 100.21 26.70
CA SER P 90 -4.83 101.59 26.29
C SER P 90 -5.70 102.62 27.00
N THR P 91 -5.20 103.84 27.08
CA THR P 91 -5.87 105.01 27.68
C THR P 91 -5.22 106.29 27.18
N ALA P 92 -6.01 107.29 26.79
CA ALA P 92 -5.54 108.62 26.37
C ALA P 92 -4.48 108.58 25.23
N GLY P 93 -4.58 107.60 24.33
CA GLY P 93 -3.60 107.34 23.27
C GLY P 93 -2.33 106.61 23.73
N LYS P 94 -2.07 106.53 25.04
CA LYS P 94 -1.02 105.71 25.65
C LYS P 94 -1.44 104.26 25.83
N CYS P 95 -0.47 103.37 25.99
CA CYS P 95 -0.72 101.94 26.19
C CYS P 95 0.28 101.29 27.14
N SER P 96 -0.15 100.16 27.70
CA SER P 96 0.58 99.40 28.70
C SER P 96 0.12 97.94 28.66
N ALA P 97 0.84 97.09 29.39
CA ALA P 97 0.41 95.77 29.76
C ALA P 97 -0.65 95.77 30.89
N ARG P 98 -1.48 94.73 30.95
CA ARG P 98 -2.10 94.21 32.19
C ARG P 98 -1.98 92.70 32.25
N LEU P 99 -1.69 92.20 33.44
CA LEU P 99 -1.73 90.78 33.75
C LEU P 99 -3.20 90.36 33.93
N GLY P 100 -3.88 90.00 32.84
CA GLY P 100 -5.14 89.29 32.92
C GLY P 100 -4.93 87.93 33.60
N MET P 101 -5.91 87.47 34.38
CA MET P 101 -5.93 86.12 34.97
C MET P 101 -7.33 85.49 34.84
N ALA P 102 -7.37 84.22 34.47
CA ALA P 102 -8.56 83.38 34.42
C ALA P 102 -8.16 81.96 34.81
N LEU P 103 -9.07 81.16 35.31
CA LEU P 103 -8.74 79.78 35.66
C LEU P 103 -8.62 78.93 34.40
N LYS P 104 -7.80 77.89 34.41
CA LYS P 104 -7.72 76.93 33.29
C LYS P 104 -9.10 76.45 32.85
N PRO P 105 -10.02 76.07 33.76
CA PRO P 105 -11.39 75.77 33.40
C PRO P 105 -12.12 76.88 32.66
N ASN P 106 -11.83 78.16 32.90
CA ASN P 106 -12.42 79.25 32.11
C ASN P 106 -11.99 79.15 30.64
N VAL P 107 -10.70 78.95 30.40
CA VAL P 107 -10.13 78.78 29.05
C VAL P 107 -10.68 77.51 28.40
N GLU P 108 -10.68 76.40 29.14
CA GLU P 108 -11.24 75.14 28.69
C GLU P 108 -12.72 75.28 28.34
N ALA P 109 -13.50 76.04 29.10
CA ALA P 109 -14.90 76.28 28.80
C ALA P 109 -15.04 76.91 27.42
N VAL P 110 -14.39 78.04 27.18
CA VAL P 110 -14.45 78.68 25.86
C VAL P 110 -14.06 77.70 24.76
N LEU P 111 -12.96 76.97 24.94
CA LEU P 111 -12.47 76.04 23.94
C LEU P 111 -13.46 74.89 23.72
N THR P 112 -13.82 74.18 24.78
CA THR P 112 -14.78 73.08 24.70
C THR P 112 -16.14 73.55 24.21
N ASP P 113 -16.55 74.78 24.49
CA ASP P 113 -17.81 75.34 24.00
C ASP P 113 -17.81 75.50 22.50
N VAL P 114 -16.74 76.07 21.94
CA VAL P 114 -16.69 76.46 20.53
C VAL P 114 -16.22 75.32 19.60
N LEU P 115 -15.27 74.49 20.06
CA LEU P 115 -14.70 73.38 19.29
C LEU P 115 -15.27 72.00 19.68
N GLY P 116 -16.18 71.96 20.66
CA GLY P 116 -16.75 70.74 21.22
C GLY P 116 -15.98 70.22 22.44
N ASN P 117 -16.69 69.51 23.32
CA ASN P 117 -16.15 68.97 24.57
C ASN P 117 -14.90 68.10 24.32
N GLU P 118 -14.93 67.30 23.25
CA GLU P 118 -13.82 66.49 22.77
C GLU P 118 -12.74 67.34 22.10
N LEU P 119 -12.13 68.24 22.87
CA LEU P 119 -10.82 68.81 22.54
C LEU P 119 -9.76 67.70 22.41
N ASP P 120 -10.02 66.55 23.02
CA ASP P 120 -9.31 65.27 22.81
C ASP P 120 -9.29 64.80 21.33
N ARG P 121 -10.14 65.39 20.46
CA ARG P 121 -9.91 65.41 19.00
C ARG P 121 -8.71 66.31 18.69
N ALA P 122 -7.54 65.82 19.08
CA ALA P 122 -6.23 66.41 18.87
C ALA P 122 -6.06 67.00 17.46
N ALA P 123 -6.65 66.37 16.44
CA ALA P 123 -6.67 66.89 15.08
C ALA P 123 -7.33 68.28 15.00
N VAL P 124 -8.52 68.46 15.54
CA VAL P 124 -9.32 69.69 15.35
C VAL P 124 -8.67 70.88 16.03
N LEU P 125 -8.27 70.74 17.30
CA LEU P 125 -7.59 71.80 18.03
C LEU P 125 -6.15 71.97 17.51
N GLY P 126 -5.42 70.88 17.32
CA GLY P 126 -4.01 70.90 16.93
C GLY P 126 -3.76 71.44 15.53
N LYS P 127 -4.67 71.24 14.58
CA LYS P 127 -4.56 71.79 13.22
C LYS P 127 -4.47 73.32 13.30
N ARG P 128 -5.53 73.95 13.79
CA ARG P 128 -5.59 75.42 13.94
C ARG P 128 -4.50 75.96 14.87
N MET P 129 -4.20 75.27 15.97
CA MET P 129 -3.11 75.74 16.85
C MET P 129 -1.72 75.54 16.25
N GLY P 130 -1.51 74.53 15.41
CA GLY P 130 -0.28 74.36 14.65
C GLY P 130 -0.05 75.55 13.74
N PHE P 131 -1.10 76.01 13.05
CA PHE P 131 -1.02 77.18 12.18
C PHE P 131 -0.62 78.45 12.96
N SER P 132 -1.23 78.67 14.13
CA SER P 132 -0.87 79.77 15.04
C SER P 132 0.56 79.65 15.58
N ALA P 133 0.95 78.47 16.07
CA ALA P 133 2.29 78.22 16.59
C ALA P 133 3.34 78.41 15.50
N MET P 134 3.02 78.00 14.27
CA MET P 134 3.83 78.25 13.09
C MET P 134 3.97 79.75 12.89
N PHE P 135 2.88 80.54 12.86
CA PHE P 135 3.00 81.99 12.78
C PHE P 135 3.92 82.57 13.87
N LYS P 136 3.82 82.09 15.12
CA LYS P 136 4.73 82.54 16.19
C LYS P 136 6.16 82.15 15.89
N SER P 137 6.37 80.92 15.45
CA SER P 137 7.67 80.47 14.98
C SER P 137 8.21 81.34 13.87
N ASN P 138 7.37 81.75 12.89
CA ASN P 138 7.77 82.67 11.82
C ASN P 138 8.27 84.00 12.40
N LEU P 139 7.48 84.59 13.31
CA LEU P 139 7.79 85.90 13.88
C LEU P 139 9.06 85.84 14.74
N GLU P 140 9.22 84.80 15.55
CA GLU P 140 10.47 84.53 16.26
C GLU P 140 11.67 84.47 15.30
N GLU P 141 11.52 83.75 14.19
CA GLU P 141 12.57 83.54 13.22
C GLU P 141 13.04 84.85 12.61
N VAL P 142 12.10 85.69 12.18
CA VAL P 142 12.46 87.03 11.68
C VAL P 142 13.05 87.87 12.81
N LEU P 143 12.55 87.74 14.05
CA LEU P 143 13.02 88.55 15.17
C LEU P 143 14.49 88.29 15.49
N TYR P 144 14.83 87.07 15.91
CA TYR P 144 16.05 86.89 16.71
C TYR P 144 16.92 85.68 16.36
N GLN P 145 16.79 85.16 15.14
CA GLN P 145 17.68 84.10 14.58
C GLN P 145 17.86 82.89 15.52
N ARG P 146 16.84 82.66 16.36
CA ARG P 146 16.63 81.54 17.28
C ARG P 146 17.76 81.18 18.26
N GLY P 147 18.61 82.13 18.62
CA GLY P 147 19.85 81.89 19.37
C GLY P 147 19.71 80.95 20.58
N LYS P 148 18.86 81.27 21.55
CA LYS P 148 18.70 80.45 22.74
C LYS P 148 18.16 79.06 22.48
N ASN P 149 17.45 78.82 21.38
CA ASN P 149 17.11 77.47 20.95
C ASN P 149 18.27 76.77 20.23
N GLN P 150 19.00 77.46 19.33
CA GLN P 150 20.12 76.85 18.62
C GLN P 150 21.31 76.53 19.53
N LEU P 151 21.47 77.18 20.69
CA LEU P 151 22.44 76.71 21.70
C LEU P 151 22.15 75.26 22.15
N LYS P 152 20.89 74.83 22.10
CA LYS P 152 20.45 73.42 22.24
C LYS P 152 20.54 72.65 20.91
N LYS P 153 20.01 73.23 19.82
CA LYS P 153 19.83 72.55 18.50
C LYS P 153 21.06 72.56 17.57
N ARG P 154 22.15 73.17 18.00
CA ARG P 154 23.56 72.92 17.63
C ARG P 154 23.97 73.20 16.18
N ASN P 155 23.27 74.06 15.44
CA ASN P 155 23.55 74.30 14.02
C ASN P 155 23.49 75.77 13.59
N ALA P 156 24.19 76.11 12.50
CA ALA P 156 24.58 77.47 12.10
C ALA P 156 23.61 78.21 11.16
N ALA P 157 23.95 79.45 10.79
CA ALA P 157 23.03 80.42 10.20
C ALA P 157 22.38 79.96 8.88
N GLU P 158 23.13 79.35 7.98
CA GLU P 158 22.57 78.81 6.75
C GLU P 158 21.55 77.72 7.07
N THR P 159 21.87 76.80 7.99
CA THR P 159 20.90 75.78 8.42
C THR P 159 19.65 76.45 8.97
N PHE P 160 19.83 77.51 9.77
CA PHE P 160 18.73 78.29 10.32
C PHE P 160 17.84 78.85 9.19
N THR P 161 18.41 79.38 8.10
CA THR P 161 17.59 79.92 7.02
C THR P 161 16.66 78.89 6.41
N LEU P 162 17.12 77.66 6.24
CA LEU P 162 16.27 76.59 5.71
C LEU P 162 15.29 76.02 6.74
N SER P 163 15.42 76.40 8.00
CA SER P 163 14.65 75.81 9.08
C SER P 163 13.44 76.65 9.43
N GLN P 164 12.65 77.01 8.42
CA GLN P 164 11.42 77.77 8.64
C GLN P 164 10.43 76.93 9.47
N GLY P 165 9.93 77.48 10.58
CA GLY P 165 9.05 76.80 11.52
C GLY P 165 9.76 76.00 12.61
N ALA P 166 11.10 75.96 12.67
CA ALA P 166 11.79 75.18 13.71
C ALA P 166 11.80 75.80 15.12
N SER P 167 11.12 76.94 15.36
CA SER P 167 10.88 77.44 16.73
C SER P 167 9.75 76.69 17.44
N LEU P 168 8.94 75.92 16.71
CA LEU P 168 7.80 75.14 17.22
C LEU P 168 8.16 74.18 18.35
N GLU P 169 7.27 74.05 19.35
CA GLU P 169 7.28 72.88 20.23
C GLU P 169 7.08 71.59 19.42
N ALA P 170 7.75 70.52 19.86
CA ALA P 170 7.91 69.28 19.11
C ALA P 170 6.60 68.74 18.57
N ARG P 171 5.55 68.72 19.40
CA ARG P 171 4.22 68.21 19.06
C ARG P 171 3.63 68.82 17.80
N PHE P 172 3.94 70.07 17.51
CA PHE P 172 3.44 70.72 16.31
C PHE P 172 4.16 70.27 15.05
N ARG P 173 5.42 69.83 15.16
CA ARG P 173 6.26 69.54 13.99
C ARG P 173 5.64 68.43 13.11
N PRO P 174 5.08 67.35 13.69
CA PRO P 174 4.27 66.39 12.94
C PRO P 174 3.07 67.01 12.23
N ILE P 175 2.33 67.89 12.91
CA ILE P 175 1.11 68.53 12.36
C ILE P 175 1.45 69.38 11.14
N MET P 176 2.53 70.17 11.21
CA MET P 176 2.88 71.17 10.21
C MET P 176 3.61 70.64 8.97
N GLU P 177 3.61 69.32 8.73
CA GLU P 177 4.52 68.60 7.83
C GLU P 177 4.86 69.31 6.50
N LYS P 178 3.86 69.89 5.84
CA LYS P 178 3.96 70.44 4.49
C LYS P 178 4.74 71.75 4.42
N HIS P 179 4.60 72.61 5.41
CA HIS P 179 5.01 74.01 5.29
C HIS P 179 6.37 74.32 5.90
N LEU P 180 6.82 73.50 6.85
CA LEU P 180 8.13 73.66 7.48
C LEU P 180 9.25 73.64 6.42
N GLY P 181 10.21 74.56 6.55
CA GLY P 181 11.41 74.59 5.71
C GLY P 181 12.24 73.34 5.95
N VAL P 182 12.86 72.80 4.89
CA VAL P 182 13.51 71.47 4.92
C VAL P 182 14.50 71.35 6.08
N GLY P 183 15.19 72.45 6.37
CA GLY P 183 16.15 72.53 7.48
C GLY P 183 15.53 72.16 8.81
N THR P 184 14.26 72.46 9.03
CA THR P 184 13.54 72.13 10.25
C THR P 184 13.55 70.63 10.48
N VAL P 185 13.21 69.88 9.44
CA VAL P 185 13.23 68.41 9.48
C VAL P 185 14.66 67.93 9.67
N VAL P 186 15.59 68.48 8.91
CA VAL P 186 17.00 68.06 8.95
C VAL P 186 17.59 68.25 10.34
N ALA P 187 17.44 69.45 10.89
CA ALA P 187 17.87 69.79 12.23
C ALA P 187 17.25 68.84 13.24
N SER P 188 15.96 68.57 13.08
CA SER P 188 15.27 67.61 13.93
C SER P 188 15.98 66.25 13.87
N ILE P 189 16.23 65.71 12.68
CA ILE P 189 16.90 64.40 12.56
C ILE P 189 18.27 64.43 13.24
N LYS P 190 19.06 65.47 12.98
CA LYS P 190 20.41 65.58 13.54
C LYS P 190 20.35 65.62 15.07
N ASN P 191 19.38 66.35 15.61
CA ASN P 191 19.17 66.39 17.05
C ASN P 191 18.57 65.09 17.60
N ILE P 192 17.79 64.34 16.83
CA ILE P 192 17.31 63.02 17.25
C ILE P 192 18.50 62.07 17.46
N LEU P 193 19.51 62.10 16.59
CA LEU P 193 20.73 61.30 16.77
C LEU P 193 21.48 61.70 18.05
N ALA P 194 21.52 62.99 18.36
CA ALA P 194 22.05 63.45 19.65
C ALA P 194 21.20 62.93 20.82
N SER P 195 19.88 62.97 20.72
CA SER P 195 18.98 62.43 21.74
C SER P 195 19.20 60.93 21.97
N LYS P 196 19.47 60.15 20.92
CA LYS P 196 19.86 58.75 21.06
C LYS P 196 21.13 58.54 21.89
N LYS P 197 22.06 59.51 21.94
CA LYS P 197 23.13 59.51 22.94
C LYS P 197 22.64 60.00 24.30
N ASN P 198 22.01 61.17 24.33
CA ASN P 198 21.84 61.96 25.55
C ASN P 198 20.68 61.50 26.47
N GLY P 199 19.66 60.83 25.93
CA GLY P 199 18.51 60.35 26.71
C GLY P 199 17.53 61.45 27.17
N ASN P 200 17.67 62.67 26.66
CA ASN P 200 16.82 63.85 26.91
C ASN P 200 15.43 63.79 26.20
N TYR P 201 14.96 62.59 25.89
CA TYR P 201 13.84 62.34 24.99
C TYR P 201 13.13 61.03 25.32
N ARG P 202 11.88 60.91 24.90
CA ARG P 202 11.17 59.64 24.71
C ARG P 202 10.83 59.43 23.23
N ASN P 203 11.31 58.33 22.66
CA ASN P 203 10.93 57.89 21.31
C ASN P 203 9.46 57.38 21.26
N LYS P 204 8.84 57.32 20.07
CA LYS P 204 7.36 57.33 19.90
C LYS P 204 6.89 56.63 18.60
N MET P 205 5.58 56.41 18.44
CA MET P 205 4.95 55.87 17.22
C MET P 205 3.62 56.58 16.91
N VAL P 206 3.34 56.88 15.64
CA VAL P 206 2.16 57.62 15.16
C VAL P 206 1.62 57.08 13.81
N ARG P 207 0.40 57.50 13.44
CA ARG P 207 -0.32 57.18 12.19
C ARG P 207 -1.11 58.39 11.67
N LYS P 208 -1.22 58.56 10.33
CA LYS P 208 -1.83 59.76 9.69
C LYS P 208 -2.90 59.38 8.65
N PRO P 209 -4.19 59.35 9.01
CA PRO P 209 -5.31 59.09 8.09
C PRO P 209 -5.46 60.11 6.97
N GLY P 210 -6.11 59.69 5.88
CA GLY P 210 -6.21 60.44 4.62
C GLY P 210 -4.89 60.54 3.83
N GLY P 211 -3.73 60.36 4.50
CA GLY P 211 -2.39 60.29 3.90
C GLY P 211 -1.83 58.86 3.83
N ASN P 212 -1.45 58.31 4.99
CA ASN P 212 -0.90 56.95 5.11
C ASN P 212 -1.20 56.34 6.49
N ARG P 213 -1.89 55.19 6.49
CA ARG P 213 -2.20 54.37 7.68
C ARG P 213 -0.99 53.62 8.25
N GLU P 214 0.19 53.78 7.67
CA GLU P 214 1.45 53.32 8.28
C GLU P 214 1.63 53.86 9.71
N SER P 215 2.18 53.00 10.56
CA SER P 215 2.14 53.14 12.01
C SER P 215 3.55 53.00 12.55
N TRP P 216 4.20 54.13 12.78
CA TRP P 216 5.66 54.18 12.73
C TRP P 216 6.26 55.39 13.45
N SER P 217 7.58 55.39 13.64
CA SER P 217 8.30 56.27 14.55
C SER P 217 8.75 57.60 13.92
N PRO P 218 9.37 58.50 14.70
CA PRO P 218 10.05 59.66 14.18
C PRO P 218 11.01 59.32 13.04
N LEU P 219 11.70 58.19 13.08
CA LEU P 219 12.62 57.80 12.02
C LEU P 219 11.88 57.76 10.68
N GLU P 220 10.81 56.98 10.63
CA GLU P 220 9.99 56.88 9.43
C GLU P 220 9.31 58.21 9.11
N ARG P 221 8.74 58.87 10.12
CA ARG P 221 8.00 60.13 9.97
C ARG P 221 8.86 61.20 9.35
N GLU P 222 10.04 61.39 9.91
CA GLU P 222 11.02 62.33 9.39
C GLU P 222 11.41 61.93 7.98
N ILE P 223 11.79 60.68 7.74
CA ILE P 223 12.19 60.24 6.39
C ILE P 223 11.06 60.45 5.39
N SER P 224 9.82 60.22 5.81
CA SER P 224 8.65 60.44 4.97
C SER P 224 8.52 61.93 4.64
N PHE P 225 8.58 62.80 5.64
CA PHE P 225 8.50 64.23 5.41
C PHE P 225 9.65 64.68 4.50
N LEU P 226 10.84 64.14 4.71
CA LEU P 226 12.02 64.41 3.92
C LEU P 226 11.79 63.97 2.47
N ASN P 227 11.17 62.82 2.25
CA ASN P 227 10.83 62.38 0.91
C ASN P 227 9.80 63.30 0.28
N LYS P 228 8.80 63.75 1.05
CA LYS P 228 7.79 64.71 0.59
C LYS P 228 8.38 66.07 0.19
N LYS P 229 9.62 66.36 0.60
CA LYS P 229 10.32 67.62 0.31
C LYS P 229 11.42 67.51 -0.76
N LEU P 230 12.24 66.46 -0.73
CA LEU P 230 13.47 66.40 -1.53
C LEU P 230 13.20 66.38 -3.04
N PHE P 231 14.22 66.80 -3.79
CA PHE P 231 14.18 66.88 -5.24
C PHE P 231 14.08 65.49 -5.90
N PRO P 232 13.16 65.29 -6.86
CA PRO P 232 13.00 64.03 -7.56
C PRO P 232 14.30 63.53 -8.20
N GLY P 233 14.44 62.22 -8.42
CA GLY P 233 15.74 61.67 -8.78
C GLY P 233 16.69 61.68 -7.58
N PRO P 234 17.92 62.23 -7.69
CA PRO P 234 19.02 61.90 -6.80
C PRO P 234 18.70 62.13 -5.33
N MET P 235 18.07 63.26 -5.01
CA MET P 235 17.84 63.63 -3.61
C MET P 235 16.75 62.74 -3.00
N ARG P 236 15.64 62.49 -3.68
CA ARG P 236 14.69 61.48 -3.21
C ARG P 236 15.32 60.09 -3.18
N GLN P 237 16.24 59.76 -4.09
CA GLN P 237 16.91 58.45 -4.05
C GLN P 237 17.77 58.32 -2.79
N LEU P 238 18.47 59.40 -2.41
CA LEU P 238 19.17 59.47 -1.13
C LEU P 238 18.15 59.34 0.02
N CYS P 239 16.96 59.91 -0.14
CA CYS P 239 15.89 59.77 0.84
C CYS P 239 15.48 58.31 1.03
N LYS P 240 15.34 57.55 -0.06
CA LYS P 240 15.05 56.12 0.02
C LYS P 240 16.21 55.34 0.66
N LYS P 241 17.46 55.64 0.30
CA LYS P 241 18.66 55.02 0.91
C LYS P 241 18.74 55.23 2.41
N PHE P 242 18.13 56.29 2.92
CA PHE P 242 18.50 56.91 4.19
C PHE P 242 18.55 55.92 5.36
N GLU P 243 17.61 54.98 5.45
CA GLU P 243 17.58 53.96 6.52
C GLU P 243 18.83 53.07 6.56
N TYR P 244 19.58 53.03 5.47
CA TYR P 244 20.74 52.17 5.24
C TYR P 244 22.05 52.96 5.17
N LEU P 245 22.01 54.28 5.32
CA LEU P 245 23.18 55.08 5.70
C LEU P 245 23.57 54.77 7.15
N ASN P 246 24.85 54.75 7.49
CA ASN P 246 25.27 54.77 8.90
C ASN P 246 25.02 56.15 9.55
N GLU P 247 25.12 56.29 10.87
CA GLU P 247 24.74 57.53 11.55
C GLU P 247 25.57 58.75 11.09
N GLN P 248 26.90 58.60 10.95
CA GLN P 248 27.72 59.69 10.43
C GLN P 248 27.39 59.94 8.96
N GLU P 249 27.19 58.91 8.16
CA GLU P 249 26.72 59.06 6.79
C GLU P 249 25.40 59.82 6.74
N LYS P 250 24.47 59.56 7.65
CA LYS P 250 23.24 60.33 7.78
C LYS P 250 23.58 61.79 8.04
N GLN P 251 24.42 62.09 9.03
CA GLN P 251 24.78 63.48 9.30
C GLN P 251 25.44 64.15 8.09
N LEU P 252 26.36 63.47 7.43
CA LEU P 252 27.07 63.98 6.26
C LEU P 252 26.09 64.24 5.11
N ALA P 253 25.22 63.27 4.84
CA ALA P 253 24.20 63.36 3.83
C ALA P 253 23.27 64.53 4.13
N LEU P 254 22.78 64.62 5.37
CA LEU P 254 21.94 65.71 5.80
C LEU P 254 22.62 67.04 5.53
N ASN P 255 23.89 67.17 5.89
CA ASN P 255 24.63 68.40 5.63
C ASN P 255 24.63 68.70 4.13
N LEU P 256 25.05 67.76 3.29
CA LEU P 256 25.18 68.08 1.88
C LEU P 256 23.81 68.33 1.25
N MET P 257 22.78 67.58 1.63
CA MET P 257 21.42 67.81 1.14
C MET P 257 20.93 69.18 1.58
N LEU P 258 21.23 69.56 2.80
CA LEU P 258 20.85 70.85 3.31
C LEU P 258 21.53 71.95 2.51
N ASP P 259 22.84 71.81 2.27
CA ASP P 259 23.57 72.73 1.42
C ASP P 259 22.97 72.80 0.02
N ALA P 260 22.69 71.64 -0.58
CA ALA P 260 22.09 71.56 -1.89
C ALA P 260 20.75 72.29 -1.90
N SER P 261 19.97 72.16 -0.83
CA SER P 261 18.70 72.85 -0.66
C SER P 261 18.86 74.37 -0.60
N LEU P 262 20.04 74.91 -0.26
CA LEU P 262 20.28 76.34 -0.39
C LEU P 262 20.09 76.80 -1.85
N ILE P 263 20.46 75.98 -2.84
CA ILE P 263 20.21 76.27 -4.26
C ILE P 263 18.91 75.63 -4.72
N LEU P 264 18.79 74.32 -4.56
CA LEU P 264 17.71 73.50 -5.10
C LEU P 264 16.41 73.81 -4.38
N LYS P 265 15.34 74.08 -5.15
CA LYS P 265 14.01 74.43 -4.61
C LYS P 265 12.91 73.42 -5.01
N PRO P 266 13.01 72.13 -4.72
CA PRO P 266 11.89 71.20 -4.92
C PRO P 266 10.69 71.57 -4.02
N GLN P 267 9.59 70.80 -4.11
CA GLN P 267 8.32 71.12 -3.45
C GLN P 267 8.41 71.34 -1.92
N VAL P 268 8.22 72.60 -1.49
CA VAL P 268 8.14 73.05 -0.08
C VAL P 268 6.99 74.05 0.05
N THR P 269 6.14 73.92 1.07
CA THR P 269 4.80 74.50 0.94
C THR P 269 4.72 75.87 1.59
N HIS P 270 4.36 76.89 0.84
CA HIS P 270 4.02 78.20 1.39
C HIS P 270 2.79 78.06 2.32
N LYS P 271 2.55 79.04 3.20
CA LYS P 271 1.22 79.26 3.80
C LYS P 271 1.05 80.73 4.18
N MET P 272 -0.19 81.22 4.26
CA MET P 272 -0.51 82.44 5.01
C MET P 272 -1.13 82.09 6.37
N ILE P 273 -0.74 82.80 7.42
CA ILE P 273 -1.46 82.85 8.69
C ILE P 273 -1.47 84.30 9.14
N MET P 274 -2.56 85.02 8.87
CA MET P 274 -2.79 86.28 9.55
C MET P 274 -3.14 86.02 11.03
N PRO P 275 -2.75 86.92 11.95
CA PRO P 275 -3.24 86.96 13.34
C PRO P 275 -4.76 86.84 13.50
N TRP P 276 -5.20 86.18 14.56
CA TRP P 276 -6.61 86.08 14.93
C TRP P 276 -7.23 87.46 15.15
N SER P 277 -6.52 88.42 15.73
CA SER P 277 -7.04 89.79 15.83
C SER P 277 -7.20 90.45 14.46
N MET P 278 -6.44 90.06 13.44
CA MET P 278 -6.66 90.51 12.07
C MET P 278 -7.89 89.83 11.48
N TRP P 279 -8.14 88.55 11.78
CA TRP P 279 -9.43 87.97 11.44
C TRP P 279 -10.57 88.67 12.15
N LEU P 280 -10.43 89.01 13.43
CA LEU P 280 -11.42 89.85 14.11
C LEU P 280 -11.56 91.19 13.40
N ALA P 281 -10.45 91.80 13.00
CA ALA P 281 -10.49 93.07 12.29
C ALA P 281 -11.29 92.92 11.01
N VAL P 282 -11.10 91.82 10.27
CA VAL P 282 -11.91 91.51 9.09
C VAL P 282 -13.40 91.46 9.46
N LYS P 283 -13.77 90.79 10.55
CA LYS P 283 -15.18 90.77 11.00
C LYS P 283 -15.68 92.19 11.25
N LYS P 284 -15.03 92.94 12.13
CA LYS P 284 -15.48 94.29 12.45
C LYS P 284 -15.44 95.21 11.24
N TYR P 285 -14.51 95.01 10.33
CA TYR P 285 -14.48 95.74 9.07
C TYR P 285 -15.74 95.43 8.28
N ALA P 286 -16.06 94.15 8.10
CA ALA P 286 -17.28 93.75 7.42
C ALA P 286 -18.47 94.43 8.09
N GLU P 287 -18.53 94.39 9.42
CA GLU P 287 -19.58 95.06 10.17
C GLU P 287 -19.61 96.56 9.84
N MET P 288 -18.48 97.26 9.93
CA MET P 288 -18.45 98.70 9.69
C MET P 288 -18.68 99.06 8.22
N ASN P 289 -18.56 98.10 7.32
CA ASN P 289 -18.90 98.24 5.92
C ASN P 289 -20.39 97.97 5.61
N LYS P 290 -21.22 97.65 6.61
CA LYS P 290 -22.66 97.46 6.47
C LYS P 290 -23.07 96.40 5.43
N GLY P 291 -22.55 95.18 5.56
CA GLY P 291 -23.14 93.98 4.94
C GLY P 291 -22.69 93.63 3.52
N SER P 292 -21.39 93.78 3.22
CA SER P 292 -20.80 93.43 1.91
C SER P 292 -19.48 92.61 1.94
N PRO P 293 -18.49 92.84 2.83
CA PRO P 293 -17.31 92.00 2.91
C PRO P 293 -17.61 90.64 3.59
N SER P 294 -17.43 89.54 2.87
CA SER P 294 -17.82 88.19 3.34
C SER P 294 -16.61 87.29 3.59
N LEU P 295 -16.49 86.76 4.80
CA LEU P 295 -15.33 85.99 5.24
C LEU P 295 -15.07 84.74 4.40
N GLU P 296 -16.10 84.08 3.89
CA GLU P 296 -15.90 82.93 3.01
C GLU P 296 -15.14 83.32 1.75
N ASP P 297 -15.32 84.55 1.27
CA ASP P 297 -14.56 85.07 0.14
C ASP P 297 -13.05 85.12 0.42
N LEU P 298 -12.67 85.18 1.70
CA LEU P 298 -11.30 85.27 2.19
C LEU P 298 -10.77 83.93 2.76
N ALA P 299 -11.62 82.90 2.84
CA ALA P 299 -11.40 81.71 3.64
C ALA P 299 -10.53 80.63 2.95
N ALA P 300 -9.26 80.90 2.66
CA ALA P 300 -8.32 79.93 2.06
C ALA P 300 -6.87 80.08 2.55
N TYR P 301 -6.14 78.96 2.59
CA TYR P 301 -4.71 78.91 2.98
C TYR P 301 -3.76 79.18 1.81
N SER P 302 -4.31 79.61 0.68
CA SER P 302 -3.64 79.73 -0.60
C SER P 302 -4.42 80.71 -1.49
N GLY P 303 -3.78 81.22 -2.54
CA GLY P 303 -4.42 82.08 -3.54
C GLY P 303 -4.66 83.52 -3.08
N VAL P 304 -5.04 84.35 -4.05
CA VAL P 304 -5.12 85.82 -3.93
C VAL P 304 -6.05 86.32 -2.82
N ARG P 305 -6.98 85.48 -2.39
CA ARG P 305 -7.83 85.70 -1.22
C ARG P 305 -7.01 86.10 0.01
N ALA P 306 -5.79 85.58 0.14
CA ALA P 306 -4.87 86.00 1.18
C ALA P 306 -4.45 87.48 1.07
N PHE P 307 -4.09 87.96 -0.11
CA PHE P 307 -3.76 89.38 -0.30
C PHE P 307 -4.99 90.27 -0.11
N MET P 308 -6.18 89.81 -0.53
CA MET P 308 -7.43 90.48 -0.20
C MET P 308 -7.52 90.70 1.30
N ALA P 309 -7.34 89.65 2.11
CA ALA P 309 -7.46 89.71 3.56
C ALA P 309 -6.40 90.63 4.18
N PHE P 310 -5.14 90.51 3.78
CA PHE P 310 -4.10 91.34 4.35
C PHE P 310 -4.33 92.81 4.02
N ASN P 311 -4.53 93.16 2.75
CA ASN P 311 -4.83 94.54 2.40
C ASN P 311 -6.10 95.03 3.08
N THR P 312 -7.09 94.16 3.27
CA THR P 312 -8.26 94.53 4.07
C THR P 312 -7.81 94.94 5.47
N ALA P 313 -6.99 94.13 6.12
CA ALA P 313 -6.44 94.50 7.42
C ALA P 313 -5.68 95.83 7.33
N CYS P 314 -5.06 96.11 6.20
CA CYS P 314 -4.34 97.35 5.97
C CYS P 314 -5.19 98.60 5.96
N TYR P 315 -6.52 98.51 5.98
CA TYR P 315 -7.33 99.71 6.14
C TYR P 315 -7.07 100.38 7.49
N MET P 316 -7.47 99.75 8.60
CA MET P 316 -7.57 100.42 9.91
C MET P 316 -7.12 99.57 11.11
N SER P 317 -6.42 98.45 10.92
CA SER P 317 -6.00 97.58 12.05
C SER P 317 -4.98 98.29 12.97
N LYS P 318 -4.90 97.95 14.26
CA LYS P 318 -4.10 98.69 15.25
C LYS P 318 -3.15 97.82 16.06
N PHE P 319 -2.04 98.42 16.46
CA PHE P 319 -0.92 97.76 17.10
C PHE P 319 -0.10 98.80 17.86
N THR P 320 0.77 98.34 18.76
CA THR P 320 1.59 99.24 19.60
C THR P 320 2.78 99.81 18.84
N ILE P 321 3.18 101.00 19.24
CA ILE P 321 4.50 101.57 19.00
C ILE P 321 5.14 101.85 20.36
N GLY P 322 6.18 101.09 20.68
CA GLY P 322 7.16 101.50 21.68
C GLY P 322 8.17 102.45 21.04
N LYS P 323 8.64 103.46 21.78
CA LYS P 323 9.76 104.31 21.33
C LYS P 323 11.07 103.51 21.25
N GLY P 324 11.25 102.55 22.15
CA GLY P 324 12.38 101.60 22.18
C GLY P 324 12.34 100.59 21.03
N ILE P 325 13.33 99.71 20.97
CA ILE P 325 13.66 98.98 19.75
C ILE P 325 14.10 97.56 20.03
N VAL P 326 13.78 96.64 19.13
CA VAL P 326 14.59 95.43 18.93
C VAL P 326 15.79 95.87 18.10
N GLY P 327 16.74 96.52 18.77
CA GLY P 327 17.94 97.11 18.19
C GLY P 327 18.90 97.64 19.26
N ASP P 328 20.05 98.21 18.86
CA ASP P 328 21.10 98.59 19.81
C ASP P 328 21.85 99.89 19.45
N ALA P 329 22.17 100.11 18.16
CA ALA P 329 22.78 101.34 17.67
C ALA P 329 21.78 102.51 17.62
N GLU P 330 22.26 103.74 17.41
CA GLU P 330 21.42 104.95 17.35
C GLU P 330 20.54 105.05 16.08
N ILE P 331 20.84 104.28 15.03
CA ILE P 331 19.99 104.19 13.82
C ILE P 331 18.73 103.35 14.08
N MET P 332 17.55 103.92 13.80
CA MET P 332 16.24 103.28 13.99
C MET P 332 15.19 103.82 13.02
N GLU P 333 14.09 103.08 12.83
CA GLU P 333 13.11 103.34 11.77
C GLU P 333 11.70 102.78 12.07
N ASN P 334 10.72 103.28 11.30
CA ASN P 334 9.31 103.45 11.65
C ASN P 334 8.39 102.21 11.68
N GLY P 335 7.12 102.47 11.99
CA GLY P 335 6.05 101.49 12.00
C GLY P 335 5.85 100.75 10.68
N ASN P 336 6.15 101.35 9.53
CA ASN P 336 6.08 100.59 8.28
C ASN P 336 7.08 99.43 8.31
N ASP P 337 8.19 99.52 9.03
CA ASP P 337 9.05 98.36 9.22
C ASP P 337 8.36 97.29 10.07
N LYS P 338 7.61 97.66 11.10
CA LYS P 338 6.73 96.68 11.77
C LYS P 338 5.77 96.09 10.74
N MET P 339 5.21 96.92 9.86
CA MET P 339 4.28 96.46 8.86
C MET P 339 4.94 95.43 7.95
N GLN P 340 6.18 95.68 7.53
CA GLN P 340 6.96 94.67 6.81
C GLN P 340 7.10 93.42 7.67
N THR P 341 7.47 93.54 8.93
CA THR P 341 7.71 92.37 9.77
C THR P 341 6.46 91.52 9.87
N LEU P 342 5.33 92.17 10.10
CA LEU P 342 4.03 91.51 10.14
C LEU P 342 3.82 90.75 8.84
N ALA P 343 4.00 91.42 7.70
CA ALA P 343 3.82 90.79 6.42
C ALA P 343 4.73 89.56 6.26
N MET P 344 6.00 89.70 6.64
CA MET P 344 6.96 88.62 6.58
C MET P 344 6.44 87.45 7.38
N ALA P 345 6.05 87.69 8.63
CA ALA P 345 5.53 86.64 9.47
C ALA P 345 4.23 86.05 8.88
N CYS P 346 3.37 86.88 8.30
CA CYS P 346 2.06 86.44 7.83
C CYS P 346 2.16 85.54 6.60
N PHE P 347 3.00 85.89 5.63
CA PHE P 347 3.13 85.14 4.38
C PHE P 347 4.34 84.20 4.34
N GLY P 348 5.19 84.19 5.38
CA GLY P 348 6.42 83.37 5.40
C GLY P 348 7.53 83.86 4.44
N LEU P 349 7.65 85.19 4.27
CA LEU P 349 8.52 85.80 3.25
C LEU P 349 10.03 85.74 3.55
N ALA P 350 10.45 85.20 4.70
CA ALA P 350 11.81 85.35 5.23
C ALA P 350 12.92 84.92 4.25
N TYR P 351 12.62 84.03 3.30
CA TYR P 351 13.56 83.60 2.26
C TYR P 351 13.03 83.81 0.84
N GLU P 352 11.92 84.53 0.72
CA GLU P 352 11.40 85.05 -0.53
C GLU P 352 12.31 86.16 -1.08
N ASP P 353 12.19 86.50 -2.36
CA ASP P 353 12.92 87.64 -2.94
C ASP P 353 12.40 89.00 -2.41
N THR P 354 13.30 89.74 -1.77
CA THR P 354 13.08 91.13 -1.38
C THR P 354 12.64 92.01 -2.55
N GLY P 355 13.16 91.81 -3.76
CA GLY P 355 12.77 92.63 -4.92
C GLY P 355 11.32 92.41 -5.30
N ILE P 356 10.93 91.15 -5.44
CA ILE P 356 9.53 90.73 -5.61
C ILE P 356 8.69 91.40 -4.54
N VAL P 357 9.07 91.25 -3.27
CA VAL P 357 8.27 91.80 -2.19
C VAL P 357 8.24 93.33 -2.30
N ALA P 358 9.36 93.98 -2.65
CA ALA P 358 9.44 95.42 -2.76
C ALA P 358 8.45 95.96 -3.79
N ALA P 359 8.30 95.27 -4.91
CA ALA P 359 7.31 95.63 -5.89
C ALA P 359 5.87 95.38 -5.39
N MET P 360 5.58 94.28 -4.70
CA MET P 360 4.22 93.95 -4.24
C MET P 360 3.76 94.92 -3.14
N ILE P 361 4.54 95.01 -2.06
CA ILE P 361 4.39 96.07 -1.07
C ILE P 361 4.62 97.45 -1.67
N SER P 362 5.07 97.52 -2.92
CA SER P 362 5.18 98.76 -3.69
C SER P 362 6.06 99.83 -3.01
N GLN P 363 7.06 99.39 -2.23
CA GLN P 363 8.07 100.15 -1.45
C GLN P 363 9.37 99.32 -1.34
N PRO P 364 10.56 99.92 -1.16
CA PRO P 364 11.83 99.18 -1.13
C PRO P 364 11.91 98.13 0.00
N MET P 365 12.59 97.02 -0.25
CA MET P 365 12.82 95.94 0.73
C MET P 365 14.27 95.80 1.21
N LYS P 366 14.47 94.99 2.26
CA LYS P 366 15.57 95.10 3.22
C LYS P 366 16.14 93.75 3.68
N LYS P 367 17.34 93.80 4.26
CA LYS P 367 18.01 92.71 5.01
C LYS P 367 18.13 93.05 6.48
N ARG P 368 18.52 92.12 7.34
CA ARG P 368 18.49 92.30 8.80
C ARG P 368 19.30 93.50 9.25
N TYR P 369 20.42 93.80 8.60
CA TYR P 369 21.21 94.97 8.95
C TYR P 369 20.39 96.25 8.88
N GLN P 370 19.33 96.25 8.09
CA GLN P 370 18.39 97.34 7.95
C GLN P 370 17.08 97.14 8.73
N LEU P 371 16.61 95.90 8.98
CA LEU P 371 15.28 95.66 9.59
C LEU P 371 15.21 96.12 11.06
N ARG P 372 14.19 96.92 11.41
CA ARG P 372 13.84 97.33 12.79
C ARG P 372 12.40 96.92 13.14
N VAL P 373 12.14 96.55 14.39
CA VAL P 373 10.81 96.21 14.93
C VAL P 373 10.79 96.28 16.47
N GLY P 374 9.60 96.23 17.07
CA GLY P 374 9.39 96.00 18.52
C GLY P 374 9.23 94.51 18.88
N ASN P 375 9.08 94.22 20.17
CA ASN P 375 9.06 92.85 20.72
C ASN P 375 7.69 92.13 20.66
N PHE P 376 6.61 92.83 20.31
CA PHE P 376 5.22 92.34 20.41
C PHE P 376 4.78 91.88 21.83
N ASN P 377 5.42 92.34 22.92
CA ASN P 377 5.16 91.90 24.30
C ASN P 377 4.67 93.07 25.18
N PRO P 378 3.46 93.03 25.79
CA PRO P 378 2.77 94.26 26.24
C PRO P 378 3.57 95.15 27.18
N PRO P 379 3.48 96.48 27.07
CA PRO P 379 4.59 97.33 27.48
C PRO P 379 4.43 97.96 28.86
N GLU P 380 5.47 98.57 29.41
CA GLU P 380 5.31 99.46 30.56
C GLU P 380 4.54 100.73 30.17
N LYS P 381 4.98 101.40 29.09
CA LYS P 381 4.41 102.61 28.47
C LYS P 381 4.63 102.58 26.96
N GLY P 382 3.80 103.25 26.19
CA GLY P 382 3.92 103.34 24.73
C GLY P 382 2.71 104.02 24.10
N THR P 383 2.60 104.03 22.77
CA THR P 383 1.50 104.68 22.02
C THR P 383 0.89 103.74 20.97
N ILE P 384 -0.40 103.86 20.63
CA ILE P 384 -1.04 103.03 19.59
C ILE P 384 -0.76 103.60 18.20
N LYS P 385 -0.70 102.75 17.18
CA LYS P 385 -0.75 103.16 15.77
C LYS P 385 -1.62 102.22 14.96
N GLY P 386 -2.13 102.75 13.85
CA GLY P 386 -2.96 102.05 12.86
C GLY P 386 -2.29 101.86 11.49
N THR P 387 -2.82 100.96 10.66
CA THR P 387 -2.22 100.52 9.38
C THR P 387 -2.13 101.59 8.29
N SER P 388 -1.02 101.56 7.54
CA SER P 388 -0.87 102.25 6.25
C SER P 388 -1.74 101.57 5.17
N ALA P 389 -2.45 102.36 4.36
CA ALA P 389 -3.49 101.85 3.46
C ALA P 389 -3.00 100.91 2.34
N GLY P 390 -3.76 99.85 2.04
CA GLY P 390 -3.66 99.03 0.80
C GLY P 390 -2.33 98.29 0.56
N TYR P 391 -1.51 98.16 1.59
CA TYR P 391 -0.04 98.06 1.54
C TYR P 391 0.58 97.21 0.41
N PHE P 392 0.10 96.00 0.13
CA PHE P 392 0.51 95.25 -1.06
C PHE P 392 -0.17 95.85 -2.28
N HIS P 393 0.23 97.06 -2.70
CA HIS P 393 -0.49 97.75 -3.78
C HIS P 393 -0.34 97.02 -5.11
N LYS P 394 0.63 96.11 -5.18
CA LYS P 394 0.66 95.00 -6.13
C LYS P 394 0.61 93.67 -5.36
N TRP P 395 0.00 92.65 -5.96
CA TRP P 395 -0.10 91.26 -5.46
C TRP P 395 0.70 90.29 -6.36
N ALA P 396 0.64 88.99 -6.09
CA ALA P 396 1.12 87.95 -7.00
C ALA P 396 0.50 86.55 -6.73
N GLU P 397 0.59 85.66 -7.72
CA GLU P 397 0.22 84.24 -7.58
C GLU P 397 1.28 83.45 -6.78
N PHE P 398 0.86 82.71 -5.73
CA PHE P 398 1.72 81.91 -4.86
C PHE P 398 2.24 80.62 -5.55
N GLY P 399 3.09 79.85 -4.86
CA GLY P 399 3.74 78.66 -5.43
C GLY P 399 4.69 78.00 -4.44
N ASN P 400 5.21 76.83 -4.83
CA ASN P 400 5.80 75.87 -3.89
C ASN P 400 7.04 75.14 -4.39
N ARG P 401 7.53 75.41 -5.61
CA ARG P 401 8.72 74.73 -6.17
C ARG P 401 9.41 75.52 -7.28
N LEU P 402 10.61 75.09 -7.62
CA LEU P 402 11.43 75.74 -8.67
C LEU P 402 10.67 75.78 -9.99
N PRO P 403 11.06 76.62 -10.97
CA PRO P 403 10.37 76.71 -12.26
C PRO P 403 10.42 75.40 -13.06
N PHE P 404 11.63 74.85 -13.25
CA PHE P 404 11.79 73.59 -14.04
C PHE P 404 12.69 72.61 -13.26
N ASN P 405 12.93 72.87 -11.97
CA ASN P 405 13.77 71.98 -11.13
C ASN P 405 15.11 71.74 -11.83
N SER P 406 15.20 70.65 -12.62
CA SER P 406 16.44 70.31 -13.36
C SER P 406 16.09 69.74 -14.73
N PHE P 407 17.06 69.70 -15.65
CA PHE P 407 16.84 69.17 -17.02
C PHE P 407 16.55 67.66 -16.94
N GLY P 408 15.47 67.23 -17.59
CA GLY P 408 15.07 65.80 -17.59
C GLY P 408 15.34 65.14 -18.92
N THR P 409 14.88 63.91 -19.09
CA THR P 409 15.03 63.10 -20.32
C THR P 409 14.23 63.68 -21.47
N GLY P 410 14.34 63.07 -22.66
CA GLY P 410 13.21 63.08 -23.60
C GLY P 410 11.94 62.61 -22.90
N GLU P 411 10.80 63.19 -23.25
CA GLU P 411 9.53 62.98 -22.54
C GLU P 411 8.88 61.63 -22.88
N SER P 412 9.06 61.11 -24.09
CA SER P 412 8.46 59.84 -24.54
C SER P 412 9.21 59.19 -25.70
N LYS P 413 9.71 59.99 -26.66
CA LYS P 413 10.51 59.53 -27.83
C LYS P 413 11.97 59.21 -27.47
N GLN P 414 12.74 58.79 -28.48
CA GLN P 414 14.17 58.41 -28.39
C GLN P 414 14.47 57.17 -27.51
N ILE P 415 13.45 56.33 -27.27
CA ILE P 415 13.58 54.99 -26.65
C ILE P 415 13.86 53.92 -27.73
N SER P 416 14.13 52.67 -27.35
CA SER P 416 14.42 51.58 -28.30
C SER P 416 13.27 51.34 -29.28
N ASN P 417 13.44 51.77 -30.54
CA ASN P 417 12.35 51.89 -31.53
C ASN P 417 11.69 50.53 -31.83
N SER P 418 10.36 50.51 -31.98
CA SER P 418 9.64 49.34 -32.52
C SER P 418 9.59 49.39 -34.06
N GLY P 419 9.36 48.24 -34.69
CA GLY P 419 9.30 48.11 -36.14
C GLY P 419 8.26 47.07 -36.57
N VAL P 420 7.08 47.52 -36.96
CA VAL P 420 6.09 46.72 -37.68
C VAL P 420 6.58 46.46 -39.10
N PHE P 421 7.00 47.49 -39.83
CA PHE P 421 7.31 47.33 -41.25
C PHE P 421 8.68 46.68 -41.49
N ALA P 422 8.69 45.68 -42.37
CA ALA P 422 9.87 44.89 -42.72
C ALA P 422 10.85 45.70 -43.60
N VAL P 423 11.58 46.64 -43.00
CA VAL P 423 12.48 47.56 -43.70
C VAL P 423 13.82 47.70 -42.96
N GLN P 424 14.93 47.50 -43.68
CA GLN P 424 16.28 47.66 -43.12
C GLN P 424 16.50 49.09 -42.63
N ARG P 425 17.01 49.25 -41.39
CA ARG P 425 16.89 50.51 -40.63
C ARG P 425 18.06 50.81 -39.67
N PRO P 426 18.43 52.10 -39.50
CA PRO P 426 19.07 52.60 -38.29
C PRO P 426 18.14 52.57 -37.06
N SER P 427 18.66 52.94 -35.88
CA SER P 427 17.86 53.11 -34.65
C SER P 427 18.45 54.19 -33.73
N THR P 428 17.60 54.88 -32.97
CA THR P 428 18.00 55.76 -31.84
C THR P 428 18.38 54.90 -30.63
N THR P 429 19.48 54.13 -30.73
CA THR P 429 19.85 53.10 -29.75
C THR P 429 20.15 53.74 -28.38
N ASN P 430 19.44 53.31 -27.33
CA ASN P 430 19.44 53.96 -26.00
C ASN P 430 19.38 52.93 -24.85
N ILE P 431 19.98 51.75 -25.05
CA ILE P 431 19.97 50.62 -24.10
C ILE P 431 20.57 51.01 -22.75
N GLN P 432 21.53 51.94 -22.74
CA GLN P 432 22.24 52.41 -21.56
C GLN P 432 21.31 53.09 -20.54
N ARG P 433 20.51 54.09 -20.97
CA ARG P 433 19.51 54.73 -20.09
C ARG P 433 18.32 53.81 -19.79
N LEU P 434 17.96 52.90 -20.71
CA LEU P 434 16.97 51.86 -20.44
C LEU P 434 17.43 50.97 -19.26
N ALA P 435 18.69 50.52 -19.25
CA ALA P 435 19.27 49.79 -18.13
C ALA P 435 19.35 50.62 -16.83
N GLU P 436 19.59 51.94 -16.91
CA GLU P 436 19.42 52.83 -15.74
C GLU P 436 17.98 52.79 -15.20
N LEU P 437 16.96 52.95 -16.04
CA LEU P 437 15.56 52.87 -15.60
C LEU P 437 15.25 51.52 -14.91
N MET P 438 15.74 50.41 -15.48
CA MET P 438 15.66 49.09 -14.81
C MET P 438 16.38 49.10 -13.46
N ALA P 439 17.61 49.65 -13.37
CA ALA P 439 18.35 49.72 -12.13
C ALA P 439 17.62 50.54 -11.05
N ARG P 440 17.03 51.69 -11.41
CA ARG P 440 16.26 52.51 -10.47
C ARG P 440 14.96 51.83 -10.02
N ASN P 441 14.22 51.16 -10.91
CA ASN P 441 12.97 50.47 -10.53
C ASN P 441 13.20 49.12 -9.82
N THR P 442 14.35 48.47 -10.02
CA THR P 442 14.78 47.28 -9.24
C THR P 442 15.42 47.64 -7.89
N GLY P 443 15.68 48.92 -7.60
CA GLY P 443 16.19 49.39 -6.32
C GLY P 443 17.71 49.24 -6.14
N GLU P 444 18.50 49.50 -7.19
CA GLU P 444 19.95 49.35 -7.15
C GLU P 444 20.60 50.14 -5.98
N THR P 445 21.54 49.48 -5.30
CA THR P 445 21.97 49.83 -3.92
C THR P 445 23.50 49.97 -3.76
N SER P 446 24.30 49.48 -4.71
CA SER P 446 25.78 49.59 -4.62
C SER P 446 26.23 50.99 -5.09
N ASP P 447 27.07 51.65 -4.28
CA ASP P 447 27.62 53.00 -4.58
C ASP P 447 26.48 54.02 -4.70
N ASN P 448 25.92 54.47 -3.57
CA ASN P 448 24.81 55.45 -3.57
C ASN P 448 25.28 56.76 -2.94
N PHE P 449 25.80 56.70 -1.70
CA PHE P 449 26.28 57.90 -0.97
C PHE P 449 27.14 58.76 -1.90
N THR P 450 28.36 58.28 -2.21
CA THR P 450 29.29 59.01 -3.09
C THR P 450 28.62 59.33 -4.43
N GLN P 451 27.95 58.34 -5.04
CA GLN P 451 27.27 58.52 -6.35
C GLN P 451 26.36 59.75 -6.29
N LEU P 452 25.53 59.84 -5.25
CA LEU P 452 24.62 60.96 -5.09
C LEU P 452 25.37 62.21 -4.65
N VAL P 453 26.46 62.11 -3.88
CA VAL P 453 27.34 63.26 -3.63
C VAL P 453 27.82 63.83 -4.94
N GLN P 454 28.33 62.99 -5.83
CA GLN P 454 28.76 63.43 -7.14
C GLN P 454 27.59 64.01 -7.92
N LYS P 455 26.44 63.34 -7.93
CA LYS P 455 25.27 63.84 -8.64
C LYS P 455 24.87 65.21 -8.13
N ILE P 456 24.97 65.45 -6.82
CA ILE P 456 24.72 66.77 -6.26
C ILE P 456 25.72 67.76 -6.81
N ARG P 457 27.02 67.43 -6.78
CA ARG P 457 28.06 68.33 -7.31
C ARG P 457 27.75 68.75 -8.73
N GLU P 458 27.51 67.77 -9.61
CA GLU P 458 27.28 68.08 -11.01
C GLU P 458 25.89 68.70 -11.24
N GLN P 459 24.87 68.34 -10.46
CA GLN P 459 23.56 68.97 -10.56
C GLN P 459 23.66 70.45 -10.23
N VAL P 460 24.43 70.81 -9.19
CA VAL P 460 24.67 72.20 -8.88
C VAL P 460 25.26 72.91 -10.07
N GLY P 461 26.28 72.34 -10.71
CA GLY P 461 26.85 72.92 -11.93
C GLY P 461 25.81 73.07 -13.05
N ALA P 462 25.01 72.03 -13.29
CA ALA P 462 23.97 72.09 -14.29
C ALA P 462 22.99 73.21 -13.98
N PHE P 463 22.58 73.32 -12.72
CA PHE P 463 21.70 74.38 -12.26
C PHE P 463 22.37 75.74 -12.44
N ALA P 464 23.66 75.83 -12.17
CA ALA P 464 24.44 77.04 -12.37
C ALA P 464 24.51 77.44 -13.84
N ASP P 465 24.22 76.52 -14.77
CA ASP P 465 23.89 76.89 -16.13
C ASP P 465 22.41 77.26 -16.24
N GLN P 466 21.51 76.41 -15.75
CA GLN P 466 20.05 76.49 -15.90
C GLN P 466 19.42 77.79 -15.36
N LYS P 467 20.12 78.46 -14.43
CA LYS P 467 19.77 79.79 -13.92
C LYS P 467 19.42 80.77 -15.03
N ALA P 468 19.99 80.58 -16.22
CA ALA P 468 19.70 81.37 -17.41
C ALA P 468 18.20 81.59 -17.66
N ASN P 469 17.35 80.63 -17.26
CA ASN P 469 15.90 80.81 -17.32
C ASN P 469 15.15 80.35 -16.08
N LEU P 470 15.81 79.75 -15.09
CA LEU P 470 15.15 79.19 -13.90
C LEU P 470 14.60 80.28 -12.94
N ARG P 471 13.41 80.86 -13.22
CA ARG P 471 12.94 82.10 -12.57
C ARG P 471 11.48 82.16 -12.04
N GLU P 472 10.43 81.73 -12.74
CA GLU P 472 9.06 81.59 -12.18
C GLU P 472 8.20 80.60 -12.95
N PHE P 473 7.03 80.24 -12.41
CA PHE P 473 5.98 79.80 -13.31
C PHE P 473 5.72 80.89 -14.37
N THR P 474 5.76 80.51 -15.66
CA THR P 474 6.05 81.36 -16.83
C THR P 474 5.09 82.54 -17.09
N GLY P 475 3.95 82.60 -16.40
CA GLY P 475 3.03 83.76 -16.41
C GLY P 475 3.36 84.84 -15.37
N GLY P 476 4.50 84.74 -14.69
CA GLY P 476 4.71 85.36 -13.40
C GLY P 476 5.08 86.82 -13.44
N TYR P 477 4.26 87.69 -12.85
CA TYR P 477 4.55 89.11 -12.68
C TYR P 477 3.83 89.73 -11.47
N ILE P 478 4.25 90.92 -11.03
CA ILE P 478 3.64 91.69 -9.90
C ILE P 478 2.46 92.57 -10.34
N TYR P 479 1.31 91.96 -10.58
CA TYR P 479 0.12 92.68 -11.05
C TYR P 479 -0.48 93.59 -9.95
N ASP P 480 -1.15 94.66 -10.37
CA ASP P 480 -1.81 95.63 -9.49
C ASP P 480 -2.96 95.01 -8.68
N ILE P 481 -3.38 95.64 -7.58
CA ILE P 481 -4.61 95.24 -6.86
C ILE P 481 -5.86 95.48 -7.70
N THR P 482 -5.82 96.45 -8.62
CA THR P 482 -6.80 96.59 -9.71
C THR P 482 -6.70 95.48 -10.77
N ASP P 483 -5.79 94.52 -10.61
CA ASP P 483 -5.40 93.54 -11.62
C ASP P 483 -5.06 92.15 -11.05
N VAL P 484 -5.93 91.65 -10.17
CA VAL P 484 -6.01 90.19 -9.95
C VAL P 484 -6.25 89.45 -11.26
N THR P 485 -6.78 90.16 -12.25
CA THR P 485 -6.94 89.75 -13.65
C THR P 485 -5.63 89.53 -14.39
N LYS P 486 -4.45 89.69 -13.79
CA LYS P 486 -3.15 89.37 -14.42
C LYS P 486 -2.91 90.04 -15.78
N SER P 487 -3.49 91.20 -16.02
CA SER P 487 -3.55 91.96 -17.27
C SER P 487 -2.25 92.73 -17.58
N ASN P 488 -1.47 93.10 -16.55
CA ASN P 488 -0.36 94.06 -16.60
C ASN P 488 1.00 93.41 -16.26
N PRO P 489 1.55 92.48 -17.08
CA PRO P 489 2.79 91.78 -16.75
C PRO P 489 4.00 92.73 -16.73
N LYS P 490 4.70 92.85 -15.60
CA LYS P 490 5.87 93.73 -15.40
C LYS P 490 6.90 93.16 -14.40
N ILE P 491 8.18 93.40 -14.66
CA ILE P 491 9.35 92.83 -13.96
C ILE P 491 9.73 93.66 -12.72
N PRO P 492 10.25 93.09 -11.61
CA PRO P 492 10.64 93.85 -10.43
C PRO P 492 11.84 94.80 -10.63
N GLN P 493 12.97 94.27 -11.15
CA GLN P 493 14.22 95.00 -11.33
C GLN P 493 14.99 94.51 -12.57
N LEU P 494 15.76 95.40 -13.19
CA LEU P 494 16.75 95.08 -14.24
C LEU P 494 18.10 94.66 -13.63
N GLY P 495 18.55 95.34 -12.57
CA GLY P 495 19.85 95.15 -11.92
C GLY P 495 20.44 96.47 -11.41
N GLY P 496 21.77 96.54 -11.30
CA GLY P 496 22.52 97.78 -11.04
C GLY P 496 22.60 98.71 -12.25
N THR Q 8 23.19 80.03 40.55
CA THR Q 8 24.45 79.24 40.61
C THR Q 8 25.71 80.08 40.88
N PRO Q 9 25.96 81.29 40.33
CA PRO Q 9 27.23 81.98 40.56
C PRO Q 9 27.53 82.29 42.03
N GLU Q 10 26.52 82.59 42.82
CA GLU Q 10 26.64 82.80 44.27
C GLU Q 10 27.23 81.56 44.94
N GLU Q 11 26.71 80.39 44.60
CA GLU Q 11 27.26 79.11 45.08
C GLU Q 11 28.66 78.85 44.52
N GLN Q 12 28.95 79.30 43.30
CA GLN Q 12 30.32 79.26 42.82
C GLN Q 12 31.24 80.14 43.68
N ARG Q 13 30.82 81.36 44.03
CA ARG Q 13 31.58 82.22 44.96
C ARG Q 13 31.76 81.56 46.32
N ALA Q 14 30.76 80.84 46.81
CA ALA Q 14 30.87 80.09 48.04
C ALA Q 14 31.90 78.95 47.96
N LYS Q 15 31.87 78.12 46.92
CA LYS Q 15 32.87 77.04 46.72
C LYS Q 15 34.27 77.61 46.54
N ASN Q 16 34.39 78.71 45.81
CA ASN Q 16 35.63 79.48 45.70
C ASN Q 16 36.08 79.97 47.09
N ALA Q 17 35.20 80.58 47.88
CA ALA Q 17 35.53 81.06 49.22
C ALA Q 17 36.03 79.91 50.10
N LYS Q 18 35.37 78.74 50.10
CA LYS Q 18 35.86 77.55 50.80
C LYS Q 18 37.23 77.11 50.30
N THR Q 19 37.43 77.10 48.99
CA THR Q 19 38.73 76.77 48.37
C THR Q 19 39.83 77.69 48.89
N ILE Q 20 39.57 79.00 48.94
CA ILE Q 20 40.53 79.98 49.46
C ILE Q 20 40.70 79.81 50.96
N LEU Q 21 39.62 79.59 51.72
CA LEU Q 21 39.68 79.38 53.16
C LEU Q 21 40.55 78.16 53.48
N GLU Q 22 40.47 77.12 52.66
CA GLU Q 22 41.36 75.98 52.78
C GLU Q 22 42.81 76.40 52.57
N ASN Q 23 43.07 77.16 51.51
CA ASN Q 23 44.42 77.65 51.26
C ASN Q 23 44.92 78.51 52.43
N ILE Q 24 44.04 79.34 53.00
CA ILE Q 24 44.31 80.17 54.17
C ILE Q 24 44.62 79.29 55.37
N GLN Q 25 43.81 78.28 55.66
CA GLN Q 25 44.03 77.39 56.80
C GLN Q 25 45.37 76.65 56.66
N ILE Q 26 45.68 76.16 55.46
CA ILE Q 26 46.96 75.55 55.13
C ILE Q 26 48.07 76.55 55.44
N TYR Q 27 47.99 77.76 54.90
CA TYR Q 27 49.00 78.79 55.08
C TYR Q 27 49.17 79.17 56.55
N GLU Q 28 48.09 79.37 57.31
CA GLU Q 28 48.17 79.67 58.75
C GLU Q 28 48.95 78.57 59.45
N ARG Q 29 48.59 77.32 59.15
CA ARG Q 29 49.28 76.18 59.71
C ARG Q 29 50.73 76.15 59.27
N MET Q 30 51.01 76.39 58.00
CA MET Q 30 52.37 76.46 57.50
C MET Q 30 53.17 77.54 58.23
N CYS Q 31 52.56 78.69 58.48
CA CYS Q 31 53.23 79.82 59.14
C CYS Q 31 53.60 79.47 60.56
N ASP Q 32 52.65 78.92 61.30
CA ASP Q 32 52.97 78.41 62.63
C ASP Q 32 53.99 77.27 62.55
N LEU Q 33 53.93 76.39 61.55
CA LEU Q 33 54.79 75.21 61.42
C LEU Q 33 56.27 75.59 61.28
N PHE Q 34 56.59 76.59 60.45
CA PHE Q 34 57.96 77.10 60.34
C PHE Q 34 58.30 78.17 61.38
N GLY Q 35 57.39 78.54 62.27
CA GLY Q 35 57.63 79.48 63.36
C GLY Q 35 57.55 80.97 62.96
N VAL Q 36 56.78 81.29 61.93
CA VAL Q 36 56.67 82.65 61.37
C VAL Q 36 55.99 83.61 62.36
N SER Q 37 56.56 84.80 62.59
CA SER Q 37 55.98 85.82 63.49
C SER Q 37 54.67 86.39 62.95
N GLU Q 38 53.76 86.79 63.83
CA GLU Q 38 52.37 87.07 63.48
C GLU Q 38 52.27 88.10 62.35
N ASP Q 39 52.98 89.20 62.48
CA ASP Q 39 53.05 90.20 61.43
C ASP Q 39 53.74 89.62 60.19
N ASP Q 40 54.83 88.87 60.35
CA ASP Q 40 55.55 88.28 59.22
C ASP Q 40 54.70 87.30 58.42
N LYS Q 41 53.59 86.80 58.97
CA LYS Q 41 52.68 85.95 58.19
C LYS Q 41 52.12 86.66 56.96
N LEU Q 42 51.93 87.98 57.02
CA LEU Q 42 51.37 88.77 55.92
C LEU Q 42 52.28 88.77 54.68
N ILE Q 43 53.54 88.43 54.85
CA ILE Q 43 54.54 88.73 53.87
C ILE Q 43 54.30 87.91 52.61
N ILE Q 44 54.24 88.61 51.49
CA ILE Q 44 54.07 88.00 50.17
C ILE Q 44 55.23 87.07 49.84
N GLU Q 45 56.47 87.46 50.16
CA GLU Q 45 57.63 86.57 50.05
C GLU Q 45 57.40 85.26 50.82
N ASN Q 46 56.80 85.32 52.01
CA ASN Q 46 56.44 84.11 52.75
C ASN Q 46 55.37 83.31 52.00
N SER Q 47 54.37 83.97 51.41
CA SER Q 47 53.41 83.31 50.52
C SER Q 47 54.14 82.48 49.48
N ILE Q 48 55.02 83.14 48.74
CA ILE Q 48 55.79 82.54 47.68
C ILE Q 48 56.59 81.38 48.23
N SER Q 49 57.31 81.55 49.33
CA SER Q 49 58.12 80.48 49.89
C SER Q 49 57.29 79.23 50.24
N ILE Q 50 56.12 79.39 50.84
CA ILE Q 50 55.28 78.24 51.15
C ILE Q 50 54.80 77.58 49.86
N GLU Q 51 54.30 78.38 48.94
CA GLU Q 51 53.82 77.89 47.67
C GLU Q 51 54.91 77.11 46.93
N ARG Q 52 56.14 77.64 46.95
CA ARG Q 52 57.33 77.01 46.38
C ARG Q 52 57.54 75.64 47.01
N MET Q 53 57.59 75.60 48.33
CA MET Q 53 57.81 74.35 49.05
C MET Q 53 56.76 73.32 48.66
N ILE Q 54 55.50 73.76 48.56
CA ILE Q 54 54.41 72.86 48.17
C ILE Q 54 54.65 72.31 46.77
N ARG Q 55 55.12 73.11 45.80
CA ARG Q 55 55.45 72.57 44.48
C ARG Q 55 56.46 71.44 44.62
N VAL Q 56 57.58 71.67 45.32
CA VAL Q 56 58.66 70.68 45.46
C VAL Q 56 58.12 69.38 46.00
N VAL Q 57 57.34 69.45 47.08
CA VAL Q 57 56.72 68.27 47.70
C VAL Q 57 55.79 67.56 46.71
N THR Q 58 55.00 68.31 45.95
CA THR Q 58 53.99 67.78 45.04
C THR Q 58 54.53 67.39 43.65
N ASP Q 59 55.80 67.63 43.35
CA ASP Q 59 56.42 67.31 42.05
C ASP Q 59 56.64 65.80 41.82
N LYS Q 60 55.56 65.03 41.64
CA LYS Q 60 55.56 63.56 41.53
C LYS Q 60 56.61 63.01 40.57
N LYS Q 61 56.73 63.61 39.37
CA LYS Q 61 57.78 63.33 38.39
C LYS Q 61 59.20 63.46 38.96
N TYR Q 62 59.51 64.62 39.54
CA TYR Q 62 60.82 64.84 40.15
C TYR Q 62 61.04 63.96 41.37
N GLN Q 63 60.00 63.58 42.12
CA GLN Q 63 60.13 62.57 43.18
C GLN Q 63 60.51 61.19 42.62
N ASP Q 64 59.97 60.77 41.47
CA ASP Q 64 60.41 59.52 40.80
C ASP Q 64 61.91 59.53 40.47
N LYS Q 65 62.38 60.67 39.99
CA LYS Q 65 63.76 60.90 39.57
C LYS Q 65 64.70 60.96 40.78
N LYS Q 66 64.26 61.64 41.83
CA LYS Q 66 64.93 61.72 43.14
C LYS Q 66 65.19 60.33 43.69
N LEU Q 67 64.15 59.50 43.73
CA LEU Q 67 64.28 58.10 44.12
C LEU Q 67 65.33 57.39 43.25
N LYS Q 68 65.31 57.60 41.93
CA LYS Q 68 66.27 56.96 41.02
C LYS Q 68 67.73 57.25 41.39
N ASN Q 69 68.04 58.46 41.86
CA ASN Q 69 69.39 58.84 42.31
C ASN Q 69 69.60 58.86 43.84
N ALA Q 70 68.59 58.51 44.63
CA ALA Q 70 68.69 58.57 46.09
C ALA Q 70 69.74 57.59 46.64
N GLY Q 71 70.00 56.50 45.93
CA GLY Q 71 71.12 55.59 46.18
C GLY Q 71 71.15 54.96 47.58
N SER Q 72 72.35 54.61 48.04
CA SER Q 72 72.60 54.04 49.37
C SER Q 72 72.91 55.08 50.45
N ASP Q 73 73.11 56.36 50.10
CA ASP Q 73 73.68 57.36 51.00
C ASP Q 73 72.71 57.76 52.13
N PRO Q 74 73.03 57.53 53.42
CA PRO Q 74 72.17 57.93 54.54
C PRO Q 74 71.93 59.45 54.62
N GLU Q 75 72.81 60.29 54.07
CA GLU Q 75 72.55 61.74 53.98
C GLU Q 75 71.45 62.07 52.94
N LYS Q 76 71.39 61.35 51.81
CA LYS Q 76 70.29 61.49 50.84
C LYS Q 76 68.96 61.07 51.46
N ILE Q 77 68.96 59.95 52.18
CA ILE Q 77 67.76 59.38 52.82
C ILE Q 77 67.21 60.30 53.91
N ALA Q 78 68.04 60.88 54.79
CA ALA Q 78 67.58 61.81 55.82
C ALA Q 78 66.98 63.10 55.22
N ASN Q 79 67.66 63.66 54.21
CA ASN Q 79 67.16 64.84 53.51
C ASN Q 79 65.93 64.54 52.63
N ALA Q 80 65.60 63.27 52.35
CA ALA Q 80 64.30 62.92 51.78
C ALA Q 80 63.15 63.06 52.79
N GLY Q 81 63.43 62.95 54.10
CA GLY Q 81 62.46 63.16 55.17
C GLY Q 81 62.29 64.64 55.58
N LYS Q 82 63.41 65.36 55.73
CA LYS Q 82 63.40 66.81 55.97
C LYS Q 82 62.74 67.54 54.80
N VAL Q 83 62.04 68.64 55.10
CA VAL Q 83 61.65 69.65 54.11
C VAL Q 83 62.07 71.03 54.61
N PHE Q 84 62.80 71.76 53.78
CA PHE Q 84 63.28 73.11 54.08
C PHE Q 84 62.35 74.19 53.53
N CYS Q 85 62.26 75.31 54.25
CA CYS Q 85 61.59 76.51 53.78
C CYS Q 85 62.34 77.78 54.23
N ARG Q 86 62.98 78.46 53.26
CA ARG Q 86 63.57 79.79 53.41
C ARG Q 86 62.44 80.83 53.51
N LEU Q 87 62.31 81.47 54.67
CA LEU Q 87 61.20 82.39 55.01
C LEU Q 87 61.74 83.72 55.55
N VAL Q 88 60.98 84.80 55.41
CA VAL Q 88 61.28 86.10 56.03
C VAL Q 88 60.92 86.11 57.51
N GLU Q 89 61.83 86.60 58.33
CA GLU Q 89 61.65 86.92 59.75
C GLU Q 89 62.13 88.35 60.03
N SER Q 90 61.41 89.11 60.85
CA SER Q 90 61.70 90.53 61.11
C SER Q 90 61.96 90.83 62.58
N THR Q 91 62.70 91.90 62.84
CA THR Q 91 63.04 92.42 64.18
C THR Q 91 63.50 93.86 64.06
N ALA Q 92 63.01 94.74 64.94
CA ALA Q 92 63.41 96.16 65.02
C ALA Q 92 63.29 96.94 63.70
N GLY Q 93 62.30 96.58 62.87
CA GLY Q 93 62.11 97.11 61.51
C GLY Q 93 63.04 96.51 60.44
N LYS Q 94 64.09 95.80 60.84
CA LYS Q 94 64.96 95.01 59.96
C LYS Q 94 64.37 93.63 59.67
N CYS Q 95 64.84 92.99 58.60
CA CYS Q 95 64.40 91.66 58.20
C CYS Q 95 65.51 90.81 57.61
N SER Q 96 65.30 89.51 57.64
CA SER Q 96 66.24 88.48 57.22
C SER Q 96 65.48 87.21 56.83
N ALA Q 97 66.20 86.26 56.26
CA ALA Q 97 65.79 84.89 56.12
C ALA Q 97 65.90 84.09 57.44
N ARG Q 98 65.09 83.04 57.58
CA ARG Q 98 65.41 81.84 58.39
C ARG Q 98 65.08 80.58 57.61
N LEU Q 99 65.95 79.59 57.72
CA LEU Q 99 65.72 78.24 57.22
C LEU Q 99 64.77 77.52 58.19
N GLY Q 100 63.46 77.67 58.00
CA GLY Q 100 62.48 76.80 58.63
C GLY Q 100 62.68 75.35 58.15
N MET Q 101 62.47 74.37 59.03
CA MET Q 101 62.45 72.94 58.68
C MET Q 101 61.28 72.22 59.36
N ALA Q 102 60.61 71.36 58.59
CA ALA Q 102 59.56 70.46 59.06
C ALA Q 102 59.66 69.16 58.26
N LEU Q 103 59.19 68.05 58.79
CA LEU Q 103 59.23 66.80 58.05
C LEU Q 103 58.17 66.79 56.97
N LYS Q 104 58.39 66.07 55.86
CA LYS Q 104 57.38 65.90 54.81
C LYS Q 104 56.03 65.45 55.40
N PRO Q 105 55.96 64.48 56.31
CA PRO Q 105 54.73 64.17 57.02
C PRO Q 105 54.07 65.34 57.73
N ASN Q 106 54.81 66.33 58.25
CA ASN Q 106 54.21 67.53 58.83
C ASN Q 106 53.42 68.30 57.76
N VAL Q 107 54.04 68.52 56.59
CA VAL Q 107 53.40 69.20 55.45
C VAL Q 107 52.21 68.39 54.95
N GLU Q 108 52.39 67.08 54.76
CA GLU Q 108 51.33 66.17 54.37
C GLU Q 108 50.17 66.19 55.36
N ALA Q 109 50.43 66.26 56.66
CA ALA Q 109 49.39 66.35 57.66
C ALA Q 109 48.52 67.58 57.41
N VAL Q 110 49.11 68.77 57.36
CA VAL Q 110 48.33 69.98 57.08
C VAL Q 110 47.53 69.82 55.80
N LEU Q 111 48.14 69.33 54.73
CA LEU Q 111 47.46 69.20 53.44
C LEU Q 111 46.33 68.17 53.52
N THR Q 112 46.63 66.95 53.95
CA THR Q 112 45.63 65.90 54.10
C THR Q 112 44.54 66.29 55.09
N ASP Q 113 44.84 67.08 56.11
CA ASP Q 113 43.86 67.55 57.08
C ASP Q 113 42.85 68.49 56.43
N VAL Q 114 43.32 69.46 55.66
CA VAL Q 114 42.47 70.54 55.13
C VAL Q 114 41.80 70.18 53.80
N LEU Q 115 42.47 69.45 52.92
CA LEU Q 115 41.98 69.03 51.60
C LEU Q 115 41.46 67.57 51.55
N GLY Q 116 41.55 66.85 52.67
CA GLY Q 116 41.21 65.43 52.78
C GLY Q 116 42.41 64.50 52.54
N ASN Q 117 42.35 63.31 53.15
CA ASN Q 117 43.42 62.30 53.08
C ASN Q 117 43.79 61.96 51.63
N GLU Q 118 42.78 61.87 50.76
CA GLU Q 118 42.92 61.66 49.33
C GLU Q 118 43.40 62.93 48.62
N LEU Q 119 44.61 63.39 48.97
CA LEU Q 119 45.40 64.28 48.11
C LEU Q 119 45.66 63.64 46.73
N ASP Q 120 45.58 62.31 46.65
CA ASP Q 120 45.49 61.51 45.43
C ASP Q 120 44.33 61.91 44.49
N ARG Q 121 43.35 62.69 44.97
CA ARG Q 121 42.48 63.52 44.13
C ARG Q 121 43.30 64.66 43.52
N ALA Q 122 44.19 64.28 42.61
CA ALA Q 122 45.07 65.14 41.83
C ALA Q 122 44.36 66.39 41.30
N ALA Q 123 43.07 66.30 40.96
CA ALA Q 123 42.27 67.45 40.57
C ALA Q 123 42.20 68.52 41.68
N VAL Q 124 41.86 68.14 42.91
CA VAL Q 124 41.58 69.10 43.99
C VAL Q 124 42.84 69.86 44.41
N LEU Q 125 43.94 69.14 44.65
CA LEU Q 125 45.21 69.77 44.99
C LEU Q 125 45.84 70.46 43.77
N GLY Q 126 45.83 69.79 42.62
CA GLY Q 126 46.49 70.28 41.41
C GLY Q 126 45.82 71.52 40.80
N LYS Q 127 44.50 71.68 40.92
CA LYS Q 127 43.80 72.88 40.47
C LYS Q 127 44.36 74.12 41.17
N ARG Q 128 44.21 74.18 42.49
CA ARG Q 128 44.71 75.29 43.30
C ARG Q 128 46.23 75.47 43.19
N MET Q 129 47.00 74.38 43.16
CA MET Q 129 48.45 74.50 43.01
C MET Q 129 48.87 74.92 41.60
N GLY Q 130 48.12 74.57 40.57
CA GLY Q 130 48.33 75.07 39.21
C GLY Q 130 48.19 76.58 39.19
N PHE Q 131 47.17 77.12 39.85
CA PHE Q 131 46.96 78.57 39.92
C PHE Q 131 48.15 79.28 40.62
N SER Q 132 48.64 78.72 41.73
CA SER Q 132 49.84 79.22 42.42
C SER Q 132 51.10 79.11 41.56
N ALA Q 133 51.35 77.95 40.94
CA ALA Q 133 52.50 77.73 40.08
C ALA Q 133 52.47 78.67 38.87
N MET Q 134 51.28 78.93 38.34
CA MET Q 134 51.05 79.90 37.29
C MET Q 134 51.45 81.29 37.80
N PHE Q 135 50.97 81.73 38.97
CA PHE Q 135 51.42 83.00 39.54
C PHE Q 135 52.95 83.08 39.66
N LYS Q 136 53.62 82.01 40.10
CA LYS Q 136 55.09 81.98 40.15
C LYS Q 136 55.69 82.09 38.76
N SER Q 137 55.16 81.35 37.80
CA SER Q 137 55.52 81.47 36.42
C SER Q 137 55.35 82.90 35.90
N ASN Q 138 54.26 83.59 36.24
CA ASN Q 138 54.03 84.99 35.88
C ASN Q 138 55.16 85.88 36.44
N LEU Q 139 55.47 85.73 37.73
CA LEU Q 139 56.45 86.57 38.39
C LEU Q 139 57.86 86.31 37.84
N GLU Q 140 58.22 85.05 37.61
CA GLU Q 140 59.45 84.69 36.89
C GLU Q 140 59.53 85.38 35.52
N GLU Q 141 58.44 85.34 34.76
CA GLU Q 141 58.38 85.88 33.42
C GLU Q 141 58.65 87.38 33.42
N VAL Q 142 57.99 88.13 34.30
CA VAL Q 142 58.27 89.56 34.43
C VAL Q 142 59.70 89.78 34.94
N LEU Q 143 60.20 88.91 35.84
CA LEU Q 143 61.53 89.08 36.42
C LEU Q 143 62.63 88.98 35.36
N TYR Q 144 62.77 87.82 34.72
CA TYR Q 144 64.07 87.47 34.12
C TYR Q 144 64.03 86.83 32.73
N GLN Q 145 62.93 87.02 32.00
CA GLN Q 145 62.81 86.62 30.58
C GLN Q 145 63.21 85.15 30.30
N ARG Q 146 63.07 84.32 31.34
CA ARG Q 146 63.25 82.86 31.42
C ARG Q 146 64.55 82.27 30.86
N GLY Q 147 65.65 83.03 30.86
CA GLY Q 147 66.91 82.67 30.18
C GLY Q 147 67.38 81.24 30.41
N LYS Q 148 67.61 80.82 31.66
CA LYS Q 148 68.10 79.47 31.96
C LYS Q 148 67.15 78.35 31.56
N ASN Q 149 65.85 78.61 31.45
CA ASN Q 149 64.92 77.66 30.85
C ASN Q 149 64.96 77.69 29.32
N GLN Q 150 65.00 78.86 28.69
CA GLN Q 150 65.04 78.94 27.23
C GLN Q 150 66.35 78.44 26.63
N LEU Q 151 67.47 78.39 27.37
CA LEU Q 151 68.66 77.66 26.91
C LEU Q 151 68.36 76.16 26.65
N LYS Q 152 67.37 75.58 27.35
CA LYS Q 152 66.77 74.27 27.07
C LYS Q 152 65.66 74.35 26.00
N LYS Q 153 64.73 75.31 26.14
CA LYS Q 153 63.49 75.42 25.33
C LYS Q 153 63.63 76.15 23.99
N ARG Q 154 64.83 76.64 23.68
CA ARG Q 154 65.39 76.89 22.34
C ARG Q 154 64.72 77.97 21.47
N ASN Q 155 64.01 78.93 22.05
CA ASN Q 155 63.27 79.94 21.28
C ASN Q 155 63.37 81.38 21.83
N ALA Q 156 63.15 82.36 20.95
CA ALA Q 156 63.54 83.77 21.12
C ALA Q 156 62.47 84.70 21.75
N ALA Q 157 62.81 85.99 21.91
CA ALA Q 157 62.08 86.93 22.76
C ALA Q 157 60.59 87.11 22.41
N GLU Q 158 60.27 87.23 21.13
CA GLU Q 158 58.88 87.33 20.70
C GLU Q 158 58.12 86.06 21.08
N THR Q 159 58.70 84.89 20.85
CA THR Q 159 58.08 83.63 21.29
C THR Q 159 57.85 83.65 22.80
N PHE Q 160 58.84 84.14 23.55
CA PHE Q 160 58.75 84.28 24.99
C PHE Q 160 57.55 85.16 25.37
N THR Q 161 57.32 86.28 24.68
CA THR Q 161 56.19 87.15 25.03
C THR Q 161 54.84 86.45 24.94
N LEU Q 162 54.66 85.60 23.93
CA LEU Q 162 53.42 84.84 23.79
C LEU Q 162 53.34 83.63 24.73
N SER Q 163 54.42 83.30 25.43
CA SER Q 163 54.51 82.09 26.23
C SER Q 163 54.21 82.36 27.69
N GLN Q 164 53.10 83.06 27.96
CA GLN Q 164 52.68 83.33 29.34
C GLN Q 164 52.38 82.00 30.06
N GLY Q 165 53.00 81.77 31.22
CA GLY Q 165 52.88 80.53 31.99
C GLY Q 165 53.88 79.44 31.61
N ALA Q 166 54.77 79.63 30.63
CA ALA Q 166 55.71 78.57 30.24
C ALA Q 166 56.89 78.34 31.20
N SER Q 167 56.96 79.02 32.35
CA SER Q 167 57.92 78.67 33.43
C SER Q 167 57.47 77.45 34.25
N LEU Q 168 56.19 77.05 34.13
CA LEU Q 168 55.59 75.91 34.84
C LEU Q 168 56.32 74.58 34.66
N GLU Q 169 56.41 73.79 35.72
CA GLU Q 169 56.68 72.35 35.58
C GLU Q 169 55.60 71.66 34.72
N ALA Q 170 56.03 70.69 33.92
CA ALA Q 170 55.24 70.09 32.86
C ALA Q 170 53.83 69.67 33.32
N ARG Q 171 53.74 69.03 34.47
CA ARG Q 171 52.49 68.52 35.06
C ARG Q 171 51.40 69.59 35.18
N PHE Q 172 51.78 70.83 35.41
CA PHE Q 172 50.80 71.91 35.52
C PHE Q 172 50.25 72.33 34.17
N ARG Q 173 51.01 72.16 33.10
CA ARG Q 173 50.64 72.70 31.78
C ARG Q 173 49.30 72.12 31.28
N PRO Q 174 49.02 70.83 31.45
CA PRO Q 174 47.69 70.27 31.24
C PRO Q 174 46.59 70.93 32.08
N ILE Q 175 46.86 71.16 33.37
CA ILE Q 175 45.88 71.73 34.31
C ILE Q 175 45.49 73.15 33.88
N MET Q 176 46.47 73.97 33.49
CA MET Q 176 46.29 75.41 33.24
C MET Q 176 45.74 75.76 31.86
N GLU Q 177 45.18 74.79 31.12
CA GLU Q 177 44.92 74.86 29.67
C GLU Q 177 44.41 76.21 29.13
N LYS Q 178 43.47 76.84 29.83
CA LYS Q 178 42.76 78.04 29.37
C LYS Q 178 43.60 79.31 29.38
N HIS Q 179 44.47 79.46 30.37
CA HIS Q 179 45.07 80.77 30.69
C HIS Q 179 46.47 80.96 30.12
N LEU Q 180 47.18 79.86 29.84
CA LEU Q 180 48.52 79.91 29.25
C LEU Q 180 48.50 80.67 27.92
N GLY Q 181 49.49 81.54 27.70
CA GLY Q 181 49.67 82.25 26.44
C GLY Q 181 50.00 81.25 25.34
N VAL Q 182 49.50 81.48 24.12
CA VAL Q 182 49.55 80.50 23.02
C VAL Q 182 50.96 79.97 22.78
N GLY Q 183 51.94 80.86 22.93
CA GLY Q 183 53.35 80.52 22.80
C GLY Q 183 53.79 79.40 23.71
N THR Q 184 53.21 79.29 24.90
CA THR Q 184 53.50 78.22 25.85
C THR Q 184 53.22 76.87 25.23
N VAL Q 185 52.05 76.73 24.63
CA VAL Q 185 51.65 75.51 23.93
C VAL Q 185 52.56 75.27 22.75
N VAL Q 186 52.80 76.32 21.96
CA VAL Q 186 53.61 76.22 20.73
C VAL Q 186 55.02 75.75 21.04
N ALA Q 187 55.67 76.41 21.99
CA ALA Q 187 57.00 76.07 22.47
C ALA Q 187 57.01 74.64 22.97
N SER Q 188 55.98 74.25 23.70
CA SER Q 188 55.85 72.87 24.16
C SER Q 188 55.86 71.92 22.97
N ILE Q 189 55.02 72.15 21.95
CA ILE Q 189 54.98 71.26 20.78
C ILE Q 189 56.35 71.18 20.11
N LYS Q 190 56.99 72.33 19.89
CA LYS Q 190 58.30 72.39 19.23
C LYS Q 190 59.34 71.60 20.01
N ASN Q 191 59.31 71.74 21.33
CA ASN Q 191 60.20 70.96 22.18
C ASN Q 191 59.81 69.48 22.28
N ILE Q 192 58.54 69.12 22.13
CA ILE Q 192 58.12 67.71 22.04
C ILE Q 192 58.75 67.04 20.81
N LEU Q 193 58.81 67.73 19.67
CA LEU Q 193 59.48 67.20 18.48
C LEU Q 193 60.99 67.00 18.72
N ALA Q 194 61.62 67.91 19.45
CA ALA Q 194 63.00 67.71 19.88
C ALA Q 194 63.12 66.50 20.83
N SER Q 195 62.20 66.33 21.78
CA SER Q 195 62.16 65.16 22.67
C SER Q 195 62.03 63.86 21.90
N LYS Q 196 61.24 63.82 20.83
CA LYS Q 196 61.17 62.65 19.94
C LYS Q 196 62.51 62.30 19.30
N LYS Q 197 63.43 63.25 19.10
CA LYS Q 197 64.83 62.92 18.78
C LYS Q 197 65.60 62.51 20.04
N ASN Q 198 65.57 63.34 21.07
CA ASN Q 198 66.56 63.30 22.14
C ASN Q 198 66.32 62.23 23.22
N GLY Q 199 65.08 61.76 23.39
CA GLY Q 199 64.74 60.73 24.39
C GLY Q 199 64.75 61.21 25.86
N ASN Q 200 64.86 62.52 26.10
CA ASN Q 200 64.83 63.18 27.41
C ASN Q 200 63.43 63.24 28.05
N TYR Q 201 62.54 62.33 27.69
CA TYR Q 201 61.12 62.39 27.98
C TYR Q 201 60.49 61.00 28.02
N ARG Q 202 59.34 60.88 28.69
CA ARG Q 202 58.38 59.79 28.52
C ARG Q 202 57.06 60.33 27.96
N ASN Q 203 56.63 59.82 26.81
CA ASN Q 203 55.31 60.10 26.24
C ASN Q 203 54.18 59.42 27.07
N LYS Q 204 52.93 59.88 26.94
CA LYS Q 204 51.85 59.69 27.93
C LYS Q 204 50.43 59.72 27.33
N MET Q 205 49.41 59.37 28.12
CA MET Q 205 47.98 59.44 27.75
C MET Q 205 47.11 59.93 28.93
N VAL Q 206 46.13 60.80 28.67
CA VAL Q 206 45.25 61.44 29.66
C VAL Q 206 43.80 61.61 29.17
N ARG Q 207 42.87 61.91 30.09
CA ARG Q 207 41.44 62.18 29.88
C ARG Q 207 40.91 63.31 30.79
N LYS Q 208 39.96 64.13 30.31
CA LYS Q 208 39.48 65.34 31.02
C LYS Q 208 37.94 65.37 31.14
N PRO Q 209 37.34 64.90 32.25
CA PRO Q 209 35.90 64.96 32.51
C PRO Q 209 35.32 66.38 32.58
N GLY Q 210 34.02 66.48 32.34
CA GLY Q 210 33.29 67.74 32.16
C GLY Q 210 33.62 68.49 30.86
N GLY Q 211 34.78 68.22 30.24
CA GLY Q 211 35.20 68.74 28.93
C GLY Q 211 35.09 67.70 27.81
N ASN Q 212 35.98 66.70 27.81
CA ASN Q 212 36.02 65.62 26.81
C ASN Q 212 36.61 64.33 27.40
N ARG Q 213 35.82 63.25 27.37
CA ARG Q 213 36.20 61.89 27.77
C ARG Q 213 37.17 61.19 26.79
N GLU Q 214 37.58 61.86 25.72
CA GLU Q 214 38.68 61.40 24.86
C GLU Q 214 39.95 61.13 25.66
N SER Q 215 40.66 60.07 25.26
CA SER Q 215 41.68 59.40 26.04
C SER Q 215 42.93 59.28 25.19
N TRP Q 216 43.85 60.21 25.35
CA TRP Q 216 44.77 60.56 24.27
C TRP Q 216 46.03 61.30 24.76
N SER Q 217 47.01 61.45 23.87
CA SER Q 217 48.39 61.83 24.19
C SER Q 217 48.63 63.35 24.20
N PRO Q 218 49.84 63.80 24.55
CA PRO Q 218 50.27 65.17 24.34
C PRO Q 218 49.98 65.68 22.93
N LEU Q 219 50.12 64.84 21.90
CA LEU Q 219 49.85 65.27 20.53
C LEU Q 219 48.43 65.81 20.42
N GLU Q 220 47.46 64.98 20.81
CA GLU Q 220 46.07 65.38 20.80
C GLU Q 220 45.80 66.51 21.79
N ARG Q 221 46.33 66.42 23.00
CA ARG Q 221 46.13 67.38 24.09
C ARG Q 221 46.58 68.77 23.65
N GLU Q 222 47.79 68.85 23.14
CA GLU Q 222 48.32 70.10 22.62
C GLU Q 222 47.47 70.59 21.47
N ILE Q 223 47.16 69.76 20.47
CA ILE Q 223 46.36 70.17 19.33
C ILE Q 223 45.00 70.67 19.79
N SER Q 224 44.41 70.03 20.79
CA SER Q 224 43.14 70.42 21.37
C SER Q 224 43.27 71.80 22.01
N PHE Q 225 44.26 71.99 22.86
CA PHE Q 225 44.48 73.29 23.49
C PHE Q 225 44.73 74.36 22.44
N LEU Q 226 45.48 74.03 21.39
CA LEU Q 226 45.77 74.91 20.27
C LEU Q 226 44.46 75.26 19.55
N ASN Q 227 43.57 74.31 19.34
CA ASN Q 227 42.27 74.58 18.75
C ASN Q 227 41.44 75.49 19.65
N LYS Q 228 41.47 75.26 20.97
CA LYS Q 228 40.78 76.10 21.95
C LYS Q 228 41.29 77.55 21.97
N LYS Q 229 42.47 77.82 21.39
CA LYS Q 229 43.10 79.14 21.33
C LYS Q 229 43.02 79.82 19.97
N LEU Q 230 43.26 79.10 18.87
CA LEU Q 230 43.47 79.72 17.56
C LEU Q 230 42.23 80.45 17.02
N PHE Q 231 42.48 81.38 16.12
CA PHE Q 231 41.46 82.22 15.49
C PHE Q 231 40.53 81.40 14.60
N PRO Q 232 39.20 81.57 14.71
CA PRO Q 232 38.23 80.85 13.89
C PRO Q 232 38.47 81.04 12.39
N GLY Q 233 38.01 80.10 11.55
CA GLY Q 233 38.43 80.08 10.16
C GLY Q 233 39.90 79.63 10.04
N PRO Q 234 40.77 80.39 9.35
CA PRO Q 234 42.02 79.85 8.80
C PRO Q 234 42.90 79.20 9.85
N MET Q 235 43.07 79.85 11.00
CA MET Q 235 44.00 79.37 12.01
C MET Q 235 43.47 78.10 12.68
N ARG Q 236 42.19 78.05 13.07
CA ARG Q 236 41.61 76.77 13.50
C ARG Q 236 41.61 75.73 12.39
N GLN Q 237 41.48 76.11 11.12
CA GLN Q 237 41.54 75.14 10.03
C GLN Q 237 42.95 74.54 9.93
N LEU Q 238 43.98 75.36 10.10
CA LEU Q 238 45.36 74.87 10.23
C LEU Q 238 45.48 73.95 11.46
N CYS Q 239 44.76 74.29 12.54
CA CYS Q 239 44.71 73.46 13.73
C CYS Q 239 44.14 72.06 13.43
N LYS Q 240 43.07 71.99 12.65
CA LYS Q 240 42.51 70.70 12.22
C LYS Q 240 43.46 69.93 11.30
N LYS Q 241 44.12 70.62 10.35
CA LYS Q 241 45.13 70.02 9.44
C LYS Q 241 46.30 69.41 10.21
N PHE Q 242 46.58 69.90 11.41
CA PHE Q 242 47.90 69.80 12.03
C PHE Q 242 48.46 68.39 12.08
N GLU Q 243 47.63 67.37 12.36
CA GLU Q 243 48.06 65.97 12.41
C GLU Q 243 48.63 65.45 11.08
N TYR Q 244 48.33 66.14 9.99
CA TYR Q 244 48.65 65.77 8.62
C TYR Q 244 49.69 66.71 7.98
N LEU Q 245 50.17 67.72 8.73
CA LEU Q 245 51.43 68.40 8.43
C LEU Q 245 52.61 67.45 8.68
N ASN Q 246 53.68 67.50 7.89
CA ASN Q 246 54.94 66.85 8.25
C ASN Q 246 55.64 67.61 9.41
N GLU Q 247 56.67 67.04 10.03
CA GLU Q 247 57.29 67.63 11.23
C GLU Q 247 57.86 69.03 10.98
N GLN Q 248 58.57 69.24 9.86
CA GLN Q 248 59.06 70.57 9.52
C GLN Q 248 57.90 71.50 9.19
N GLU Q 249 56.90 71.04 8.46
CA GLU Q 249 55.68 71.80 8.23
C GLU Q 249 55.02 72.21 9.54
N LYS Q 250 54.98 71.32 10.54
CA LYS Q 250 54.50 71.65 11.87
C LYS Q 250 55.34 72.78 12.44
N GLN Q 251 56.66 72.67 12.44
CA GLN Q 251 57.51 73.74 12.96
C GLN Q 251 57.28 75.06 12.22
N LEU Q 252 57.21 75.03 10.90
CA LEU Q 252 57.00 76.21 10.07
C LEU Q 252 55.64 76.84 10.37
N ALA Q 253 54.60 76.01 10.41
CA ALA Q 253 53.25 76.43 10.73
C ALA Q 253 53.21 77.05 12.12
N LEU Q 254 53.80 76.39 13.10
CA LEU Q 254 53.88 76.89 14.46
C LEU Q 254 54.53 78.26 14.46
N ASN Q 255 55.65 78.43 13.76
CA ASN Q 255 56.30 79.72 13.68
C ASN Q 255 55.35 80.76 13.11
N LEU Q 256 54.74 80.52 11.94
CA LEU Q 256 53.93 81.54 11.33
C LEU Q 256 52.68 81.82 12.16
N MET Q 257 52.06 80.80 12.74
CA MET Q 257 50.91 81.00 13.63
C MET Q 257 51.31 81.80 14.84
N LEU Q 258 52.47 81.53 15.39
CA LEU Q 258 52.97 82.25 16.54
C LEU Q 258 53.18 83.71 16.17
N ASP Q 259 53.81 83.97 15.03
CA ASP Q 259 53.96 85.33 14.52
C ASP Q 259 52.62 86.00 14.32
N ALA Q 260 51.67 85.31 13.69
CA ALA Q 260 50.33 85.82 13.48
C ALA Q 260 49.68 86.18 14.81
N SER Q 261 49.89 85.36 15.84
CA SER Q 261 49.39 85.60 17.19
C SER Q 261 49.99 86.84 17.83
N LEU Q 262 51.15 87.33 17.36
CA LEU Q 262 51.64 88.64 17.82
C LEU Q 262 50.63 89.74 17.47
N ILE Q 263 49.93 89.66 16.34
CA ILE Q 263 48.87 90.61 15.98
C ILE Q 263 47.51 90.08 16.42
N LEU Q 264 47.16 88.88 15.96
CA LEU Q 264 45.84 88.28 16.10
C LEU Q 264 45.59 87.92 17.56
N LYS Q 265 44.45 88.33 18.12
CA LYS Q 265 44.07 88.08 19.52
C LYS Q 265 42.76 87.26 19.65
N PRO Q 266 42.65 86.05 19.11
CA PRO Q 266 41.51 85.17 19.41
C PRO Q 266 41.47 84.76 20.89
N GLN Q 267 40.47 83.97 21.29
CA GLN Q 267 40.20 83.63 22.70
C GLN Q 267 41.41 83.03 23.46
N VAL Q 268 41.96 83.80 24.41
CA VAL Q 268 43.04 83.42 25.35
C VAL Q 268 42.68 83.95 26.74
N THR Q 269 42.81 83.14 27.80
CA THR Q 269 42.03 83.43 28.99
C THR Q 269 42.84 84.20 30.02
N HIS Q 270 42.38 85.38 30.42
CA HIS Q 270 42.94 86.09 31.55
C HIS Q 270 42.76 85.26 32.84
N LYS Q 271 43.52 85.55 33.90
CA LYS Q 271 43.15 85.16 35.27
C LYS Q 271 43.75 86.14 36.29
N MET Q 272 43.15 86.27 37.48
CA MET Q 272 43.83 86.81 38.64
C MET Q 272 44.28 85.68 39.59
N ILE Q 273 45.49 85.79 40.14
CA ILE Q 273 45.92 85.01 41.29
C ILE Q 273 46.67 85.98 42.22
N MET Q 274 45.99 86.50 43.23
CA MET Q 274 46.69 87.14 44.34
C MET Q 274 47.43 86.07 45.17
N PRO Q 275 48.60 86.40 45.75
CA PRO Q 275 49.27 85.61 46.78
C PRO Q 275 48.35 85.13 47.93
N TRP Q 276 48.63 83.94 48.45
CA TRP Q 276 47.94 83.39 49.62
C TRP Q 276 48.10 84.30 50.84
N SER Q 277 49.27 84.92 51.05
CA SER Q 277 49.41 85.89 52.14
C SER Q 277 48.54 87.14 51.91
N MET Q 278 48.20 87.51 50.67
CA MET Q 278 47.23 88.56 50.41
C MET Q 278 45.81 88.06 50.71
N TRP Q 279 45.49 86.81 50.42
CA TRP Q 279 44.24 86.26 50.93
C TRP Q 279 44.21 86.23 52.46
N LEU Q 280 45.29 85.88 53.12
CA LEU Q 280 45.39 86.00 54.58
C LEU Q 280 45.20 87.46 54.99
N ALA Q 281 45.81 88.40 54.27
CA ALA Q 281 45.68 89.81 54.56
C ALA Q 281 44.21 90.21 54.46
N VAL Q 282 43.49 89.74 53.45
CA VAL Q 282 42.05 89.95 53.35
C VAL Q 282 41.33 89.42 54.59
N LYS Q 283 41.65 88.22 55.08
CA LYS Q 283 41.06 87.70 56.31
C LYS Q 283 41.33 88.64 57.48
N LYS Q 284 42.59 88.92 57.77
CA LYS Q 284 42.94 89.78 58.90
C LYS Q 284 42.39 91.19 58.74
N TYR Q 285 42.27 91.68 57.52
CA TYR Q 285 41.63 92.96 57.24
C TYR Q 285 40.17 92.88 57.65
N ALA Q 286 39.45 91.85 57.20
CA ALA Q 286 38.07 91.65 57.58
C ALA Q 286 37.98 91.63 59.10
N GLU Q 287 38.86 90.88 59.76
CA GLU Q 287 38.92 90.84 61.21
C GLU Q 287 39.11 92.25 61.79
N MET Q 288 40.10 93.00 61.34
CA MET Q 288 40.39 94.31 61.89
C MET Q 288 39.33 95.34 61.53
N ASN Q 289 38.47 95.04 60.55
CA ASN Q 289 37.32 95.84 60.21
C ASN Q 289 36.06 95.50 61.02
N LYS Q 290 36.13 94.54 61.97
CA LYS Q 290 35.04 94.18 62.88
C LYS Q 290 33.72 93.78 62.18
N GLY Q 291 33.79 92.80 61.27
CA GLY Q 291 32.62 92.02 60.84
C GLY Q 291 31.81 92.58 59.66
N SER Q 292 32.47 93.12 58.63
CA SER Q 292 31.83 93.63 57.40
C SER Q 292 32.45 93.19 56.05
N PRO Q 293 33.79 93.09 55.86
CA PRO Q 293 34.36 92.58 54.60
C PRO Q 293 34.23 91.05 54.52
N SER Q 294 33.52 90.55 53.51
CA SER Q 294 33.19 89.11 53.38
C SER Q 294 33.89 88.47 52.18
N LEU Q 295 34.65 87.41 52.41
CA LEU Q 295 35.49 86.77 51.40
C LEU Q 295 34.68 86.23 50.21
N GLU Q 296 33.46 85.75 50.42
CA GLU Q 296 32.62 85.31 49.30
C GLU Q 296 32.34 86.45 48.33
N ASP Q 297 32.26 87.68 48.81
CA ASP Q 297 32.13 88.86 47.96
C ASP Q 297 33.30 89.04 47.01
N LEU Q 298 34.46 88.48 47.36
CA LEU Q 298 35.73 88.56 46.62
C LEU Q 298 36.06 87.26 45.87
N ALA Q 299 35.27 86.20 46.04
CA ALA Q 299 35.63 84.84 45.68
C ALA Q 299 35.36 84.47 44.21
N ALA Q 300 36.06 85.10 43.26
CA ALA Q 300 35.96 84.80 41.82
C ALA Q 300 37.29 84.94 41.04
N TYR Q 301 37.46 84.13 39.99
CA TYR Q 301 38.63 84.16 39.11
C TYR Q 301 38.52 85.19 37.97
N SER Q 302 37.49 86.03 38.04
CA SER Q 302 37.06 86.94 37.00
C SER Q 302 36.22 88.07 37.61
N GLY Q 303 36.05 89.16 36.88
CA GLY Q 303 35.19 90.28 37.30
C GLY Q 303 35.78 91.19 38.38
N VAL Q 304 35.12 92.32 38.59
CA VAL Q 304 35.59 93.46 39.41
C VAL Q 304 35.92 93.10 40.86
N ARG Q 305 35.36 92.00 41.36
CA ARG Q 305 35.71 91.39 42.65
C ARG Q 305 37.22 91.24 42.81
N ALA Q 306 37.94 90.97 41.73
CA ALA Q 306 39.39 90.93 41.75
C ALA Q 306 40.03 92.30 42.09
N PHE Q 307 39.57 93.39 41.50
CA PHE Q 307 40.08 94.73 41.84
C PHE Q 307 39.69 95.12 43.26
N MET Q 308 38.48 94.73 43.71
CA MET Q 308 38.11 94.88 45.12
C MET Q 308 39.17 94.25 46.01
N ALA Q 309 39.54 92.99 45.74
CA ALA Q 309 40.50 92.25 46.55
C ALA Q 309 41.90 92.88 46.51
N PHE Q 310 42.38 93.24 45.33
CA PHE Q 310 43.71 93.82 45.24
C PHE Q 310 43.77 95.16 45.95
N ASN Q 311 42.85 96.09 45.66
CA ASN Q 311 42.84 97.36 46.37
C ASN Q 311 42.63 97.16 47.87
N THR Q 312 41.87 96.16 48.28
CA THR Q 312 41.78 95.80 49.70
C THR Q 312 43.18 95.49 50.23
N ALA Q 313 43.93 94.63 49.54
CA ALA Q 313 45.29 94.36 49.93
C ALA Q 313 46.12 95.65 49.97
N CYS Q 314 45.82 96.61 49.10
CA CYS Q 314 46.50 97.88 49.05
C CYS Q 314 46.31 98.75 50.27
N TYR Q 315 45.44 98.42 51.22
CA TYR Q 315 45.39 99.17 52.46
C TYR Q 315 46.70 99.05 53.23
N MET Q 316 47.04 97.86 53.75
CA MET Q 316 48.10 97.71 54.78
C MET Q 316 48.98 96.46 54.60
N SER Q 317 48.95 95.76 53.46
CA SER Q 317 49.75 94.53 53.28
C SER Q 317 51.27 94.83 53.30
N LYS Q 318 52.13 93.88 53.69
CA LYS Q 318 53.56 94.13 53.93
C LYS Q 318 54.49 93.16 53.21
N PHE Q 319 55.66 93.65 52.85
CA PHE Q 319 56.64 92.99 52.01
C PHE Q 319 58.03 93.59 52.28
N THR Q 320 59.07 92.90 51.84
CA THR Q 320 60.46 93.36 52.06
C THR Q 320 60.86 94.47 51.11
N ILE Q 321 61.76 95.33 51.55
CA ILE Q 321 62.62 96.17 50.75
C ILE Q 321 64.07 95.81 51.05
N GLY Q 322 64.74 95.21 50.07
CA GLY Q 322 66.19 95.20 50.02
C GLY Q 322 66.68 96.53 49.42
N LYS Q 323 67.81 97.05 49.91
CA LYS Q 323 68.47 98.21 49.28
C LYS Q 323 69.03 97.85 47.89
N GLY Q 324 69.50 96.60 47.73
CA GLY Q 324 69.95 96.03 46.45
C GLY Q 324 68.82 95.79 45.45
N ILE Q 325 69.16 95.29 44.27
CA ILE Q 325 68.29 95.39 43.10
C ILE Q 325 68.34 94.16 42.23
N VAL Q 326 67.23 93.81 41.59
CA VAL Q 326 67.26 93.08 40.33
C VAL Q 326 67.58 94.11 39.26
N GLY Q 327 68.86 94.47 39.18
CA GLY Q 327 69.40 95.51 38.30
C GLY Q 327 70.93 95.55 38.36
N ASP Q 328 71.56 96.45 37.59
CA ASP Q 328 73.02 96.48 37.45
C ASP Q 328 73.64 97.89 37.34
N ALA Q 329 73.01 98.79 36.60
CA ALA Q 329 73.44 100.20 36.51
C ALA Q 329 73.09 101.00 37.78
N GLU Q 330 73.63 102.22 37.90
CA GLU Q 330 73.40 103.09 39.07
C GLU Q 330 71.98 103.67 39.17
N ILE Q 331 71.19 103.66 38.08
CA ILE Q 331 69.78 104.07 38.08
C ILE Q 331 68.90 102.99 38.75
N MET Q 332 68.10 103.38 39.74
CA MET Q 332 67.21 102.50 40.51
C MET Q 332 66.00 103.25 41.08
N GLU Q 333 64.93 102.53 41.45
CA GLU Q 333 63.62 103.11 41.78
C GLU Q 333 62.77 102.23 42.70
N ASN Q 334 61.75 102.86 43.29
CA ASN Q 334 61.13 102.54 44.58
C ASN Q 334 60.19 101.33 44.68
N GLY Q 335 59.66 101.14 45.90
CA GLY Q 335 58.68 100.11 46.22
C GLY Q 335 57.40 100.16 45.39
N ASN Q 336 56.97 101.32 44.90
CA ASN Q 336 55.83 101.34 44.00
C ASN Q 336 56.14 100.55 42.72
N ASP Q 337 57.38 100.47 42.29
CA ASP Q 337 57.73 99.57 41.20
C ASP Q 337 57.56 98.11 41.59
N LYS Q 338 57.91 97.72 42.83
CA LYS Q 338 57.53 96.39 43.33
C LYS Q 338 56.01 96.27 43.25
N MET Q 339 55.27 97.30 43.64
CA MET Q 339 53.82 97.27 43.63
C MET Q 339 53.30 97.03 42.22
N GLN Q 340 53.89 97.70 41.22
CA GLN Q 340 53.59 97.40 39.84
C GLN Q 340 53.89 95.94 39.54
N THR Q 341 55.07 95.44 39.92
CA THR Q 341 55.46 94.08 39.58
C THR Q 341 54.46 93.08 40.14
N LEU Q 342 54.09 93.27 41.41
CA LEU Q 342 53.08 92.46 42.07
C LEU Q 342 51.80 92.48 41.24
N ALA Q 343 51.33 93.67 40.88
CA ALA Q 343 50.11 93.79 40.10
C ALA Q 343 50.23 93.04 38.78
N MET Q 344 51.35 93.20 38.09
CA MET Q 344 51.61 92.52 36.83
C MET Q 344 51.49 91.03 37.03
N ALA Q 345 52.18 90.50 38.02
CA ALA Q 345 52.12 89.08 38.32
C ALA Q 345 50.70 88.66 38.71
N CYS Q 346 49.97 89.48 39.46
CA CYS Q 346 48.67 89.11 40.00
C CYS Q 346 47.60 89.04 38.91
N PHE Q 347 47.57 90.01 38.00
CA PHE Q 347 46.55 90.07 36.95
C PHE Q 347 47.04 89.55 35.59
N GLY Q 348 48.31 89.16 35.45
CA GLY Q 348 48.86 88.71 34.16
C GLY Q 348 49.05 89.83 33.13
N LEU Q 349 49.41 91.05 33.58
CA LEU Q 349 49.44 92.27 32.74
C LEU Q 349 50.60 92.33 31.75
N ALA Q 350 51.53 91.36 31.73
CA ALA Q 350 52.82 91.47 31.05
C ALA Q 350 52.72 91.85 29.54
N TYR Q 351 51.58 91.56 28.90
CA TYR Q 351 51.33 91.93 27.50
C TYR Q 351 50.06 92.76 27.32
N GLU Q 352 49.49 93.20 28.43
CA GLU Q 352 48.42 94.19 28.46
C GLU Q 352 48.96 95.58 28.05
N ASP Q 353 48.08 96.51 27.69
CA ASP Q 353 48.49 97.89 27.44
C ASP Q 353 48.93 98.64 28.70
N THR Q 354 50.18 99.09 28.70
CA THR Q 354 50.73 99.99 29.72
C THR Q 354 49.89 101.25 29.90
N GLY Q 355 49.31 101.83 28.85
CA GLY Q 355 48.50 103.05 28.97
C GLY Q 355 47.22 102.79 29.76
N ILE Q 356 46.49 101.74 29.38
CA ILE Q 356 45.35 101.22 30.13
C ILE Q 356 45.75 101.04 31.59
N VAL Q 357 46.85 100.31 31.83
CA VAL Q 357 47.26 100.04 33.20
C VAL Q 357 47.61 101.36 33.90
N ALA Q 358 48.28 102.30 33.22
CA ALA Q 358 48.69 103.57 33.79
C ALA Q 358 47.49 104.36 34.29
N ALA Q 359 46.41 104.35 33.54
CA ALA Q 359 45.18 104.98 33.98
C ALA Q 359 44.53 104.24 35.17
N MET Q 360 44.49 102.90 35.17
CA MET Q 360 43.85 102.13 36.25
C MET Q 360 44.60 102.26 37.58
N ILE Q 361 45.89 101.91 37.55
CA ILE Q 361 46.82 102.24 38.64
C ILE Q 361 46.95 103.75 38.84
N SER Q 362 46.39 104.55 37.94
CA SER Q 362 46.28 105.99 38.10
C SER Q 362 47.66 106.69 38.27
N GLN Q 363 48.72 106.11 37.70
CA GLN Q 363 50.14 106.51 37.68
C GLN Q 363 50.82 106.02 36.38
N PRO Q 364 51.89 106.65 35.88
CA PRO Q 364 52.51 106.26 34.60
C PRO Q 364 53.04 104.82 34.59
N MET Q 365 52.96 104.15 33.43
CA MET Q 365 53.49 102.79 33.22
C MET Q 365 54.72 102.71 32.30
N LYS Q 366 55.33 101.52 32.26
CA LYS Q 366 56.75 101.31 31.97
C LYS Q 366 57.04 100.06 31.11
N LYS Q 367 58.24 100.02 30.53
CA LYS Q 367 58.87 98.86 29.87
C LYS Q 367 60.09 98.39 30.65
N ARG Q 368 60.65 97.23 30.32
CA ARG Q 368 61.72 96.61 31.13
C ARG Q 368 62.92 97.52 31.31
N TYR Q 369 63.27 98.32 30.33
CA TYR Q 369 64.38 99.26 30.46
C TYR Q 369 64.18 100.18 31.65
N GLN Q 370 62.95 100.40 32.06
CA GLN Q 370 62.57 101.20 33.19
C GLN Q 370 62.21 100.36 34.44
N LEU Q 371 61.71 99.12 34.32
CA LEU Q 371 61.22 98.35 35.48
C LEU Q 371 62.33 97.93 36.45
N ARG Q 372 62.16 98.22 37.75
CA ARG Q 372 63.03 97.74 38.86
C ARG Q 372 62.22 96.95 39.90
N VAL Q 373 62.82 95.93 40.51
CA VAL Q 373 62.23 95.11 41.59
C VAL Q 373 63.32 94.35 42.38
N GLY Q 374 62.96 93.76 43.52
CA GLY Q 374 63.76 92.76 44.24
C GLY Q 374 63.48 91.31 43.83
N ASN Q 375 64.20 90.36 44.41
CA ASN Q 375 64.16 88.94 44.03
C ASN Q 375 63.02 88.11 44.66
N PHE Q 376 62.28 88.66 45.64
CA PHE Q 376 61.31 87.93 46.47
C PHE Q 376 61.88 86.71 47.25
N ASN Q 377 63.19 86.66 47.53
CA ASN Q 377 63.87 85.50 48.16
C ASN Q 377 64.52 85.91 49.51
N PRO Q 378 64.16 85.32 50.67
CA PRO Q 378 64.39 85.95 51.98
C PRO Q 378 65.84 86.35 52.26
N PRO Q 379 66.10 87.50 52.90
CA PRO Q 379 67.37 88.20 52.68
C PRO Q 379 68.41 87.96 53.77
N GLU Q 380 69.66 88.36 53.55
CA GLU Q 380 70.63 88.45 54.65
C GLU Q 380 70.24 89.57 55.64
N LYS Q 381 69.97 90.77 55.11
CA LYS Q 381 69.52 91.98 55.82
C LYS Q 381 68.61 92.81 54.92
N GLY Q 382 67.71 93.62 55.49
CA GLY Q 382 66.79 94.48 54.75
C GLY Q 382 65.77 95.15 55.67
N THR Q 383 64.77 95.84 55.11
CA THR Q 383 63.72 96.56 55.87
C THR Q 383 62.31 96.23 55.37
N ILE Q 384 61.29 96.26 56.23
CA ILE Q 384 59.89 96.00 55.81
C ILE Q 384 59.27 97.26 55.21
N LYS Q 385 58.33 97.11 54.28
CA LYS Q 385 57.45 98.18 53.83
C LYS Q 385 56.02 97.67 53.65
N GLY Q 386 55.07 98.60 53.75
CA GLY Q 386 53.63 98.39 53.56
C GLY Q 386 53.04 99.09 52.32
N THR Q 387 51.86 98.68 51.89
CA THR Q 387 51.21 99.11 50.61
C THR Q 387 50.82 100.59 50.54
N SER Q 388 51.00 101.16 49.35
CA SER Q 388 50.40 102.45 48.96
C SER Q 388 48.88 102.29 48.76
N ALA Q 389 48.09 103.24 49.27
CA ALA Q 389 46.63 103.10 49.38
C ALA Q 389 45.88 103.00 48.03
N GLY Q 390 44.86 102.14 47.95
CA GLY Q 390 43.81 102.13 46.89
C GLY Q 390 44.28 101.92 45.44
N TYR Q 391 45.50 101.42 45.26
CA TYR Q 391 46.37 101.64 44.11
C TYR Q 391 45.74 101.65 42.71
N PHE Q 392 44.86 100.71 42.35
CA PHE Q 392 44.07 100.79 41.12
C PHE Q 392 42.95 101.82 41.32
N HIS Q 393 43.27 103.11 41.42
CA HIS Q 393 42.27 104.12 41.76
C HIS Q 393 41.21 104.25 40.66
N LYS Q 394 41.51 103.72 39.48
CA LYS Q 394 40.53 103.31 38.47
C LYS Q 394 40.64 101.79 38.24
N TRP Q 395 39.52 101.15 37.93
CA TRP Q 395 39.38 99.72 37.57
C TRP Q 395 38.98 99.55 36.09
N ALA Q 396 38.75 98.32 35.64
CA ALA Q 396 38.10 98.04 34.35
C ALA Q 396 37.48 96.62 34.28
N GLU Q 397 36.57 96.42 33.32
CA GLU Q 397 36.01 95.10 32.98
C GLU Q 397 37.01 94.22 32.19
N PHE Q 398 37.26 92.99 32.66
CA PHE Q 398 38.19 92.03 32.03
C PHE Q 398 37.65 91.42 30.72
N GLY Q 399 38.45 90.60 30.05
CA GLY Q 399 38.12 90.04 28.74
C GLY Q 399 39.22 89.15 28.19
N ASN Q 400 38.94 88.49 27.06
CA ASN Q 400 39.69 87.31 26.62
C ASN Q 400 39.92 87.21 25.11
N ARG Q 401 39.48 88.18 24.30
CA ARG Q 401 39.63 88.14 22.82
C ARG Q 401 39.54 89.51 22.18
N LEU Q 402 39.94 89.56 20.91
CA LEU Q 402 39.95 90.82 20.11
C LEU Q 402 38.52 91.40 20.06
N PRO Q 403 38.35 92.69 19.72
CA PRO Q 403 37.02 93.32 19.65
C PRO Q 403 36.11 92.67 18.61
N PHE Q 404 36.58 92.55 17.37
CA PHE Q 404 35.77 91.96 16.28
C PHE Q 404 36.59 90.91 15.50
N ASN Q 405 37.73 90.49 16.07
CA ASN Q 405 38.59 89.46 15.42
C ASN Q 405 38.89 89.90 13.98
N SER Q 406 38.08 89.43 13.02
CA SER Q 406 38.27 89.78 11.59
C SER Q 406 36.90 89.97 10.93
N PHE Q 407 36.87 90.61 9.75
CA PHE Q 407 35.61 90.85 9.00
C PHE Q 407 35.03 89.51 8.54
N GLY Q 408 33.74 89.28 8.83
CA GLY Q 408 33.06 88.03 8.44
C GLY Q 408 32.09 88.24 7.29
N THR Q 409 31.30 87.23 6.96
CA THR Q 409 30.31 87.25 5.88
C THR Q 409 29.14 88.17 6.20
N GLY Q 410 28.21 88.33 5.26
CA GLY Q 410 26.83 88.61 5.65
C GLY Q 410 26.34 87.60 6.69
N GLU Q 411 25.54 88.05 7.66
CA GLU Q 411 25.16 87.26 8.83
C GLU Q 411 24.09 86.19 8.50
N SER Q 412 23.20 86.44 7.55
CA SER Q 412 22.12 85.52 7.17
C SER Q 412 21.58 85.73 5.75
N LYS Q 413 21.48 87.00 5.30
CA LYS Q 413 21.04 87.39 3.95
C LYS Q 413 22.14 87.22 2.88
N GLN Q 414 21.81 87.56 1.62
CA GLN Q 414 22.67 87.48 0.43
C GLN Q 414 23.11 86.04 0.04
N ILE Q 415 22.38 85.02 0.51
CA ILE Q 415 22.49 83.61 0.07
C ILE Q 415 21.60 83.36 -1.16
N SER Q 416 21.67 82.18 -1.78
CA SER Q 416 20.86 81.83 -2.98
C SER Q 416 19.35 81.93 -2.71
N ASN Q 417 18.70 82.99 -3.23
CA ASN Q 417 17.34 83.39 -2.84
C ASN Q 417 16.30 82.31 -3.14
N SER Q 418 15.33 82.11 -2.24
CA SER Q 418 14.13 81.30 -2.52
C SER Q 418 13.04 82.14 -3.19
N GLY Q 419 12.11 81.48 -3.87
CA GLY Q 419 11.01 82.13 -4.58
C GLY Q 419 9.72 81.29 -4.52
N VAL Q 420 8.82 81.65 -3.61
CA VAL Q 420 7.44 81.17 -3.61
C VAL Q 420 6.67 81.80 -4.78
N PHE Q 421 6.74 83.13 -4.93
CA PHE Q 421 5.90 83.81 -5.92
C PHE Q 421 6.42 83.66 -7.35
N ALA Q 422 5.52 83.31 -8.26
CA ALA Q 422 5.79 83.07 -9.67
C ALA Q 422 6.05 84.38 -10.43
N VAL Q 423 7.22 84.98 -10.23
CA VAL Q 423 7.59 86.30 -10.79
C VAL Q 423 9.01 86.28 -11.36
N GLN Q 424 9.17 86.71 -12.61
CA GLN Q 424 10.47 86.80 -13.27
C GLN Q 424 11.40 87.77 -12.52
N ARG Q 425 12.64 87.34 -12.23
CA ARG Q 425 13.47 87.95 -11.18
C ARG Q 425 15.00 87.92 -11.44
N PRO Q 426 15.74 88.96 -11.02
CA PRO Q 426 17.16 88.86 -10.68
C PRO Q 426 17.41 88.00 -9.42
N SER Q 427 18.68 87.79 -9.06
CA SER Q 427 19.08 87.13 -7.81
C SER Q 427 20.44 87.63 -7.29
N THR Q 428 20.63 87.65 -5.96
CA THR Q 428 21.94 87.85 -5.31
C THR Q 428 22.77 86.56 -5.42
N THR Q 429 23.19 86.21 -6.64
CA THR Q 429 23.81 84.90 -6.95
C THR Q 429 25.15 84.76 -6.21
N ASN Q 430 25.30 83.71 -5.40
CA ASN Q 430 26.42 83.55 -4.45
C ASN Q 430 26.89 82.07 -4.34
N ILE Q 431 26.78 81.33 -5.45
CA ILE Q 431 27.11 79.89 -5.53
C ILE Q 431 28.56 79.61 -5.14
N GLN Q 432 29.46 80.55 -5.40
CA GLN Q 432 30.89 80.45 -5.14
C GLN Q 432 31.20 80.30 -3.63
N ARG Q 433 30.69 81.19 -2.78
CA ARG Q 433 30.85 81.07 -1.32
C ARG Q 433 30.02 79.92 -0.74
N LEU Q 434 28.88 79.59 -1.34
CA LEU Q 434 28.11 78.39 -0.98
C LEU Q 434 28.95 77.12 -1.18
N ALA Q 435 29.64 76.98 -2.31
CA ALA Q 435 30.59 75.90 -2.57
C ALA Q 435 31.80 75.92 -1.61
N GLU Q 436 32.30 77.08 -1.19
CA GLU Q 436 33.28 77.16 -0.09
C GLU Q 436 32.72 76.58 1.21
N LEU Q 437 31.51 76.95 1.64
CA LEU Q 437 30.89 76.39 2.86
C LEU Q 437 30.77 74.86 2.76
N MET Q 438 30.37 74.32 1.61
CA MET Q 438 30.38 72.87 1.34
C MET Q 438 31.81 72.31 1.46
N ALA Q 439 32.82 72.94 0.86
CA ALA Q 439 34.20 72.49 0.94
C ALA Q 439 34.72 72.45 2.38
N ARG Q 440 34.43 73.47 3.20
CA ARG Q 440 34.84 73.51 4.61
C ARG Q 440 34.11 72.46 5.45
N ASN Q 441 32.81 72.24 5.25
CA ASN Q 441 32.06 71.23 6.03
C ASN Q 441 32.31 69.77 5.55
N THR Q 442 32.71 69.56 4.30
CA THR Q 442 33.18 68.25 3.79
C THR Q 442 34.65 67.96 4.12
N GLY Q 443 35.40 68.92 4.69
CA GLY Q 443 36.79 68.72 5.15
C GLY Q 443 37.83 68.79 4.03
N GLU Q 444 37.68 69.71 3.07
CA GLU Q 444 38.62 69.86 1.95
C GLU Q 444 40.08 70.02 2.41
N THR Q 445 40.98 69.29 1.72
CA THR Q 445 42.33 68.93 2.23
C THR Q 445 43.47 69.25 1.24
N SER Q 446 43.17 69.50 -0.04
CA SER Q 446 44.22 69.83 -1.03
C SER Q 446 44.60 71.32 -0.92
N ASP Q 447 45.91 71.60 -0.85
CA ASP Q 447 46.46 72.98 -0.74
C ASP Q 447 45.95 73.68 0.52
N ASN Q 448 46.52 73.33 1.69
CA ASN Q 448 46.09 73.93 2.98
C ASN Q 448 47.23 74.77 3.57
N PHE Q 449 48.41 74.15 3.74
CA PHE Q 449 49.60 74.85 4.30
C PHE Q 449 49.74 76.23 3.63
N THR Q 450 50.18 76.23 2.36
CA THR Q 450 50.39 77.49 1.59
C THR Q 450 49.10 78.34 1.61
N GLN Q 451 47.95 77.70 1.34
CA GLN Q 451 46.65 78.40 1.30
C GLN Q 451 46.47 79.22 2.60
N LEU Q 452 46.68 78.59 3.74
CA LEU Q 452 46.54 79.25 5.02
C LEU Q 452 47.72 80.19 5.28
N VAL Q 453 48.93 79.91 4.80
CA VAL Q 453 50.03 80.89 4.81
C VAL Q 453 49.58 82.17 4.11
N GLN Q 454 49.03 82.03 2.90
CA GLN Q 454 48.52 83.17 2.17
C GLN Q 454 47.40 83.84 2.94
N LYS Q 455 46.44 83.06 3.47
CA LYS Q 455 45.34 83.63 4.23
C LYS Q 455 45.86 84.42 5.42
N ILE Q 456 46.90 83.95 6.09
CA ILE Q 456 47.52 84.68 7.17
C ILE Q 456 48.09 86.00 6.63
N ARG Q 457 48.85 85.96 5.54
CA ARG Q 457 49.43 87.17 4.95
C ARG Q 457 48.35 88.22 4.69
N GLU Q 458 47.29 87.83 4.00
CA GLU Q 458 46.24 88.78 3.65
C GLU Q 458 45.37 89.15 4.86
N GLN Q 459 45.15 88.25 5.81
CA GLN Q 459 44.42 88.56 7.03
C GLN Q 459 45.17 89.63 7.81
N VAL Q 460 46.49 89.52 7.92
CA VAL Q 460 47.29 90.55 8.56
C VAL Q 460 47.05 91.90 7.88
N GLY Q 461 47.08 91.95 6.55
CA GLY Q 461 46.77 93.18 5.83
C GLY Q 461 45.36 93.70 6.14
N ALA Q 462 44.37 92.82 6.12
CA ALA Q 462 43.00 93.20 6.44
C ALA Q 462 42.93 93.77 7.85
N PHE Q 463 43.57 93.11 8.80
CA PHE Q 463 43.64 93.57 10.17
C PHE Q 463 44.36 94.92 10.24
N ALA Q 464 45.41 95.10 9.46
CA ALA Q 464 46.14 96.35 9.38
C ALA Q 464 45.26 97.48 8.81
N ASP Q 465 44.16 97.16 8.14
CA ASP Q 465 43.10 98.11 7.91
C ASP Q 465 42.18 98.20 9.14
N GLN Q 466 41.69 97.06 9.62
CA GLN Q 466 40.66 96.93 10.67
C GLN Q 466 41.03 97.58 12.01
N LYS Q 467 42.32 97.79 12.25
CA LYS Q 467 42.86 98.55 13.39
C LYS Q 467 42.14 99.88 13.59
N ALA Q 468 41.61 100.46 12.51
CA ALA Q 468 40.84 101.69 12.53
C ALA Q 468 39.76 101.71 13.63
N ASN Q 469 39.21 100.55 14.00
CA ASN Q 469 38.26 100.45 15.11
C ASN Q 469 38.53 99.26 16.05
N LEU Q 470 39.47 98.37 15.74
CA LEU Q 470 39.70 97.16 16.52
C LEU Q 470 40.35 97.44 17.90
N ARG Q 471 39.55 97.84 18.93
CA ARG Q 471 40.08 98.43 20.19
C ARG Q 471 39.52 97.92 21.54
N GLU Q 472 38.22 97.73 21.77
CA GLU Q 472 37.70 97.05 22.99
C GLU Q 472 36.31 96.48 22.79
N PHE Q 473 35.82 95.67 23.73
CA PHE Q 473 34.37 95.58 23.87
C PHE Q 473 33.79 96.99 24.08
N THR Q 474 32.80 97.37 23.25
CA THR Q 474 32.42 98.75 22.89
C THR Q 474 31.96 99.67 24.03
N GLY Q 475 31.73 99.14 25.24
CA GLY Q 475 31.48 99.94 26.46
C GLY Q 475 32.75 100.34 27.23
N GLY Q 476 33.93 100.12 26.66
CA GLY Q 476 35.15 99.97 27.42
C GLY Q 476 35.81 101.29 27.82
N TYR Q 477 35.95 101.53 29.12
CA TYR Q 477 36.68 102.67 29.67
C TYR Q 477 37.25 102.39 31.07
N ILE Q 478 38.20 103.23 31.54
CA ILE Q 478 38.82 103.14 32.89
C ILE Q 478 38.01 103.88 33.98
N TYR Q 479 36.91 103.29 34.43
CA TYR Q 479 36.03 103.89 35.42
C TYR Q 479 36.69 103.95 36.82
N ASP Q 480 36.28 104.94 37.63
CA ASP Q 480 36.76 105.13 39.01
C ASP Q 480 36.39 103.98 39.94
N ILE Q 481 37.11 103.83 41.07
CA ILE Q 481 36.68 102.88 42.13
C ILE Q 481 35.35 103.29 42.78
N THR Q 482 35.03 104.58 42.77
CA THR Q 482 33.67 105.08 43.04
C THR Q 482 32.66 104.75 41.93
N ASP Q 483 33.08 104.05 40.87
CA ASP Q 483 32.32 103.85 39.64
C ASP Q 483 32.53 102.46 39.00
N VAL Q 484 32.44 101.41 39.81
CA VAL Q 484 32.10 100.09 39.29
C VAL Q 484 30.80 100.11 38.49
N THR Q 485 29.97 101.12 38.74
CA THR Q 485 28.77 101.49 38.00
C THR Q 485 29.02 101.96 36.58
N LYS Q 486 30.26 102.00 36.07
CA LYS Q 486 30.58 102.31 34.65
C LYS Q 486 29.96 103.64 34.14
N SER Q 487 29.77 104.61 35.02
CA SER Q 487 29.08 105.89 34.82
C SER Q 487 29.93 106.94 34.08
N ASN Q 488 31.26 106.86 34.18
CA ASN Q 488 32.24 107.88 33.80
C ASN Q 488 33.17 107.43 32.64
N PRO Q 489 32.67 107.20 31.41
CA PRO Q 489 33.49 106.68 30.31
C PRO Q 489 34.56 107.70 29.87
N LYS Q 490 35.85 107.33 29.95
CA LYS Q 490 37.01 108.18 29.61
C LYS Q 490 38.21 107.38 29.05
N ILE Q 491 38.92 107.95 28.09
CA ILE Q 491 40.00 107.33 27.29
C ILE Q 491 41.37 107.45 28.00
N PRO Q 492 42.30 106.48 27.88
CA PRO Q 492 43.62 106.56 28.51
C PRO Q 492 44.54 107.68 27.97
N GLN Q 493 44.74 107.73 26.65
CA GLN Q 493 45.65 108.69 25.98
C GLN Q 493 45.13 109.07 24.59
N LEU Q 494 45.46 110.29 24.15
CA LEU Q 494 45.26 110.76 22.77
C LEU Q 494 46.44 110.35 21.86
N GLY Q 495 47.67 110.44 22.36
CA GLY Q 495 48.91 110.20 21.62
C GLY Q 495 50.04 111.14 22.06
N GLY Q 496 51.01 111.39 21.16
CA GLY Q 496 52.04 112.41 21.32
C GLY Q 496 51.53 113.84 21.12
#